data_3B2U
#
_entry.id   3B2U
#
_cell.length_a   154.373
_cell.length_b   139.122
_cell.length_c   175.325
_cell.angle_alpha   90.000
_cell.angle_beta   90.020
_cell.angle_gamma   90.000
#
_symmetry.space_group_name_H-M   'P 1 21 1'
#
loop_
_entity.id
_entity.type
_entity.pdbx_description
1 polymer 'IMC-11F8 Fab Light chain'
2 polymer 'IMC-11F8 Fab Heavy chain'
3 polymer 'Epidermal growth factor receptor'
4 branched alpha-D-mannopyranose-(1-3)-beta-D-mannopyranose-(1-4)-2-acetamido-2-deoxy-beta-D-glucopyranose-(1-4)-2-acetamido-2-deoxy-beta-D-glucopyranose
5 branched 2-acetamido-2-deoxy-beta-D-glucopyranose-(1-4)-2-acetamido-2-deoxy-beta-D-glucopyranose
6 branched beta-D-mannopyranose-(1-4)-2-acetamido-2-deoxy-beta-D-glucopyranose-(1-4)-2-acetamido-2-deoxy-beta-D-glucopyranose
7 branched alpha-D-mannopyranose-(1-3)-alpha-D-mannopyranose-(1-3)-beta-D-mannopyranose-(1-4)-2-acetamido-2-deoxy-beta-D-glucopyranose-(1-4)-2-acetamido-2-deoxy-beta-D-glucopyranose
8 non-polymer 2-acetamido-2-deoxy-beta-D-glucopyranose
9 non-polymer 'SULFATE ION'
10 water water
#
loop_
_entity_poly.entity_id
_entity_poly.type
_entity_poly.pdbx_seq_one_letter_code
_entity_poly.pdbx_strand_id
1 'polypeptide(L)'
;EIVMTQSPATLSLSPGERATLSCRASQSVSSYLAWYQQKPGQAPRLLIYDASNRATGIPARFSGSGSGTDFTLTISSLEP
EDFAVYYCHQYGSTPLTFGGGTKAEIKRTVAAPSVFIFPPSDEQLKSGTASVVCLLNNFYPREAKVQWKVDNALQSGNSQ
ESVTEQDSKDSTYSLSSTLTLSKADYEKHKVYACEVTHQGLSSPVTKSFNRGA
;
L,D,G,K,O,R,U,X
2 'polypeptide(L)'
;QVQLQESGPGLVKPSQTLSLTCTVSGGSISSGDYYWSWIRQPPGKGLEWIGYIYYSGSTDYNPSLKSRVTMSVDTSKNQF
SLKVNSVTAADTAVYYCARVSIFGVGTFDYWGQGTLVTVSSASTKGPSVFPLAPSSKSTSGGTAALGCLVKDYFPEPVTV
SWNSGALTSGVHTFPAVLQSSGLYSLSSVVTVPSSSLGTQTYICNVNHKPSNTKVDKKVEPKS
;
H,C,F,J,N,Q,T,W
3 'polypeptide(L)'
;LEEKKVCNGIGIGEFKDSLSINATNIKHFKNCTSISGDLHILPVAFRGDSFTHTPPLDPQELDILKTVKEITGFLLIQAW
PENRTDLHAFENLEIIRGRTKQHGQFSLAVVSLNITSLGLRSLKEISDGDVIISGNKNLCYANTINWKKLFGTSGQKTKI
ISNRGENSCKATGQVCHALCSPEGCWGPEPRDCVSCRNVSRGRECVDKHHHHHH
;
A,B,E,I,M,P,S,V
#
loop_
_chem_comp.id
_chem_comp.type
_chem_comp.name
_chem_comp.formula
BMA D-saccharide, beta linking beta-D-mannopyranose 'C6 H12 O6'
MAN D-saccharide, alpha linking alpha-D-mannopyranose 'C6 H12 O6'
NAG D-saccharide, beta linking 2-acetamido-2-deoxy-beta-D-glucopyranose 'C8 H15 N O6'
SO4 non-polymer 'SULFATE ION' 'O4 S -2'
#
# COMPACT_ATOMS: atom_id res chain seq x y z
N GLU A 1 -44.73 6.95 28.32
CA GLU A 1 -44.94 7.68 27.03
C GLU A 1 -45.99 6.94 26.22
N ILE A 2 -46.61 7.63 25.25
CA ILE A 2 -47.55 6.99 24.33
C ILE A 2 -46.77 6.38 23.19
N VAL A 3 -47.02 5.09 22.95
CA VAL A 3 -46.37 4.35 21.89
C VAL A 3 -47.20 4.37 20.60
N MET A 4 -46.53 4.63 19.48
CA MET A 4 -47.15 4.67 18.15
C MET A 4 -46.67 3.49 17.27
N THR A 5 -47.60 2.71 16.72
CA THR A 5 -47.28 1.48 15.97
C THR A 5 -47.74 1.58 14.50
N GLN A 6 -46.80 1.41 13.57
CA GLN A 6 -47.07 1.45 12.14
C GLN A 6 -46.83 0.10 11.51
N SER A 7 -47.88 -0.52 10.98
CA SER A 7 -47.73 -1.81 10.30
C SER A 7 -48.75 -1.91 9.17
N PRO A 8 -48.37 -2.53 8.02
CA PRO A 8 -47.02 -3.07 7.72
C PRO A 8 -45.88 -2.05 7.74
N ALA A 9 -44.67 -2.56 8.04
CA ALA A 9 -43.45 -1.76 8.10
C ALA A 9 -42.92 -1.49 6.71
N THR A 10 -43.36 -2.33 5.78
CA THR A 10 -42.99 -2.16 4.39
C THR A 10 -44.18 -2.46 3.48
N LEU A 11 -44.42 -1.57 2.53
CA LEU A 11 -45.38 -1.78 1.47
C LEU A 11 -44.63 -1.83 0.16
N SER A 12 -45.06 -2.75 -0.69
CA SER A 12 -44.43 -2.96 -1.98
C SER A 12 -45.45 -2.69 -3.11
N LEU A 13 -45.25 -1.59 -3.84
CA LEU A 13 -46.21 -1.07 -4.86
C LEU A 13 -45.56 -0.59 -6.16
N SER A 14 -46.35 -0.51 -7.23
CA SER A 14 -45.93 0.16 -8.47
C SER A 14 -46.62 1.52 -8.68
N PRO A 15 -46.02 2.40 -9.54
CA PRO A 15 -46.63 3.70 -9.80
C PRO A 15 -48.09 3.61 -10.27
N GLY A 16 -48.91 4.57 -9.82
CA GLY A 16 -50.32 4.62 -10.16
C GLY A 16 -51.21 3.91 -9.14
N GLU A 17 -50.63 3.04 -8.32
CA GLU A 17 -51.38 2.27 -7.32
C GLU A 17 -51.86 3.13 -6.16
N ARG A 18 -52.92 2.68 -5.51
CA ARG A 18 -53.46 3.31 -4.30
C ARG A 18 -52.67 2.82 -3.09
N ALA A 19 -52.32 3.73 -2.19
CA ALA A 19 -51.56 3.38 -0.97
C ALA A 19 -52.34 3.67 0.32
N THR A 20 -52.36 2.69 1.23
CA THR A 20 -53.02 2.84 2.55
C THR A 20 -52.09 2.49 3.72
N LEU A 21 -51.62 3.53 4.42
CA LEU A 21 -50.76 3.40 5.61
C LEU A 21 -51.55 3.53 6.92
N SER A 22 -51.19 2.69 7.90
CA SER A 22 -51.86 2.64 9.20
C SER A 22 -50.98 3.10 10.37
N CYS A 23 -51.58 3.72 11.39
CA CYS A 23 -50.86 4.17 12.61
C CYS A 23 -51.75 4.04 13.83
N ARG A 24 -51.25 3.33 14.85
CA ARG A 24 -51.98 3.14 16.11
C ARG A 24 -51.26 3.65 17.35
N ALA A 25 -52.03 4.31 18.23
CA ALA A 25 -51.51 4.87 19.47
C ALA A 25 -51.97 4.06 20.67
N SER A 26 -51.08 3.81 21.64
CA SER A 26 -51.41 2.98 22.82
C SER A 26 -52.37 3.65 23.83
N GLN A 27 -52.39 4.98 23.82
CA GLN A 27 -53.37 5.80 24.55
C GLN A 27 -53.94 6.85 23.56
N SER A 28 -55.09 7.45 23.88
CA SER A 28 -55.73 8.41 22.96
C SER A 28 -54.99 9.73 22.78
N VAL A 29 -55.03 10.28 21.58
CA VAL A 29 -54.35 11.54 21.25
C VAL A 29 -55.26 12.55 20.56
N SER A 30 -56.58 12.32 20.64
CA SER A 30 -57.58 13.14 19.94
C SER A 30 -57.21 13.22 18.47
N SER A 31 -57.14 14.44 17.95
CA SER A 31 -56.69 14.64 16.59
C SER A 31 -55.28 15.25 16.55
N TYR A 32 -54.53 15.15 17.64
CA TYR A 32 -53.19 15.76 17.73
C TYR A 32 -52.11 14.84 17.11
N LEU A 33 -52.19 14.67 15.79
CA LEU A 33 -51.36 13.72 15.05
C LEU A 33 -50.84 14.27 13.71
N ALA A 34 -49.58 13.99 13.41
CA ALA A 34 -48.97 14.47 12.16
C ALA A 34 -48.30 13.34 11.39
N TRP A 35 -48.19 13.53 10.07
CA TRP A 35 -47.49 12.57 9.22
C TRP A 35 -46.35 13.28 8.54
N TYR A 36 -45.21 12.57 8.39
CA TYR A 36 -44.01 13.12 7.76
C TYR A 36 -43.50 12.21 6.65
N GLN A 37 -42.91 12.81 5.61
CA GLN A 37 -42.23 12.07 4.57
C GLN A 37 -40.73 12.26 4.77
N GLN A 38 -39.94 11.22 4.49
CA GLN A 38 -38.48 11.34 4.54
C GLN A 38 -37.73 10.51 3.50
N LYS A 39 -36.79 11.19 2.83
CA LYS A 39 -35.90 10.63 1.81
C LYS A 39 -34.44 10.59 2.30
N PRO A 40 -33.63 9.70 1.72
CA PRO A 40 -32.27 9.55 2.27
C PRO A 40 -31.46 10.85 2.24
N GLY A 41 -30.76 11.10 3.34
CA GLY A 41 -29.93 12.30 3.51
C GLY A 41 -30.72 13.60 3.62
N GLN A 42 -32.03 13.51 3.86
CA GLN A 42 -32.92 14.68 4.01
C GLN A 42 -33.75 14.68 5.33
N ALA A 43 -34.06 15.87 5.82
CA ALA A 43 -34.94 16.04 6.99
C ALA A 43 -36.38 15.68 6.61
N PRO A 44 -37.21 15.35 7.62
CA PRO A 44 -38.60 14.99 7.33
C PRO A 44 -39.39 16.21 6.88
N ARG A 45 -40.35 16.00 5.98
CA ARG A 45 -41.25 17.06 5.52
C ARG A 45 -42.69 16.77 5.94
N LEU A 46 -43.29 17.73 6.64
CA LEU A 46 -44.68 17.65 7.10
C LEU A 46 -45.64 17.45 5.93
N LEU A 47 -46.52 16.46 6.05
CA LEU A 47 -47.56 16.24 5.03
C LEU A 47 -48.94 16.71 5.49
N ILE A 48 -49.29 16.28 6.70
CA ILE A 48 -50.61 16.48 7.26
C ILE A 48 -50.49 16.70 8.77
N TYR A 49 -51.32 17.61 9.28
CA TYR A 49 -51.37 17.91 10.71
C TYR A 49 -52.84 17.90 11.15
N ASP A 50 -53.09 17.68 12.44
CA ASP A 50 -54.44 17.63 13.00
C ASP A 50 -55.31 16.48 12.49
N ALA A 51 -54.65 15.45 11.98
CA ALA A 51 -55.25 14.20 11.48
C ALA A 51 -55.21 13.92 9.96
N SER A 52 -55.48 14.82 9.01
CA SER A 52 -56.67 15.67 8.78
C SER A 52 -56.43 16.84 7.82
N ASN A 53 -55.71 17.87 8.28
CA ASN A 53 -55.45 19.09 7.51
C ASN A 53 -54.14 18.99 6.75
N ARG A 54 -54.24 19.16 5.44
CA ARG A 54 -53.10 19.10 4.53
C ARG A 54 -52.32 20.43 4.56
N ALA A 55 -50.98 20.34 4.62
CA ALA A 55 -50.10 21.53 4.70
C ALA A 55 -49.95 22.26 3.36
N THR A 56 -49.52 23.52 3.40
CA THR A 56 -49.52 24.37 2.21
C THR A 56 -48.51 23.86 1.20
N GLY A 57 -48.97 23.67 -0.04
CA GLY A 57 -48.14 23.15 -1.13
C GLY A 57 -48.18 21.64 -1.31
N ILE A 58 -48.63 20.91 -0.27
CA ILE A 58 -48.72 19.44 -0.34
C ILE A 58 -49.76 18.92 -1.37
N PRO A 59 -49.31 18.15 -2.37
CA PRO A 59 -50.15 17.64 -3.43
C PRO A 59 -51.41 16.93 -2.95
N ALA A 60 -52.51 17.09 -3.70
CA ALA A 60 -53.84 16.62 -3.31
C ALA A 60 -54.06 15.09 -3.20
N ARG A 61 -53.28 14.30 -3.91
CA ARG A 61 -53.34 12.84 -3.77
C ARG A 61 -52.99 12.33 -2.34
N PHE A 62 -52.42 13.22 -1.51
CA PHE A 62 -52.10 12.94 -0.10
C PHE A 62 -53.24 13.37 0.82
N SER A 63 -53.73 12.45 1.65
CA SER A 63 -54.88 12.68 2.51
C SER A 63 -54.90 11.74 3.72
N GLY A 64 -55.55 12.20 4.80
CA GLY A 64 -55.49 11.52 6.11
C GLY A 64 -56.73 11.65 6.96
N SER A 65 -56.96 10.67 7.82
CA SER A 65 -58.17 10.60 8.65
C SER A 65 -57.98 9.81 9.95
N GLY A 66 -59.01 9.81 10.77
CA GLY A 66 -59.00 9.03 11.99
C GLY A 66 -59.06 9.92 13.20
N SER A 67 -59.22 9.31 14.37
CA SER A 67 -59.34 10.00 15.65
C SER A 67 -58.88 9.06 16.77
N GLY A 68 -58.61 9.62 17.95
CA GLY A 68 -58.36 8.84 19.15
C GLY A 68 -57.12 7.98 19.06
N THR A 69 -57.31 6.71 18.65
CA THR A 69 -56.21 5.72 18.65
C THR A 69 -55.89 5.14 17.27
N ASP A 70 -56.70 5.46 16.26
CA ASP A 70 -56.65 4.79 14.95
C ASP A 70 -56.48 5.77 13.77
N PHE A 71 -55.34 5.73 13.09
CA PHE A 71 -55.10 6.72 12.02
C PHE A 71 -54.67 6.13 10.65
N THR A 72 -54.87 6.89 9.58
CA THR A 72 -54.63 6.38 8.23
C THR A 72 -54.18 7.45 7.24
N LEU A 73 -53.03 7.22 6.59
CA LEU A 73 -52.56 8.07 5.52
C LEU A 73 -52.80 7.37 4.18
N THR A 74 -53.39 8.11 3.24
CA THR A 74 -53.88 7.52 2.02
C THR A 74 -53.26 8.26 0.85
N ILE A 75 -52.50 7.55 0.02
CA ILE A 75 -52.06 8.14 -1.24
C ILE A 75 -52.85 7.51 -2.38
N SER A 76 -53.76 8.31 -2.93
CA SER A 76 -54.73 7.83 -3.90
C SER A 76 -54.10 7.26 -5.17
N SER A 77 -52.91 7.77 -5.52
CA SER A 77 -52.19 7.34 -6.73
C SER A 77 -50.73 7.77 -6.63
N LEU A 78 -49.82 6.79 -6.59
CA LEU A 78 -48.39 7.06 -6.42
C LEU A 78 -47.74 7.73 -7.64
N GLU A 79 -46.77 8.60 -7.38
CA GLU A 79 -45.89 9.17 -8.40
C GLU A 79 -44.44 8.73 -8.12
N PRO A 80 -43.61 8.54 -9.15
CA PRO A 80 -42.25 8.06 -8.87
C PRO A 80 -41.61 8.74 -7.67
N GLU A 81 -41.90 10.01 -7.46
CA GLU A 81 -41.33 10.78 -6.34
C GLU A 81 -41.90 10.45 -4.95
N ASP A 82 -42.82 9.49 -4.84
CA ASP A 82 -43.46 9.16 -3.55
C ASP A 82 -42.81 8.00 -2.77
N PHE A 83 -41.78 7.37 -3.35
CA PHE A 83 -41.08 6.26 -2.70
C PHE A 83 -40.11 6.72 -1.63
N ALA A 84 -40.34 6.28 -0.40
CA ALA A 84 -39.68 6.88 0.74
C ALA A 84 -40.26 6.34 2.05
N VAL A 85 -39.83 6.92 3.17
CA VAL A 85 -40.33 6.55 4.48
C VAL A 85 -41.39 7.53 4.97
N TYR A 86 -42.44 7.01 5.60
CA TYR A 86 -43.50 7.84 6.17
C TYR A 86 -43.65 7.56 7.67
N TYR A 87 -43.52 8.61 8.47
CA TYR A 87 -43.59 8.52 9.94
C TYR A 87 -44.86 9.19 10.48
N CYS A 88 -45.49 8.59 11.49
CA CYS A 88 -46.57 9.22 12.25
C CYS A 88 -46.03 9.84 13.58
N HIS A 89 -46.71 10.86 14.08
CA HIS A 89 -46.15 11.64 15.20
C HIS A 89 -47.25 12.25 16.07
N GLN A 90 -47.26 11.92 17.35
CA GLN A 90 -48.23 12.48 18.30
C GLN A 90 -47.62 13.65 19.06
N TYR A 91 -48.42 14.70 19.23
CA TYR A 91 -48.03 15.89 20.01
C TYR A 91 -49.09 16.25 21.08
N GLY A 92 -50.02 15.32 21.31
CA GLY A 92 -51.07 15.46 22.32
C GLY A 92 -50.63 15.47 23.76
N SER A 93 -49.59 14.71 24.11
CA SER A 93 -49.09 14.67 25.49
C SER A 93 -47.57 14.57 25.52
N THR A 94 -46.94 15.16 26.55
CA THR A 94 -45.50 15.03 26.72
C THR A 94 -45.17 13.65 27.33
N PRO A 95 -44.05 13.04 26.94
CA PRO A 95 -43.14 13.42 25.86
C PRO A 95 -43.72 13.13 24.49
N LEU A 96 -43.32 13.92 23.50
CA LEU A 96 -43.69 13.76 22.10
C LEU A 96 -43.08 12.48 21.57
N THR A 97 -43.80 11.79 20.69
CA THR A 97 -43.27 10.55 20.13
C THR A 97 -43.56 10.38 18.63
N PHE A 98 -42.78 9.46 18.02
CA PHE A 98 -42.94 9.01 16.63
C PHE A 98 -43.19 7.49 16.59
N GLY A 99 -43.73 7.01 15.46
CA GLY A 99 -43.85 5.58 15.15
C GLY A 99 -42.59 5.07 14.48
N GLY A 100 -42.55 3.78 14.17
CA GLY A 100 -41.35 3.17 13.57
C GLY A 100 -41.12 3.50 12.09
N GLY A 101 -42.17 3.97 11.43
CA GLY A 101 -42.14 4.26 10.01
C GLY A 101 -42.57 3.10 9.13
N THR A 102 -43.22 3.42 8.01
CA THR A 102 -43.49 2.50 6.92
C THR A 102 -42.72 2.95 5.68
N LYS A 103 -42.03 2.03 5.04
CA LYS A 103 -41.25 2.37 3.85
C LYS A 103 -42.00 1.95 2.57
N ALA A 104 -42.15 2.88 1.63
CA ALA A 104 -42.81 2.59 0.36
C ALA A 104 -41.77 2.17 -0.67
N GLU A 105 -41.94 0.96 -1.19
CA GLU A 105 -40.92 0.28 -1.98
C GLU A 105 -41.39 -0.03 -3.40
N ILE A 106 -40.45 0.03 -4.35
CA ILE A 106 -40.75 -0.14 -5.78
C ILE A 106 -40.95 -1.61 -6.12
N LYS A 107 -42.20 -1.99 -6.40
CA LYS A 107 -42.52 -3.33 -6.89
C LYS A 107 -41.91 -3.47 -8.29
N ARG A 108 -41.38 -4.65 -8.59
CA ARG A 108 -40.43 -4.86 -9.68
C ARG A 108 -40.58 -6.31 -10.13
N THR A 109 -40.03 -6.66 -11.29
CA THR A 109 -40.00 -8.07 -11.74
C THR A 109 -39.01 -8.89 -10.90
N VAL A 110 -39.39 -10.14 -10.58
CA VAL A 110 -38.62 -11.04 -9.71
C VAL A 110 -37.36 -11.49 -10.41
N ALA A 111 -36.24 -11.42 -9.68
CA ALA A 111 -34.90 -11.62 -10.22
C ALA A 111 -33.97 -12.38 -9.26
N ALA A 112 -33.59 -13.59 -9.65
CA ALA A 112 -32.64 -14.39 -8.88
C ALA A 112 -31.23 -13.74 -8.87
N PRO A 113 -30.52 -13.78 -7.74
CA PRO A 113 -29.15 -13.23 -7.77
C PRO A 113 -28.10 -14.03 -8.57
N SER A 114 -27.15 -13.31 -9.17
CA SER A 114 -25.87 -13.88 -9.57
C SER A 114 -24.90 -14.01 -8.37
N VAL A 115 -24.54 -15.23 -8.01
CA VAL A 115 -23.70 -15.45 -6.83
C VAL A 115 -22.22 -15.55 -7.19
N PHE A 116 -21.37 -14.89 -6.39
CA PHE A 116 -19.92 -14.95 -6.60
C PHE A 116 -19.16 -15.15 -5.27
N ILE A 117 -18.05 -15.88 -5.32
CA ILE A 117 -17.15 -16.14 -4.16
C ILE A 117 -15.69 -15.71 -4.41
N PHE A 118 -15.05 -15.11 -3.41
CA PHE A 118 -13.65 -14.67 -3.53
C PHE A 118 -12.77 -15.22 -2.39
N PRO A 119 -11.67 -15.93 -2.72
CA PRO A 119 -10.73 -16.33 -1.69
C PRO A 119 -10.05 -15.12 -1.07
N PRO A 120 -9.48 -15.28 0.12
CA PRO A 120 -8.57 -14.24 0.61
C PRO A 120 -7.29 -14.25 -0.20
N SER A 121 -6.69 -13.07 -0.35
CA SER A 121 -5.46 -12.88 -1.11
C SER A 121 -4.23 -13.28 -0.28
N ASP A 122 -3.11 -13.52 -0.94
CA ASP A 122 -1.86 -13.83 -0.22
C ASP A 122 -1.36 -12.66 0.62
N GLU A 123 -1.56 -11.45 0.10
CA GLU A 123 -1.11 -10.22 0.76
C GLU A 123 -1.75 -10.06 2.14
N GLN A 124 -3.05 -10.34 2.24
CA GLN A 124 -3.76 -10.33 3.52
C GLN A 124 -3.26 -11.44 4.44
N LEU A 125 -3.04 -12.63 3.87
CA LEU A 125 -2.59 -13.77 4.66
C LEU A 125 -1.28 -13.55 5.41
N LYS A 126 -0.39 -12.70 4.87
CA LYS A 126 0.84 -12.31 5.56
C LYS A 126 0.54 -11.61 6.89
N SER A 127 -0.55 -10.86 6.96
CA SER A 127 -0.88 -10.10 8.17
C SER A 127 -1.50 -10.93 9.30
N GLY A 128 -1.99 -12.14 9.01
CA GLY A 128 -2.54 -13.01 10.05
C GLY A 128 -4.04 -13.24 10.11
N THR A 129 -4.82 -12.55 9.26
CA THR A 129 -6.29 -12.76 9.15
C THR A 129 -6.73 -13.17 7.72
N ALA A 130 -7.90 -13.78 7.60
CA ALA A 130 -8.46 -14.20 6.29
C ALA A 130 -9.95 -13.87 6.14
N SER A 131 -10.27 -12.94 5.25
CA SER A 131 -11.65 -12.67 4.87
C SER A 131 -12.01 -13.45 3.62
N VAL A 132 -13.18 -14.11 3.64
CA VAL A 132 -13.80 -14.70 2.46
C VAL A 132 -15.08 -13.92 2.18
N VAL A 133 -15.20 -13.43 0.96
CA VAL A 133 -16.31 -12.60 0.58
C VAL A 133 -17.26 -13.36 -0.35
N CYS A 134 -18.57 -13.18 -0.14
CA CYS A 134 -19.59 -13.72 -1.02
C CYS A 134 -20.56 -12.62 -1.50
N LEU A 135 -20.81 -12.61 -2.81
CA LEU A 135 -21.62 -11.54 -3.38
C LEU A 135 -22.93 -12.08 -3.95
N LEU A 136 -24.02 -11.41 -3.58
CA LEU A 136 -25.33 -11.61 -4.20
C LEU A 136 -25.69 -10.35 -4.97
N ASN A 137 -25.70 -10.43 -6.30
CA ASN A 137 -25.79 -9.24 -7.17
C ASN A 137 -27.10 -9.10 -7.95
N ASN A 138 -27.66 -7.90 -7.95
CA ASN A 138 -28.81 -7.59 -8.78
C ASN A 138 -29.99 -8.58 -8.65
N PHE A 139 -30.59 -8.60 -7.46
CA PHE A 139 -31.73 -9.48 -7.19
C PHE A 139 -32.96 -8.74 -6.67
N TYR A 140 -34.11 -9.41 -6.70
CA TYR A 140 -35.39 -8.86 -6.23
C TYR A 140 -36.41 -9.99 -6.05
N PRO A 141 -37.20 -9.97 -4.96
CA PRO A 141 -37.23 -9.00 -3.83
C PRO A 141 -36.08 -9.15 -2.83
N ARG A 142 -36.18 -8.43 -1.70
CA ARG A 142 -35.10 -8.28 -0.73
C ARG A 142 -34.77 -9.54 0.08
N GLU A 143 -35.76 -10.39 0.33
CA GLU A 143 -35.57 -11.55 1.22
C GLU A 143 -34.53 -12.52 0.64
N ALA A 144 -33.53 -12.87 1.46
CA ALA A 144 -32.42 -13.76 1.07
C ALA A 144 -31.81 -14.52 2.26
N LYS A 145 -31.44 -15.79 2.07
CA LYS A 145 -30.64 -16.53 3.07
C LYS A 145 -29.23 -16.88 2.57
N VAL A 146 -28.20 -16.49 3.35
CA VAL A 146 -26.78 -16.88 3.09
C VAL A 146 -26.29 -17.81 4.20
N GLN A 147 -25.79 -18.99 3.82
CA GLN A 147 -25.14 -19.91 4.76
C GLN A 147 -23.73 -20.30 4.33
N TRP A 148 -22.78 -20.13 5.26
CA TRP A 148 -21.37 -20.48 5.03
C TRP A 148 -21.10 -21.89 5.48
N LYS A 149 -20.25 -22.61 4.74
CA LYS A 149 -19.85 -23.98 5.06
C LYS A 149 -18.36 -24.22 4.84
N VAL A 150 -17.68 -24.73 5.86
CA VAL A 150 -16.25 -25.02 5.80
C VAL A 150 -16.08 -26.52 6.12
N ASP A 151 -15.51 -27.26 5.16
CA ASP A 151 -15.51 -28.74 5.17
C ASP A 151 -16.84 -29.32 5.67
N ASN A 152 -17.95 -28.74 5.20
CA ASN A 152 -19.30 -29.18 5.62
C ASN A 152 -19.79 -28.71 7.00
N ALA A 153 -18.95 -28.04 7.78
CA ALA A 153 -19.40 -27.48 9.05
C ALA A 153 -20.09 -26.14 8.87
N LEU A 154 -21.30 -26.05 9.40
CA LEU A 154 -22.13 -24.85 9.33
C LEU A 154 -21.57 -23.76 10.25
N GLN A 155 -21.17 -22.62 9.66
CA GLN A 155 -20.55 -21.49 10.41
C GLN A 155 -21.57 -20.64 11.17
N SER A 156 -21.22 -20.22 12.38
CA SER A 156 -22.11 -19.34 13.14
C SER A 156 -21.32 -18.30 13.92
N GLY A 157 -21.74 -17.03 13.83
CA GLY A 157 -21.20 -15.95 14.66
C GLY A 157 -19.89 -15.31 14.19
N ASN A 158 -19.39 -15.75 13.04
CA ASN A 158 -18.20 -15.16 12.46
C ASN A 158 -18.42 -14.56 11.05
N SER A 159 -19.66 -14.25 10.69
CA SER A 159 -19.92 -13.51 9.44
C SER A 159 -20.65 -12.18 9.70
N GLN A 160 -20.47 -11.22 8.80
CA GLN A 160 -21.24 -9.95 8.84
C GLN A 160 -21.77 -9.62 7.43
N GLU A 161 -23.03 -9.18 7.35
CA GLU A 161 -23.69 -8.91 6.07
C GLU A 161 -23.94 -7.42 5.81
N SER A 162 -23.94 -7.03 4.54
CA SER A 162 -24.18 -5.64 4.11
C SER A 162 -25.10 -5.60 2.88
N VAL A 163 -26.15 -4.77 2.89
CA VAL A 163 -27.07 -4.67 1.74
C VAL A 163 -27.19 -3.27 1.17
N THR A 164 -27.02 -3.10 -0.15
CA THR A 164 -27.36 -1.82 -0.78
C THR A 164 -28.85 -1.48 -0.70
N GLU A 165 -29.15 -0.20 -0.84
CA GLU A 165 -30.51 0.31 -1.00
C GLU A 165 -30.89 0.08 -2.48
N GLN A 166 -32.19 0.13 -2.80
CA GLN A 166 -32.72 -0.11 -4.18
C GLN A 166 -32.02 0.74 -5.25
N ASP A 167 -31.48 0.10 -6.27
CA ASP A 167 -30.74 0.77 -7.34
C ASP A 167 -31.57 1.85 -8.04
N SER A 168 -30.96 3.02 -8.22
CA SER A 168 -31.70 4.19 -8.67
C SER A 168 -32.19 4.01 -10.09
N LYS A 169 -31.66 3.02 -10.79
CA LYS A 169 -32.04 2.81 -12.19
C LYS A 169 -32.75 1.50 -12.48
N ASP A 170 -32.40 0.43 -11.78
CA ASP A 170 -33.04 -0.86 -12.02
C ASP A 170 -33.84 -1.44 -10.84
N SER A 171 -33.79 -0.78 -9.67
CA SER A 171 -34.61 -1.15 -8.50
C SER A 171 -34.23 -2.48 -7.81
N THR A 172 -33.15 -3.10 -8.24
CA THR A 172 -32.68 -4.30 -7.56
C THR A 172 -31.88 -3.99 -6.29
N TYR A 173 -31.70 -5.02 -5.50
CA TYR A 173 -30.78 -5.01 -4.38
C TYR A 173 -29.55 -5.85 -4.73
N SER A 174 -28.45 -5.60 -4.03
CA SER A 174 -27.39 -6.59 -3.92
C SER A 174 -26.80 -6.65 -2.50
N LEU A 175 -26.06 -7.71 -2.22
CA LEU A 175 -25.70 -8.05 -0.84
C LEU A 175 -24.34 -8.72 -0.78
N SER A 176 -23.57 -8.35 0.22
CA SER A 176 -22.28 -8.99 0.45
C SER A 176 -22.23 -9.59 1.84
N SER A 177 -21.59 -10.73 1.95
CA SER A 177 -21.39 -11.44 3.21
C SER A 177 -19.93 -11.82 3.35
N THR A 178 -19.30 -11.29 4.41
CA THR A 178 -17.88 -11.46 4.69
C THR A 178 -17.67 -12.42 5.86
N LEU A 179 -16.84 -13.44 5.66
CA LEU A 179 -16.48 -14.36 6.76
C LEU A 179 -15.02 -14.20 7.21
N THR A 180 -14.79 -13.93 8.48
CA THR A 180 -13.43 -13.69 8.97
C THR A 180 -12.95 -14.83 9.84
N LEU A 181 -11.69 -15.21 9.63
CA LEU A 181 -11.00 -16.25 10.42
C LEU A 181 -9.53 -15.84 10.58
N SER A 182 -8.83 -16.42 11.56
CA SER A 182 -7.39 -16.28 11.65
C SER A 182 -6.65 -17.09 10.55
N LYS A 183 -5.39 -16.76 10.26
CA LYS A 183 -4.61 -17.53 9.29
C LYS A 183 -4.54 -19.00 9.67
N ALA A 184 -4.33 -19.27 10.96
CA ALA A 184 -4.23 -20.65 11.45
C ALA A 184 -5.48 -21.47 11.13
N ASP A 185 -6.66 -20.93 11.44
CA ASP A 185 -7.90 -21.69 11.25
C ASP A 185 -8.28 -21.89 9.78
N TYR A 186 -7.93 -20.91 8.95
CA TYR A 186 -8.16 -21.00 7.50
C TYR A 186 -7.31 -22.09 6.81
N GLU A 187 -6.07 -22.28 7.27
CA GLU A 187 -5.16 -23.28 6.65
C GLU A 187 -5.45 -24.73 7.06
N LYS A 188 -6.27 -24.91 8.07
CA LYS A 188 -6.68 -26.25 8.52
C LYS A 188 -7.79 -26.91 7.68
N HIS A 189 -8.54 -26.12 6.90
CA HIS A 189 -9.69 -26.64 6.16
C HIS A 189 -9.57 -26.40 4.67
N LYS A 190 -10.19 -27.28 3.88
CA LYS A 190 -10.01 -27.30 2.43
C LYS A 190 -11.07 -26.55 1.61
N VAL A 191 -12.35 -26.80 1.92
CA VAL A 191 -13.46 -26.41 1.04
C VAL A 191 -14.33 -25.31 1.63
N TYR A 192 -14.44 -24.20 0.90
CA TYR A 192 -15.14 -23.02 1.38
C TYR A 192 -16.37 -22.69 0.53
N ALA A 193 -17.54 -22.81 1.15
CA ALA A 193 -18.80 -22.78 0.44
C ALA A 193 -19.72 -21.66 0.89
N CYS A 194 -20.34 -21.00 -0.09
CA CYS A 194 -21.35 -19.98 0.17
C CYS A 194 -22.68 -20.49 -0.42
N GLU A 195 -23.67 -20.76 0.44
CA GLU A 195 -24.99 -21.30 0.04
C GLU A 195 -26.14 -20.28 0.15
N VAL A 196 -26.76 -19.98 -0.98
CA VAL A 196 -27.79 -18.91 -1.12
C VAL A 196 -29.21 -19.46 -1.44
N THR A 197 -30.20 -19.08 -0.62
CA THR A 197 -31.60 -19.36 -0.96
C THR A 197 -32.38 -18.08 -1.28
N HIS A 198 -33.17 -18.13 -2.36
CA HIS A 198 -33.98 -17.02 -2.85
C HIS A 198 -35.12 -17.58 -3.71
N GLN A 199 -36.29 -16.94 -3.61
CA GLN A 199 -37.52 -17.41 -4.28
C GLN A 199 -37.42 -17.46 -5.81
N GLY A 200 -36.40 -16.79 -6.36
CA GLY A 200 -36.18 -16.77 -7.81
C GLY A 200 -35.69 -18.12 -8.32
N LEU A 201 -35.11 -18.90 -7.41
CA LEU A 201 -34.48 -20.18 -7.69
C LEU A 201 -35.28 -21.36 -7.15
N SER A 202 -35.41 -22.40 -7.97
CA SER A 202 -36.06 -23.64 -7.57
C SER A 202 -35.31 -24.42 -6.46
N SER A 203 -33.97 -24.36 -6.48
CA SER A 203 -33.19 -24.94 -5.38
C SER A 203 -32.01 -24.01 -5.02
N PRO A 204 -31.40 -24.17 -3.83
CA PRO A 204 -30.31 -23.24 -3.44
C PRO A 204 -29.07 -23.41 -4.31
N VAL A 205 -28.38 -22.31 -4.55
CA VAL A 205 -27.15 -22.26 -5.34
C VAL A 205 -25.94 -22.17 -4.40
N THR A 206 -24.91 -22.97 -4.69
CA THR A 206 -23.70 -23.02 -3.89
C THR A 206 -22.44 -22.71 -4.74
N LYS A 207 -21.70 -21.68 -4.34
CA LYS A 207 -20.38 -21.44 -4.91
C LYS A 207 -19.35 -21.84 -3.89
N SER A 208 -18.23 -22.37 -4.37
CA SER A 208 -17.12 -22.85 -3.54
C SER A 208 -15.77 -22.70 -4.24
N PHE A 209 -14.71 -22.80 -3.45
CA PHE A 209 -13.34 -22.91 -3.95
C PHE A 209 -12.58 -23.85 -3.03
N ASN A 210 -11.43 -24.32 -3.51
CA ASN A 210 -10.56 -25.13 -2.69
C ASN A 210 -9.27 -24.38 -2.40
N ARG A 211 -9.03 -24.15 -1.11
CA ARG A 211 -7.87 -23.37 -0.67
C ARG A 211 -6.60 -23.84 -1.37
N GLY A 212 -5.92 -22.87 -2.00
CA GLY A 212 -4.63 -23.07 -2.64
C GLY A 212 -4.64 -23.78 -3.99
N ALA A 213 -5.83 -24.09 -4.51
CA ALA A 213 -5.96 -24.79 -5.81
C ALA A 213 -6.30 -23.85 -6.98
N GLN B 1 -37.43 32.27 3.97
CA GLN B 1 -36.43 33.11 4.68
C GLN B 1 -35.96 32.43 5.98
N VAL B 2 -36.93 31.86 6.71
CA VAL B 2 -36.69 31.12 7.94
C VAL B 2 -35.73 29.97 7.66
N GLN B 3 -34.69 29.84 8.49
CA GLN B 3 -33.57 28.96 8.18
C GLN B 3 -32.92 28.45 9.46
N LEU B 4 -32.67 27.15 9.50
CA LEU B 4 -32.02 26.52 10.65
C LEU B 4 -30.82 25.72 10.20
N GLN B 5 -29.77 25.72 11.00
CA GLN B 5 -28.56 24.98 10.66
C GLN B 5 -27.82 24.51 11.92
N GLU B 6 -27.56 23.21 11.99
CA GLU B 6 -26.80 22.62 13.10
C GLU B 6 -25.33 22.74 12.83
N SER B 7 -24.54 22.93 13.89
CA SER B 7 -23.07 22.82 13.79
C SER B 7 -22.45 22.32 15.11
N GLY B 8 -21.23 21.78 15.02
CA GLY B 8 -20.48 21.24 16.17
C GLY B 8 -19.68 20.00 15.79
N PRO B 9 -18.86 19.47 16.73
CA PRO B 9 -18.00 18.32 16.45
C PRO B 9 -18.74 17.04 16.06
N GLY B 10 -18.19 16.31 15.08
CA GLY B 10 -18.81 15.09 14.62
C GLY B 10 -18.37 13.89 15.44
N LEU B 11 -17.63 14.14 16.51
CA LEU B 11 -16.99 13.05 17.27
C LEU B 11 -16.79 13.34 18.77
N VAL B 12 -17.23 12.40 19.60
CA VAL B 12 -17.22 12.57 21.06
C VAL B 12 -16.85 11.24 21.69
N LYS B 13 -16.00 11.27 22.71
CA LYS B 13 -15.53 10.06 23.39
C LYS B 13 -16.54 9.55 24.43
N PRO B 14 -16.65 8.22 24.60
CA PRO B 14 -17.59 7.69 25.59
C PRO B 14 -17.34 8.29 26.97
N SER B 15 -18.42 8.65 27.67
CA SER B 15 -18.39 9.33 28.98
C SER B 15 -18.18 10.86 28.93
N GLN B 16 -17.94 11.43 27.75
CA GLN B 16 -17.77 12.90 27.70
C GLN B 16 -19.09 13.58 27.34
N THR B 17 -19.05 14.88 27.10
CA THR B 17 -20.24 15.67 26.79
C THR B 17 -20.34 15.91 25.28
N LEU B 18 -21.55 15.81 24.75
CA LEU B 18 -21.86 16.16 23.36
C LEU B 18 -22.43 17.58 23.27
N SER B 19 -21.90 18.41 22.38
CA SER B 19 -22.36 19.81 22.21
C SER B 19 -22.69 20.19 20.75
N LEU B 20 -23.83 20.86 20.55
CA LEU B 20 -24.22 21.40 19.24
C LEU B 20 -24.92 22.76 19.33
N THR B 21 -24.68 23.60 18.33
CA THR B 21 -25.41 24.85 18.19
C THR B 21 -26.30 24.83 16.93
N CYS B 22 -27.52 25.36 17.06
CA CYS B 22 -28.39 25.73 15.92
C CYS B 22 -28.43 27.28 15.73
N THR B 23 -28.11 27.74 14.51
CA THR B 23 -28.26 29.15 14.13
C THR B 23 -29.61 29.36 13.40
N VAL B 24 -30.25 30.51 13.63
CA VAL B 24 -31.55 30.80 13.00
C VAL B 24 -31.56 32.13 12.24
N SER B 25 -32.00 32.11 10.98
CA SER B 25 -32.23 33.38 10.24
C SER B 25 -33.72 33.56 9.97
N GLY B 26 -34.10 34.78 9.57
CA GLY B 26 -35.46 35.11 9.12
C GLY B 26 -36.44 35.33 10.25
N GLY B 27 -35.93 35.76 11.40
CA GLY B 27 -36.77 36.08 12.54
C GLY B 27 -36.01 35.85 13.81
N SER B 28 -36.25 36.73 14.79
CA SER B 28 -35.53 36.67 16.05
C SER B 28 -35.96 35.46 16.85
N ILE B 29 -35.03 34.89 17.59
CA ILE B 29 -35.28 33.66 18.33
C ILE B 29 -36.10 33.94 19.58
N SER B 30 -36.18 35.21 19.98
CA SER B 30 -36.91 35.63 21.18
C SER B 30 -38.33 35.96 20.78
N SER B 31 -39.24 35.03 21.00
CA SER B 31 -40.59 35.18 20.50
C SER B 31 -41.50 34.19 21.18
N GLY B 32 -42.67 34.69 21.58
CA GLY B 32 -43.74 33.87 22.13
C GLY B 32 -44.33 32.83 21.20
N ASP B 33 -44.11 32.92 19.88
CA ASP B 33 -44.80 32.01 18.94
C ASP B 33 -44.16 30.62 18.73
N TYR B 34 -42.91 30.43 19.18
CA TYR B 34 -42.13 29.23 18.81
C TYR B 34 -41.51 28.46 19.97
N TYR B 35 -41.60 27.12 19.92
CA TYR B 35 -40.73 26.28 20.76
C TYR B 35 -39.53 25.92 19.91
N TRP B 36 -38.32 26.06 20.46
CA TRP B 36 -37.12 25.62 19.71
C TRP B 36 -36.68 24.23 20.18
N SER B 37 -36.63 23.26 19.25
CA SER B 37 -36.51 21.82 19.61
C SER B 37 -35.32 21.07 19.02
N TRP B 38 -35.11 19.84 19.51
CA TRP B 38 -34.08 18.90 19.04
C TRP B 38 -34.64 17.50 18.95
N ILE B 39 -34.28 16.80 17.88
CA ILE B 39 -34.75 15.44 17.58
C ILE B 39 -33.56 14.71 16.99
N ARG B 40 -33.46 13.42 17.27
CA ARG B 40 -32.32 12.61 16.80
C ARG B 40 -32.74 11.27 16.15
N GLN B 41 -31.85 10.74 15.33
CA GLN B 41 -32.14 9.55 14.52
C GLN B 41 -30.85 8.75 14.31
N PRO B 42 -30.70 7.62 15.01
CA PRO B 42 -29.56 6.72 14.74
C PRO B 42 -29.65 6.13 13.30
N PRO B 43 -28.51 5.93 12.63
CA PRO B 43 -28.54 5.38 11.28
C PRO B 43 -29.30 4.06 11.21
N GLY B 44 -30.27 4.01 10.28
CA GLY B 44 -31.10 2.83 10.05
C GLY B 44 -32.27 2.68 11.02
N LYS B 45 -32.55 3.74 11.76
CA LYS B 45 -33.48 3.65 12.88
C LYS B 45 -34.49 4.78 12.92
N GLY B 46 -35.35 4.77 13.94
CA GLY B 46 -36.45 5.75 14.03
C GLY B 46 -36.12 7.14 14.59
N LEU B 47 -37.16 7.98 14.65
CA LEU B 47 -37.01 9.34 15.19
C LEU B 47 -37.22 9.37 16.72
N GLU B 48 -36.39 10.12 17.43
CA GLU B 48 -36.59 10.29 18.87
C GLU B 48 -36.54 11.77 19.27
N TRP B 49 -37.53 12.20 20.05
CA TRP B 49 -37.64 13.59 20.50
C TRP B 49 -36.74 13.84 21.70
N ILE B 50 -35.98 14.94 21.67
CA ILE B 50 -35.07 15.21 22.78
C ILE B 50 -35.65 16.23 23.76
N GLY B 51 -36.06 17.39 23.26
CA GLY B 51 -36.78 18.39 24.05
C GLY B 51 -36.92 19.75 23.37
N TYR B 52 -37.24 20.75 24.18
CA TYR B 52 -37.42 22.12 23.68
C TYR B 52 -37.07 23.17 24.76
N ILE B 53 -36.87 24.41 24.29
CA ILE B 53 -36.73 25.59 25.14
C ILE B 53 -37.62 26.73 24.60
N TYR B 54 -38.13 27.55 25.51
CA TYR B 54 -38.97 28.71 25.17
C TYR B 54 -38.30 30.03 25.63
N TYR B 55 -38.61 31.13 24.95
CA TYR B 55 -38.09 32.44 25.31
C TYR B 55 -38.30 32.84 26.78
N SER B 56 -39.19 32.16 27.48
CA SER B 56 -39.47 32.51 28.88
C SER B 56 -38.45 31.91 29.84
N GLY B 57 -37.61 31.02 29.32
CA GLY B 57 -36.67 30.31 30.17
C GLY B 57 -37.01 28.84 30.34
N SER B 58 -38.30 28.51 30.36
CA SER B 58 -38.71 27.14 30.71
C SER B 58 -38.43 26.12 29.60
N THR B 59 -38.28 24.87 30.04
CA THR B 59 -37.78 23.78 29.20
C THR B 59 -38.55 22.48 29.49
N ASP B 60 -38.42 21.52 28.56
CA ASP B 60 -39.04 20.19 28.68
C ASP B 60 -38.19 19.15 27.95
N TYR B 61 -37.83 18.08 28.69
CA TYR B 61 -36.91 17.04 28.21
C TYR B 61 -37.56 15.65 28.28
N ASN B 62 -37.20 14.78 27.34
CA ASN B 62 -37.61 13.37 27.35
C ASN B 62 -36.94 12.62 28.51
N PRO B 63 -37.74 12.00 29.42
CA PRO B 63 -37.19 11.20 30.52
C PRO B 63 -36.33 10.02 30.08
N SER B 64 -36.43 9.59 28.83
CA SER B 64 -35.52 8.54 28.37
C SER B 64 -34.01 8.93 28.46
N LEU B 65 -33.72 10.23 28.48
CA LEU B 65 -32.32 10.69 28.53
C LEU B 65 -31.78 10.92 29.96
N LYS B 66 -32.56 10.48 30.95
CA LYS B 66 -32.15 10.35 32.35
C LYS B 66 -31.44 11.58 32.92
N SER B 67 -32.05 12.74 32.71
CA SER B 67 -31.50 14.03 33.17
C SER B 67 -30.14 14.37 32.58
N ARG B 68 -29.71 13.69 31.53
CA ARG B 68 -28.40 13.97 30.93
C ARG B 68 -28.35 15.19 30.01
N VAL B 69 -29.52 15.72 29.63
CA VAL B 69 -29.58 16.84 28.66
C VAL B 69 -29.88 18.22 29.25
N THR B 70 -29.24 19.25 28.71
CA THR B 70 -29.65 20.64 28.92
C THR B 70 -29.69 21.42 27.59
N MET B 71 -30.62 22.37 27.48
CA MET B 71 -30.66 23.33 26.38
C MET B 71 -30.50 24.76 26.90
N SER B 72 -30.04 25.66 26.04
CA SER B 72 -29.93 27.07 26.37
C SER B 72 -30.11 27.98 25.12
N VAL B 73 -30.43 29.25 25.36
CA VAL B 73 -30.52 30.28 24.29
C VAL B 73 -29.36 31.28 24.35
N ASP B 74 -29.00 31.81 23.19
CA ASP B 74 -28.05 32.91 23.12
C ASP B 74 -28.55 33.96 22.12
N THR B 75 -29.38 34.89 22.59
CA THR B 75 -29.90 35.96 21.73
C THR B 75 -28.79 36.76 21.04
N SER B 76 -27.60 36.81 21.64
CA SER B 76 -26.40 37.48 21.06
C SER B 76 -26.05 37.01 19.66
N LYS B 77 -26.49 35.82 19.28
CA LYS B 77 -26.20 35.33 17.94
C LYS B 77 -27.44 34.78 17.27
N ASN B 78 -28.58 34.94 17.93
CA ASN B 78 -29.84 34.33 17.49
C ASN B 78 -29.68 32.81 17.34
N GLN B 79 -29.25 32.19 18.44
CA GLN B 79 -28.87 30.78 18.47
C GLN B 79 -29.40 30.06 19.71
N PHE B 80 -29.72 28.78 19.57
CA PHE B 80 -29.97 27.87 20.71
C PHE B 80 -29.12 26.59 20.63
N SER B 81 -28.93 25.92 21.77
CA SER B 81 -27.91 24.85 21.90
C SER B 81 -28.33 23.60 22.69
N LEU B 82 -27.53 22.53 22.55
CA LEU B 82 -27.70 21.26 23.26
C LEU B 82 -26.41 20.77 23.95
N LYS B 83 -26.52 20.36 25.22
CA LYS B 83 -25.46 19.58 25.89
C LYS B 83 -26.02 18.23 26.25
N VAL B 84 -25.28 17.17 25.99
CA VAL B 84 -25.65 15.84 26.51
C VAL B 84 -24.46 15.18 27.20
N ASN B 85 -24.54 14.99 28.51
CA ASN B 85 -23.39 14.41 29.21
C ASN B 85 -23.43 12.88 29.31
N SER B 86 -22.31 12.27 29.70
CA SER B 86 -22.17 10.81 29.89
C SER B 86 -22.64 9.95 28.70
N VAL B 87 -22.09 10.24 27.53
CA VAL B 87 -22.52 9.60 26.29
C VAL B 87 -21.91 8.20 26.08
N THR B 88 -22.61 7.36 25.31
CA THR B 88 -22.11 6.03 24.89
C THR B 88 -22.50 5.81 23.43
N ALA B 89 -22.13 4.67 22.87
CA ALA B 89 -22.49 4.35 21.48
C ALA B 89 -24.00 4.54 21.17
N ALA B 90 -24.84 4.29 22.18
CA ALA B 90 -26.28 4.56 22.07
C ALA B 90 -26.62 6.02 21.76
N ASP B 91 -25.65 6.92 21.79
CA ASP B 91 -25.96 8.33 21.46
C ASP B 91 -25.57 8.72 20.02
N THR B 92 -24.90 7.80 19.31
CA THR B 92 -24.62 8.01 17.88
C THR B 92 -25.95 8.23 17.16
N ALA B 93 -26.00 9.27 16.32
CA ALA B 93 -27.24 9.67 15.65
C ALA B 93 -27.02 10.88 14.77
N VAL B 94 -27.83 10.98 13.72
CA VAL B 94 -27.98 12.25 13.03
C VAL B 94 -28.81 13.11 13.96
N TYR B 95 -28.26 14.26 14.34
CA TYR B 95 -28.98 15.23 15.20
C TYR B 95 -29.64 16.37 14.39
N TYR B 96 -30.95 16.58 14.62
CA TYR B 96 -31.70 17.68 14.00
C TYR B 96 -32.12 18.78 14.99
N CYS B 97 -32.09 20.05 14.55
CA CYS B 97 -32.88 21.10 15.18
C CYS B 97 -34.15 21.41 14.35
N ALA B 98 -35.22 21.81 15.04
CA ALA B 98 -36.51 22.10 14.39
C ALA B 98 -37.34 23.17 15.12
N ARG B 99 -38.19 23.89 14.40
CA ARG B 99 -39.09 24.89 14.99
C ARG B 99 -40.49 24.31 15.20
N VAL B 100 -41.22 24.79 16.20
CA VAL B 100 -42.66 24.55 16.31
C VAL B 100 -43.38 25.89 16.34
N SER B 101 -44.38 26.05 15.47
CA SER B 101 -45.25 27.23 15.50
C SER B 101 -46.48 27.00 16.39
N ILE B 102 -46.38 27.44 17.65
CA ILE B 102 -47.40 27.15 18.67
C ILE B 102 -48.82 27.62 18.29
N PHE B 103 -48.91 28.70 17.55
CA PHE B 103 -50.21 29.24 17.18
C PHE B 103 -50.61 28.95 15.73
N GLY B 104 -49.67 28.40 14.94
CA GLY B 104 -49.97 27.99 13.57
C GLY B 104 -50.36 26.53 13.50
N VAL B 105 -49.63 25.78 12.67
CA VAL B 105 -49.90 24.37 12.40
C VAL B 105 -49.69 23.49 13.63
N GLY B 106 -48.85 23.95 14.56
CA GLY B 106 -48.72 23.31 15.86
C GLY B 106 -47.87 22.05 15.96
N THR B 107 -47.02 21.82 14.96
CA THR B 107 -46.03 20.72 14.98
C THR B 107 -44.78 21.17 14.20
N PHE B 108 -43.71 20.39 14.27
CA PHE B 108 -42.47 20.72 13.55
C PHE B 108 -42.67 21.15 12.10
N ASP B 109 -42.26 22.38 11.78
CA ASP B 109 -42.32 22.88 10.41
C ASP B 109 -40.94 22.98 9.76
N TYR B 110 -40.10 23.94 10.16
CA TYR B 110 -38.76 24.07 9.58
C TYR B 110 -37.73 23.22 10.32
N TRP B 111 -36.88 22.53 9.56
CA TRP B 111 -35.87 21.64 10.15
C TRP B 111 -34.51 22.04 9.68
N GLY B 112 -33.48 21.67 10.46
CA GLY B 112 -32.09 21.77 10.02
C GLY B 112 -31.71 20.71 8.99
N GLN B 113 -30.50 20.83 8.45
CA GLN B 113 -29.98 19.86 7.48
C GLN B 113 -29.62 18.56 8.19
N GLY B 114 -29.53 18.58 9.51
CA GLY B 114 -29.09 17.40 10.27
C GLY B 114 -27.58 17.28 10.32
N THR B 115 -27.04 16.77 11.43
CA THR B 115 -25.59 16.53 11.56
C THR B 115 -25.19 15.27 12.35
N LEU B 116 -24.26 14.51 11.80
CA LEU B 116 -23.86 13.22 12.38
C LEU B 116 -22.87 13.36 13.56
N VAL B 117 -23.21 12.81 14.72
CA VAL B 117 -22.27 12.72 15.86
C VAL B 117 -22.02 11.25 16.21
N THR B 118 -20.75 10.83 16.20
CA THR B 118 -20.36 9.46 16.58
C THR B 118 -19.66 9.47 17.94
N VAL B 119 -20.07 8.56 18.81
CA VAL B 119 -19.44 8.36 20.14
C VAL B 119 -18.61 7.07 20.15
N SER B 120 -17.31 7.20 20.39
CA SER B 120 -16.38 6.09 20.20
C SER B 120 -15.01 6.43 20.74
N SER B 121 -14.24 5.41 21.11
CA SER B 121 -12.91 5.64 21.65
C SER B 121 -11.81 5.38 20.64
N ALA B 122 -12.16 5.03 19.41
CA ALA B 122 -11.10 4.64 18.45
C ALA B 122 -10.22 5.83 18.05
N SER B 123 -8.97 5.51 17.77
CA SER B 123 -8.01 6.47 17.19
C SER B 123 -8.08 6.35 15.67
N THR B 124 -7.65 7.39 14.99
CA THR B 124 -7.76 7.42 13.53
C THR B 124 -6.68 6.55 12.88
N LYS B 125 -7.13 5.69 11.98
CA LYS B 125 -6.28 4.74 11.29
C LYS B 125 -6.71 4.70 9.82
N GLY B 126 -5.71 4.75 8.93
CA GLY B 126 -5.90 4.56 7.50
C GLY B 126 -6.17 3.09 7.21
N PRO B 127 -6.83 2.80 6.07
CA PRO B 127 -7.26 1.44 5.69
C PRO B 127 -6.26 0.66 4.85
N SER B 128 -6.37 -0.66 4.91
CA SER B 128 -5.70 -1.53 3.94
C SER B 128 -6.66 -1.76 2.77
N VAL B 129 -6.11 -2.04 1.59
CA VAL B 129 -6.92 -2.34 0.41
C VAL B 129 -6.51 -3.71 -0.17
N PHE B 130 -7.42 -4.68 -0.06
CA PHE B 130 -7.17 -6.02 -0.58
C PHE B 130 -7.97 -6.28 -1.84
N PRO B 131 -7.35 -6.93 -2.84
CA PRO B 131 -8.04 -7.23 -4.09
C PRO B 131 -8.99 -8.40 -3.94
N LEU B 132 -10.11 -8.31 -4.63
CA LEU B 132 -11.05 -9.40 -4.73
C LEU B 132 -10.93 -9.88 -6.18
N ALA B 133 -10.16 -10.94 -6.37
CA ALA B 133 -9.84 -11.43 -7.70
C ALA B 133 -10.98 -12.27 -8.32
N PRO B 134 -11.26 -12.04 -9.63
CA PRO B 134 -12.21 -12.81 -10.45
C PRO B 134 -11.67 -14.16 -10.91
N SER B 135 -12.57 -15.13 -11.15
CA SER B 135 -12.27 -16.40 -11.85
C SER B 135 -13.35 -17.50 -11.79
N SER B 136 -13.33 -18.33 -12.83
CA SER B 136 -14.11 -19.57 -12.92
C SER B 136 -13.47 -20.44 -14.00
N GLY B 142 -19.52 -14.59 -20.85
CA GLY B 142 -20.58 -14.11 -19.96
C GLY B 142 -20.08 -12.96 -19.11
N THR B 143 -20.46 -12.95 -17.84
CA THR B 143 -20.10 -11.84 -16.95
C THR B 143 -19.26 -12.25 -15.73
N ALA B 144 -18.21 -11.48 -15.46
CA ALA B 144 -17.35 -11.70 -14.28
C ALA B 144 -17.62 -10.69 -13.17
N ALA B 145 -17.02 -10.91 -12.01
CA ALA B 145 -17.06 -9.94 -10.93
C ALA B 145 -15.71 -9.84 -10.26
N LEU B 146 -15.32 -8.61 -9.91
CA LEU B 146 -14.10 -8.33 -9.15
C LEU B 146 -14.34 -7.16 -8.20
N GLY B 147 -13.42 -6.91 -7.27
CA GLY B 147 -13.56 -5.80 -6.33
C GLY B 147 -12.40 -5.45 -5.42
N CYS B 148 -12.66 -4.61 -4.42
CA CYS B 148 -11.69 -4.19 -3.39
C CYS B 148 -12.23 -4.29 -1.94
N LEU B 149 -11.55 -5.06 -1.10
CA LEU B 149 -11.85 -5.08 0.33
C LEU B 149 -11.12 -3.92 1.03
N VAL B 150 -11.88 -2.95 1.55
CA VAL B 150 -11.31 -1.79 2.23
C VAL B 150 -11.54 -2.01 3.72
N LYS B 151 -10.47 -2.33 4.43
CA LYS B 151 -10.56 -2.86 5.78
C LYS B 151 -9.81 -2.02 6.81
N ASP B 152 -10.39 -1.94 8.00
CA ASP B 152 -9.69 -1.48 9.22
C ASP B 152 -9.30 0.00 9.24
N TYR B 153 -10.29 0.88 9.21
CA TYR B 153 -10.04 2.32 9.25
C TYR B 153 -11.01 3.03 10.20
N PHE B 154 -10.58 4.19 10.71
CA PHE B 154 -11.40 5.04 11.57
C PHE B 154 -10.99 6.51 11.44
N PRO B 155 -11.97 7.42 11.37
CA PRO B 155 -13.41 7.14 11.32
C PRO B 155 -13.91 7.07 9.86
N GLU B 156 -15.23 6.95 9.69
CA GLU B 156 -15.87 7.15 8.40
C GLU B 156 -15.68 8.57 7.85
N PRO B 157 -15.79 8.75 6.52
CA PRO B 157 -16.01 7.76 5.48
C PRO B 157 -14.80 7.53 4.58
N VAL B 158 -14.86 6.47 3.79
CA VAL B 158 -13.97 6.31 2.63
C VAL B 158 -14.80 6.62 1.41
N THR B 159 -14.14 7.07 0.34
CA THR B 159 -14.79 7.15 -0.95
C THR B 159 -13.93 6.41 -1.97
N VAL B 160 -14.58 5.47 -2.66
CA VAL B 160 -13.91 4.67 -3.67
C VAL B 160 -14.53 4.93 -5.04
N SER B 161 -13.66 4.98 -6.06
CA SER B 161 -14.05 5.09 -7.47
C SER B 161 -13.32 4.03 -8.29
N TRP B 162 -13.72 3.84 -9.54
CA TRP B 162 -13.06 2.86 -10.39
C TRP B 162 -12.44 3.46 -11.64
N ASN B 163 -11.21 3.02 -11.96
CA ASN B 163 -10.40 3.59 -13.06
C ASN B 163 -10.49 5.10 -13.16
N SER B 164 -10.20 5.78 -12.03
CA SER B 164 -10.24 7.25 -11.94
C SER B 164 -11.62 7.82 -12.26
N GLY B 165 -12.67 7.10 -11.86
CA GLY B 165 -14.04 7.52 -12.09
C GLY B 165 -14.55 7.26 -13.50
N ALA B 166 -13.85 6.42 -14.26
CA ALA B 166 -14.17 6.18 -15.67
C ALA B 166 -14.75 4.78 -15.98
N LEU B 167 -15.22 4.08 -14.96
CA LEU B 167 -15.87 2.79 -15.14
C LEU B 167 -17.36 2.93 -14.81
N THR B 168 -17.65 3.29 -13.57
CA THR B 168 -18.94 3.84 -13.17
C THR B 168 -20.17 2.91 -13.24
N SER B 169 -20.17 2.00 -14.21
CA SER B 169 -21.36 1.21 -14.53
C SER B 169 -21.26 -0.21 -13.95
N GLY B 170 -22.38 -0.73 -13.46
CA GLY B 170 -22.41 -2.04 -12.80
C GLY B 170 -21.57 -2.12 -11.54
N VAL B 171 -21.19 -0.95 -11.04
CA VAL B 171 -20.39 -0.77 -9.81
C VAL B 171 -21.32 -0.74 -8.59
N HIS B 172 -20.96 -1.47 -7.53
CA HIS B 172 -21.68 -1.41 -6.26
C HIS B 172 -20.79 -1.16 -5.04
N THR B 173 -21.04 -0.07 -4.32
CA THR B 173 -20.27 0.19 -3.09
C THR B 173 -21.14 0.02 -1.84
N PHE B 174 -20.79 -0.95 -0.99
CA PHE B 174 -21.63 -1.30 0.16
C PHE B 174 -21.48 -0.31 1.32
N PRO B 175 -22.57 -0.08 2.09
CA PRO B 175 -22.39 0.61 3.37
C PRO B 175 -21.41 -0.14 4.26
N ALA B 176 -20.66 0.60 5.09
CA ALA B 176 -19.64 0.01 5.97
C ALA B 176 -20.26 -0.68 7.17
N VAL B 177 -19.51 -1.61 7.77
CA VAL B 177 -19.92 -2.27 9.02
C VAL B 177 -18.93 -1.97 10.16
N LEU B 178 -19.47 -1.81 11.37
CA LEU B 178 -18.64 -1.70 12.56
C LEU B 178 -18.26 -3.10 13.00
N GLN B 179 -16.97 -3.31 13.26
CA GLN B 179 -16.44 -4.61 13.70
C GLN B 179 -16.14 -4.62 15.17
N SER B 180 -16.02 -5.81 15.73
CA SER B 180 -15.72 -6.00 17.17
C SER B 180 -14.62 -5.08 17.69
N SER B 181 -13.66 -4.77 16.81
CA SER B 181 -12.43 -4.08 17.19
C SER B 181 -12.56 -2.56 17.27
N GLY B 182 -13.73 -2.05 16.90
CA GLY B 182 -13.98 -0.61 16.83
C GLY B 182 -13.66 0.02 15.48
N LEU B 183 -13.14 -0.76 14.52
CA LEU B 183 -12.79 -0.24 13.20
C LEU B 183 -13.82 -0.62 12.15
N TYR B 184 -13.87 0.17 11.07
CA TYR B 184 -14.86 -0.04 10.02
C TYR B 184 -14.29 -0.89 8.89
N SER B 185 -15.20 -1.59 8.21
CA SER B 185 -14.88 -2.41 7.04
C SER B 185 -15.95 -2.27 5.95
N LEU B 186 -15.50 -2.24 4.70
CA LEU B 186 -16.41 -2.08 3.55
C LEU B 186 -15.81 -2.74 2.31
N SER B 187 -16.65 -3.07 1.34
CA SER B 187 -16.15 -3.51 0.02
C SER B 187 -16.93 -2.90 -1.16
N SER B 188 -16.18 -2.55 -2.21
CA SER B 188 -16.74 -2.05 -3.48
C SER B 188 -16.54 -3.10 -4.57
N VAL B 189 -17.59 -3.30 -5.38
CA VAL B 189 -17.61 -4.36 -6.41
C VAL B 189 -18.01 -3.87 -7.82
N VAL B 190 -17.69 -4.66 -8.84
CA VAL B 190 -18.06 -4.40 -10.22
C VAL B 190 -18.24 -5.68 -11.06
N THR B 191 -19.22 -5.63 -11.96
CA THR B 191 -19.49 -6.73 -12.89
C THR B 191 -19.01 -6.36 -14.29
N VAL B 192 -18.29 -7.27 -14.94
CA VAL B 192 -17.70 -7.03 -16.28
C VAL B 192 -17.78 -8.30 -17.15
N PRO B 193 -17.69 -8.15 -18.50
CA PRO B 193 -17.55 -9.28 -19.45
C PRO B 193 -16.29 -10.11 -19.23
N SER B 194 -16.40 -11.43 -19.38
CA SER B 194 -15.25 -12.32 -19.23
C SER B 194 -14.23 -12.11 -20.34
N SER B 195 -14.66 -12.35 -21.58
CA SER B 195 -13.86 -12.24 -22.79
C SER B 195 -12.62 -11.37 -22.67
N SER B 196 -12.83 -10.17 -22.15
CA SER B 196 -11.81 -9.13 -22.15
C SER B 196 -11.16 -8.98 -20.77
N LEU B 197 -10.82 -10.11 -20.16
CA LEU B 197 -10.29 -10.09 -18.81
C LEU B 197 -8.77 -9.83 -18.84
N GLY B 198 -8.12 -10.28 -19.91
CA GLY B 198 -6.69 -10.04 -20.10
C GLY B 198 -6.37 -8.88 -21.04
N THR B 199 -7.40 -8.39 -21.74
CA THR B 199 -7.26 -7.23 -22.63
C THR B 199 -7.86 -5.95 -22.04
N GLN B 200 -8.13 -5.94 -20.74
CA GLN B 200 -8.57 -4.73 -20.03
C GLN B 200 -8.12 -4.74 -18.57
N THR B 201 -7.60 -3.60 -18.11
CA THR B 201 -6.97 -3.49 -16.79
C THR B 201 -7.85 -2.73 -15.76
N TYR B 202 -7.85 -3.20 -14.51
CA TYR B 202 -8.75 -2.66 -13.48
C TYR B 202 -8.08 -2.19 -12.18
N ILE B 203 -8.40 -0.95 -11.78
CA ILE B 203 -7.82 -0.27 -10.60
C ILE B 203 -8.91 0.44 -9.77
N CYS B 204 -8.90 0.23 -8.44
CA CYS B 204 -9.82 0.96 -7.54
C CYS B 204 -9.13 2.07 -6.75
N ASN B 205 -9.82 3.20 -6.62
CA ASN B 205 -9.23 4.39 -6.02
C ASN B 205 -9.85 4.71 -4.67
N VAL B 206 -9.12 4.41 -3.60
CA VAL B 206 -9.62 4.56 -2.24
C VAL B 206 -9.06 5.81 -1.58
N ASN B 207 -9.95 6.58 -0.97
CA ASN B 207 -9.58 7.81 -0.30
C ASN B 207 -10.17 7.94 1.12
N HIS B 208 -9.33 8.33 2.06
CA HIS B 208 -9.75 8.49 3.44
C HIS B 208 -9.06 9.72 3.97
N LYS B 209 -9.80 10.82 4.01
CA LYS B 209 -9.26 12.17 4.32
C LYS B 209 -8.95 12.51 5.80
N PRO B 210 -9.70 11.97 6.78
CA PRO B 210 -9.27 12.13 8.18
C PRO B 210 -7.88 11.55 8.41
N SER B 211 -7.62 10.37 7.84
CA SER B 211 -6.28 9.84 7.65
C SER B 211 -5.68 10.61 6.46
N ASN B 212 -4.37 10.55 6.27
CA ASN B 212 -3.80 11.23 5.11
C ASN B 212 -3.55 10.29 3.92
N THR B 213 -4.29 9.18 3.86
CA THR B 213 -3.98 8.11 2.91
C THR B 213 -4.94 7.96 1.72
N LYS B 214 -4.34 7.82 0.53
CA LYS B 214 -5.03 7.63 -0.73
C LYS B 214 -4.34 6.49 -1.48
N VAL B 215 -5.06 5.39 -1.75
CA VAL B 215 -4.44 4.20 -2.33
C VAL B 215 -5.10 3.69 -3.62
N ASP B 216 -4.27 3.19 -4.52
CA ASP B 216 -4.72 2.61 -5.78
C ASP B 216 -4.26 1.15 -5.86
N LYS B 217 -5.20 0.27 -6.16
CA LYS B 217 -4.90 -1.16 -6.22
C LYS B 217 -5.40 -1.78 -7.52
N LYS B 218 -4.46 -2.33 -8.29
CA LYS B 218 -4.77 -3.07 -9.51
C LYS B 218 -5.32 -4.42 -9.07
N VAL B 219 -6.43 -4.83 -9.67
CA VAL B 219 -7.00 -6.14 -9.38
C VAL B 219 -6.91 -7.02 -10.62
N GLU B 220 -6.24 -8.16 -10.49
CA GLU B 220 -5.99 -9.08 -11.61
C GLU B 220 -6.46 -10.51 -11.32
N PRO B 221 -6.81 -11.26 -12.38
CA PRO B 221 -7.12 -12.69 -12.29
C PRO B 221 -5.91 -13.49 -11.81
N LYS B 222 -6.13 -14.38 -10.83
CA LYS B 222 -5.04 -15.18 -10.27
C LYS B 222 -4.88 -16.51 -10.98
N GLU C 2 -65.71 48.99 45.60
CA GLU C 2 -67.11 48.71 45.10
C GLU C 2 -67.78 50.00 44.51
N GLU C 3 -68.53 49.88 43.41
CA GLU C 3 -68.78 48.61 42.68
C GLU C 3 -68.21 48.60 41.24
N LYS C 4 -68.95 49.14 40.28
CA LYS C 4 -68.56 48.96 38.87
C LYS C 4 -67.47 49.93 38.44
N LYS C 5 -66.37 49.39 37.93
CA LYS C 5 -65.23 50.18 37.48
C LYS C 5 -64.58 49.52 36.26
N VAL C 6 -64.75 50.18 35.11
CA VAL C 6 -64.21 49.71 33.82
C VAL C 6 -62.84 50.33 33.52
N CYS C 7 -61.83 49.47 33.31
CA CYS C 7 -60.46 49.91 32.96
C CYS C 7 -60.00 49.41 31.60
N ASN C 8 -59.25 50.26 30.89
CA ASN C 8 -58.61 49.87 29.63
C ASN C 8 -57.62 48.72 29.83
N GLY C 9 -57.50 47.85 28.82
CA GLY C 9 -56.50 46.77 28.83
C GLY C 9 -55.26 47.09 28.01
N ILE C 10 -54.29 46.16 28.02
CA ILE C 10 -53.01 46.31 27.30
C ILE C 10 -53.16 46.48 25.78
N GLY C 11 -52.58 47.55 25.26
CA GLY C 11 -52.65 47.86 23.82
C GLY C 11 -53.88 48.65 23.39
N ILE C 12 -54.40 49.48 24.30
CA ILE C 12 -55.48 50.46 24.02
C ILE C 12 -55.34 51.66 24.98
N GLY C 13 -55.80 52.84 24.54
CA GLY C 13 -55.77 54.05 25.36
C GLY C 13 -54.38 54.36 25.86
N GLU C 14 -54.22 54.50 27.17
CA GLU C 14 -52.93 54.82 27.83
C GLU C 14 -51.91 53.68 27.84
N PHE C 15 -52.34 52.45 27.54
CA PHE C 15 -51.43 51.29 27.51
C PHE C 15 -51.14 50.87 26.06
N LYS C 16 -51.55 51.72 25.12
CA LYS C 16 -51.52 51.42 23.68
C LYS C 16 -50.13 51.02 23.15
N ASP C 17 -49.07 51.44 23.84
CA ASP C 17 -47.69 51.13 23.46
C ASP C 17 -46.97 50.18 24.45
N SER C 18 -47.73 49.62 25.39
CA SER C 18 -47.15 48.76 26.43
C SER C 18 -47.28 47.28 26.09
N LEU C 19 -46.22 46.51 26.31
CA LEU C 19 -46.16 45.14 25.81
C LEU C 19 -46.79 44.14 26.77
N SER C 20 -46.67 44.42 28.07
CA SER C 20 -47.18 43.54 29.11
C SER C 20 -47.67 44.35 30.29
N ILE C 21 -48.50 43.72 31.12
CA ILE C 21 -48.71 44.21 32.46
C ILE C 21 -47.35 44.14 33.16
N ASN C 22 -47.05 45.15 33.97
CA ASN C 22 -45.72 45.32 34.53
C ASN C 22 -45.75 46.23 35.75
N ALA C 23 -44.60 46.32 36.42
CA ALA C 23 -44.42 47.05 37.68
C ALA C 23 -44.88 48.50 37.65
N THR C 24 -44.77 49.12 36.48
CA THR C 24 -45.14 50.52 36.36
C THR C 24 -46.67 50.68 36.28
N ASN C 25 -47.33 49.87 35.45
CA ASN C 25 -48.77 50.02 35.18
C ASN C 25 -49.75 49.25 36.09
N ILE C 26 -49.21 48.30 36.85
CA ILE C 26 -50.02 47.41 37.68
C ILE C 26 -50.94 48.14 38.66
N LYS C 27 -50.43 49.18 39.32
CA LYS C 27 -51.21 49.96 40.31
C LYS C 27 -52.52 50.49 39.73
N HIS C 28 -52.49 50.86 38.45
CA HIS C 28 -53.65 51.40 37.72
C HIS C 28 -54.76 50.39 37.50
N PHE C 29 -54.54 49.16 37.95
CA PHE C 29 -55.59 48.15 37.92
C PHE C 29 -56.27 47.91 39.28
N LYS C 30 -55.80 48.59 40.32
CA LYS C 30 -56.42 48.52 41.65
C LYS C 30 -57.91 48.79 41.57
N ASN C 31 -58.70 47.77 41.93
CA ASN C 31 -60.16 47.83 41.98
C ASN C 31 -60.94 47.87 40.67
N CYS C 32 -60.35 47.38 39.57
CA CYS C 32 -61.10 47.16 38.32
C CYS C 32 -61.90 45.86 38.42
N THR C 33 -63.13 45.89 37.88
CA THR C 33 -63.97 44.71 37.81
C THR C 33 -64.12 44.22 36.36
N SER C 34 -63.87 45.14 35.41
CA SER C 34 -63.95 44.89 33.98
C SER C 34 -62.73 45.42 33.22
N ILE C 35 -62.16 44.61 32.34
CA ILE C 35 -61.16 45.11 31.41
C ILE C 35 -61.74 45.36 30.02
N SER C 36 -61.55 46.59 29.54
CA SER C 36 -62.01 46.97 28.21
C SER C 36 -60.87 46.76 27.19
N GLY C 37 -60.64 45.49 26.84
CA GLY C 37 -59.52 45.08 26.00
C GLY C 37 -58.84 43.81 26.50
N ASP C 38 -57.54 43.71 26.25
CA ASP C 38 -56.77 42.47 26.51
C ASP C 38 -55.82 42.55 27.71
N LEU C 39 -55.49 41.39 28.28
CA LEU C 39 -54.38 41.27 29.23
C LEU C 39 -53.27 40.38 28.67
N HIS C 40 -52.06 40.95 28.56
CA HIS C 40 -50.84 40.22 28.17
C HIS C 40 -49.92 40.04 29.40
N ILE C 41 -49.54 38.81 29.70
CA ILE C 41 -48.64 38.55 30.83
C ILE C 41 -47.41 37.80 30.34
N LEU C 42 -46.26 38.49 30.35
CA LEU C 42 -45.06 38.08 29.59
C LEU C 42 -43.78 38.00 30.47
N PRO C 43 -42.69 37.39 29.93
CA PRO C 43 -41.40 37.29 30.66
C PRO C 43 -40.77 38.64 31.00
N VAL C 44 -40.90 39.63 30.11
CA VAL C 44 -40.29 40.94 30.37
C VAL C 44 -40.91 41.59 31.60
N ALA C 45 -42.12 41.18 31.98
CA ALA C 45 -42.73 41.69 33.22
C ALA C 45 -41.91 41.31 34.46
N PHE C 46 -41.49 40.04 34.56
CA PHE C 46 -40.77 39.57 35.76
C PHE C 46 -39.28 39.88 35.66
N ARG C 47 -38.81 40.03 34.44
CA ARG C 47 -37.43 40.35 34.19
C ARG C 47 -37.21 41.83 34.42
N GLY C 48 -38.16 42.65 33.98
CA GLY C 48 -37.92 44.08 33.85
C GLY C 48 -37.31 44.38 32.49
N ASP C 49 -37.19 45.68 32.17
CA ASP C 49 -36.71 46.11 30.87
C ASP C 49 -36.01 47.45 31.05
N SER C 50 -34.77 47.55 30.58
CA SER C 50 -33.98 48.77 30.74
C SER C 50 -34.37 49.90 29.79
N PHE C 51 -34.78 49.53 28.58
CA PHE C 51 -35.07 50.52 27.53
C PHE C 51 -36.31 51.37 27.81
N THR C 52 -37.29 50.80 28.52
CA THR C 52 -38.48 51.54 28.94
C THR C 52 -38.49 51.89 30.43
N HIS C 53 -37.32 51.85 31.06
CA HIS C 53 -37.16 52.12 32.49
C HIS C 53 -38.21 51.43 33.37
N THR C 54 -38.50 50.17 33.05
CA THR C 54 -39.46 49.38 33.82
C THR C 54 -38.71 48.48 34.81
N PRO C 55 -39.06 48.57 36.11
CA PRO C 55 -38.46 47.71 37.11
C PRO C 55 -39.08 46.31 37.03
N PRO C 56 -38.42 45.30 37.61
CA PRO C 56 -39.06 43.97 37.63
C PRO C 56 -40.34 43.98 38.47
N LEU C 57 -41.28 43.08 38.17
CA LEU C 57 -42.54 42.99 38.91
C LEU C 57 -42.49 42.01 40.07
N ASP C 58 -42.96 42.47 41.23
CA ASP C 58 -43.12 41.62 42.41
C ASP C 58 -44.36 40.75 42.19
N PRO C 59 -44.18 39.41 42.11
CA PRO C 59 -45.29 38.48 41.84
C PRO C 59 -46.46 38.58 42.83
N GLN C 60 -46.21 38.97 44.08
CA GLN C 60 -47.31 39.11 45.03
C GLN C 60 -48.37 40.12 44.54
N GLU C 61 -47.97 41.06 43.69
CA GLU C 61 -48.85 42.15 43.24
C GLU C 61 -49.79 41.77 42.09
N LEU C 62 -49.58 40.60 41.49
CA LEU C 62 -50.54 40.01 40.56
C LEU C 62 -51.93 39.83 41.16
N ASP C 63 -52.00 39.82 42.49
CA ASP C 63 -53.24 39.58 43.24
C ASP C 63 -54.17 40.79 43.19
N ILE C 64 -53.68 41.87 42.59
CA ILE C 64 -54.51 43.04 42.32
C ILE C 64 -55.58 42.73 41.25
N LEU C 65 -55.39 41.65 40.50
CA LEU C 65 -56.35 41.19 39.49
C LEU C 65 -57.52 40.33 40.00
N LYS C 66 -57.53 40.06 41.30
CA LYS C 66 -58.59 39.29 41.95
C LYS C 66 -59.98 39.93 41.81
N THR C 67 -60.03 41.26 41.80
CA THR C 67 -61.29 41.98 41.61
C THR C 67 -61.88 41.88 40.19
N VAL C 68 -61.03 41.55 39.21
CA VAL C 68 -61.44 41.50 37.80
C VAL C 68 -62.38 40.33 37.52
N LYS C 69 -63.57 40.64 36.99
CA LYS C 69 -64.59 39.64 36.71
C LYS C 69 -64.80 39.40 35.22
N GLU C 70 -64.35 40.34 34.40
CA GLU C 70 -64.67 40.34 32.98
C GLU C 70 -63.55 40.98 32.16
N ILE C 71 -63.25 40.33 31.04
CA ILE C 71 -62.28 40.81 30.05
C ILE C 71 -62.98 40.79 28.69
N THR C 72 -63.09 41.94 28.03
CA THR C 72 -63.80 42.00 26.73
C THR C 72 -62.97 41.52 25.54
N GLY C 73 -61.66 41.36 25.76
CA GLY C 73 -60.75 40.87 24.72
C GLY C 73 -60.22 39.48 24.98
N PHE C 74 -58.89 39.31 24.89
CA PHE C 74 -58.29 38.01 25.17
C PHE C 74 -57.35 38.00 26.38
N LEU C 75 -57.15 36.81 26.95
CA LEU C 75 -56.21 36.66 28.04
C LEU C 75 -55.04 35.81 27.55
N LEU C 76 -53.82 36.29 27.72
CA LEU C 76 -52.63 35.61 27.22
C LEU C 76 -51.53 35.60 28.30
N ILE C 77 -51.23 34.40 28.81
CA ILE C 77 -50.26 34.17 29.89
C ILE C 77 -49.07 33.33 29.39
N GLN C 78 -47.94 34.00 29.18
CA GLN C 78 -46.74 33.31 28.68
C GLN C 78 -45.60 33.23 29.72
N ALA C 79 -45.89 33.62 30.95
CA ALA C 79 -44.93 33.52 32.04
C ALA C 79 -45.72 33.70 33.32
N TRP C 80 -45.29 33.02 34.38
CA TRP C 80 -45.99 32.95 35.64
C TRP C 80 -44.98 32.52 36.74
N PRO C 81 -45.12 33.03 37.97
CA PRO C 81 -44.13 32.64 39.00
C PRO C 81 -44.04 31.13 39.22
N GLU C 82 -42.83 30.60 39.17
CA GLU C 82 -42.55 29.16 39.22
C GLU C 82 -43.22 28.39 40.37
N ASN C 83 -43.33 29.03 41.53
CA ASN C 83 -43.88 28.37 42.72
C ASN C 83 -45.36 28.67 42.96
N ARG C 84 -46.08 29.02 41.90
CA ARG C 84 -47.53 29.08 41.99
C ARG C 84 -48.11 27.85 41.29
N THR C 85 -48.93 27.10 42.00
CA THR C 85 -49.46 25.85 41.46
C THR C 85 -50.62 26.06 40.49
N ASP C 86 -51.23 27.25 40.54
CA ASP C 86 -52.36 27.61 39.68
C ASP C 86 -52.44 29.12 39.42
N LEU C 87 -53.45 29.55 38.66
CA LEU C 87 -53.61 30.97 38.33
C LEU C 87 -54.52 31.68 39.32
N HIS C 88 -54.11 31.62 40.59
CA HIS C 88 -54.80 32.17 41.78
C HIS C 88 -55.37 33.57 41.55
N ALA C 89 -54.59 34.41 40.87
CA ALA C 89 -54.96 35.77 40.55
C ALA C 89 -56.31 35.90 39.83
N PHE C 90 -56.62 34.89 39.00
CA PHE C 90 -57.78 34.95 38.14
C PHE C 90 -58.93 34.10 38.65
N GLU C 91 -58.88 33.74 39.92
CA GLU C 91 -59.89 32.88 40.53
C GLU C 91 -61.32 33.45 40.50
N ASN C 92 -61.45 34.76 40.31
CA ASN C 92 -62.79 35.38 40.21
C ASN C 92 -63.21 35.73 38.78
N LEU C 93 -62.36 35.42 37.81
CA LEU C 93 -62.68 35.64 36.39
C LEU C 93 -63.90 34.82 35.97
N GLU C 94 -64.91 35.52 35.45
CA GLU C 94 -66.15 34.86 35.10
C GLU C 94 -66.42 34.79 33.58
N ILE C 95 -65.94 35.80 32.86
CA ILE C 95 -66.24 35.95 31.43
C ILE C 95 -65.03 36.43 30.64
N ILE C 96 -64.72 35.71 29.56
CA ILE C 96 -63.83 36.19 28.51
C ILE C 96 -64.66 36.26 27.23
N ARG C 97 -64.73 37.43 26.61
CA ARG C 97 -65.66 37.58 25.48
C ARG C 97 -65.05 37.17 24.14
N GLY C 98 -63.86 37.68 23.84
CA GLY C 98 -63.18 37.36 22.60
C GLY C 98 -63.57 38.25 21.43
N ARG C 99 -63.92 39.50 21.75
CA ARG C 99 -64.23 40.50 20.74
C ARG C 99 -62.95 40.84 19.96
N THR C 100 -61.81 40.59 20.59
CA THR C 100 -60.49 40.79 19.98
C THR C 100 -59.67 39.56 20.40
N LYS C 101 -58.75 39.09 19.55
CA LYS C 101 -58.15 37.74 19.66
C LYS C 101 -56.64 37.66 19.32
N GLN C 102 -55.94 36.74 19.99
CA GLN C 102 -54.52 36.52 19.75
C GLN C 102 -54.31 35.90 18.36
N HIS C 103 -53.56 36.62 17.53
CA HIS C 103 -53.32 36.25 16.13
C HIS C 103 -54.64 36.03 15.37
N GLY C 104 -55.67 36.77 15.81
CA GLY C 104 -57.02 36.70 15.27
C GLY C 104 -57.80 35.44 15.62
N GLN C 105 -57.18 34.52 16.35
CA GLN C 105 -57.79 33.21 16.59
C GLN C 105 -58.22 32.94 18.05
N PHE C 106 -57.30 33.17 18.99
CA PHE C 106 -57.42 32.67 20.38
C PHE C 106 -57.84 33.69 21.45
N SER C 107 -58.89 33.39 22.22
CA SER C 107 -59.29 34.26 23.34
C SER C 107 -58.75 33.89 24.74
N LEU C 108 -58.40 32.61 24.93
CA LEU C 108 -57.63 32.18 26.11
C LEU C 108 -56.39 31.42 25.67
N ALA C 109 -55.24 31.75 26.25
CA ALA C 109 -53.96 31.16 25.84
C ALA C 109 -52.96 31.02 26.99
N VAL C 110 -52.62 29.77 27.31
CA VAL C 110 -51.74 29.46 28.45
C VAL C 110 -50.53 28.64 27.97
N VAL C 111 -49.33 29.22 28.07
CA VAL C 111 -48.15 28.71 27.36
C VAL C 111 -46.90 28.44 28.25
N SER C 112 -46.58 27.17 28.45
CA SER C 112 -45.38 26.72 29.16
C SER C 112 -45.19 27.23 30.59
N LEU C 113 -46.22 27.14 31.42
CA LEU C 113 -46.07 27.51 32.83
C LEU C 113 -45.71 26.30 33.71
N ASN C 114 -45.35 26.59 34.96
CA ASN C 114 -45.00 25.54 35.93
C ASN C 114 -46.17 25.03 36.77
N ILE C 115 -47.38 25.46 36.44
CA ILE C 115 -48.62 25.12 37.16
C ILE C 115 -49.00 23.63 37.13
N THR C 116 -49.65 23.14 38.19
CA THR C 116 -50.19 21.76 38.23
C THR C 116 -51.71 21.72 38.03
N SER C 117 -52.36 22.87 38.16
CA SER C 117 -53.79 23.05 37.80
C SER C 117 -54.07 24.49 37.37
N LEU C 118 -55.09 24.67 36.53
CA LEU C 118 -55.41 26.00 35.98
C LEU C 118 -55.99 26.92 37.06
N GLY C 119 -56.97 26.42 37.81
CA GLY C 119 -57.57 27.15 38.92
C GLY C 119 -58.65 28.19 38.65
N LEU C 120 -59.25 28.18 37.46
CA LEU C 120 -60.24 29.20 37.11
C LEU C 120 -61.65 28.81 37.53
N ARG C 121 -61.87 28.68 38.84
CA ARG C 121 -63.12 28.10 39.36
C ARG C 121 -64.42 28.89 39.06
N SER C 122 -64.27 30.20 38.81
CA SER C 122 -65.40 31.08 38.46
C SER C 122 -65.67 31.18 36.95
N LEU C 123 -64.87 30.56 36.10
CA LEU C 123 -65.09 30.71 34.67
C LEU C 123 -66.36 29.98 34.16
N LYS C 124 -67.35 30.75 33.69
CA LYS C 124 -68.63 30.22 33.22
C LYS C 124 -68.92 30.46 31.73
N GLU C 125 -68.24 31.45 31.14
CA GLU C 125 -68.42 31.78 29.72
C GLU C 125 -67.13 32.18 28.98
N ILE C 126 -66.94 31.64 27.78
CA ILE C 126 -66.03 32.22 26.76
C ILE C 126 -66.83 32.44 25.45
N SER C 127 -67.22 33.69 25.21
CA SER C 127 -68.23 34.01 24.19
C SER C 127 -67.81 33.75 22.75
N ASP C 128 -66.55 34.06 22.43
CA ASP C 128 -65.99 33.84 21.11
C ASP C 128 -64.50 33.50 21.24
N GLY C 129 -63.91 32.89 20.20
CA GLY C 129 -62.49 32.64 20.19
C GLY C 129 -62.10 31.25 20.68
N ASP C 130 -60.98 30.74 20.15
CA ASP C 130 -60.47 29.43 20.54
C ASP C 130 -59.59 29.52 21.80
N VAL C 131 -59.37 28.36 22.44
CA VAL C 131 -58.60 28.16 23.66
C VAL C 131 -57.36 27.33 23.37
N ILE C 132 -56.20 27.77 23.84
CA ILE C 132 -55.00 26.96 23.68
C ILE C 132 -54.20 26.83 24.97
N ILE C 133 -54.06 25.58 25.41
CA ILE C 133 -53.27 25.20 26.58
C ILE C 133 -52.13 24.30 26.13
N SER C 134 -50.90 24.83 26.25
CA SER C 134 -49.76 24.35 25.51
C SER C 134 -48.46 24.27 26.32
N GLY C 135 -47.85 23.08 26.31
CA GLY C 135 -46.51 22.84 26.85
C GLY C 135 -46.35 22.98 28.36
N ASN C 136 -47.47 22.93 29.09
CA ASN C 136 -47.46 22.96 30.55
C ASN C 136 -47.23 21.54 31.09
N LYS C 137 -45.96 21.21 31.34
CA LYS C 137 -45.54 19.83 31.58
C LYS C 137 -45.98 19.22 32.90
N ASN C 138 -46.52 20.04 33.80
CA ASN C 138 -47.02 19.56 35.10
C ASN C 138 -48.53 19.76 35.30
N LEU C 139 -49.21 20.16 34.23
CA LEU C 139 -50.63 20.47 34.31
C LEU C 139 -51.57 19.24 34.18
N CYS C 140 -52.39 19.03 35.20
CA CYS C 140 -53.46 18.02 35.14
C CYS C 140 -54.80 18.77 35.08
N TYR C 141 -55.89 18.02 34.93
CA TYR C 141 -57.27 18.51 35.14
C TYR C 141 -58.01 19.08 33.91
N ALA C 142 -57.26 19.61 32.95
CA ALA C 142 -57.82 20.30 31.78
C ALA C 142 -58.75 19.46 30.89
N ASN C 143 -58.44 18.17 30.73
CA ASN C 143 -59.38 17.29 30.01
C ASN C 143 -60.65 16.86 30.77
N THR C 144 -60.76 17.23 32.05
CA THR C 144 -61.94 16.83 32.85
C THR C 144 -63.15 17.70 32.55
N ILE C 145 -62.93 18.98 32.27
CA ILE C 145 -64.05 19.87 32.00
C ILE C 145 -64.58 19.71 30.56
N ASN C 146 -65.86 20.04 30.38
CA ASN C 146 -66.46 20.09 29.04
C ASN C 146 -66.49 21.54 28.56
N TRP C 147 -65.60 21.83 27.60
CA TRP C 147 -65.39 23.19 27.13
C TRP C 147 -66.57 23.71 26.30
N LYS C 148 -67.18 22.81 25.54
CA LYS C 148 -68.33 23.14 24.71
C LYS C 148 -69.47 23.77 25.52
N LYS C 149 -69.48 23.58 26.83
CA LYS C 149 -70.51 24.18 27.67
C LYS C 149 -70.18 25.63 28.07
N LEU C 150 -68.94 26.06 27.82
CA LEU C 150 -68.56 27.46 28.08
C LEU C 150 -68.70 28.33 26.82
N PHE C 151 -68.75 27.68 25.65
CA PHE C 151 -68.75 28.37 24.35
C PHE C 151 -70.05 29.07 24.01
N GLY C 152 -69.96 30.12 23.19
CA GLY C 152 -71.13 30.92 22.81
C GLY C 152 -71.34 31.13 21.33
N THR C 153 -70.29 30.83 20.54
CA THR C 153 -70.30 30.93 19.08
C THR C 153 -70.03 29.54 18.49
N SER C 154 -70.62 29.28 17.32
CA SER C 154 -70.34 28.08 16.55
C SER C 154 -68.91 28.11 16.03
N GLY C 155 -68.20 27.00 16.17
CA GLY C 155 -66.83 26.88 15.67
C GLY C 155 -65.70 27.05 16.68
N GLN C 156 -66.04 27.35 17.93
CA GLN C 156 -65.02 27.37 18.97
C GLN C 156 -64.52 25.95 19.24
N LYS C 157 -63.20 25.80 19.32
CA LYS C 157 -62.56 24.56 19.84
C LYS C 157 -61.38 24.82 20.77
N THR C 158 -60.89 23.77 21.44
CA THR C 158 -59.70 23.91 22.30
C THR C 158 -58.60 22.98 21.88
N LYS C 159 -57.39 23.51 21.83
CA LYS C 159 -56.21 22.71 21.64
C LYS C 159 -55.50 22.55 22.99
N ILE C 160 -55.54 21.33 23.54
CA ILE C 160 -54.79 20.98 24.73
C ILE C 160 -53.63 20.07 24.35
N ILE C 161 -52.44 20.64 24.18
CA ILE C 161 -51.27 19.93 23.61
C ILE C 161 -49.99 19.97 24.45
N SER C 162 -49.23 18.86 24.37
CA SER C 162 -47.93 18.68 25.02
C SER C 162 -47.91 18.96 26.52
N ASN C 163 -49.02 18.66 27.18
CA ASN C 163 -49.09 18.78 28.64
C ASN C 163 -48.86 17.42 29.28
N ARG C 164 -48.74 17.39 30.61
CA ARG C 164 -48.62 16.12 31.33
C ARG C 164 -49.68 15.10 30.88
N GLY C 165 -49.29 13.83 30.87
CA GLY C 165 -50.14 12.73 30.40
C GLY C 165 -51.23 12.38 31.40
N GLU C 166 -52.38 11.97 30.89
CA GLU C 166 -53.49 11.59 31.77
C GLU C 166 -53.13 10.43 32.68
N ASN C 167 -52.37 9.47 32.16
CA ASN C 167 -51.95 8.27 32.89
C ASN C 167 -51.15 8.59 34.16
N SER C 168 -50.14 9.46 34.02
CA SER C 168 -49.32 9.81 35.16
C SER C 168 -50.10 10.61 36.22
N CYS C 169 -51.04 11.47 35.79
CA CYS C 169 -51.95 12.11 36.73
C CYS C 169 -52.71 11.07 37.56
N LYS C 170 -53.26 10.07 36.88
CA LYS C 170 -54.05 8.99 37.53
C LYS C 170 -53.25 8.24 38.58
N ALA C 171 -51.99 7.94 38.29
CA ALA C 171 -51.15 7.13 39.19
C ALA C 171 -50.74 7.89 40.46
N THR C 172 -50.74 9.23 40.39
CA THR C 172 -50.40 10.08 41.53
C THR C 172 -51.66 10.71 42.16
N GLY C 173 -52.81 10.12 41.85
CA GLY C 173 -54.10 10.53 42.40
C GLY C 173 -54.50 11.96 42.09
N GLN C 174 -54.05 12.50 40.96
CA GLN C 174 -54.39 13.88 40.57
C GLN C 174 -55.56 13.94 39.58
N VAL C 175 -56.72 13.60 40.12
CA VAL C 175 -57.98 13.55 39.38
C VAL C 175 -58.99 14.45 40.10
N CYS C 176 -60.21 14.55 39.59
CA CYS C 176 -61.26 15.32 40.29
C CYS C 176 -61.70 14.65 41.60
N HIS C 177 -62.04 15.48 42.58
CA HIS C 177 -62.44 15.04 43.92
C HIS C 177 -63.61 14.07 43.89
N ALA C 178 -63.66 13.17 44.88
CA ALA C 178 -64.72 12.16 44.99
C ALA C 178 -66.15 12.69 44.86
N LEU C 179 -66.37 13.95 45.23
CA LEU C 179 -67.72 14.51 45.31
C LEU C 179 -68.14 15.44 44.16
N CYS C 180 -67.25 15.62 43.18
CA CYS C 180 -67.61 16.36 41.95
C CYS C 180 -68.56 15.53 41.10
N SER C 181 -69.34 16.21 40.27
CA SER C 181 -70.14 15.54 39.25
C SER C 181 -69.29 15.27 38.00
N PRO C 182 -69.86 14.55 37.00
CA PRO C 182 -69.14 14.31 35.74
C PRO C 182 -68.74 15.57 34.96
N GLU C 183 -69.04 16.74 35.53
CA GLU C 183 -68.75 18.03 34.89
C GLU C 183 -67.27 18.44 34.97
N GLY C 184 -66.51 17.75 35.82
CA GLY C 184 -65.08 18.00 35.94
C GLY C 184 -64.73 19.05 36.97
N CYS C 185 -63.46 19.46 36.99
CA CYS C 185 -62.93 20.35 38.02
C CYS C 185 -61.80 21.24 37.52
N TRP C 186 -61.42 22.23 38.32
CA TRP C 186 -60.26 23.09 38.02
C TRP C 186 -59.03 22.76 38.88
N GLY C 187 -59.22 21.84 39.83
CA GLY C 187 -58.16 21.44 40.77
C GLY C 187 -58.59 20.25 41.61
N PRO C 188 -57.77 19.88 42.61
CA PRO C 188 -58.06 18.67 43.40
C PRO C 188 -59.16 18.83 44.49
N GLU C 189 -59.44 20.06 44.88
CA GLU C 189 -60.32 20.35 46.04
C GLU C 189 -61.82 20.38 45.73
N PRO C 190 -62.66 20.19 46.75
CA PRO C 190 -64.12 20.30 46.57
C PRO C 190 -64.55 21.61 45.91
N ARG C 191 -64.03 22.73 46.40
CA ARG C 191 -64.40 24.05 45.86
C ARG C 191 -63.94 24.28 44.41
N ASP C 192 -63.32 23.26 43.81
CA ASP C 192 -62.85 23.35 42.42
C ASP C 192 -63.75 22.68 41.36
N CYS C 193 -64.70 21.83 41.79
CA CYS C 193 -65.61 21.15 40.86
C CYS C 193 -66.57 22.14 40.21
N VAL C 194 -67.03 21.81 39.00
CA VAL C 194 -68.03 22.62 38.32
C VAL C 194 -69.40 22.51 38.99
N SER C 195 -70.07 21.37 38.82
CA SER C 195 -71.37 21.12 39.45
C SER C 195 -71.18 20.24 40.69
N CYS C 196 -72.08 20.36 41.66
CA CYS C 196 -71.90 19.61 42.92
C CYS C 196 -72.81 18.39 43.03
N GLU D 1 -8.85 -40.26 47.97
CA GLU D 1 -7.41 -40.56 48.25
C GLU D 1 -7.05 -40.24 49.70
N ILE D 2 -5.87 -40.70 50.14
CA ILE D 2 -5.31 -40.36 51.44
C ILE D 2 -4.50 -39.05 51.33
N VAL D 3 -4.96 -38.04 52.04
CA VAL D 3 -4.32 -36.72 52.02
C VAL D 3 -3.23 -36.71 53.09
N MET D 4 -2.04 -36.24 52.70
CA MET D 4 -0.92 -36.07 53.63
C MET D 4 -0.71 -34.58 53.95
N THR D 5 -0.81 -34.22 55.22
CA THR D 5 -0.64 -32.83 55.66
C THR D 5 0.69 -32.60 56.41
N GLN D 6 1.49 -31.64 55.95
CA GLN D 6 2.73 -31.21 56.61
C GLN D 6 2.61 -29.79 57.16
N SER D 7 2.70 -29.64 58.49
CA SER D 7 2.67 -28.30 59.15
C SER D 7 3.81 -28.18 60.17
N PRO D 8 4.43 -26.98 60.28
CA PRO D 8 4.26 -25.77 59.48
C PRO D 8 4.86 -25.94 58.11
N ALA D 9 4.52 -25.04 57.19
CA ALA D 9 5.02 -25.14 55.82
C ALA D 9 6.37 -24.42 55.58
N THR D 10 6.82 -23.63 56.55
CA THR D 10 8.19 -23.11 56.56
C THR D 10 8.74 -23.09 57.98
N LEU D 11 9.97 -23.55 58.14
CA LEU D 11 10.68 -23.47 59.40
C LEU D 11 11.88 -22.57 59.23
N SER D 12 11.99 -21.59 60.12
CA SER D 12 13.12 -20.69 60.16
C SER D 12 13.99 -21.11 61.33
N LEU D 13 15.12 -21.71 61.00
CA LEU D 13 16.07 -22.15 62.01
C LEU D 13 17.50 -21.83 61.59
N SER D 14 18.41 -21.75 62.57
CA SER D 14 19.81 -21.47 62.31
C SER D 14 20.67 -22.71 62.45
N PRO D 15 21.74 -22.81 61.62
CA PRO D 15 22.52 -24.05 61.56
C PRO D 15 23.06 -24.44 62.93
N GLY D 16 22.79 -25.67 63.36
CA GLY D 16 23.17 -26.16 64.67
C GLY D 16 21.97 -26.53 65.53
N GLU D 17 20.80 -26.03 65.16
CA GLU D 17 19.56 -26.32 65.88
C GLU D 17 18.95 -27.71 65.59
N ARG D 18 18.13 -28.17 66.53
CA ARG D 18 17.30 -29.36 66.36
C ARG D 18 16.06 -28.99 65.52
N ALA D 19 15.78 -29.80 64.50
CA ALA D 19 14.61 -29.62 63.60
C ALA D 19 13.60 -30.74 63.74
N THR D 20 12.33 -30.38 63.91
CA THR D 20 11.25 -31.35 64.09
C THR D 20 10.13 -31.15 63.06
N LEU D 21 10.16 -31.96 61.99
CA LEU D 21 9.17 -31.86 60.90
C LEU D 21 7.96 -32.75 61.08
N SER D 22 6.76 -32.20 60.90
CA SER D 22 5.53 -32.98 61.13
C SER D 22 4.74 -33.35 59.86
N CYS D 23 4.10 -34.51 59.90
CA CYS D 23 3.29 -35.04 58.78
C CYS D 23 2.18 -35.96 59.29
N ARG D 24 0.94 -35.57 59.04
CA ARG D 24 -0.23 -36.38 59.42
C ARG D 24 -0.87 -37.01 58.19
N ALA D 25 -1.59 -38.13 58.38
CA ALA D 25 -2.32 -38.78 57.28
C ALA D 25 -3.84 -38.77 57.55
N SER D 26 -4.65 -38.52 56.52
CA SER D 26 -6.10 -38.46 56.70
C SER D 26 -6.71 -39.81 57.06
N GLN D 27 -6.03 -40.90 56.71
CA GLN D 27 -6.44 -42.26 57.07
C GLN D 27 -5.17 -43.02 57.37
N SER D 28 -5.28 -44.17 58.04
CA SER D 28 -4.09 -44.93 58.40
C SER D 28 -3.32 -45.44 57.20
N VAL D 29 -2.00 -45.50 57.39
CA VAL D 29 -1.09 -46.02 56.39
C VAL D 29 -0.15 -47.05 57.04
N SER D 30 -0.51 -47.48 58.26
CA SER D 30 0.35 -48.27 59.17
C SER D 30 1.82 -47.82 59.18
N SER D 31 2.73 -48.54 58.53
CA SER D 31 4.13 -48.11 58.51
C SER D 31 4.69 -47.74 57.13
N TYR D 32 3.82 -47.64 56.13
CA TYR D 32 4.22 -47.40 54.74
C TYR D 32 4.47 -45.91 54.40
N LEU D 33 5.37 -45.28 55.14
CA LEU D 33 5.66 -43.86 54.98
C LEU D 33 7.13 -43.58 54.69
N ALA D 34 7.39 -42.66 53.76
CA ALA D 34 8.76 -42.34 53.36
C ALA D 34 8.95 -40.82 53.34
N TRP D 35 10.20 -40.39 53.50
CA TRP D 35 10.54 -38.98 53.53
C TRP D 35 11.56 -38.68 52.46
N TYR D 36 11.29 -37.65 51.65
CA TYR D 36 12.25 -37.17 50.65
C TYR D 36 12.82 -35.75 50.93
N GLN D 37 14.00 -35.49 50.39
CA GLN D 37 14.64 -34.16 50.40
C GLN D 37 14.81 -33.70 48.96
N GLN D 38 14.66 -32.40 48.72
CA GLN D 38 14.81 -31.87 47.36
C GLN D 38 15.51 -30.51 47.42
N LYS D 39 16.64 -30.41 46.73
CA LYS D 39 17.29 -29.13 46.52
C LYS D 39 16.78 -28.54 45.18
N PRO D 40 16.97 -27.23 44.92
CA PRO D 40 16.41 -26.63 43.68
C PRO D 40 17.05 -27.16 42.38
N GLY D 41 16.22 -27.44 41.38
CA GLY D 41 16.69 -28.01 40.11
C GLY D 41 17.07 -29.49 40.23
N GLN D 42 16.83 -30.08 41.41
CA GLN D 42 17.20 -31.47 41.68
C GLN D 42 16.02 -32.42 41.89
N ALA D 43 16.23 -33.71 41.61
CA ALA D 43 15.22 -34.73 41.90
C ALA D 43 15.14 -35.02 43.42
N PRO D 44 13.97 -35.45 43.92
CA PRO D 44 13.86 -35.85 45.32
C PRO D 44 14.83 -36.98 45.70
N ARG D 45 15.34 -36.87 46.93
CA ARG D 45 16.30 -37.82 47.49
C ARG D 45 15.67 -38.60 48.65
N LEU D 46 15.75 -39.92 48.60
CA LEU D 46 15.17 -40.75 49.65
C LEU D 46 15.99 -40.72 50.96
N LEU D 47 15.35 -40.35 52.06
CA LEU D 47 16.06 -40.32 53.34
C LEU D 47 15.71 -41.51 54.23
N ILE D 48 14.41 -41.79 54.34
CA ILE D 48 13.85 -42.75 55.27
C ILE D 48 12.77 -43.54 54.59
N TYR D 49 12.68 -44.83 54.90
CA TYR D 49 11.59 -45.69 54.43
C TYR D 49 11.03 -46.54 55.59
N ASP D 50 9.83 -47.11 55.38
CA ASP D 50 9.10 -47.77 56.47
C ASP D 50 9.14 -46.98 57.79
N ALA D 51 8.86 -45.68 57.70
CA ALA D 51 8.76 -44.75 58.84
C ALA D 51 10.05 -44.41 59.59
N SER D 52 10.87 -45.41 59.87
CA SER D 52 12.02 -45.24 60.77
C SER D 52 13.31 -45.82 60.21
N ASN D 53 13.24 -46.50 59.07
CA ASN D 53 14.41 -47.10 58.42
C ASN D 53 15.12 -46.13 57.52
N ARG D 54 16.37 -45.88 57.88
CA ARG D 54 17.23 -44.94 57.17
C ARG D 54 17.87 -45.67 55.97
N ALA D 55 18.03 -44.95 54.86
CA ALA D 55 18.62 -45.51 53.63
C ALA D 55 20.15 -45.47 53.64
N THR D 56 20.78 -46.22 52.72
CA THR D 56 22.25 -46.17 52.52
C THR D 56 22.63 -44.76 52.09
N GLY D 57 23.74 -44.27 52.62
CA GLY D 57 24.22 -42.94 52.30
C GLY D 57 23.69 -41.77 53.13
N ILE D 58 22.73 -42.00 54.02
CA ILE D 58 22.13 -40.93 54.83
C ILE D 58 22.78 -40.87 56.25
N PRO D 59 23.21 -39.67 56.68
CA PRO D 59 23.90 -39.52 57.97
C PRO D 59 23.00 -39.67 59.21
N ALA D 60 23.59 -40.20 60.29
CA ALA D 60 22.92 -40.38 61.58
C ALA D 60 22.15 -39.14 62.06
N ARG D 61 22.56 -37.98 61.57
CA ARG D 61 21.84 -36.71 61.73
C ARG D 61 20.30 -36.85 61.48
N PHE D 62 19.93 -37.64 60.47
CA PHE D 62 18.54 -37.81 60.06
C PHE D 62 17.90 -39.05 60.65
N SER D 63 16.69 -38.87 61.17
CA SER D 63 15.98 -39.94 61.88
C SER D 63 14.47 -39.66 61.88
N GLY D 64 13.66 -40.71 61.77
CA GLY D 64 12.20 -40.55 61.67
C GLY D 64 11.49 -41.59 62.50
N SER D 65 10.25 -41.29 62.90
CA SER D 65 9.41 -42.24 63.65
C SER D 65 7.92 -41.93 63.53
N GLY D 66 7.10 -42.75 64.19
CA GLY D 66 5.65 -42.67 64.06
C GLY D 66 5.03 -43.88 63.35
N SER D 67 3.70 -43.94 63.37
CA SER D 67 2.90 -45.04 62.78
C SER D 67 1.43 -44.62 62.71
N GLY D 68 0.65 -45.28 61.85
CA GLY D 68 -0.78 -45.00 61.75
C GLY D 68 -1.09 -43.68 61.04
N THR D 69 -1.35 -42.64 61.81
CA THR D 69 -1.71 -41.33 61.20
C THR D 69 -0.79 -40.15 61.55
N ASP D 70 0.14 -40.34 62.49
CA ASP D 70 1.09 -39.30 62.94
C ASP D 70 2.52 -39.73 62.75
N PHE D 71 3.33 -38.87 62.13
CA PHE D 71 4.76 -39.13 61.91
C PHE D 71 5.62 -37.91 62.16
N THR D 72 6.92 -38.14 62.38
CA THR D 72 7.88 -37.08 62.68
C THR D 72 9.20 -37.34 61.94
N LEU D 73 9.82 -36.28 61.43
CA LEU D 73 11.22 -36.31 61.01
C LEU D 73 12.09 -35.39 61.87
N THR D 74 13.03 -35.99 62.59
CA THR D 74 13.97 -35.24 63.39
C THR D 74 15.33 -35.10 62.69
N ILE D 75 15.81 -33.86 62.60
CA ILE D 75 17.22 -33.59 62.30
C ILE D 75 17.91 -33.09 63.57
N SER D 76 18.85 -33.87 64.10
CA SER D 76 19.39 -33.61 65.46
C SER D 76 20.21 -32.33 65.63
N SER D 77 21.04 -32.03 64.63
CA SER D 77 21.71 -30.73 64.49
C SER D 77 21.62 -30.32 63.03
N LEU D 78 21.51 -29.03 62.75
CA LEU D 78 21.38 -28.59 61.35
C LEU D 78 22.69 -28.15 60.70
N GLU D 79 23.14 -28.93 59.72
CA GLU D 79 24.28 -28.60 58.84
C GLU D 79 23.85 -27.67 57.70
N PRO D 80 24.80 -26.88 57.14
CA PRO D 80 24.48 -25.93 56.07
C PRO D 80 23.86 -26.51 54.79
N GLU D 81 24.12 -27.78 54.50
CA GLU D 81 23.63 -28.45 53.28
C GLU D 81 22.21 -29.01 53.42
N ASP D 82 21.65 -28.89 54.62
CA ASP D 82 20.33 -29.46 54.94
C ASP D 82 19.17 -28.49 54.71
N PHE D 83 19.47 -27.26 54.26
CA PHE D 83 18.41 -26.27 54.04
C PHE D 83 17.71 -26.44 52.70
N ALA D 84 16.57 -27.16 52.73
CA ALA D 84 15.86 -27.59 51.55
C ALA D 84 14.37 -27.85 51.86
N VAL D 85 13.63 -28.30 50.84
CA VAL D 85 12.22 -28.68 50.99
C VAL D 85 12.13 -30.13 51.42
N TYR D 86 11.24 -30.44 52.36
CA TYR D 86 11.07 -31.83 52.81
C TYR D 86 9.66 -32.35 52.54
N TYR D 87 9.56 -33.57 51.98
CA TYR D 87 8.27 -34.18 51.65
C TYR D 87 8.03 -35.51 52.36
N CYS D 88 6.83 -35.71 52.88
CA CYS D 88 6.43 -37.09 53.26
C CYS D 88 5.72 -37.83 52.09
N HIS D 89 5.55 -39.14 52.19
CA HIS D 89 4.99 -39.92 51.08
C HIS D 89 4.43 -41.21 51.62
N GLN D 90 3.12 -41.43 51.44
CA GLN D 90 2.46 -42.73 51.75
C GLN D 90 2.40 -43.61 50.49
N TYR D 91 2.84 -44.86 50.65
CA TYR D 91 2.73 -45.89 49.59
C TYR D 91 1.86 -47.08 49.99
N GLY D 92 1.01 -46.87 50.99
CA GLY D 92 0.18 -47.92 51.60
C GLY D 92 -1.06 -48.32 50.83
N SER D 93 -1.68 -47.35 50.15
CA SER D 93 -2.88 -47.60 49.35
C SER D 93 -2.79 -46.85 48.00
N THR D 94 -3.39 -47.40 46.95
CA THR D 94 -3.47 -46.67 45.71
C THR D 94 -4.73 -45.76 45.70
N PRO D 95 -4.60 -44.51 45.17
CA PRO D 95 -3.42 -43.89 44.57
C PRO D 95 -2.40 -43.36 45.60
N LEU D 96 -1.12 -43.48 45.28
CA LEU D 96 -0.03 -43.05 46.17
C LEU D 96 0.05 -41.53 46.23
N THR D 97 0.24 -40.97 47.41
CA THR D 97 0.22 -39.50 47.58
C THR D 97 1.46 -38.91 48.29
N PHE D 98 1.64 -37.59 48.16
CA PHE D 98 2.73 -36.89 48.83
C PHE D 98 2.14 -35.79 49.72
N GLY D 99 2.86 -35.43 50.78
CA GLY D 99 2.53 -34.21 51.52
C GLY D 99 2.94 -32.96 50.74
N GLY D 100 2.48 -31.80 51.20
CA GLY D 100 2.73 -30.52 50.53
C GLY D 100 4.10 -29.87 50.76
N GLY D 101 4.86 -30.39 51.73
CA GLY D 101 6.24 -30.00 51.94
C GLY D 101 6.49 -28.91 52.97
N THR D 102 7.56 -29.08 53.74
CA THR D 102 8.08 -28.05 54.66
C THR D 102 9.45 -27.56 54.21
N LYS D 103 9.60 -26.25 53.99
CA LYS D 103 10.87 -25.67 53.56
C LYS D 103 11.69 -25.22 54.74
N ALA D 104 12.90 -25.77 54.88
CA ALA D 104 13.82 -25.33 55.93
C ALA D 104 14.58 -24.11 55.47
N GLU D 105 14.19 -22.96 55.98
CA GLU D 105 14.77 -21.67 55.63
C GLU D 105 15.79 -21.26 56.71
N ILE D 106 16.79 -20.47 56.31
CA ILE D 106 17.85 -20.03 57.22
C ILE D 106 17.45 -18.76 57.95
N LYS D 107 17.50 -18.81 59.28
CA LYS D 107 17.20 -17.65 60.11
C LYS D 107 18.44 -16.76 60.33
N ARG D 108 18.28 -15.48 60.02
CA ARG D 108 19.28 -14.48 60.35
C ARG D 108 18.61 -13.31 61.08
N THR D 109 19.42 -12.33 61.46
CA THR D 109 18.93 -11.09 62.06
C THR D 109 18.10 -10.28 61.05
N VAL D 110 17.20 -9.45 61.57
CA VAL D 110 16.33 -8.62 60.75
C VAL D 110 17.15 -7.62 59.91
N ALA D 111 16.73 -7.39 58.67
CA ALA D 111 17.37 -6.38 57.82
C ALA D 111 16.39 -5.69 56.88
N ALA D 112 16.33 -4.36 56.96
CA ALA D 112 15.36 -3.58 56.22
C ALA D 112 15.74 -3.45 54.75
N PRO D 113 14.74 -3.43 53.85
CA PRO D 113 15.04 -3.25 52.42
C PRO D 113 15.47 -1.83 52.11
N SER D 114 16.32 -1.69 51.10
CA SER D 114 16.48 -0.40 50.45
C SER D 114 15.53 -0.38 49.27
N VAL D 115 14.66 0.62 49.25
CA VAL D 115 13.65 0.80 48.19
C VAL D 115 14.11 1.78 47.09
N PHE D 116 13.83 1.42 45.83
CA PHE D 116 14.10 2.27 44.66
C PHE D 116 12.96 2.20 43.64
N ILE D 117 12.80 3.26 42.86
CA ILE D 117 11.68 3.33 41.91
C ILE D 117 12.12 3.82 40.51
N PHE D 118 11.63 3.13 39.47
CA PHE D 118 11.99 3.43 38.07
C PHE D 118 10.78 3.77 37.21
N PRO D 119 10.81 4.96 36.58
CA PRO D 119 9.77 5.32 35.61
C PRO D 119 9.92 4.51 34.32
N PRO D 120 8.89 4.51 33.47
CA PRO D 120 9.00 3.83 32.19
C PRO D 120 9.95 4.58 31.27
N SER D 121 10.71 3.86 30.44
CA SER D 121 11.60 4.49 29.47
C SER D 121 10.79 5.21 28.39
N ASP D 122 11.45 6.17 27.72
CA ASP D 122 10.86 6.84 26.55
C ASP D 122 10.73 5.93 25.31
N GLU D 123 11.54 4.87 25.27
CA GLU D 123 11.39 3.83 24.26
C GLU D 123 10.09 3.03 24.39
N GLN D 124 9.76 2.55 25.58
CA GLN D 124 8.53 1.77 25.81
C GLN D 124 7.29 2.54 25.42
N LEU D 125 7.24 3.82 25.83
CA LEU D 125 6.08 4.69 25.62
C LEU D 125 5.66 4.82 24.14
N LYS D 126 6.65 4.81 23.24
CA LYS D 126 6.40 4.82 21.80
C LYS D 126 5.57 3.61 21.33
N SER D 127 5.55 2.55 22.15
CA SER D 127 4.78 1.35 21.81
C SER D 127 3.48 1.19 22.63
N GLY D 128 3.02 2.29 23.23
CA GLY D 128 1.66 2.34 23.80
C GLY D 128 1.46 1.76 25.19
N THR D 129 2.54 1.25 25.78
CA THR D 129 2.44 0.55 27.06
C THR D 129 3.48 1.06 28.09
N ALA D 130 3.12 1.05 29.38
CA ALA D 130 3.98 1.59 30.44
C ALA D 130 4.20 0.62 31.62
N SER D 131 5.47 0.41 31.98
CA SER D 131 5.82 -0.38 33.16
C SER D 131 6.53 0.51 34.19
N VAL D 132 6.04 0.51 35.42
CA VAL D 132 6.74 1.19 36.53
C VAL D 132 7.19 0.11 37.50
N VAL D 133 8.46 0.14 37.91
CA VAL D 133 9.04 -0.94 38.75
C VAL D 133 9.53 -0.45 40.14
N CYS D 134 9.15 -1.20 41.18
CA CYS D 134 9.56 -0.93 42.56
C CYS D 134 10.45 -2.07 43.11
N LEU D 135 11.71 -1.72 43.46
CA LEU D 135 12.68 -2.69 43.98
C LEU D 135 12.81 -2.67 45.51
N LEU D 136 12.64 -3.85 46.13
CA LEU D 136 12.96 -4.05 47.55
C LEU D 136 14.19 -4.98 47.66
N ASN D 137 15.28 -4.45 48.17
CA ASN D 137 16.62 -5.02 48.01
C ASN D 137 17.28 -5.46 49.31
N ASN D 138 17.69 -6.73 49.37
CA ASN D 138 18.39 -7.34 50.51
C ASN D 138 17.71 -7.21 51.88
N PHE D 139 16.57 -7.86 52.05
CA PHE D 139 15.80 -7.75 53.30
C PHE D 139 15.57 -9.10 54.00
N TYR D 140 15.21 -9.04 55.27
CA TYR D 140 14.85 -10.23 56.05
C TYR D 140 14.05 -9.77 57.27
N PRO D 141 12.96 -10.48 57.59
CA PRO D 141 12.52 -11.70 56.91
C PRO D 141 11.72 -11.45 55.63
N ARG D 142 11.03 -12.50 55.21
CA ARG D 142 10.47 -12.63 53.88
C ARG D 142 9.24 -11.73 53.63
N GLU D 143 8.39 -11.59 54.64
CA GLU D 143 7.09 -10.96 54.49
C GLU D 143 7.17 -9.44 54.35
N ALA D 144 6.72 -8.92 53.21
CA ALA D 144 6.67 -7.49 52.99
C ALA D 144 5.35 -7.04 52.32
N LYS D 145 4.98 -5.78 52.54
CA LYS D 145 3.76 -5.18 51.99
C LYS D 145 4.11 -4.03 51.02
N VAL D 146 3.59 -4.09 49.80
CA VAL D 146 3.88 -3.12 48.75
C VAL D 146 2.57 -2.58 48.16
N GLN D 147 2.37 -1.26 48.27
CA GLN D 147 1.15 -0.61 47.77
C GLN D 147 1.45 0.53 46.78
N TRP D 148 0.83 0.46 45.60
CA TRP D 148 0.96 1.50 44.57
C TRP D 148 -0.11 2.57 44.67
N LYS D 149 0.27 3.83 44.51
CA LYS D 149 -0.65 4.98 44.50
C LYS D 149 -0.41 5.87 43.29
N VAL D 150 -1.50 6.29 42.64
CA VAL D 150 -1.39 7.17 41.49
C VAL D 150 -2.34 8.32 41.73
N ASP D 151 -1.78 9.54 41.75
CA ASP D 151 -2.47 10.73 42.29
C ASP D 151 -3.34 10.36 43.48
N ASN D 152 -2.72 9.68 44.45
CA ASN D 152 -3.33 9.31 45.73
C ASN D 152 -4.32 8.13 45.74
N ALA D 153 -4.59 7.54 44.58
CA ALA D 153 -5.53 6.40 44.49
C ALA D 153 -4.81 5.04 44.46
N LEU D 154 -5.20 4.15 45.38
CA LEU D 154 -4.58 2.82 45.50
C LEU D 154 -4.93 1.88 44.34
N GLN D 155 -3.94 1.17 43.85
CA GLN D 155 -4.13 0.29 42.69
C GLN D 155 -4.53 -1.13 43.09
N SER D 156 -5.32 -1.79 42.25
CA SER D 156 -5.70 -3.21 42.41
C SER D 156 -5.75 -3.95 41.09
N GLY D 157 -5.30 -5.21 41.11
CA GLY D 157 -5.34 -6.10 39.97
C GLY D 157 -4.34 -5.84 38.85
N ASN D 158 -3.57 -4.75 38.93
CA ASN D 158 -2.73 -4.37 37.79
C ASN D 158 -1.21 -4.34 38.05
N SER D 159 -0.76 -5.21 38.95
CA SER D 159 0.66 -5.38 39.21
C SER D 159 1.06 -6.82 39.59
N GLN D 160 2.28 -7.21 39.20
CA GLN D 160 2.81 -8.53 39.53
C GLN D 160 4.11 -8.48 40.36
N GLU D 161 4.32 -9.52 41.15
CA GLU D 161 5.43 -9.57 42.10
C GLU D 161 6.35 -10.76 41.82
N SER D 162 7.65 -10.55 42.02
CA SER D 162 8.65 -11.60 41.91
C SER D 162 9.72 -11.48 42.99
N VAL D 163 10.14 -12.63 43.52
CA VAL D 163 11.01 -12.71 44.68
C VAL D 163 12.14 -13.69 44.40
N THR D 164 13.38 -13.28 44.70
CA THR D 164 14.56 -14.15 44.61
C THR D 164 14.55 -15.27 45.64
N GLU D 165 15.40 -16.27 45.45
CA GLU D 165 15.68 -17.24 46.51
C GLU D 165 16.59 -16.61 47.57
N GLN D 166 16.71 -17.30 48.71
CA GLN D 166 17.63 -16.87 49.77
C GLN D 166 19.06 -16.81 49.24
N ASP D 167 19.70 -15.66 49.42
CA ASP D 167 21.02 -15.39 48.87
C ASP D 167 22.10 -16.28 49.46
N SER D 168 22.90 -16.90 48.60
CA SER D 168 23.90 -17.92 49.03
C SER D 168 24.95 -17.38 50.01
N LYS D 169 25.42 -16.15 49.76
CA LYS D 169 26.41 -15.51 50.62
C LYS D 169 25.78 -14.66 51.73
N ASP D 170 24.70 -13.96 51.39
CA ASP D 170 24.09 -12.96 52.28
C ASP D 170 22.95 -13.53 53.13
N SER D 171 22.17 -14.42 52.52
CA SER D 171 21.01 -15.05 53.15
C SER D 171 19.72 -14.17 53.12
N THR D 172 19.74 -13.06 52.39
CA THR D 172 18.56 -12.18 52.30
C THR D 172 17.73 -12.42 51.04
N TYR D 173 16.58 -11.75 50.96
CA TYR D 173 15.68 -11.79 49.80
C TYR D 173 15.72 -10.46 49.07
N SER D 174 15.40 -10.48 47.78
CA SER D 174 15.08 -9.25 47.03
C SER D 174 13.78 -9.43 46.25
N LEU D 175 13.02 -8.34 46.12
CA LEU D 175 11.66 -8.34 45.56
C LEU D 175 11.46 -7.20 44.57
N SER D 176 10.79 -7.49 43.45
CA SER D 176 10.31 -6.47 42.50
C SER D 176 8.79 -6.49 42.33
N SER D 177 8.19 -5.30 42.27
CA SER D 177 6.78 -5.14 41.93
C SER D 177 6.66 -4.27 40.69
N THR D 178 6.02 -4.81 39.64
CA THR D 178 5.85 -4.13 38.35
C THR D 178 4.40 -3.71 38.10
N LEU D 179 4.20 -2.42 37.82
CA LEU D 179 2.86 -1.86 37.56
C LEU D 179 2.68 -1.61 36.07
N THR D 180 1.66 -2.21 35.47
CA THR D 180 1.44 -2.12 34.03
C THR D 180 0.25 -1.23 33.66
N LEU D 181 0.51 -0.20 32.87
CA LEU D 181 -0.55 0.67 32.35
C LEU D 181 -0.47 0.83 30.82
N SER D 182 -1.54 1.35 30.21
CA SER D 182 -1.47 1.78 28.82
C SER D 182 -0.95 3.23 28.76
N LYS D 183 -0.50 3.64 27.57
CA LYS D 183 0.00 5.00 27.32
C LYS D 183 -0.95 6.07 27.87
N ALA D 184 -2.23 5.99 27.47
CA ALA D 184 -3.25 6.97 27.87
C ALA D 184 -3.41 7.06 29.38
N ASP D 185 -3.64 5.92 30.02
CA ASP D 185 -3.83 5.89 31.48
C ASP D 185 -2.68 6.58 32.19
N TYR D 186 -1.47 6.33 31.69
CA TYR D 186 -0.24 6.88 32.29
C TYR D 186 -0.11 8.41 32.09
N GLU D 187 -0.52 8.91 30.92
CA GLU D 187 -0.46 10.35 30.62
C GLU D 187 -1.45 11.24 31.43
N LYS D 188 -2.56 10.66 31.85
CA LYS D 188 -3.60 11.36 32.64
C LYS D 188 -3.20 11.74 34.10
N HIS D 189 -2.14 11.12 34.62
CA HIS D 189 -1.76 11.26 36.03
C HIS D 189 -0.32 11.75 36.23
N LYS D 190 -0.06 12.36 37.39
CA LYS D 190 1.19 13.05 37.66
C LYS D 190 2.14 12.38 38.67
N VAL D 191 1.66 12.10 39.89
CA VAL D 191 2.50 11.48 40.94
C VAL D 191 2.37 9.95 40.99
N TYR D 192 3.50 9.26 40.90
CA TYR D 192 3.56 7.79 40.95
C TYR D 192 4.38 7.35 42.14
N ALA D 193 3.74 6.64 43.06
CA ALA D 193 4.32 6.29 44.35
C ALA D 193 4.25 4.81 44.73
N CYS D 194 5.30 4.35 45.41
CA CYS D 194 5.43 2.97 45.88
C CYS D 194 5.61 2.96 47.42
N GLU D 195 4.60 2.49 48.14
CA GLU D 195 4.64 2.46 49.60
C GLU D 195 5.04 1.06 50.11
N VAL D 196 6.16 0.99 50.84
CA VAL D 196 6.66 -0.30 51.34
C VAL D 196 6.54 -0.42 52.86
N THR D 197 6.09 -1.58 53.33
CA THR D 197 6.02 -1.85 54.78
C THR D 197 6.73 -3.16 55.14
N HIS D 198 7.57 -3.09 56.16
CA HIS D 198 8.40 -4.21 56.60
C HIS D 198 8.92 -3.95 58.02
N GLN D 199 9.08 -5.02 58.80
CA GLN D 199 9.43 -4.92 60.22
C GLN D 199 10.83 -4.35 60.49
N GLY D 200 11.67 -4.31 59.46
CA GLY D 200 13.01 -3.74 59.60
C GLY D 200 13.00 -2.23 59.66
N LEU D 201 11.81 -1.64 59.42
CA LEU D 201 11.64 -0.20 59.39
C LEU D 201 10.68 0.23 60.50
N SER D 202 11.05 1.29 61.22
CA SER D 202 10.19 1.87 62.25
C SER D 202 8.88 2.48 61.72
N SER D 203 8.85 2.90 60.46
CA SER D 203 7.60 3.31 59.79
C SER D 203 7.76 3.18 58.27
N PRO D 204 6.65 2.93 57.52
CA PRO D 204 6.74 2.53 56.12
C PRO D 204 7.56 3.53 55.31
N VAL D 205 8.16 3.07 54.22
CA VAL D 205 8.94 3.93 53.34
C VAL D 205 8.26 4.08 51.97
N THR D 206 8.33 5.28 51.42
CA THR D 206 7.64 5.64 50.19
C THR D 206 8.68 6.21 49.25
N LYS D 207 8.68 5.74 48.01
CA LYS D 207 9.48 6.38 46.96
C LYS D 207 8.58 6.77 45.79
N SER D 208 8.84 7.93 45.18
CA SER D 208 7.93 8.46 44.16
C SER D 208 8.61 9.30 43.10
N PHE D 209 7.95 9.47 41.96
CA PHE D 209 8.38 10.41 40.93
C PHE D 209 7.19 11.17 40.36
N ASN D 210 7.49 12.14 39.52
CA ASN D 210 6.50 12.94 38.83
C ASN D 210 6.69 12.82 37.31
N ARG D 211 5.64 12.37 36.61
CA ARG D 211 5.71 12.20 35.16
C ARG D 211 6.24 13.46 34.46
N GLY D 212 7.35 13.31 33.75
CA GLY D 212 7.99 14.39 32.99
C GLY D 212 8.72 15.40 33.83
N ALA D 213 9.52 14.94 34.81
CA ALA D 213 10.25 15.83 35.71
C ALA D 213 11.66 15.33 35.99
N GLN E 1 25.66 -47.30 38.58
CA GLN E 1 25.22 -48.38 37.65
C GLN E 1 23.79 -48.18 37.15
N VAL E 2 22.83 -48.05 38.07
CA VAL E 2 21.43 -47.82 37.66
C VAL E 2 21.21 -46.35 37.29
N GLN E 3 20.74 -46.11 36.06
CA GLN E 3 20.51 -44.73 35.54
C GLN E 3 19.21 -44.60 34.76
N LEU E 4 18.42 -43.57 35.09
CA LEU E 4 17.13 -43.25 34.44
C LEU E 4 17.18 -41.90 33.73
N GLN E 5 16.74 -41.83 32.47
CA GLN E 5 16.81 -40.57 31.71
C GLN E 5 15.58 -40.24 30.84
N GLU E 6 14.88 -39.15 31.18
CA GLU E 6 13.71 -38.68 30.42
C GLU E 6 14.11 -38.05 29.07
N SER E 7 13.19 -38.09 28.10
CA SER E 7 13.38 -37.41 26.80
C SER E 7 12.03 -37.22 26.07
N GLY E 8 11.96 -36.23 25.17
CA GLY E 8 10.73 -35.87 24.45
C GLY E 8 10.53 -34.36 24.37
N PRO E 9 9.63 -33.88 23.50
CA PRO E 9 9.46 -32.44 23.29
C PRO E 9 9.16 -31.63 24.55
N GLY E 10 9.67 -30.38 24.58
CA GLY E 10 9.47 -29.44 25.70
C GLY E 10 8.28 -28.49 25.54
N LEU E 11 7.64 -28.50 24.38
CA LEU E 11 6.48 -27.66 24.12
C LEU E 11 5.29 -28.45 23.50
N VAL E 12 4.07 -28.20 23.97
CA VAL E 12 2.83 -28.86 23.47
C VAL E 12 1.56 -27.97 23.59
N LYS E 13 0.82 -27.85 22.48
CA LYS E 13 -0.43 -27.04 22.40
C LYS E 13 -1.65 -27.67 23.11
N PRO E 14 -2.55 -26.82 23.66
CA PRO E 14 -3.80 -27.24 24.28
C PRO E 14 -4.61 -28.21 23.44
N SER E 15 -5.07 -29.27 24.09
CA SER E 15 -5.89 -30.33 23.48
C SER E 15 -5.10 -31.36 22.68
N GLN E 16 -3.82 -31.05 22.40
CA GLN E 16 -2.92 -32.01 21.79
C GLN E 16 -2.42 -32.99 22.87
N THR E 17 -1.59 -33.96 22.49
CA THR E 17 -1.16 -35.00 23.42
C THR E 17 0.34 -34.86 23.81
N LEU E 18 0.66 -35.23 25.04
CA LEU E 18 2.03 -35.19 25.55
C LEU E 18 2.70 -36.57 25.56
N SER E 19 3.88 -36.66 24.95
CA SER E 19 4.63 -37.91 24.93
C SER E 19 6.09 -37.75 25.37
N LEU E 20 6.51 -38.65 26.25
CA LEU E 20 7.88 -38.72 26.79
C LEU E 20 8.28 -40.18 26.94
N THR E 21 9.58 -40.42 26.80
CA THR E 21 10.16 -41.76 27.07
C THR E 21 11.27 -41.76 28.16
N CYS E 22 11.44 -42.86 28.87
CA CYS E 22 12.52 -42.99 29.85
C CYS E 22 13.48 -44.07 29.40
N THR E 23 14.77 -43.73 29.29
CA THR E 23 15.82 -44.72 28.95
C THR E 23 16.56 -45.19 30.22
N VAL E 24 16.62 -46.51 30.41
CA VAL E 24 17.20 -47.12 31.62
C VAL E 24 18.52 -47.84 31.36
N SER E 25 19.55 -47.53 32.15
CA SER E 25 20.85 -48.21 32.09
C SER E 25 21.08 -49.13 33.30
N GLY E 26 21.99 -50.08 33.15
CA GLY E 26 22.49 -50.89 34.26
C GLY E 26 21.54 -51.95 34.82
N GLY E 27 20.66 -52.48 33.96
CA GLY E 27 19.78 -53.60 34.33
C GLY E 27 18.58 -53.67 33.40
N SER E 28 18.07 -54.87 33.16
CA SER E 28 16.95 -55.06 32.26
C SER E 28 15.60 -54.58 32.85
N ILE E 29 14.76 -53.98 32.02
CA ILE E 29 13.42 -53.61 32.47
C ILE E 29 12.49 -54.82 32.61
N SER E 30 12.81 -55.94 31.96
CA SER E 30 11.89 -57.06 32.02
C SER E 30 12.27 -57.95 33.19
N SER E 31 11.79 -57.58 34.37
CA SER E 31 12.19 -58.18 35.62
C SER E 31 11.08 -57.89 36.61
N GLY E 32 10.62 -58.93 37.31
CA GLY E 32 9.55 -58.80 38.30
C GLY E 32 9.92 -58.07 39.59
N ASP E 33 11.13 -57.55 39.70
CA ASP E 33 11.51 -56.90 40.96
C ASP E 33 11.07 -55.44 41.03
N TYR E 34 10.70 -54.83 39.90
CA TYR E 34 10.43 -53.40 39.89
C TYR E 34 9.16 -52.90 39.19
N TYR E 35 8.64 -51.78 39.67
CA TYR E 35 7.62 -50.98 38.97
C TYR E 35 8.30 -49.80 38.28
N TRP E 36 7.83 -49.39 37.09
CA TRP E 36 8.41 -48.25 36.36
C TRP E 36 7.40 -47.11 36.27
N SER E 37 7.79 -45.92 36.75
CA SER E 37 6.83 -44.91 37.26
C SER E 37 6.96 -43.52 36.67
N TRP E 38 5.90 -42.73 36.81
CA TRP E 38 5.93 -41.30 36.46
C TRP E 38 5.29 -40.42 37.55
N ILE E 39 6.02 -39.38 37.92
CA ILE E 39 5.62 -38.41 38.94
C ILE E 39 5.88 -37.03 38.32
N ARG E 40 5.01 -36.06 38.58
CA ARG E 40 5.23 -34.72 38.03
C ARG E 40 5.17 -33.59 39.08
N GLN E 41 5.78 -32.44 38.76
CA GLN E 41 5.81 -31.29 39.68
C GLN E 41 5.63 -29.94 38.94
N PRO E 42 4.46 -29.29 39.09
CA PRO E 42 4.32 -27.95 38.49
C PRO E 42 5.27 -26.94 39.16
N PRO E 43 5.85 -26.01 38.37
CA PRO E 43 6.79 -25.00 38.92
C PRO E 43 6.30 -24.32 40.21
N GLY E 44 7.15 -24.38 41.24
CA GLY E 44 6.83 -23.80 42.53
C GLY E 44 5.87 -24.63 43.38
N LYS E 45 5.49 -25.82 42.90
CA LYS E 45 4.48 -26.64 43.61
C LYS E 45 4.93 -28.03 44.07
N GLY E 46 3.99 -28.80 44.62
CA GLY E 46 4.28 -30.15 45.16
C GLY E 46 4.32 -31.30 44.17
N LEU E 47 4.40 -32.52 44.71
CA LEU E 47 4.55 -33.73 43.90
C LEU E 47 3.22 -34.46 43.73
N GLU E 48 2.99 -34.97 42.53
CA GLU E 48 1.82 -35.78 42.19
C GLU E 48 2.22 -37.04 41.43
N TRP E 49 1.78 -38.19 41.94
CA TRP E 49 2.02 -39.49 41.34
C TRP E 49 1.09 -39.74 40.16
N ILE E 50 1.66 -40.18 39.04
CA ILE E 50 0.89 -40.42 37.80
C ILE E 50 0.55 -41.91 37.64
N GLY E 51 1.55 -42.76 37.49
CA GLY E 51 1.28 -44.20 37.46
C GLY E 51 2.51 -45.09 37.32
N TYR E 52 2.25 -46.39 37.21
CA TYR E 52 3.31 -47.35 36.91
C TYR E 52 2.84 -48.40 35.90
N ILE E 53 3.82 -49.04 35.26
CA ILE E 53 3.64 -50.23 34.44
C ILE E 53 4.59 -51.34 34.95
N TYR E 54 4.07 -52.57 35.03
CA TYR E 54 4.81 -53.76 35.46
C TYR E 54 5.20 -54.66 34.26
N TYR E 55 6.24 -55.47 34.41
CA TYR E 55 6.74 -56.26 33.23
C TYR E 55 5.73 -57.29 32.70
N SER E 56 4.61 -57.46 33.40
CA SER E 56 3.51 -58.31 32.95
C SER E 56 2.46 -57.61 32.08
N GLY E 57 2.55 -56.29 31.92
CA GLY E 57 1.56 -55.53 31.17
C GLY E 57 0.56 -54.77 32.04
N SER E 58 0.47 -55.15 33.33
CA SER E 58 -0.40 -54.47 34.30
C SER E 58 0.04 -53.05 34.53
N THR E 59 -0.94 -52.20 34.81
CA THR E 59 -0.71 -50.79 35.02
C THR E 59 -1.57 -50.28 36.18
N ASP E 60 -1.29 -49.07 36.63
CA ASP E 60 -2.17 -48.38 37.60
C ASP E 60 -1.98 -46.88 37.41
N TYR E 61 -3.07 -46.17 37.20
CA TYR E 61 -3.06 -44.72 36.96
C TYR E 61 -3.88 -43.99 38.03
N ASN E 62 -3.45 -42.78 38.39
CA ASN E 62 -4.18 -41.92 39.31
C ASN E 62 -5.49 -41.43 38.67
N PRO E 63 -6.62 -41.70 39.34
CA PRO E 63 -7.92 -41.28 38.82
C PRO E 63 -8.00 -39.78 38.55
N SER E 64 -7.09 -39.00 39.14
CA SER E 64 -7.12 -37.55 38.97
C SER E 64 -6.90 -37.12 37.51
N LEU E 65 -6.31 -38.02 36.72
CA LEU E 65 -5.96 -37.75 35.34
C LEU E 65 -7.08 -38.10 34.34
N LYS E 66 -8.17 -38.64 34.89
CA LYS E 66 -9.43 -38.86 34.19
C LYS E 66 -9.36 -39.69 32.89
N SER E 67 -8.54 -40.74 32.94
CA SER E 67 -8.28 -41.62 31.80
C SER E 67 -7.52 -40.98 30.64
N ARG E 68 -6.86 -39.86 30.88
CA ARG E 68 -6.06 -39.27 29.79
C ARG E 68 -4.64 -39.91 29.63
N VAL E 69 -4.31 -40.87 30.50
CA VAL E 69 -2.93 -41.42 30.59
C VAL E 69 -2.78 -42.87 30.12
N THR E 70 -1.72 -43.15 29.38
CA THR E 70 -1.43 -44.50 28.90
C THR E 70 0.06 -44.76 29.05
N MET E 71 0.45 -45.99 29.40
CA MET E 71 1.88 -46.34 29.53
C MET E 71 2.22 -47.57 28.70
N SER E 72 3.49 -47.70 28.31
CA SER E 72 3.94 -48.88 27.56
C SER E 72 5.43 -49.17 27.77
N VAL E 73 5.88 -50.35 27.35
CA VAL E 73 7.30 -50.72 27.43
C VAL E 73 7.85 -51.16 26.09
N ASP E 74 9.14 -50.89 25.89
CA ASP E 74 9.89 -51.36 24.73
C ASP E 74 11.08 -52.11 25.31
N THR E 75 10.99 -53.43 25.28
CA THR E 75 11.99 -54.30 25.88
C THR E 75 13.25 -54.33 25.03
N SER E 76 13.06 -54.27 23.72
CA SER E 76 14.17 -54.32 22.75
C SER E 76 15.10 -53.11 22.86
N LYS E 77 14.63 -52.05 23.53
CA LYS E 77 15.41 -50.83 23.68
C LYS E 77 15.56 -50.39 25.15
N ASN E 78 15.05 -51.22 26.06
CA ASN E 78 15.14 -50.95 27.50
C ASN E 78 14.53 -49.58 27.89
N GLN E 79 13.27 -49.39 27.50
CA GLN E 79 12.59 -48.13 27.65
C GLN E 79 11.14 -48.36 28.04
N PHE E 80 10.55 -47.30 28.61
CA PHE E 80 9.10 -47.21 28.89
C PHE E 80 8.57 -45.77 28.69
N SER E 81 7.27 -45.64 28.47
CA SER E 81 6.72 -44.41 27.89
C SER E 81 5.47 -43.88 28.55
N LEU E 82 5.24 -42.58 28.37
CA LEU E 82 4.07 -41.88 28.87
C LEU E 82 3.33 -41.15 27.73
N LYS E 83 1.99 -41.19 27.77
CA LYS E 83 1.18 -40.37 26.88
C LYS E 83 0.02 -39.73 27.64
N VAL E 84 -0.19 -38.44 27.43
CA VAL E 84 -1.30 -37.72 28.08
C VAL E 84 -2.03 -36.86 27.03
N ASN E 85 -3.24 -37.29 26.63
CA ASN E 85 -4.01 -36.50 25.68
C ASN E 85 -4.79 -35.35 26.31
N SER E 86 -5.27 -34.45 25.47
CA SER E 86 -6.09 -33.30 25.84
C SER E 86 -5.50 -32.46 26.95
N VAL E 87 -4.26 -32.01 26.73
CA VAL E 87 -3.56 -31.22 27.74
C VAL E 87 -4.10 -29.80 27.85
N THR E 88 -3.96 -29.24 29.05
CA THR E 88 -4.18 -27.81 29.30
C THR E 88 -2.99 -27.29 30.12
N ALA E 89 -2.99 -25.98 30.44
CA ALA E 89 -1.93 -25.37 31.23
C ALA E 89 -1.72 -26.08 32.58
N ALA E 90 -2.75 -26.82 33.03
CA ALA E 90 -2.64 -27.60 34.27
C ALA E 90 -1.71 -28.83 34.14
N ASP E 91 -1.13 -29.04 32.95
CA ASP E 91 -0.24 -30.17 32.73
C ASP E 91 1.20 -29.72 32.55
N THR E 92 1.40 -28.41 32.43
CA THR E 92 2.73 -27.81 32.47
C THR E 92 3.34 -28.22 33.81
N ALA E 93 4.52 -28.84 33.76
CA ALA E 93 5.22 -29.31 34.94
C ALA E 93 6.55 -29.92 34.54
N VAL E 94 7.41 -30.15 35.52
CA VAL E 94 8.57 -31.03 35.35
C VAL E 94 8.08 -32.46 35.55
N TYR E 95 8.37 -33.34 34.58
CA TYR E 95 7.99 -34.76 34.68
C TYR E 95 9.21 -35.64 34.97
N TYR E 96 9.09 -36.56 35.94
CA TYR E 96 10.18 -37.50 36.31
C TYR E 96 9.80 -38.95 36.08
N CYS E 97 10.72 -39.74 35.54
CA CYS E 97 10.59 -41.19 35.59
C CYS E 97 11.32 -41.73 36.84
N ALA E 98 10.82 -42.83 37.42
CA ALA E 98 11.40 -43.39 38.64
C ALA E 98 11.19 -44.90 38.81
N ARG E 99 12.07 -45.52 39.59
CA ARG E 99 12.00 -46.95 39.89
C ARG E 99 11.55 -47.25 41.36
N VAL E 100 10.54 -48.11 41.52
CA VAL E 100 10.20 -48.69 42.83
C VAL E 100 10.76 -50.11 42.89
N SER E 101 11.49 -50.40 43.97
CA SER E 101 12.02 -51.75 44.20
C SER E 101 11.08 -52.55 45.13
N ILE E 102 10.20 -53.33 44.53
CA ILE E 102 9.16 -54.05 45.28
C ILE E 102 9.73 -54.89 46.43
N PHE E 103 10.89 -55.49 46.24
CA PHE E 103 11.43 -56.50 47.15
C PHE E 103 12.57 -55.99 48.04
N GLY E 104 12.83 -54.69 47.96
CA GLY E 104 13.89 -54.06 48.76
C GLY E 104 13.26 -52.97 49.59
N VAL E 105 13.60 -51.71 49.28
CA VAL E 105 13.09 -50.57 50.06
C VAL E 105 11.57 -50.32 49.91
N GLY E 106 10.96 -50.86 48.87
CA GLY E 106 9.51 -50.73 48.67
C GLY E 106 8.97 -49.34 48.35
N THR E 107 9.83 -48.45 47.85
CA THR E 107 9.43 -47.10 47.44
C THR E 107 10.43 -46.54 46.43
N PHE E 108 10.15 -45.36 45.89
CA PHE E 108 10.96 -44.78 44.83
C PHE E 108 12.39 -44.63 45.30
N ASP E 109 13.32 -45.33 44.65
CA ASP E 109 14.76 -45.14 44.94
C ASP E 109 15.49 -44.30 43.91
N TYR E 110 15.41 -44.69 42.64
CA TYR E 110 16.11 -44.00 41.56
C TYR E 110 15.18 -43.08 40.75
N TRP E 111 15.72 -41.93 40.33
CA TRP E 111 14.99 -40.86 39.63
C TRP E 111 15.78 -40.27 38.47
N GLY E 112 15.08 -39.95 37.38
CA GLY E 112 15.66 -39.20 36.27
C GLY E 112 15.86 -37.76 36.69
N GLN E 113 16.46 -36.96 35.81
CA GLN E 113 16.70 -35.55 36.09
C GLN E 113 15.41 -34.70 35.98
N GLY E 114 14.45 -35.16 35.18
CA GLY E 114 13.20 -34.44 34.91
C GLY E 114 13.33 -33.50 33.72
N THR E 115 12.28 -33.43 32.90
CA THR E 115 12.20 -32.43 31.82
C THR E 115 10.92 -31.64 31.91
N LEU E 116 11.02 -30.34 31.66
CA LEU E 116 9.90 -29.43 31.70
C LEU E 116 9.12 -29.57 30.41
N VAL E 117 7.83 -29.82 30.54
CA VAL E 117 6.92 -29.65 29.41
C VAL E 117 6.04 -28.45 29.72
N THR E 118 5.99 -27.52 28.78
CA THR E 118 5.13 -26.34 28.93
C THR E 118 3.96 -26.53 27.98
N VAL E 119 2.74 -26.36 28.49
CA VAL E 119 1.55 -26.42 27.64
C VAL E 119 1.07 -24.99 27.41
N SER E 120 1.08 -24.56 26.15
CA SER E 120 0.77 -23.16 25.77
C SER E 120 0.46 -22.96 24.28
N SER E 121 -0.46 -22.04 23.99
CA SER E 121 -0.87 -21.64 22.63
C SER E 121 0.20 -20.84 21.87
N ALA E 122 0.88 -19.94 22.57
CA ALA E 122 1.80 -18.94 22.00
C ALA E 122 2.85 -19.49 21.02
N SER E 123 3.43 -18.63 20.20
CA SER E 123 4.62 -19.02 19.43
C SER E 123 5.86 -18.25 19.85
N THR E 124 7.02 -18.70 19.39
CA THR E 124 8.32 -18.22 19.85
C THR E 124 8.53 -16.77 19.47
N LYS E 125 9.16 -16.01 20.37
CA LYS E 125 9.35 -14.56 20.21
C LYS E 125 10.51 -14.02 21.05
N GLY E 126 11.32 -13.17 20.42
CA GLY E 126 12.40 -12.46 21.09
C GLY E 126 11.88 -11.36 21.99
N PRO E 127 12.58 -11.10 23.11
CA PRO E 127 12.09 -10.14 24.10
C PRO E 127 12.42 -8.68 23.76
N SER E 128 11.57 -7.78 24.24
CA SER E 128 11.85 -6.37 24.22
C SER E 128 12.76 -6.10 25.42
N VAL E 129 14.01 -5.72 25.16
CA VAL E 129 14.98 -5.46 26.23
C VAL E 129 15.15 -3.95 26.42
N PHE E 130 14.81 -3.42 27.59
CA PHE E 130 15.04 -1.99 27.82
C PHE E 130 15.35 -1.50 29.25
N PRO E 131 15.96 -0.29 29.34
CA PRO E 131 16.65 0.14 30.54
C PRO E 131 15.75 0.48 31.71
N LEU E 132 16.26 0.20 32.91
CA LEU E 132 15.74 0.77 34.12
C LEU E 132 16.78 1.78 34.61
N ALA E 133 16.60 3.04 34.17
CA ALA E 133 17.56 4.13 34.39
C ALA E 133 17.76 4.49 35.87
N PRO E 134 19.03 4.62 36.29
CA PRO E 134 19.37 4.82 37.70
C PRO E 134 18.83 6.14 38.28
N THR E 143 25.32 4.48 46.77
CA THR E 143 24.56 3.27 46.49
C THR E 143 23.38 3.52 45.53
N ALA E 144 23.58 3.24 44.24
CA ALA E 144 22.54 3.42 43.22
C ALA E 144 22.12 2.10 42.56
N ALA E 145 20.90 2.12 41.99
CA ALA E 145 20.29 0.94 41.41
C ALA E 145 19.95 1.14 39.93
N LEU E 146 20.55 0.31 39.09
CA LEU E 146 20.29 0.31 37.65
C LEU E 146 19.70 -1.05 37.33
N GLY E 147 19.47 -1.33 36.06
CA GLY E 147 18.92 -2.61 35.65
C GLY E 147 18.25 -2.52 34.30
N CYS E 148 17.73 -3.64 33.81
CA CYS E 148 16.98 -3.64 32.56
C CYS E 148 15.83 -4.64 32.51
N LEU E 149 14.72 -4.20 31.92
CA LEU E 149 13.51 -4.99 31.78
C LEU E 149 13.53 -5.85 30.50
N VAL E 150 13.26 -7.14 30.68
CA VAL E 150 13.16 -8.09 29.58
C VAL E 150 11.69 -8.46 29.46
N LYS E 151 11.01 -7.90 28.45
CA LYS E 151 9.57 -8.06 28.33
C LYS E 151 9.12 -8.76 27.05
N ASP E 152 8.09 -9.59 27.19
CA ASP E 152 7.33 -10.14 26.05
C ASP E 152 8.08 -11.19 25.19
N TYR E 153 8.44 -12.30 25.82
CA TYR E 153 9.10 -13.40 25.14
C TYR E 153 8.49 -14.78 25.46
N PHE E 154 8.69 -15.71 24.52
CA PHE E 154 8.27 -17.11 24.67
C PHE E 154 9.20 -17.97 23.81
N PRO E 155 9.54 -19.21 24.24
CA PRO E 155 9.40 -19.83 25.57
C PRO E 155 10.44 -19.29 26.54
N GLU E 156 10.50 -19.80 27.76
CA GLU E 156 11.21 -19.06 28.82
C GLU E 156 12.59 -19.53 29.36
N PRO E 157 13.43 -20.15 28.52
CA PRO E 157 14.80 -19.91 28.96
C PRO E 157 15.19 -18.49 28.54
N VAL E 158 15.69 -17.72 29.49
CA VAL E 158 16.26 -16.41 29.19
C VAL E 158 17.39 -16.17 30.20
N THR E 159 18.57 -15.84 29.69
CA THR E 159 19.74 -15.57 30.53
C THR E 159 20.27 -14.15 30.31
N VAL E 160 20.85 -13.57 31.35
CA VAL E 160 21.30 -12.19 31.33
C VAL E 160 22.56 -12.05 32.19
N SER E 161 23.54 -11.29 31.69
CA SER E 161 24.80 -11.04 32.42
C SER E 161 25.16 -9.56 32.35
N TRP E 162 26.22 -9.16 33.07
CA TRP E 162 26.64 -7.75 33.10
C TRP E 162 28.06 -7.51 32.60
N ASN E 163 28.13 -6.63 31.60
CA ASN E 163 29.34 -6.34 30.84
C ASN E 163 29.76 -7.47 29.91
N SER E 164 30.18 -8.61 30.49
CA SER E 164 30.52 -9.82 29.72
C SER E 164 30.52 -11.02 30.65
N GLY E 165 29.89 -10.84 31.81
CA GLY E 165 30.07 -11.73 32.94
C GLY E 165 31.10 -11.12 33.88
N ALA E 166 31.49 -9.88 33.59
CA ALA E 166 32.54 -9.17 34.32
C ALA E 166 32.02 -8.38 35.52
N LEU E 167 30.73 -8.52 35.82
CA LEU E 167 30.11 -7.83 36.95
C LEU E 167 29.10 -8.76 37.63
N THR E 168 29.46 -9.32 38.78
CA THR E 168 28.64 -10.35 39.44
C THR E 168 28.11 -9.98 40.84
N SER E 169 28.74 -9.02 41.50
CA SER E 169 28.38 -8.69 42.88
C SER E 169 27.14 -7.80 42.98
N GLY E 170 26.31 -8.10 43.99
CA GLY E 170 25.10 -7.33 44.27
C GLY E 170 24.09 -7.38 43.13
N VAL E 171 24.20 -8.40 42.28
CA VAL E 171 23.32 -8.64 41.13
C VAL E 171 22.14 -9.53 41.52
N HIS E 172 20.93 -9.10 41.19
CA HIS E 172 19.75 -9.93 41.37
C HIS E 172 19.00 -10.06 40.04
N THR E 173 18.92 -11.29 39.53
CA THR E 173 18.11 -11.62 38.35
C THR E 173 16.89 -12.43 38.80
N PHE E 174 15.73 -11.77 38.81
CA PHE E 174 14.46 -12.32 39.31
C PHE E 174 13.90 -13.45 38.47
N PRO E 175 13.12 -14.36 39.10
CA PRO E 175 12.46 -15.38 38.28
C PRO E 175 11.35 -14.70 37.46
N ALA E 176 10.98 -15.29 36.34
CA ALA E 176 10.05 -14.65 35.42
C ALA E 176 8.60 -14.90 35.79
N VAL E 177 7.71 -13.99 35.34
CA VAL E 177 6.26 -14.19 35.48
C VAL E 177 5.55 -14.26 34.14
N LEU E 178 4.39 -14.92 34.15
CA LEU E 178 3.61 -15.13 32.96
C LEU E 178 2.50 -14.09 32.99
N GLN E 179 2.53 -13.22 32.00
CA GLN E 179 1.50 -12.23 31.84
C GLN E 179 0.25 -12.88 31.25
N SER E 180 -0.89 -12.23 31.49
CA SER E 180 -2.17 -12.65 30.92
C SER E 180 -2.19 -12.73 29.38
N SER E 181 -1.17 -12.17 28.75
CA SER E 181 -1.00 -12.23 27.31
C SER E 181 -0.35 -13.53 26.83
N GLY E 182 0.05 -14.39 27.77
CA GLY E 182 0.68 -15.66 27.39
C GLY E 182 2.19 -15.53 27.19
N LEU E 183 2.69 -14.31 27.34
CA LEU E 183 4.13 -14.05 27.20
C LEU E 183 4.82 -13.89 28.57
N TYR E 184 6.13 -14.10 28.59
CA TYR E 184 6.91 -14.01 29.84
C TYR E 184 7.59 -12.65 30.00
N SER E 185 7.78 -12.25 31.25
CA SER E 185 8.53 -11.03 31.55
C SER E 185 9.44 -11.19 32.79
N LEU E 186 10.54 -10.46 32.80
CA LEU E 186 11.59 -10.61 33.79
C LEU E 186 12.41 -9.31 33.90
N SER E 187 12.88 -9.01 35.12
CA SER E 187 13.80 -7.88 35.39
C SER E 187 15.18 -8.33 35.92
N SER E 188 16.23 -7.62 35.52
CA SER E 188 17.54 -7.84 36.15
C SER E 188 18.20 -6.57 36.65
N VAL E 189 18.55 -6.56 37.94
CA VAL E 189 18.99 -5.34 38.65
C VAL E 189 20.37 -5.47 39.32
N VAL E 190 21.10 -4.36 39.37
CA VAL E 190 22.37 -4.30 40.11
C VAL E 190 22.46 -3.00 40.95
N THR E 191 23.20 -3.08 42.06
CA THR E 191 23.52 -1.90 42.87
C THR E 191 25.00 -1.56 42.75
N VAL E 192 25.31 -0.28 42.56
CA VAL E 192 26.67 0.17 42.30
C VAL E 192 26.99 1.45 43.07
N PRO E 193 28.28 1.84 43.14
CA PRO E 193 28.63 3.10 43.82
C PRO E 193 27.97 4.32 43.18
N SER E 194 27.65 5.31 44.01
CA SER E 194 26.96 6.53 43.56
C SER E 194 27.87 7.37 42.67
N SER E 195 29.13 7.52 43.09
CA SER E 195 30.16 8.20 42.31
C SER E 195 30.60 7.45 41.05
N SER E 196 30.12 6.20 40.90
CA SER E 196 30.56 5.34 39.80
C SER E 196 29.78 5.54 38.48
N LEU E 197 28.66 6.24 38.54
CA LEU E 197 27.98 6.70 37.33
C LEU E 197 28.88 7.69 36.58
N GLY E 198 29.02 7.49 35.27
CA GLY E 198 29.93 8.30 34.45
C GLY E 198 31.16 7.50 34.03
N THR E 199 31.94 7.06 35.02
CA THR E 199 33.04 6.11 34.83
C THR E 199 32.45 4.72 34.50
N GLN E 200 33.27 3.67 34.59
CA GLN E 200 32.87 2.28 34.31
C GLN E 200 31.38 2.16 34.01
N THR E 201 31.00 2.40 32.76
CA THR E 201 29.60 2.41 32.33
C THR E 201 29.10 0.98 32.11
N TYR E 202 27.77 0.80 32.13
CA TYR E 202 27.18 -0.53 32.26
C TYR E 202 26.38 -1.02 31.07
N ILE E 203 26.50 -2.32 30.80
CA ILE E 203 25.79 -2.99 29.70
C ILE E 203 25.16 -4.33 30.17
N CYS E 204 23.86 -4.51 29.93
CA CYS E 204 23.21 -5.83 30.11
C CYS E 204 23.16 -6.65 28.81
N ASN E 205 23.37 -7.95 28.93
CA ASN E 205 23.46 -8.85 27.77
C ASN E 205 22.43 -9.96 27.90
N VAL E 206 21.53 -10.05 26.93
CA VAL E 206 20.39 -10.98 27.01
C VAL E 206 20.38 -12.01 25.88
N ASN E 207 20.58 -13.27 26.24
CA ASN E 207 20.51 -14.36 25.27
C ASN E 207 19.21 -15.17 25.41
N HIS E 208 18.58 -15.42 24.27
CA HIS E 208 17.33 -16.18 24.21
C HIS E 208 17.47 -17.31 23.18
N LYS E 209 17.86 -18.48 23.67
CA LYS E 209 18.24 -19.63 22.83
C LYS E 209 17.21 -20.04 21.76
N PRO E 210 15.94 -20.30 22.15
CA PRO E 210 14.91 -20.68 21.18
C PRO E 210 14.74 -19.67 20.05
N SER E 211 14.62 -18.39 20.42
CA SER E 211 14.36 -17.32 19.46
C SER E 211 15.57 -16.97 18.62
N ASN E 212 16.74 -17.44 19.05
CA ASN E 212 18.03 -17.12 18.42
C ASN E 212 18.30 -15.61 18.47
N THR E 213 18.25 -15.05 19.67
CA THR E 213 18.37 -13.61 19.86
C THR E 213 19.49 -13.28 20.84
N LYS E 214 20.25 -12.24 20.53
CA LYS E 214 21.30 -11.72 21.41
C LYS E 214 21.28 -10.20 21.34
N VAL E 215 21.06 -9.58 22.49
CA VAL E 215 20.96 -8.11 22.56
C VAL E 215 21.90 -7.54 23.62
N ASP E 216 22.41 -6.34 23.34
CA ASP E 216 23.11 -5.54 24.33
C ASP E 216 22.38 -4.20 24.50
N LYS E 217 22.34 -3.69 25.72
CA LYS E 217 21.73 -2.38 26.01
C LYS E 217 22.50 -1.67 27.12
N LYS E 218 23.08 -0.52 26.79
CA LYS E 218 23.76 0.33 27.77
C LYS E 218 22.73 1.10 28.60
N VAL E 219 22.93 1.15 29.92
CA VAL E 219 21.99 1.80 30.86
C VAL E 219 22.64 3.06 31.48
N GLU E 220 21.86 4.14 31.56
CA GLU E 220 22.40 5.45 31.94
C GLU E 220 21.29 6.40 32.45
N PRO E 221 21.68 7.50 33.13
CA PRO E 221 20.73 8.58 33.49
C PRO E 221 20.00 9.16 32.26
N GLU F 3 -4.21 -91.80 47.15
CA GLU F 3 -3.87 -91.03 48.39
C GLU F 3 -2.82 -89.94 48.09
N LYS F 4 -1.62 -90.05 48.67
CA LYS F 4 -0.57 -89.05 48.54
C LYS F 4 0.27 -89.12 47.24
N LYS F 5 0.80 -87.97 46.81
CA LYS F 5 1.74 -87.89 45.68
C LYS F 5 2.64 -86.65 45.78
N VAL F 6 3.96 -86.86 45.72
CA VAL F 6 4.95 -85.81 45.86
C VAL F 6 5.56 -85.41 44.50
N CYS F 7 5.78 -84.11 44.31
CA CYS F 7 6.32 -83.53 43.06
C CYS F 7 7.44 -82.54 43.31
N ASN F 8 8.48 -82.57 42.49
CA ASN F 8 9.46 -81.49 42.51
C ASN F 8 8.91 -80.20 41.90
N GLY F 9 9.52 -79.08 42.29
CA GLY F 9 9.09 -77.74 41.87
C GLY F 9 9.93 -77.15 40.74
N ILE F 10 9.63 -75.90 40.41
CA ILE F 10 10.28 -75.18 39.31
C ILE F 10 11.73 -74.86 39.66
N GLY F 11 12.65 -75.36 38.85
CA GLY F 11 14.09 -75.13 39.04
C GLY F 11 14.87 -76.13 39.88
N ILE F 12 14.35 -77.34 40.07
CA ILE F 12 15.09 -78.46 40.71
C ILE F 12 14.61 -79.78 40.09
N GLY F 13 15.48 -80.80 40.06
CA GLY F 13 15.16 -82.07 39.40
C GLY F 13 14.79 -81.91 37.93
N GLU F 14 13.66 -82.48 37.53
CA GLU F 14 13.21 -82.44 36.12
C GLU F 14 12.71 -81.09 35.61
N PHE F 15 12.66 -80.09 36.48
CA PHE F 15 12.30 -78.72 36.06
C PHE F 15 13.42 -77.73 36.31
N LYS F 16 14.66 -78.24 36.34
CA LYS F 16 15.86 -77.45 36.72
C LYS F 16 16.05 -76.20 35.86
N ASP F 17 15.76 -76.31 34.57
CA ASP F 17 16.03 -75.24 33.60
C ASP F 17 14.82 -74.39 33.20
N SER F 18 13.64 -74.75 33.72
CA SER F 18 12.39 -74.06 33.40
C SER F 18 12.28 -72.80 34.23
N LEU F 19 11.74 -71.75 33.65
CA LEU F 19 11.61 -70.49 34.34
C LEU F 19 10.34 -70.37 35.20
N SER F 20 9.30 -71.11 34.82
CA SER F 20 7.97 -70.98 35.41
C SER F 20 7.15 -72.24 35.09
N ILE F 21 6.05 -72.43 35.82
CA ILE F 21 5.00 -73.33 35.35
C ILE F 21 4.61 -72.96 33.90
N ASN F 22 4.46 -73.97 33.05
CA ASN F 22 4.09 -73.74 31.66
C ASN F 22 3.39 -74.93 31.03
N ALA F 23 2.86 -74.70 29.83
CA ALA F 23 2.04 -75.67 29.11
C ALA F 23 2.73 -76.99 28.80
N THR F 24 4.06 -76.98 28.67
CA THR F 24 4.84 -78.20 28.46
C THR F 24 5.01 -78.95 29.79
N ASN F 25 5.36 -78.24 30.87
CA ASN F 25 5.60 -78.91 32.16
C ASN F 25 4.37 -79.20 33.01
N ILE F 26 3.23 -78.58 32.68
CA ILE F 26 2.03 -78.63 33.55
C ILE F 26 1.36 -79.99 33.66
N LYS F 27 1.41 -80.80 32.60
CA LYS F 27 0.83 -82.14 32.65
C LYS F 27 1.42 -82.92 33.82
N HIS F 28 2.72 -82.72 34.08
CA HIS F 28 3.46 -83.47 35.12
C HIS F 28 3.16 -83.15 36.59
N PHE F 29 2.26 -82.22 36.85
CA PHE F 29 1.82 -81.97 38.23
C PHE F 29 0.44 -82.59 38.48
N LYS F 30 -0.11 -83.28 37.48
CA LYS F 30 -1.43 -83.85 37.63
C LYS F 30 -1.39 -84.91 38.72
N ASN F 31 -2.41 -84.86 39.58
CA ASN F 31 -2.63 -85.81 40.69
C ASN F 31 -1.89 -85.55 42.00
N CYS F 32 -0.93 -84.62 42.01
CA CYS F 32 -0.10 -84.47 43.22
C CYS F 32 -0.56 -83.48 44.30
N THR F 33 -0.22 -83.83 45.54
CA THR F 33 -0.79 -83.21 46.72
C THR F 33 0.25 -82.44 47.55
N SER F 34 1.53 -82.67 47.26
CA SER F 34 2.59 -81.89 47.89
C SER F 34 3.78 -81.59 46.97
N ILE F 35 4.17 -80.32 46.97
CA ILE F 35 5.30 -79.84 46.17
C ILE F 35 6.52 -79.78 47.06
N SER F 36 7.61 -80.39 46.61
CA SER F 36 8.90 -80.27 47.29
C SER F 36 9.79 -79.35 46.48
N GLY F 37 9.84 -78.07 46.89
CA GLY F 37 10.51 -77.03 46.15
C GLY F 37 9.61 -75.80 46.08
N ASP F 38 9.70 -75.04 44.99
CA ASP F 38 9.02 -73.76 44.85
C ASP F 38 8.05 -73.75 43.67
N LEU F 39 7.00 -72.93 43.73
CA LEU F 39 6.17 -72.65 42.55
C LEU F 39 6.32 -71.22 42.00
N HIS F 40 6.67 -71.14 40.71
CA HIS F 40 6.75 -69.87 39.97
C HIS F 40 5.64 -69.82 38.93
N ILE F 41 4.92 -68.69 38.88
CA ILE F 41 3.93 -68.41 37.83
C ILE F 41 4.24 -67.01 37.27
N LEU F 42 4.86 -66.97 36.09
CA LEU F 42 5.35 -65.70 35.49
C LEU F 42 4.68 -65.41 34.13
N PRO F 43 4.62 -64.12 33.73
CA PRO F 43 4.03 -63.77 32.42
C PRO F 43 4.30 -64.79 31.28
N VAL F 44 5.53 -65.34 31.21
CA VAL F 44 5.91 -66.25 30.12
C VAL F 44 4.98 -67.41 29.97
N ALA F 45 4.39 -67.86 31.07
CA ALA F 45 3.44 -68.98 31.00
C ALA F 45 2.27 -68.68 30.05
N PHE F 46 1.75 -67.45 30.11
CA PHE F 46 0.57 -67.07 29.29
C PHE F 46 0.93 -66.64 27.87
N ARG F 47 2.07 -65.97 27.69
CA ARG F 47 2.57 -65.59 26.36
C ARG F 47 3.08 -66.77 25.54
N GLY F 48 3.58 -67.81 26.22
CA GLY F 48 4.40 -68.81 25.57
C GLY F 48 5.79 -68.28 25.22
N ASP F 49 6.65 -69.16 24.71
CA ASP F 49 8.02 -68.74 24.45
C ASP F 49 8.67 -69.41 23.23
N SER F 50 9.25 -68.59 22.35
CA SER F 50 9.84 -69.07 21.09
C SER F 50 11.01 -70.00 21.33
N PHE F 51 11.98 -69.54 22.11
CA PHE F 51 13.28 -70.21 22.15
C PHE F 51 13.24 -71.58 22.82
N THR F 52 12.31 -71.79 23.75
CA THR F 52 12.20 -73.10 24.43
C THR F 52 11.06 -73.95 23.93
N HIS F 53 10.53 -73.61 22.76
CA HIS F 53 9.48 -74.41 22.06
C HIS F 53 8.25 -74.62 22.94
N THR F 54 7.78 -73.51 23.50
CA THR F 54 6.79 -73.56 24.55
C THR F 54 5.49 -72.87 24.12
N PRO F 55 4.41 -73.66 23.98
CA PRO F 55 3.09 -73.12 23.70
C PRO F 55 2.62 -72.23 24.84
N PRO F 56 1.67 -71.31 24.55
CA PRO F 56 1.03 -70.52 25.62
C PRO F 56 0.10 -71.38 26.49
N LEU F 57 0.07 -71.10 27.79
CA LEU F 57 -0.77 -71.84 28.73
C LEU F 57 -2.28 -71.59 28.58
N ASP F 58 -3.06 -72.65 28.40
CA ASP F 58 -4.51 -72.56 28.54
C ASP F 58 -4.78 -72.28 30.02
N PRO F 59 -5.44 -71.16 30.32
CA PRO F 59 -5.82 -70.85 31.70
C PRO F 59 -6.56 -71.97 32.44
N GLN F 60 -7.46 -72.70 31.78
CA GLN F 60 -8.20 -73.77 32.48
C GLN F 60 -7.30 -74.79 33.17
N GLU F 61 -6.05 -74.92 32.73
CA GLU F 61 -5.20 -75.99 33.26
C GLU F 61 -4.54 -75.70 34.60
N LEU F 62 -4.52 -74.42 34.97
CA LEU F 62 -4.10 -74.00 36.30
C LEU F 62 -4.95 -74.70 37.35
N ASP F 63 -6.13 -75.18 36.95
CA ASP F 63 -7.02 -75.90 37.86
C ASP F 63 -6.55 -77.32 38.17
N ILE F 64 -5.43 -77.74 37.59
CA ILE F 64 -4.86 -79.03 38.02
C ILE F 64 -3.95 -78.88 39.27
N LEU F 65 -3.78 -77.64 39.71
CA LEU F 65 -3.06 -77.36 40.93
C LEU F 65 -3.98 -77.35 42.16
N LYS F 66 -5.26 -77.62 41.90
CA LYS F 66 -6.29 -77.75 42.94
C LYS F 66 -6.09 -78.98 43.83
N THR F 67 -5.29 -79.94 43.37
CA THR F 67 -4.97 -81.11 44.19
C THR F 67 -3.89 -80.84 45.25
N VAL F 68 -3.24 -79.67 45.17
CA VAL F 68 -2.06 -79.37 46.01
C VAL F 68 -2.39 -78.78 47.39
N LYS F 69 -1.94 -79.48 48.44
CA LYS F 69 -2.16 -79.08 49.85
C LYS F 69 -0.93 -78.59 50.62
N GLU F 70 0.27 -78.90 50.10
CA GLU F 70 1.54 -78.56 50.78
C GLU F 70 2.64 -78.17 49.80
N ILE F 71 3.32 -77.06 50.10
CA ILE F 71 4.47 -76.57 49.33
C ILE F 71 5.64 -76.41 50.29
N THR F 72 6.73 -77.13 50.05
CA THR F 72 7.83 -77.12 51.02
C THR F 72 8.57 -75.79 51.07
N GLY F 73 8.53 -75.03 49.97
CA GLY F 73 9.25 -73.75 49.85
C GLY F 73 8.40 -72.50 49.70
N PHE F 74 8.52 -71.82 48.58
CA PHE F 74 7.70 -70.62 48.37
C PHE F 74 6.73 -70.63 47.18
N LEU F 75 5.82 -69.65 47.19
CA LEU F 75 4.85 -69.47 46.11
C LEU F 75 4.91 -68.04 45.59
N LEU F 76 5.22 -67.90 44.32
CA LEU F 76 5.44 -66.57 43.75
C LEU F 76 4.57 -66.42 42.52
N ILE F 77 3.57 -65.51 42.61
CA ILE F 77 2.64 -65.26 41.50
C ILE F 77 2.74 -63.82 40.98
N GLN F 78 3.29 -63.65 39.78
CA GLN F 78 3.46 -62.31 39.16
C GLN F 78 2.64 -62.09 37.87
N ALA F 79 1.84 -63.10 37.49
CA ALA F 79 0.87 -62.97 36.40
C ALA F 79 -0.26 -63.94 36.67
N TRP F 80 -1.47 -63.60 36.22
CA TRP F 80 -2.70 -64.35 36.51
C TRP F 80 -3.79 -63.99 35.50
N PRO F 81 -4.62 -64.95 35.07
CA PRO F 81 -5.67 -64.54 34.12
C PRO F 81 -6.48 -63.34 34.62
N GLU F 82 -6.66 -62.36 33.74
CA GLU F 82 -7.32 -61.10 34.06
C GLU F 82 -8.78 -61.27 34.46
N ASN F 83 -9.45 -62.33 34.00
CA ASN F 83 -10.86 -62.53 34.33
C ASN F 83 -11.14 -63.43 35.53
N ARG F 84 -10.11 -63.77 36.29
CA ARG F 84 -10.29 -64.48 37.53
C ARG F 84 -10.29 -63.47 38.67
N THR F 85 -11.31 -63.55 39.53
CA THR F 85 -11.46 -62.58 40.61
C THR F 85 -10.69 -63.00 41.86
N ASP F 86 -10.21 -64.25 41.88
CA ASP F 86 -9.42 -64.79 42.99
C ASP F 86 -8.43 -65.87 42.53
N LEU F 87 -7.68 -66.43 43.47
CA LEU F 87 -6.82 -67.57 43.18
C LEU F 87 -7.52 -68.92 43.47
N HIS F 88 -8.51 -69.25 42.65
CA HIS F 88 -9.37 -70.49 42.77
C HIS F 88 -8.57 -71.78 42.82
N ALA F 89 -7.45 -71.82 42.11
CA ALA F 89 -6.67 -73.03 41.97
C ALA F 89 -5.84 -73.41 43.21
N PHE F 90 -5.77 -72.52 44.20
CA PHE F 90 -5.06 -72.81 45.47
C PHE F 90 -6.01 -72.90 46.69
N GLU F 91 -7.30 -72.99 46.38
CA GLU F 91 -8.36 -73.11 47.37
C GLU F 91 -8.18 -74.29 48.32
N ASN F 92 -7.37 -75.26 47.88
CA ASN F 92 -7.07 -76.45 48.69
C ASN F 92 -5.68 -76.43 49.36
N LEU F 93 -5.02 -75.27 49.35
CA LEU F 93 -3.67 -75.08 49.93
C LEU F 93 -3.72 -74.84 51.44
N GLU F 94 -3.09 -75.71 52.21
CA GLU F 94 -3.22 -75.70 53.66
C GLU F 94 -2.00 -75.14 54.41
N ILE F 95 -0.82 -75.26 53.80
CA ILE F 95 0.45 -74.94 54.47
C ILE F 95 1.53 -74.56 53.45
N ILE F 96 2.28 -73.50 53.78
CA ILE F 96 3.49 -73.11 53.03
C ILE F 96 4.64 -73.17 54.04
N ARG F 97 5.70 -73.92 53.73
CA ARG F 97 6.74 -74.15 54.74
C ARG F 97 7.84 -73.09 54.78
N GLY F 98 8.09 -72.44 53.65
CA GLY F 98 9.24 -71.51 53.52
C GLY F 98 10.59 -72.11 53.93
N ARG F 99 10.88 -73.35 53.53
CA ARG F 99 12.19 -73.96 53.77
C ARG F 99 13.23 -73.33 52.88
N THR F 100 12.75 -72.83 51.75
CA THR F 100 13.57 -72.24 50.73
C THR F 100 12.80 -70.98 50.35
N LYS F 101 13.48 -69.84 50.22
CA LYS F 101 12.77 -68.53 50.11
C LYS F 101 13.14 -67.68 48.90
N GLN F 102 12.22 -66.82 48.47
CA GLN F 102 12.51 -65.87 47.40
C GLN F 102 13.34 -64.71 47.92
N HIS F 103 14.47 -64.44 47.25
CA HIS F 103 15.45 -63.43 47.69
C HIS F 103 15.93 -63.73 49.11
N GLY F 104 15.92 -65.00 49.49
CA GLY F 104 16.26 -65.43 50.83
C GLY F 104 15.32 -64.94 51.94
N GLN F 105 14.14 -64.41 51.57
CA GLN F 105 13.28 -63.73 52.55
C GLN F 105 11.77 -64.07 52.50
N PHE F 106 11.23 -64.28 51.29
CA PHE F 106 9.77 -64.41 51.10
C PHE F 106 9.24 -65.82 50.82
N SER F 107 8.13 -66.19 51.48
CA SER F 107 7.47 -67.49 51.22
C SER F 107 6.15 -67.40 50.43
N LEU F 108 5.49 -66.24 50.52
CA LEU F 108 4.32 -65.92 49.69
C LEU F 108 4.48 -64.53 49.04
N ALA F 109 4.15 -64.46 47.75
CA ALA F 109 4.26 -63.20 46.98
C ALA F 109 3.24 -63.06 45.83
N VAL F 110 2.44 -62.00 45.88
CA VAL F 110 1.36 -61.74 44.92
C VAL F 110 1.49 -60.29 44.39
N VAL F 111 1.71 -60.15 43.08
CA VAL F 111 2.15 -58.89 42.51
C VAL F 111 1.36 -58.49 41.26
N SER F 112 0.55 -57.45 41.40
CA SER F 112 -0.15 -56.79 40.30
C SER F 112 -1.07 -57.67 39.45
N LEU F 113 -1.97 -58.40 40.10
CA LEU F 113 -2.95 -59.19 39.38
C LEU F 113 -4.28 -58.44 39.35
N ASN F 114 -5.25 -58.95 38.61
CA ASN F 114 -6.57 -58.32 38.52
C ASN F 114 -7.57 -58.73 39.61
N ILE F 115 -7.09 -59.39 40.67
CA ILE F 115 -7.98 -60.03 41.66
C ILE F 115 -8.72 -59.07 42.60
N THR F 116 -9.89 -59.51 43.08
CA THR F 116 -10.67 -58.75 44.06
C THR F 116 -10.65 -59.44 45.43
N SER F 117 -10.24 -60.70 45.47
CA SER F 117 -10.00 -61.41 46.74
C SER F 117 -8.89 -62.45 46.57
N LEU F 118 -8.26 -62.86 47.67
CA LEU F 118 -7.18 -63.86 47.60
C LEU F 118 -7.66 -65.32 47.42
N GLY F 119 -8.70 -65.70 48.14
CA GLY F 119 -9.32 -67.04 47.99
C GLY F 119 -8.54 -68.24 48.50
N LEU F 120 -7.60 -68.00 49.43
CA LEU F 120 -6.80 -69.07 50.01
C LEU F 120 -7.52 -69.53 51.28
N ARG F 121 -8.73 -70.04 51.07
CA ARG F 121 -9.64 -70.49 52.12
C ARG F 121 -9.09 -71.59 53.03
N SER F 122 -8.32 -72.52 52.47
CA SER F 122 -7.76 -73.65 53.26
C SER F 122 -6.44 -73.34 53.98
N LEU F 123 -5.85 -72.17 53.72
CA LEU F 123 -4.52 -71.86 54.23
C LEU F 123 -4.53 -71.60 55.73
N LYS F 124 -4.00 -72.57 56.46
CA LYS F 124 -3.96 -72.55 57.92
C LYS F 124 -2.55 -72.37 58.53
N GLU F 125 -1.50 -72.25 57.69
CA GLU F 125 -0.11 -72.06 58.20
C GLU F 125 0.97 -71.61 57.20
N ILE F 126 1.74 -70.59 57.59
CA ILE F 126 2.98 -70.21 56.89
C ILE F 126 4.13 -70.30 57.89
N SER F 127 4.83 -71.43 57.89
CA SER F 127 5.84 -71.76 58.92
C SER F 127 7.02 -70.80 59.03
N ASP F 128 7.46 -70.26 57.90
CA ASP F 128 8.67 -69.44 57.80
C ASP F 128 8.70 -68.61 56.51
N GLY F 129 9.39 -67.47 56.53
CA GLY F 129 9.35 -66.53 55.41
C GLY F 129 8.33 -65.38 55.52
N ASP F 130 8.65 -64.24 54.93
CA ASP F 130 7.76 -63.08 54.98
C ASP F 130 6.69 -63.14 53.88
N VAL F 131 5.62 -62.37 54.07
CA VAL F 131 4.53 -62.27 53.11
C VAL F 131 4.51 -60.87 52.50
N ILE F 132 4.60 -60.81 51.16
CA ILE F 132 4.45 -59.53 50.46
C ILE F 132 3.29 -59.53 49.45
N ILE F 133 2.39 -58.55 49.62
CA ILE F 133 1.21 -58.37 48.75
C ILE F 133 1.22 -56.95 48.19
N SER F 134 1.44 -56.83 46.89
CA SER F 134 1.80 -55.55 46.28
C SER F 134 1.05 -55.26 44.97
N GLY F 135 0.49 -54.05 44.90
CA GLY F 135 0.03 -53.47 43.64
C GLY F 135 -1.12 -54.16 42.94
N ASN F 136 -1.93 -54.88 43.73
CA ASN F 136 -3.17 -55.48 43.26
C ASN F 136 -4.32 -54.50 43.49
N LYS F 137 -4.55 -53.66 42.49
CA LYS F 137 -5.36 -52.45 42.62
C LYS F 137 -6.86 -52.67 42.88
N ASN F 138 -7.33 -53.90 42.68
CA ASN F 138 -8.74 -54.24 42.95
C ASN F 138 -8.92 -55.15 44.17
N LEU F 139 -7.81 -55.47 44.84
CA LEU F 139 -7.79 -56.43 45.93
C LEU F 139 -8.42 -55.90 47.21
N CYS F 140 -9.43 -56.62 47.70
CA CYS F 140 -10.09 -56.31 48.97
C CYS F 140 -9.89 -57.46 49.98
N TYR F 141 -10.33 -57.26 51.23
CA TYR F 141 -10.34 -58.29 52.30
C TYR F 141 -8.99 -58.61 52.97
N ALA F 142 -7.90 -58.64 52.20
CA ALA F 142 -6.55 -59.04 52.67
C ALA F 142 -6.13 -58.54 54.06
N ASN F 143 -6.60 -57.35 54.41
CA ASN F 143 -6.18 -56.70 55.62
C ASN F 143 -6.95 -57.17 56.87
N THR F 144 -8.00 -57.99 56.67
CA THR F 144 -8.91 -58.41 57.75
C THR F 144 -8.44 -59.65 58.49
N ILE F 145 -7.36 -60.26 58.01
CA ILE F 145 -6.88 -61.53 58.54
C ILE F 145 -5.80 -61.30 59.57
N ASN F 146 -5.84 -62.08 60.64
CA ASN F 146 -4.76 -62.07 61.62
C ASN F 146 -3.62 -62.96 61.16
N TRP F 147 -2.63 -62.34 60.53
CA TRP F 147 -1.52 -63.05 59.89
C TRP F 147 -0.62 -63.79 60.86
N LYS F 148 -0.49 -63.28 62.09
CA LYS F 148 0.41 -63.88 63.09
C LYS F 148 0.03 -65.31 63.46
N LYS F 149 -1.28 -65.57 63.56
CA LYS F 149 -1.78 -66.91 63.87
C LYS F 149 -1.44 -67.92 62.76
N LEU F 150 -1.03 -67.42 61.59
CA LEU F 150 -0.56 -68.29 60.52
C LEU F 150 0.93 -68.60 60.67
N PHE F 151 1.66 -67.79 61.44
CA PHE F 151 3.12 -67.86 61.50
C PHE F 151 3.69 -68.90 62.47
N GLY F 152 4.91 -69.35 62.18
CA GLY F 152 5.64 -70.27 63.07
C GLY F 152 7.12 -70.00 63.30
N THR F 153 7.54 -68.75 63.15
CA THR F 153 8.93 -68.33 63.43
C THR F 153 8.92 -66.88 63.88
N SER F 154 9.55 -66.62 65.02
CA SER F 154 9.26 -65.41 65.82
C SER F 154 9.28 -64.05 65.10
N GLY F 155 9.98 -63.95 63.97
CA GLY F 155 10.14 -62.65 63.26
C GLY F 155 9.53 -62.47 61.87
N GLN F 156 8.54 -63.30 61.53
CA GLN F 156 7.84 -63.18 60.26
C GLN F 156 6.96 -61.92 60.18
N LYS F 157 6.88 -61.32 58.98
CA LYS F 157 6.06 -60.12 58.78
C LYS F 157 5.30 -60.15 57.46
N THR F 158 4.16 -59.45 57.39
CA THR F 158 3.46 -59.31 56.12
C THR F 158 3.36 -57.85 55.71
N LYS F 159 3.85 -57.53 54.52
CA LYS F 159 3.69 -56.20 53.93
C LYS F 159 2.50 -56.12 52.93
N ILE F 160 1.66 -55.12 53.13
CA ILE F 160 0.49 -54.88 52.29
C ILE F 160 0.56 -53.45 51.69
N ILE F 161 1.02 -53.34 50.44
CA ILE F 161 1.29 -52.05 49.79
C ILE F 161 0.59 -51.83 48.45
N SER F 162 0.10 -50.61 48.25
CA SER F 162 -0.45 -50.15 46.97
C SER F 162 -1.62 -50.98 46.41
N ASN F 163 -2.42 -51.56 47.31
CA ASN F 163 -3.67 -52.22 46.95
C ASN F 163 -4.82 -51.22 47.12
N ARG F 164 -6.05 -51.69 46.94
CA ARG F 164 -7.22 -50.83 47.11
C ARG F 164 -7.38 -50.42 48.55
N GLY F 165 -7.82 -49.19 48.78
CA GLY F 165 -7.96 -48.65 50.14
C GLY F 165 -9.12 -49.27 50.92
N GLU F 166 -9.02 -49.27 52.25
CA GLU F 166 -10.15 -49.65 53.11
C GLU F 166 -11.38 -48.81 52.75
N ASN F 167 -11.13 -47.56 52.33
CA ASN F 167 -12.18 -46.63 51.89
C ASN F 167 -13.17 -47.27 50.94
N SER F 168 -12.68 -47.53 49.73
CA SER F 168 -13.44 -48.07 48.61
C SER F 168 -14.03 -49.46 48.81
N CYS F 169 -13.33 -50.35 49.52
CA CYS F 169 -13.88 -51.67 49.80
C CYS F 169 -15.11 -51.60 50.72
N LYS F 170 -15.03 -50.80 51.78
CA LYS F 170 -16.18 -50.60 52.68
C LYS F 170 -17.42 -50.06 51.93
N ALA F 171 -17.25 -48.95 51.20
CA ALA F 171 -18.37 -48.34 50.45
C ALA F 171 -18.94 -49.21 49.29
N THR F 172 -18.19 -50.23 48.86
CA THR F 172 -18.66 -51.12 47.79
C THR F 172 -19.30 -52.38 48.38
N GLY F 173 -19.44 -52.40 49.70
CA GLY F 173 -19.95 -53.57 50.40
C GLY F 173 -19.00 -54.76 50.34
N GLN F 174 -17.74 -54.49 49.97
CA GLN F 174 -16.73 -55.55 49.86
C GLN F 174 -15.96 -55.75 51.18
N VAL F 175 -16.68 -56.21 52.19
CA VAL F 175 -16.12 -56.49 53.51
C VAL F 175 -16.58 -57.91 53.89
N CYS F 176 -16.16 -58.41 55.05
CA CYS F 176 -16.57 -59.74 55.51
C CYS F 176 -18.07 -59.82 55.77
N HIS F 177 -18.65 -60.96 55.41
CA HIS F 177 -20.08 -61.22 55.58
C HIS F 177 -20.48 -61.05 57.04
N ALA F 178 -21.77 -60.76 57.26
CA ALA F 178 -22.34 -60.65 58.60
C ALA F 178 -22.28 -61.95 59.41
N LEU F 179 -22.08 -63.09 58.74
CA LEU F 179 -22.04 -64.40 59.42
C LEU F 179 -20.64 -64.80 59.89
N CYS F 180 -19.71 -63.84 59.87
CA CYS F 180 -18.29 -64.08 60.17
C CYS F 180 -17.83 -63.63 61.56
N SER F 181 -16.80 -64.30 62.07
CA SER F 181 -16.15 -63.89 63.33
C SER F 181 -14.99 -62.92 63.06
N PRO F 182 -14.59 -62.13 64.07
CA PRO F 182 -13.48 -61.17 63.96
C PRO F 182 -12.13 -61.75 63.52
N GLU F 183 -12.05 -63.07 63.34
CA GLU F 183 -10.82 -63.72 62.87
C GLU F 183 -10.43 -63.28 61.44
N GLY F 184 -11.43 -63.10 60.57
CA GLY F 184 -11.22 -62.58 59.21
C GLY F 184 -11.89 -63.38 58.11
N CYS F 185 -11.77 -62.89 56.87
CA CYS F 185 -12.26 -63.61 55.69
C CYS F 185 -11.32 -63.51 54.50
N TRP F 186 -11.42 -64.48 53.59
CA TRP F 186 -10.64 -64.52 52.33
C TRP F 186 -11.42 -64.01 51.11
N GLY F 187 -12.70 -63.70 51.31
CA GLY F 187 -13.60 -63.18 50.26
C GLY F 187 -14.97 -62.82 50.84
N PRO F 188 -15.98 -62.61 49.96
CA PRO F 188 -17.32 -62.18 50.42
C PRO F 188 -18.27 -63.28 50.97
N GLU F 189 -18.14 -64.51 50.48
CA GLU F 189 -19.11 -65.57 50.75
C GLU F 189 -18.89 -66.23 52.14
N PRO F 190 -19.97 -66.81 52.70
CA PRO F 190 -19.88 -67.56 53.96
C PRO F 190 -18.73 -68.59 54.02
N ARG F 191 -18.52 -69.33 52.93
CA ARG F 191 -17.47 -70.34 52.87
C ARG F 191 -16.04 -69.78 52.93
N ASP F 192 -15.90 -68.48 52.61
CA ASP F 192 -14.59 -67.79 52.55
C ASP F 192 -14.10 -67.37 53.93
N CYS F 193 -14.86 -67.77 54.92
CA CYS F 193 -14.78 -67.21 56.24
C CYS F 193 -13.93 -68.08 57.18
N VAL F 194 -13.10 -67.41 57.98
CA VAL F 194 -12.30 -68.07 59.00
C VAL F 194 -13.09 -68.02 60.32
N SER F 195 -13.76 -69.13 60.65
CA SER F 195 -14.46 -69.37 61.94
C SER F 195 -15.92 -69.86 61.87
N CYS F 196 -16.84 -68.98 61.47
CA CYS F 196 -18.30 -69.21 61.58
C CYS F 196 -18.76 -69.25 63.05
N GLU G 1 -7.66 -34.89 5.12
CA GLU G 1 -8.65 -35.95 4.72
C GLU G 1 -9.28 -35.58 3.39
N ILE G 2 -9.94 -36.56 2.80
CA ILE G 2 -10.69 -36.33 1.57
C ILE G 2 -12.07 -35.75 1.91
N VAL G 3 -12.27 -34.49 1.53
CA VAL G 3 -13.55 -33.83 1.80
C VAL G 3 -14.56 -34.15 0.68
N MET G 4 -15.74 -34.60 1.08
CA MET G 4 -16.83 -34.95 0.17
C MET G 4 -17.90 -33.87 0.18
N THR G 5 -18.11 -33.19 -0.94
CA THR G 5 -19.16 -32.16 -1.02
C THR G 5 -20.35 -32.63 -1.89
N GLN G 6 -21.56 -32.52 -1.33
CA GLN G 6 -22.78 -32.83 -2.08
C GLN G 6 -23.57 -31.57 -2.43
N SER G 7 -24.19 -31.57 -3.60
CA SER G 7 -25.00 -30.44 -4.01
C SER G 7 -26.10 -30.89 -4.97
N PRO G 8 -27.20 -30.10 -5.05
CA PRO G 8 -27.57 -29.11 -4.06
C PRO G 8 -27.86 -29.80 -2.73
N ALA G 9 -28.14 -29.03 -1.68
CA ALA G 9 -28.48 -29.58 -0.35
C ALA G 9 -29.97 -30.00 -0.24
N THR G 10 -30.79 -29.49 -1.14
CA THR G 10 -32.22 -29.77 -1.15
C THR G 10 -32.68 -29.92 -2.57
N LEU G 11 -33.63 -30.83 -2.80
CA LEU G 11 -34.30 -30.91 -4.07
C LEU G 11 -35.78 -30.97 -3.80
N SER G 12 -36.53 -30.15 -4.52
CA SER G 12 -37.99 -30.14 -4.43
C SER G 12 -38.56 -30.91 -5.62
N LEU G 13 -39.13 -32.08 -5.38
CA LEU G 13 -39.65 -32.89 -6.48
C LEU G 13 -40.99 -33.57 -6.23
N SER G 14 -41.51 -34.21 -7.28
CA SER G 14 -42.80 -34.86 -7.27
C SER G 14 -42.70 -36.34 -7.61
N PRO G 15 -43.57 -37.17 -6.99
CA PRO G 15 -43.62 -38.58 -7.36
C PRO G 15 -43.65 -38.71 -8.88
N GLY G 16 -42.71 -39.45 -9.43
CA GLY G 16 -42.71 -39.69 -10.88
C GLY G 16 -41.61 -38.99 -11.63
N GLU G 17 -41.09 -37.89 -11.08
CA GLU G 17 -40.07 -37.12 -11.77
C GLU G 17 -38.69 -37.71 -11.53
N ARG G 18 -37.75 -37.40 -12.39
CA ARG G 18 -36.40 -37.91 -12.23
C ARG G 18 -35.63 -37.05 -11.21
N ALA G 19 -34.81 -37.70 -10.37
CA ALA G 19 -33.84 -37.01 -9.53
C ALA G 19 -32.41 -37.42 -9.88
N THR G 20 -31.53 -36.43 -10.01
CA THR G 20 -30.08 -36.67 -10.11
C THR G 20 -29.32 -35.90 -9.01
N LEU G 21 -28.61 -36.63 -8.15
CA LEU G 21 -27.84 -36.01 -7.04
C LEU G 21 -26.33 -36.04 -7.26
N SER G 22 -25.67 -34.98 -6.79
CA SER G 22 -24.27 -34.74 -7.10
C SER G 22 -23.30 -34.93 -5.91
N CYS G 23 -22.12 -35.51 -6.17
CA CYS G 23 -21.13 -35.73 -5.11
C CYS G 23 -19.70 -35.55 -5.65
N ARG G 24 -18.96 -34.67 -5.00
CA ARG G 24 -17.60 -34.28 -5.42
C ARG G 24 -16.57 -34.69 -4.38
N ALA G 25 -15.44 -35.23 -4.83
CA ALA G 25 -14.28 -35.53 -3.95
C ALA G 25 -13.14 -34.52 -4.14
N SER G 26 -12.48 -34.14 -3.06
CA SER G 26 -11.37 -33.17 -3.10
C SER G 26 -10.04 -33.73 -3.67
N GLN G 27 -9.75 -35.01 -3.46
CA GLN G 27 -8.67 -35.71 -4.17
C GLN G 27 -9.30 -36.99 -4.72
N SER G 28 -8.60 -37.69 -5.62
CA SER G 28 -9.17 -38.89 -6.26
C SER G 28 -9.53 -40.01 -5.28
N VAL G 29 -10.59 -40.75 -5.58
CA VAL G 29 -11.00 -41.90 -4.78
C VAL G 29 -11.33 -43.06 -5.72
N SER G 30 -10.80 -42.97 -6.94
CA SER G 30 -11.04 -43.99 -7.94
C SER G 30 -12.54 -44.37 -8.08
N SER G 31 -12.89 -45.63 -7.82
CA SER G 31 -14.29 -46.08 -7.83
C SER G 31 -14.77 -46.55 -6.46
N TYR G 32 -14.03 -46.22 -5.42
CA TYR G 32 -14.34 -46.71 -4.10
C TYR G 32 -15.33 -45.80 -3.40
N LEU G 33 -16.45 -45.58 -4.08
CA LEU G 33 -17.51 -44.66 -3.62
C LEU G 33 -18.85 -45.38 -3.30
N ALA G 34 -19.56 -44.89 -2.30
CA ALA G 34 -20.80 -45.54 -1.89
C ALA G 34 -21.95 -44.54 -1.70
N TRP G 35 -23.19 -45.02 -1.88
CA TRP G 35 -24.38 -44.18 -1.66
C TRP G 35 -25.30 -44.84 -0.64
N TYR G 36 -25.88 -44.01 0.24
CA TYR G 36 -26.70 -44.43 1.38
C TYR G 36 -28.01 -43.59 1.46
N GLN G 37 -29.10 -44.25 1.89
CA GLN G 37 -30.37 -43.59 2.21
C GLN G 37 -30.72 -43.62 3.70
N GLN G 38 -31.21 -42.49 4.21
CA GLN G 38 -31.60 -42.39 5.62
C GLN G 38 -32.96 -41.71 5.82
N LYS G 39 -33.86 -42.42 6.51
CA LYS G 39 -35.16 -41.90 6.95
C LYS G 39 -35.08 -41.62 8.45
N PRO G 40 -36.00 -40.79 8.98
CA PRO G 40 -35.80 -40.29 10.37
C PRO G 40 -35.86 -41.42 11.37
N GLY G 41 -34.98 -41.37 12.38
CA GLY G 41 -34.90 -42.43 13.38
C GLY G 41 -34.40 -43.80 12.90
N GLN G 42 -33.93 -43.91 11.66
CA GLN G 42 -33.37 -45.19 11.18
C GLN G 42 -31.89 -45.05 10.82
N ALA G 43 -31.23 -46.18 10.58
CA ALA G 43 -29.83 -46.20 10.16
C ALA G 43 -29.69 -46.09 8.63
N PRO G 44 -28.52 -45.64 8.14
CA PRO G 44 -28.29 -45.67 6.69
C PRO G 44 -28.47 -47.06 6.05
N ARG G 45 -29.16 -47.08 4.90
CA ARG G 45 -29.22 -48.28 4.05
C ARG G 45 -28.43 -48.08 2.77
N LEU G 46 -27.47 -48.97 2.56
CA LEU G 46 -26.64 -49.01 1.36
C LEU G 46 -27.47 -49.26 0.06
N LEU G 47 -27.26 -48.38 -0.93
CA LEU G 47 -27.94 -48.47 -2.23
C LEU G 47 -26.96 -48.87 -3.34
N ILE G 48 -25.81 -48.20 -3.36
CA ILE G 48 -24.77 -48.41 -4.37
C ILE G 48 -23.38 -48.56 -3.69
N TYR G 49 -22.55 -49.43 -4.26
CA TYR G 49 -21.15 -49.61 -3.85
C TYR G 49 -20.28 -49.65 -5.10
N ASP G 50 -18.97 -49.47 -4.94
CA ASP G 50 -18.00 -49.47 -6.06
C ASP G 50 -18.54 -48.68 -7.26
N ALA G 51 -19.24 -47.59 -6.94
CA ALA G 51 -19.73 -46.56 -7.88
C ALA G 51 -20.92 -46.92 -8.79
N SER G 52 -20.89 -48.10 -9.39
CA SER G 52 -21.98 -48.52 -10.28
C SER G 52 -22.81 -49.72 -9.80
N ASN G 53 -22.34 -50.44 -8.79
CA ASN G 53 -22.97 -51.67 -8.33
C ASN G 53 -24.17 -51.47 -7.39
N ARG G 54 -25.31 -51.95 -7.85
CA ARG G 54 -26.53 -51.95 -7.06
C ARG G 54 -26.51 -53.10 -6.01
N ALA G 55 -26.57 -52.75 -4.72
CA ALA G 55 -26.68 -53.76 -3.65
C ALA G 55 -27.92 -54.68 -3.80
N THR G 56 -27.83 -55.91 -3.29
CA THR G 56 -28.91 -56.89 -3.45
C THR G 56 -30.22 -56.36 -2.87
N GLY G 57 -31.31 -56.61 -3.58
CA GLY G 57 -32.63 -56.26 -3.09
C GLY G 57 -33.14 -54.91 -3.56
N ILE G 58 -32.26 -53.92 -3.63
CA ILE G 58 -32.73 -52.56 -3.91
C ILE G 58 -33.26 -52.39 -5.35
N PRO G 59 -34.37 -51.64 -5.51
CA PRO G 59 -35.13 -51.58 -6.75
C PRO G 59 -34.39 -50.98 -7.94
N ALA G 60 -34.95 -51.23 -9.13
CA ALA G 60 -34.36 -50.90 -10.43
C ALA G 60 -34.21 -49.42 -10.72
N ARG G 61 -34.95 -48.58 -10.00
CA ARG G 61 -34.94 -47.15 -10.23
C ARG G 61 -33.67 -46.44 -9.71
N PHE G 62 -32.88 -47.15 -8.90
CA PHE G 62 -31.64 -46.60 -8.34
C PHE G 62 -30.45 -46.99 -9.19
N SER G 63 -29.62 -46.01 -9.49
CA SER G 63 -28.51 -46.19 -10.42
C SER G 63 -27.49 -45.10 -10.14
N GLY G 64 -26.21 -45.46 -10.16
CA GLY G 64 -25.14 -44.49 -9.86
C GLY G 64 -24.02 -44.58 -10.88
N SER G 65 -23.20 -43.53 -10.95
CA SER G 65 -22.03 -43.54 -11.87
C SER G 65 -20.97 -42.47 -11.59
N GLY G 66 -19.95 -42.41 -12.45
CA GLY G 66 -18.77 -41.56 -12.29
C GLY G 66 -17.53 -42.31 -11.83
N SER G 67 -16.40 -41.61 -11.76
CA SER G 67 -15.13 -42.15 -11.24
C SER G 67 -14.24 -40.97 -10.82
N GLY G 68 -13.11 -41.23 -10.13
CA GLY G 68 -12.15 -40.18 -9.77
C GLY G 68 -12.63 -39.13 -8.77
N THR G 69 -13.12 -38.01 -9.28
CA THR G 69 -13.61 -36.93 -8.44
C THR G 69 -15.11 -36.69 -8.52
N ASP G 70 -15.72 -37.06 -9.65
CA ASP G 70 -17.12 -36.66 -9.92
C ASP G 70 -18.11 -37.84 -10.00
N PHE G 71 -19.20 -37.74 -9.24
CA PHE G 71 -20.15 -38.86 -9.10
C PHE G 71 -21.64 -38.44 -9.10
N THR G 72 -22.50 -39.36 -9.54
CA THR G 72 -23.93 -39.09 -9.65
C THR G 72 -24.81 -40.27 -9.27
N LEU G 73 -25.79 -40.01 -8.40
CA LEU G 73 -26.86 -40.96 -8.15
C LEU G 73 -28.13 -40.50 -8.89
N THR G 74 -28.73 -41.43 -9.64
CA THR G 74 -29.98 -41.19 -10.39
C THR G 74 -31.14 -42.02 -9.89
N ILE G 75 -32.26 -41.36 -9.56
CA ILE G 75 -33.53 -42.05 -9.29
C ILE G 75 -34.44 -41.76 -10.47
N SER G 76 -34.71 -42.78 -11.28
CA SER G 76 -35.34 -42.53 -12.59
C SER G 76 -36.78 -42.03 -12.47
N SER G 77 -37.50 -42.58 -11.49
CA SER G 77 -38.87 -42.18 -11.24
C SER G 77 -39.22 -42.33 -9.75
N LEU G 78 -39.22 -41.19 -9.04
CA LEU G 78 -39.44 -41.13 -7.59
C LEU G 78 -40.77 -41.76 -7.12
N GLU G 79 -40.67 -42.55 -6.06
CA GLU G 79 -41.83 -43.13 -5.39
C GLU G 79 -42.04 -42.35 -4.08
N PRO G 80 -43.27 -42.37 -3.53
CA PRO G 80 -43.54 -41.68 -2.26
C PRO G 80 -42.55 -41.94 -1.14
N GLU G 81 -41.97 -43.14 -1.07
CA GLU G 81 -41.06 -43.55 0.01
C GLU G 81 -39.61 -43.11 -0.15
N ASP G 82 -39.30 -42.48 -1.28
CA ASP G 82 -37.90 -42.08 -1.55
C ASP G 82 -37.55 -40.67 -1.06
N PHE G 83 -38.54 -39.95 -0.54
CA PHE G 83 -38.26 -38.63 -0.01
C PHE G 83 -37.56 -38.72 1.34
N ALA G 84 -36.24 -38.54 1.32
CA ALA G 84 -35.37 -38.85 2.45
C ALA G 84 -34.01 -38.15 2.35
N VAL G 85 -33.01 -38.65 3.08
CA VAL G 85 -31.68 -38.06 3.01
C VAL G 85 -30.74 -39.03 2.29
N TYR G 86 -29.82 -38.48 1.49
CA TYR G 86 -28.87 -39.30 0.72
C TYR G 86 -27.42 -38.86 0.98
N TYR G 87 -26.57 -39.82 1.36
CA TYR G 87 -25.14 -39.54 1.62
C TYR G 87 -24.23 -40.29 0.68
N CYS G 88 -23.16 -39.63 0.24
CA CYS G 88 -22.07 -40.35 -0.40
C CYS G 88 -20.97 -40.72 0.62
N HIS G 89 -20.08 -41.64 0.26
CA HIS G 89 -19.08 -42.19 1.18
C HIS G 89 -17.87 -42.72 0.44
N GLN G 90 -16.71 -42.10 0.65
CA GLN G 90 -15.48 -42.61 0.09
C GLN G 90 -14.76 -43.55 1.06
N TYR G 91 -14.18 -44.62 0.53
CA TYR G 91 -13.47 -45.60 1.37
C TYR G 91 -12.12 -46.07 0.75
N GLY G 92 -11.56 -45.24 -0.13
CA GLY G 92 -10.28 -45.52 -0.76
C GLY G 92 -9.08 -45.11 0.08
N SER G 93 -9.25 -44.12 0.96
CA SER G 93 -8.16 -43.66 1.84
C SER G 93 -8.66 -43.42 3.26
N THR G 94 -7.83 -43.77 4.25
CA THR G 94 -8.08 -43.49 5.65
C THR G 94 -7.71 -42.03 5.99
N PRO G 95 -8.54 -41.36 6.83
CA PRO G 95 -9.81 -41.86 7.38
C PRO G 95 -10.91 -41.89 6.34
N LEU G 96 -11.86 -42.82 6.51
CA LEU G 96 -13.10 -42.83 5.73
C LEU G 96 -13.94 -41.58 6.05
N THR G 97 -14.56 -40.99 5.03
CA THR G 97 -15.36 -39.76 5.19
C THR G 97 -16.66 -39.86 4.43
N PHE G 98 -17.66 -39.07 4.84
CA PHE G 98 -18.96 -39.03 4.17
C PHE G 98 -19.26 -37.62 3.66
N GLY G 99 -20.11 -37.51 2.65
CA GLY G 99 -20.63 -36.20 2.22
C GLY G 99 -21.60 -35.57 3.21
N GLY G 100 -21.97 -34.31 2.96
CA GLY G 100 -22.78 -33.54 3.91
C GLY G 100 -24.28 -33.82 3.87
N GLY G 101 -24.73 -34.47 2.79
CA GLY G 101 -26.13 -34.84 2.63
C GLY G 101 -26.94 -33.96 1.69
N THR G 102 -27.86 -34.58 0.94
CA THR G 102 -28.90 -33.91 0.14
C THR G 102 -30.28 -34.46 0.55
N LYS G 103 -31.18 -33.56 0.93
CA LYS G 103 -32.54 -33.91 1.38
C LYS G 103 -33.53 -33.83 0.19
N ALA G 104 -34.30 -34.91 -0.04
CA ALA G 104 -35.27 -34.88 -1.13
C ALA G 104 -36.62 -34.51 -0.57
N GLU G 105 -37.08 -33.31 -0.91
CA GLU G 105 -38.25 -32.72 -0.27
C GLU G 105 -39.43 -32.73 -1.25
N ILE G 106 -40.64 -32.71 -0.71
CA ILE G 106 -41.87 -32.84 -1.51
C ILE G 106 -42.32 -31.48 -1.97
N LYS G 107 -42.41 -31.31 -3.29
CA LYS G 107 -42.80 -30.05 -3.91
C LYS G 107 -44.34 -29.87 -3.86
N ARG G 108 -44.81 -28.63 -3.72
CA ARG G 108 -46.23 -28.26 -3.70
C ARG G 108 -46.42 -26.75 -3.93
N THR G 109 -47.65 -26.27 -4.06
CA THR G 109 -47.87 -24.84 -4.36
C THR G 109 -47.43 -23.98 -3.18
N VAL G 110 -47.03 -22.76 -3.47
CA VAL G 110 -46.73 -21.74 -2.45
C VAL G 110 -47.92 -21.52 -1.51
N ALA G 111 -47.66 -21.43 -0.21
CA ALA G 111 -48.69 -21.19 0.78
C ALA G 111 -48.17 -20.23 1.83
N ALA G 112 -48.95 -19.19 2.11
CA ALA G 112 -48.58 -18.20 3.12
C ALA G 112 -48.93 -18.70 4.55
N PRO G 113 -48.15 -18.25 5.56
CA PRO G 113 -48.50 -18.71 6.90
C PRO G 113 -49.61 -17.89 7.55
N SER G 114 -50.47 -18.56 8.31
CA SER G 114 -51.27 -17.87 9.33
C SER G 114 -50.42 -17.55 10.57
N VAL G 115 -50.36 -16.27 10.92
CA VAL G 115 -49.52 -15.77 12.02
C VAL G 115 -50.33 -15.49 13.29
N PHE G 116 -49.85 -16.00 14.43
CA PHE G 116 -50.49 -15.81 15.74
C PHE G 116 -49.47 -15.44 16.82
N ILE G 117 -49.83 -14.55 17.74
CA ILE G 117 -48.94 -14.14 18.82
C ILE G 117 -49.57 -14.36 20.21
N PHE G 118 -48.76 -14.85 21.16
CA PHE G 118 -49.24 -15.14 22.53
C PHE G 118 -48.52 -14.32 23.62
N PRO G 119 -49.28 -13.66 24.50
CA PRO G 119 -48.69 -12.98 25.64
C PRO G 119 -48.18 -13.99 26.65
N PRO G 120 -47.31 -13.57 27.59
CA PRO G 120 -46.96 -14.48 28.69
C PRO G 120 -48.09 -14.53 29.68
N SER G 121 -48.24 -15.65 30.39
CA SER G 121 -49.38 -15.81 31.31
C SER G 121 -49.11 -15.21 32.69
N ASP G 122 -50.18 -14.92 33.42
CA ASP G 122 -50.08 -14.41 34.79
C ASP G 122 -49.34 -15.37 35.74
N GLU G 123 -49.56 -16.68 35.56
CA GLU G 123 -48.92 -17.72 36.40
C GLU G 123 -47.39 -17.70 36.26
N GLN G 124 -46.92 -17.46 35.03
CA GLN G 124 -45.49 -17.39 34.72
C GLN G 124 -44.87 -16.18 35.36
N LEU G 125 -45.47 -15.01 35.12
CA LEU G 125 -44.95 -13.71 35.60
C LEU G 125 -44.57 -13.72 37.10
N LYS G 126 -45.22 -14.59 37.88
CA LYS G 126 -44.89 -14.80 39.28
C LYS G 126 -43.53 -15.45 39.51
N SER G 127 -42.92 -15.98 38.45
CA SER G 127 -41.61 -16.66 38.55
C SER G 127 -40.40 -15.78 38.22
N GLY G 128 -40.64 -14.60 37.62
CA GLY G 128 -39.55 -13.67 37.28
C GLY G 128 -38.93 -13.78 35.89
N THR G 129 -39.58 -14.54 34.99
CA THR G 129 -39.24 -14.54 33.57
C THR G 129 -40.51 -14.42 32.71
N ALA G 130 -40.40 -13.76 31.55
CA ALA G 130 -41.53 -13.68 30.63
C ALA G 130 -41.20 -14.35 29.30
N SER G 131 -42.09 -15.22 28.82
CA SER G 131 -41.99 -15.84 27.49
C SER G 131 -43.10 -15.37 26.54
N VAL G 132 -42.72 -14.94 25.35
CA VAL G 132 -43.68 -14.57 24.31
C VAL G 132 -43.40 -15.44 23.09
N VAL G 133 -44.44 -16.06 22.54
CA VAL G 133 -44.34 -16.98 21.41
C VAL G 133 -45.06 -16.50 20.12
N CYS G 134 -44.38 -16.61 18.98
CA CYS G 134 -44.97 -16.36 17.66
C CYS G 134 -45.15 -17.70 16.97
N LEU G 135 -46.29 -17.90 16.31
CA LEU G 135 -46.51 -19.11 15.51
C LEU G 135 -46.83 -18.84 14.02
N LEU G 136 -45.99 -19.38 13.14
CA LEU G 136 -46.20 -19.36 11.70
C LEU G 136 -46.74 -20.73 11.31
N ASN G 137 -48.02 -20.78 10.94
CA ASN G 137 -48.73 -22.06 10.71
C ASN G 137 -49.02 -22.42 9.24
N ASN G 138 -48.75 -23.68 8.89
CA ASN G 138 -49.00 -24.22 7.55
C ASN G 138 -48.46 -23.40 6.34
N PHE G 139 -47.15 -23.24 6.24
CA PHE G 139 -46.56 -22.50 5.12
C PHE G 139 -45.67 -23.33 4.18
N TYR G 140 -45.46 -22.82 2.96
CA TYR G 140 -44.56 -23.43 1.97
C TYR G 140 -44.04 -22.39 0.97
N PRO G 141 -42.74 -22.45 0.60
CA PRO G 141 -41.62 -23.34 1.03
C PRO G 141 -41.05 -22.93 2.40
N ARG G 142 -40.00 -23.63 2.84
CA ARG G 142 -39.50 -23.50 4.22
C ARG G 142 -38.93 -22.11 4.61
N GLU G 143 -38.31 -21.42 3.67
CA GLU G 143 -37.68 -20.14 3.95
C GLU G 143 -38.64 -19.10 4.56
N ALA G 144 -38.23 -18.51 5.68
CA ALA G 144 -39.05 -17.56 6.44
C ALA G 144 -38.23 -16.73 7.42
N LYS G 145 -38.53 -15.44 7.51
CA LYS G 145 -37.85 -14.55 8.44
C LYS G 145 -38.81 -14.02 9.49
N VAL G 146 -38.34 -13.98 10.74
CA VAL G 146 -39.09 -13.46 11.88
C VAL G 146 -38.27 -12.39 12.64
N GLN G 147 -38.85 -11.19 12.78
CA GLN G 147 -38.22 -10.12 13.57
C GLN G 147 -39.13 -9.67 14.72
N TRP G 148 -38.56 -9.53 15.90
CA TRP G 148 -39.28 -9.14 17.10
C TRP G 148 -39.04 -7.67 17.41
N LYS G 149 -40.09 -6.99 17.85
CA LYS G 149 -40.01 -5.56 18.18
C LYS G 149 -40.74 -5.22 19.50
N VAL G 150 -40.10 -4.40 20.34
CA VAL G 150 -40.64 -4.05 21.64
C VAL G 150 -40.58 -2.54 21.78
N ASP G 151 -41.75 -1.92 21.95
CA ASP G 151 -41.94 -0.46 21.75
C ASP G 151 -41.23 0.04 20.48
N ASN G 152 -41.32 -0.73 19.40
CA ASN G 152 -40.65 -0.44 18.11
C ASN G 152 -39.16 -0.78 18.01
N ALA G 153 -38.51 -1.05 19.14
CA ALA G 153 -37.09 -1.43 19.11
C ALA G 153 -36.93 -2.91 18.71
N LEU G 154 -36.16 -3.12 17.64
CA LEU G 154 -35.82 -4.46 17.16
C LEU G 154 -35.08 -5.27 18.23
N GLN G 155 -35.55 -6.48 18.53
CA GLN G 155 -34.88 -7.36 19.48
C GLN G 155 -33.81 -8.17 18.77
N SER G 156 -32.87 -8.70 19.54
CA SER G 156 -31.75 -9.45 19.00
C SER G 156 -31.00 -10.22 20.10
N GLY G 157 -30.71 -11.50 19.86
CA GLY G 157 -30.01 -12.36 20.85
C GLY G 157 -30.82 -12.92 22.02
N ASN G 158 -32.10 -12.57 22.11
CA ASN G 158 -32.96 -13.03 23.20
C ASN G 158 -34.10 -13.93 22.74
N SER G 159 -33.93 -14.58 21.59
CA SER G 159 -34.97 -15.46 21.05
C SER G 159 -34.43 -16.75 20.46
N GLN G 160 -35.28 -17.78 20.41
CA GLN G 160 -34.96 -19.06 19.76
C GLN G 160 -36.15 -19.56 18.96
N GLU G 161 -35.89 -20.38 17.94
CA GLU G 161 -36.95 -21.00 17.12
C GLU G 161 -36.76 -22.49 16.80
N SER G 162 -37.88 -23.18 16.52
CA SER G 162 -37.89 -24.56 16.03
C SER G 162 -38.90 -24.70 14.90
N VAL G 163 -38.66 -25.66 14.01
CA VAL G 163 -39.47 -25.82 12.80
C VAL G 163 -39.71 -27.29 12.54
N THR G 164 -40.97 -27.65 12.28
CA THR G 164 -41.37 -29.04 12.12
C THR G 164 -40.90 -29.71 10.82
N GLU G 165 -41.04 -31.03 10.75
CA GLU G 165 -40.85 -31.74 9.48
C GLU G 165 -42.05 -31.56 8.57
N GLN G 166 -41.95 -31.97 7.31
CA GLN G 166 -43.08 -31.83 6.37
C GLN G 166 -44.29 -32.60 6.83
N ASP G 167 -45.47 -32.08 6.54
CA ASP G 167 -46.69 -32.72 6.98
C ASP G 167 -47.10 -33.83 6.01
N SER G 168 -47.50 -34.97 6.58
CA SER G 168 -47.91 -36.16 5.81
C SER G 168 -48.98 -35.91 4.75
N LYS G 169 -50.07 -35.24 5.13
CA LYS G 169 -51.16 -34.98 4.21
C LYS G 169 -50.91 -33.69 3.43
N ASP G 170 -50.24 -32.75 4.07
CA ASP G 170 -50.29 -31.34 3.73
C ASP G 170 -49.00 -30.87 3.04
N SER G 171 -47.88 -31.47 3.43
CA SER G 171 -46.54 -31.13 2.89
C SER G 171 -46.06 -29.73 3.27
N THR G 172 -46.74 -29.11 4.25
CA THR G 172 -46.38 -27.77 4.76
C THR G 172 -45.48 -27.82 6.00
N TYR G 173 -44.88 -26.67 6.30
CA TYR G 173 -44.08 -26.46 7.49
C TYR G 173 -44.81 -25.63 8.56
N SER G 174 -44.42 -25.80 9.82
CA SER G 174 -44.83 -24.87 10.88
C SER G 174 -43.65 -24.40 11.75
N LEU G 175 -43.73 -23.16 12.25
CA LEU G 175 -42.60 -22.58 12.99
C LEU G 175 -43.04 -21.84 14.25
N SER G 176 -42.22 -21.98 15.29
CA SER G 176 -42.45 -21.31 16.57
C SER G 176 -41.22 -20.48 16.95
N SER G 177 -41.46 -19.28 17.49
CA SER G 177 -40.39 -18.41 17.96
C SER G 177 -40.68 -17.90 19.37
N THR G 178 -39.71 -18.05 20.27
CA THR G 178 -39.87 -17.68 21.66
C THR G 178 -38.86 -16.61 22.06
N LEU G 179 -39.38 -15.44 22.40
CA LEU G 179 -38.60 -14.33 22.93
C LEU G 179 -38.76 -14.40 24.44
N THR G 180 -37.66 -14.47 25.18
CA THR G 180 -37.75 -14.54 26.64
C THR G 180 -37.09 -13.32 27.22
N LEU G 181 -37.68 -12.73 28.25
CA LEU G 181 -37.11 -11.59 28.96
C LEU G 181 -37.34 -11.73 30.46
N SER G 182 -36.76 -10.82 31.23
CA SER G 182 -36.97 -10.77 32.66
C SER G 182 -38.27 -10.03 32.95
N LYS G 183 -38.91 -10.39 34.06
CA LYS G 183 -40.15 -9.76 34.49
C LYS G 183 -40.03 -8.25 34.49
N ALA G 184 -38.90 -7.74 34.99
CA ALA G 184 -38.65 -6.32 35.05
C ALA G 184 -38.84 -5.64 33.70
N ASP G 185 -38.05 -6.06 32.71
CA ASP G 185 -38.11 -5.52 31.36
C ASP G 185 -39.47 -5.73 30.71
N TYR G 186 -40.03 -6.93 30.87
CA TYR G 186 -41.39 -7.14 30.43
C TYR G 186 -42.37 -6.10 30.99
N GLU G 187 -42.22 -5.68 32.25
CA GLU G 187 -43.12 -4.67 32.80
C GLU G 187 -42.75 -3.23 32.39
N LYS G 188 -41.52 -3.03 31.94
CA LYS G 188 -41.04 -1.69 31.51
C LYS G 188 -41.61 -1.21 30.16
N HIS G 189 -42.11 -2.13 29.35
CA HIS G 189 -42.53 -1.81 27.99
C HIS G 189 -44.00 -2.18 27.72
N LYS G 190 -44.56 -1.68 26.63
CA LYS G 190 -46.02 -1.80 26.36
C LYS G 190 -46.44 -2.60 25.10
N VAL G 191 -45.87 -2.28 23.92
CA VAL G 191 -46.23 -2.99 22.66
C VAL G 191 -45.24 -4.07 22.21
N TYR G 192 -45.76 -5.29 22.03
CA TYR G 192 -44.95 -6.48 21.74
C TYR G 192 -45.32 -7.09 20.39
N ALA G 193 -44.42 -6.99 19.41
CA ALA G 193 -44.81 -7.29 18.03
C ALA G 193 -43.97 -8.37 17.31
N CYS G 194 -44.67 -9.19 16.52
CA CYS G 194 -44.03 -10.22 15.68
C CYS G 194 -44.19 -9.95 14.16
N GLU G 195 -43.07 -9.85 13.44
CA GLU G 195 -43.08 -9.50 11.99
C GLU G 195 -42.54 -10.61 11.11
N VAL G 196 -43.30 -11.00 10.09
CA VAL G 196 -43.03 -12.17 9.27
C VAL G 196 -42.90 -11.90 7.78
N THR G 197 -41.79 -12.37 7.19
CA THR G 197 -41.58 -12.32 5.74
C THR G 197 -41.72 -13.71 5.12
N HIS G 198 -42.39 -13.77 3.97
CA HIS G 198 -42.55 -15.00 3.20
C HIS G 198 -43.01 -14.65 1.80
N GLN G 199 -42.59 -15.43 0.81
CA GLN G 199 -42.89 -15.13 -0.60
C GLN G 199 -44.39 -15.14 -0.95
N GLY G 200 -45.18 -15.91 -0.21
CA GLY G 200 -46.66 -15.91 -0.35
C GLY G 200 -47.37 -14.71 0.27
N LEU G 201 -46.65 -13.59 0.38
CA LEU G 201 -47.17 -12.35 0.98
C LEU G 201 -46.36 -11.20 0.40
N SER G 202 -47.01 -10.26 -0.27
CA SER G 202 -46.31 -9.08 -0.80
C SER G 202 -45.76 -8.16 0.31
N SER G 203 -46.52 -8.03 1.40
CA SER G 203 -46.09 -7.24 2.57
C SER G 203 -45.93 -8.10 3.82
N PRO G 204 -44.90 -7.80 4.64
CA PRO G 204 -44.68 -8.49 5.91
C PRO G 204 -45.89 -8.30 6.81
N VAL G 205 -46.27 -9.39 7.48
CA VAL G 205 -47.43 -9.40 8.35
C VAL G 205 -46.97 -9.18 9.77
N THR G 206 -47.57 -8.21 10.44
CA THR G 206 -47.27 -7.91 11.84
C THR G 206 -48.48 -8.19 12.75
N LYS G 207 -48.25 -9.02 13.78
CA LYS G 207 -49.24 -9.33 14.85
C LYS G 207 -48.70 -8.83 16.19
N SER G 208 -49.54 -8.15 16.96
CA SER G 208 -49.10 -7.61 18.25
C SER G 208 -50.18 -7.59 19.30
N PHE G 209 -49.80 -7.26 20.54
CA PHE G 209 -50.75 -7.00 21.63
C PHE G 209 -50.16 -5.96 22.60
N ASN G 210 -51.04 -5.37 23.41
CA ASN G 210 -50.60 -4.39 24.40
C ASN G 210 -50.67 -4.96 25.81
N ARG G 211 -49.53 -5.01 26.51
CA ARG G 211 -49.46 -5.56 27.87
C ARG G 211 -50.63 -5.06 28.69
N GLY G 212 -51.45 -5.98 29.20
CA GLY G 212 -52.59 -5.65 30.06
C GLY G 212 -53.93 -5.35 29.39
N ALA G 213 -53.97 -5.44 28.06
CA ALA G 213 -55.19 -5.16 27.30
C ALA G 213 -55.82 -6.41 26.69
N GLN H 1 -28.99 -62.18 8.70
CA GLN H 1 -28.95 -63.07 9.89
C GLN H 1 -27.98 -62.46 10.90
N VAL H 2 -27.12 -61.60 10.38
CA VAL H 2 -26.20 -60.83 11.17
C VAL H 2 -27.06 -59.75 11.83
N GLN H 3 -26.82 -59.48 13.11
CA GLN H 3 -27.49 -58.37 13.80
C GLN H 3 -26.53 -57.74 14.78
N LEU H 4 -26.67 -56.44 14.96
CA LEU H 4 -25.79 -55.66 15.83
C LEU H 4 -26.62 -54.83 16.79
N GLN H 5 -26.24 -54.83 18.06
CA GLN H 5 -27.00 -54.07 19.04
C GLN H 5 -26.11 -53.30 20.01
N GLU H 6 -26.12 -51.98 19.85
CA GLU H 6 -25.47 -51.06 20.77
C GLU H 6 -26.10 -51.10 22.16
N SER H 7 -25.30 -50.77 23.17
CA SER H 7 -25.78 -50.53 24.54
C SER H 7 -24.78 -49.78 25.45
N GLY H 8 -25.32 -49.17 26.50
CA GLY H 8 -24.54 -48.33 27.38
C GLY H 8 -25.36 -47.13 27.86
N PRO H 9 -24.85 -46.42 28.87
CA PRO H 9 -25.47 -45.21 29.40
C PRO H 9 -25.69 -44.13 28.32
N GLY H 10 -26.78 -43.38 28.44
CA GLY H 10 -27.11 -42.33 27.50
C GLY H 10 -26.84 -40.93 28.03
N LEU H 11 -26.22 -40.87 29.21
CA LEU H 11 -25.88 -39.62 29.88
C LEU H 11 -24.47 -39.69 30.50
N VAL H 12 -23.60 -38.76 30.08
CA VAL H 12 -22.25 -38.68 30.61
C VAL H 12 -21.96 -37.23 31.00
N LYS H 13 -21.28 -37.02 32.13
CA LYS H 13 -20.94 -35.66 32.59
C LYS H 13 -19.74 -35.12 31.82
N PRO H 14 -19.76 -33.80 31.48
CA PRO H 14 -18.63 -33.22 30.79
C PRO H 14 -17.32 -33.52 31.51
N SER H 15 -16.38 -34.10 30.75
CA SER H 15 -14.97 -34.32 31.16
C SER H 15 -14.70 -35.75 31.64
N GLN H 16 -15.74 -36.56 31.68
CA GLN H 16 -15.63 -37.99 32.03
C GLN H 16 -15.49 -38.85 30.77
N THR H 17 -15.63 -40.17 30.95
CA THR H 17 -15.48 -41.17 29.88
C THR H 17 -16.83 -41.72 29.39
N LEU H 18 -16.95 -41.88 28.08
CA LEU H 18 -18.09 -42.52 27.43
C LEU H 18 -17.73 -43.95 27.09
N SER H 19 -18.62 -44.90 27.40
CA SER H 19 -18.42 -46.29 27.02
C SER H 19 -19.66 -46.91 26.41
N LEU H 20 -19.47 -47.64 25.32
CA LEU H 20 -20.54 -48.43 24.74
C LEU H 20 -19.99 -49.76 24.27
N THR H 21 -20.87 -50.75 24.17
CA THR H 21 -20.56 -52.09 23.68
C THR H 21 -21.49 -52.45 22.49
N CYS H 22 -20.99 -53.23 21.54
CA CYS H 22 -21.81 -53.79 20.44
C CYS H 22 -21.84 -55.33 20.51
N THR H 23 -23.05 -55.88 20.69
CA THR H 23 -23.27 -57.34 20.74
C THR H 23 -23.60 -57.93 19.36
N VAL H 24 -22.65 -58.66 18.77
CA VAL H 24 -22.86 -59.33 17.47
C VAL H 24 -23.54 -60.69 17.58
N SER H 25 -24.42 -60.96 16.63
CA SER H 25 -25.24 -62.17 16.65
C SER H 25 -25.36 -62.82 15.25
N GLY H 26 -25.45 -64.15 15.24
CA GLY H 26 -25.54 -64.92 14.01
C GLY H 26 -24.25 -64.96 13.19
N GLY H 27 -23.10 -65.16 13.86
CA GLY H 27 -21.79 -65.20 13.19
C GLY H 27 -20.67 -64.69 14.09
N SER H 28 -19.50 -65.32 13.98
CA SER H 28 -18.39 -65.05 14.90
C SER H 28 -17.62 -63.74 14.65
N ILE H 29 -17.30 -63.06 15.77
CA ILE H 29 -16.54 -61.81 15.78
C ILE H 29 -15.05 -62.09 15.54
N SER H 30 -14.67 -63.37 15.56
CA SER H 30 -13.27 -63.77 15.45
C SER H 30 -12.92 -64.23 14.05
N SER H 31 -13.37 -63.48 13.03
CA SER H 31 -13.14 -63.81 11.62
C SER H 31 -12.38 -62.68 10.93
N GLY H 32 -11.37 -63.05 10.14
CA GLY H 32 -10.60 -62.09 9.39
C GLY H 32 -11.26 -61.48 8.17
N ASP H 33 -12.55 -61.81 7.99
CA ASP H 33 -13.38 -61.31 6.88
C ASP H 33 -14.02 -59.95 7.16
N TYR H 34 -13.95 -59.48 8.40
CA TYR H 34 -14.69 -58.27 8.76
C TYR H 34 -13.87 -57.22 9.47
N TYR H 35 -14.27 -55.95 9.32
CA TYR H 35 -13.83 -54.89 10.24
C TYR H 35 -15.02 -54.51 11.09
N TRP H 36 -14.83 -54.36 12.40
CA TRP H 36 -15.91 -53.98 13.28
C TRP H 36 -15.82 -52.50 13.65
N SER H 37 -16.77 -51.69 13.15
CA SER H 37 -16.60 -50.23 13.12
C SER H 37 -17.55 -49.41 14.00
N TRP H 38 -17.18 -48.17 14.28
CA TRP H 38 -18.08 -47.23 14.93
C TRP H 38 -18.20 -45.94 14.13
N ILE H 39 -19.43 -45.41 14.02
CA ILE H 39 -19.72 -44.15 13.35
C ILE H 39 -20.63 -43.33 14.24
N ARG H 40 -20.54 -42.00 14.14
CA ARG H 40 -21.47 -41.10 14.88
C ARG H 40 -22.18 -39.96 14.08
N GLN H 41 -23.33 -39.52 14.61
CA GLN H 41 -24.19 -38.53 13.96
C GLN H 41 -24.81 -37.60 15.00
N PRO H 42 -24.26 -36.38 15.17
CA PRO H 42 -24.93 -35.45 16.11
C PRO H 42 -26.29 -34.97 15.57
N PRO H 43 -27.29 -34.79 16.46
CA PRO H 43 -28.68 -34.44 16.05
C PRO H 43 -28.82 -33.34 15.00
N GLY H 44 -29.35 -33.71 13.85
CA GLY H 44 -29.54 -32.75 12.76
C GLY H 44 -28.24 -32.45 12.04
N LYS H 45 -27.28 -33.37 12.09
CA LYS H 45 -26.02 -33.19 11.39
C LYS H 45 -25.61 -34.40 10.54
N GLY H 46 -24.33 -34.42 10.16
CA GLY H 46 -23.80 -35.44 9.26
C GLY H 46 -23.20 -36.64 9.97
N LEU H 47 -22.58 -37.54 9.19
CA LEU H 47 -21.96 -38.77 9.71
C LEU H 47 -20.46 -38.58 9.84
N GLU H 48 -19.92 -39.10 10.93
CA GLU H 48 -18.49 -39.08 11.16
C GLU H 48 -17.97 -40.48 11.55
N TRP H 49 -17.00 -40.94 10.78
CA TRP H 49 -16.29 -42.17 11.07
C TRP H 49 -15.34 -41.99 12.27
N ILE H 50 -15.42 -42.93 13.22
CA ILE H 50 -14.59 -42.94 14.42
C ILE H 50 -13.38 -43.89 14.29
N GLY H 51 -13.64 -45.16 13.97
CA GLY H 51 -12.57 -46.13 13.66
C GLY H 51 -13.02 -47.59 13.56
N TYR H 52 -12.06 -48.50 13.40
CA TYR H 52 -12.33 -49.94 13.41
C TYR H 52 -11.29 -50.75 14.23
N ILE H 53 -11.67 -51.99 14.55
CA ILE H 53 -10.80 -53.02 15.15
C ILE H 53 -10.90 -54.30 14.32
N TYR H 54 -9.79 -55.05 14.25
CA TYR H 54 -9.65 -56.29 13.50
C TYR H 54 -9.23 -57.41 14.46
N TYR H 55 -9.59 -58.66 14.15
CA TYR H 55 -9.27 -59.81 15.02
C TYR H 55 -7.78 -60.00 15.29
N SER H 56 -6.93 -59.49 14.41
CA SER H 56 -5.50 -59.48 14.64
C SER H 56 -5.08 -58.59 15.79
N GLY H 57 -5.99 -57.78 16.32
CA GLY H 57 -5.61 -56.73 17.29
C GLY H 57 -5.29 -55.36 16.72
N SER H 58 -5.08 -55.29 15.39
CA SER H 58 -4.88 -54.00 14.66
C SER H 58 -6.10 -53.09 14.79
N THR H 59 -5.86 -51.78 14.90
CA THR H 59 -6.92 -50.79 14.90
C THR H 59 -6.52 -49.62 13.99
N ASP H 60 -7.49 -48.80 13.59
CA ASP H 60 -7.27 -47.47 13.01
C ASP H 60 -8.31 -46.48 13.55
N TYR H 61 -7.88 -45.26 13.87
CA TYR H 61 -8.78 -44.24 14.44
C TYR H 61 -8.82 -42.93 13.61
N ASN H 62 -9.96 -42.24 13.66
CA ASN H 62 -10.01 -40.89 13.08
C ASN H 62 -9.14 -39.91 13.89
N PRO H 63 -8.14 -39.30 13.23
CA PRO H 63 -7.31 -38.29 13.86
C PRO H 63 -8.14 -37.16 14.46
N SER H 64 -9.31 -36.88 13.87
CA SER H 64 -10.17 -35.81 14.33
C SER H 64 -10.49 -35.89 15.81
N LEU H 65 -10.34 -37.07 16.40
CA LEU H 65 -10.67 -37.31 17.80
C LEU H 65 -9.50 -37.10 18.77
N LYS H 66 -8.31 -36.81 18.21
CA LYS H 66 -7.17 -36.34 19.00
C LYS H 66 -6.66 -37.34 20.06
N SER H 67 -6.76 -38.63 19.75
CA SER H 67 -6.26 -39.75 20.59
C SER H 67 -7.14 -39.96 21.80
N ARG H 68 -8.38 -39.51 21.72
CA ARG H 68 -9.33 -39.68 22.81
C ARG H 68 -10.05 -41.03 22.76
N VAL H 69 -9.85 -41.79 21.67
CA VAL H 69 -10.59 -43.04 21.45
C VAL H 69 -9.78 -44.30 21.62
N THR H 70 -10.50 -45.38 21.93
CA THR H 70 -9.96 -46.69 22.25
C THR H 70 -11.06 -47.72 21.89
N MET H 71 -10.67 -48.86 21.31
CA MET H 71 -11.60 -49.96 21.02
C MET H 71 -11.03 -51.30 21.45
N SER H 72 -11.89 -52.23 21.77
CA SER H 72 -11.42 -53.56 22.20
C SER H 72 -12.41 -54.65 21.78
N VAL H 73 -12.06 -55.89 22.09
CA VAL H 73 -12.86 -57.04 21.68
C VAL H 73 -12.95 -58.02 22.85
N ASP H 74 -14.11 -58.66 23.00
CA ASP H 74 -14.28 -59.71 23.99
C ASP H 74 -14.94 -60.91 23.26
N THR H 75 -14.08 -61.78 22.74
CA THR H 75 -14.48 -62.98 22.00
C THR H 75 -15.42 -63.88 22.80
N SER H 76 -15.28 -63.85 24.11
CA SER H 76 -16.12 -64.61 25.02
C SER H 76 -17.61 -64.32 24.72
N LYS H 77 -18.01 -63.07 24.90
CA LYS H 77 -19.40 -62.63 24.75
C LYS H 77 -19.74 -62.14 23.34
N ASN H 78 -18.81 -62.29 22.39
CA ASN H 78 -19.02 -61.86 21.00
C ASN H 78 -19.39 -60.34 20.96
N GLN H 79 -18.48 -59.52 21.49
CA GLN H 79 -18.70 -58.08 21.65
C GLN H 79 -17.44 -57.28 21.34
N PHE H 80 -17.64 -56.09 20.78
CA PHE H 80 -16.60 -55.07 20.68
C PHE H 80 -17.06 -53.75 21.30
N SER H 81 -16.10 -52.86 21.57
CA SER H 81 -16.33 -51.73 22.47
C SER H 81 -15.69 -50.40 22.09
N LEU H 82 -16.14 -49.34 22.74
CA LEU H 82 -15.61 -48.02 22.44
C LEU H 82 -15.51 -47.20 23.72
N LYS H 83 -14.36 -46.55 23.90
CA LYS H 83 -14.19 -45.62 25.00
C LYS H 83 -13.72 -44.27 24.46
N VAL H 84 -14.47 -43.21 24.79
CA VAL H 84 -14.05 -41.84 24.44
C VAL H 84 -13.90 -40.99 25.69
N ASN H 85 -12.70 -40.47 25.95
CA ASN H 85 -12.47 -39.73 27.18
C ASN H 85 -12.52 -38.23 26.96
N SER H 86 -12.56 -37.47 28.07
CA SER H 86 -12.68 -36.01 28.06
C SER H 86 -13.74 -35.45 27.07
N VAL H 87 -14.97 -35.94 27.21
CA VAL H 87 -16.05 -35.56 26.33
C VAL H 87 -16.57 -34.17 26.69
N THR H 88 -17.11 -33.46 25.70
CA THR H 88 -17.81 -32.18 25.87
C THR H 88 -19.13 -32.28 25.10
N ALA H 89 -19.93 -31.22 25.13
CA ALA H 89 -21.17 -31.11 24.33
C ALA H 89 -20.97 -31.55 22.87
N ALA H 90 -19.79 -31.26 22.33
CA ALA H 90 -19.45 -31.64 20.94
C ALA H 90 -19.50 -33.17 20.64
N ASP H 91 -19.51 -34.00 21.69
CA ASP H 91 -19.56 -35.46 21.58
C ASP H 91 -20.99 -36.04 21.71
N THR H 92 -21.98 -35.18 21.98
CA THR H 92 -23.40 -35.58 22.00
C THR H 92 -23.85 -36.08 20.63
N ALA H 93 -24.28 -37.35 20.54
CA ALA H 93 -24.57 -37.99 19.24
C ALA H 93 -25.31 -39.32 19.33
N VAL H 94 -25.82 -39.76 18.18
CA VAL H 94 -26.34 -41.11 18.02
C VAL H 94 -25.12 -41.90 17.57
N TYR H 95 -24.73 -42.90 18.36
CA TYR H 95 -23.59 -43.75 18.02
C TYR H 95 -24.04 -45.04 17.34
N TYR H 96 -23.45 -45.33 16.17
CA TYR H 96 -23.63 -46.60 15.49
C TYR H 96 -22.38 -47.48 15.54
N CYS H 97 -22.61 -48.78 15.77
CA CYS H 97 -21.63 -49.83 15.45
C CYS H 97 -22.01 -50.35 14.08
N ALA H 98 -21.05 -50.91 13.35
CA ALA H 98 -21.26 -51.38 11.96
C ALA H 98 -20.24 -52.42 11.47
N ARG H 99 -20.60 -53.13 10.41
CA ARG H 99 -19.76 -54.17 9.80
C ARG H 99 -19.23 -53.79 8.42
N VAL H 100 -17.94 -54.04 8.18
CA VAL H 100 -17.38 -54.12 6.81
C VAL H 100 -17.00 -55.57 6.45
N SER H 101 -17.61 -56.09 5.42
CA SER H 101 -17.21 -57.34 4.83
C SER H 101 -16.09 -57.10 3.82
N ILE H 102 -14.83 -57.29 4.24
CA ILE H 102 -13.64 -56.95 3.43
C ILE H 102 -13.57 -57.62 2.04
N PHE H 103 -14.00 -58.89 1.94
CA PHE H 103 -13.88 -59.63 0.68
C PHE H 103 -15.16 -59.58 -0.15
N GLY H 104 -16.15 -58.85 0.36
CA GLY H 104 -17.47 -58.75 -0.28
C GLY H 104 -17.71 -57.38 -0.85
N VAL H 105 -18.84 -56.77 -0.52
CA VAL H 105 -19.15 -55.43 -1.06
C VAL H 105 -18.11 -54.40 -0.63
N GLY H 106 -17.51 -54.62 0.54
CA GLY H 106 -16.32 -53.90 0.96
C GLY H 106 -16.59 -52.55 1.57
N THR H 107 -17.86 -52.27 1.83
CA THR H 107 -18.28 -51.03 2.48
C THR H 107 -19.28 -51.42 3.60
N PHE H 108 -19.70 -50.48 4.46
CA PHE H 108 -20.59 -50.81 5.60
C PHE H 108 -21.90 -51.41 5.13
N ASP H 109 -22.24 -52.62 5.59
CA ASP H 109 -23.52 -53.25 5.22
C ASP H 109 -24.52 -53.50 6.37
N TYR H 110 -24.11 -54.13 7.45
CA TYR H 110 -25.04 -54.29 8.56
C TYR H 110 -24.80 -53.20 9.61
N TRP H 111 -25.87 -52.51 10.02
CA TRP H 111 -25.80 -51.47 11.07
C TRP H 111 -26.63 -51.89 12.32
N GLY H 112 -26.31 -51.31 13.48
CA GLY H 112 -27.16 -51.45 14.68
C GLY H 112 -28.32 -50.47 14.62
N GLN H 113 -29.15 -50.44 15.66
CA GLN H 113 -30.26 -49.47 15.73
C GLN H 113 -29.82 -48.04 16.05
N GLY H 114 -28.67 -47.89 16.71
CA GLY H 114 -28.17 -46.58 17.09
C GLY H 114 -28.56 -46.25 18.52
N THR H 115 -27.70 -45.51 19.22
CA THR H 115 -27.95 -45.18 20.63
C THR H 115 -27.55 -43.74 20.94
N LEU H 116 -28.48 -42.98 21.52
CA LEU H 116 -28.22 -41.58 21.82
C LEU H 116 -27.38 -41.36 23.09
N VAL H 117 -26.17 -40.81 22.95
CA VAL H 117 -25.43 -40.36 24.14
C VAL H 117 -25.41 -38.83 24.23
N THR H 118 -25.99 -38.30 25.32
CA THR H 118 -26.05 -36.83 25.55
C THR H 118 -25.07 -36.38 26.64
N VAL H 119 -24.13 -35.50 26.28
CA VAL H 119 -23.14 -35.00 27.25
C VAL H 119 -23.62 -33.72 27.90
N SER H 120 -23.81 -33.75 29.22
CA SER H 120 -24.31 -32.59 29.98
C SER H 120 -24.13 -32.70 31.51
N SER H 121 -24.01 -31.57 32.19
CA SER H 121 -23.89 -31.57 33.66
C SER H 121 -25.20 -31.22 34.40
N ALA H 122 -26.31 -31.09 33.68
CA ALA H 122 -27.60 -30.75 34.31
C ALA H 122 -28.22 -31.92 35.07
N SER H 123 -29.06 -31.60 36.05
CA SER H 123 -29.74 -32.58 36.88
C SER H 123 -31.21 -32.67 36.49
N THR H 124 -31.85 -33.75 36.91
CA THR H 124 -33.27 -33.98 36.67
C THR H 124 -34.16 -32.86 37.23
N LYS H 125 -35.00 -32.29 36.37
CA LYS H 125 -36.02 -31.34 36.79
C LYS H 125 -37.27 -31.60 35.98
N GLY H 126 -38.43 -31.51 36.63
CA GLY H 126 -39.72 -31.60 35.94
C GLY H 126 -40.10 -30.26 35.33
N PRO H 127 -40.92 -30.28 34.26
CA PRO H 127 -41.34 -29.04 33.61
C PRO H 127 -42.51 -28.39 34.36
N SER H 128 -42.67 -27.08 34.14
CA SER H 128 -43.93 -26.42 34.45
C SER H 128 -44.65 -26.23 33.11
N VAL H 129 -45.97 -26.31 33.14
CA VAL H 129 -46.81 -26.24 31.93
C VAL H 129 -47.66 -24.96 31.94
N PHE H 130 -47.37 -24.08 30.98
CA PHE H 130 -48.00 -22.75 30.85
C PHE H 130 -48.96 -22.62 29.67
N PRO H 131 -50.10 -21.93 29.85
CA PRO H 131 -51.08 -21.77 28.77
C PRO H 131 -50.69 -20.75 27.70
N LEU H 132 -51.03 -21.07 26.45
CA LEU H 132 -51.00 -20.16 25.28
C LEU H 132 -52.46 -19.92 24.89
N ALA H 133 -52.94 -18.69 25.09
CA ALA H 133 -54.37 -18.35 25.06
C ALA H 133 -54.82 -17.58 23.80
N PRO H 134 -56.02 -17.91 23.27
CA PRO H 134 -56.51 -17.36 21.99
C PRO H 134 -57.23 -16.02 22.13
N SER H 135 -57.89 -15.61 21.04
CA SER H 135 -58.83 -14.45 20.98
C SER H 135 -58.16 -13.07 21.00
N GLY H 142 -61.95 -16.45 11.63
CA GLY H 142 -62.72 -17.70 11.57
C GLY H 142 -61.97 -18.95 12.01
N THR H 143 -60.68 -18.80 12.34
CA THR H 143 -59.87 -19.89 12.87
C THR H 143 -59.02 -19.34 14.00
N ALA H 144 -58.95 -20.10 15.10
CA ALA H 144 -58.17 -19.67 16.27
C ALA H 144 -57.04 -20.65 16.61
N ALA H 145 -55.91 -20.11 17.10
CA ALA H 145 -54.80 -20.91 17.64
C ALA H 145 -54.65 -20.75 19.16
N LEU H 146 -54.35 -21.85 19.82
CA LEU H 146 -53.96 -21.90 21.26
C LEU H 146 -53.11 -23.14 21.56
N GLY H 147 -52.42 -23.13 22.70
CA GLY H 147 -51.63 -24.28 23.09
C GLY H 147 -51.03 -24.17 24.47
N CYS H 148 -49.96 -24.93 24.71
CA CYS H 148 -49.22 -24.82 25.97
C CYS H 148 -47.69 -25.00 25.78
N LEU H 149 -46.93 -24.28 26.61
CA LEU H 149 -45.48 -24.27 26.51
C LEU H 149 -44.90 -25.11 27.63
N VAL H 150 -44.12 -26.11 27.27
CA VAL H 150 -43.51 -26.98 28.28
C VAL H 150 -42.06 -26.55 28.57
N LYS H 151 -41.87 -25.91 29.72
CA LYS H 151 -40.64 -25.14 30.01
C LYS H 151 -39.71 -25.69 31.11
N ASP H 152 -38.40 -25.59 30.84
CA ASP H 152 -37.32 -25.94 31.78
C ASP H 152 -37.36 -27.35 32.34
N TYR H 153 -37.15 -28.33 31.47
CA TYR H 153 -37.07 -29.73 31.88
C TYR H 153 -35.77 -30.43 31.43
N PHE H 154 -35.44 -31.52 32.14
CA PHE H 154 -34.30 -32.38 31.82
C PHE H 154 -34.48 -33.73 32.54
N PRO H 155 -34.13 -34.84 31.88
CA PRO H 155 -33.64 -35.00 30.52
C PRO H 155 -34.75 -35.06 29.46
N GLU H 156 -34.32 -35.39 28.24
CA GLU H 156 -34.93 -34.99 26.98
C GLU H 156 -36.32 -35.45 26.48
N PRO H 157 -36.83 -36.62 26.92
CA PRO H 157 -38.16 -36.88 26.34
C PRO H 157 -39.35 -36.33 27.17
N VAL H 158 -40.23 -35.56 26.52
CA VAL H 158 -41.61 -35.34 27.03
C VAL H 158 -42.67 -35.93 26.09
N THR H 159 -43.92 -36.06 26.55
CA THR H 159 -45.03 -36.38 25.63
C THR H 159 -46.21 -35.45 25.82
N VAL H 160 -46.76 -35.01 24.69
CA VAL H 160 -47.89 -34.11 24.71
C VAL H 160 -49.06 -34.70 23.91
N SER H 161 -50.24 -34.66 24.52
CA SER H 161 -51.49 -35.06 23.88
C SER H 161 -52.56 -34.03 24.22
N TRP H 162 -53.65 -34.02 23.44
CA TRP H 162 -54.71 -33.04 23.66
C TRP H 162 -56.07 -33.64 24.01
N ASN H 163 -56.72 -33.02 24.99
CA ASN H 163 -57.99 -33.48 25.55
C ASN H 163 -57.90 -34.92 26.10
N SER H 164 -57.24 -35.79 25.35
CA SER H 164 -56.83 -37.12 25.77
C SER H 164 -56.38 -37.97 24.58
N GLY H 165 -56.22 -37.33 23.43
CA GLY H 165 -56.09 -38.04 22.16
C GLY H 165 -57.44 -37.99 21.48
N ALA H 166 -58.36 -37.25 22.10
CA ALA H 166 -59.67 -36.96 21.53
C ALA H 166 -59.62 -35.93 20.38
N LEU H 167 -58.56 -35.13 20.34
CA LEU H 167 -58.36 -34.13 19.28
C LEU H 167 -56.93 -34.23 18.76
N THR H 168 -56.77 -34.67 17.50
CA THR H 168 -55.45 -34.86 16.88
C THR H 168 -55.24 -34.01 15.63
N SER H 169 -56.35 -33.65 14.99
CA SER H 169 -56.34 -32.82 13.78
C SER H 169 -55.87 -31.40 14.06
N GLY H 170 -54.83 -30.97 13.34
CA GLY H 170 -54.29 -29.62 13.49
C GLY H 170 -53.29 -29.41 14.62
N VAL H 171 -52.77 -30.49 15.19
CA VAL H 171 -51.78 -30.41 16.25
C VAL H 171 -50.37 -30.42 15.66
N HIS H 172 -49.56 -29.41 16.02
CA HIS H 172 -48.14 -29.45 15.73
C HIS H 172 -47.38 -29.45 17.07
N THR H 173 -46.59 -30.50 17.29
CA THR H 173 -45.69 -30.55 18.46
C THR H 173 -44.23 -30.36 18.02
N PHE H 174 -43.64 -29.25 18.44
CA PHE H 174 -42.34 -28.79 17.93
C PHE H 174 -41.15 -29.48 18.59
N PRO H 175 -40.01 -29.60 17.89
CA PRO H 175 -38.83 -30.16 18.55
C PRO H 175 -38.38 -29.25 19.69
N ALA H 176 -37.88 -29.83 20.79
CA ALA H 176 -37.39 -29.06 21.93
C ALA H 176 -36.19 -28.21 21.54
N VAL H 177 -35.98 -27.12 22.29
CA VAL H 177 -34.76 -26.34 22.13
C VAL H 177 -33.99 -26.33 23.45
N LEU H 178 -32.66 -26.40 23.33
CA LEU H 178 -31.80 -26.33 24.49
C LEU H 178 -31.51 -24.87 24.80
N GLN H 179 -31.78 -24.48 26.04
CA GLN H 179 -31.44 -23.13 26.49
C GLN H 179 -30.02 -23.08 27.12
N SER H 180 -29.58 -21.86 27.38
CA SER H 180 -28.27 -21.61 27.97
C SER H 180 -28.18 -22.10 29.40
N SER H 181 -29.34 -22.19 30.07
CA SER H 181 -29.45 -22.75 31.42
C SER H 181 -29.22 -24.27 31.45
N GLY H 182 -29.13 -24.89 30.27
CA GLY H 182 -28.90 -26.33 30.17
C GLY H 182 -30.18 -27.15 30.27
N LEU H 183 -31.32 -26.46 30.31
CA LEU H 183 -32.63 -27.11 30.34
C LEU H 183 -33.37 -26.95 29.02
N TYR H 184 -34.28 -27.88 28.74
CA TYR H 184 -35.06 -27.88 27.50
C TYR H 184 -36.38 -27.16 27.69
N SER H 185 -36.92 -26.65 26.60
CA SER H 185 -38.31 -26.23 26.58
C SER H 185 -38.90 -26.56 25.23
N LEU H 186 -40.22 -26.62 25.18
CA LEU H 186 -40.93 -27.13 24.02
C LEU H 186 -42.34 -26.51 23.98
N SER H 187 -42.92 -26.39 22.80
CA SER H 187 -44.31 -25.94 22.62
C SER H 187 -45.15 -26.88 21.76
N SER H 188 -46.41 -27.03 22.15
CA SER H 188 -47.41 -27.75 21.34
C SER H 188 -48.61 -26.84 21.01
N VAL H 189 -49.06 -26.87 19.75
CA VAL H 189 -50.15 -25.97 19.32
C VAL H 189 -51.33 -26.71 18.63
N VAL H 190 -52.54 -26.19 18.83
CA VAL H 190 -53.69 -26.56 17.99
C VAL H 190 -54.39 -25.35 17.39
N THR H 191 -54.75 -25.48 16.10
CA THR H 191 -55.69 -24.57 15.46
C THR H 191 -57.09 -25.18 15.46
N VAL H 192 -58.07 -24.41 15.94
CA VAL H 192 -59.48 -24.80 15.91
C VAL H 192 -60.34 -23.64 15.38
N PRO H 193 -61.65 -23.89 15.10
CA PRO H 193 -62.56 -22.81 14.73
C PRO H 193 -62.84 -21.82 15.87
N SER H 194 -62.70 -20.53 15.57
CA SER H 194 -63.04 -19.45 16.52
C SER H 194 -64.43 -19.60 17.20
N SER H 195 -65.36 -20.28 16.52
CA SER H 195 -66.69 -20.56 17.09
C SER H 195 -66.71 -21.85 17.93
N SER H 196 -65.60 -22.12 18.62
CA SER H 196 -65.50 -23.29 19.50
C SER H 196 -65.01 -22.92 20.89
N LEU H 197 -64.28 -21.81 20.98
CA LEU H 197 -63.92 -21.21 22.25
C LEU H 197 -65.21 -20.73 22.90
N GLY H 198 -65.37 -21.04 24.19
CA GLY H 198 -66.65 -20.80 24.87
C GLY H 198 -67.53 -22.03 24.90
N THR H 199 -67.71 -22.66 23.74
CA THR H 199 -68.49 -23.91 23.60
C THR H 199 -67.68 -25.12 24.05
N GLN H 200 -66.43 -25.18 23.62
CA GLN H 200 -65.57 -26.33 23.89
C GLN H 200 -64.48 -25.97 24.91
N THR H 201 -64.03 -26.97 25.68
CA THR H 201 -62.84 -26.83 26.53
C THR H 201 -61.66 -27.63 25.98
N TYR H 202 -60.44 -27.09 26.14
CA TYR H 202 -59.25 -27.72 25.58
C TYR H 202 -58.17 -27.92 26.64
N ILE H 203 -57.78 -29.17 26.87
CA ILE H 203 -56.81 -29.51 27.90
C ILE H 203 -55.57 -30.27 27.38
N CYS H 204 -54.40 -29.65 27.45
CA CYS H 204 -53.17 -30.35 27.08
C CYS H 204 -52.68 -31.26 28.20
N ASN H 205 -52.42 -32.51 27.85
CA ASN H 205 -51.92 -33.51 28.79
C ASN H 205 -50.44 -33.76 28.55
N VAL H 206 -49.63 -33.45 29.56
CA VAL H 206 -48.19 -33.42 29.42
C VAL H 206 -47.60 -34.44 30.39
N ASN H 207 -46.70 -35.28 29.86
CA ASN H 207 -46.00 -36.30 30.67
C ASN H 207 -44.47 -36.29 30.48
N HIS H 208 -43.76 -36.26 31.62
CA HIS H 208 -42.29 -36.33 31.70
C HIS H 208 -41.93 -37.36 32.78
N LYS H 209 -41.52 -38.55 32.33
CA LYS H 209 -41.36 -39.71 33.21
C LYS H 209 -40.22 -39.64 34.27
N PRO H 210 -39.02 -39.14 33.89
CA PRO H 210 -37.91 -39.04 34.86
C PRO H 210 -38.19 -38.29 36.19
N SER H 211 -39.10 -37.33 36.17
CA SER H 211 -39.42 -36.56 37.38
C SER H 211 -40.76 -36.96 38.03
N ASN H 212 -41.38 -38.03 37.50
CA ASN H 212 -42.73 -38.48 37.90
C ASN H 212 -43.80 -37.38 37.85
N THR H 213 -43.77 -36.57 36.81
CA THR H 213 -44.74 -35.48 36.70
C THR H 213 -45.61 -35.64 35.45
N LYS H 214 -46.90 -35.89 35.67
CA LYS H 214 -47.89 -35.93 34.62
C LYS H 214 -48.88 -34.81 34.92
N VAL H 215 -49.04 -33.87 33.98
CA VAL H 215 -49.93 -32.71 34.18
C VAL H 215 -51.00 -32.57 33.09
N ASP H 216 -52.18 -32.12 33.50
CA ASP H 216 -53.26 -31.74 32.59
C ASP H 216 -53.62 -30.28 32.83
N LYS H 217 -53.60 -29.46 31.77
CA LYS H 217 -53.79 -28.01 31.91
C LYS H 217 -54.90 -27.47 31.01
N LYS H 218 -55.85 -26.76 31.62
CA LYS H 218 -56.94 -26.10 30.89
C LYS H 218 -56.49 -24.79 30.20
N VAL H 219 -56.83 -24.65 28.93
CA VAL H 219 -56.35 -23.54 28.09
C VAL H 219 -57.52 -22.78 27.44
N GLU H 220 -57.79 -21.58 27.93
CA GLU H 220 -58.94 -20.79 27.47
C GLU H 220 -58.67 -19.26 27.46
N PRO H 221 -59.61 -18.47 26.91
CA PRO H 221 -59.49 -17.01 26.99
C PRO H 221 -60.18 -16.45 28.25
N GLU I 3 19.84 -75.46 -6.74
CA GLU I 3 18.88 -76.47 -7.32
C GLU I 3 17.42 -76.19 -6.92
N LYS I 4 16.49 -76.52 -7.81
CA LYS I 4 15.06 -76.25 -7.61
C LYS I 4 14.41 -77.35 -6.75
N LYS I 5 13.61 -76.93 -5.76
CA LYS I 5 12.99 -77.83 -4.76
C LYS I 5 11.51 -77.53 -4.63
N VAL I 6 10.69 -78.57 -4.55
CA VAL I 6 9.23 -78.43 -4.60
C VAL I 6 8.59 -78.89 -3.30
N CYS I 7 7.64 -78.09 -2.79
CA CYS I 7 7.04 -78.36 -1.51
C CYS I 7 5.53 -78.14 -1.48
N ASN I 8 4.84 -78.90 -0.64
CA ASN I 8 3.41 -78.75 -0.39
C ASN I 8 3.10 -77.42 0.26
N GLY I 9 1.88 -76.92 0.05
CA GLY I 9 1.41 -75.70 0.72
C GLY I 9 0.63 -75.91 2.01
N ILE I 10 0.29 -74.82 2.68
CA ILE I 10 -0.51 -74.87 3.90
C ILE I 10 -1.92 -75.41 3.61
N GLY I 11 -2.34 -76.42 4.37
CA GLY I 11 -3.69 -76.95 4.25
C GLY I 11 -3.85 -78.15 3.34
N ILE I 12 -2.73 -78.78 2.97
CA ILE I 12 -2.72 -80.01 2.15
C ILE I 12 -1.50 -80.90 2.45
N GLY I 13 -1.64 -82.20 2.16
CA GLY I 13 -0.59 -83.18 2.46
C GLY I 13 -0.30 -83.21 3.96
N GLU I 14 0.97 -83.25 4.32
CA GLU I 14 1.34 -83.28 5.74
C GLU I 14 1.04 -81.95 6.46
N PHE I 15 0.70 -80.92 5.68
CA PHE I 15 0.16 -79.67 6.23
C PHE I 15 -1.36 -79.66 6.16
N LYS I 16 -1.96 -80.83 5.96
CA LYS I 16 -3.41 -80.96 6.14
C LYS I 16 -3.72 -80.62 7.62
N ASP I 17 -4.84 -79.92 7.83
CA ASP I 17 -5.25 -79.50 9.18
C ASP I 17 -4.25 -78.53 9.85
N SER I 18 -3.59 -77.71 9.02
CA SER I 18 -2.76 -76.63 9.53
C SER I 18 -3.40 -75.32 9.13
N LEU I 19 -3.82 -74.55 10.12
CA LEU I 19 -4.42 -73.25 9.88
C LEU I 19 -3.46 -72.24 9.23
N SER I 20 -2.20 -72.20 9.67
CA SER I 20 -1.22 -71.29 9.07
C SER I 20 0.26 -71.67 9.27
N ILE I 21 1.13 -70.99 8.53
CA ILE I 21 2.57 -71.06 8.78
C ILE I 21 2.80 -70.76 10.28
N ASN I 22 3.63 -71.56 10.95
CA ASN I 22 3.83 -71.45 12.40
C ASN I 22 5.17 -72.07 12.85
N ALA I 23 5.52 -71.89 14.14
CA ALA I 23 6.80 -72.38 14.69
C ALA I 23 7.05 -73.90 14.57
N THR I 24 5.99 -74.70 14.48
CA THR I 24 6.15 -76.13 14.30
C THR I 24 6.40 -76.52 12.83
N ASN I 25 5.75 -75.81 11.90
CA ASN I 25 5.82 -76.19 10.48
C ASN I 25 6.89 -75.48 9.65
N ILE I 26 7.32 -74.30 10.08
CA ILE I 26 8.17 -73.43 9.25
C ILE I 26 9.59 -73.95 8.92
N LYS I 27 10.10 -74.89 9.70
CA LYS I 27 11.39 -75.48 9.38
C LYS I 27 11.27 -76.37 8.13
N HIS I 28 10.05 -76.83 7.84
CA HIS I 28 9.84 -77.74 6.74
C HIS I 28 9.75 -76.98 5.42
N PHE I 29 9.95 -75.67 5.48
CA PHE I 29 9.97 -74.88 4.26
C PHE I 29 11.38 -74.48 3.86
N LYS I 30 12.37 -75.00 4.59
CA LYS I 30 13.77 -74.72 4.31
C LYS I 30 14.19 -75.12 2.89
N ASN I 31 14.64 -74.10 2.15
CA ASN I 31 15.10 -74.18 0.76
C ASN I 31 14.02 -74.38 -0.34
N CYS I 32 12.74 -74.39 0.04
CA CYS I 32 11.67 -74.54 -0.93
C CYS I 32 11.63 -73.34 -1.85
N THR I 33 11.62 -73.59 -3.15
CA THR I 33 11.56 -72.52 -4.15
C THR I 33 10.22 -72.49 -4.91
N SER I 34 9.48 -73.59 -4.87
CA SER I 34 8.14 -73.70 -5.47
C SER I 34 7.09 -74.29 -4.50
N ILE I 35 6.10 -73.49 -4.14
CA ILE I 35 5.00 -73.92 -3.29
C ILE I 35 3.85 -74.42 -4.13
N SER I 36 3.55 -75.70 -3.99
CA SER I 36 2.45 -76.35 -4.69
C SER I 36 1.20 -76.35 -3.80
N GLY I 37 0.44 -75.24 -3.85
CA GLY I 37 -0.67 -75.00 -2.92
C GLY I 37 -0.70 -73.54 -2.48
N ASP I 38 -1.17 -73.30 -1.24
CA ASP I 38 -1.45 -71.93 -0.74
C ASP I 38 -0.60 -71.54 0.47
N LEU I 39 -0.43 -70.24 0.67
CA LEU I 39 0.20 -69.72 1.87
C LEU I 39 -0.74 -68.89 2.75
N HIS I 40 -0.81 -69.26 4.02
CA HIS I 40 -1.58 -68.55 5.05
C HIS I 40 -0.63 -68.01 6.13
N ILE I 41 -0.68 -66.71 6.40
CA ILE I 41 -0.02 -66.13 7.60
C ILE I 41 -1.04 -65.39 8.49
N LEU I 42 -1.50 -66.07 9.53
CA LEU I 42 -2.60 -65.60 10.33
C LEU I 42 -2.07 -65.05 11.66
N PRO I 43 -2.93 -64.35 12.45
CA PRO I 43 -2.50 -63.96 13.80
C PRO I 43 -1.99 -65.15 14.60
N VAL I 44 -2.71 -66.28 14.58
CA VAL I 44 -2.38 -67.44 15.45
C VAL I 44 -0.90 -67.82 15.38
N ALA I 45 -0.26 -67.51 14.24
CA ALA I 45 1.18 -67.72 14.04
C ALA I 45 2.04 -67.01 15.08
N PHE I 46 1.76 -65.74 15.35
CA PHE I 46 2.57 -64.96 16.29
C PHE I 46 2.09 -65.04 17.74
N ARG I 47 0.85 -65.47 17.96
CA ARG I 47 0.39 -65.71 19.34
C ARG I 47 0.77 -67.12 19.83
N GLY I 48 0.82 -68.08 18.89
CA GLY I 48 0.94 -69.49 19.22
C GLY I 48 -0.41 -70.07 19.57
N ASP I 49 -0.48 -71.38 19.75
CA ASP I 49 -1.76 -72.06 19.99
C ASP I 49 -1.62 -73.18 21.03
N SER I 50 -2.42 -73.07 22.10
CA SER I 50 -2.43 -74.07 23.17
C SER I 50 -3.03 -75.40 22.71
N PHE I 51 -4.15 -75.33 21.98
CA PHE I 51 -4.83 -76.53 21.54
C PHE I 51 -3.95 -77.42 20.66
N THR I 52 -3.27 -76.82 19.70
CA THR I 52 -2.46 -77.57 18.75
C THR I 52 -0.99 -77.76 19.20
N HIS I 53 -0.69 -77.36 20.44
CA HIS I 53 0.67 -77.28 21.02
C HIS I 53 1.70 -76.57 20.14
N THR I 54 1.33 -75.38 19.67
CA THR I 54 2.20 -74.58 18.84
C THR I 54 2.78 -73.40 19.64
N PRO I 55 4.12 -73.31 19.69
CA PRO I 55 4.76 -72.12 20.28
C PRO I 55 4.55 -70.88 19.39
N PRO I 56 4.64 -69.67 19.97
CA PRO I 56 4.64 -68.47 19.11
C PRO I 56 5.87 -68.43 18.23
N LEU I 57 5.68 -67.92 17.01
CA LEU I 57 6.74 -67.89 16.00
C LEU I 57 7.80 -66.83 16.30
N ASP I 58 9.04 -67.13 15.95
CA ASP I 58 10.10 -66.13 15.99
C ASP I 58 10.03 -65.38 14.67
N PRO I 59 9.73 -64.07 14.69
CA PRO I 59 9.71 -63.23 13.49
C PRO I 59 10.89 -63.45 12.55
N GLN I 60 12.07 -63.77 13.08
CA GLN I 60 13.28 -63.87 12.26
C GLN I 60 13.17 -65.11 11.40
N GLU I 61 12.47 -66.12 11.91
CA GLU I 61 12.26 -67.39 11.19
C GLU I 61 11.49 -67.19 9.87
N LEU I 62 10.72 -66.10 9.76
CA LEU I 62 10.03 -65.77 8.51
C LEU I 62 10.97 -65.57 7.32
N ASP I 63 12.24 -65.29 7.60
CA ASP I 63 13.25 -65.12 6.57
C ASP I 63 13.60 -66.42 5.82
N ILE I 64 13.13 -67.55 6.33
CA ILE I 64 13.28 -68.80 5.61
C ILE I 64 12.57 -68.74 4.24
N LEU I 65 11.47 -67.99 4.15
CA LEU I 65 10.69 -67.89 2.91
C LEU I 65 11.35 -67.08 1.78
N LYS I 66 12.58 -66.60 2.00
CA LYS I 66 13.33 -65.82 1.00
C LYS I 66 13.66 -66.57 -0.29
N THR I 67 13.59 -67.91 -0.27
CA THR I 67 13.93 -68.72 -1.46
C THR I 67 12.73 -69.05 -2.35
N VAL I 68 11.52 -68.77 -1.87
CA VAL I 68 10.29 -69.06 -2.63
C VAL I 68 10.22 -68.15 -3.86
N LYS I 69 10.13 -68.77 -5.04
CA LYS I 69 10.11 -68.02 -6.29
C LYS I 69 8.74 -68.09 -6.95
N GLU I 70 7.96 -69.09 -6.54
CA GLU I 70 6.72 -69.48 -7.21
C GLU I 70 5.72 -69.99 -6.18
N ILE I 71 4.45 -69.59 -6.36
CA ILE I 71 3.32 -70.09 -5.60
C ILE I 71 2.19 -70.34 -6.61
N THR I 72 1.76 -71.60 -6.70
CA THR I 72 0.68 -71.99 -7.64
C THR I 72 -0.73 -71.56 -7.22
N GLY I 73 -0.97 -71.45 -5.91
CA GLY I 73 -2.29 -71.10 -5.39
C GLY I 73 -2.34 -69.65 -4.99
N PHE I 74 -2.68 -69.39 -3.72
CA PHE I 74 -2.69 -68.01 -3.22
C PHE I 74 -1.73 -67.64 -2.04
N LEU I 75 -1.45 -66.34 -1.91
CA LEU I 75 -0.77 -65.76 -0.73
C LEU I 75 -1.74 -64.89 0.12
N LEU I 76 -1.99 -65.29 1.36
CA LEU I 76 -2.86 -64.52 2.24
C LEU I 76 -2.09 -64.08 3.48
N ILE I 77 -1.93 -62.78 3.65
CA ILE I 77 -1.23 -62.24 4.82
C ILE I 77 -2.12 -61.31 5.65
N GLN I 78 -2.48 -61.80 6.85
CA GLN I 78 -3.36 -61.09 7.75
C GLN I 78 -2.72 -60.72 9.12
N ALA I 79 -1.46 -61.10 9.32
CA ALA I 79 -0.65 -60.61 10.46
C ALA I 79 0.82 -60.47 10.08
N TRP I 80 1.51 -59.50 10.69
CA TRP I 80 2.92 -59.22 10.39
C TRP I 80 3.59 -58.53 11.58
N PRO I 81 4.83 -58.94 11.94
CA PRO I 81 5.53 -58.29 13.05
C PRO I 81 5.50 -56.77 12.90
N GLU I 82 4.87 -56.09 13.85
CA GLU I 82 4.65 -54.63 13.80
C GLU I 82 5.90 -53.77 13.45
N ASN I 83 7.07 -54.20 13.89
CA ASN I 83 8.29 -53.47 13.58
C ASN I 83 9.00 -53.90 12.28
N ARG I 84 8.24 -54.52 11.37
CA ARG I 84 8.76 -54.71 10.01
C ARG I 84 8.12 -53.77 9.01
N THR I 85 9.00 -53.16 8.23
CA THR I 85 8.69 -52.02 7.39
C THR I 85 8.12 -52.45 6.04
N ASP I 86 8.45 -53.68 5.62
CA ASP I 86 7.94 -54.29 4.39
C ASP I 86 7.85 -55.81 4.50
N LEU I 87 7.34 -56.45 3.47
CA LEU I 87 7.30 -57.91 3.40
C LEU I 87 8.61 -58.46 2.85
N HIS I 88 9.71 -58.22 3.58
CA HIS I 88 11.08 -58.58 3.13
C HIS I 88 11.21 -60.07 2.76
N ALA I 89 10.55 -60.93 3.51
CA ALA I 89 10.62 -62.36 3.25
C ALA I 89 10.20 -62.74 1.82
N PHE I 90 9.24 -62.03 1.24
CA PHE I 90 8.78 -62.33 -0.12
C PHE I 90 9.47 -61.52 -1.24
N GLU I 91 10.70 -61.06 -0.96
CA GLU I 91 11.44 -60.18 -1.88
C GLU I 91 12.01 -60.89 -3.10
N ASN I 92 12.04 -62.22 -3.07
CA ASN I 92 12.47 -63.01 -4.25
C ASN I 92 11.30 -63.69 -5.02
N LEU I 93 10.07 -63.48 -4.55
CA LEU I 93 8.88 -64.07 -5.18
C LEU I 93 8.61 -63.52 -6.59
N GLU I 94 8.60 -64.41 -7.59
CA GLU I 94 8.49 -63.99 -9.00
C GLU I 94 7.07 -64.11 -9.55
N ILE I 95 6.33 -65.13 -9.11
CA ILE I 95 5.08 -65.55 -9.75
C ILE I 95 4.09 -66.10 -8.73
N ILE I 96 2.85 -65.60 -8.80
CA ILE I 96 1.72 -66.18 -8.10
C ILE I 96 0.69 -66.56 -9.17
N ARG I 97 0.48 -67.87 -9.36
CA ARG I 97 -0.37 -68.36 -10.44
C ARG I 97 -1.88 -68.19 -10.18
N GLY I 98 -2.28 -68.41 -8.93
CA GLY I 98 -3.69 -68.38 -8.52
C GLY I 98 -4.58 -69.48 -9.10
N ARG I 99 -4.06 -70.70 -9.26
CA ARG I 99 -4.88 -71.80 -9.70
C ARG I 99 -5.92 -72.15 -8.63
N THR I 100 -5.63 -71.88 -7.35
CA THR I 100 -6.69 -71.86 -6.32
C THR I 100 -6.77 -70.49 -5.65
N LYS I 101 -7.93 -70.16 -5.08
CA LYS I 101 -8.25 -68.77 -4.71
C LYS I 101 -9.00 -68.59 -3.38
N GLN I 102 -8.58 -67.61 -2.59
CA GLN I 102 -9.23 -67.23 -1.35
C GLN I 102 -10.65 -66.71 -1.63
N HIS I 103 -11.63 -67.24 -0.90
CA HIS I 103 -13.09 -67.11 -1.20
C HIS I 103 -13.45 -67.23 -2.68
N GLY I 104 -12.74 -68.12 -3.38
CA GLY I 104 -12.95 -68.33 -4.82
C GLY I 104 -12.53 -67.20 -5.76
N GLN I 105 -11.92 -66.13 -5.24
CA GLN I 105 -11.67 -64.92 -6.05
C GLN I 105 -10.25 -64.32 -6.09
N PHE I 106 -9.63 -64.13 -4.92
CA PHE I 106 -8.36 -63.39 -4.80
C PHE I 106 -7.13 -64.28 -4.71
N SER I 107 -6.05 -63.87 -5.39
CA SER I 107 -4.76 -64.58 -5.36
C SER I 107 -3.64 -63.88 -4.56
N LEU I 108 -3.89 -62.63 -4.15
CA LEU I 108 -3.06 -61.94 -3.17
C LEU I 108 -3.93 -61.11 -2.23
N ALA I 109 -3.75 -61.31 -0.94
CA ALA I 109 -4.41 -60.48 0.06
C ALA I 109 -3.43 -60.01 1.16
N VAL I 110 -3.47 -58.72 1.45
CA VAL I 110 -2.64 -58.12 2.49
C VAL I 110 -3.52 -57.19 3.33
N VAL I 111 -3.81 -57.59 4.58
CA VAL I 111 -4.86 -56.95 5.40
C VAL I 111 -4.40 -56.40 6.76
N SER I 112 -4.51 -55.08 6.92
CA SER I 112 -4.23 -54.38 8.20
C SER I 112 -2.85 -54.59 8.80
N LEU I 113 -1.81 -54.55 7.99
CA LEU I 113 -0.49 -54.67 8.55
C LEU I 113 0.04 -53.26 8.82
N ASN I 114 1.13 -53.19 9.60
CA ASN I 114 1.78 -51.93 9.97
C ASN I 114 2.86 -51.47 8.97
N ILE I 115 2.95 -52.16 7.82
CA ILE I 115 3.98 -51.84 6.82
C ILE I 115 3.87 -50.41 6.22
N THR I 116 5.01 -49.87 5.79
CA THR I 116 5.03 -48.62 5.05
C THR I 116 5.34 -48.86 3.57
N SER I 117 5.72 -50.09 3.20
CA SER I 117 5.90 -50.48 1.79
C SER I 117 5.70 -51.99 1.65
N LEU I 118 5.34 -52.48 0.46
CA LEU I 118 5.11 -53.93 0.26
C LEU I 118 6.39 -54.74 0.03
N GLY I 119 7.34 -54.18 -0.73
CA GLY I 119 8.65 -54.82 -0.91
C GLY I 119 8.70 -56.05 -1.80
N LEU I 120 7.68 -56.23 -2.63
CA LEU I 120 7.61 -57.37 -3.55
C LEU I 120 8.46 -57.14 -4.82
N ARG I 121 9.76 -57.00 -4.57
CA ARG I 121 10.76 -56.55 -5.56
C ARG I 121 10.89 -57.38 -6.83
N SER I 122 10.70 -58.70 -6.74
CA SER I 122 10.88 -59.64 -7.86
C SER I 122 9.56 -60.03 -8.50
N LEU I 123 8.47 -59.43 -8.04
CA LEU I 123 7.14 -59.83 -8.50
C LEU I 123 6.84 -59.36 -9.93
N LYS I 124 6.77 -60.32 -10.85
CA LYS I 124 6.59 -60.06 -12.27
C LYS I 124 5.24 -60.52 -12.82
N GLU I 125 4.66 -61.58 -12.25
CA GLU I 125 3.45 -62.18 -12.84
C GLU I 125 2.47 -62.68 -11.78
N ILE I 126 1.18 -62.37 -11.98
CA ILE I 126 0.07 -62.96 -11.23
C ILE I 126 -0.92 -63.47 -12.27
N SER I 127 -0.90 -64.78 -12.52
CA SER I 127 -1.56 -65.35 -13.69
C SER I 127 -3.07 -65.26 -13.68
N ASP I 128 -3.68 -65.39 -12.50
CA ASP I 128 -5.14 -65.44 -12.37
C ASP I 128 -5.55 -64.99 -10.97
N GLY I 129 -6.80 -64.51 -10.83
CA GLY I 129 -7.34 -64.09 -9.53
C GLY I 129 -7.12 -62.60 -9.24
N ASP I 130 -7.94 -62.02 -8.37
CA ASP I 130 -7.84 -60.59 -8.08
C ASP I 130 -6.80 -60.28 -6.98
N VAL I 131 -6.46 -59.00 -6.83
CA VAL I 131 -5.54 -58.51 -5.82
C VAL I 131 -6.29 -57.59 -4.84
N ILE I 132 -6.13 -57.85 -3.54
CA ILE I 132 -6.72 -57.00 -2.50
C ILE I 132 -5.72 -56.51 -1.42
N ILE I 133 -5.54 -55.18 -1.35
CA ILE I 133 -4.67 -54.49 -0.39
C ILE I 133 -5.51 -53.58 0.53
N SER I 134 -5.79 -54.04 1.75
CA SER I 134 -6.83 -53.42 2.57
C SER I 134 -6.40 -53.08 4.00
N GLY I 135 -6.70 -51.85 4.43
CA GLY I 135 -6.55 -51.42 5.83
C GLY I 135 -5.15 -51.14 6.35
N ASN I 136 -4.19 -50.96 5.45
CA ASN I 136 -2.80 -50.76 5.86
C ASN I 136 -2.55 -49.25 6.01
N LYS I 137 -2.86 -48.74 7.20
CA LYS I 137 -2.93 -47.30 7.48
C LYS I 137 -1.63 -46.48 7.34
N ASN I 138 -0.51 -47.15 7.13
CA ASN I 138 0.80 -46.48 7.04
C ASN I 138 1.44 -46.76 5.70
N LEU I 139 0.71 -47.50 4.86
CA LEU I 139 1.23 -48.00 3.58
C LEU I 139 1.21 -46.97 2.45
N CYS I 140 2.35 -46.84 1.77
CA CYS I 140 2.55 -45.96 0.63
C CYS I 140 3.05 -46.76 -0.57
N TYR I 141 3.28 -46.07 -1.69
CA TYR I 141 3.89 -46.62 -2.92
C TYR I 141 2.97 -47.53 -3.78
N ALA I 142 1.94 -48.12 -3.18
CA ALA I 142 1.11 -49.15 -3.83
C ALA I 142 0.38 -48.73 -5.11
N ASN I 143 -0.01 -47.46 -5.20
CA ASN I 143 -0.68 -46.96 -6.41
C ASN I 143 0.26 -46.65 -7.57
N THR I 144 1.55 -46.91 -7.39
CA THR I 144 2.53 -46.59 -8.44
C THR I 144 2.70 -47.72 -9.46
N ILE I 145 2.35 -48.94 -9.07
CA ILE I 145 2.60 -50.13 -9.88
C ILE I 145 1.57 -50.19 -10.99
N ASN I 146 2.01 -50.49 -12.22
CA ASN I 146 1.09 -50.79 -13.30
C ASN I 146 0.60 -52.23 -13.17
N TRP I 147 -0.44 -52.42 -12.36
CA TRP I 147 -0.90 -53.75 -11.97
C TRP I 147 -1.35 -54.62 -13.13
N LYS I 148 -1.99 -54.00 -14.14
CA LYS I 148 -2.50 -54.74 -15.31
C LYS I 148 -1.42 -55.43 -16.14
N LYS I 149 -0.17 -54.96 -16.00
CA LYS I 149 0.96 -55.60 -16.70
C LYS I 149 1.27 -56.98 -16.10
N LEU I 150 0.88 -57.20 -14.85
CA LEU I 150 1.16 -58.45 -14.16
C LEU I 150 0.23 -59.60 -14.57
N PHE I 151 -0.95 -59.25 -15.09
CA PHE I 151 -2.03 -60.21 -15.25
C PHE I 151 -1.94 -61.13 -16.48
N GLY I 152 -2.46 -62.34 -16.34
CA GLY I 152 -2.58 -63.30 -17.46
C GLY I 152 -3.99 -63.79 -17.82
N THR I 153 -5.02 -63.21 -17.20
CA THR I 153 -6.41 -63.68 -17.35
C THR I 153 -7.43 -62.53 -17.45
N SER I 154 -8.40 -62.71 -18.34
CA SER I 154 -9.36 -61.68 -18.77
C SER I 154 -9.75 -60.58 -17.79
N GLY I 155 -10.51 -60.91 -16.74
CA GLY I 155 -11.11 -59.87 -15.90
C GLY I 155 -10.48 -59.58 -14.53
N GLN I 156 -9.19 -59.87 -14.39
CA GLN I 156 -8.50 -59.65 -13.11
C GLN I 156 -8.44 -58.17 -12.75
N LYS I 157 -8.49 -57.87 -11.47
CA LYS I 157 -8.30 -56.48 -11.02
C LYS I 157 -7.69 -56.32 -9.62
N THR I 158 -7.43 -55.07 -9.28
CA THR I 158 -6.79 -54.71 -8.03
C THR I 158 -7.75 -53.81 -7.27
N LYS I 159 -7.84 -54.04 -5.97
CA LYS I 159 -8.59 -53.19 -5.09
C LYS I 159 -7.69 -52.66 -3.95
N ILE I 160 -7.36 -51.37 -4.00
CA ILE I 160 -6.54 -50.74 -2.96
C ILE I 160 -7.39 -49.86 -2.08
N ILE I 161 -7.60 -50.30 -0.84
CA ILE I 161 -8.69 -49.77 -0.01
C ILE I 161 -8.28 -49.36 1.38
N SER I 162 -8.61 -48.10 1.72
CA SER I 162 -8.43 -47.53 3.06
C SER I 162 -6.98 -47.56 3.53
N ASN I 163 -6.02 -47.41 2.62
CA ASN I 163 -4.63 -47.26 3.05
C ASN I 163 -4.30 -45.77 3.21
N ARG I 164 -3.07 -45.47 3.59
CA ARG I 164 -2.62 -44.10 3.74
C ARG I 164 -2.89 -43.28 2.46
N GLY I 165 -3.27 -42.02 2.65
CA GLY I 165 -3.53 -41.08 1.55
C GLY I 165 -2.26 -40.70 0.83
N GLU I 166 -2.40 -40.44 -0.46
CA GLU I 166 -1.27 -40.06 -1.33
C GLU I 166 -0.62 -38.76 -0.90
N ASN I 167 -1.45 -37.74 -0.68
CA ASN I 167 -1.05 -36.42 -0.21
C ASN I 167 -0.08 -36.45 0.96
N SER I 168 -0.46 -37.18 2.00
CA SER I 168 0.38 -37.44 3.16
C SER I 168 1.72 -38.12 2.79
N CYS I 169 1.69 -39.13 1.90
CA CYS I 169 2.94 -39.79 1.47
C CYS I 169 3.89 -38.79 0.80
N LYS I 170 3.35 -37.99 -0.12
CA LYS I 170 4.13 -36.97 -0.83
C LYS I 170 4.79 -36.02 0.14
N ALA I 171 4.03 -35.61 1.15
CA ALA I 171 4.51 -34.62 2.11
C ALA I 171 5.70 -35.13 2.89
N THR I 172 5.68 -36.41 3.28
CA THR I 172 6.80 -36.97 4.01
C THR I 172 7.87 -37.48 3.05
N GLY I 173 7.68 -37.23 1.75
CA GLY I 173 8.65 -37.62 0.74
C GLY I 173 8.75 -39.10 0.42
N GLN I 174 7.74 -39.87 0.80
CA GLN I 174 7.71 -41.30 0.47
C GLN I 174 7.10 -41.54 -0.91
N VAL I 175 7.94 -41.28 -1.92
CA VAL I 175 7.63 -41.37 -3.36
C VAL I 175 8.81 -42.11 -3.96
N CYS I 176 8.66 -42.64 -5.16
CA CYS I 176 9.75 -43.40 -5.81
C CYS I 176 10.99 -42.55 -6.04
N HIS I 177 12.16 -43.19 -5.91
CA HIS I 177 13.47 -42.54 -6.12
C HIS I 177 13.55 -41.86 -7.49
N ALA I 178 14.44 -40.88 -7.62
CA ALA I 178 14.61 -40.14 -8.87
C ALA I 178 15.21 -41.00 -9.99
N LEU I 179 15.99 -42.03 -9.62
CA LEU I 179 16.68 -42.90 -10.58
C LEU I 179 15.73 -43.87 -11.27
N CYS I 180 14.43 -43.58 -11.17
CA CYS I 180 13.35 -44.52 -11.45
C CYS I 180 12.56 -44.09 -12.69
N SER I 181 12.26 -45.06 -13.55
CA SER I 181 11.36 -44.91 -14.68
C SER I 181 9.92 -44.64 -14.19
N PRO I 182 9.03 -44.15 -15.08
CA PRO I 182 7.67 -43.88 -14.58
C PRO I 182 6.82 -45.15 -14.34
N GLU I 183 7.49 -46.31 -14.30
CA GLU I 183 6.81 -47.59 -14.15
C GLU I 183 6.52 -47.96 -12.69
N GLY I 184 6.87 -47.06 -11.78
CA GLY I 184 6.57 -47.24 -10.36
C GLY I 184 7.64 -47.93 -9.54
N CYS I 185 7.34 -48.13 -8.25
CA CYS I 185 8.30 -48.70 -7.31
C CYS I 185 7.61 -49.49 -6.22
N TRP I 186 8.39 -50.36 -5.54
CA TRP I 186 7.89 -51.12 -4.38
C TRP I 186 8.40 -50.54 -3.06
N GLY I 187 9.16 -49.44 -3.15
CA GLY I 187 9.71 -48.75 -1.99
C GLY I 187 10.46 -47.49 -2.38
N PRO I 188 11.16 -46.84 -1.40
CA PRO I 188 11.91 -45.61 -1.65
C PRO I 188 13.25 -45.77 -2.39
N GLU I 189 13.87 -46.95 -2.29
CA GLU I 189 15.24 -47.18 -2.84
C GLU I 189 15.29 -47.41 -4.38
N PRO I 190 16.48 -47.22 -4.99
CA PRO I 190 16.62 -47.56 -6.42
C PRO I 190 16.43 -49.06 -6.74
N ARG I 191 16.85 -49.94 -5.84
CA ARG I 191 16.64 -51.40 -6.01
C ARG I 191 15.14 -51.78 -6.02
N ASP I 192 14.30 -50.93 -5.44
CA ASP I 192 12.83 -51.13 -5.41
C ASP I 192 12.13 -50.72 -6.72
N CYS I 193 12.83 -49.97 -7.56
CA CYS I 193 12.30 -49.53 -8.86
C CYS I 193 11.89 -50.70 -9.75
N VAL I 194 10.81 -50.53 -10.50
CA VAL I 194 10.44 -51.51 -11.54
C VAL I 194 11.43 -51.47 -12.72
N SER I 195 11.89 -50.26 -13.10
CA SER I 195 13.00 -50.08 -14.09
C SER I 195 13.66 -48.70 -13.99
N CYS I 196 14.85 -48.56 -14.56
CA CYS I 196 15.61 -47.31 -14.52
C CYS I 196 15.72 -46.65 -15.89
N GLU J 1 -5.01 19.82 37.79
CA GLU J 1 -5.17 20.01 39.26
C GLU J 1 -3.84 19.82 39.97
N ILE J 2 -3.72 20.51 41.11
CA ILE J 2 -2.55 20.39 41.94
C ILE J 2 -2.77 19.16 42.84
N VAL J 3 -1.84 18.21 42.79
CA VAL J 3 -2.00 16.97 43.56
C VAL J 3 -1.24 17.12 44.87
N MET J 4 -1.95 16.84 45.96
CA MET J 4 -1.45 17.02 47.32
C MET J 4 -1.04 15.66 47.90
N THR J 5 0.19 15.57 48.39
CA THR J 5 0.75 14.29 48.84
C THR J 5 1.14 14.27 50.32
N GLN J 6 0.46 13.39 51.07
CA GLN J 6 0.77 13.11 52.47
C GLN J 6 1.41 11.73 52.64
N SER J 7 2.64 11.70 53.10
CA SER J 7 3.28 10.44 53.49
C SER J 7 4.25 10.64 54.67
N PRO J 8 4.32 9.65 55.59
CA PRO J 8 3.61 8.37 55.56
C PRO J 8 2.09 8.48 55.66
N ALA J 9 1.40 7.45 55.17
CA ALA J 9 -0.02 7.37 55.25
C ALA J 9 -0.46 7.03 56.68
N THR J 10 0.49 6.56 57.49
CA THR J 10 0.22 6.15 58.86
C THR J 10 1.47 6.19 59.74
N LEU J 11 1.38 6.94 60.84
CA LEU J 11 2.45 7.01 61.84
C LEU J 11 2.10 6.27 63.12
N SER J 12 3.11 5.81 63.87
CA SER J 12 2.88 5.04 65.10
C SER J 12 3.58 5.69 66.28
N LEU J 13 2.79 6.33 67.12
CA LEU J 13 3.34 7.17 68.18
C LEU J 13 2.83 6.78 69.56
N SER J 14 3.42 7.39 70.59
CA SER J 14 3.01 7.22 71.97
C SER J 14 2.55 8.57 72.50
N PRO J 15 1.60 8.57 73.44
CA PRO J 15 1.17 9.85 74.04
C PRO J 15 2.26 10.58 74.85
N GLY J 16 2.61 11.80 74.41
CA GLY J 16 3.64 12.62 75.04
C GLY J 16 4.76 12.97 74.08
N GLU J 17 4.69 12.39 72.88
CA GLU J 17 5.71 12.52 71.85
C GLU J 17 5.39 13.66 70.87
N ARG J 18 6.43 14.23 70.24
CA ARG J 18 6.24 15.14 69.12
C ARG J 18 5.83 14.35 67.88
N ALA J 19 4.99 14.98 67.05
CA ALA J 19 4.56 14.43 65.79
C ALA J 19 4.79 15.46 64.68
N THR J 20 5.38 14.99 63.59
CA THR J 20 5.62 15.83 62.42
C THR J 20 4.92 15.22 61.21
N LEU J 21 3.94 15.96 60.66
CA LEU J 21 3.17 15.51 59.50
C LEU J 21 3.52 16.34 58.30
N SER J 22 3.68 15.68 57.15
CA SER J 22 4.21 16.36 55.98
C SER J 22 3.23 16.38 54.82
N CYS J 23 3.38 17.40 53.97
CA CYS J 23 2.47 17.60 52.86
C CYS J 23 3.22 18.31 51.73
N ARG J 24 3.40 17.59 50.62
CA ARG J 24 4.00 18.14 49.38
C ARG J 24 2.92 18.48 48.33
N ALA J 25 3.18 19.51 47.52
CA ALA J 25 2.28 19.94 46.45
C ALA J 25 2.99 19.88 45.11
N SER J 26 2.30 19.40 44.07
CA SER J 26 2.94 19.24 42.74
C SER J 26 3.19 20.54 41.96
N GLN J 27 2.64 21.64 42.46
CA GLN J 27 2.74 22.99 41.89
C GLN J 27 2.56 23.97 43.06
N SER J 28 3.20 25.13 42.98
CA SER J 28 3.11 26.11 44.07
C SER J 28 1.65 26.41 44.49
N VAL J 29 1.44 26.55 45.80
CA VAL J 29 0.14 26.97 46.32
C VAL J 29 0.32 28.15 47.29
N SER J 30 1.51 28.73 47.22
CA SER J 30 1.88 29.88 48.04
C SER J 30 1.64 29.60 49.53
N SER J 31 0.76 30.40 50.14
CA SER J 31 0.36 30.26 51.53
C SER J 31 -1.04 29.70 51.67
N TYR J 32 -1.67 29.39 50.53
CA TYR J 32 -3.08 29.00 50.51
C TYR J 32 -3.21 27.52 50.88
N LEU J 33 -2.94 27.22 52.15
CA LEU J 33 -2.95 25.86 52.66
C LEU J 33 -3.55 25.75 54.07
N ALA J 34 -4.40 24.73 54.27
CA ALA J 34 -5.10 24.52 55.54
C ALA J 34 -5.05 23.05 55.96
N TRP J 35 -5.05 22.79 57.28
CA TRP J 35 -5.07 21.43 57.86
C TRP J 35 -6.35 21.12 58.64
N TYR J 36 -6.85 19.89 58.52
CA TYR J 36 -8.08 19.44 59.17
C TYR J 36 -7.94 18.10 59.94
N GLN J 37 -8.73 17.95 61.01
CA GLN J 37 -8.74 16.75 61.84
C GLN J 37 -10.07 16.03 61.72
N GLN J 38 -10.04 14.69 61.63
CA GLN J 38 -11.27 13.91 61.51
C GLN J 38 -11.30 12.69 62.42
N LYS J 39 -12.26 12.68 63.34
CA LYS J 39 -12.56 11.51 64.17
C LYS J 39 -13.65 10.67 63.47
N PRO J 40 -13.65 9.33 63.71
CA PRO J 40 -14.66 8.42 63.14
C PRO J 40 -16.10 8.93 63.30
N GLY J 41 -16.85 8.99 62.20
CA GLY J 41 -18.25 9.49 62.19
C GLY J 41 -18.45 10.98 62.48
N GLN J 42 -17.50 11.82 62.02
CA GLN J 42 -17.56 13.28 62.25
C GLN J 42 -17.00 14.05 61.06
N ALA J 43 -17.42 15.31 60.95
CA ALA J 43 -16.94 16.21 59.90
C ALA J 43 -15.48 16.66 60.17
N PRO J 44 -14.71 16.91 59.10
CA PRO J 44 -13.40 17.55 59.28
C PRO J 44 -13.50 18.86 60.11
N ARG J 45 -12.56 19.05 61.03
CA ARG J 45 -12.53 20.25 61.85
C ARG J 45 -11.24 21.05 61.57
N LEU J 46 -11.40 22.32 61.22
CA LEU J 46 -10.27 23.19 60.87
C LEU J 46 -9.26 23.40 61.99
N LEU J 47 -8.00 23.08 61.70
CA LEU J 47 -6.92 23.34 62.65
C LEU J 47 -6.20 24.66 62.33
N ILE J 48 -5.77 24.79 61.07
CA ILE J 48 -4.86 25.85 60.64
C ILE J 48 -5.28 26.36 59.28
N TYR J 49 -5.17 27.67 59.05
CA TYR J 49 -5.41 28.27 57.72
C TYR J 49 -4.24 29.18 57.33
N ASP J 50 -4.17 29.53 56.05
CA ASP J 50 -3.04 30.27 55.49
C ASP J 50 -1.67 29.77 55.92
N ALA J 51 -1.49 28.44 55.89
CA ALA J 51 -0.22 27.77 56.22
C ALA J 51 0.18 27.83 57.70
N SER J 52 -0.02 28.98 58.36
CA SER J 52 0.51 29.14 59.73
C SER J 52 -0.38 29.84 60.78
N ASN J 53 -1.61 30.16 60.41
CA ASN J 53 -2.57 30.70 61.35
C ASN J 53 -3.34 29.62 62.10
N ARG J 54 -3.35 29.74 63.42
CA ARG J 54 -4.13 28.82 64.23
C ARG J 54 -5.58 29.33 64.35
N ALA J 55 -6.54 28.43 64.14
CA ALA J 55 -7.97 28.76 64.21
C ALA J 55 -8.43 28.97 65.66
N THR J 56 -9.49 29.76 65.88
CA THR J 56 -9.89 30.10 67.25
C THR J 56 -10.50 28.91 68.00
N GLY J 57 -10.00 28.68 69.20
CA GLY J 57 -10.48 27.59 70.04
C GLY J 57 -9.71 26.30 69.93
N ILE J 58 -8.82 26.17 68.95
CA ILE J 58 -7.97 24.97 68.88
C ILE J 58 -6.67 25.18 69.69
N PRO J 59 -6.23 24.17 70.46
CA PRO J 59 -5.13 24.29 71.45
C PRO J 59 -3.75 24.66 70.89
N ALA J 60 -2.97 25.36 71.70
CA ALA J 60 -1.67 25.91 71.29
C ALA J 60 -0.62 24.87 70.80
N ARG J 61 -0.76 23.61 71.20
CA ARG J 61 0.19 22.57 70.80
C ARG J 61 0.18 22.23 69.30
N PHE J 62 -0.85 22.66 68.60
CA PHE J 62 -0.95 22.47 67.14
C PHE J 62 -0.37 23.68 66.43
N SER J 63 0.56 23.46 65.49
CA SER J 63 1.05 24.57 64.65
C SER J 63 1.51 24.15 63.25
N GLY J 64 1.36 25.09 62.31
CA GLY J 64 1.64 24.89 60.90
C GLY J 64 2.80 25.72 60.37
N SER J 65 3.41 25.25 59.29
CA SER J 65 4.65 25.82 58.74
C SER J 65 4.82 25.48 57.24
N GLY J 66 5.53 26.33 56.50
CA GLY J 66 5.76 26.12 55.06
C GLY J 66 5.21 27.16 54.09
N SER J 67 5.64 27.05 52.82
CA SER J 67 5.19 27.88 51.68
C SER J 67 5.60 27.19 50.37
N GLY J 68 5.00 27.63 49.25
CA GLY J 68 5.25 27.06 47.92
C GLY J 68 4.75 25.63 47.72
N THR J 69 5.64 24.66 47.93
CA THR J 69 5.32 23.27 47.65
C THR J 69 5.54 22.35 48.83
N ASP J 70 5.98 22.91 49.97
CA ASP J 70 6.35 22.11 51.13
C ASP J 70 5.80 22.65 52.46
N PHE J 71 4.99 21.84 53.15
CA PHE J 71 4.34 22.26 54.40
C PHE J 71 4.47 21.26 55.54
N THR J 72 4.33 21.74 56.78
CA THR J 72 4.43 20.88 57.97
C THR J 72 3.37 21.18 59.04
N LEU J 73 2.61 20.17 59.45
CA LEU J 73 1.76 20.28 60.65
C LEU J 73 2.54 19.68 61.82
N THR J 74 2.73 20.47 62.88
CA THR J 74 3.48 20.00 64.05
C THR J 74 2.62 19.92 65.32
N ILE J 75 2.69 18.79 66.01
CA ILE J 75 2.04 18.61 67.31
C ILE J 75 3.12 18.47 68.39
N SER J 76 3.11 19.39 69.36
CA SER J 76 4.16 19.47 70.42
C SER J 76 4.34 18.23 71.27
N SER J 77 3.25 17.71 71.79
CA SER J 77 3.23 16.40 72.42
C SER J 77 1.81 15.85 72.35
N LEU J 78 1.67 14.62 71.86
CA LEU J 78 0.34 14.06 71.72
C LEU J 78 -0.40 13.93 73.04
N GLU J 79 -1.68 14.33 73.01
CA GLU J 79 -2.64 14.00 74.06
C GLU J 79 -3.46 12.83 73.51
N PRO J 80 -4.01 11.97 74.40
CA PRO J 80 -4.83 10.85 73.92
C PRO J 80 -5.89 11.22 72.86
N GLU J 81 -6.58 12.34 73.05
CA GLU J 81 -7.62 12.80 72.10
C GLU J 81 -7.08 13.12 70.70
N ASP J 82 -5.76 13.00 70.54
CA ASP J 82 -5.08 13.44 69.31
C ASP J 82 -4.92 12.35 68.23
N PHE J 83 -5.08 11.09 68.60
CA PHE J 83 -5.05 9.98 67.65
C PHE J 83 -6.28 10.02 66.74
N ALA J 84 -6.03 10.23 65.45
CA ALA J 84 -7.06 10.65 64.48
C ALA J 84 -6.41 10.78 63.10
N VAL J 85 -7.20 11.17 62.09
CA VAL J 85 -6.70 11.35 60.74
C VAL J 85 -6.63 12.83 60.35
N TYR J 86 -5.57 13.16 59.61
CA TYR J 86 -5.24 14.55 59.26
C TYR J 86 -5.03 14.73 57.78
N TYR J 87 -5.65 15.77 57.23
CA TYR J 87 -5.59 16.06 55.80
C TYR J 87 -5.06 17.48 55.55
N CYS J 88 -4.29 17.68 54.47
CA CYS J 88 -4.07 19.02 53.97
C CYS J 88 -5.00 19.32 52.79
N HIS J 89 -5.15 20.62 52.51
CA HIS J 89 -6.11 21.14 51.56
C HIS J 89 -5.53 22.41 50.92
N GLN J 90 -5.50 22.49 49.60
CA GLN J 90 -5.14 23.76 48.95
C GLN J 90 -6.36 24.51 48.38
N TYR J 91 -6.37 25.83 48.52
CA TYR J 91 -7.42 26.65 47.94
C TYR J 91 -6.79 27.72 47.02
N GLY J 92 -5.57 27.45 46.59
CA GLY J 92 -4.81 28.37 45.76
C GLY J 92 -5.29 28.53 44.34
N SER J 93 -5.55 27.39 43.68
CA SER J 93 -6.04 27.35 42.30
C SER J 93 -7.27 26.45 42.23
N THR J 94 -8.14 26.68 41.23
CA THR J 94 -9.30 25.83 41.03
C THR J 94 -8.89 24.71 40.04
N PRO J 95 -9.34 23.47 40.28
CA PRO J 95 -10.18 22.97 41.37
C PRO J 95 -9.43 22.78 42.69
N LEU J 96 -10.15 22.96 43.80
CA LEU J 96 -9.61 22.73 45.14
C LEU J 96 -9.34 21.23 45.39
N THR J 97 -8.22 20.92 46.04
CA THR J 97 -7.83 19.52 46.22
C THR J 97 -7.41 19.24 47.66
N PHE J 98 -7.53 17.98 48.08
CA PHE J 98 -7.16 17.51 49.40
C PHE J 98 -6.17 16.38 49.21
N GLY J 99 -5.26 16.26 50.17
CA GLY J 99 -4.30 15.14 50.19
C GLY J 99 -4.96 13.88 50.71
N GLY J 100 -4.23 12.77 50.64
CA GLY J 100 -4.84 11.46 50.93
C GLY J 100 -4.98 11.09 52.41
N GLY J 101 -4.31 11.85 53.29
CA GLY J 101 -4.41 11.66 54.74
C GLY J 101 -3.23 11.00 55.46
N THR J 102 -2.97 11.40 56.70
CA THR J 102 -2.12 10.64 57.60
C THR J 102 -2.91 10.26 58.86
N LYS J 103 -2.90 8.97 59.21
CA LYS J 103 -3.58 8.46 60.39
C LYS J 103 -2.62 8.25 61.53
N ALA J 104 -2.92 8.89 62.66
CA ALA J 104 -2.14 8.77 63.89
C ALA J 104 -2.62 7.56 64.69
N GLU J 105 -1.70 6.64 64.92
CA GLU J 105 -2.02 5.31 65.46
C GLU J 105 -1.21 5.02 66.72
N ILE J 106 -1.88 4.46 67.71
CA ILE J 106 -1.26 4.12 69.00
C ILE J 106 -0.23 3.00 68.88
N LYS J 107 1.04 3.33 69.15
CA LYS J 107 2.10 2.32 69.19
C LYS J 107 2.09 1.55 70.50
N ARG J 108 2.26 0.22 70.39
CA ARG J 108 2.43 -0.66 71.54
C ARG J 108 3.40 -1.81 71.23
N THR J 109 3.60 -2.72 72.20
CA THR J 109 4.51 -3.86 72.02
C THR J 109 3.94 -4.87 71.02
N VAL J 110 4.81 -5.74 70.52
CA VAL J 110 4.39 -6.79 69.60
C VAL J 110 3.53 -7.79 70.35
N ALA J 111 2.40 -8.14 69.75
CA ALA J 111 1.53 -9.20 70.24
C ALA J 111 1.10 -10.11 69.08
N ALA J 112 1.38 -11.41 69.22
CA ALA J 112 1.07 -12.42 68.21
C ALA J 112 -0.41 -12.81 68.25
N PRO J 113 -1.05 -13.01 67.07
CA PRO J 113 -2.48 -13.36 67.05
C PRO J 113 -2.73 -14.74 67.60
N SER J 114 -3.95 -14.99 68.06
CA SER J 114 -4.42 -16.35 68.35
C SER J 114 -5.41 -16.74 67.27
N VAL J 115 -5.20 -17.93 66.72
CA VAL J 115 -5.87 -18.35 65.51
C VAL J 115 -6.97 -19.36 65.82
N PHE J 116 -8.06 -19.32 65.05
CA PHE J 116 -9.18 -20.25 65.20
C PHE J 116 -9.85 -20.46 63.86
N ILE J 117 -10.21 -21.70 63.57
CA ILE J 117 -10.95 -22.04 62.36
C ILE J 117 -12.37 -22.51 62.69
N PHE J 118 -13.35 -22.18 61.85
CA PHE J 118 -14.71 -22.68 62.00
C PHE J 118 -15.18 -23.34 60.70
N PRO J 119 -15.69 -24.57 60.79
CA PRO J 119 -16.27 -25.24 59.61
C PRO J 119 -17.68 -24.71 59.25
N PRO J 120 -18.17 -24.97 58.02
CA PRO J 120 -19.55 -24.63 57.71
C PRO J 120 -20.52 -25.54 58.45
N SER J 121 -21.63 -24.99 58.92
CA SER J 121 -22.61 -25.78 59.65
C SER J 121 -23.60 -26.44 58.70
N ASP J 122 -24.08 -27.62 59.09
CA ASP J 122 -25.05 -28.39 58.29
C ASP J 122 -26.33 -27.61 57.98
N GLU J 123 -26.69 -26.68 58.85
CA GLU J 123 -27.79 -25.75 58.61
C GLU J 123 -27.55 -25.02 57.28
N GLN J 124 -26.36 -24.43 57.15
CA GLN J 124 -25.99 -23.71 55.94
C GLN J 124 -25.90 -24.62 54.70
N LEU J 125 -25.36 -25.83 54.85
CA LEU J 125 -25.17 -26.73 53.70
C LEU J 125 -26.45 -26.99 52.90
N LYS J 126 -27.55 -27.23 53.62
CA LYS J 126 -28.87 -27.44 53.01
C LYS J 126 -29.34 -26.29 52.10
N SER J 127 -28.53 -25.23 51.99
CA SER J 127 -28.84 -24.11 51.11
C SER J 127 -28.01 -24.14 49.82
N GLY J 128 -26.93 -24.91 49.82
CA GLY J 128 -26.08 -25.04 48.64
C GLY J 128 -24.73 -24.32 48.69
N THR J 129 -24.48 -23.58 49.78
CA THR J 129 -23.21 -22.86 49.95
C THR J 129 -22.49 -23.22 51.25
N ALA J 130 -21.18 -23.39 51.17
CA ALA J 130 -20.35 -23.66 52.33
C ALA J 130 -19.38 -22.50 52.60
N SER J 131 -19.45 -21.97 53.81
CA SER J 131 -18.61 -20.86 54.21
C SER J 131 -17.65 -21.26 55.34
N VAL J 132 -16.35 -21.14 55.10
CA VAL J 132 -15.31 -21.50 56.08
C VAL J 132 -14.67 -20.24 56.65
N VAL J 133 -14.63 -20.12 57.98
CA VAL J 133 -14.18 -18.90 58.65
C VAL J 133 -12.89 -19.08 59.47
N CYS J 134 -11.96 -18.13 59.33
CA CYS J 134 -10.66 -18.12 60.02
C CYS J 134 -10.51 -16.82 60.82
N LEU J 135 -10.24 -16.92 62.11
CA LEU J 135 -10.14 -15.75 63.00
C LEU J 135 -8.73 -15.56 63.52
N LEU J 136 -8.20 -14.35 63.36
CA LEU J 136 -6.97 -13.90 64.02
C LEU J 136 -7.38 -12.86 65.09
N ASN J 137 -7.01 -13.10 66.35
CA ASN J 137 -7.52 -12.31 67.48
C ASN J 137 -6.44 -11.57 68.28
N ASN J 138 -6.62 -10.25 68.41
CA ASN J 138 -5.81 -9.37 69.30
C ASN J 138 -4.29 -9.32 69.01
N PHE J 139 -3.91 -8.85 67.82
CA PHE J 139 -2.50 -8.82 67.42
C PHE J 139 -1.97 -7.40 67.15
N TYR J 140 -0.65 -7.26 67.12
CA TYR J 140 0.00 -5.97 66.78
C TYR J 140 1.39 -6.23 66.22
N PRO J 141 1.78 -5.52 65.13
CA PRO J 141 1.03 -4.54 64.33
C PRO J 141 0.03 -5.13 63.31
N ARG J 142 -0.56 -4.26 62.48
CA ARG J 142 -1.67 -4.63 61.60
C ARG J 142 -1.33 -5.48 60.36
N GLU J 143 -0.06 -5.74 60.11
CA GLU J 143 0.35 -6.57 58.96
C GLU J 143 0.44 -8.06 59.27
N ALA J 144 -0.13 -8.86 58.36
CA ALA J 144 -0.33 -10.29 58.55
C ALA J 144 -0.71 -10.98 57.22
N LYS J 145 -0.17 -12.17 57.00
CA LYS J 145 -0.51 -12.94 55.80
C LYS J 145 -1.43 -14.10 56.18
N VAL J 146 -2.45 -14.32 55.35
CA VAL J 146 -3.40 -15.42 55.52
C VAL J 146 -3.54 -16.20 54.21
N GLN J 147 -3.42 -17.52 54.28
CA GLN J 147 -3.55 -18.37 53.09
C GLN J 147 -4.50 -19.54 53.33
N TRP J 148 -5.38 -19.82 52.36
CA TRP J 148 -6.26 -20.98 52.42
C TRP J 148 -5.67 -22.12 51.62
N LYS J 149 -5.76 -23.33 52.19
CA LYS J 149 -5.29 -24.54 51.50
C LYS J 149 -6.31 -25.67 51.65
N VAL J 150 -6.65 -26.33 50.54
CA VAL J 150 -7.69 -27.36 50.51
C VAL J 150 -7.10 -28.63 49.87
N ASP J 151 -6.88 -29.67 50.68
CA ASP J 151 -6.06 -30.84 50.28
C ASP J 151 -4.68 -30.45 49.76
N ASN J 152 -4.05 -29.49 50.43
CA ASN J 152 -2.74 -28.92 50.06
C ASN J 152 -2.77 -27.83 48.96
N ALA J 153 -3.84 -27.77 48.17
CA ALA J 153 -3.99 -26.78 47.11
C ALA J 153 -4.23 -25.37 47.65
N LEU J 154 -3.46 -24.39 47.16
CA LEU J 154 -3.62 -22.97 47.55
C LEU J 154 -4.84 -22.34 46.87
N GLN J 155 -5.55 -21.45 47.55
CA GLN J 155 -6.79 -20.88 46.99
C GLN J 155 -6.62 -19.45 46.50
N SER J 156 -7.23 -19.12 45.38
CA SER J 156 -7.21 -17.74 44.86
C SER J 156 -8.61 -17.18 44.59
N GLY J 157 -8.77 -15.87 44.80
CA GLY J 157 -9.99 -15.19 44.37
C GLY J 157 -11.30 -15.58 45.03
N ASN J 158 -11.30 -16.52 45.97
CA ASN J 158 -12.56 -16.93 46.63
C ASN J 158 -12.67 -16.68 48.16
N SER J 159 -11.90 -15.74 48.68
CA SER J 159 -12.04 -15.36 50.08
C SER J 159 -12.03 -13.84 50.25
N GLN J 160 -12.61 -13.37 51.36
CA GLN J 160 -12.60 -11.93 51.71
C GLN J 160 -12.08 -11.68 53.14
N GLU J 161 -11.47 -10.50 53.35
CA GLU J 161 -10.89 -10.11 54.65
C GLU J 161 -11.56 -8.88 55.27
N SER J 162 -11.85 -8.95 56.58
CA SER J 162 -12.44 -7.83 57.32
C SER J 162 -11.61 -7.51 58.58
N VAL J 163 -11.33 -6.23 58.85
CA VAL J 163 -10.58 -5.83 60.07
C VAL J 163 -11.30 -4.78 60.93
N THR J 164 -11.04 -4.83 62.25
CA THR J 164 -11.50 -3.83 63.20
C THR J 164 -10.43 -2.75 63.39
N GLU J 165 -10.82 -1.57 63.90
CA GLU J 165 -9.85 -0.56 64.35
C GLU J 165 -9.23 -0.96 65.69
N GLN J 166 -8.31 -0.14 66.19
CA GLN J 166 -7.58 -0.46 67.41
C GLN J 166 -8.49 -0.54 68.62
N ASP J 167 -8.38 -1.62 69.39
CA ASP J 167 -9.21 -1.76 70.59
C ASP J 167 -8.89 -0.60 71.52
N SER J 168 -9.92 0.11 71.96
CA SER J 168 -9.74 1.28 72.82
C SER J 168 -9.10 0.95 74.18
N LYS J 169 -9.18 -0.31 74.61
CA LYS J 169 -8.70 -0.71 75.94
C LYS J 169 -7.32 -1.39 75.94
N ASP J 170 -6.84 -1.89 74.79
CA ASP J 170 -5.50 -2.49 74.72
C ASP J 170 -4.79 -2.25 73.38
N SER J 171 -5.46 -1.49 72.52
CA SER J 171 -4.94 -1.03 71.23
C SER J 171 -4.34 -2.12 70.32
N THR J 172 -5.07 -3.24 70.17
CA THR J 172 -4.73 -4.27 69.19
C THR J 172 -5.80 -4.41 68.10
N TYR J 173 -5.51 -5.25 67.11
CA TYR J 173 -6.41 -5.48 65.98
C TYR J 173 -6.96 -6.91 65.96
N SER J 174 -8.06 -7.08 65.25
CA SER J 174 -8.60 -8.39 64.92
C SER J 174 -8.98 -8.40 63.44
N LEU J 175 -8.89 -9.59 62.85
CA LEU J 175 -9.11 -9.79 61.42
C LEU J 175 -9.81 -11.12 61.21
N SER J 176 -10.80 -11.15 60.31
CA SER J 176 -11.45 -12.41 59.93
C SER J 176 -11.41 -12.68 58.43
N SER J 177 -11.03 -13.90 58.06
CA SER J 177 -11.04 -14.31 56.67
C SER J 177 -12.14 -15.34 56.44
N THR J 178 -12.90 -15.18 55.36
CA THR J 178 -14.00 -16.10 55.04
C THR J 178 -13.80 -16.74 53.67
N LEU J 179 -13.70 -18.06 53.62
CA LEU J 179 -13.57 -18.80 52.36
C LEU J 179 -14.96 -19.30 51.93
N THR J 180 -15.30 -19.07 50.65
CA THR J 180 -16.65 -19.37 50.14
C THR J 180 -16.63 -20.41 49.00
N LEU J 181 -17.45 -21.46 49.17
CA LEU J 181 -17.45 -22.63 48.29
C LEU J 181 -18.86 -23.12 48.00
N SER J 182 -19.07 -23.69 46.82
CA SER J 182 -20.31 -24.39 46.55
C SER J 182 -20.30 -25.67 47.39
N LYS J 183 -21.48 -26.07 47.87
CA LYS J 183 -21.65 -27.35 48.57
C LYS J 183 -21.02 -28.53 47.80
N ALA J 184 -21.05 -28.49 46.47
CA ALA J 184 -20.49 -29.57 45.67
C ALA J 184 -18.96 -29.62 45.77
N ASP J 185 -18.30 -28.46 45.64
CA ASP J 185 -16.83 -28.42 45.77
C ASP J 185 -16.38 -28.81 47.19
N TYR J 186 -17.13 -28.35 48.20
CA TYR J 186 -16.84 -28.64 49.59
C TYR J 186 -16.74 -30.15 49.86
N GLU J 187 -17.69 -30.91 49.32
CA GLU J 187 -17.80 -32.35 49.56
C GLU J 187 -16.73 -33.20 48.85
N LYS J 188 -16.14 -32.67 47.79
CA LYS J 188 -15.10 -33.36 47.01
C LYS J 188 -13.75 -33.41 47.73
N HIS J 189 -13.61 -32.67 48.83
CA HIS J 189 -12.31 -32.46 49.48
C HIS J 189 -12.36 -32.66 50.99
N LYS J 190 -11.20 -32.87 51.60
CA LYS J 190 -11.14 -33.37 52.97
C LYS J 190 -10.52 -32.43 54.02
N VAL J 191 -9.36 -31.85 53.72
CA VAL J 191 -8.54 -31.15 54.71
C VAL J 191 -8.50 -29.63 54.46
N TYR J 192 -9.13 -28.88 55.36
CA TYR J 192 -9.24 -27.42 55.26
C TYR J 192 -8.33 -26.72 56.27
N ALA J 193 -7.41 -25.87 55.79
CA ALA J 193 -6.40 -25.25 56.65
C ALA J 193 -6.12 -23.78 56.30
N CYS J 194 -6.01 -22.92 57.31
CA CYS J 194 -5.47 -21.56 57.12
C CYS J 194 -4.14 -21.39 57.83
N GLU J 195 -3.17 -20.91 57.07
CA GLU J 195 -1.83 -20.65 57.57
C GLU J 195 -1.69 -19.15 57.78
N VAL J 196 -1.22 -18.78 58.97
CA VAL J 196 -1.01 -17.38 59.32
C VAL J 196 0.47 -17.05 59.51
N THR J 197 0.94 -16.01 58.83
CA THR J 197 2.26 -15.48 59.11
C THR J 197 2.16 -14.10 59.78
N HIS J 198 2.90 -13.94 60.88
CA HIS J 198 2.97 -12.70 61.67
C HIS J 198 4.29 -12.62 62.44
N GLN J 199 4.83 -11.41 62.54
CA GLN J 199 6.16 -11.17 63.15
C GLN J 199 6.31 -11.55 64.64
N GLY J 200 5.20 -11.82 65.33
CA GLY J 200 5.22 -12.36 66.69
C GLY J 200 5.35 -13.89 66.77
N LEU J 201 5.27 -14.56 65.62
CA LEU J 201 5.43 -16.02 65.55
C LEU J 201 6.62 -16.32 64.65
N SER J 202 7.67 -16.90 65.21
CA SER J 202 8.83 -17.30 64.39
C SER J 202 8.39 -18.22 63.24
N SER J 203 7.58 -19.23 63.56
CA SER J 203 7.02 -20.08 62.52
C SER J 203 5.52 -19.83 62.33
N PRO J 204 5.05 -19.83 61.05
CA PRO J 204 3.64 -19.62 60.75
C PRO J 204 2.80 -20.68 61.42
N VAL J 205 1.67 -20.25 61.99
CA VAL J 205 0.79 -21.19 62.64
C VAL J 205 -0.24 -21.68 61.63
N THR J 206 -0.66 -22.92 61.78
CA THR J 206 -1.71 -23.46 60.94
C THR J 206 -2.73 -24.22 61.78
N LYS J 207 -4.01 -23.88 61.57
CA LYS J 207 -5.12 -24.60 62.18
C LYS J 207 -5.97 -25.22 61.07
N SER J 208 -6.48 -26.43 61.31
CA SER J 208 -7.16 -27.18 60.28
C SER J 208 -8.26 -28.09 60.83
N PHE J 209 -9.14 -28.57 59.96
CA PHE J 209 -10.09 -29.64 60.29
C PHE J 209 -10.27 -30.55 59.09
N ASN J 210 -10.66 -31.79 59.34
CA ASN J 210 -11.07 -32.71 58.30
C ASN J 210 -12.59 -32.70 58.19
N ARG J 211 -13.12 -32.69 56.97
CA ARG J 211 -14.57 -32.65 56.79
C ARG J 211 -15.22 -33.94 57.27
N GLY J 212 -16.15 -33.84 58.23
CA GLY J 212 -16.97 -34.97 58.67
C GLY J 212 -16.54 -35.60 60.00
N ALA J 213 -16.70 -34.84 61.09
CA ALA J 213 -16.28 -35.24 62.44
C ALA J 213 -14.76 -35.24 62.61
N GLN K 1 -23.64 30.32 66.29
CA GLN K 1 -25.04 29.81 66.05
C GLN K 1 -25.30 29.43 64.58
N VAL K 2 -24.27 29.47 63.75
CA VAL K 2 -24.39 29.05 62.35
C VAL K 2 -24.42 27.53 62.22
N GLN K 3 -25.57 27.00 61.82
CA GLN K 3 -25.75 25.54 61.61
C GLN K 3 -26.08 25.15 60.18
N LEU K 4 -25.56 23.97 59.79
CA LEU K 4 -25.73 23.38 58.46
C LEU K 4 -26.22 21.94 58.54
N GLN K 5 -27.27 21.60 57.80
CA GLN K 5 -27.74 20.21 57.79
C GLN K 5 -28.15 19.63 56.42
N GLU K 6 -27.53 18.51 56.05
CA GLU K 6 -27.84 17.79 54.81
C GLU K 6 -29.17 17.05 54.92
N SER K 7 -29.82 16.85 53.78
CA SER K 7 -31.06 16.09 53.72
C SER K 7 -31.27 15.41 52.37
N GLY K 8 -31.94 14.28 52.37
CA GLY K 8 -32.23 13.57 51.12
C GLY K 8 -32.10 12.07 51.21
N PRO K 9 -32.57 11.34 50.17
CA PRO K 9 -32.67 9.87 50.22
C PRO K 9 -31.30 9.18 50.29
N GLY K 10 -31.28 8.01 50.93
CA GLY K 10 -30.04 7.28 51.23
C GLY K 10 -29.63 6.18 50.24
N LEU K 11 -30.59 5.77 49.41
CA LEU K 11 -30.35 4.76 48.37
C LEU K 11 -30.75 5.28 46.99
N VAL K 12 -29.90 5.05 45.99
CA VAL K 12 -30.14 5.48 44.60
C VAL K 12 -29.66 4.40 43.61
N LYS K 13 -30.55 3.98 42.70
CA LYS K 13 -30.27 2.95 41.69
C LYS K 13 -29.23 3.45 40.70
N PRO K 14 -28.38 2.54 40.18
CA PRO K 14 -27.37 2.92 39.17
C PRO K 14 -27.97 3.57 37.90
N SER K 15 -27.39 4.70 37.51
CA SER K 15 -27.78 5.50 36.31
C SER K 15 -28.94 6.50 36.49
N GLN K 16 -29.67 6.40 37.60
CA GLN K 16 -30.71 7.37 37.94
C GLN K 16 -30.00 8.53 38.65
N THR K 17 -30.68 9.60 39.01
CA THR K 17 -29.94 10.76 39.55
C THR K 17 -29.98 10.91 41.09
N LEU K 18 -28.87 11.36 41.66
CA LEU K 18 -28.72 11.60 43.12
C LEU K 18 -29.12 13.04 43.47
N SER K 19 -30.06 13.25 44.37
CA SER K 19 -30.23 14.64 44.80
C SER K 19 -30.27 14.88 46.32
N LEU K 20 -29.74 16.02 46.73
CA LEU K 20 -29.53 16.33 48.14
C LEU K 20 -29.70 17.82 48.42
N THR K 21 -30.21 18.13 49.60
CA THR K 21 -30.49 19.52 49.99
C THR K 21 -29.78 19.90 51.33
N CYS K 22 -29.36 21.16 51.49
CA CYS K 22 -28.71 21.65 52.72
C CYS K 22 -29.49 22.79 53.38
N THR K 23 -29.74 22.69 54.67
CA THR K 23 -30.44 23.76 55.39
C THR K 23 -29.51 24.58 56.31
N VAL K 24 -29.62 25.89 56.17
CA VAL K 24 -28.72 26.85 56.82
C VAL K 24 -29.49 27.74 57.78
N SER K 25 -28.91 27.95 58.97
CA SER K 25 -29.47 28.91 59.96
C SER K 25 -28.39 29.69 60.69
N GLY K 26 -28.79 30.78 61.35
CA GLY K 26 -27.86 31.78 61.91
C GLY K 26 -27.37 32.77 60.87
N GLY K 27 -28.12 32.92 59.77
CA GLY K 27 -27.68 33.79 58.68
C GLY K 27 -28.27 33.50 57.32
N SER K 28 -28.35 34.55 56.52
CA SER K 28 -29.00 34.54 55.23
C SER K 28 -28.10 33.98 54.13
N ILE K 29 -28.69 33.15 53.28
CA ILE K 29 -27.99 32.62 52.12
C ILE K 29 -27.66 33.66 51.01
N SER K 30 -28.42 34.75 50.94
CA SER K 30 -28.13 35.80 49.93
C SER K 30 -27.05 36.80 50.36
N SER K 31 -25.98 36.27 50.93
CA SER K 31 -24.90 37.08 51.42
C SER K 31 -23.71 36.95 50.45
N GLY K 32 -23.10 38.09 50.14
CA GLY K 32 -21.92 38.11 49.29
C GLY K 32 -20.62 37.69 49.98
N ASP K 33 -20.70 37.41 51.28
CA ASP K 33 -19.53 37.07 52.11
C ASP K 33 -19.17 35.58 52.11
N TYR K 34 -20.05 34.73 51.56
CA TYR K 34 -19.92 33.27 51.67
C TYR K 34 -20.12 32.50 50.36
N TYR K 35 -19.28 31.47 50.17
CA TYR K 35 -19.54 30.45 49.15
C TYR K 35 -20.27 29.29 49.83
N TRP K 36 -21.26 28.70 49.15
CA TRP K 36 -21.96 27.50 49.68
C TRP K 36 -21.55 26.27 48.86
N SER K 37 -21.00 25.25 49.54
CA SER K 37 -20.20 24.23 48.86
C SER K 37 -20.55 22.79 49.22
N TRP K 38 -20.19 21.85 48.34
CA TRP K 38 -20.39 20.44 48.61
C TRP K 38 -19.07 19.69 48.50
N ILE K 39 -18.94 18.63 49.28
CA ILE K 39 -17.72 17.80 49.35
C ILE K 39 -18.15 16.37 49.72
N ARG K 40 -17.53 15.37 49.11
CA ARG K 40 -17.82 13.96 49.44
C ARG K 40 -16.59 13.12 49.86
N GLN K 41 -16.89 11.98 50.48
CA GLN K 41 -15.88 11.06 51.04
C GLN K 41 -16.36 9.60 51.00
N PRO K 42 -15.87 8.80 50.04
CA PRO K 42 -16.18 7.36 50.07
C PRO K 42 -15.60 6.70 51.32
N PRO K 43 -16.35 5.76 51.93
CA PRO K 43 -15.96 5.13 53.21
C PRO K 43 -14.56 4.51 53.14
N GLY K 44 -13.70 4.90 54.09
CA GLY K 44 -12.28 4.51 54.10
C GLY K 44 -11.36 5.15 53.06
N LYS K 45 -11.82 6.21 52.38
CA LYS K 45 -10.99 6.92 51.42
C LYS K 45 -10.92 8.42 51.75
N GLY K 46 -10.52 9.25 50.78
CA GLY K 46 -10.26 10.67 51.00
C GLY K 46 -11.39 11.62 50.63
N LEU K 47 -11.09 12.92 50.70
CA LEU K 47 -12.06 13.97 50.45
C LEU K 47 -11.93 14.50 49.03
N GLU K 48 -13.06 14.70 48.38
CA GLU K 48 -13.08 15.32 47.07
C GLU K 48 -14.08 16.50 47.04
N TRP K 49 -13.58 17.67 46.63
CA TRP K 49 -14.40 18.86 46.39
C TRP K 49 -15.23 18.71 45.10
N ILE K 50 -16.52 19.06 45.19
CA ILE K 50 -17.50 18.88 44.07
C ILE K 50 -17.87 20.22 43.43
N GLY K 51 -18.20 21.22 44.25
CA GLY K 51 -18.31 22.62 43.81
C GLY K 51 -18.86 23.63 44.81
N TYR K 52 -19.04 24.86 44.36
CA TYR K 52 -19.71 25.93 45.13
C TYR K 52 -20.69 26.73 44.24
N ILE K 53 -21.70 27.32 44.88
CA ILE K 53 -22.61 28.27 44.26
C ILE K 53 -22.55 29.59 45.06
N TYR K 54 -22.70 30.71 44.35
CA TYR K 54 -22.55 32.06 44.93
C TYR K 54 -23.81 32.91 44.67
N TYR K 55 -24.07 33.91 45.50
CA TYR K 55 -25.38 34.60 45.46
C TYR K 55 -25.62 35.36 44.17
N SER K 56 -24.58 35.53 43.37
CA SER K 56 -24.72 36.16 42.07
C SER K 56 -25.33 35.20 41.05
N GLY K 57 -25.23 33.90 41.32
CA GLY K 57 -25.63 32.87 40.37
C GLY K 57 -24.41 32.16 39.78
N SER K 58 -23.25 32.80 39.90
CA SER K 58 -21.96 32.20 39.55
C SER K 58 -21.75 30.86 40.26
N THR K 59 -21.18 29.91 39.53
CA THR K 59 -20.87 28.60 40.10
C THR K 59 -19.46 28.17 39.70
N ASP K 60 -19.05 27.03 40.24
CA ASP K 60 -17.77 26.37 39.90
C ASP K 60 -17.86 24.89 40.26
N TYR K 61 -17.59 24.02 39.29
CA TYR K 61 -17.67 22.57 39.48
C TYR K 61 -16.32 21.93 39.17
N ASN K 62 -16.01 20.82 39.86
CA ASN K 62 -14.80 20.03 39.63
C ASN K 62 -14.88 19.19 38.31
N PRO K 63 -13.93 19.40 37.38
CA PRO K 63 -14.02 18.68 36.09
C PRO K 63 -13.96 17.15 36.22
N SER K 64 -13.50 16.64 37.37
CA SER K 64 -13.44 15.21 37.58
C SER K 64 -14.84 14.56 37.51
N LEU K 65 -15.87 15.39 37.63
CA LEU K 65 -17.26 14.92 37.64
C LEU K 65 -17.97 14.90 36.29
N LYS K 66 -17.20 15.12 35.21
CA LYS K 66 -17.64 14.97 33.81
C LYS K 66 -18.95 15.71 33.43
N SER K 67 -19.18 16.85 34.08
CA SER K 67 -20.39 17.67 33.92
C SER K 67 -21.69 16.99 34.35
N ARG K 68 -21.60 16.06 35.30
CA ARG K 68 -22.78 15.39 35.82
C ARG K 68 -23.46 16.16 36.95
N VAL K 69 -22.82 17.23 37.43
CA VAL K 69 -23.30 17.99 38.60
C VAL K 69 -23.80 19.45 38.37
N THR K 70 -24.89 19.81 39.05
CA THR K 70 -25.48 21.14 38.98
C THR K 70 -25.97 21.54 40.38
N MET K 71 -25.74 22.79 40.78
CA MET K 71 -26.21 23.27 42.09
C MET K 71 -27.24 24.39 41.93
N SER K 72 -28.12 24.58 42.93
CA SER K 72 -29.11 25.69 42.91
C SER K 72 -29.39 26.26 44.31
N VAL K 73 -30.09 27.39 44.37
CA VAL K 73 -30.42 28.06 45.64
C VAL K 73 -31.92 28.40 45.77
N ASP K 74 -32.50 28.11 46.94
CA ASP K 74 -33.86 28.55 47.25
C ASP K 74 -33.87 29.47 48.47
N THR K 75 -33.60 30.75 48.25
CA THR K 75 -33.54 31.79 49.29
C THR K 75 -34.76 31.81 50.22
N SER K 76 -35.91 31.34 49.73
CA SER K 76 -37.11 31.36 50.56
C SER K 76 -37.04 30.38 51.75
N LYS K 77 -36.43 29.22 51.53
CA LYS K 77 -36.29 28.28 52.63
C LYS K 77 -34.87 28.26 53.21
N ASN K 78 -34.02 29.18 52.74
CA ASN K 78 -32.63 29.34 53.18
C ASN K 78 -31.81 28.04 52.98
N GLN K 79 -31.91 27.50 51.76
CA GLN K 79 -31.35 26.21 51.36
C GLN K 79 -30.64 26.28 50.01
N PHE K 80 -29.66 25.40 49.82
CA PHE K 80 -29.01 25.19 48.51
C PHE K 80 -28.88 23.68 48.27
N SER K 81 -28.65 23.29 47.02
CA SER K 81 -28.88 21.90 46.59
C SER K 81 -27.83 21.30 45.69
N LEU K 82 -27.88 19.98 45.53
CA LEU K 82 -26.92 19.22 44.75
C LEU K 82 -27.66 18.19 43.91
N LYS K 83 -27.36 18.11 42.61
CA LYS K 83 -27.82 16.97 41.78
C LYS K 83 -26.69 16.35 40.97
N VAL K 84 -26.60 15.01 40.98
CA VAL K 84 -25.60 14.28 40.18
C VAL K 84 -26.28 13.21 39.34
N ASN K 85 -26.35 13.43 38.02
CA ASN K 85 -26.93 12.42 37.13
C ASN K 85 -25.98 11.23 36.87
N SER K 86 -26.54 10.12 36.38
CA SER K 86 -25.78 8.97 35.93
C SER K 86 -24.88 8.34 36.97
N VAL K 87 -25.39 8.12 38.19
CA VAL K 87 -24.57 7.53 39.27
C VAL K 87 -24.18 6.06 39.00
N THR K 88 -23.06 5.65 39.62
CA THR K 88 -22.62 4.24 39.72
C THR K 88 -22.02 4.05 41.13
N ALA K 89 -21.48 2.87 41.43
CA ALA K 89 -20.88 2.54 42.75
C ALA K 89 -19.84 3.57 43.23
N ALA K 90 -19.16 4.21 42.29
CA ALA K 90 -18.09 5.14 42.59
C ALA K 90 -18.59 6.51 43.08
N ASP K 91 -19.92 6.70 43.13
CA ASP K 91 -20.50 7.89 43.75
C ASP K 91 -21.12 7.57 45.12
N THR K 92 -21.04 6.30 45.52
CA THR K 92 -21.26 5.89 46.91
C THR K 92 -20.25 6.64 47.80
N ALA K 93 -20.76 7.45 48.73
CA ALA K 93 -19.91 8.24 49.62
C ALA K 93 -20.74 8.92 50.68
N VAL K 94 -20.07 9.47 51.68
CA VAL K 94 -20.74 10.38 52.62
C VAL K 94 -20.69 11.79 52.01
N TYR K 95 -21.84 12.48 51.96
CA TYR K 95 -21.88 13.85 51.37
C TYR K 95 -21.96 14.99 52.44
N TYR K 96 -21.17 16.05 52.25
CA TYR K 96 -21.19 17.23 53.16
C TYR K 96 -21.51 18.53 52.44
N CYS K 97 -22.36 19.36 53.05
CA CYS K 97 -22.39 20.79 52.69
C CYS K 97 -21.46 21.58 53.62
N ALA K 98 -20.85 22.65 53.11
CA ALA K 98 -19.84 23.40 53.87
C ALA K 98 -19.73 24.87 53.44
N ARG K 99 -19.49 25.76 54.39
CA ARG K 99 -19.38 27.21 54.16
C ARG K 99 -17.91 27.71 54.05
N VAL K 100 -17.64 28.66 53.15
CA VAL K 100 -16.36 29.39 53.09
C VAL K 100 -16.65 30.83 53.43
N SER K 101 -15.81 31.45 54.26
CA SER K 101 -15.93 32.85 54.61
C SER K 101 -14.89 33.59 53.77
N ILE K 102 -15.37 34.16 52.67
CA ILE K 102 -14.51 34.75 51.65
C ILE K 102 -13.69 35.88 52.23
N PHE K 103 -14.28 36.63 53.16
CA PHE K 103 -13.62 37.79 53.74
C PHE K 103 -12.95 37.57 55.12
N GLY K 104 -12.85 36.31 55.54
CA GLY K 104 -12.27 35.97 56.85
C GLY K 104 -11.20 34.92 56.71
N VAL K 105 -11.39 33.76 57.34
CA VAL K 105 -10.39 32.69 57.32
C VAL K 105 -10.18 32.04 55.95
N GLY K 106 -11.09 32.30 55.01
CA GLY K 106 -10.89 31.90 53.62
C GLY K 106 -11.00 30.42 53.26
N THR K 107 -11.43 29.57 54.19
CA THR K 107 -11.55 28.14 53.91
C THR K 107 -12.70 27.52 54.74
N PHE K 108 -13.01 26.24 54.50
CA PHE K 108 -14.19 25.65 55.10
C PHE K 108 -14.11 25.74 56.61
N ASP K 109 -15.17 26.27 57.22
CA ASP K 109 -15.18 26.46 58.65
C ASP K 109 -16.41 25.86 59.31
N TYR K 110 -17.57 26.00 58.68
CA TYR K 110 -18.74 25.31 59.15
C TYR K 110 -19.10 24.18 58.17
N TRP K 111 -19.37 22.99 58.73
CA TRP K 111 -19.72 21.80 57.95
C TRP K 111 -21.01 21.21 58.49
N GLY K 112 -21.77 20.50 57.65
CA GLY K 112 -22.89 19.69 58.13
C GLY K 112 -22.41 18.39 58.75
N GLN K 113 -23.35 17.54 59.14
CA GLN K 113 -22.98 16.28 59.78
C GLN K 113 -22.66 15.14 58.78
N GLY K 114 -22.83 15.41 57.48
CA GLY K 114 -22.73 14.35 56.45
C GLY K 114 -23.91 13.39 56.42
N THR K 115 -24.41 13.06 55.22
CA THR K 115 -25.37 11.97 55.03
C THR K 115 -24.78 10.97 54.04
N LEU K 116 -24.95 9.68 54.31
CA LEU K 116 -24.48 8.64 53.40
C LEU K 116 -25.48 8.40 52.27
N VAL K 117 -24.98 8.23 51.05
CA VAL K 117 -25.81 7.75 49.94
C VAL K 117 -25.04 6.59 49.35
N THR K 118 -25.75 5.50 49.09
CA THR K 118 -25.19 4.28 48.52
C THR K 118 -25.86 4.06 47.15
N VAL K 119 -25.09 3.58 46.17
CA VAL K 119 -25.59 3.33 44.82
C VAL K 119 -25.62 1.84 44.47
N SER K 120 -26.84 1.31 44.30
CA SER K 120 -27.06 -0.13 44.10
C SER K 120 -28.47 -0.47 43.55
N SER K 121 -28.57 -1.59 42.84
CA SER K 121 -29.87 -2.07 42.37
C SER K 121 -30.45 -3.25 43.19
N ALA K 122 -29.76 -3.61 44.27
CA ALA K 122 -30.23 -4.66 45.17
C ALA K 122 -31.52 -4.28 45.95
N SER K 123 -32.33 -5.29 46.28
CA SER K 123 -33.59 -5.05 46.99
C SER K 123 -33.42 -5.32 48.48
N THR K 124 -34.46 -5.04 49.25
CA THR K 124 -34.49 -5.45 50.65
C THR K 124 -34.42 -6.98 50.72
N LYS K 125 -33.52 -7.49 51.57
CA LYS K 125 -33.48 -8.90 51.92
C LYS K 125 -33.17 -9.04 53.41
N GLY K 126 -33.80 -10.02 54.05
CA GLY K 126 -33.53 -10.35 55.44
C GLY K 126 -32.33 -11.28 55.62
N PRO K 127 -31.53 -11.06 56.68
CA PRO K 127 -30.32 -11.83 57.01
C PRO K 127 -30.57 -13.30 57.27
N SER K 128 -29.53 -14.09 57.09
CA SER K 128 -29.54 -15.50 57.45
C SER K 128 -28.56 -15.62 58.61
N VAL K 129 -28.96 -16.29 59.69
CA VAL K 129 -28.05 -16.42 60.85
C VAL K 129 -27.48 -17.81 61.10
N PHE K 130 -26.15 -17.91 60.98
CA PHE K 130 -25.46 -19.17 61.18
C PHE K 130 -24.50 -19.15 62.37
N PRO K 131 -24.46 -20.27 63.12
CA PRO K 131 -23.52 -20.40 64.24
C PRO K 131 -22.10 -20.72 63.79
N LEU K 132 -21.14 -20.29 64.59
CA LEU K 132 -19.75 -20.66 64.44
C LEU K 132 -19.33 -21.46 65.65
N ALA K 133 -19.55 -22.77 65.57
CA ALA K 133 -19.38 -23.68 66.71
C ALA K 133 -17.94 -23.75 67.22
N PRO K 134 -17.75 -23.60 68.55
CA PRO K 134 -16.44 -23.81 69.21
C PRO K 134 -15.89 -25.21 68.97
N SER K 135 -14.60 -25.29 68.66
CA SER K 135 -14.02 -26.54 68.18
C SER K 135 -13.01 -27.06 69.21
N SER K 136 -13.30 -28.23 69.76
CA SER K 136 -12.53 -28.82 70.87
C SER K 136 -11.08 -29.16 70.52
N GLY K 142 -5.68 -21.08 78.17
CA GLY K 142 -6.79 -22.02 78.00
C GLY K 142 -8.13 -21.32 77.90
N THR K 143 -8.33 -20.57 76.82
CA THR K 143 -9.64 -19.93 76.51
C THR K 143 -10.09 -20.24 75.07
N ALA K 144 -11.39 -20.32 74.85
CA ALA K 144 -11.95 -20.70 73.55
C ALA K 144 -12.61 -19.53 72.82
N ALA K 145 -13.10 -19.78 71.61
CA ALA K 145 -13.73 -18.74 70.79
C ALA K 145 -14.93 -19.25 69.99
N LEU K 146 -15.96 -18.41 69.88
CA LEU K 146 -17.14 -18.71 69.07
C LEU K 146 -17.85 -17.44 68.57
N GLY K 147 -18.77 -17.60 67.63
CA GLY K 147 -19.40 -16.46 66.98
C GLY K 147 -20.64 -16.72 66.13
N CYS K 148 -21.00 -15.69 65.35
CA CYS K 148 -22.17 -15.74 64.47
C CYS K 148 -21.87 -15.20 63.08
N LEU K 149 -22.35 -15.92 62.08
CA LEU K 149 -22.28 -15.44 60.71
C LEU K 149 -23.64 -14.92 60.31
N VAL K 150 -23.66 -13.63 59.97
CA VAL K 150 -24.86 -12.97 59.50
C VAL K 150 -24.70 -12.75 58.00
N LYS K 151 -25.40 -13.59 57.23
CA LYS K 151 -25.17 -13.73 55.81
C LYS K 151 -26.34 -13.25 54.94
N ASP K 152 -26.00 -12.46 53.91
CA ASP K 152 -26.90 -12.07 52.81
C ASP K 152 -28.05 -11.11 53.13
N TYR K 153 -27.72 -9.84 53.35
CA TYR K 153 -28.73 -8.81 53.61
C TYR K 153 -28.52 -7.50 52.82
N PHE K 154 -29.56 -6.66 52.82
CA PHE K 154 -29.49 -5.34 52.22
C PHE K 154 -30.70 -4.50 52.61
N PRO K 155 -30.49 -3.21 52.92
CA PRO K 155 -29.19 -2.54 52.96
C PRO K 155 -28.50 -2.72 54.31
N GLU K 156 -27.43 -1.97 54.54
CA GLU K 156 -26.84 -1.91 55.86
C GLU K 156 -27.70 -1.02 56.74
N PRO K 157 -27.56 -1.13 58.08
CA PRO K 157 -26.72 -2.00 58.89
C PRO K 157 -27.44 -3.17 59.55
N VAL K 158 -26.69 -3.96 60.32
CA VAL K 158 -27.27 -4.89 61.29
C VAL K 158 -26.73 -4.62 62.71
N THR K 159 -27.48 -5.09 63.70
CA THR K 159 -27.10 -4.97 65.10
C THR K 159 -26.99 -6.38 65.68
N VAL K 160 -25.93 -6.61 66.45
CA VAL K 160 -25.67 -7.89 67.10
C VAL K 160 -25.39 -7.79 68.61
N SER K 161 -26.08 -8.61 69.39
CA SER K 161 -25.81 -8.75 70.84
C SER K 161 -25.56 -10.20 71.23
N TRP K 162 -25.01 -10.39 72.44
CA TRP K 162 -24.85 -11.71 73.04
C TRP K 162 -25.57 -11.75 74.39
N ASN K 163 -26.35 -12.82 74.61
CA ASN K 163 -27.15 -13.00 75.84
C ASN K 163 -27.92 -11.74 76.24
N SER K 164 -28.84 -11.34 75.36
CA SER K 164 -29.67 -10.12 75.52
C SER K 164 -28.92 -8.81 75.81
N GLY K 165 -27.59 -8.84 75.73
CA GLY K 165 -26.78 -7.64 75.95
C GLY K 165 -25.96 -7.68 77.22
N ALA K 166 -26.08 -8.77 77.97
CA ALA K 166 -25.29 -9.00 79.18
C ALA K 166 -23.83 -9.34 78.88
N LEU K 167 -23.57 -9.96 77.71
CA LEU K 167 -22.19 -10.24 77.32
C LEU K 167 -21.60 -9.09 76.48
N THR K 168 -20.41 -8.62 76.88
CA THR K 168 -19.72 -7.48 76.26
C THR K 168 -18.20 -7.68 76.19
N SER K 169 -17.63 -8.29 77.22
CA SER K 169 -16.19 -8.50 77.28
C SER K 169 -15.78 -9.63 76.32
N GLY K 170 -14.76 -9.38 75.51
CA GLY K 170 -14.25 -10.38 74.56
C GLY K 170 -14.90 -10.36 73.19
N VAL K 171 -15.70 -9.32 72.95
CA VAL K 171 -16.52 -9.22 71.75
C VAL K 171 -15.84 -8.41 70.63
N HIS K 172 -15.86 -8.96 69.42
CA HIS K 172 -15.47 -8.24 68.19
C HIS K 172 -16.52 -8.46 67.09
N THR K 173 -17.36 -7.45 66.87
CA THR K 173 -18.25 -7.40 65.70
C THR K 173 -17.53 -6.77 64.48
N PHE K 174 -17.26 -7.58 63.46
CA PHE K 174 -16.55 -7.15 62.25
C PHE K 174 -17.32 -6.24 61.27
N PRO K 175 -16.63 -5.23 60.70
CA PRO K 175 -17.21 -4.42 59.61
C PRO K 175 -17.60 -5.33 58.43
N ALA K 176 -18.80 -5.12 57.90
CA ALA K 176 -19.38 -5.97 56.86
C ALA K 176 -18.61 -5.91 55.54
N VAL K 177 -18.71 -6.97 54.74
CA VAL K 177 -18.13 -6.97 53.37
C VAL K 177 -19.22 -7.01 52.29
N LEU K 178 -18.96 -6.41 51.14
CA LEU K 178 -19.87 -6.51 50.00
C LEU K 178 -19.53 -7.74 49.18
N GLN K 179 -20.52 -8.60 48.96
CA GLN K 179 -20.30 -9.79 48.14
C GLN K 179 -20.55 -9.46 46.68
N SER K 180 -19.99 -10.29 45.79
CA SER K 180 -20.12 -10.04 44.35
C SER K 180 -21.60 -10.10 43.94
N SER K 181 -22.39 -10.73 44.80
CA SER K 181 -23.83 -10.90 44.58
C SER K 181 -24.57 -9.59 44.75
N GLY K 182 -23.91 -8.62 45.40
CA GLY K 182 -24.54 -7.36 45.79
C GLY K 182 -25.11 -7.36 47.19
N LEU K 183 -25.02 -8.48 47.90
CA LEU K 183 -25.50 -8.58 49.29
C LEU K 183 -24.35 -8.44 50.29
N TYR K 184 -24.65 -7.92 51.48
CA TYR K 184 -23.63 -7.76 52.51
C TYR K 184 -23.54 -9.00 53.39
N SER K 185 -22.44 -9.14 54.12
CA SER K 185 -22.26 -10.21 55.11
C SER K 185 -21.30 -9.79 56.21
N LEU K 186 -21.54 -10.32 57.41
CA LEU K 186 -20.81 -9.88 58.59
C LEU K 186 -20.60 -11.06 59.54
N SER K 187 -19.58 -10.97 60.39
CA SER K 187 -19.37 -11.93 61.48
C SER K 187 -19.17 -11.23 62.81
N SER K 188 -19.57 -11.91 63.88
CA SER K 188 -19.37 -11.44 65.23
C SER K 188 -18.84 -12.59 66.08
N VAL K 189 -17.74 -12.34 66.79
CA VAL K 189 -17.08 -13.36 67.60
C VAL K 189 -16.86 -12.95 69.06
N VAL K 190 -16.62 -13.95 69.91
CA VAL K 190 -16.36 -13.74 71.34
C VAL K 190 -15.37 -14.79 71.87
N THR K 191 -14.54 -14.40 72.83
CA THR K 191 -13.65 -15.35 73.52
C THR K 191 -14.13 -15.64 74.95
N VAL K 192 -14.28 -16.93 75.27
CA VAL K 192 -14.82 -17.36 76.56
C VAL K 192 -13.97 -18.48 77.20
N PRO K 193 -14.16 -18.73 78.52
CA PRO K 193 -13.55 -19.77 79.35
C PRO K 193 -12.90 -21.01 78.71
N SER K 194 -13.71 -21.89 78.10
CA SER K 194 -13.33 -23.29 77.78
C SER K 194 -13.86 -24.09 78.93
N SER K 195 -13.23 -23.89 80.08
CA SER K 195 -13.67 -24.37 81.38
C SER K 195 -15.18 -24.51 81.48
N SER K 196 -15.90 -23.47 81.07
CA SER K 196 -17.34 -23.45 81.27
C SER K 196 -18.14 -23.27 79.97
N LEU K 197 -17.78 -24.04 78.95
CA LEU K 197 -18.59 -24.15 77.75
C LEU K 197 -19.89 -24.89 78.11
N GLY K 198 -19.87 -26.22 77.99
CA GLY K 198 -21.06 -27.05 78.16
C GLY K 198 -21.75 -26.99 79.50
N THR K 199 -21.64 -25.84 80.18
CA THR K 199 -22.33 -25.60 81.45
C THR K 199 -23.01 -24.22 81.40
N GLN K 200 -22.92 -23.57 80.24
CA GLN K 200 -23.33 -22.18 80.07
C GLN K 200 -23.80 -21.90 78.62
N THR K 201 -25.01 -21.36 78.47
CA THR K 201 -25.55 -21.06 77.13
C THR K 201 -25.04 -19.71 76.60
N TYR K 202 -24.81 -19.65 75.28
CA TYR K 202 -24.50 -18.39 74.60
C TYR K 202 -25.45 -18.15 73.42
N ILE K 203 -25.98 -16.93 73.32
CA ILE K 203 -26.98 -16.58 72.30
C ILE K 203 -26.66 -15.27 71.60
N CYS K 204 -26.66 -15.29 70.27
CA CYS K 204 -26.46 -14.06 69.52
C CYS K 204 -27.79 -13.54 68.97
N ASN K 205 -28.09 -12.28 69.30
CA ASN K 205 -29.34 -11.64 68.92
C ASN K 205 -29.10 -10.62 67.81
N VAL K 206 -29.83 -10.78 66.71
CA VAL K 206 -29.56 -10.02 65.50
C VAL K 206 -30.76 -9.17 65.10
N ASN K 207 -30.48 -7.89 64.80
CA ASN K 207 -31.53 -6.93 64.45
C ASN K 207 -31.25 -6.25 63.11
N HIS K 208 -32.21 -6.36 62.20
CA HIS K 208 -32.14 -5.73 60.88
C HIS K 208 -33.44 -4.97 60.65
N LYS K 209 -33.38 -3.67 60.92
CA LYS K 209 -34.57 -2.80 60.90
C LYS K 209 -35.19 -2.51 59.52
N PRO K 210 -34.36 -2.34 58.45
CA PRO K 210 -34.98 -2.15 57.13
C PRO K 210 -35.62 -3.42 56.52
N SER K 211 -35.35 -4.59 57.08
CA SER K 211 -36.08 -5.82 56.73
C SER K 211 -37.18 -6.21 57.74
N ASN K 212 -37.13 -5.60 58.93
CA ASN K 212 -37.91 -6.05 60.09
C ASN K 212 -37.78 -7.56 60.39
N THR K 213 -36.54 -8.04 60.51
CA THR K 213 -36.29 -9.37 61.10
C THR K 213 -35.43 -9.29 62.37
N LYS K 214 -35.95 -9.87 63.45
CA LYS K 214 -35.26 -9.96 64.73
C LYS K 214 -35.10 -11.45 65.07
N VAL K 215 -33.86 -11.88 65.26
CA VAL K 215 -33.56 -13.31 65.39
C VAL K 215 -32.53 -13.57 66.49
N ASP K 216 -32.87 -14.50 67.37
CA ASP K 216 -32.01 -14.87 68.49
C ASP K 216 -31.59 -16.32 68.31
N LYS K 217 -30.28 -16.56 68.15
CA LYS K 217 -29.77 -17.91 67.90
C LYS K 217 -28.75 -18.40 68.93
N LYS K 218 -29.08 -19.52 69.57
CA LYS K 218 -28.14 -20.18 70.46
C LYS K 218 -27.05 -20.87 69.64
N VAL K 219 -25.81 -20.77 70.09
CA VAL K 219 -24.71 -21.46 69.43
C VAL K 219 -24.00 -22.39 70.42
N GLU K 220 -24.36 -23.67 70.36
CA GLU K 220 -23.86 -24.68 71.28
C GLU K 220 -22.64 -25.40 70.67
N PRO K 221 -21.79 -26.01 71.52
CA PRO K 221 -20.67 -26.79 70.96
C PRO K 221 -21.18 -28.06 70.28
N LYS K 222 -20.71 -28.30 69.05
CA LYS K 222 -21.14 -29.46 68.26
C LYS K 222 -20.08 -30.56 68.31
N LYS L 4 -11.21 66.43 36.04
CA LYS L 4 -11.64 67.81 36.39
C LYS L 4 -13.06 67.87 36.96
N LYS L 5 -13.55 66.74 37.48
CA LYS L 5 -14.85 66.73 38.19
C LYS L 5 -14.86 65.86 39.44
N VAL L 6 -15.30 66.42 40.56
CA VAL L 6 -15.35 65.69 41.83
C VAL L 6 -16.80 65.29 42.15
N CYS L 7 -16.99 64.04 42.56
CA CYS L 7 -18.34 63.50 42.81
C CYS L 7 -18.40 62.64 44.10
N ASN L 8 -19.59 62.57 44.69
CA ASN L 8 -19.90 61.59 45.75
C ASN L 8 -19.85 60.12 45.30
N GLY L 9 -19.71 59.21 46.27
CA GLY L 9 -19.68 57.77 45.98
C GLY L 9 -20.87 57.03 46.56
N ILE L 10 -20.99 55.74 46.25
CA ILE L 10 -22.13 54.94 46.74
C ILE L 10 -22.11 54.87 48.26
N GLY L 11 -23.19 55.29 48.89
CA GLY L 11 -23.33 55.19 50.35
C GLY L 11 -23.28 56.52 51.07
N ILE L 12 -23.07 57.60 50.33
CA ILE L 12 -23.03 58.93 50.97
C ILE L 12 -23.71 60.01 50.13
N GLY L 13 -24.09 61.10 50.80
CA GLY L 13 -24.73 62.23 50.15
C GLY L 13 -25.98 61.84 49.41
N GLU L 14 -26.01 62.19 48.12
CA GLU L 14 -27.11 61.89 47.20
C GLU L 14 -27.24 60.39 46.91
N PHE L 15 -26.22 59.62 47.26
CA PHE L 15 -26.23 58.19 47.03
C PHE L 15 -26.20 57.41 48.33
N LYS L 16 -26.61 58.05 49.44
CA LYS L 16 -26.71 57.34 50.71
C LYS L 16 -27.98 56.50 50.61
N ASP L 17 -28.02 55.37 51.31
CA ASP L 17 -29.14 54.42 51.22
C ASP L 17 -29.23 53.66 49.88
N SER L 18 -28.33 53.97 48.95
CA SER L 18 -28.20 53.23 47.70
C SER L 18 -27.28 52.04 47.93
N LEU L 19 -27.71 50.85 47.52
CA LEU L 19 -26.93 49.61 47.74
C LEU L 19 -25.74 49.52 46.80
N SER L 20 -25.98 49.82 45.53
CA SER L 20 -25.01 49.64 44.46
C SER L 20 -25.14 50.77 43.41
N ILE L 21 -24.18 50.85 42.51
CA ILE L 21 -24.40 51.55 41.25
C ILE L 21 -25.58 50.88 40.50
N ASN L 22 -26.43 51.68 39.86
CA ASN L 22 -27.64 51.14 39.20
C ASN L 22 -28.24 52.02 38.11
N ALA L 23 -29.18 51.45 37.37
CA ALA L 23 -29.91 52.15 36.30
C ALA L 23 -30.37 53.58 36.64
N THR L 24 -30.86 53.80 37.86
CA THR L 24 -31.32 55.12 38.31
C THR L 24 -30.19 56.10 38.63
N ASN L 25 -29.09 55.63 39.21
CA ASN L 25 -28.02 56.54 39.63
C ASN L 25 -26.81 56.74 38.69
N ILE L 26 -26.56 55.77 37.79
CA ILE L 26 -25.39 55.82 36.91
C ILE L 26 -25.17 57.09 36.05
N LYS L 27 -26.24 57.72 35.55
CA LYS L 27 -26.12 58.99 34.81
C LYS L 27 -25.37 60.09 35.58
N HIS L 28 -25.52 60.08 36.90
CA HIS L 28 -24.90 61.10 37.75
C HIS L 28 -23.39 60.90 38.00
N PHE L 29 -22.78 59.92 37.33
CA PHE L 29 -21.33 59.74 37.40
C PHE L 29 -20.63 60.24 36.12
N LYS L 30 -21.42 60.79 35.21
CA LYS L 30 -20.95 61.28 33.93
C LYS L 30 -19.87 62.38 34.09
N ASN L 31 -18.65 62.06 33.63
CA ASN L 31 -17.49 62.97 33.66
C ASN L 31 -16.76 63.07 35.01
N CYS L 32 -17.12 62.21 35.97
CA CYS L 32 -16.38 62.19 37.24
C CYS L 32 -14.99 61.67 36.99
N THR L 33 -14.01 62.40 37.52
CA THR L 33 -12.62 61.99 37.47
C THR L 33 -12.17 61.55 38.87
N SER L 34 -12.88 62.01 39.89
CA SER L 34 -12.61 61.66 41.29
C SER L 34 -13.90 61.29 42.01
N ILE L 35 -13.87 60.13 42.66
CA ILE L 35 -14.97 59.66 43.50
C ILE L 35 -14.58 59.86 44.95
N SER L 36 -15.37 60.65 45.67
CA SER L 36 -15.17 60.88 47.12
C SER L 36 -15.94 59.83 47.91
N GLY L 37 -15.30 58.66 48.09
CA GLY L 37 -15.94 57.50 48.72
C GLY L 37 -15.70 56.22 47.93
N ASP L 38 -16.61 55.26 48.07
CA ASP L 38 -16.46 53.90 47.55
C ASP L 38 -17.33 53.68 46.34
N LEU L 39 -16.98 52.70 45.51
CA LEU L 39 -17.91 52.19 44.48
C LEU L 39 -18.27 50.74 44.83
N HIS L 40 -19.56 50.42 44.75
CA HIS L 40 -20.09 49.06 44.97
C HIS L 40 -20.80 48.61 43.71
N ILE L 41 -20.47 47.44 43.20
CA ILE L 41 -21.23 46.85 42.07
C ILE L 41 -21.73 45.42 42.38
N LEU L 42 -23.04 45.29 42.56
CA LEU L 42 -23.67 44.09 43.10
C LEU L 42 -24.63 43.43 42.09
N PRO L 43 -24.92 42.13 42.28
CA PRO L 43 -26.00 41.44 41.56
C PRO L 43 -27.28 42.27 41.31
N VAL L 44 -27.77 42.99 42.33
CA VAL L 44 -29.04 43.74 42.22
C VAL L 44 -29.01 44.76 41.08
N ALA L 45 -27.81 45.29 40.80
CA ALA L 45 -27.59 46.21 39.68
C ALA L 45 -28.08 45.62 38.35
N PHE L 46 -27.87 44.32 38.15
CA PHE L 46 -28.26 43.65 36.89
C PHE L 46 -29.61 42.98 36.97
N ARG L 47 -30.00 42.55 38.16
CA ARG L 47 -31.35 42.02 38.35
C ARG L 47 -32.41 43.14 38.31
N GLY L 48 -32.07 44.32 38.87
CA GLY L 48 -33.07 45.35 39.19
C GLY L 48 -33.74 45.09 40.54
N ASP L 49 -34.56 46.03 40.99
CA ASP L 49 -35.21 45.89 42.30
C ASP L 49 -36.61 46.50 42.28
N SER L 50 -37.61 45.72 42.67
CA SER L 50 -38.95 46.24 42.71
C SER L 50 -39.20 47.07 43.95
N PHE L 51 -38.59 46.67 45.07
CA PHE L 51 -38.85 47.39 46.32
C PHE L 51 -38.42 48.87 46.29
N THR L 52 -37.37 49.18 45.54
CA THR L 52 -36.85 50.54 45.41
C THR L 52 -37.11 51.09 44.00
N HIS L 53 -38.00 50.44 43.26
CA HIS L 53 -38.45 50.88 41.93
C HIS L 53 -37.30 51.11 40.94
N THR L 54 -36.38 50.15 40.88
CA THR L 54 -35.18 50.29 40.07
C THR L 54 -35.25 49.37 38.88
N PRO L 55 -35.16 49.94 37.65
CA PRO L 55 -34.96 49.14 36.43
C PRO L 55 -33.67 48.31 36.49
N PRO L 56 -33.60 47.22 35.71
CA PRO L 56 -32.30 46.58 35.48
C PRO L 56 -31.30 47.53 34.78
N LEU L 57 -30.02 47.36 35.07
CA LEU L 57 -28.97 48.16 34.44
C LEU L 57 -28.47 47.53 33.14
N ASP L 58 -28.53 48.38 32.09
CA ASP L 58 -27.95 48.09 30.78
C ASP L 58 -26.43 48.01 30.86
N PRO L 59 -25.87 46.83 30.64
CA PRO L 59 -24.42 46.61 30.65
C PRO L 59 -23.61 47.67 29.90
N GLN L 60 -24.08 48.14 28.75
CA GLN L 60 -23.34 49.14 27.96
C GLN L 60 -23.02 50.40 28.77
N GLU L 61 -23.86 50.71 29.76
CA GLU L 61 -23.71 51.96 30.48
C GLU L 61 -22.54 52.03 31.44
N LEU L 62 -22.05 50.87 31.86
CA LEU L 62 -20.87 50.79 32.71
C LEU L 62 -19.73 51.61 32.11
N ASP L 63 -19.77 51.83 30.81
CA ASP L 63 -18.71 52.55 30.12
C ASP L 63 -18.66 54.04 30.48
N ILE L 64 -19.65 54.52 31.23
CA ILE L 64 -19.60 55.87 31.78
C ILE L 64 -18.47 56.04 32.81
N LEU L 65 -18.11 54.94 33.47
CA LEU L 65 -17.06 54.95 34.47
C LEU L 65 -15.63 55.14 33.92
N LYS L 66 -15.47 55.15 32.60
CA LYS L 66 -14.14 55.28 31.99
C LYS L 66 -13.39 56.59 32.32
N THR L 67 -14.13 57.60 32.79
CA THR L 67 -13.52 58.85 33.16
C THR L 67 -12.88 58.85 34.57
N VAL L 68 -13.32 57.94 35.44
CA VAL L 68 -12.80 57.77 36.81
C VAL L 68 -11.31 57.41 36.87
N LYS L 69 -10.54 58.27 37.56
CA LYS L 69 -9.07 58.17 37.67
C LYS L 69 -8.61 57.97 39.12
N GLU L 70 -9.42 58.44 40.06
CA GLU L 70 -9.09 58.31 41.47
C GLU L 70 -10.31 57.91 42.27
N ILE L 71 -10.12 56.94 43.16
CA ILE L 71 -11.11 56.55 44.17
C ILE L 71 -10.50 56.66 45.58
N THR L 72 -11.06 57.52 46.42
CA THR L 72 -10.62 57.70 47.80
C THR L 72 -10.95 56.53 48.72
N GLY L 73 -12.08 55.86 48.45
CA GLY L 73 -12.53 54.73 49.27
C GLY L 73 -12.02 53.39 48.77
N PHE L 74 -12.91 52.40 48.72
CA PHE L 74 -12.62 51.08 48.14
C PHE L 74 -13.41 50.78 46.87
N LEU L 75 -12.99 49.77 46.12
CA LEU L 75 -13.76 49.29 44.96
C LEU L 75 -14.16 47.84 45.14
N LEU L 76 -15.48 47.60 45.21
CA LEU L 76 -16.02 46.24 45.40
C LEU L 76 -16.87 45.76 44.21
N ILE L 77 -16.45 44.67 43.57
CA ILE L 77 -17.18 44.13 42.42
C ILE L 77 -17.60 42.68 42.63
N GLN L 78 -18.89 42.46 42.87
CA GLN L 78 -19.42 41.12 43.13
C GLN L 78 -20.36 40.59 41.99
N ALA L 79 -20.40 41.32 40.88
CA ALA L 79 -21.14 40.90 39.68
C ALA L 79 -20.60 41.64 38.48
N TRP L 80 -20.71 41.04 37.30
CA TRP L 80 -20.22 41.62 36.05
C TRP L 80 -20.88 40.88 34.91
N PRO L 81 -21.18 41.59 33.80
CA PRO L 81 -21.76 40.93 32.63
C PRO L 81 -20.90 39.75 32.18
N GLU L 82 -21.57 38.66 31.84
CA GLU L 82 -20.93 37.41 31.47
C GLU L 82 -20.12 37.53 30.22
N ASN L 83 -20.57 38.36 29.27
CA ASN L 83 -19.88 38.46 27.97
C ASN L 83 -18.74 39.50 27.93
N ARG L 84 -18.36 39.97 29.11
CA ARG L 84 -17.24 40.88 29.18
C ARG L 84 -16.01 40.18 29.76
N THR L 85 -14.91 40.33 29.04
CA THR L 85 -13.72 39.56 29.28
C THR L 85 -12.84 40.15 30.36
N ASP L 86 -12.98 41.46 30.58
CA ASP L 86 -12.17 42.19 31.55
C ASP L 86 -12.92 43.37 32.18
N LEU L 87 -12.22 44.14 33.00
CA LEU L 87 -12.81 45.32 33.64
C LEU L 87 -12.41 46.57 32.89
N HIS L 88 -12.78 46.64 31.60
CA HIS L 88 -12.29 47.78 30.80
C HIS L 88 -12.99 49.12 31.02
N ALA L 89 -14.03 49.10 31.84
CA ALA L 89 -14.71 50.31 32.29
C ALA L 89 -13.82 51.16 33.24
N PHE L 90 -12.90 50.50 33.94
CA PHE L 90 -11.90 51.14 34.81
C PHE L 90 -10.51 51.09 34.18
N GLU L 91 -10.45 50.96 32.86
CA GLU L 91 -9.18 50.98 32.12
C GLU L 91 -8.33 52.24 32.42
N ASN L 92 -8.95 53.25 33.01
CA ASN L 92 -8.25 54.50 33.28
C ASN L 92 -8.12 54.80 34.78
N LEU L 93 -8.43 53.80 35.60
CA LEU L 93 -8.28 53.96 37.04
C LEU L 93 -6.79 54.03 37.40
N GLU L 94 -6.40 54.97 38.27
CA GLU L 94 -4.98 55.20 38.57
C GLU L 94 -4.59 55.01 40.04
N ILE L 95 -5.52 55.31 40.95
CA ILE L 95 -5.25 55.28 42.39
C ILE L 95 -6.49 54.79 43.12
N ILE L 96 -6.28 53.88 44.06
CA ILE L 96 -7.28 53.55 45.06
C ILE L 96 -6.63 53.88 46.39
N ARG L 97 -7.25 54.73 47.20
CA ARG L 97 -6.61 55.17 48.47
C ARG L 97 -6.97 54.38 49.74
N GLY L 98 -8.01 53.57 49.68
CA GLY L 98 -8.47 52.77 50.82
C GLY L 98 -8.65 53.48 52.15
N ARG L 99 -8.97 54.76 52.09
CA ARG L 99 -9.26 55.55 53.29
C ARG L 99 -10.46 54.96 54.06
N THR L 100 -11.41 54.40 53.32
CA THR L 100 -12.47 53.57 53.88
C THR L 100 -12.38 52.20 53.20
N LYS L 101 -12.79 51.16 53.91
CA LYS L 101 -12.42 49.79 53.55
C LYS L 101 -13.58 48.82 53.70
N GLN L 102 -13.61 47.82 52.84
CA GLN L 102 -14.58 46.75 52.95
C GLN L 102 -14.21 45.90 54.15
N HIS L 103 -15.18 45.67 55.05
CA HIS L 103 -14.96 44.99 56.33
C HIS L 103 -13.76 45.52 57.14
N GLY L 104 -13.47 46.81 57.04
CA GLY L 104 -12.31 47.40 57.72
C GLY L 104 -10.96 46.85 57.29
N GLN L 105 -10.91 46.18 56.13
CA GLN L 105 -9.65 45.57 55.69
C GLN L 105 -9.30 45.76 54.21
N PHE L 106 -10.27 45.61 53.33
CA PHE L 106 -9.96 45.53 51.91
C PHE L 106 -10.31 46.79 51.10
N SER L 107 -9.34 47.30 50.33
CA SER L 107 -9.57 48.41 49.38
C SER L 107 -9.91 48.00 47.91
N LEU L 108 -9.62 46.76 47.52
CA LEU L 108 -10.03 46.23 46.21
C LEU L 108 -10.43 44.78 46.32
N ALA L 109 -11.62 44.47 45.83
CA ALA L 109 -12.19 43.13 45.96
C ALA L 109 -12.92 42.73 44.69
N VAL L 110 -12.52 41.61 44.10
CA VAL L 110 -13.03 41.17 42.80
C VAL L 110 -13.41 39.69 42.92
N VAL L 111 -14.71 39.39 42.91
CA VAL L 111 -15.25 38.11 43.43
C VAL L 111 -16.10 37.31 42.43
N SER L 112 -15.58 36.16 41.99
CA SER L 112 -16.37 35.16 41.20
C SER L 112 -17.03 35.73 39.96
N LEU L 113 -16.24 36.45 39.16
CA LEU L 113 -16.69 36.98 37.88
C LEU L 113 -16.22 36.03 36.75
N ASN L 114 -16.75 36.20 35.55
CA ASN L 114 -16.45 35.29 34.43
C ASN L 114 -15.27 35.76 33.54
N ILE L 115 -14.65 36.86 33.96
CA ILE L 115 -13.56 37.52 33.23
C ILE L 115 -12.32 36.66 33.02
N THR L 116 -11.51 36.99 32.00
CA THR L 116 -10.25 36.29 31.68
C THR L 116 -8.97 37.10 32.00
N SER L 117 -9.11 38.40 32.26
CA SER L 117 -7.98 39.26 32.61
C SER L 117 -8.56 40.45 33.35
N LEU L 118 -7.80 41.05 34.27
CA LEU L 118 -8.29 42.18 35.03
C LEU L 118 -8.37 43.46 34.17
N GLY L 119 -7.32 43.72 33.39
CA GLY L 119 -7.30 44.90 32.54
C GLY L 119 -7.36 46.23 33.26
N LEU L 120 -6.75 46.30 34.44
CA LEU L 120 -6.62 47.58 35.12
C LEU L 120 -5.33 48.26 34.67
N ARG L 121 -5.25 48.51 33.36
CA ARG L 121 -4.00 48.88 32.72
C ARG L 121 -3.37 50.20 33.22
N SER L 122 -4.18 51.05 33.87
CA SER L 122 -3.70 52.34 34.39
C SER L 122 -3.36 52.34 35.89
N LEU L 123 -3.77 51.29 36.61
CA LEU L 123 -3.62 51.25 38.07
C LEU L 123 -2.14 51.27 38.47
N LYS L 124 -1.73 52.35 39.14
CA LYS L 124 -0.37 52.35 39.68
C LYS L 124 -0.25 52.64 41.19
N GLU L 125 -1.35 52.96 41.86
CA GLU L 125 -1.29 53.10 43.33
C GLU L 125 -2.50 52.53 44.09
N ILE L 126 -2.20 51.72 45.13
CA ILE L 126 -3.17 51.31 46.15
C ILE L 126 -2.56 51.64 47.52
N SER L 127 -2.97 52.79 48.04
CA SER L 127 -2.35 53.43 49.19
C SER L 127 -2.48 52.71 50.53
N ASP L 128 -3.63 52.08 50.78
CA ASP L 128 -3.93 51.42 52.07
C ASP L 128 -4.94 50.32 51.85
N GLY L 129 -4.99 49.35 52.76
CA GLY L 129 -5.93 48.23 52.65
C GLY L 129 -5.48 47.09 51.77
N ASP L 130 -6.04 45.90 52.01
CA ASP L 130 -5.66 44.69 51.28
C ASP L 130 -6.44 44.45 49.99
N VAL L 131 -5.92 43.55 49.15
CA VAL L 131 -6.49 43.18 47.85
C VAL L 131 -6.92 41.71 47.88
N ILE L 132 -8.18 41.43 47.55
CA ILE L 132 -8.65 40.06 47.41
C ILE L 132 -9.28 39.73 46.04
N ILE L 133 -8.67 38.77 45.36
CA ILE L 133 -9.12 38.27 44.06
C ILE L 133 -9.52 36.80 44.19
N SER L 134 -10.82 36.53 44.27
CA SER L 134 -11.25 35.16 44.55
C SER L 134 -12.33 34.56 43.64
N GLY L 135 -12.15 33.27 43.34
CA GLY L 135 -13.17 32.47 42.68
C GLY L 135 -13.51 32.86 41.26
N ASN L 136 -12.57 33.53 40.57
CA ASN L 136 -12.74 33.88 39.16
C ASN L 136 -12.11 32.76 38.34
N LYS L 137 -12.88 31.70 38.11
CA LYS L 137 -12.40 30.44 37.49
C LYS L 137 -11.77 30.57 36.10
N ASN L 138 -12.04 31.66 35.39
CA ASN L 138 -11.45 31.84 34.06
C ASN L 138 -10.30 32.83 33.99
N LEU L 139 -9.83 33.28 35.16
CA LEU L 139 -8.93 34.43 35.24
C LEU L 139 -7.45 34.12 35.27
N CYS L 140 -6.75 34.58 34.25
CA CYS L 140 -5.31 34.52 34.14
C CYS L 140 -4.69 35.88 34.45
N TYR L 141 -3.36 35.92 34.51
CA TYR L 141 -2.52 37.13 34.56
C TYR L 141 -2.32 37.80 35.94
N ALA L 142 -3.21 37.52 36.90
CA ALA L 142 -3.20 38.27 38.17
C ALA L 142 -1.98 37.94 39.04
N ASN L 143 -1.46 36.75 38.81
CA ASN L 143 -0.24 36.23 39.44
C ASN L 143 1.04 36.95 38.99
N THR L 144 1.00 37.61 37.84
CA THR L 144 2.22 38.18 37.23
C THR L 144 2.60 39.58 37.74
N ILE L 145 1.75 40.18 38.57
CA ILE L 145 1.98 41.56 39.06
C ILE L 145 2.84 41.55 40.32
N ASN L 146 3.77 42.50 40.42
CA ASN L 146 4.43 42.79 41.69
C ASN L 146 3.55 43.76 42.47
N TRP L 147 2.68 43.20 43.32
CA TRP L 147 1.66 44.00 44.02
C TRP L 147 2.26 44.94 45.08
N LYS L 148 3.49 44.62 45.51
CA LYS L 148 4.23 45.41 46.49
C LYS L 148 4.59 46.80 45.96
N LYS L 149 4.78 46.90 44.65
CA LYS L 149 5.12 48.19 44.02
C LYS L 149 3.89 49.09 43.81
N LEU L 150 2.69 48.59 44.09
CA LEU L 150 1.49 49.43 44.11
C LEU L 150 1.19 49.93 45.53
N PHE L 151 1.58 49.12 46.51
CA PHE L 151 1.29 49.40 47.93
C PHE L 151 1.89 50.69 48.47
N GLY L 152 1.27 51.21 49.54
CA GLY L 152 1.68 52.50 50.12
C GLY L 152 1.73 52.54 51.64
N THR L 153 1.27 51.48 52.29
CA THR L 153 1.27 51.38 53.77
C THR L 153 1.89 50.02 54.16
N SER L 154 2.38 49.92 55.39
CA SER L 154 3.29 48.84 55.79
C SER L 154 2.73 47.42 55.79
N GLY L 155 1.55 47.21 56.36
CA GLY L 155 1.02 45.84 56.47
C GLY L 155 0.16 45.33 55.31
N GLN L 156 0.26 45.98 54.15
CA GLN L 156 -0.59 45.63 53.01
C GLN L 156 -0.27 44.22 52.44
N LYS L 157 -1.27 43.59 51.83
CA LYS L 157 -1.14 42.22 51.28
C LYS L 157 -2.19 41.88 50.20
N THR L 158 -1.81 41.04 49.24
CA THR L 158 -2.71 40.56 48.19
C THR L 158 -3.03 39.07 48.38
N LYS L 159 -4.32 38.73 48.36
CA LYS L 159 -4.77 37.33 48.35
C LYS L 159 -5.34 36.97 47.00
N ILE L 160 -4.73 35.98 46.33
CA ILE L 160 -5.18 35.51 45.02
C ILE L 160 -5.61 34.04 45.12
N ILE L 161 -6.91 33.80 45.26
CA ILE L 161 -7.40 32.47 45.59
C ILE L 161 -8.50 31.92 44.66
N SER L 162 -8.37 30.63 44.31
CA SER L 162 -9.34 29.92 43.48
C SER L 162 -9.63 30.52 42.11
N ASN L 163 -8.63 31.13 41.49
CA ASN L 163 -8.72 31.53 40.10
C ASN L 163 -8.14 30.39 39.24
N ARG L 164 -8.20 30.45 37.90
CA ARG L 164 -7.66 29.31 37.15
C ARG L 164 -6.18 29.03 37.37
N GLY L 165 -5.85 27.76 37.11
CA GLY L 165 -4.55 27.13 37.31
C GLY L 165 -3.29 27.95 37.29
N GLU L 166 -2.86 28.36 36.10
CA GLU L 166 -1.51 28.93 35.86
C GLU L 166 -0.83 28.10 34.80
N ASN L 167 -0.61 26.82 35.09
CA ASN L 167 -0.11 25.92 34.05
C ASN L 167 -1.16 25.74 32.97
N SER L 168 -2.41 25.68 33.41
CA SER L 168 -3.56 25.75 32.54
C SER L 168 -3.50 27.03 31.65
N CYS L 169 -3.34 28.22 32.25
CA CYS L 169 -3.20 29.48 31.50
C CYS L 169 -2.04 29.45 30.51
N LYS L 170 -0.91 28.87 30.95
CA LYS L 170 0.31 28.83 30.13
C LYS L 170 0.12 27.95 28.90
N ALA L 171 -0.52 26.79 29.08
CA ALA L 171 -0.85 25.88 27.98
C ALA L 171 -1.63 26.52 26.82
N THR L 172 -2.43 27.53 27.14
CA THR L 172 -3.33 28.16 26.15
C THR L 172 -2.84 29.54 25.71
N GLY L 173 -1.53 29.76 25.87
CA GLY L 173 -0.89 30.99 25.39
C GLY L 173 -1.17 32.23 26.21
N GLN L 174 -2.03 32.11 27.22
CA GLN L 174 -2.50 33.28 27.98
C GLN L 174 -1.48 33.66 29.05
N VAL L 175 -0.52 34.45 28.61
CA VAL L 175 0.69 34.69 29.33
C VAL L 175 1.14 36.08 28.87
N CYS L 176 1.97 36.75 29.66
CA CYS L 176 2.39 38.11 29.33
C CYS L 176 3.14 38.16 28.00
N HIS L 177 2.79 39.16 27.20
CA HIS L 177 3.41 39.42 25.89
C HIS L 177 4.95 39.47 25.96
N ALA L 178 5.59 39.13 24.85
CA ALA L 178 7.06 39.10 24.75
C ALA L 178 7.70 40.44 25.11
N LEU L 179 7.08 41.54 24.70
CA LEU L 179 7.58 42.90 24.96
C LEU L 179 7.58 43.35 26.44
N CYS L 180 6.94 42.59 27.31
CA CYS L 180 6.83 43.01 28.71
C CYS L 180 8.18 42.86 29.41
N SER L 181 8.37 43.68 30.44
CA SER L 181 9.44 43.52 31.41
C SER L 181 9.05 42.39 32.37
N PRO L 182 9.96 41.95 33.24
CA PRO L 182 9.57 40.95 34.24
C PRO L 182 8.64 41.52 35.33
N GLU L 183 8.02 42.66 35.04
CA GLU L 183 7.13 43.36 35.98
C GLU L 183 5.65 42.96 35.88
N GLY L 184 5.33 42.07 34.93
CA GLY L 184 3.98 41.55 34.78
C GLY L 184 3.09 42.32 33.83
N CYS L 185 1.81 41.94 33.79
CA CYS L 185 0.85 42.53 32.86
C CYS L 185 -0.59 42.44 33.38
N TRP L 186 -1.49 43.19 32.74
CA TRP L 186 -2.89 43.21 33.11
C TRP L 186 -3.72 42.40 32.11
N GLY L 187 -3.09 42.03 30.99
CA GLY L 187 -3.72 41.21 29.93
C GLY L 187 -2.66 40.71 28.93
N PRO L 188 -3.12 40.22 27.75
CA PRO L 188 -2.16 39.64 26.80
C PRO L 188 -1.51 40.63 25.81
N GLU L 189 -2.09 41.81 25.67
CA GLU L 189 -1.67 42.77 24.63
C GLU L 189 -0.47 43.61 25.08
N PRO L 190 0.36 44.06 24.11
CA PRO L 190 1.43 45.04 24.38
C PRO L 190 1.04 46.24 25.28
N ARG L 191 -0.14 46.81 25.06
CA ARG L 191 -0.64 47.92 25.90
C ARG L 191 -0.97 47.49 27.34
N ASP L 192 -1.00 46.18 27.60
CA ASP L 192 -1.33 45.65 28.91
C ASP L 192 -0.12 45.51 29.85
N CYS L 193 1.09 45.71 29.32
CA CYS L 193 2.32 45.57 30.13
C CYS L 193 2.46 46.68 31.19
N VAL L 194 3.01 46.32 32.34
CA VAL L 194 3.31 47.30 33.38
C VAL L 194 4.52 48.16 32.97
N SER L 195 5.60 47.51 32.54
CA SER L 195 6.83 48.22 32.15
C SER L 195 7.45 47.70 30.84
N CYS L 196 8.48 48.41 30.37
CA CYS L 196 9.39 47.89 29.35
C CYS L 196 10.67 47.32 29.98
N GLU M 1 -2.56 38.03 -16.50
CA GLU M 1 -2.61 39.23 -17.41
C GLU M 1 -3.94 39.39 -18.15
N ILE M 2 -4.23 40.61 -18.59
CA ILE M 2 -5.41 40.85 -19.44
C ILE M 2 -5.09 40.58 -20.92
N VAL M 3 -5.76 39.58 -21.48
CA VAL M 3 -5.48 39.15 -22.85
C VAL M 3 -6.32 39.98 -23.83
N MET M 4 -5.65 40.57 -24.82
CA MET M 4 -6.31 41.44 -25.81
C MET M 4 -6.45 40.72 -27.16
N THR M 5 -7.66 40.69 -27.71
CA THR M 5 -7.93 39.97 -28.96
C THR M 5 -8.51 40.86 -30.09
N GLN M 6 -7.77 40.90 -31.21
CA GLN M 6 -8.25 41.56 -32.42
C GLN M 6 -8.69 40.51 -33.47
N SER M 7 -9.98 40.36 -33.69
CA SER M 7 -10.48 39.47 -34.75
C SER M 7 -11.37 40.26 -35.71
N PRO M 8 -11.25 40.02 -37.04
CA PRO M 8 -10.31 39.17 -37.77
C PRO M 8 -8.90 39.74 -37.78
N ALA M 9 -7.97 38.99 -38.34
CA ALA M 9 -6.56 39.36 -38.31
C ALA M 9 -6.09 40.06 -39.58
N THR M 10 -6.73 39.78 -40.71
CA THR M 10 -6.51 40.56 -41.91
C THR M 10 -7.87 40.93 -42.47
N LEU M 11 -7.93 42.12 -43.08
CA LEU M 11 -9.13 42.65 -43.70
C LEU M 11 -8.80 43.06 -45.12
N SER M 12 -9.67 42.72 -46.07
CA SER M 12 -9.42 43.08 -47.45
C SER M 12 -10.31 44.24 -47.84
N LEU M 13 -9.69 45.35 -48.21
CA LEU M 13 -10.44 46.58 -48.45
C LEU M 13 -10.03 47.37 -49.69
N SER M 14 -10.90 48.30 -50.06
CA SER M 14 -10.67 49.26 -51.15
C SER M 14 -10.59 50.70 -50.59
N PRO M 15 -9.87 51.60 -51.29
CA PRO M 15 -9.89 53.01 -50.90
C PRO M 15 -11.30 53.61 -51.03
N GLY M 16 -11.68 54.42 -50.04
CA GLY M 16 -12.99 55.02 -50.00
C GLY M 16 -13.93 54.29 -49.04
N GLU M 17 -13.61 53.03 -48.76
CA GLU M 17 -14.46 52.14 -47.99
C GLU M 17 -14.31 52.36 -46.50
N ARG M 18 -15.40 52.13 -45.77
CA ARG M 18 -15.34 52.18 -44.32
C ARG M 18 -14.73 50.91 -43.76
N ALA M 19 -13.74 51.06 -42.89
CA ALA M 19 -13.16 49.93 -42.16
C ALA M 19 -13.55 49.97 -40.69
N THR M 20 -13.87 48.80 -40.15
CA THR M 20 -14.20 48.65 -38.75
C THR M 20 -13.28 47.59 -38.14
N LEU M 21 -12.43 48.00 -37.20
CA LEU M 21 -11.50 47.07 -36.54
C LEU M 21 -11.97 46.86 -35.11
N SER M 22 -11.88 45.64 -34.61
CA SER M 22 -12.35 45.39 -33.25
C SER M 22 -11.30 44.78 -32.31
N CYS M 23 -11.52 45.00 -31.01
CA CYS M 23 -10.61 44.61 -29.95
C CYS M 23 -11.41 44.21 -28.71
N ARG M 24 -11.15 43.00 -28.21
CA ARG M 24 -11.88 42.43 -27.06
C ARG M 24 -10.92 42.23 -25.90
N ALA M 25 -11.34 42.57 -24.69
CA ALA M 25 -10.52 42.30 -23.51
C ALA M 25 -11.11 41.15 -22.70
N SER M 26 -10.26 40.31 -22.09
CA SER M 26 -10.75 39.20 -21.26
C SER M 26 -11.25 39.63 -19.86
N GLN M 27 -10.93 40.85 -19.45
CA GLN M 27 -11.34 41.44 -18.16
C GLN M 27 -11.49 42.96 -18.38
N SER M 28 -12.32 43.62 -17.58
CA SER M 28 -12.59 45.07 -17.74
C SER M 28 -11.31 45.91 -17.82
N VAL M 29 -11.35 46.97 -18.64
CA VAL M 29 -10.24 47.97 -18.68
C VAL M 29 -10.79 49.39 -18.62
N SER M 30 -12.05 49.51 -18.23
CA SER M 30 -12.76 50.79 -18.21
C SER M 30 -12.65 51.54 -19.54
N SER M 31 -11.88 52.62 -19.56
CA SER M 31 -11.62 53.37 -20.78
C SER M 31 -10.11 53.47 -21.07
N TYR M 32 -9.29 52.71 -20.34
CA TYR M 32 -7.83 52.81 -20.46
C TYR M 32 -7.28 51.96 -21.63
N LEU M 33 -7.69 52.35 -22.84
CA LEU M 33 -7.34 51.65 -24.07
C LEU M 33 -6.81 52.64 -25.13
N ALA M 34 -5.76 52.24 -25.85
CA ALA M 34 -5.18 53.02 -26.97
C ALA M 34 -5.05 52.23 -28.27
N TRP M 35 -5.07 52.94 -29.39
CA TRP M 35 -4.80 52.37 -30.73
C TRP M 35 -3.55 52.96 -31.38
N TYR M 36 -2.79 52.09 -32.04
CA TYR M 36 -1.59 52.45 -32.79
C TYR M 36 -1.63 51.86 -34.22
N GLN M 37 -1.05 52.61 -35.17
CA GLN M 37 -0.85 52.13 -36.53
C GLN M 37 0.65 51.87 -36.75
N GLN M 38 0.97 50.83 -37.52
CA GLN M 38 2.37 50.50 -37.81
C GLN M 38 2.64 50.16 -39.27
N LYS M 39 3.59 50.89 -39.85
CA LYS M 39 4.05 50.67 -41.22
C LYS M 39 5.39 49.94 -41.21
N PRO M 40 5.72 49.22 -42.31
CA PRO M 40 6.94 48.42 -42.38
C PRO M 40 8.20 49.22 -42.06
N GLY M 41 9.06 48.65 -41.21
CA GLY M 41 10.31 49.29 -40.76
C GLY M 41 10.17 50.51 -39.86
N GLN M 42 9.03 50.67 -39.19
CA GLN M 42 8.76 51.88 -38.40
C GLN M 42 8.24 51.59 -37.00
N ALA M 43 8.30 52.58 -36.12
CA ALA M 43 7.76 52.46 -34.77
C ALA M 43 6.26 52.78 -34.82
N PRO M 44 5.47 52.16 -33.91
CA PRO M 44 4.03 52.45 -33.77
C PRO M 44 3.74 53.93 -33.49
N ARG M 45 2.78 54.50 -34.23
CA ARG M 45 2.35 55.90 -34.15
C ARG M 45 0.97 55.96 -33.44
N LEU M 46 0.88 56.74 -32.36
CA LEU M 46 -0.37 56.88 -31.58
C LEU M 46 -1.53 57.49 -32.39
N LEU M 47 -2.68 56.82 -32.39
CA LEU M 47 -3.90 57.33 -33.06
C LEU M 47 -4.93 57.93 -32.09
N ILE M 48 -5.18 57.20 -31.00
CA ILE M 48 -6.34 57.35 -30.11
C ILE M 48 -5.97 56.93 -28.69
N TYR M 49 -6.32 57.74 -27.69
CA TYR M 49 -6.18 57.31 -26.28
C TYR M 49 -7.52 57.40 -25.51
N ASP M 50 -7.59 56.84 -24.29
CA ASP M 50 -8.85 56.84 -23.50
C ASP M 50 -10.08 56.42 -24.30
N ALA M 51 -9.92 55.33 -25.03
CA ALA M 51 -10.94 54.79 -25.94
C ALA M 51 -11.44 55.75 -27.04
N SER M 52 -11.48 57.06 -26.74
CA SER M 52 -12.26 58.04 -27.50
C SER M 52 -11.55 59.26 -28.09
N ASN M 53 -10.41 59.64 -27.52
CA ASN M 53 -9.71 60.86 -27.90
C ASN M 53 -8.70 60.70 -29.04
N ARG M 54 -8.77 61.63 -29.99
CA ARG M 54 -7.86 61.66 -31.11
C ARG M 54 -6.63 62.46 -30.65
N ALA M 55 -5.44 61.93 -30.95
CA ALA M 55 -4.20 62.65 -30.63
C ALA M 55 -4.01 63.78 -31.62
N THR M 56 -3.26 64.80 -31.23
CA THR M 56 -3.07 65.97 -32.09
C THR M 56 -2.30 65.60 -33.36
N GLY M 57 -2.76 66.11 -34.50
CA GLY M 57 -2.11 65.84 -35.77
C GLY M 57 -2.61 64.59 -36.49
N ILE M 58 -3.49 63.85 -35.83
CA ILE M 58 -4.14 62.69 -36.47
C ILE M 58 -5.42 63.13 -37.22
N PRO M 59 -5.52 62.76 -38.52
CA PRO M 59 -6.68 63.20 -39.32
C PRO M 59 -8.02 62.75 -38.74
N ALA M 60 -9.04 63.59 -38.92
CA ALA M 60 -10.37 63.36 -38.35
C ALA M 60 -11.10 62.09 -38.83
N ARG M 61 -10.68 61.51 -39.95
CA ARG M 61 -11.23 60.22 -40.41
C ARG M 61 -11.01 59.01 -39.46
N PHE M 62 -10.25 59.21 -38.39
CA PHE M 62 -10.02 58.17 -37.37
C PHE M 62 -10.82 58.48 -36.09
N SER M 63 -11.62 57.51 -35.61
CA SER M 63 -12.35 57.66 -34.34
C SER M 63 -12.47 56.34 -33.57
N GLY M 64 -12.57 56.42 -32.23
CA GLY M 64 -12.67 55.24 -31.36
C GLY M 64 -13.94 55.12 -30.50
N SER M 65 -14.27 53.90 -30.09
CA SER M 65 -15.49 53.65 -29.32
C SER M 65 -15.34 52.46 -28.36
N GLY M 66 -16.27 52.37 -27.40
CA GLY M 66 -16.27 51.29 -26.43
C GLY M 66 -15.87 51.60 -24.99
N SER M 67 -15.89 50.55 -24.17
CA SER M 67 -15.64 50.63 -22.72
C SER M 67 -15.68 49.20 -22.19
N GLY M 68 -15.11 48.97 -21.00
CA GLY M 68 -15.19 47.68 -20.35
C GLY M 68 -14.42 46.65 -21.13
N THR M 69 -15.13 45.81 -21.90
CA THR M 69 -14.48 44.70 -22.62
C THR M 69 -14.48 44.80 -24.17
N ASP M 70 -15.44 45.52 -24.75
CA ASP M 70 -15.55 45.61 -26.21
C ASP M 70 -15.30 47.01 -26.81
N PHE M 71 -14.32 47.08 -27.72
CA PHE M 71 -13.85 48.33 -28.32
C PHE M 71 -13.85 48.29 -29.86
N THR M 72 -13.95 49.46 -30.49
CA THR M 72 -13.97 49.60 -31.95
C THR M 72 -13.09 50.77 -32.45
N LEU M 73 -12.34 50.54 -33.53
CA LEU M 73 -11.65 51.63 -34.25
C LEU M 73 -12.29 51.73 -35.64
N THR M 74 -12.85 52.89 -36.00
CA THR M 74 -13.42 53.07 -37.34
C THR M 74 -12.67 54.10 -38.18
N ILE M 75 -12.44 53.74 -39.44
CA ILE M 75 -11.88 54.64 -40.45
C ILE M 75 -13.02 54.91 -41.41
N SER M 76 -13.57 56.13 -41.35
CA SER M 76 -14.80 56.45 -42.10
C SER M 76 -14.65 56.20 -43.62
N SER M 77 -13.51 56.60 -44.16
CA SER M 77 -13.16 56.41 -45.58
C SER M 77 -11.64 56.18 -45.73
N LEU M 78 -11.25 55.08 -46.35
CA LEU M 78 -9.84 54.68 -46.46
C LEU M 78 -8.99 55.49 -47.47
N GLU M 79 -7.91 56.11 -46.97
CA GLU M 79 -6.90 56.70 -47.85
C GLU M 79 -5.90 55.61 -48.22
N PRO M 80 -5.17 55.81 -49.34
CA PRO M 80 -4.11 54.89 -49.72
C PRO M 80 -3.03 54.73 -48.66
N GLU M 81 -2.75 55.77 -47.88
CA GLU M 81 -1.72 55.67 -46.84
C GLU M 81 -2.10 54.82 -45.62
N ASP M 82 -3.35 54.33 -45.59
CA ASP M 82 -3.89 53.68 -44.40
C ASP M 82 -3.77 52.13 -44.40
N PHE M 83 -3.40 51.56 -45.52
CA PHE M 83 -3.15 50.12 -45.56
C PHE M 83 -1.89 49.82 -44.77
N ALA M 84 -2.08 49.18 -43.63
CA ALA M 84 -1.05 48.98 -42.60
C ALA M 84 -1.57 48.02 -41.52
N VAL M 85 -0.77 47.83 -40.47
CA VAL M 85 -1.15 47.02 -39.33
C VAL M 85 -1.62 47.92 -38.18
N TYR M 86 -2.66 47.49 -37.45
CA TYR M 86 -3.24 48.26 -36.33
C TYR M 86 -3.28 47.43 -35.04
N TYR M 87 -2.91 48.06 -33.93
CA TYR M 87 -2.76 47.35 -32.63
C TYR M 87 -3.56 47.99 -31.49
N CYS M 88 -4.34 47.20 -30.77
CA CYS M 88 -4.92 47.73 -29.56
C CYS M 88 -3.99 47.52 -28.35
N HIS M 89 -4.21 48.32 -27.31
CA HIS M 89 -3.35 48.29 -26.12
C HIS M 89 -4.05 48.77 -24.86
N GLN M 90 -4.07 47.92 -23.82
CA GLN M 90 -4.59 48.33 -22.49
C GLN M 90 -3.50 48.73 -21.48
N TYR M 91 -3.81 49.75 -20.69
CA TYR M 91 -2.92 50.27 -19.67
C TYR M 91 -3.65 50.47 -18.33
N GLY M 92 -4.77 49.78 -18.19
CA GLY M 92 -5.52 49.74 -16.93
C GLY M 92 -4.91 48.98 -15.75
N SER M 93 -4.25 47.86 -16.03
CA SER M 93 -3.58 47.06 -15.00
C SER M 93 -2.20 46.60 -15.50
N THR M 94 -1.24 46.45 -14.57
CA THR M 94 0.05 45.87 -14.94
C THR M 94 -0.13 44.36 -14.90
N PRO M 95 0.53 43.62 -15.82
CA PRO M 95 1.34 44.09 -16.97
C PRO M 95 0.51 44.67 -18.11
N LEU M 96 1.00 45.76 -18.68
CA LEU M 96 0.41 46.34 -19.88
C LEU M 96 0.49 45.34 -21.06
N THR M 97 -0.56 45.29 -21.87
CA THR M 97 -0.62 44.31 -22.96
C THR M 97 -1.20 44.90 -24.24
N PHE M 98 -0.85 44.26 -25.36
CA PHE M 98 -1.24 44.65 -26.70
C PHE M 98 -1.96 43.48 -27.36
N GLY M 99 -2.93 43.80 -28.23
CA GLY M 99 -3.56 42.80 -29.08
C GLY M 99 -2.65 42.27 -30.17
N GLY M 100 -3.12 41.25 -30.90
CA GLY M 100 -2.29 40.58 -31.89
C GLY M 100 -2.02 41.36 -33.16
N GLY M 101 -2.78 42.43 -33.40
CA GLY M 101 -2.74 43.20 -34.64
C GLY M 101 -3.84 42.84 -35.64
N THR M 102 -4.41 43.84 -36.30
CA THR M 102 -5.17 43.62 -37.54
C THR M 102 -4.50 44.33 -38.73
N LYS M 103 -4.34 43.58 -39.82
CA LYS M 103 -3.69 44.07 -41.05
C LYS M 103 -4.70 44.40 -42.14
N ALA M 104 -4.53 45.59 -42.73
CA ALA M 104 -5.41 46.08 -43.79
C ALA M 104 -4.78 45.89 -45.15
N GLU M 105 -5.38 45.02 -45.94
CA GLU M 105 -4.82 44.58 -47.22
C GLU M 105 -5.63 45.14 -48.39
N ILE M 106 -4.95 45.52 -49.46
CA ILE M 106 -5.61 45.94 -50.71
C ILE M 106 -6.37 44.76 -51.35
N LYS M 107 -7.59 45.03 -51.84
CA LYS M 107 -8.41 44.01 -52.49
C LYS M 107 -8.39 44.19 -54.00
N ARG M 108 -8.46 43.06 -54.71
CA ARG M 108 -8.61 43.04 -56.16
C ARG M 108 -9.18 41.69 -56.61
N THR M 109 -9.23 41.49 -57.92
CA THR M 109 -9.76 40.26 -58.48
C THR M 109 -8.84 39.08 -58.21
N VAL M 110 -9.42 37.90 -58.24
CA VAL M 110 -8.68 36.65 -58.21
C VAL M 110 -7.73 36.59 -59.43
N ALA M 111 -6.45 36.25 -59.17
CA ALA M 111 -5.42 36.08 -60.21
C ALA M 111 -4.67 34.78 -60.00
N ALA M 112 -4.71 33.90 -60.98
CA ALA M 112 -4.02 32.62 -60.90
C ALA M 112 -2.50 32.85 -60.98
N PRO M 113 -1.72 32.01 -60.28
CA PRO M 113 -0.26 32.12 -60.36
C PRO M 113 0.27 31.42 -61.60
N SER M 114 1.41 31.88 -62.09
CA SER M 114 2.18 31.07 -63.03
C SER M 114 3.26 30.29 -62.27
N VAL M 115 3.27 28.97 -62.47
CA VAL M 115 4.12 28.05 -61.73
C VAL M 115 5.41 27.74 -62.52
N PHE M 116 6.54 27.66 -61.82
CA PHE M 116 7.85 27.35 -62.42
C PHE M 116 8.70 26.49 -61.50
N ILE M 117 9.34 25.47 -62.07
CA ILE M 117 10.25 24.57 -61.34
C ILE M 117 11.70 24.72 -61.80
N PHE M 118 12.64 24.79 -60.86
CA PHE M 118 14.07 24.85 -61.20
C PHE M 118 14.78 23.66 -60.61
N PRO M 119 15.54 22.94 -61.45
CA PRO M 119 16.37 21.82 -61.00
C PRO M 119 17.65 22.34 -60.34
N PRO M 120 18.37 21.48 -59.59
CA PRO M 120 19.62 21.97 -58.99
C PRO M 120 20.66 22.14 -60.08
N SER M 121 21.42 23.23 -59.99
CA SER M 121 22.50 23.53 -60.92
C SER M 121 23.57 22.45 -60.82
N ASP M 122 24.31 22.24 -61.91
CA ASP M 122 25.42 21.30 -61.88
C ASP M 122 26.47 21.68 -60.85
N GLU M 123 26.63 22.98 -60.61
CA GLU M 123 27.67 23.48 -59.73
C GLU M 123 27.41 23.25 -58.26
N GLN M 124 26.13 23.30 -57.88
CA GLN M 124 25.76 22.99 -56.51
C GLN M 124 25.98 21.50 -56.19
N LEU M 125 25.69 20.63 -57.16
CA LEU M 125 25.84 19.19 -56.95
C LEU M 125 27.26 18.83 -56.56
N LYS M 126 28.23 19.55 -57.14
CA LYS M 126 29.64 19.42 -56.79
C LYS M 126 29.87 19.59 -55.29
N SER M 127 29.07 20.42 -54.64
CA SER M 127 29.20 20.64 -53.20
C SER M 127 28.64 19.47 -52.39
N GLY M 128 27.68 18.72 -52.95
CA GLY M 128 27.16 17.54 -52.27
C GLY M 128 25.75 17.66 -51.69
N THR M 129 25.04 18.71 -52.10
CA THR M 129 23.69 18.97 -51.61
C THR M 129 22.82 19.49 -52.77
N ALA M 130 21.55 19.05 -52.84
CA ALA M 130 20.68 19.44 -53.95
C ALA M 130 19.46 20.22 -53.46
N SER M 131 19.28 21.43 -53.98
CA SER M 131 18.12 22.26 -53.71
C SER M 131 17.24 22.31 -54.95
N VAL M 132 15.95 22.00 -54.80
CA VAL M 132 15.00 22.12 -55.91
C VAL M 132 14.03 23.23 -55.56
N VAL M 133 13.79 24.13 -56.52
CA VAL M 133 12.99 25.35 -56.30
C VAL M 133 11.69 25.43 -57.12
N CYS M 134 10.62 25.90 -56.48
CA CYS M 134 9.32 26.11 -57.11
C CYS M 134 8.78 27.51 -56.85
N LEU M 135 8.36 28.19 -57.92
CA LEU M 135 7.84 29.55 -57.82
C LEU M 135 6.37 29.65 -58.23
N LEU M 136 5.58 30.28 -57.35
CA LEU M 136 4.22 30.73 -57.65
C LEU M 136 4.24 32.25 -57.81
N ASN M 137 3.90 32.72 -59.01
CA ASN M 137 4.14 34.11 -59.43
C ASN M 137 2.89 34.91 -59.76
N ASN M 138 2.72 36.05 -59.08
CA ASN M 138 1.62 37.02 -59.31
C ASN M 138 0.18 36.50 -59.15
N PHE M 139 -0.15 36.08 -57.93
CA PHE M 139 -1.45 35.50 -57.65
C PHE M 139 -2.23 36.27 -56.58
N TYR M 140 -3.51 35.93 -56.42
CA TYR M 140 -4.37 36.58 -55.44
C TYR M 140 -5.66 35.77 -55.26
N PRO M 141 -6.13 35.58 -54.00
CA PRO M 141 -5.61 35.98 -52.68
C PRO M 141 -4.43 35.12 -52.22
N ARG M 142 -4.02 35.32 -50.97
CA ARG M 142 -2.81 34.70 -50.44
C ARG M 142 -2.85 33.19 -50.20
N GLU M 143 -4.01 32.62 -49.94
CA GLU M 143 -4.10 31.19 -49.69
C GLU M 143 -3.69 30.37 -50.94
N ALA M 144 -2.72 29.48 -50.70
CA ALA M 144 -2.16 28.63 -51.74
C ALA M 144 -1.65 27.33 -51.12
N LYS M 145 -1.68 26.24 -51.89
CA LYS M 145 -1.16 24.97 -51.41
C LYS M 145 -0.02 24.51 -52.31
N VAL M 146 1.04 24.00 -51.69
CA VAL M 146 2.20 23.48 -52.42
C VAL M 146 2.65 22.12 -51.88
N GLN M 147 2.72 21.14 -52.78
CA GLN M 147 3.09 19.76 -52.43
C GLN M 147 4.23 19.30 -53.35
N TRP M 148 5.25 18.67 -52.76
CA TRP M 148 6.37 18.12 -53.51
C TRP M 148 6.21 16.60 -53.69
N LYS M 149 6.38 16.13 -54.93
CA LYS M 149 6.37 14.69 -55.25
C LYS M 149 7.65 14.20 -55.96
N VAL M 150 8.27 13.14 -55.44
CA VAL M 150 9.54 12.58 -55.93
C VAL M 150 9.33 11.10 -56.27
N ASP M 151 9.29 10.76 -57.56
CA ASP M 151 8.91 9.43 -58.06
C ASP M 151 7.55 8.96 -57.56
N ASN M 152 6.61 9.91 -57.50
CA ASN M 152 5.25 9.76 -56.92
C ASN M 152 5.16 9.91 -55.41
N ALA M 153 6.21 9.58 -54.68
CA ALA M 153 6.20 9.71 -53.22
C ALA M 153 6.01 11.17 -52.78
N LEU M 154 5.04 11.37 -51.91
CA LEU M 154 4.74 12.67 -51.31
C LEU M 154 5.78 13.06 -50.24
N GLN M 155 6.37 14.26 -50.36
CA GLN M 155 7.44 14.72 -49.42
C GLN M 155 6.95 15.45 -48.15
N SER M 156 7.70 15.32 -47.08
CA SER M 156 7.32 15.92 -45.78
C SER M 156 8.52 16.50 -45.04
N GLY M 157 8.27 17.57 -44.27
CA GLY M 157 9.28 18.12 -43.37
C GLY M 157 10.68 18.38 -43.92
N ASN M 158 10.79 18.49 -45.24
CA ASN M 158 12.06 18.75 -45.90
C ASN M 158 12.01 19.94 -46.88
N SER M 159 11.06 20.84 -46.68
CA SER M 159 11.02 22.07 -47.48
C SER M 159 10.71 23.31 -46.62
N GLN M 160 10.98 24.49 -47.15
CA GLN M 160 10.61 25.76 -46.50
C GLN M 160 9.96 26.72 -47.50
N GLU M 161 9.03 27.55 -47.02
CA GLU M 161 8.34 28.57 -47.84
C GLU M 161 8.74 30.01 -47.48
N SER M 162 8.68 30.89 -48.48
CA SER M 162 8.83 32.33 -48.29
C SER M 162 7.89 33.12 -49.24
N VAL M 163 7.51 34.33 -48.83
CA VAL M 163 6.40 35.05 -49.47
C VAL M 163 6.56 36.55 -49.38
N THR M 164 6.54 37.23 -50.53
CA THR M 164 6.68 38.70 -50.61
C THR M 164 5.48 39.42 -50.04
N GLU M 165 5.65 40.70 -49.70
CA GLU M 165 4.52 41.56 -49.37
C GLU M 165 3.78 41.93 -50.64
N GLN M 166 2.57 42.48 -50.50
CA GLN M 166 1.79 42.97 -51.65
C GLN M 166 2.57 43.94 -52.54
N ASP M 167 2.56 43.68 -53.85
CA ASP M 167 3.22 44.51 -54.84
C ASP M 167 2.47 45.82 -55.00
N SER M 168 3.18 46.94 -54.88
CA SER M 168 2.55 48.27 -54.93
C SER M 168 1.92 48.63 -56.29
N LYS M 169 2.34 47.94 -57.34
CA LYS M 169 1.87 48.23 -58.69
C LYS M 169 0.72 47.35 -59.17
N ASP M 170 0.49 46.19 -58.56
CA ASP M 170 -0.63 45.32 -58.95
C ASP M 170 -1.27 44.52 -57.82
N SER M 171 -0.83 44.76 -56.58
CA SER M 171 -1.38 44.14 -55.37
C SER M 171 -1.41 42.60 -55.35
N THR M 172 -0.53 41.96 -56.12
CA THR M 172 -0.44 40.50 -56.08
C THR M 172 0.60 40.03 -55.06
N TYR M 173 0.75 38.70 -54.97
CA TYR M 173 1.73 38.07 -54.11
C TYR M 173 2.56 37.10 -54.93
N SER M 174 3.78 36.83 -54.46
CA SER M 174 4.58 35.74 -54.99
C SER M 174 5.16 34.85 -53.88
N LEU M 175 5.34 33.58 -54.20
CA LEU M 175 5.75 32.55 -53.24
C LEU M 175 6.81 31.60 -53.82
N SER M 176 7.76 31.18 -52.98
CA SER M 176 8.78 30.18 -53.38
C SER M 176 8.85 29.04 -52.39
N SER M 177 8.95 27.81 -52.91
CA SER M 177 9.22 26.65 -52.07
C SER M 177 10.54 25.99 -52.51
N THR M 178 11.36 25.63 -51.51
CA THR M 178 12.69 25.01 -51.70
C THR M 178 12.79 23.64 -51.04
N LEU M 179 12.88 22.60 -51.86
CA LEU M 179 13.10 21.24 -51.36
C LEU M 179 14.60 20.93 -51.24
N THR M 180 15.03 20.44 -50.07
CA THR M 180 16.47 20.20 -49.79
C THR M 180 16.84 18.73 -49.54
N LEU M 181 17.84 18.26 -50.27
CA LEU M 181 18.23 16.85 -50.36
C LEU M 181 19.73 16.69 -50.34
N SER M 182 20.20 15.54 -49.87
CA SER M 182 21.57 15.16 -50.11
C SER M 182 21.73 14.77 -51.58
N LYS M 183 22.90 15.06 -52.15
CA LYS M 183 23.24 14.61 -53.49
C LYS M 183 22.82 13.16 -53.72
N ALA M 184 23.14 12.29 -52.76
CA ALA M 184 22.85 10.86 -52.89
C ALA M 184 21.36 10.52 -52.96
N ASP M 185 20.54 11.20 -52.15
CA ASP M 185 19.08 11.08 -52.23
C ASP M 185 18.64 11.48 -53.63
N TYR M 186 19.10 12.65 -54.07
CA TYR M 186 18.73 13.17 -55.38
C TYR M 186 19.02 12.16 -56.49
N GLU M 187 20.18 11.50 -56.44
CA GLU M 187 20.61 10.57 -57.50
C GLU M 187 19.83 9.23 -57.56
N LYS M 188 19.14 8.87 -56.49
CA LYS M 188 18.40 7.60 -56.47
C LYS M 188 16.99 7.70 -57.08
N HIS M 189 16.57 8.91 -57.47
CA HIS M 189 15.23 9.10 -58.04
C HIS M 189 15.29 9.86 -59.37
N LYS M 190 14.23 9.79 -60.16
CA LYS M 190 14.22 10.37 -61.51
C LYS M 190 13.24 11.55 -61.72
N VAL M 191 12.02 11.44 -61.19
CA VAL M 191 10.94 12.43 -61.49
C VAL M 191 10.63 13.38 -60.32
N TYR M 192 10.85 14.69 -60.54
CA TYR M 192 10.63 15.73 -59.51
C TYR M 192 9.48 16.66 -59.87
N ALA M 193 8.53 16.80 -58.94
CA ALA M 193 7.29 17.53 -59.22
C ALA M 193 6.76 18.46 -58.11
N CYS M 194 6.36 19.66 -58.54
CA CYS M 194 5.71 20.68 -57.72
C CYS M 194 4.22 20.73 -58.10
N GLU M 195 3.31 20.41 -57.17
CA GLU M 195 1.86 20.50 -57.45
C GLU M 195 1.20 21.63 -56.68
N VAL M 196 0.44 22.46 -57.41
CA VAL M 196 -0.11 23.73 -56.90
C VAL M 196 -1.63 23.85 -56.99
N THR M 197 -2.27 24.03 -55.83
CA THR M 197 -3.68 24.32 -55.77
C THR M 197 -3.90 25.79 -55.36
N HIS M 198 -4.81 26.45 -56.07
CA HIS M 198 -5.22 27.82 -55.80
C HIS M 198 -6.57 28.01 -56.46
N GLN M 199 -7.46 28.76 -55.81
CA GLN M 199 -8.83 28.93 -56.29
C GLN M 199 -9.01 29.46 -57.74
N GLY M 200 -7.99 30.16 -58.24
CA GLY M 200 -7.96 30.60 -59.64
C GLY M 200 -7.93 29.44 -60.63
N LEU M 201 -7.62 28.25 -60.13
CA LEU M 201 -7.71 27.01 -60.93
C LEU M 201 -8.71 26.03 -60.31
N SER M 202 -9.65 25.57 -61.11
CA SER M 202 -10.56 24.49 -60.72
C SER M 202 -9.81 23.15 -60.57
N SER M 203 -8.58 23.13 -61.08
CA SER M 203 -7.80 21.92 -61.25
C SER M 203 -6.33 22.23 -60.92
N PRO M 204 -5.74 21.49 -59.95
CA PRO M 204 -4.35 21.74 -59.53
C PRO M 204 -3.38 21.55 -60.69
N VAL M 205 -2.41 22.45 -60.85
CA VAL M 205 -1.38 22.27 -61.88
C VAL M 205 -0.05 21.77 -61.34
N THR M 206 0.54 20.84 -62.08
CA THR M 206 1.79 20.22 -61.72
C THR M 206 2.83 20.60 -62.76
N LYS M 207 4.04 20.88 -62.28
CA LYS M 207 5.21 21.12 -63.11
C LYS M 207 6.31 20.17 -62.66
N SER M 208 7.07 19.62 -63.62
CA SER M 208 8.07 18.62 -63.30
C SER M 208 9.25 18.59 -64.29
N PHE M 209 10.37 18.04 -63.82
CA PHE M 209 11.47 17.67 -64.73
C PHE M 209 11.96 16.26 -64.40
N ASN M 210 12.63 15.62 -65.36
CA ASN M 210 13.33 14.35 -65.13
C ASN M 210 14.82 14.61 -64.88
N ARG M 211 15.40 13.95 -63.88
CA ARG M 211 16.82 14.14 -63.59
C ARG M 211 17.69 13.58 -64.70
N GLY M 212 18.54 14.44 -65.26
CA GLY M 212 19.53 14.03 -66.27
C GLY M 212 19.08 14.38 -67.67
N ALA M 213 17.93 13.86 -68.06
CA ALA M 213 17.31 14.12 -69.36
C ALA M 213 16.78 15.56 -69.46
N GLN N 1 10.47 68.80 -29.40
CA GLN N 1 11.70 68.17 -30.00
C GLN N 1 12.24 67.05 -29.10
N VAL N 2 11.35 66.53 -28.25
CA VAL N 2 11.59 65.35 -27.46
C VAL N 2 11.96 64.18 -28.35
N GLN N 3 13.17 63.66 -28.20
CA GLN N 3 13.65 62.55 -29.02
C GLN N 3 14.31 61.43 -28.21
N LEU N 4 14.21 60.20 -28.68
CA LEU N 4 14.80 59.04 -28.01
C LEU N 4 15.57 58.22 -29.02
N GLN N 5 16.68 57.61 -28.60
CA GLN N 5 17.47 56.79 -29.53
C GLN N 5 18.16 55.57 -28.90
N GLU N 6 17.82 54.40 -29.40
CA GLU N 6 18.44 53.16 -28.97
C GLU N 6 19.88 53.00 -29.53
N SER N 7 20.77 52.41 -28.73
CA SER N 7 22.00 51.82 -29.24
C SER N 7 22.45 50.58 -28.45
N GLY N 8 23.32 49.78 -29.07
CA GLY N 8 23.86 48.58 -28.47
C GLY N 8 24.17 47.51 -29.51
N PRO N 9 24.98 46.50 -29.13
CA PRO N 9 25.41 45.44 -30.06
C PRO N 9 24.24 44.57 -30.54
N GLY N 10 24.18 44.32 -31.86
CA GLY N 10 23.06 43.64 -32.52
C GLY N 10 23.12 42.13 -32.64
N LEU N 11 24.16 41.52 -32.06
CA LEU N 11 24.26 40.07 -32.04
C LEU N 11 24.69 39.54 -30.66
N VAL N 12 23.88 38.68 -30.06
CA VAL N 12 24.23 38.04 -28.78
C VAL N 12 24.14 36.50 -28.83
N LYS N 13 25.15 35.85 -28.27
CA LYS N 13 25.20 34.39 -28.15
C LYS N 13 24.25 33.88 -27.08
N PRO N 14 23.55 32.78 -27.34
CA PRO N 14 22.71 32.11 -26.32
C PRO N 14 23.37 31.96 -24.94
N SER N 15 22.56 32.20 -23.90
CA SER N 15 22.93 32.07 -22.46
C SER N 15 23.69 33.23 -21.82
N GLN N 16 24.10 34.20 -22.64
CA GLN N 16 24.78 35.42 -22.17
C GLN N 16 23.77 36.58 -21.98
N THR N 17 24.25 37.80 -21.73
CA THR N 17 23.38 38.94 -21.43
C THR N 17 23.20 39.92 -22.61
N LEU N 18 21.97 40.40 -22.79
CA LEU N 18 21.63 41.48 -23.74
C LEU N 18 21.61 42.80 -22.96
N SER N 19 22.28 43.84 -23.47
CA SER N 19 22.14 45.17 -22.86
C SER N 19 22.12 46.32 -23.85
N LEU N 20 21.20 47.25 -23.64
CA LEU N 20 21.03 48.43 -24.50
C LEU N 20 20.83 49.68 -23.68
N THR N 21 21.13 50.83 -24.28
CA THR N 21 20.82 52.10 -23.64
C THR N 21 20.02 53.00 -24.60
N CYS N 22 19.24 53.92 -24.05
CA CYS N 22 18.42 54.90 -24.79
C CYS N 22 18.86 56.33 -24.39
N THR N 23 19.15 57.17 -25.38
CA THR N 23 19.57 58.56 -25.15
C THR N 23 18.43 59.53 -25.45
N VAL N 24 18.12 60.38 -24.47
CA VAL N 24 16.97 61.27 -24.52
C VAL N 24 17.46 62.69 -24.68
N SER N 25 16.81 63.45 -25.57
CA SER N 25 17.07 64.89 -25.71
C SER N 25 15.81 65.74 -25.82
N GLY N 26 15.95 67.05 -25.62
CA GLY N 26 14.81 67.95 -25.54
C GLY N 26 14.08 67.94 -24.20
N GLY N 27 14.65 67.26 -23.21
CA GLY N 27 14.01 67.13 -21.89
C GLY N 27 14.79 66.27 -20.90
N SER N 28 14.92 66.77 -19.67
CA SER N 28 15.64 66.07 -18.61
C SER N 28 15.00 64.76 -18.19
N ILE N 29 15.83 63.75 -17.95
CA ILE N 29 15.31 62.43 -17.60
C ILE N 29 14.79 62.38 -16.16
N SER N 30 15.14 63.37 -15.35
CA SER N 30 14.76 63.35 -13.93
C SER N 30 13.51 64.17 -13.62
N SER N 31 12.50 64.00 -14.47
CA SER N 31 11.21 64.62 -14.24
C SER N 31 10.30 63.60 -13.54
N GLY N 32 9.46 64.05 -12.63
CA GLY N 32 8.42 63.19 -12.07
C GLY N 32 7.25 63.01 -13.04
N ASP N 33 7.35 63.63 -14.21
CA ASP N 33 6.26 63.67 -15.19
C ASP N 33 6.21 62.47 -16.14
N TYR N 34 7.22 61.58 -16.10
CA TYR N 34 7.37 60.51 -17.12
C TYR N 34 7.84 59.13 -16.68
N TYR N 35 7.29 58.09 -17.33
CA TYR N 35 7.86 56.75 -17.25
C TYR N 35 8.74 56.51 -18.47
N TRP N 36 9.92 55.93 -18.27
CA TRP N 36 10.76 55.57 -19.38
C TRP N 36 10.70 54.07 -19.56
N SER N 37 10.30 53.62 -20.76
CA SER N 37 9.90 52.22 -20.92
C SER N 37 10.60 51.47 -22.05
N TRP N 38 10.39 50.16 -22.08
CA TRP N 38 10.93 49.30 -23.10
C TRP N 38 9.82 48.37 -23.60
N ILE N 39 9.85 48.11 -24.91
CA ILE N 39 8.88 47.29 -25.58
C ILE N 39 9.63 46.54 -26.67
N ARG N 40 9.23 45.31 -26.97
CA ARG N 40 9.86 44.55 -28.07
C ARG N 40 8.90 43.91 -29.08
N GLN N 41 9.42 43.63 -30.27
CA GLN N 41 8.64 43.01 -31.33
C GLN N 41 9.50 42.05 -32.15
N PRO N 42 9.25 40.74 -32.01
CA PRO N 42 9.87 39.69 -32.85
C PRO N 42 9.38 39.70 -34.33
N PRO N 43 10.26 39.36 -35.30
CA PRO N 43 9.86 39.64 -36.69
C PRO N 43 8.63 38.83 -37.15
N GLY N 44 7.64 39.56 -37.68
CA GLY N 44 6.35 39.01 -38.06
C GLY N 44 5.41 38.78 -36.90
N LYS N 45 5.66 39.41 -35.76
CA LYS N 45 4.83 39.17 -34.59
C LYS N 45 4.42 40.48 -33.93
N GLY N 46 3.66 40.35 -32.84
CA GLY N 46 3.13 41.49 -32.08
C GLY N 46 4.08 42.05 -31.03
N LEU N 47 3.54 42.96 -30.22
CA LEU N 47 4.32 43.72 -29.25
C LEU N 47 4.20 43.17 -27.84
N GLU N 48 5.32 43.11 -27.15
CA GLU N 48 5.34 42.77 -25.74
C GLU N 48 5.95 43.91 -24.91
N TRP N 49 5.23 44.37 -23.89
CA TRP N 49 5.78 45.32 -22.94
C TRP N 49 6.74 44.58 -21.99
N ILE N 50 7.90 45.21 -21.74
CA ILE N 50 9.00 44.66 -20.95
C ILE N 50 9.05 45.30 -19.54
N GLY N 51 9.08 46.63 -19.46
CA GLY N 51 8.96 47.33 -18.17
C GLY N 51 9.16 48.83 -18.21
N TYR N 52 9.09 49.50 -17.05
CA TYR N 52 9.46 50.92 -16.98
C TYR N 52 10.36 51.21 -15.79
N ILE N 53 11.02 52.37 -15.82
CA ILE N 53 11.73 52.92 -14.64
C ILE N 53 11.28 54.37 -14.37
N TYR N 54 11.10 54.71 -13.09
CA TYR N 54 10.70 56.08 -12.66
C TYR N 54 11.89 56.81 -12.03
N TYR N 55 11.72 58.10 -11.73
CA TYR N 55 12.80 58.88 -11.11
C TYR N 55 12.87 58.75 -9.59
N SER N 56 11.94 58.01 -8.98
CA SER N 56 12.05 57.69 -7.55
C SER N 56 12.94 56.48 -7.28
N GLY N 57 13.30 55.75 -8.33
CA GLY N 57 13.97 54.47 -8.19
C GLY N 57 13.03 53.29 -8.36
N SER N 58 11.72 53.54 -8.19
CA SER N 58 10.67 52.56 -8.51
C SER N 58 10.79 51.99 -9.93
N THR N 59 10.49 50.70 -10.06
CA THR N 59 10.47 50.00 -11.36
C THR N 59 9.24 49.08 -11.46
N ASP N 60 8.98 48.60 -12.68
CA ASP N 60 7.96 47.55 -12.89
C ASP N 60 8.31 46.73 -14.11
N TYR N 61 8.30 45.41 -13.96
CA TYR N 61 8.66 44.48 -15.02
C TYR N 61 7.56 43.43 -15.30
N ASN N 62 7.47 43.02 -16.56
CA ASN N 62 6.62 41.92 -16.99
C ASN N 62 7.07 40.56 -16.43
N PRO N 63 6.18 39.85 -15.71
CA PRO N 63 6.50 38.51 -15.15
C PRO N 63 6.86 37.44 -16.20
N SER N 64 6.37 37.61 -17.43
CA SER N 64 6.67 36.68 -18.53
C SER N 64 8.17 36.61 -18.84
N LEU N 65 8.92 37.54 -18.25
CA LEU N 65 10.36 37.56 -18.40
C LEU N 65 11.11 36.79 -17.32
N LYS N 66 10.35 36.33 -16.33
CA LYS N 66 10.84 35.42 -15.26
C LYS N 66 12.06 35.98 -14.52
N SER N 67 11.96 37.28 -14.20
CA SER N 67 12.97 38.08 -13.48
C SER N 67 14.37 38.11 -14.14
N ARG N 68 14.42 37.96 -15.46
CA ARG N 68 15.68 38.02 -16.21
C ARG N 68 16.06 39.46 -16.60
N VAL N 69 15.16 40.40 -16.31
CA VAL N 69 15.32 41.80 -16.77
C VAL N 69 15.53 42.80 -15.63
N THR N 70 16.40 43.77 -15.90
CA THR N 70 16.83 44.83 -14.96
C THR N 70 16.91 46.17 -15.73
N MET N 71 16.46 47.27 -15.11
CA MET N 71 16.62 48.60 -15.71
C MET N 71 17.39 49.56 -14.79
N SER N 72 18.00 50.59 -15.37
CA SER N 72 18.75 51.58 -14.62
C SER N 72 18.84 52.95 -15.33
N VAL N 73 19.22 53.98 -14.58
CA VAL N 73 19.30 55.36 -15.08
C VAL N 73 20.69 55.96 -14.88
N ASP N 74 21.13 56.76 -15.83
CA ASP N 74 22.40 57.51 -15.68
C ASP N 74 22.12 59.00 -15.93
N THR N 75 21.70 59.67 -14.85
CA THR N 75 21.23 61.06 -14.90
C THR N 75 22.20 61.95 -15.63
N SER N 76 23.50 61.63 -15.52
CA SER N 76 24.57 62.47 -16.07
C SER N 76 24.50 62.62 -17.61
N LYS N 77 24.49 61.50 -18.34
CA LYS N 77 24.46 61.55 -19.81
C LYS N 77 23.04 61.49 -20.39
N ASN N 78 22.04 61.67 -19.53
CA ASN N 78 20.60 61.66 -19.87
C ASN N 78 20.13 60.37 -20.55
N GLN N 79 20.43 59.25 -19.88
CA GLN N 79 20.19 57.91 -20.41
C GLN N 79 19.45 56.98 -19.44
N PHE N 80 18.81 55.95 -20.01
CA PHE N 80 18.33 54.81 -19.21
C PHE N 80 18.53 53.49 -19.96
N SER N 81 18.61 52.40 -19.19
CA SER N 81 19.18 51.16 -19.73
C SER N 81 18.36 49.89 -19.57
N LEU N 82 18.71 48.88 -20.36
CA LEU N 82 18.06 47.59 -20.28
C LEU N 82 19.07 46.47 -20.10
N LYS N 83 18.78 45.53 -19.21
CA LYS N 83 19.61 44.35 -19.05
C LYS N 83 18.75 43.08 -19.02
N VAL N 84 18.99 42.19 -19.98
CA VAL N 84 18.34 40.88 -19.97
C VAL N 84 19.34 39.74 -19.99
N ASN N 85 19.29 38.89 -18.97
CA ASN N 85 20.20 37.75 -18.94
C ASN N 85 19.59 36.44 -19.47
N SER N 86 20.45 35.43 -19.68
CA SER N 86 20.09 34.10 -20.19
C SER N 86 19.25 34.06 -21.48
N VAL N 87 19.67 34.83 -22.49
CA VAL N 87 18.86 34.94 -23.72
C VAL N 87 18.85 33.67 -24.58
N THR N 88 17.77 33.47 -25.33
CA THR N 88 17.74 32.41 -26.35
C THR N 88 17.23 33.04 -27.65
N ALA N 89 17.08 32.23 -28.71
CA ALA N 89 16.46 32.69 -29.98
C ALA N 89 15.11 33.36 -29.76
N ALA N 90 14.43 32.97 -28.68
CA ALA N 90 13.10 33.51 -28.37
C ALA N 90 13.17 34.97 -27.93
N ASP N 91 14.37 35.48 -27.67
CA ASP N 91 14.53 36.87 -27.30
C ASP N 91 14.96 37.71 -28.51
N THR N 92 15.13 37.04 -29.66
CA THR N 92 15.40 37.70 -30.93
C THR N 92 14.24 38.66 -31.24
N ALA N 93 14.55 39.93 -31.45
CA ALA N 93 13.50 40.91 -31.68
C ALA N 93 14.04 42.30 -31.99
N VAL N 94 13.15 43.18 -32.44
CA VAL N 94 13.42 44.62 -32.52
C VAL N 94 13.02 45.25 -31.21
N TYR N 95 13.95 45.98 -30.59
CA TYR N 95 13.76 46.53 -29.24
C TYR N 95 13.55 48.07 -29.38
N TYR N 96 12.47 48.60 -28.80
CA TYR N 96 12.21 50.07 -28.70
C TYR N 96 12.23 50.59 -27.25
N CYS N 97 12.75 51.81 -27.07
CA CYS N 97 12.52 52.59 -25.83
C CYS N 97 11.36 53.58 -26.05
N ALA N 98 10.71 54.02 -24.99
CA ALA N 98 9.48 54.84 -25.15
C ALA N 98 9.08 55.64 -23.91
N ARG N 99 8.43 56.79 -24.13
CA ARG N 99 7.98 57.67 -23.06
C ARG N 99 6.48 57.56 -22.77
N VAL N 100 6.12 57.59 -21.48
CA VAL N 100 4.75 57.77 -21.04
C VAL N 100 4.66 59.15 -20.36
N SER N 101 3.73 59.98 -20.79
CA SER N 101 3.44 61.24 -20.12
C SER N 101 2.31 61.00 -19.12
N ILE N 102 2.68 60.73 -17.87
CA ILE N 102 1.72 60.35 -16.80
C ILE N 102 0.55 61.33 -16.62
N PHE N 103 0.81 62.64 -16.67
CA PHE N 103 -0.24 63.66 -16.44
C PHE N 103 -0.79 64.27 -17.73
N GLY N 104 -0.49 63.66 -18.88
CA GLY N 104 -1.00 64.09 -20.17
C GLY N 104 -1.82 62.95 -20.75
N VAL N 105 -1.51 62.54 -21.97
CA VAL N 105 -2.27 61.47 -22.60
C VAL N 105 -2.17 60.13 -21.87
N GLY N 106 -1.08 59.90 -21.14
CA GLY N 106 -0.93 58.74 -20.25
C GLY N 106 -0.70 57.37 -20.90
N THR N 107 -0.09 57.37 -22.10
CA THR N 107 0.25 56.17 -22.85
C THR N 107 1.44 56.50 -23.78
N PHE N 108 2.11 55.50 -24.31
CA PHE N 108 3.33 55.75 -25.09
C PHE N 108 3.06 56.73 -26.22
N ASP N 109 3.71 57.89 -26.14
CA ASP N 109 3.67 58.86 -27.23
C ASP N 109 4.99 58.85 -28.01
N TYR N 110 6.08 59.23 -27.37
CA TYR N 110 7.35 59.30 -28.08
C TYR N 110 8.08 57.94 -28.10
N TRP N 111 8.58 57.57 -29.28
CA TRP N 111 9.28 56.30 -29.44
C TRP N 111 10.64 56.46 -30.10
N GLY N 112 11.54 55.51 -29.82
CA GLY N 112 12.78 55.39 -30.60
C GLY N 112 12.61 54.71 -31.97
N GLN N 113 13.69 54.63 -32.72
CA GLN N 113 13.62 54.05 -34.07
C GLN N 113 13.68 52.52 -34.05
N GLY N 114 14.07 51.96 -32.91
CA GLY N 114 14.18 50.50 -32.76
C GLY N 114 15.56 49.97 -33.12
N THR N 115 16.03 48.97 -32.38
CA THR N 115 17.27 48.25 -32.71
C THR N 115 17.00 46.75 -32.71
N LEU N 116 17.42 46.08 -33.78
CA LEU N 116 17.32 44.63 -33.89
C LEU N 116 18.49 43.92 -33.17
N VAL N 117 18.16 43.00 -32.29
CA VAL N 117 19.17 42.11 -31.73
C VAL N 117 18.80 40.68 -32.08
N THR N 118 19.77 39.96 -32.61
CA THR N 118 19.60 38.56 -32.97
C THR N 118 20.43 37.69 -32.03
N VAL N 119 19.80 36.63 -31.50
CA VAL N 119 20.45 35.72 -30.57
C VAL N 119 20.86 34.44 -31.29
N SER N 120 22.16 34.29 -31.55
CA SER N 120 22.69 33.18 -32.34
C SER N 120 24.17 32.93 -32.09
N SER N 121 24.55 31.66 -32.08
CA SER N 121 25.95 31.29 -31.88
C SER N 121 26.74 31.09 -33.19
N ALA N 122 26.16 31.49 -34.32
CA ALA N 122 26.82 31.39 -35.63
C ALA N 122 27.91 32.45 -35.93
N SER N 123 28.83 32.09 -36.83
CA SER N 123 29.99 32.93 -37.17
C SER N 123 29.78 33.57 -38.52
N THR N 124 30.41 34.72 -38.75
CA THR N 124 30.39 35.36 -40.07
C THR N 124 30.64 34.32 -41.17
N LYS N 125 29.76 34.28 -42.18
CA LYS N 125 29.95 33.40 -43.35
C LYS N 125 29.44 34.04 -44.65
N GLY N 126 30.25 33.92 -45.69
CA GLY N 126 29.90 34.51 -46.99
C GLY N 126 29.00 33.58 -47.78
N PRO N 127 28.02 34.17 -48.51
CA PRO N 127 27.03 33.42 -49.29
C PRO N 127 27.59 32.71 -50.53
N SER N 128 26.94 31.62 -50.91
CA SER N 128 27.18 30.99 -52.20
C SER N 128 26.06 31.38 -53.17
N VAL N 129 26.43 31.70 -54.41
CA VAL N 129 25.46 32.13 -55.41
C VAL N 129 25.23 31.08 -56.51
N PHE N 130 24.05 30.48 -56.54
CA PHE N 130 23.69 29.49 -57.56
C PHE N 130 22.73 30.02 -58.63
N PRO N 131 22.96 29.63 -59.90
CA PRO N 131 22.00 29.99 -60.95
C PRO N 131 20.71 29.19 -60.86
N LEU N 132 19.59 29.87 -61.11
CA LEU N 132 18.31 29.22 -61.34
C LEU N 132 18.02 29.37 -62.83
N ALA N 133 18.39 28.33 -63.59
CA ALA N 133 18.39 28.40 -65.05
C ALA N 133 16.98 28.34 -65.63
N PRO N 134 16.71 29.22 -66.62
CA PRO N 134 15.42 29.30 -67.31
C PRO N 134 15.16 28.10 -68.23
N SER N 135 13.89 27.88 -68.56
CA SER N 135 13.47 26.68 -69.28
C SER N 135 13.41 26.91 -70.80
N GLY N 141 8.58 36.41 -76.61
CA GLY N 141 7.78 35.36 -77.24
C GLY N 141 6.66 34.90 -76.34
N GLY N 142 7.01 34.07 -75.35
CA GLY N 142 6.13 33.81 -74.22
C GLY N 142 6.69 34.61 -73.06
N THR N 143 6.64 34.05 -71.85
CA THR N 143 7.41 34.61 -70.73
C THR N 143 8.17 33.50 -70.00
N ALA N 144 9.47 33.71 -69.82
CA ALA N 144 10.31 32.80 -69.05
C ALA N 144 10.50 33.29 -67.61
N ALA N 145 11.13 32.45 -66.78
CA ALA N 145 11.53 32.84 -65.44
C ALA N 145 12.97 32.43 -65.19
N LEU N 146 13.71 33.24 -64.44
CA LEU N 146 15.10 32.93 -64.08
C LEU N 146 15.50 33.57 -62.75
N GLY N 147 16.56 33.06 -62.14
CA GLY N 147 16.94 33.56 -60.83
C GLY N 147 18.30 33.23 -60.29
N CYS N 148 18.57 33.77 -59.10
CA CYS N 148 19.71 33.40 -58.28
C CYS N 148 19.26 32.80 -56.94
N LEU N 149 19.90 31.71 -56.53
CA LEU N 149 19.72 31.15 -55.20
C LEU N 149 20.97 31.46 -54.41
N VAL N 150 20.78 32.23 -53.34
CA VAL N 150 21.89 32.68 -52.51
C VAL N 150 21.86 31.89 -51.21
N LYS N 151 22.79 30.96 -51.07
CA LYS N 151 22.71 29.95 -50.02
C LYS N 151 23.81 30.02 -48.97
N ASP N 152 23.39 29.90 -47.71
CA ASP N 152 24.26 29.66 -46.55
C ASP N 152 25.14 30.83 -46.10
N TYR N 153 24.52 31.94 -45.67
CA TYR N 153 25.28 33.11 -45.17
C TYR N 153 24.88 33.54 -43.77
N PHE N 154 25.79 34.25 -43.09
CA PHE N 154 25.53 34.85 -41.77
C PHE N 154 26.51 36.00 -41.54
N PRO N 155 26.02 37.11 -40.93
CA PRO N 155 24.64 37.36 -40.52
C PRO N 155 23.81 37.93 -41.68
N GLU N 156 22.56 38.26 -41.40
CA GLU N 156 21.78 39.08 -42.31
C GLU N 156 22.35 40.52 -42.35
N PRO N 157 22.07 41.27 -43.44
CA PRO N 157 21.36 40.89 -44.66
C PRO N 157 22.26 40.77 -45.89
N VAL N 158 21.63 40.60 -47.05
CA VAL N 158 22.29 40.71 -48.34
C VAL N 158 21.45 41.66 -49.18
N THR N 159 22.02 42.18 -50.27
CA THR N 159 21.24 42.88 -51.28
C THR N 159 21.43 42.18 -52.62
N VAL N 160 20.38 42.16 -53.43
CA VAL N 160 20.43 41.57 -54.76
C VAL N 160 19.94 42.58 -55.77
N SER N 161 20.67 42.76 -56.87
CA SER N 161 20.18 43.56 -58.00
C SER N 161 20.41 42.81 -59.31
N TRP N 162 19.93 43.39 -60.41
CA TRP N 162 20.13 42.78 -61.72
C TRP N 162 20.63 43.80 -62.77
N ASN N 163 21.79 43.51 -63.36
CA ASN N 163 22.47 44.39 -64.32
C ASN N 163 22.87 45.75 -63.72
N SER N 164 23.38 45.72 -62.49
CA SER N 164 23.77 46.95 -61.76
C SER N 164 22.61 47.91 -61.58
N GLY N 165 21.46 47.40 -61.12
CA GLY N 165 20.26 48.21 -60.91
C GLY N 165 19.85 48.93 -62.18
N ALA N 166 19.59 48.15 -63.22
CA ALA N 166 19.14 48.68 -64.50
C ALA N 166 17.99 47.84 -65.01
N LEU N 167 17.67 46.79 -64.25
CA LEU N 167 16.53 45.93 -64.51
C LEU N 167 15.72 45.82 -63.22
N THR N 168 14.51 46.37 -63.22
CA THR N 168 13.67 46.45 -62.02
C THR N 168 12.28 45.83 -62.18
N SER N 169 11.73 45.91 -63.39
CA SER N 169 10.38 45.41 -63.64
C SER N 169 10.38 43.89 -63.68
N GLY N 170 9.40 43.31 -62.98
CA GLY N 170 9.21 41.86 -62.94
C GLY N 170 9.92 41.15 -61.81
N VAL N 171 10.73 41.89 -61.05
CA VAL N 171 11.63 41.31 -60.04
C VAL N 171 10.94 41.05 -58.68
N HIS N 172 11.22 39.87 -58.12
CA HIS N 172 10.75 39.51 -56.80
C HIS N 172 11.91 38.98 -55.98
N THR N 173 12.37 39.77 -55.02
CA THR N 173 13.38 39.29 -54.09
C THR N 173 12.78 38.87 -52.73
N PHE N 174 12.68 37.55 -52.55
CA PHE N 174 12.07 36.92 -51.37
C PHE N 174 12.78 37.14 -50.01
N PRO N 175 12.00 37.22 -48.92
CA PRO N 175 12.60 37.19 -47.58
C PRO N 175 13.52 35.97 -47.38
N ALA N 176 14.60 36.18 -46.61
CA ALA N 176 15.51 35.11 -46.21
C ALA N 176 14.83 34.08 -45.29
N VAL N 177 15.28 32.83 -45.34
CA VAL N 177 14.86 31.82 -44.33
C VAL N 177 16.02 31.32 -43.46
N LEU N 178 15.70 30.96 -42.21
CA LEU N 178 16.67 30.39 -41.28
C LEU N 178 16.70 28.90 -41.44
N GLN N 179 17.85 28.38 -41.84
CA GLN N 179 17.99 26.92 -41.98
C GLN N 179 18.39 26.26 -40.64
N SER N 180 18.15 24.95 -40.55
CA SER N 180 18.42 24.23 -39.32
C SER N 180 19.90 24.28 -38.91
N SER N 181 20.78 24.59 -39.86
CA SER N 181 22.22 24.69 -39.55
C SER N 181 22.63 26.01 -38.87
N GLY N 182 21.68 26.93 -38.71
CA GLY N 182 21.97 28.25 -38.16
C GLY N 182 22.19 29.31 -39.22
N LEU N 183 22.11 28.92 -40.49
CA LEU N 183 22.39 29.84 -41.59
C LEU N 183 21.17 30.23 -42.42
N TYR N 184 21.28 31.37 -43.09
CA TYR N 184 20.19 31.90 -43.92
C TYR N 184 20.36 31.57 -45.39
N SER N 185 19.25 31.60 -46.11
CA SER N 185 19.26 31.51 -47.55
C SER N 185 18.10 32.30 -48.12
N LEU N 186 18.25 32.69 -49.38
CA LEU N 186 17.34 33.60 -50.03
C LEU N 186 17.39 33.33 -51.54
N SER N 187 16.32 33.66 -52.24
CA SER N 187 16.39 33.68 -53.69
C SER N 187 15.75 34.93 -54.25
N SER N 188 16.11 35.29 -55.48
CA SER N 188 15.45 36.40 -56.16
C SER N 188 15.25 36.04 -57.63
N VAL N 189 14.02 36.22 -58.10
CA VAL N 189 13.68 35.83 -59.46
C VAL N 189 13.34 37.03 -60.34
N VAL N 190 13.38 36.81 -61.66
CA VAL N 190 12.85 37.77 -62.62
C VAL N 190 12.07 37.01 -63.66
N THR N 191 10.91 37.54 -64.03
CA THR N 191 10.16 37.03 -65.16
C THR N 191 10.34 37.99 -66.35
N VAL N 192 10.65 37.45 -67.53
CA VAL N 192 10.97 38.26 -68.74
C VAL N 192 10.54 37.53 -70.04
N PRO N 193 10.50 38.25 -71.19
CA PRO N 193 10.12 37.60 -72.46
C PRO N 193 11.12 36.53 -72.89
N SER N 194 10.61 35.39 -73.38
CA SER N 194 11.45 34.21 -73.65
C SER N 194 12.16 34.20 -75.02
N SER N 195 11.51 34.72 -76.05
CA SER N 195 12.17 34.87 -77.35
C SER N 195 13.09 36.09 -77.33
N SER N 196 13.90 36.15 -76.26
CA SER N 196 14.75 37.29 -75.95
C SER N 196 15.95 36.82 -75.10
N LEU N 197 15.87 35.56 -74.66
CA LEU N 197 16.97 34.90 -73.95
C LEU N 197 18.19 34.70 -74.86
N GLY N 198 19.35 34.43 -74.25
CA GLY N 198 20.61 34.23 -74.97
C GLY N 198 21.20 35.47 -75.62
N THR N 199 20.39 36.20 -76.36
CA THR N 199 20.83 37.43 -77.05
C THR N 199 20.98 38.62 -76.08
N GLN N 200 20.10 38.69 -75.09
CA GLN N 200 20.26 39.64 -73.97
C GLN N 200 20.71 38.87 -72.72
N THR N 201 21.66 39.47 -71.99
CA THR N 201 22.37 38.85 -70.87
C THR N 201 21.69 39.11 -69.52
N TYR N 202 21.74 38.12 -68.62
CA TYR N 202 21.17 38.27 -67.27
C TYR N 202 22.15 37.92 -66.16
N ILE N 203 22.52 38.93 -65.39
CA ILE N 203 23.51 38.79 -64.32
C ILE N 203 23.02 39.44 -63.03
N CYS N 204 23.09 38.68 -61.93
CA CYS N 204 22.64 39.17 -60.64
C CYS N 204 23.80 39.59 -59.74
N ASN N 205 23.64 40.73 -59.08
CA ASN N 205 24.69 41.32 -58.25
C ASN N 205 24.38 41.06 -56.79
N VAL N 206 25.27 40.33 -56.13
CA VAL N 206 25.03 39.99 -54.73
C VAL N 206 26.13 40.55 -53.84
N ASN N 207 25.72 41.36 -52.86
CA ASN N 207 26.65 41.95 -51.90
C ASN N 207 26.26 41.68 -50.45
N HIS N 208 27.25 41.24 -49.68
CA HIS N 208 27.09 40.86 -48.27
C HIS N 208 28.17 41.62 -47.49
N LYS N 209 27.79 42.78 -46.95
CA LYS N 209 28.74 43.66 -46.27
C LYS N 209 29.49 43.05 -45.08
N PRO N 210 28.78 42.30 -44.18
CA PRO N 210 29.47 41.77 -42.99
C PRO N 210 30.70 40.90 -43.31
N SER N 211 30.73 40.25 -44.46
CA SER N 211 31.91 39.49 -44.88
C SER N 211 32.51 39.97 -46.20
N ASN N 212 32.40 41.28 -46.47
CA ASN N 212 32.99 41.94 -47.66
C ASN N 212 33.11 41.03 -48.91
N THR N 213 31.95 40.66 -49.46
CA THR N 213 31.92 39.76 -50.61
C THR N 213 31.04 40.32 -51.74
N LYS N 214 31.71 40.81 -52.80
CA LYS N 214 31.01 41.22 -54.02
C LYS N 214 31.05 40.06 -55.03
N VAL N 215 29.88 39.64 -55.50
CA VAL N 215 29.74 38.48 -56.38
C VAL N 215 28.73 38.74 -57.49
N ASP N 216 29.05 38.26 -58.69
CA ASP N 216 28.22 38.45 -59.87
C ASP N 216 28.12 37.13 -60.61
N LYS N 217 26.89 36.72 -60.94
CA LYS N 217 26.68 35.43 -61.61
C LYS N 217 25.87 35.56 -62.89
N LYS N 218 26.43 35.06 -64.00
CA LYS N 218 25.70 35.00 -65.24
C LYS N 218 24.69 33.87 -65.12
N VAL N 219 23.49 34.10 -65.63
CA VAL N 219 22.46 33.06 -65.62
C VAL N 219 22.01 32.84 -67.06
N GLU N 220 22.45 31.72 -67.64
CA GLU N 220 22.14 31.39 -69.03
C GLU N 220 21.22 30.15 -69.12
N PRO N 221 20.50 30.00 -70.25
CA PRO N 221 19.70 28.80 -70.51
C PRO N 221 20.52 27.50 -70.40
N LYS N 222 19.85 26.35 -70.44
CA LYS N 222 20.50 25.06 -70.23
C LYS N 222 21.19 24.50 -71.49
N SER N 223 22.18 23.63 -71.27
CA SER N 223 22.97 22.98 -72.33
C SER N 223 22.13 22.04 -73.22
N GLU O 2 -6.23 77.17 21.33
CA GLU O 2 -5.66 76.84 19.99
C GLU O 2 -5.91 75.37 19.60
N GLU O 3 -7.08 74.85 19.96
CA GLU O 3 -7.46 73.46 19.61
C GLU O 3 -7.32 73.17 18.11
N LYS O 4 -7.70 74.13 17.26
CA LYS O 4 -7.48 74.04 15.80
C LYS O 4 -6.38 75.04 15.41
N LYS O 5 -5.68 74.77 14.31
CA LYS O 5 -4.47 75.55 13.94
C LYS O 5 -4.20 75.58 12.43
N VAL O 6 -4.03 76.78 11.87
CA VAL O 6 -3.81 76.93 10.43
C VAL O 6 -2.36 77.30 10.09
N CYS O 7 -1.89 76.76 8.96
CA CYS O 7 -0.47 76.79 8.61
C CYS O 7 -0.30 76.91 7.12
N ASN O 8 0.82 77.52 6.70
CA ASN O 8 1.20 77.61 5.30
C ASN O 8 1.52 76.25 4.71
N GLY O 9 1.33 76.11 3.40
CA GLY O 9 1.72 74.90 2.72
C GLY O 9 3.04 75.08 1.98
N ILE O 10 3.60 73.97 1.51
CA ILE O 10 4.82 73.94 0.71
C ILE O 10 4.64 74.79 -0.53
N GLY O 11 5.57 75.72 -0.73
CA GLY O 11 5.60 76.53 -1.95
C GLY O 11 5.17 77.97 -1.75
N ILE O 12 4.92 78.37 -0.50
CA ILE O 12 4.53 79.76 -0.17
C ILE O 12 4.96 80.19 1.22
N GLY O 13 4.94 81.51 1.46
CA GLY O 13 5.30 82.09 2.74
C GLY O 13 6.69 81.67 3.20
N GLU O 14 6.77 81.17 4.44
CA GLU O 14 8.04 80.66 4.96
C GLU O 14 8.53 79.51 4.10
N PHE O 15 7.60 78.70 3.58
CA PHE O 15 7.99 77.56 2.78
C PHE O 15 8.17 77.93 1.30
N LYS O 16 8.38 79.22 1.05
CA LYS O 16 8.77 79.69 -0.29
C LYS O 16 10.08 79.00 -0.67
N ASP O 17 10.21 78.67 -1.96
CA ASP O 17 11.45 78.08 -2.53
C ASP O 17 11.84 76.72 -1.94
N SER O 18 10.91 76.07 -1.25
CA SER O 18 11.06 74.69 -0.78
C SER O 18 10.42 73.74 -1.77
N LEU O 19 11.13 72.69 -2.16
CA LEU O 19 10.60 71.76 -3.18
C LEU O 19 9.59 70.76 -2.63
N SER O 20 9.90 70.18 -1.46
CA SER O 20 8.95 69.27 -0.80
C SER O 20 9.08 69.31 0.71
N ILE O 21 8.17 68.64 1.40
CA ILE O 21 8.33 68.37 2.82
C ILE O 21 9.68 67.67 3.03
N ASN O 22 10.45 68.14 4.02
CA ASN O 22 11.79 67.57 4.30
C ASN O 22 12.24 67.74 5.74
N ALA O 23 13.30 67.01 6.10
CA ALA O 23 13.91 67.04 7.45
C ALA O 23 13.99 68.40 8.17
N THR O 24 14.26 69.47 7.41
CA THR O 24 14.37 70.82 7.97
C THR O 24 13.04 71.50 8.22
N ASN O 25 11.99 71.18 7.43
CA ASN O 25 10.68 71.85 7.59
C ASN O 25 9.60 71.08 8.38
N ILE O 26 9.68 69.77 8.38
CA ILE O 26 8.62 68.91 8.94
C ILE O 26 8.19 69.25 10.37
N LYS O 27 9.14 69.66 11.23
CA LYS O 27 8.83 70.04 12.60
C LYS O 27 7.81 71.18 12.66
N HIS O 28 7.90 72.11 11.71
CA HIS O 28 7.01 73.26 11.65
C HIS O 28 5.51 72.98 11.39
N PHE O 29 5.18 71.76 10.94
CA PHE O 29 3.79 71.34 10.70
C PHE O 29 3.12 70.65 11.92
N LYS O 30 3.82 70.58 13.05
CA LYS O 30 3.28 69.94 14.26
C LYS O 30 2.04 70.67 14.79
N ASN O 31 0.95 69.92 14.92
CA ASN O 31 -0.36 70.41 15.38
C ASN O 31 -1.24 71.12 14.34
N CYS O 32 -0.78 71.23 13.09
CA CYS O 32 -1.60 71.85 12.05
C CYS O 32 -2.78 70.95 11.70
N THR O 33 -3.99 71.47 11.88
CA THR O 33 -5.18 70.75 11.44
C THR O 33 -5.68 71.25 10.08
N SER O 34 -5.23 72.44 9.66
CA SER O 34 -5.56 73.06 8.37
C SER O 34 -4.32 73.55 7.61
N ILE O 35 -4.24 73.24 6.33
CA ILE O 35 -3.17 73.75 5.48
C ILE O 35 -3.70 74.68 4.39
N SER O 36 -3.10 75.86 4.32
CA SER O 36 -3.40 76.89 3.32
C SER O 36 -2.40 76.79 2.15
N GLY O 37 -2.70 75.95 1.16
CA GLY O 37 -1.74 75.67 0.10
C GLY O 37 -1.62 74.18 -0.19
N ASP O 38 -0.51 73.77 -0.81
CA ASP O 38 -0.31 72.37 -1.25
C ASP O 38 0.64 71.53 -0.38
N LEU O 39 0.65 70.23 -0.60
CA LEU O 39 1.69 69.38 -0.03
C LEU O 39 2.41 68.56 -1.09
N HIS O 40 3.74 68.66 -1.11
CA HIS O 40 4.62 67.89 -1.99
C HIS O 40 5.48 66.94 -1.14
N ILE O 41 5.49 65.68 -1.52
CA ILE O 41 6.36 64.70 -0.88
C ILE O 41 7.12 63.97 -2.00
N LEU O 42 8.35 64.44 -2.21
CA LEU O 42 9.17 64.03 -3.36
C LEU O 42 10.33 63.09 -2.99
N PRO O 43 10.89 62.36 -3.97
CA PRO O 43 12.11 61.59 -3.66
C PRO O 43 13.20 62.36 -2.88
N VAL O 44 13.38 63.67 -3.15
CA VAL O 44 14.44 64.44 -2.43
C VAL O 44 14.31 64.42 -0.91
N ALA O 45 13.07 64.37 -0.44
CA ALA O 45 12.75 64.22 0.99
C ALA O 45 13.54 63.07 1.63
N PHE O 46 13.58 61.92 0.98
CA PHE O 46 14.22 60.74 1.56
C PHE O 46 15.68 60.64 1.19
N ARG O 47 16.07 61.22 0.07
CA ARG O 47 17.46 61.17 -0.30
C ARG O 47 18.28 62.28 0.34
N GLY O 48 17.64 63.40 0.69
CA GLY O 48 18.36 64.58 1.20
C GLY O 48 18.88 65.41 0.05
N ASP O 49 19.57 66.50 0.36
CA ASP O 49 20.14 67.39 -0.66
C ASP O 49 21.40 68.14 -0.18
N SER O 50 22.43 68.18 -1.02
CA SER O 50 23.65 68.89 -0.65
C SER O 50 23.56 70.40 -0.90
N PHE O 51 22.97 70.80 -2.03
CA PHE O 51 22.90 72.20 -2.42
C PHE O 51 22.11 73.04 -1.40
N THR O 52 20.99 72.52 -0.92
CA THR O 52 20.17 73.21 0.08
C THR O 52 20.45 72.78 1.52
N HIS O 53 21.58 72.12 1.74
CA HIS O 53 21.98 71.63 3.08
C HIS O 53 20.85 70.94 3.86
N THR O 54 20.27 69.88 3.28
CA THR O 54 19.07 69.25 3.80
C THR O 54 19.32 67.78 4.12
N PRO O 55 19.26 67.42 5.41
CA PRO O 55 19.40 66.02 5.85
C PRO O 55 18.31 65.07 5.26
N PRO O 56 18.59 63.76 5.19
CA PRO O 56 17.53 62.88 4.75
C PRO O 56 16.38 62.82 5.77
N LEU O 57 15.13 62.81 5.28
CA LEU O 57 14.01 62.66 6.19
C LEU O 57 13.95 61.23 6.75
N ASP O 58 13.86 61.13 8.08
CA ASP O 58 13.57 59.88 8.78
C ASP O 58 12.07 59.60 8.68
N PRO O 59 11.70 58.53 7.95
CA PRO O 59 10.34 58.07 7.69
C PRO O 59 9.36 58.28 8.83
N GLN O 60 9.82 58.07 10.07
CA GLN O 60 9.01 58.19 11.27
C GLN O 60 8.45 59.60 11.56
N GLU O 61 9.05 60.63 10.95
CA GLU O 61 8.61 62.00 11.18
C GLU O 61 7.40 62.43 10.34
N LEU O 62 6.93 61.55 9.46
CA LEU O 62 5.77 61.84 8.62
C LEU O 62 4.49 61.68 9.44
N ASP O 63 4.55 60.86 10.49
CA ASP O 63 3.41 60.68 11.41
C ASP O 63 3.04 61.95 12.17
N ILE O 64 3.83 63.02 12.05
CA ILE O 64 3.43 64.30 12.61
C ILE O 64 2.27 64.91 11.78
N LEU O 65 2.14 64.51 10.51
CA LEU O 65 1.03 64.94 9.66
C LEU O 65 -0.32 64.28 10.05
N LYS O 66 -0.30 63.45 11.08
CA LYS O 66 -1.51 62.78 11.56
C LYS O 66 -2.64 63.73 11.96
N THR O 67 -2.29 64.97 12.31
CA THR O 67 -3.27 65.97 12.77
C THR O 67 -3.93 66.77 11.64
N VAL O 68 -3.42 66.63 10.42
CA VAL O 68 -3.92 67.39 9.25
C VAL O 68 -5.31 66.89 8.84
N LYS O 69 -6.32 67.75 8.95
CA LYS O 69 -7.72 67.41 8.57
C LYS O 69 -8.17 68.05 7.25
N GLU O 70 -7.49 69.12 6.82
CA GLU O 70 -7.91 69.91 5.66
C GLU O 70 -6.73 70.48 4.89
N ILE O 71 -6.80 70.37 3.56
CA ILE O 71 -5.85 70.98 2.65
C ILE O 71 -6.61 71.74 1.58
N THR O 72 -6.38 73.06 1.50
CA THR O 72 -7.03 73.92 0.49
C THR O 72 -6.48 73.72 -0.94
N GLY O 73 -5.22 73.34 -1.05
CA GLY O 73 -4.59 73.14 -2.35
C GLY O 73 -4.74 71.71 -2.85
N PHE O 74 -3.63 71.12 -3.28
CA PHE O 74 -3.58 69.69 -3.70
C PHE O 74 -2.57 68.87 -2.89
N LEU O 75 -2.63 67.55 -3.03
CA LEU O 75 -1.65 66.65 -2.42
C LEU O 75 -0.94 65.81 -3.47
N LEU O 76 0.39 65.91 -3.50
CA LEU O 76 1.21 65.21 -4.47
C LEU O 76 2.26 64.35 -3.78
N ILE O 77 2.13 63.03 -3.93
CA ILE O 77 3.09 62.08 -3.39
C ILE O 77 3.85 61.30 -4.50
N GLN O 78 5.15 61.54 -4.65
CA GLN O 78 5.92 60.81 -5.67
C GLN O 78 7.04 59.93 -5.06
N ALA O 79 7.04 59.81 -3.74
CA ALA O 79 7.91 58.86 -3.02
C ALA O 79 7.29 58.51 -1.70
N TRP O 80 7.65 57.34 -1.18
CA TRP O 80 7.11 56.89 0.08
C TRP O 80 8.02 55.76 0.58
N PRO O 81 8.24 55.70 1.91
CA PRO O 81 9.11 54.67 2.48
C PRO O 81 8.66 53.26 2.12
N GLU O 82 9.62 52.51 1.58
CA GLU O 82 9.34 51.22 0.91
C GLU O 82 8.57 50.21 1.78
N ASN O 83 8.81 50.22 3.08
CA ASN O 83 8.15 49.27 4.00
C ASN O 83 6.83 49.77 4.66
N ARG O 84 6.28 50.87 4.15
CA ARG O 84 4.94 51.32 4.55
C ARG O 84 3.90 50.81 3.58
N THR O 85 2.93 50.05 4.07
CA THR O 85 1.92 49.47 3.20
C THR O 85 0.74 50.44 3.00
N ASP O 86 0.86 51.61 3.61
CA ASP O 86 -0.22 52.57 3.78
C ASP O 86 0.19 54.04 3.67
N LEU O 87 -0.81 54.89 3.48
CA LEU O 87 -0.65 56.31 3.71
C LEU O 87 -1.29 56.70 5.06
N HIS O 88 -1.02 55.90 6.10
CA HIS O 88 -1.54 56.15 7.47
C HIS O 88 -1.29 57.56 8.02
N ALA O 89 -0.20 58.19 7.58
CA ALA O 89 0.13 59.57 7.97
C ALA O 89 -0.95 60.58 7.62
N PHE O 90 -1.77 60.24 6.63
CA PHE O 90 -2.90 61.07 6.24
C PHE O 90 -4.26 60.44 6.59
N GLU O 91 -4.27 59.52 7.56
CA GLU O 91 -5.48 58.79 7.92
C GLU O 91 -6.61 59.70 8.43
N ASN O 92 -6.23 60.85 9.00
CA ASN O 92 -7.21 61.78 9.54
C ASN O 92 -7.55 62.94 8.59
N LEU O 93 -7.21 62.75 7.31
CA LEU O 93 -7.47 63.75 6.30
C LEU O 93 -8.97 63.73 5.91
N GLU O 94 -9.65 64.87 6.01
CA GLU O 94 -11.09 64.92 5.70
C GLU O 94 -11.44 65.58 4.36
N ILE O 95 -10.64 66.55 3.92
CA ILE O 95 -11.05 67.45 2.85
C ILE O 95 -9.88 67.94 2.00
N ILE O 96 -9.93 67.68 0.70
CA ILE O 96 -9.00 68.29 -0.27
C ILE O 96 -9.83 69.24 -1.12
N ARG O 97 -9.55 70.54 -1.06
CA ARG O 97 -10.39 71.53 -1.76
C ARG O 97 -10.05 71.77 -3.24
N GLY O 98 -8.83 71.40 -3.63
CA GLY O 98 -8.34 71.59 -5.00
C GLY O 98 -8.43 73.01 -5.54
N ARG O 99 -8.28 74.01 -4.66
CA ARG O 99 -8.35 75.41 -5.07
C ARG O 99 -7.16 75.80 -5.96
N THR O 100 -6.00 75.18 -5.73
CA THR O 100 -4.89 75.20 -6.69
C THR O 100 -4.58 73.75 -7.08
N LYS O 101 -4.18 73.52 -8.34
CA LYS O 101 -4.08 72.16 -8.89
C LYS O 101 -2.72 71.89 -9.55
N GLN O 102 -2.20 70.68 -9.35
CA GLN O 102 -1.02 70.18 -10.06
C GLN O 102 -1.25 70.11 -11.59
N HIS O 103 -0.37 70.82 -12.33
CA HIS O 103 -0.48 71.04 -13.79
C HIS O 103 -1.78 71.68 -14.31
N GLY O 104 -2.44 72.48 -13.48
CA GLY O 104 -3.78 73.02 -13.77
C GLY O 104 -4.95 72.03 -13.68
N GLN O 105 -4.71 70.79 -13.23
CA GLN O 105 -5.71 69.74 -13.41
C GLN O 105 -5.93 68.78 -12.25
N PHE O 106 -4.86 68.41 -11.55
CA PHE O 106 -4.98 67.37 -10.55
C PHE O 106 -4.91 67.90 -9.09
N SER O 107 -5.87 67.50 -8.27
CA SER O 107 -5.92 67.87 -6.85
C SER O 107 -5.42 66.77 -5.88
N LEU O 108 -5.31 65.53 -6.37
CA LEU O 108 -4.72 64.43 -5.62
C LEU O 108 -3.96 63.54 -6.59
N ALA O 109 -2.68 63.30 -6.30
CA ALA O 109 -1.87 62.44 -7.15
C ALA O 109 -0.92 61.55 -6.36
N VAL O 110 -0.92 60.26 -6.71
CA VAL O 110 -0.19 59.22 -5.98
C VAL O 110 0.47 58.31 -7.00
N VAL O 111 1.81 58.27 -7.02
CA VAL O 111 2.55 57.82 -8.19
C VAL O 111 3.70 56.83 -7.91
N SER O 112 3.51 55.58 -8.34
CA SER O 112 4.55 54.52 -8.30
C SER O 112 5.14 54.22 -6.90
N LEU O 113 4.26 54.07 -5.91
CA LEU O 113 4.65 53.74 -4.53
C LEU O 113 4.48 52.24 -4.33
N ASN O 114 5.05 51.74 -3.22
CA ASN O 114 5.03 50.32 -2.87
C ASN O 114 3.84 49.87 -1.97
N ILE O 115 2.91 50.78 -1.70
CA ILE O 115 1.73 50.51 -0.88
C ILE O 115 0.81 49.37 -1.36
N THR O 116 0.13 48.71 -0.41
CA THR O 116 -0.87 47.68 -0.76
C THR O 116 -2.29 48.26 -0.65
N SER O 117 -2.45 49.29 0.19
CA SER O 117 -3.72 50.02 0.28
C SER O 117 -3.50 51.53 0.47
N LEU O 118 -4.50 52.33 0.12
CA LEU O 118 -4.41 53.79 0.18
C LEU O 118 -4.47 54.30 1.61
N GLY O 119 -5.43 53.81 2.38
CA GLY O 119 -5.52 54.18 3.80
C GLY O 119 -6.09 55.54 4.18
N LEU O 120 -6.79 56.19 3.25
CA LEU O 120 -7.41 57.49 3.49
C LEU O 120 -8.81 57.34 4.08
N ARG O 121 -8.86 56.72 5.26
CA ARG O 121 -10.09 56.38 6.01
C ARG O 121 -11.11 57.49 6.18
N SER O 122 -10.64 58.70 6.52
CA SER O 122 -11.51 59.82 6.86
C SER O 122 -11.91 60.68 5.66
N LEU O 123 -11.33 60.38 4.49
CA LEU O 123 -11.53 61.24 3.32
C LEU O 123 -12.98 61.26 2.82
N LYS O 124 -13.65 62.38 3.03
CA LYS O 124 -15.07 62.51 2.69
C LYS O 124 -15.38 63.53 1.60
N GLU O 125 -14.44 64.42 1.29
CA GLU O 125 -14.64 65.43 0.22
C GLU O 125 -13.38 65.75 -0.60
N ILE O 126 -13.57 65.88 -1.90
CA ILE O 126 -12.60 66.49 -2.82
C ILE O 126 -13.44 67.44 -3.67
N SER O 127 -13.28 68.74 -3.44
CA SER O 127 -14.16 69.76 -4.00
C SER O 127 -13.95 70.10 -5.47
N ASP O 128 -12.72 69.97 -5.96
CA ASP O 128 -12.37 70.36 -7.32
C ASP O 128 -11.08 69.68 -7.75
N GLY O 129 -10.83 69.61 -9.06
CA GLY O 129 -9.60 68.97 -9.59
C GLY O 129 -9.66 67.45 -9.72
N ASP O 130 -8.86 66.90 -10.64
CA ASP O 130 -8.92 65.46 -10.91
C ASP O 130 -8.04 64.62 -9.93
N VAL O 131 -8.29 63.31 -9.90
CA VAL O 131 -7.51 62.35 -9.11
C VAL O 131 -6.73 61.41 -10.05
N ILE O 132 -5.50 61.07 -9.68
CA ILE O 132 -4.68 60.15 -10.48
C ILE O 132 -3.85 59.20 -9.60
N ILE O 133 -4.05 57.91 -9.88
CA ILE O 133 -3.42 56.82 -9.16
C ILE O 133 -2.74 55.96 -10.21
N SER O 134 -1.43 56.14 -10.39
CA SER O 134 -0.74 55.43 -11.45
C SER O 134 0.48 54.68 -10.97
N GLY O 135 0.57 53.43 -11.44
CA GLY O 135 1.81 52.66 -11.38
C GLY O 135 2.12 52.11 -10.02
N ASN O 136 1.12 51.99 -9.16
CA ASN O 136 1.33 51.40 -7.85
C ASN O 136 1.15 49.89 -7.96
N LYS O 137 2.20 49.19 -8.42
CA LYS O 137 2.09 47.76 -8.82
C LYS O 137 1.59 46.78 -7.75
N ASN O 138 1.59 47.21 -6.49
CA ASN O 138 1.07 46.35 -5.40
C ASN O 138 -0.26 46.75 -4.80
N LEU O 139 -0.82 47.88 -5.26
CA LEU O 139 -2.02 48.51 -4.67
C LEU O 139 -3.34 47.84 -5.06
N CYS O 140 -4.14 47.55 -4.03
CA CYS O 140 -5.49 46.98 -4.15
C CYS O 140 -6.56 47.97 -3.65
N TYR O 141 -7.82 47.56 -3.72
CA TYR O 141 -8.99 48.27 -3.12
C TYR O 141 -9.33 49.63 -3.74
N ALA O 142 -8.36 50.27 -4.38
CA ALA O 142 -8.56 51.64 -4.87
C ALA O 142 -9.76 51.78 -5.84
N ASN O 143 -10.06 50.70 -6.55
CA ASN O 143 -11.12 50.70 -7.54
C ASN O 143 -12.41 50.13 -6.97
N THR O 144 -12.60 50.23 -5.65
CA THR O 144 -13.82 49.73 -5.03
C THR O 144 -14.76 50.85 -4.59
N ILE O 145 -14.20 52.05 -4.39
CA ILE O 145 -15.01 53.16 -3.90
C ILE O 145 -15.63 53.96 -5.04
N ASN O 146 -16.79 54.53 -4.78
CA ASN O 146 -17.48 55.41 -5.72
C ASN O 146 -16.93 56.82 -5.56
N TRP O 147 -15.98 57.17 -6.42
CA TRP O 147 -15.33 58.47 -6.37
C TRP O 147 -16.34 59.61 -6.57
N LYS O 148 -17.30 59.42 -7.47
CA LYS O 148 -18.36 60.41 -7.74
C LYS O 148 -19.06 60.95 -6.49
N LYS O 149 -19.10 60.15 -5.43
CA LYS O 149 -19.76 60.55 -4.16
C LYS O 149 -18.88 61.47 -3.30
N LEU O 150 -17.62 61.62 -3.68
CA LEU O 150 -16.70 62.55 -3.00
C LEU O 150 -16.63 63.93 -3.70
N PHE O 151 -16.81 63.92 -5.01
CA PHE O 151 -16.66 65.11 -5.85
C PHE O 151 -17.56 66.28 -5.44
N GLY O 152 -17.16 67.50 -5.84
CA GLY O 152 -17.93 68.69 -5.50
C GLY O 152 -18.14 69.70 -6.62
N THR O 153 -17.52 69.47 -7.79
CA THR O 153 -17.69 70.37 -8.92
C THR O 153 -18.50 69.67 -10.03
N SER O 154 -17.95 69.53 -11.24
CA SER O 154 -18.77 69.13 -12.39
C SER O 154 -18.07 68.23 -13.39
N GLY O 155 -16.93 68.68 -13.91
CA GLY O 155 -16.16 67.85 -14.84
C GLY O 155 -15.23 66.84 -14.19
N GLN O 156 -15.05 66.91 -12.86
CA GLN O 156 -14.14 66.02 -12.09
C GLN O 156 -14.13 64.52 -12.50
N LYS O 157 -12.94 63.94 -12.66
CA LYS O 157 -12.79 62.50 -12.92
C LYS O 157 -11.55 61.87 -12.27
N THR O 158 -11.64 60.58 -11.97
CA THR O 158 -10.50 59.84 -11.42
C THR O 158 -9.93 58.86 -12.42
N LYS O 159 -8.61 58.89 -12.58
CA LYS O 159 -7.90 57.95 -13.40
C LYS O 159 -7.27 56.88 -12.50
N ILE O 160 -7.71 55.61 -12.64
CA ILE O 160 -6.99 54.51 -11.99
C ILE O 160 -6.21 53.64 -13.02
N ILE O 161 -4.89 53.84 -13.06
CA ILE O 161 -4.07 53.26 -14.13
C ILE O 161 -2.78 52.57 -13.67
N SER O 162 -2.50 51.42 -14.30
CA SER O 162 -1.30 50.58 -14.07
C SER O 162 -1.10 50.05 -12.64
N ASN O 163 -2.19 49.88 -11.90
CA ASN O 163 -2.08 49.29 -10.58
C ASN O 163 -2.25 47.79 -10.71
N ARG O 164 -2.14 47.11 -9.59
CA ARG O 164 -2.35 45.68 -9.52
C ARG O 164 -3.74 45.30 -10.03
N GLY O 165 -3.81 44.17 -10.75
CA GLY O 165 -5.07 43.68 -11.31
C GLY O 165 -6.05 43.26 -10.22
N GLU O 166 -7.34 43.49 -10.45
CA GLU O 166 -8.40 43.04 -9.56
C GLU O 166 -8.35 41.53 -9.30
N ASN O 167 -8.01 40.76 -10.34
CA ASN O 167 -7.89 39.31 -10.24
C ASN O 167 -6.84 38.81 -9.27
N SER O 168 -5.65 39.36 -9.33
CA SER O 168 -4.65 38.99 -8.33
C SER O 168 -5.02 39.53 -6.90
N CYS O 169 -5.73 40.66 -6.79
CA CYS O 169 -6.21 41.09 -5.46
C CYS O 169 -7.22 40.09 -4.87
N LYS O 170 -8.19 39.68 -5.67
CA LYS O 170 -9.25 38.79 -5.19
C LYS O 170 -8.71 37.41 -4.83
N ALA O 171 -7.74 36.92 -5.60
CA ALA O 171 -7.14 35.60 -5.40
C ALA O 171 -6.34 35.46 -4.09
N THR O 172 -5.81 36.58 -3.59
CA THR O 172 -5.05 36.58 -2.34
C THR O 172 -5.84 37.18 -1.16
N GLY O 173 -7.14 37.33 -1.32
CA GLY O 173 -8.04 37.72 -0.22
C GLY O 173 -8.12 39.21 0.04
N GLN O 174 -7.37 40.00 -0.73
CA GLN O 174 -7.33 41.43 -0.54
C GLN O 174 -8.51 42.11 -1.24
N VAL O 175 -9.65 42.11 -0.56
CA VAL O 175 -10.88 42.66 -1.08
C VAL O 175 -11.68 43.18 0.13
N CYS O 176 -12.72 43.98 -0.10
CA CYS O 176 -13.47 44.57 1.00
C CYS O 176 -14.05 43.53 1.97
N HIS O 177 -13.95 43.86 3.26
CA HIS O 177 -14.19 42.96 4.39
C HIS O 177 -15.54 42.23 4.45
N ALA O 178 -16.58 42.86 3.87
CA ALA O 178 -17.97 42.64 4.28
C ALA O 178 -18.20 43.59 5.46
N LEU O 179 -19.44 43.76 5.88
CA LEU O 179 -19.78 44.80 6.86
C LEU O 179 -19.92 46.17 6.20
N CYS O 180 -19.21 46.36 5.09
CA CYS O 180 -19.32 47.60 4.32
C CYS O 180 -20.52 47.56 3.38
N SER O 181 -21.06 48.75 3.11
CA SER O 181 -21.98 49.01 2.02
C SER O 181 -21.34 48.65 0.67
N PRO O 182 -22.16 48.56 -0.39
CA PRO O 182 -21.61 48.37 -1.74
C PRO O 182 -20.98 49.66 -2.26
N GLU O 183 -20.25 50.36 -1.39
CA GLU O 183 -19.60 51.64 -1.72
C GLU O 183 -18.08 51.55 -1.53
N GLY O 184 -17.59 50.34 -1.27
CA GLY O 184 -16.15 50.08 -1.21
C GLY O 184 -15.47 50.42 0.11
N CYS O 185 -14.13 50.42 0.06
CA CYS O 185 -13.31 50.47 1.25
C CYS O 185 -11.92 51.07 0.93
N TRP O 186 -11.16 51.35 1.98
CA TRP O 186 -9.83 51.92 1.83
C TRP O 186 -8.75 50.88 2.10
N GLY O 187 -9.16 49.76 2.69
CA GLY O 187 -8.29 48.62 2.93
C GLY O 187 -9.07 47.42 3.45
N PRO O 188 -8.35 46.43 4.00
CA PRO O 188 -8.93 45.14 4.42
C PRO O 188 -9.78 45.17 5.70
N GLU O 189 -9.35 45.92 6.71
CA GLU O 189 -10.00 45.91 8.03
C GLU O 189 -11.39 46.57 7.96
N PRO O 190 -12.26 46.32 8.96
CA PRO O 190 -13.54 47.07 9.05
C PRO O 190 -13.40 48.57 9.32
N ARG O 191 -12.20 49.14 9.10
CA ARG O 191 -11.78 50.41 9.73
C ARG O 191 -12.13 51.79 9.10
N ASP O 192 -12.07 52.05 7.79
CA ASP O 192 -11.66 51.24 6.60
C ASP O 192 -12.81 51.08 5.61
N CYS O 193 -13.94 50.51 6.04
CA CYS O 193 -15.18 50.58 5.27
C CYS O 193 -15.61 52.05 5.12
N VAL O 194 -16.01 52.43 3.91
CA VAL O 194 -16.50 53.78 3.62
C VAL O 194 -17.79 54.09 4.37
N SER O 195 -18.81 53.26 4.17
CA SER O 195 -20.05 53.32 4.96
C SER O 195 -20.56 51.91 5.24
N CYS O 196 -21.41 51.78 6.27
CA CYS O 196 -21.78 50.47 6.78
C CYS O 196 -23.27 50.18 6.62
N GLU P 1 15.17 -22.38 -26.14
CA GLU P 1 16.57 -22.93 -26.22
C GLU P 1 17.12 -23.33 -24.84
N ILE P 2 18.09 -24.23 -24.83
CA ILE P 2 18.73 -24.64 -23.58
C ILE P 2 19.94 -23.72 -23.43
N VAL P 3 19.98 -22.95 -22.34
CA VAL P 3 21.12 -22.04 -22.08
C VAL P 3 22.25 -22.74 -21.32
N MET P 4 23.48 -22.59 -21.82
CA MET P 4 24.67 -23.16 -21.21
C MET P 4 25.46 -22.09 -20.44
N THR P 5 25.65 -22.31 -19.14
CA THR P 5 26.34 -21.38 -18.25
C THR P 5 27.71 -21.92 -17.78
N GLN P 6 28.76 -21.14 -18.03
CA GLN P 6 30.09 -21.45 -17.54
C GLN P 6 30.55 -20.48 -16.43
N SER P 7 30.71 -20.99 -15.22
CA SER P 7 31.21 -20.16 -14.09
C SER P 7 32.27 -20.95 -13.31
N PRO P 8 33.44 -20.33 -13.02
CA PRO P 8 33.72 -18.89 -13.20
C PRO P 8 34.08 -18.58 -14.63
N ALA P 9 34.21 -17.30 -14.95
CA ALA P 9 34.52 -16.91 -16.32
C ALA P 9 36.03 -16.80 -16.56
N THR P 10 36.81 -16.61 -15.49
CA THR P 10 38.27 -16.60 -15.58
C THR P 10 38.93 -17.48 -14.51
N LEU P 11 40.12 -17.98 -14.82
CA LEU P 11 40.91 -18.77 -13.90
C LEU P 11 42.36 -18.27 -13.95
N SER P 12 42.98 -18.10 -12.78
CA SER P 12 44.37 -17.61 -12.70
C SER P 12 45.28 -18.69 -12.12
N LEU P 13 46.02 -19.35 -13.00
CA LEU P 13 46.84 -20.49 -12.59
C LEU P 13 48.27 -20.43 -13.15
N SER P 14 49.10 -21.36 -12.68
CA SER P 14 50.48 -21.57 -13.11
C SER P 14 50.62 -22.91 -13.80
N PRO P 15 51.59 -23.05 -14.72
CA PRO P 15 51.88 -24.37 -15.28
C PRO P 15 52.18 -25.42 -14.20
N GLY P 16 51.85 -26.68 -14.49
CA GLY P 16 51.95 -27.77 -13.51
C GLY P 16 50.72 -27.93 -12.64
N GLU P 17 49.91 -26.88 -12.54
CA GLU P 17 48.74 -26.87 -11.67
C GLU P 17 47.54 -27.50 -12.34
N ARG P 18 46.52 -27.78 -11.56
CA ARG P 18 45.35 -28.51 -12.03
C ARG P 18 44.20 -27.51 -12.25
N ALA P 19 43.42 -27.71 -13.31
CA ALA P 19 42.28 -26.83 -13.62
C ALA P 19 40.97 -27.61 -13.75
N THR P 20 39.93 -27.11 -13.08
CA THR P 20 38.57 -27.63 -13.24
C THR P 20 37.62 -26.50 -13.68
N LEU P 21 36.91 -26.73 -14.79
CA LEU P 21 36.00 -25.76 -15.41
C LEU P 21 34.57 -26.30 -15.44
N SER P 22 33.59 -25.47 -15.09
CA SER P 22 32.19 -25.89 -14.97
C SER P 22 31.26 -25.50 -16.13
N CYS P 23 30.37 -26.41 -16.51
CA CYS P 23 29.29 -26.12 -17.46
C CYS P 23 27.98 -26.65 -16.86
N ARG P 24 27.00 -25.74 -16.70
CA ARG P 24 25.63 -26.08 -16.31
C ARG P 24 24.66 -25.91 -17.48
N ALA P 25 23.67 -26.79 -17.57
CA ALA P 25 22.64 -26.70 -18.61
C ALA P 25 21.28 -26.36 -17.99
N SER P 26 20.49 -25.55 -18.70
CA SER P 26 19.22 -25.07 -18.17
C SER P 26 18.11 -26.13 -18.23
N GLN P 27 18.28 -27.11 -19.11
CA GLN P 27 17.41 -28.28 -19.17
C GLN P 27 18.31 -29.46 -19.53
N SER P 28 17.90 -30.67 -19.13
CA SER P 28 18.69 -31.87 -19.38
C SER P 28 19.23 -31.96 -20.82
N VAL P 29 20.53 -32.19 -20.97
CA VAL P 29 21.08 -32.52 -22.27
C VAL P 29 21.67 -33.95 -22.30
N SER P 30 21.26 -34.76 -21.33
CA SER P 30 21.72 -36.14 -21.19
C SER P 30 23.27 -36.18 -21.17
N SER P 31 23.89 -36.99 -22.02
CA SER P 31 25.33 -36.88 -22.17
C SER P 31 25.75 -36.32 -23.54
N TYR P 32 24.81 -35.66 -24.24
CA TYR P 32 25.08 -35.10 -25.56
C TYR P 32 25.73 -33.72 -25.46
N LEU P 33 26.96 -33.70 -24.94
CA LEU P 33 27.68 -32.47 -24.67
C LEU P 33 29.16 -32.55 -25.09
N ALA P 34 29.75 -31.40 -25.39
CA ALA P 34 31.11 -31.38 -25.92
C ALA P 34 31.90 -30.16 -25.46
N TRP P 35 33.24 -30.31 -25.40
CA TRP P 35 34.14 -29.23 -25.07
C TRP P 35 35.04 -28.83 -26.26
N TYR P 36 35.36 -27.53 -26.37
CA TYR P 36 36.20 -26.98 -27.45
C TYR P 36 37.25 -26.01 -26.91
N GLN P 37 38.47 -26.07 -27.47
CA GLN P 37 39.52 -25.12 -27.11
C GLN P 37 39.65 -24.03 -28.17
N GLN P 38 39.81 -22.77 -27.74
CA GLN P 38 40.06 -21.71 -28.70
C GLN P 38 41.25 -20.79 -28.41
N LYS P 39 42.22 -20.84 -29.32
CA LYS P 39 43.34 -19.91 -29.33
C LYS P 39 43.03 -18.77 -30.33
N PRO P 40 43.54 -17.53 -30.08
CA PRO P 40 43.22 -16.32 -30.87
C PRO P 40 43.60 -16.45 -32.34
N GLY P 41 42.71 -16.00 -33.21
CA GLY P 41 42.93 -16.08 -34.65
C GLY P 41 42.63 -17.43 -35.28
N GLN P 42 42.16 -18.40 -34.48
CA GLN P 42 41.95 -19.79 -34.94
C GLN P 42 40.54 -20.31 -34.68
N ALA P 43 40.18 -21.41 -35.33
CA ALA P 43 38.87 -22.06 -35.09
C ALA P 43 38.88 -22.92 -33.80
N PRO P 44 37.70 -23.17 -33.22
CA PRO P 44 37.59 -24.09 -32.07
C PRO P 44 38.11 -25.51 -32.35
N ARG P 45 38.86 -26.09 -31.39
CA ARG P 45 39.33 -27.49 -31.48
C ARG P 45 38.59 -28.41 -30.51
N LEU P 46 37.96 -29.44 -31.07
CA LEU P 46 37.30 -30.45 -30.29
C LEU P 46 38.28 -31.21 -29.35
N LEU P 47 37.92 -31.29 -28.07
CA LEU P 47 38.69 -32.04 -27.09
C LEU P 47 37.92 -33.28 -26.65
N ILE P 48 36.68 -33.08 -26.22
CA ILE P 48 35.80 -34.12 -25.71
C ILE P 48 34.39 -34.08 -26.32
N TYR P 49 33.90 -35.25 -26.70
CA TYR P 49 32.52 -35.41 -27.22
C TYR P 49 31.79 -36.44 -26.34
N ASP P 50 30.46 -36.43 -26.40
CA ASP P 50 29.59 -37.27 -25.56
C ASP P 50 29.98 -37.30 -24.09
N ALA P 51 30.24 -36.12 -23.51
CA ALA P 51 30.56 -35.92 -22.08
C ALA P 51 31.92 -36.40 -21.61
N SER P 52 32.32 -37.61 -21.99
CA SER P 52 33.52 -38.25 -21.42
C SER P 52 34.49 -38.93 -22.41
N ASN P 53 34.19 -38.81 -23.70
CA ASN P 53 35.08 -39.34 -24.76
C ASN P 53 36.08 -38.30 -25.26
N ARG P 54 37.33 -38.71 -25.33
CA ARG P 54 38.41 -37.88 -25.84
C ARG P 54 38.60 -38.09 -27.36
N ALA P 55 38.74 -37.01 -28.12
CA ALA P 55 38.95 -37.13 -29.56
C ALA P 55 40.33 -37.76 -29.86
N THR P 56 40.48 -38.37 -31.04
CA THR P 56 41.75 -38.92 -31.49
C THR P 56 42.85 -37.85 -31.50
N GLY P 57 43.97 -38.16 -30.84
CA GLY P 57 45.12 -37.26 -30.77
C GLY P 57 45.13 -36.28 -29.61
N ILE P 58 44.02 -36.16 -28.89
CA ILE P 58 43.91 -35.21 -27.76
C ILE P 58 44.61 -35.76 -26.52
N PRO P 59 45.58 -35.00 -25.96
CA PRO P 59 46.46 -35.55 -24.91
C PRO P 59 45.75 -36.03 -23.62
N ALA P 60 46.40 -36.97 -22.93
CA ALA P 60 45.89 -37.62 -21.71
C ALA P 60 45.52 -36.68 -20.56
N ARG P 61 46.12 -35.48 -20.51
CA ARG P 61 45.82 -34.53 -19.44
C ARG P 61 44.39 -33.95 -19.45
N PHE P 62 43.71 -34.04 -20.60
CA PHE P 62 42.35 -33.57 -20.75
C PHE P 62 41.37 -34.72 -20.49
N SER P 63 40.34 -34.48 -19.69
CA SER P 63 39.26 -35.45 -19.47
C SER P 63 37.98 -34.77 -19.02
N GLY P 64 36.84 -35.42 -19.21
CA GLY P 64 35.54 -34.82 -18.87
C GLY P 64 34.65 -35.77 -18.11
N SER P 65 33.68 -35.22 -17.37
CA SER P 65 32.71 -36.02 -16.61
C SER P 65 31.34 -35.34 -16.60
N GLY P 66 30.34 -36.03 -16.05
CA GLY P 66 29.02 -35.47 -15.93
C GLY P 66 27.96 -36.03 -16.87
N SER P 67 26.70 -35.77 -16.50
CA SER P 67 25.52 -36.06 -17.31
C SER P 67 24.37 -35.18 -16.81
N GLY P 68 23.25 -35.17 -17.54
CA GLY P 68 22.07 -34.38 -17.18
C GLY P 68 22.26 -32.87 -17.39
N THR P 69 22.51 -32.16 -16.29
CA THR P 69 22.71 -30.72 -16.30
C THR P 69 24.03 -30.23 -15.69
N ASP P 70 24.90 -31.15 -15.24
CA ASP P 70 26.15 -30.76 -14.53
C ASP P 70 27.44 -31.34 -15.12
N PHE P 71 28.39 -30.48 -15.46
CA PHE P 71 29.53 -30.90 -16.30
C PHE P 71 30.88 -30.28 -15.90
N THR P 72 31.96 -31.06 -16.10
CA THR P 72 33.29 -30.63 -15.73
C THR P 72 34.37 -31.01 -16.73
N LEU P 73 35.16 -30.01 -17.16
CA LEU P 73 36.42 -30.25 -17.88
C LEU P 73 37.58 -30.10 -16.91
N THR P 74 38.35 -31.18 -16.77
CA THR P 74 39.55 -31.20 -15.92
C THR P 74 40.79 -31.22 -16.78
N ILE P 75 41.75 -30.34 -16.48
CA ILE P 75 43.13 -30.41 -17.03
C ILE P 75 44.15 -30.78 -15.93
N SER P 76 44.64 -32.02 -15.97
CA SER P 76 45.53 -32.53 -14.91
C SER P 76 46.70 -31.64 -14.46
N SER P 77 47.38 -31.04 -15.42
CA SER P 77 48.59 -30.28 -15.18
C SER P 77 48.77 -29.36 -16.37
N LEU P 78 48.43 -28.09 -16.17
CA LEU P 78 48.58 -27.11 -17.22
C LEU P 78 49.97 -27.17 -17.85
N GLU P 79 50.00 -27.19 -19.17
CA GLU P 79 51.20 -26.89 -19.95
C GLU P 79 51.09 -25.42 -20.40
N PRO P 80 52.23 -24.77 -20.73
CA PRO P 80 52.29 -23.40 -21.28
C PRO P 80 51.31 -23.05 -22.40
N GLU P 81 50.97 -24.02 -23.24
CA GLU P 81 50.12 -23.81 -24.40
C GLU P 81 48.67 -24.14 -24.10
N ASP P 82 48.36 -24.35 -22.82
CA ASP P 82 46.99 -24.62 -22.42
C ASP P 82 46.25 -23.36 -21.98
N PHE P 83 46.90 -22.20 -22.11
CA PHE P 83 46.26 -20.95 -21.77
C PHE P 83 45.50 -20.39 -22.96
N ALA P 84 44.18 -20.25 -22.78
CA ALA P 84 43.22 -20.02 -23.86
C ALA P 84 41.76 -20.04 -23.35
N VAL P 85 40.82 -20.06 -24.29
CA VAL P 85 39.39 -20.02 -23.98
C VAL P 85 38.80 -21.42 -24.19
N TYR P 86 37.92 -21.83 -23.27
CA TYR P 86 37.28 -23.14 -23.36
C TYR P 86 35.78 -23.01 -23.48
N TYR P 87 35.17 -23.74 -24.40
CA TYR P 87 33.72 -23.66 -24.59
C TYR P 87 33.05 -24.99 -24.38
N CYS P 88 31.89 -24.97 -23.74
CA CYS P 88 31.01 -26.15 -23.72
C CYS P 88 29.93 -26.02 -24.80
N HIS P 89 29.34 -27.14 -25.19
CA HIS P 89 28.45 -27.18 -26.35
C HIS P 89 27.51 -28.37 -26.35
N GLN P 90 26.22 -28.05 -26.50
CA GLN P 90 25.10 -28.95 -26.34
C GLN P 90 24.44 -29.27 -27.71
N TYR P 91 24.39 -30.55 -28.09
CA TYR P 91 23.81 -30.96 -29.38
C TYR P 91 22.69 -32.01 -29.23
N GLY P 92 22.06 -32.01 -28.06
CA GLY P 92 20.95 -32.92 -27.76
C GLY P 92 19.59 -32.43 -28.26
N SER P 93 19.40 -31.11 -28.30
CA SER P 93 18.16 -30.52 -28.77
C SER P 93 18.40 -29.34 -29.70
N THR P 94 17.54 -29.15 -30.71
CA THR P 94 17.66 -27.99 -31.61
C THR P 94 16.89 -26.83 -30.98
N PRO P 95 17.42 -25.60 -31.05
CA PRO P 95 18.65 -25.15 -31.72
C PRO P 95 19.88 -25.43 -30.89
N LEU P 96 20.97 -25.85 -31.54
CA LEU P 96 22.28 -26.04 -30.90
C LEU P 96 22.83 -24.80 -30.16
N THR P 97 23.40 -24.98 -28.97
CA THR P 97 23.89 -23.85 -28.16
C THR P 97 25.26 -24.11 -27.56
N PHE P 98 25.95 -23.02 -27.22
CA PHE P 98 27.27 -22.98 -26.62
C PHE P 98 27.25 -22.10 -25.39
N GLY P 99 28.11 -22.40 -24.41
CA GLY P 99 28.34 -21.52 -23.26
C GLY P 99 29.09 -20.26 -23.66
N GLY P 100 29.15 -19.30 -22.74
CA GLY P 100 29.79 -18.00 -22.96
C GLY P 100 31.31 -18.01 -22.78
N GLY P 101 31.85 -19.14 -22.30
CA GLY P 101 33.31 -19.34 -22.25
C GLY P 101 33.99 -19.06 -20.92
N THR P 102 35.11 -19.75 -20.70
CA THR P 102 35.95 -19.57 -19.52
C THR P 102 37.39 -19.41 -20.00
N LYS P 103 38.04 -18.32 -19.56
CA LYS P 103 39.40 -18.04 -19.98
C LYS P 103 40.45 -18.43 -18.93
N ALA P 104 41.40 -19.27 -19.35
CA ALA P 104 42.50 -19.66 -18.48
C ALA P 104 43.62 -18.68 -18.73
N GLU P 105 43.92 -17.86 -17.73
CA GLU P 105 45.02 -16.91 -17.87
C GLU P 105 46.19 -17.30 -16.93
N ILE P 106 47.32 -16.62 -17.09
CA ILE P 106 48.55 -16.97 -16.36
C ILE P 106 48.66 -16.10 -15.11
N LYS P 107 48.72 -16.78 -13.97
CA LYS P 107 48.90 -16.13 -12.65
C LYS P 107 50.32 -15.60 -12.52
N ARG P 108 50.52 -14.58 -11.68
CA ARG P 108 51.83 -14.00 -11.41
C ARG P 108 51.68 -13.02 -10.24
N THR P 109 52.78 -12.41 -9.79
CA THR P 109 52.73 -11.49 -8.64
C THR P 109 52.10 -10.15 -9.00
N VAL P 110 51.66 -9.42 -7.98
CA VAL P 110 50.99 -8.13 -8.16
C VAL P 110 51.94 -7.05 -8.69
N ALA P 111 51.49 -6.30 -9.69
CA ALA P 111 52.28 -5.21 -10.26
C ALA P 111 51.46 -3.94 -10.47
N ALA P 112 51.96 -2.84 -9.92
CA ALA P 112 51.32 -1.53 -10.06
C ALA P 112 51.58 -1.01 -11.46
N PRO P 113 50.63 -0.27 -12.05
CA PRO P 113 50.87 0.29 -13.39
C PRO P 113 51.75 1.50 -13.33
N SER P 114 52.49 1.73 -14.40
CA SER P 114 53.19 2.98 -14.62
C SER P 114 52.27 3.90 -15.42
N VAL P 115 51.99 5.09 -14.87
CA VAL P 115 51.01 5.99 -15.45
C VAL P 115 51.63 7.19 -16.19
N PHE P 116 51.22 7.40 -17.46
CA PHE P 116 51.65 8.53 -18.30
C PHE P 116 50.49 9.27 -18.96
N ILE P 117 50.68 10.57 -19.19
CA ILE P 117 49.67 11.42 -19.84
C ILE P 117 50.23 12.23 -21.01
N PHE P 118 49.42 12.36 -22.07
CA PHE P 118 49.86 13.05 -23.26
C PHE P 118 48.88 14.16 -23.66
N PRO P 119 49.36 15.41 -23.74
CA PRO P 119 48.58 16.49 -24.33
C PRO P 119 48.37 16.21 -25.82
N PRO P 120 47.35 16.86 -26.43
CA PRO P 120 47.12 16.81 -27.88
C PRO P 120 48.11 17.68 -28.60
N SER P 121 48.53 17.25 -29.79
CA SER P 121 49.55 17.97 -30.56
C SER P 121 49.02 19.27 -31.15
N ASP P 122 49.93 20.22 -31.38
CA ASP P 122 49.62 21.43 -32.16
C ASP P 122 49.04 21.12 -33.55
N GLU P 123 49.51 20.04 -34.17
CA GLU P 123 49.03 19.64 -35.49
C GLU P 123 47.55 19.23 -35.50
N GLN P 124 47.14 18.44 -34.51
CA GLN P 124 45.76 18.00 -34.38
C GLN P 124 44.82 19.15 -34.02
N LEU P 125 45.30 20.12 -33.25
CA LEU P 125 44.47 21.25 -32.85
C LEU P 125 43.89 22.03 -34.04
N LYS P 126 44.61 21.99 -35.18
CA LYS P 126 44.12 22.60 -36.41
C LYS P 126 42.82 21.93 -36.91
N SER P 127 42.74 20.61 -36.76
CA SER P 127 41.57 19.84 -37.17
C SER P 127 40.27 20.35 -36.53
N GLY P 128 40.41 21.08 -35.43
CA GLY P 128 39.25 21.45 -34.61
C GLY P 128 38.76 20.35 -33.67
N THR P 129 39.66 19.43 -33.29
CA THR P 129 39.38 18.38 -32.28
C THR P 129 40.64 18.09 -31.43
N ALA P 130 40.46 17.75 -30.15
CA ALA P 130 41.58 17.42 -29.26
C ALA P 130 41.44 16.05 -28.60
N SER P 131 42.43 15.19 -28.80
CA SER P 131 42.51 13.92 -28.07
C SER P 131 43.55 14.03 -26.95
N VAL P 132 43.16 13.65 -25.74
CA VAL P 132 44.12 13.54 -24.64
C VAL P 132 44.21 12.05 -24.29
N VAL P 133 45.42 11.53 -24.10
CA VAL P 133 45.61 10.10 -23.84
C VAL P 133 46.30 9.79 -22.48
N CYS P 134 45.83 8.74 -21.79
CA CYS P 134 46.40 8.30 -20.52
C CYS P 134 46.80 6.82 -20.65
N LEU P 135 48.03 6.50 -20.25
CA LEU P 135 48.57 5.14 -20.37
C LEU P 135 48.86 4.45 -19.01
N LEU P 136 48.42 3.19 -18.89
CA LEU P 136 48.79 2.34 -17.76
C LEU P 136 49.59 1.14 -18.26
N ASN P 137 50.91 1.17 -18.05
CA ASN P 137 51.81 0.16 -18.62
C ASN P 137 52.24 -0.95 -17.65
N ASN P 138 52.11 -2.20 -18.10
CA ASN P 138 52.63 -3.40 -17.40
C ASN P 138 52.10 -3.66 -15.97
N PHE P 139 50.80 -3.90 -15.84
CA PHE P 139 50.22 -4.11 -14.51
C PHE P 139 49.57 -5.46 -14.38
N TYR P 140 49.34 -5.90 -13.13
CA TYR P 140 48.65 -7.16 -12.84
C TYR P 140 48.05 -7.14 -11.43
N PRO P 141 46.80 -7.63 -11.27
CA PRO P 141 45.96 -8.23 -12.29
C PRO P 141 45.17 -7.19 -13.11
N ARG P 142 44.33 -7.65 -14.03
CA ARG P 142 43.78 -6.78 -15.06
C ARG P 142 42.81 -5.67 -14.61
N GLU P 143 42.10 -5.89 -13.51
CA GLU P 143 41.13 -4.88 -13.05
C GLU P 143 41.75 -3.53 -12.69
N ALA P 144 41.18 -2.46 -13.24
CA ALA P 144 41.69 -1.10 -13.08
C ALA P 144 40.60 -0.04 -13.42
N LYS P 145 40.71 1.11 -12.76
CA LYS P 145 39.72 2.17 -12.87
C LYS P 145 40.43 3.47 -13.25
N VAL P 146 39.93 4.13 -14.30
CA VAL P 146 40.48 5.41 -14.74
C VAL P 146 39.35 6.46 -14.74
N GLN P 147 39.60 7.60 -14.11
CA GLN P 147 38.64 8.71 -14.13
C GLN P 147 39.31 9.96 -14.70
N TRP P 148 38.67 10.60 -15.67
CA TRP P 148 39.16 11.87 -16.22
C TRP P 148 38.50 13.01 -15.49
N LYS P 149 39.26 14.07 -15.22
CA LYS P 149 38.76 15.26 -14.55
C LYS P 149 39.32 16.54 -15.18
N VAL P 150 38.44 17.49 -15.53
CA VAL P 150 38.84 18.75 -16.19
C VAL P 150 38.44 19.99 -15.36
N ASP P 151 39.44 20.74 -14.91
CA ASP P 151 39.29 21.77 -13.86
C ASP P 151 38.53 21.30 -12.60
N ASN P 152 38.81 20.06 -12.22
CA ASN P 152 38.18 19.38 -11.09
C ASN P 152 36.82 18.75 -11.42
N ALA P 153 36.30 19.00 -12.62
CA ALA P 153 35.03 18.42 -13.05
C ALA P 153 35.17 16.99 -13.61
N LEU P 154 34.52 16.03 -12.96
CA LEU P 154 34.52 14.65 -13.44
C LEU P 154 33.88 14.52 -14.84
N GLN P 155 34.52 13.80 -15.72
CA GLN P 155 34.06 13.66 -17.09
C GLN P 155 33.22 12.41 -17.21
N SER P 156 32.38 12.36 -18.24
CA SER P 156 31.46 11.25 -18.42
C SER P 156 30.93 11.23 -19.85
N GLY P 157 31.06 10.07 -20.49
CA GLY P 157 30.46 9.82 -21.80
C GLY P 157 31.30 10.20 -23.01
N ASN P 158 32.48 10.77 -22.78
CA ASN P 158 33.34 11.31 -23.84
C ASN P 158 34.76 10.66 -23.93
N SER P 159 34.91 9.47 -23.36
CA SER P 159 36.21 8.78 -23.39
C SER P 159 36.07 7.31 -23.75
N GLN P 160 37.15 6.68 -24.19
CA GLN P 160 37.14 5.25 -24.55
C GLN P 160 38.41 4.48 -24.16
N GLU P 161 38.25 3.22 -23.76
CA GLU P 161 39.36 2.34 -23.33
C GLU P 161 39.61 1.14 -24.26
N SER P 162 40.87 0.68 -24.26
CA SER P 162 41.35 -0.45 -25.07
C SER P 162 42.43 -1.21 -24.27
N VAL P 163 42.47 -2.54 -24.33
CA VAL P 163 43.44 -3.25 -23.49
C VAL P 163 44.13 -4.44 -24.16
N THR P 164 45.46 -4.51 -24.05
CA THR P 164 46.28 -5.59 -24.63
C THR P 164 46.00 -6.95 -24.00
N GLU P 165 46.24 -8.01 -24.76
CA GLU P 165 46.30 -9.36 -24.19
C GLU P 165 47.54 -9.54 -23.33
N GLN P 166 47.57 -10.63 -22.56
CA GLN P 166 48.63 -10.91 -21.59
C GLN P 166 49.97 -11.08 -22.30
N ASP P 167 50.95 -10.24 -21.91
CA ASP P 167 52.31 -10.24 -22.48
C ASP P 167 52.97 -11.61 -22.41
N SER P 168 53.69 -11.97 -23.48
CA SER P 168 54.37 -13.27 -23.58
C SER P 168 55.52 -13.49 -22.55
N LYS P 169 56.40 -12.51 -22.38
CA LYS P 169 57.48 -12.61 -21.40
C LYS P 169 57.02 -12.25 -19.99
N ASP P 170 56.32 -11.11 -19.89
CA ASP P 170 56.00 -10.39 -18.65
C ASP P 170 54.78 -10.90 -17.87
N SER P 171 53.73 -11.29 -18.61
CA SER P 171 52.43 -11.70 -18.05
C SER P 171 51.61 -10.52 -17.50
N THR P 172 51.97 -9.31 -17.93
CA THR P 172 51.29 -8.10 -17.48
C THR P 172 50.28 -7.66 -18.52
N TYR P 173 49.42 -6.71 -18.14
CA TYR P 173 48.50 -6.05 -19.07
C TYR P 173 48.88 -4.58 -19.27
N SER P 174 48.45 -4.00 -20.39
CA SER P 174 48.58 -2.56 -20.61
C SER P 174 47.23 -1.97 -21.07
N LEU P 175 46.91 -0.77 -20.57
CA LEU P 175 45.66 -0.11 -20.97
C LEU P 175 45.87 1.35 -21.34
N SER P 176 45.08 1.82 -22.30
CA SER P 176 45.01 3.26 -22.64
C SER P 176 43.57 3.77 -22.67
N SER P 177 43.42 5.03 -22.28
CA SER P 177 42.14 5.73 -22.33
C SER P 177 42.30 6.97 -23.19
N THR P 178 41.27 7.33 -23.92
CA THR P 178 41.32 8.56 -24.70
C THR P 178 40.11 9.47 -24.50
N LEU P 179 40.40 10.73 -24.19
CA LEU P 179 39.39 11.75 -23.98
C LEU P 179 39.35 12.55 -25.25
N THR P 180 38.17 12.65 -25.86
CA THR P 180 38.00 13.41 -27.09
C THR P 180 37.15 14.64 -26.78
N LEU P 181 37.62 15.79 -27.23
CA LEU P 181 36.96 17.05 -27.00
C LEU P 181 37.12 17.89 -28.22
N SER P 182 36.18 18.82 -28.42
CA SER P 182 36.29 19.83 -29.48
C SER P 182 37.41 20.81 -29.14
N LYS P 183 37.92 21.51 -30.16
CA LYS P 183 38.96 22.52 -29.94
C LYS P 183 38.46 23.59 -28.97
N ALA P 184 37.26 24.10 -29.23
CA ALA P 184 36.59 25.05 -28.35
C ALA P 184 36.46 24.58 -26.89
N ASP P 185 35.92 23.38 -26.67
CA ASP P 185 35.82 22.81 -25.30
C ASP P 185 37.19 22.76 -24.61
N TYR P 186 38.20 22.33 -25.36
CA TYR P 186 39.60 22.24 -24.90
C TYR P 186 40.24 23.57 -24.48
N GLU P 187 39.97 24.65 -25.21
CA GLU P 187 40.68 25.91 -25.00
C GLU P 187 40.11 26.76 -23.84
N LYS P 188 38.90 26.45 -23.40
CA LYS P 188 38.31 27.18 -22.27
C LYS P 188 38.54 26.52 -20.89
N HIS P 189 39.50 25.59 -20.82
CA HIS P 189 39.85 24.90 -19.60
C HIS P 189 41.36 24.73 -19.46
N LYS P 190 41.83 24.55 -18.23
CA LYS P 190 43.26 24.64 -17.91
C LYS P 190 43.97 23.32 -17.49
N VAL P 191 43.38 22.59 -16.53
CA VAL P 191 44.06 21.44 -15.92
C VAL P 191 43.44 20.10 -16.31
N TYR P 192 44.22 19.27 -17.00
CA TYR P 192 43.81 17.95 -17.47
C TYR P 192 44.53 16.82 -16.71
N ALA P 193 43.74 15.90 -16.13
CA ALA P 193 44.21 14.93 -15.13
C ALA P 193 43.53 13.57 -15.27
N CYS P 194 44.31 12.47 -15.16
CA CYS P 194 43.73 11.11 -15.11
C CYS P 194 44.07 10.38 -13.82
N GLU P 195 43.03 9.95 -13.11
CA GLU P 195 43.19 9.33 -11.82
C GLU P 195 43.14 7.83 -11.99
N VAL P 196 44.18 7.12 -11.53
CA VAL P 196 44.25 5.67 -11.69
C VAL P 196 44.13 4.91 -10.36
N THR P 197 43.23 3.95 -10.29
CA THR P 197 43.08 3.10 -9.13
C THR P 197 43.42 1.65 -9.47
N HIS P 198 44.32 1.05 -8.67
CA HIS P 198 44.79 -0.33 -8.85
C HIS P 198 45.28 -0.90 -7.51
N GLN P 199 44.97 -2.18 -7.26
CA GLN P 199 45.30 -2.82 -5.98
C GLN P 199 46.80 -2.79 -5.60
N GLY P 200 47.68 -2.69 -6.59
CA GLY P 200 49.12 -2.51 -6.37
C GLY P 200 49.56 -1.12 -5.92
N LEU P 201 48.62 -0.17 -5.87
CA LEU P 201 48.88 1.16 -5.35
C LEU P 201 47.97 1.40 -4.16
N SER P 202 48.55 1.87 -3.06
CA SER P 202 47.83 2.06 -1.81
C SER P 202 46.92 3.31 -1.88
N SER P 203 47.39 4.33 -2.60
CA SER P 203 46.56 5.50 -2.95
C SER P 203 46.49 5.71 -4.45
N PRO P 204 45.33 6.18 -4.96
CA PRO P 204 45.26 6.38 -6.41
C PRO P 204 46.31 7.37 -6.86
N VAL P 205 46.82 7.15 -8.06
CA VAL P 205 47.84 7.97 -8.65
C VAL P 205 47.19 8.87 -9.70
N THR P 206 47.66 10.12 -9.76
CA THR P 206 47.17 11.16 -10.67
C THR P 206 48.30 11.82 -11.47
N LYS P 207 48.10 11.90 -12.79
CA LYS P 207 49.00 12.61 -13.68
C LYS P 207 48.23 13.76 -14.32
N SER P 208 48.88 14.92 -14.50
CA SER P 208 48.19 16.07 -15.08
C SER P 208 49.14 16.98 -15.86
N PHE P 209 48.57 17.85 -16.69
CA PHE P 209 49.33 18.90 -17.35
C PHE P 209 48.46 20.15 -17.47
N ASN P 210 49.10 21.30 -17.58
CA ASN P 210 48.39 22.54 -17.79
C ASN P 210 48.49 22.96 -19.26
N ARG P 211 47.34 23.18 -19.88
CA ARG P 211 47.29 23.56 -21.28
C ARG P 211 48.15 24.81 -21.53
N GLY P 212 49.20 24.65 -22.35
CA GLY P 212 50.05 25.78 -22.76
C GLY P 212 51.25 26.10 -21.87
N ALA P 213 51.63 25.17 -21.00
CA ALA P 213 52.75 25.35 -20.06
C ALA P 213 53.50 24.05 -19.76
N GLN Q 1 42.94 -35.97 -46.21
CA GLN Q 1 43.01 -34.51 -46.48
C GLN Q 1 41.61 -33.91 -46.63
N VAL Q 2 40.81 -34.00 -45.55
CA VAL Q 2 39.49 -33.35 -45.45
C VAL Q 2 39.67 -31.90 -44.92
N GLN Q 3 39.18 -30.94 -45.69
CA GLN Q 3 39.37 -29.52 -45.38
C GLN Q 3 38.22 -28.66 -45.91
N LEU Q 4 37.95 -27.57 -45.20
CA LEU Q 4 36.95 -26.58 -45.61
C LEU Q 4 37.58 -25.18 -45.72
N GLN Q 5 36.91 -24.27 -46.44
CA GLN Q 5 37.37 -22.87 -46.61
C GLN Q 5 36.26 -21.89 -47.04
N GLU Q 6 36.11 -20.81 -46.28
CA GLU Q 6 35.09 -19.80 -46.55
C GLU Q 6 35.56 -18.77 -47.56
N SER Q 7 34.61 -18.09 -48.22
CA SER Q 7 34.91 -16.95 -49.10
C SER Q 7 33.69 -16.05 -49.42
N GLY Q 8 33.98 -14.78 -49.70
CA GLY Q 8 32.95 -13.80 -50.06
C GLY Q 8 33.34 -12.44 -49.54
N PRO Q 9 32.61 -11.37 -49.97
CA PRO Q 9 32.94 -9.97 -49.62
C PRO Q 9 33.04 -9.80 -48.11
N GLY Q 10 34.01 -9.01 -47.67
CA GLY Q 10 34.19 -8.75 -46.23
C GLY Q 10 33.47 -7.51 -45.68
N LEU Q 11 32.74 -6.82 -46.57
CA LEU Q 11 32.05 -5.58 -46.23
C LEU Q 11 30.63 -5.53 -46.86
N VAL Q 12 29.63 -5.22 -46.03
CA VAL Q 12 28.21 -5.20 -46.45
C VAL Q 12 27.58 -3.93 -45.86
N LYS Q 13 26.67 -3.29 -46.60
CA LYS Q 13 26.00 -2.07 -46.13
C LYS Q 13 24.71 -2.39 -45.39
N PRO Q 14 24.42 -1.69 -44.28
CA PRO Q 14 23.17 -1.92 -43.53
C PRO Q 14 21.92 -2.06 -44.41
N SER Q 15 21.15 -3.13 -44.18
CA SER Q 15 19.89 -3.43 -44.88
C SER Q 15 20.03 -4.28 -46.17
N GLN Q 16 21.28 -4.53 -46.58
CA GLN Q 16 21.57 -5.37 -47.74
C GLN Q 16 21.81 -6.81 -47.36
N THR Q 17 22.09 -7.63 -48.37
CA THR Q 17 22.29 -9.07 -48.18
C THR Q 17 23.77 -9.47 -48.14
N LEU Q 18 24.09 -10.38 -47.22
CA LEU Q 18 25.43 -10.90 -47.03
C LEU Q 18 25.52 -12.30 -47.60
N SER Q 19 26.57 -12.57 -48.37
CA SER Q 19 26.75 -13.88 -48.99
C SER Q 19 28.12 -14.48 -48.71
N LEU Q 20 28.15 -15.78 -48.42
CA LEU Q 20 29.40 -16.53 -48.30
C LEU Q 20 29.23 -17.93 -48.86
N THR Q 21 30.35 -18.49 -49.34
CA THR Q 21 30.46 -19.86 -49.83
C THR Q 21 31.55 -20.65 -49.06
N CYS Q 22 31.39 -21.96 -48.96
CA CYS Q 22 32.38 -22.84 -48.34
C CYS Q 22 32.82 -23.88 -49.35
N THR Q 23 34.12 -24.05 -49.52
CA THR Q 23 34.64 -25.09 -50.43
C THR Q 23 35.19 -26.31 -49.67
N VAL Q 24 34.71 -27.50 -50.04
CA VAL Q 24 35.12 -28.74 -49.39
C VAL Q 24 36.08 -29.51 -50.29
N SER Q 25 37.25 -29.87 -49.76
CA SER Q 25 38.10 -30.85 -50.42
C SER Q 25 38.13 -32.15 -49.62
N GLY Q 26 38.54 -33.24 -50.26
CA GLY Q 26 38.72 -34.53 -49.59
C GLY Q 26 37.40 -35.18 -49.20
N GLY Q 27 36.56 -35.43 -50.20
CA GLY Q 27 35.24 -36.01 -49.94
C GLY Q 27 34.11 -35.22 -50.57
N SER Q 28 33.13 -35.96 -51.08
CA SER Q 28 32.02 -35.37 -51.78
C SER Q 28 30.98 -34.83 -50.78
N ILE Q 29 30.35 -33.73 -51.18
CA ILE Q 29 29.39 -33.03 -50.33
C ILE Q 29 28.03 -33.75 -50.34
N SER Q 30 27.80 -34.59 -51.35
CA SER Q 30 26.52 -35.29 -51.48
C SER Q 30 26.59 -36.63 -50.79
N SER Q 31 26.60 -36.60 -49.46
CA SER Q 31 26.65 -37.81 -48.64
C SER Q 31 25.72 -37.68 -47.48
N GLY Q 32 25.02 -38.76 -47.18
CA GLY Q 32 24.13 -38.80 -46.02
C GLY Q 32 24.84 -38.92 -44.69
N ASP Q 33 26.18 -38.96 -44.71
CA ASP Q 33 26.98 -39.10 -43.47
C ASP Q 33 27.24 -37.77 -42.74
N TYR Q 34 26.91 -36.65 -43.39
CA TYR Q 34 27.39 -35.35 -42.92
C TYR Q 34 26.29 -34.28 -42.93
N TYR Q 35 26.31 -33.37 -41.95
CA TYR Q 35 25.54 -32.12 -42.04
C TYR Q 35 26.52 -31.03 -42.40
N TRP Q 36 26.12 -30.06 -43.21
CA TRP Q 36 27.03 -28.97 -43.62
C TRP Q 36 26.60 -27.62 -43.05
N SER Q 37 27.34 -27.12 -42.05
CA SER Q 37 26.84 -26.07 -41.10
C SER Q 37 27.56 -24.69 -41.08
N TRP Q 38 26.88 -23.70 -40.54
CA TRP Q 38 27.47 -22.39 -40.29
C TRP Q 38 27.39 -21.99 -38.83
N ILE Q 39 28.41 -21.25 -38.37
CA ILE Q 39 28.50 -20.75 -37.01
C ILE Q 39 29.20 -19.40 -37.06
N ARG Q 40 28.82 -18.49 -36.15
CA ARG Q 40 29.43 -17.17 -36.09
C ARG Q 40 29.89 -16.71 -34.68
N GLN Q 41 30.90 -15.84 -34.68
CA GLN Q 41 31.53 -15.31 -33.47
C GLN Q 41 31.83 -13.81 -33.71
N PRO Q 42 31.05 -12.90 -33.11
CA PRO Q 42 31.39 -11.46 -33.13
C PRO Q 42 32.66 -11.14 -32.36
N PRO Q 43 33.47 -10.19 -32.86
CA PRO Q 43 34.75 -9.78 -32.25
C PRO Q 43 34.64 -9.68 -30.74
N GLY Q 44 35.42 -10.49 -30.04
CA GLY Q 44 35.47 -10.51 -28.61
C GLY Q 44 34.25 -11.06 -27.90
N LYS Q 45 33.50 -11.94 -28.55
CA LYS Q 45 32.35 -12.57 -27.86
C LYS Q 45 32.28 -14.09 -28.07
N GLY Q 46 31.11 -14.69 -27.83
CA GLY Q 46 30.95 -16.15 -27.89
C GLY Q 46 30.35 -16.69 -29.20
N LEU Q 47 30.13 -18.00 -29.25
CA LEU Q 47 29.75 -18.69 -30.48
C LEU Q 47 28.24 -18.91 -30.58
N GLU Q 48 27.66 -18.56 -31.72
CA GLU Q 48 26.24 -18.78 -32.02
C GLU Q 48 26.05 -19.64 -33.30
N TRP Q 49 25.20 -20.68 -33.18
CA TRP Q 49 24.88 -21.61 -34.29
C TRP Q 49 23.84 -21.04 -35.25
N ILE Q 50 24.18 -20.96 -36.54
CA ILE Q 50 23.29 -20.41 -37.58
C ILE Q 50 22.33 -21.45 -38.17
N GLY Q 51 22.89 -22.49 -38.80
CA GLY Q 51 22.10 -23.63 -39.25
C GLY Q 51 22.88 -24.71 -39.98
N TYR Q 52 22.16 -25.74 -40.43
CA TYR Q 52 22.76 -26.78 -41.27
C TYR Q 52 21.90 -27.12 -42.52
N ILE Q 53 22.55 -27.64 -43.57
CA ILE Q 53 21.87 -28.22 -44.74
C ILE Q 53 22.30 -29.66 -44.99
N TYR Q 54 21.36 -30.43 -45.56
CA TYR Q 54 21.52 -31.85 -45.73
C TYR Q 54 21.25 -32.20 -47.19
N TYR Q 55 21.95 -33.22 -47.67
CA TYR Q 55 21.90 -33.67 -49.07
C TYR Q 55 20.50 -34.03 -49.54
N SER Q 56 19.60 -34.34 -48.63
CA SER Q 56 18.21 -34.52 -49.02
C SER Q 56 17.47 -33.21 -49.37
N GLY Q 57 18.03 -32.05 -49.01
CA GLY Q 57 17.37 -30.77 -49.22
C GLY Q 57 16.80 -30.16 -47.94
N SER Q 58 16.76 -30.97 -46.87
CA SER Q 58 16.29 -30.54 -45.56
C SER Q 58 17.26 -29.56 -44.94
N THR Q 59 16.72 -28.59 -44.21
CA THR Q 59 17.54 -27.65 -43.46
C THR Q 59 17.03 -27.53 -42.03
N ASP Q 60 17.81 -26.82 -41.20
CA ASP Q 60 17.35 -26.37 -39.88
C ASP Q 60 18.00 -25.00 -39.59
N TYR Q 61 17.22 -24.06 -39.12
CA TYR Q 61 17.74 -22.71 -38.85
C TYR Q 61 17.43 -22.22 -37.44
N ASN Q 62 18.39 -21.50 -36.87
CA ASN Q 62 18.22 -20.84 -35.58
C ASN Q 62 17.12 -19.76 -35.59
N PRO Q 63 16.04 -19.96 -34.80
CA PRO Q 63 14.95 -18.98 -34.65
C PRO Q 63 15.46 -17.57 -34.35
N SER Q 64 16.61 -17.49 -33.69
CA SER Q 64 17.19 -16.22 -33.34
C SER Q 64 17.49 -15.38 -34.59
N LEU Q 65 17.53 -16.01 -35.76
CA LEU Q 65 17.82 -15.24 -36.97
C LEU Q 65 16.61 -14.68 -37.73
N LYS Q 66 15.41 -14.91 -37.20
CA LYS Q 66 14.15 -14.31 -37.67
C LYS Q 66 13.77 -14.47 -39.15
N SER Q 67 14.07 -15.64 -39.71
CA SER Q 67 13.77 -15.98 -41.10
C SER Q 67 14.61 -15.19 -42.11
N ARG Q 68 15.72 -14.63 -41.65
CA ARG Q 68 16.60 -13.85 -42.52
C ARG Q 68 17.60 -14.73 -43.27
N VAL Q 69 17.60 -16.03 -42.98
CA VAL Q 69 18.68 -16.90 -43.41
C VAL Q 69 18.17 -18.04 -44.30
N THR Q 70 18.93 -18.36 -45.34
CA THR Q 70 18.69 -19.53 -46.19
C THR Q 70 20.03 -20.10 -46.65
N MET Q 71 20.07 -21.41 -46.89
CA MET Q 71 21.30 -22.10 -47.29
C MET Q 71 21.11 -22.81 -48.63
N SER Q 72 22.20 -23.10 -49.33
CA SER Q 72 22.09 -23.90 -50.55
C SER Q 72 23.33 -24.76 -50.80
N VAL Q 73 23.19 -25.72 -51.71
CA VAL Q 73 24.23 -26.70 -52.05
C VAL Q 73 24.48 -26.72 -53.57
N ASP Q 74 25.74 -26.74 -53.98
CA ASP Q 74 26.12 -26.89 -55.39
C ASP Q 74 27.08 -28.07 -55.55
N THR Q 75 26.50 -29.27 -55.63
CA THR Q 75 27.26 -30.53 -55.70
C THR Q 75 28.30 -30.59 -56.84
N SER Q 76 28.09 -29.80 -57.88
CA SER Q 76 29.01 -29.80 -59.02
C SER Q 76 30.32 -29.12 -58.67
N LYS Q 77 30.24 -28.08 -57.84
CA LYS Q 77 31.41 -27.34 -57.39
C LYS Q 77 31.86 -27.79 -56.01
N ASN Q 78 31.22 -28.82 -55.45
CA ASN Q 78 31.50 -29.30 -54.07
C ASN Q 78 31.53 -28.11 -53.08
N GLN Q 79 30.47 -27.30 -53.12
CA GLN Q 79 30.33 -26.05 -52.38
C GLN Q 79 28.95 -25.97 -51.73
N PHE Q 80 28.87 -25.25 -50.61
CA PHE Q 80 27.57 -24.91 -50.00
C PHE Q 80 27.61 -23.46 -49.45
N SER Q 81 26.48 -22.76 -49.52
CA SER Q 81 26.44 -21.29 -49.36
C SER Q 81 25.55 -20.75 -48.22
N LEU Q 82 25.77 -19.50 -47.83
CA LEU Q 82 24.97 -18.88 -46.77
C LEU Q 82 24.47 -17.55 -47.26
N LYS Q 83 23.22 -17.21 -46.97
CA LYS Q 83 22.70 -15.88 -47.31
C LYS Q 83 21.94 -15.29 -46.12
N VAL Q 84 22.34 -14.08 -45.70
CA VAL Q 84 21.66 -13.34 -44.60
C VAL Q 84 21.21 -11.95 -45.03
N ASN Q 85 19.89 -11.74 -45.15
CA ASN Q 85 19.36 -10.44 -45.60
C ASN Q 85 19.04 -9.46 -44.48
N SER Q 86 18.81 -8.20 -44.84
CA SER Q 86 18.51 -7.10 -43.90
C SER Q 86 19.46 -7.02 -42.70
N VAL Q 87 20.77 -6.95 -42.99
CA VAL Q 87 21.79 -6.93 -41.94
C VAL Q 87 21.97 -5.55 -41.28
N THR Q 88 22.52 -5.58 -40.08
CA THR Q 88 22.88 -4.38 -39.31
C THR Q 88 24.20 -4.69 -38.58
N ALA Q 89 24.75 -3.68 -37.91
CA ALA Q 89 25.94 -3.86 -37.08
C ALA Q 89 25.89 -5.17 -36.26
N ALA Q 90 24.71 -5.58 -35.80
CA ALA Q 90 24.61 -6.79 -34.96
C ALA Q 90 25.03 -8.13 -35.65
N ASP Q 91 25.16 -8.09 -36.99
CA ASP Q 91 25.53 -9.25 -37.82
C ASP Q 91 27.03 -9.24 -38.17
N THR Q 92 27.75 -8.28 -37.59
CA THR Q 92 29.23 -8.20 -37.71
C THR Q 92 29.90 -9.31 -36.90
N ALA Q 93 30.72 -10.13 -37.56
CA ALA Q 93 31.23 -11.33 -36.93
C ALA Q 93 32.21 -12.06 -37.84
N VAL Q 94 32.94 -12.97 -37.22
CA VAL Q 94 33.69 -13.96 -37.96
C VAL Q 94 32.75 -15.14 -38.22
N TYR Q 95 32.64 -15.54 -39.49
CA TYR Q 95 31.76 -16.64 -39.89
C TYR Q 95 32.52 -17.94 -40.22
N TYR Q 96 32.01 -19.07 -39.72
CA TYR Q 96 32.63 -20.38 -39.92
C TYR Q 96 31.72 -21.41 -40.59
N CYS Q 97 32.24 -22.13 -41.60
CA CYS Q 97 31.64 -23.41 -42.00
C CYS Q 97 32.20 -24.59 -41.19
N ALA Q 98 31.38 -25.61 -40.96
CA ALA Q 98 31.79 -26.76 -40.12
C ALA Q 98 31.13 -28.07 -40.54
N ARG Q 99 31.86 -29.19 -40.36
CA ARG Q 99 31.30 -30.52 -40.62
C ARG Q 99 30.78 -31.23 -39.37
N VAL Q 100 29.53 -31.70 -39.39
CA VAL Q 100 29.08 -32.71 -38.43
C VAL Q 100 29.14 -34.11 -39.03
N SER Q 101 29.81 -35.03 -38.34
CA SER Q 101 29.83 -36.46 -38.69
C SER Q 101 28.72 -37.26 -38.00
N ILE Q 102 27.58 -37.37 -38.70
CA ILE Q 102 26.37 -37.97 -38.17
C ILE Q 102 26.58 -39.34 -37.50
N PHE Q 103 27.24 -40.27 -38.20
CA PHE Q 103 27.42 -41.62 -37.66
C PHE Q 103 28.74 -41.80 -36.89
N GLY Q 104 29.36 -40.68 -36.51
CA GLY Q 104 30.70 -40.69 -35.91
C GLY Q 104 30.74 -40.00 -34.57
N VAL Q 105 31.65 -39.03 -34.41
CA VAL Q 105 31.77 -38.34 -33.13
C VAL Q 105 30.52 -37.52 -32.81
N GLY Q 106 29.78 -37.14 -33.85
CA GLY Q 106 28.48 -36.48 -33.69
C GLY Q 106 28.43 -34.98 -33.40
N THR Q 107 29.58 -34.31 -33.40
CA THR Q 107 29.64 -32.86 -33.15
C THR Q 107 30.58 -32.24 -34.19
N PHE Q 108 30.73 -30.92 -34.15
CA PHE Q 108 31.57 -30.22 -35.11
C PHE Q 108 33.01 -30.72 -35.08
N ASP Q 109 33.53 -31.15 -36.23
CA ASP Q 109 34.89 -31.66 -36.22
C ASP Q 109 35.90 -30.92 -37.13
N TYR Q 110 35.70 -30.92 -38.43
CA TYR Q 110 36.55 -30.11 -39.29
C TYR Q 110 35.91 -28.75 -39.42
N TRP Q 111 36.70 -27.72 -39.16
CA TRP Q 111 36.27 -26.35 -39.23
C TRP Q 111 36.97 -25.63 -40.36
N GLY Q 112 36.26 -24.71 -41.00
CA GLY Q 112 36.88 -23.74 -41.89
C GLY Q 112 37.79 -22.79 -41.13
N GLN Q 113 38.46 -21.92 -41.86
CA GLN Q 113 39.48 -21.06 -41.30
C GLN Q 113 38.89 -19.81 -40.62
N GLY Q 114 37.71 -19.42 -41.06
CA GLY Q 114 37.08 -18.19 -40.57
C GLY Q 114 37.28 -17.01 -41.50
N THR Q 115 36.23 -16.23 -41.64
CA THR Q 115 36.24 -15.02 -42.48
C THR Q 115 35.34 -13.93 -41.86
N LEU Q 116 35.86 -12.71 -41.87
CA LEU Q 116 35.25 -11.59 -41.14
C LEU Q 116 34.34 -10.80 -42.07
N VAL Q 117 33.14 -10.51 -41.60
CA VAL Q 117 32.24 -9.60 -42.33
C VAL Q 117 31.87 -8.42 -41.43
N THR Q 118 32.17 -7.21 -41.92
CA THR Q 118 31.89 -5.97 -41.22
C THR Q 118 30.70 -5.26 -41.86
N VAL Q 119 29.71 -4.89 -41.03
CA VAL Q 119 28.50 -4.22 -41.50
C VAL Q 119 28.52 -2.73 -41.17
N SER Q 120 28.60 -1.90 -42.20
CA SER Q 120 28.72 -0.46 -42.03
C SER Q 120 28.51 0.27 -43.34
N SER Q 121 28.15 1.55 -43.22
CA SER Q 121 27.94 2.42 -44.38
C SER Q 121 29.12 3.38 -44.63
N ALA Q 122 30.22 3.21 -43.89
CA ALA Q 122 31.38 4.10 -44.02
C ALA Q 122 32.16 3.90 -45.33
N SER Q 123 32.74 4.98 -45.83
CA SER Q 123 33.66 4.94 -46.98
C SER Q 123 35.07 4.64 -46.51
N THR Q 124 35.83 3.95 -47.35
CA THR Q 124 37.25 3.71 -47.06
C THR Q 124 37.97 5.04 -46.89
N LYS Q 125 38.73 5.14 -45.81
CA LYS Q 125 39.52 6.32 -45.53
C LYS Q 125 40.85 5.97 -44.91
N GLY Q 126 41.88 6.67 -45.37
CA GLY Q 126 43.22 6.56 -44.82
C GLY Q 126 43.26 7.33 -43.52
N PRO Q 127 44.07 6.85 -42.57
CA PRO Q 127 44.25 7.47 -41.26
C PRO Q 127 45.21 8.64 -41.27
N SER Q 128 45.06 9.56 -40.33
CA SER Q 128 46.11 10.53 -40.05
C SER Q 128 46.91 10.07 -38.81
N VAL Q 129 48.23 10.30 -38.84
CA VAL Q 129 49.16 9.85 -37.80
C VAL Q 129 49.84 11.04 -37.12
N PHE Q 130 49.57 11.24 -35.82
CA PHE Q 130 50.27 12.27 -35.05
C PHE Q 130 50.82 11.83 -33.70
N PRO Q 131 51.76 12.61 -33.14
CA PRO Q 131 52.60 12.08 -32.09
C PRO Q 131 52.00 12.17 -30.69
N LEU Q 132 52.39 11.20 -29.87
CA LEU Q 132 52.22 11.30 -28.44
C LEU Q 132 53.61 11.63 -27.92
N ALA Q 133 53.81 12.90 -27.58
CA ALA Q 133 55.15 13.40 -27.27
C ALA Q 133 55.58 13.09 -25.84
N PRO Q 134 56.81 12.56 -25.70
CA PRO Q 134 57.41 12.33 -24.38
C PRO Q 134 57.74 13.68 -23.75
N SER Q 135 57.68 13.74 -22.43
CA SER Q 135 57.86 15.02 -21.72
C SER Q 135 58.73 14.92 -20.46
N SER Q 136 58.98 13.69 -20.01
CA SER Q 136 59.66 13.37 -18.72
C SER Q 136 59.56 14.44 -17.61
N GLY Q 142 65.36 6.44 -14.84
CA GLY Q 142 65.32 7.15 -16.12
C GLY Q 142 64.57 6.34 -17.15
N THR Q 143 63.29 6.62 -17.31
CA THR Q 143 62.39 5.74 -18.08
C THR Q 143 61.16 6.48 -18.67
N ALA Q 144 61.27 6.88 -19.94
CA ALA Q 144 60.25 7.69 -20.61
C ALA Q 144 59.35 6.88 -21.58
N ALA Q 145 58.16 7.43 -21.87
CA ALA Q 145 57.22 6.83 -22.85
C ALA Q 145 56.86 7.78 -24.01
N LEU Q 146 56.64 7.19 -25.17
CA LEU Q 146 56.20 7.90 -26.38
C LEU Q 146 55.39 6.99 -27.28
N GLY Q 147 54.65 7.56 -28.25
CA GLY Q 147 53.83 6.74 -29.13
C GLY Q 147 53.21 7.43 -30.33
N CYS Q 148 52.37 6.67 -31.06
CA CYS Q 148 51.65 7.15 -32.25
C CYS Q 148 50.16 6.95 -32.11
N LEU Q 149 49.40 8.02 -32.32
CA LEU Q 149 47.94 7.95 -32.44
C LEU Q 149 47.60 7.83 -33.94
N VAL Q 150 46.91 6.75 -34.29
CA VAL Q 150 46.46 6.49 -35.66
C VAL Q 150 44.93 6.58 -35.70
N LYS Q 151 44.44 7.72 -36.19
CA LYS Q 151 43.04 8.12 -35.99
C LYS Q 151 42.25 8.23 -37.30
N ASP Q 152 40.93 8.03 -37.19
CA ASP Q 152 39.95 8.21 -38.28
C ASP Q 152 40.22 7.44 -39.59
N TYR Q 153 40.42 6.14 -39.48
CA TYR Q 153 40.55 5.27 -40.65
C TYR Q 153 39.42 4.22 -40.80
N PHE Q 154 39.21 3.76 -42.03
CA PHE Q 154 38.24 2.71 -42.34
C PHE Q 154 38.54 2.05 -43.68
N PRO Q 155 38.40 0.71 -43.76
CA PRO Q 155 38.14 -0.20 -42.65
C PRO Q 155 39.42 -0.75 -42.03
N GLU Q 156 39.26 -1.69 -41.10
CA GLU Q 156 40.37 -2.45 -40.52
C GLU Q 156 41.12 -3.27 -41.59
N PRO Q 157 42.35 -3.68 -41.30
CA PRO Q 157 43.18 -3.28 -40.16
C PRO Q 157 44.29 -2.32 -40.56
N VAL Q 158 45.17 -2.04 -39.61
CA VAL Q 158 46.40 -1.30 -39.83
C VAL Q 158 47.53 -2.02 -39.03
N THR Q 159 48.78 -1.87 -39.46
CA THR Q 159 49.93 -2.40 -38.72
C THR Q 159 50.87 -1.27 -38.40
N VAL Q 160 51.50 -1.34 -37.23
CA VAL Q 160 52.52 -0.36 -36.84
C VAL Q 160 53.81 -1.10 -36.50
N SER Q 161 54.94 -0.42 -36.67
CA SER Q 161 56.23 -0.91 -36.22
C SER Q 161 57.12 0.27 -35.94
N TRP Q 162 58.21 0.03 -35.20
CA TRP Q 162 59.11 1.11 -34.80
C TRP Q 162 60.53 0.95 -35.33
N ASN Q 163 60.99 1.98 -36.05
CA ASN Q 163 62.30 2.01 -36.69
C ASN Q 163 62.53 0.86 -37.66
N SER Q 164 61.54 0.61 -38.54
CA SER Q 164 61.62 -0.41 -39.63
C SER Q 164 61.88 -1.84 -39.14
N GLY Q 165 61.28 -2.20 -38.01
CA GLY Q 165 61.44 -3.54 -37.43
C GLY Q 165 62.51 -3.67 -36.36
N ALA Q 166 63.45 -2.71 -36.35
CA ALA Q 166 64.60 -2.71 -35.46
C ALA Q 166 64.30 -2.47 -33.96
N LEU Q 167 63.12 -1.90 -33.66
CA LEU Q 167 62.70 -1.75 -32.27
C LEU Q 167 61.41 -2.54 -31.97
N THR Q 168 61.52 -3.57 -31.13
CA THR Q 168 60.39 -4.45 -30.79
C THR Q 168 60.14 -4.50 -29.29
N SER Q 169 61.19 -4.76 -28.52
CA SER Q 169 61.15 -4.73 -27.06
C SER Q 169 60.52 -3.43 -26.56
N GLY Q 170 59.57 -3.56 -25.62
CA GLY Q 170 58.92 -2.40 -25.03
C GLY Q 170 57.62 -1.96 -25.68
N VAL Q 171 57.39 -2.41 -26.93
CA VAL Q 171 56.26 -1.96 -27.77
C VAL Q 171 54.90 -2.59 -27.38
N HIS Q 172 53.86 -1.75 -27.27
CA HIS Q 172 52.47 -2.25 -27.19
C HIS Q 172 51.57 -1.54 -28.23
N THR Q 173 51.07 -2.31 -29.18
CA THR Q 173 50.11 -1.81 -30.15
C THR Q 173 48.71 -2.26 -29.74
N PHE Q 174 47.87 -1.32 -29.32
CA PHE Q 174 46.54 -1.59 -28.78
C PHE Q 174 45.49 -1.99 -29.83
N PRO Q 175 44.48 -2.82 -29.44
CA PRO Q 175 43.32 -3.03 -30.33
C PRO Q 175 42.63 -1.70 -30.70
N ALA Q 176 42.17 -1.60 -31.94
CA ALA Q 176 41.41 -0.43 -32.39
C ALA Q 176 40.04 -0.33 -31.70
N VAL Q 177 39.52 0.89 -31.64
CA VAL Q 177 38.17 1.12 -31.11
C VAL Q 177 37.33 1.77 -32.22
N LEU Q 178 36.02 1.46 -32.22
CA LEU Q 178 35.09 2.06 -33.17
C LEU Q 178 34.47 3.33 -32.58
N GLN Q 179 34.67 4.45 -33.25
CA GLN Q 179 34.14 5.75 -32.81
C GLN Q 179 32.69 5.96 -33.29
N SER Q 180 32.01 6.94 -32.70
CA SER Q 180 30.65 7.29 -33.10
C SER Q 180 30.56 7.82 -34.54
N SER Q 181 31.70 8.23 -35.10
CA SER Q 181 31.75 8.73 -36.47
C SER Q 181 31.68 7.60 -37.50
N GLY Q 182 31.80 6.35 -37.03
CA GLY Q 182 31.86 5.16 -37.88
C GLY Q 182 33.27 4.81 -38.32
N LEU Q 183 34.24 5.60 -37.86
CA LEU Q 183 35.67 5.41 -38.16
C LEU Q 183 36.42 4.78 -36.97
N TYR Q 184 37.52 4.09 -37.24
CA TYR Q 184 38.34 3.47 -36.18
C TYR Q 184 39.50 4.35 -35.72
N SER Q 185 39.99 4.07 -34.51
CA SER Q 185 41.12 4.82 -33.90
C SER Q 185 42.03 3.91 -33.08
N LEU Q 186 43.33 4.13 -33.21
CA LEU Q 186 44.33 3.24 -32.65
C LEU Q 186 45.52 4.03 -32.06
N SER Q 187 46.13 3.49 -31.01
CA SER Q 187 47.42 3.99 -30.49
C SER Q 187 48.48 2.89 -30.32
N SER Q 188 49.73 3.23 -30.64
CA SER Q 188 50.85 2.32 -30.44
C SER Q 188 51.93 3.01 -29.59
N VAL Q 189 52.26 2.41 -28.43
CA VAL Q 189 53.24 3.01 -27.49
C VAL Q 189 54.60 2.29 -27.39
N VAL Q 190 55.57 3.00 -26.78
CA VAL Q 190 56.90 2.46 -26.47
C VAL Q 190 57.49 3.16 -25.25
N THR Q 191 57.90 2.37 -24.25
CA THR Q 191 58.76 2.89 -23.18
C THR Q 191 60.24 2.69 -23.53
N VAL Q 192 61.04 3.72 -23.26
CA VAL Q 192 62.50 3.74 -23.53
C VAL Q 192 63.25 4.41 -22.38
N PRO Q 193 64.59 4.35 -22.37
CA PRO Q 193 65.31 5.16 -21.38
C PRO Q 193 65.26 6.64 -21.75
N SER Q 194 65.14 7.53 -20.75
CA SER Q 194 65.09 8.97 -21.01
C SER Q 194 66.47 9.59 -21.30
N SER Q 195 67.55 8.94 -20.86
CA SER Q 195 68.94 9.35 -21.23
C SER Q 195 69.26 9.07 -22.72
N SER Q 196 68.33 8.40 -23.40
CA SER Q 196 68.40 8.15 -24.84
C SER Q 196 67.59 9.17 -25.64
N LEU Q 197 66.75 9.95 -24.97
CA LEU Q 197 65.87 10.91 -25.66
C LEU Q 197 66.67 11.90 -26.50
N GLY Q 198 67.81 12.33 -25.98
CA GLY Q 198 68.68 13.28 -26.67
C GLY Q 198 69.30 12.74 -27.94
N THR Q 199 69.67 11.46 -27.95
CA THR Q 199 70.49 10.89 -29.03
C THR Q 199 69.73 10.04 -30.08
N GLN Q 200 68.79 9.22 -29.62
CA GLN Q 200 68.11 8.25 -30.46
C GLN Q 200 66.99 8.86 -31.32
N THR Q 201 66.76 8.28 -32.49
CA THR Q 201 65.65 8.71 -33.34
C THR Q 201 64.53 7.67 -33.36
N TYR Q 202 63.32 8.10 -33.03
CA TYR Q 202 62.17 7.21 -32.96
C TYR Q 202 61.15 7.59 -34.03
N ILE Q 203 61.00 6.72 -35.02
CA ILE Q 203 59.94 6.88 -36.02
C ILE Q 203 58.97 5.71 -35.94
N CYS Q 204 57.68 6.00 -36.08
CA CYS Q 204 56.67 4.94 -36.20
C CYS Q 204 56.24 4.74 -37.66
N ASN Q 205 56.25 3.48 -38.09
CA ASN Q 205 55.94 3.14 -39.48
C ASN Q 205 54.51 2.59 -39.55
N VAL Q 206 53.61 3.37 -40.15
CA VAL Q 206 52.18 3.04 -40.16
C VAL Q 206 51.66 2.62 -41.54
N ASN Q 207 51.11 1.42 -41.59
CA ASN Q 207 50.74 0.76 -42.84
C ASN Q 207 49.23 0.51 -42.95
N HIS Q 208 48.55 1.25 -43.83
CA HIS Q 208 47.10 1.01 -44.04
C HIS Q 208 46.74 0.12 -45.24
N LYS Q 209 46.28 -1.09 -44.90
CA LYS Q 209 46.00 -2.17 -45.86
C LYS Q 209 45.02 -1.87 -47.03
N PRO Q 210 43.70 -1.65 -46.73
CA PRO Q 210 42.71 -1.48 -47.79
C PRO Q 210 42.76 -0.15 -48.56
N SER Q 211 43.53 0.81 -48.08
CA SER Q 211 43.87 1.97 -48.92
C SER Q 211 45.20 1.66 -49.59
N ASN Q 212 45.86 2.70 -50.07
CA ASN Q 212 47.26 2.62 -50.46
C ASN Q 212 47.99 3.70 -49.67
N THR Q 213 48.26 3.39 -48.41
CA THR Q 213 48.73 4.38 -47.42
C THR Q 213 49.85 3.85 -46.53
N LYS Q 214 51.02 4.46 -46.69
CA LYS Q 214 52.15 4.23 -45.78
C LYS Q 214 52.57 5.58 -45.21
N VAL Q 215 52.55 5.68 -43.88
CA VAL Q 215 53.03 6.88 -43.19
C VAL Q 215 54.19 6.56 -42.24
N ASP Q 216 55.29 7.27 -42.38
CA ASP Q 216 56.41 7.20 -41.45
C ASP Q 216 56.45 8.52 -40.66
N LYS Q 217 56.17 8.45 -39.37
CA LYS Q 217 56.15 9.64 -38.51
C LYS Q 217 57.25 9.65 -37.44
N LYS Q 218 58.11 10.66 -37.49
CA LYS Q 218 59.08 10.90 -36.43
C LYS Q 218 58.38 11.55 -35.25
N VAL Q 219 58.76 11.13 -34.04
CA VAL Q 219 58.24 11.78 -32.83
C VAL Q 219 59.40 12.19 -31.92
N GLU Q 220 59.52 13.51 -31.72
CA GLU Q 220 60.55 14.07 -30.87
C GLU Q 220 59.91 14.76 -29.67
N PRO Q 221 60.70 15.00 -28.59
CA PRO Q 221 60.26 15.78 -27.41
C PRO Q 221 59.59 17.13 -27.76
N LYS Q 222 58.34 17.04 -28.24
CA LYS Q 222 57.59 18.20 -28.70
C LYS Q 222 56.72 18.79 -27.57
N LYS R 4 4.98 -65.85 -43.60
CA LYS R 4 4.05 -66.00 -44.75
C LYS R 4 4.70 -65.85 -46.14
N LYS R 5 5.53 -64.81 -46.34
CA LYS R 5 6.29 -64.65 -47.62
C LYS R 5 7.65 -63.93 -47.55
N VAL R 6 8.71 -64.68 -47.86
CA VAL R 6 10.09 -64.23 -47.68
C VAL R 6 10.63 -63.58 -48.96
N CYS R 7 11.32 -62.45 -48.80
CA CYS R 7 11.90 -61.71 -49.92
C CYS R 7 13.31 -61.20 -49.64
N ASN R 8 14.10 -61.00 -50.71
CA ASN R 8 15.40 -60.33 -50.61
C ASN R 8 15.27 -58.87 -50.20
N GLY R 9 16.33 -58.33 -49.61
CA GLY R 9 16.39 -56.90 -49.28
C GLY R 9 17.20 -56.07 -50.25
N ILE R 10 17.18 -54.75 -50.06
CA ILE R 10 17.92 -53.81 -50.91
C ILE R 10 19.41 -54.03 -50.78
N GLY R 11 20.12 -54.24 -51.90
CA GLY R 11 21.57 -54.48 -51.86
C GLY R 11 21.99 -55.89 -52.17
N ILE R 12 21.02 -56.81 -52.30
CA ILE R 12 21.32 -58.23 -52.60
C ILE R 12 20.30 -58.89 -53.56
N GLY R 13 20.65 -60.08 -54.05
CA GLY R 13 19.77 -60.83 -54.95
C GLY R 13 19.62 -60.10 -56.27
N GLU R 14 18.41 -60.02 -56.79
CA GLU R 14 18.17 -59.25 -58.01
C GLU R 14 18.02 -57.74 -57.73
N PHE R 15 18.01 -57.35 -56.46
CA PHE R 15 18.09 -55.93 -56.09
C PHE R 15 19.56 -55.54 -55.89
N LYS R 16 20.45 -56.39 -56.37
CA LYS R 16 21.88 -56.08 -56.40
C LYS R 16 22.07 -54.80 -57.21
N ASP R 17 22.97 -53.94 -56.72
CA ASP R 17 23.29 -52.68 -57.41
C ASP R 17 22.16 -51.65 -57.42
N SER R 18 21.08 -51.92 -56.70
CA SER R 18 20.01 -50.95 -56.46
C SER R 18 20.37 -50.17 -55.20
N LEU R 19 20.35 -48.84 -55.28
CA LEU R 19 20.72 -48.00 -54.13
C LEU R 19 19.64 -47.94 -53.08
N SER R 20 18.37 -47.93 -53.50
CA SER R 20 17.21 -47.62 -52.64
C SER R 20 15.92 -48.30 -53.12
N ILE R 21 14.95 -48.45 -52.22
CA ILE R 21 13.59 -48.73 -52.72
C ILE R 21 13.18 -47.55 -53.61
N ASN R 22 12.84 -47.85 -54.86
CA ASN R 22 12.48 -46.84 -55.86
C ASN R 22 11.27 -47.31 -56.65
N ALA R 23 10.78 -46.45 -57.56
CA ALA R 23 9.57 -46.74 -58.35
C ALA R 23 9.62 -48.09 -59.06
N THR R 24 10.80 -48.48 -59.55
CA THR R 24 10.94 -49.73 -60.29
C THR R 24 10.86 -50.99 -59.43
N ASN R 25 11.42 -50.96 -58.23
CA ASN R 25 11.47 -52.18 -57.40
C ASN R 25 10.32 -52.36 -56.38
N ILE R 26 9.73 -51.25 -55.96
CA ILE R 26 8.69 -51.23 -54.92
C ILE R 26 7.58 -52.29 -55.12
N LYS R 27 7.12 -52.48 -56.35
CA LYS R 27 6.13 -53.51 -56.68
C LYS R 27 6.57 -54.96 -56.36
N HIS R 28 7.87 -55.21 -56.30
CA HIS R 28 8.37 -56.55 -56.02
C HIS R 28 8.34 -56.89 -54.53
N PHE R 29 8.01 -55.91 -53.70
CA PHE R 29 7.87 -56.16 -52.27
C PHE R 29 6.42 -56.42 -51.84
N LYS R 30 5.49 -56.55 -52.79
CA LYS R 30 4.08 -56.82 -52.47
C LYS R 30 3.92 -58.14 -51.72
N ASN R 31 3.24 -58.06 -50.57
CA ASN R 31 3.01 -59.19 -49.66
C ASN R 31 4.28 -59.73 -48.98
N CYS R 32 5.38 -58.99 -48.99
CA CYS R 32 6.57 -59.47 -48.25
C CYS R 32 6.32 -59.28 -46.75
N THR R 33 6.56 -60.35 -45.99
CA THR R 33 6.41 -60.32 -44.54
C THR R 33 7.78 -60.32 -43.85
N SER R 34 8.74 -61.01 -44.46
CA SER R 34 10.09 -61.13 -43.94
C SER R 34 11.11 -60.60 -44.92
N ILE R 35 11.79 -59.50 -44.58
CA ILE R 35 12.95 -59.04 -45.36
C ILE R 35 14.24 -59.70 -44.89
N SER R 36 14.83 -60.49 -45.78
CA SER R 36 16.12 -61.11 -45.57
C SER R 36 17.20 -60.17 -46.10
N GLY R 37 17.69 -59.29 -45.24
CA GLY R 37 18.61 -58.21 -45.65
C GLY R 37 18.20 -56.86 -45.06
N ASP R 38 18.58 -55.78 -45.73
CA ASP R 38 18.37 -54.42 -45.23
C ASP R 38 17.37 -53.65 -46.05
N LEU R 39 17.09 -52.43 -45.61
CA LEU R 39 16.19 -51.57 -46.34
C LEU R 39 16.79 -50.18 -46.31
N HIS R 40 17.03 -49.65 -47.51
CA HIS R 40 17.51 -48.28 -47.70
C HIS R 40 16.39 -47.45 -48.34
N ILE R 41 16.06 -46.31 -47.72
CA ILE R 41 15.12 -45.34 -48.28
C ILE R 41 15.83 -43.98 -48.40
N LEU R 42 16.13 -43.59 -49.63
CA LEU R 42 17.02 -42.46 -49.90
C LEU R 42 16.34 -41.40 -50.81
N PRO R 43 16.85 -40.13 -50.81
CA PRO R 43 16.28 -39.04 -51.63
C PRO R 43 16.04 -39.44 -53.08
N VAL R 44 17.04 -40.10 -53.67
CA VAL R 44 16.98 -40.54 -55.06
C VAL R 44 15.67 -41.30 -55.34
N ALA R 45 15.03 -41.79 -54.27
CA ALA R 45 13.78 -42.52 -54.38
C ALA R 45 12.63 -41.59 -54.75
N PHE R 46 12.66 -40.37 -54.21
CA PHE R 46 11.57 -39.43 -54.43
C PHE R 46 11.85 -38.47 -55.56
N ARG R 47 13.14 -38.33 -55.88
CA ARG R 47 13.63 -37.52 -56.98
C ARG R 47 13.55 -38.23 -58.33
N GLY R 48 13.84 -39.54 -58.34
CA GLY R 48 14.00 -40.28 -59.59
C GLY R 48 15.40 -40.18 -60.17
N ASP R 49 15.69 -40.94 -61.22
CA ASP R 49 17.06 -41.08 -61.70
C ASP R 49 17.20 -41.35 -63.21
N SER R 50 17.99 -40.49 -63.87
CA SER R 50 18.26 -40.64 -65.30
C SER R 50 19.18 -41.82 -65.64
N PHE R 51 20.37 -41.92 -65.04
CA PHE R 51 21.31 -43.03 -65.38
C PHE R 51 20.57 -44.38 -65.45
N THR R 52 19.86 -44.70 -64.37
CA THR R 52 19.26 -45.99 -64.16
C THR R 52 17.79 -46.09 -64.61
N HIS R 53 17.35 -45.12 -65.43
CA HIS R 53 15.96 -45.02 -65.95
C HIS R 53 14.88 -45.18 -64.90
N THR R 54 15.03 -44.45 -63.81
CA THR R 54 14.14 -44.54 -62.66
C THR R 54 13.23 -43.32 -62.52
N PRO R 55 11.90 -43.51 -62.64
CA PRO R 55 10.94 -42.43 -62.38
C PRO R 55 10.85 -42.13 -60.89
N PRO R 56 10.28 -40.95 -60.50
CA PRO R 56 10.05 -40.68 -59.08
C PRO R 56 9.02 -41.62 -58.49
N LEU R 57 9.17 -41.93 -57.21
CA LEU R 57 8.27 -42.82 -56.50
C LEU R 57 7.05 -42.06 -56.05
N ASP R 58 5.89 -42.67 -56.24
CA ASP R 58 4.63 -42.20 -55.70
C ASP R 58 4.59 -42.39 -54.17
N PRO R 59 4.50 -41.28 -53.39
CA PRO R 59 4.48 -41.41 -51.92
C PRO R 59 3.50 -42.46 -51.41
N GLN R 60 2.37 -42.64 -52.09
CA GLN R 60 1.31 -43.56 -51.64
C GLN R 60 1.68 -45.05 -51.77
N GLU R 61 2.64 -45.35 -52.63
CA GLU R 61 3.11 -46.73 -52.79
C GLU R 61 3.88 -47.22 -51.56
N LEU R 62 4.44 -46.27 -50.80
CA LEU R 62 5.15 -46.59 -49.55
C LEU R 62 4.35 -47.52 -48.65
N ASP R 63 3.04 -47.51 -48.82
CA ASP R 63 2.14 -48.28 -47.98
C ASP R 63 2.09 -49.80 -48.26
N ILE R 64 2.73 -50.26 -49.33
CA ILE R 64 2.81 -51.71 -49.49
C ILE R 64 3.80 -52.34 -48.50
N LEU R 65 4.65 -51.52 -47.88
CA LEU R 65 5.57 -52.03 -46.87
C LEU R 65 4.84 -52.38 -45.57
N LYS R 66 3.56 -52.02 -45.49
CA LYS R 66 2.70 -52.28 -44.32
C LYS R 66 2.59 -53.74 -43.91
N THR R 67 2.81 -54.67 -44.83
CA THR R 67 2.83 -56.10 -44.48
C THR R 67 4.18 -56.64 -43.97
N VAL R 68 5.26 -55.82 -44.07
CA VAL R 68 6.60 -56.20 -43.58
C VAL R 68 6.59 -56.30 -42.04
N LYS R 69 6.95 -57.48 -41.54
CA LYS R 69 6.89 -57.78 -40.11
C LYS R 69 8.27 -57.99 -39.51
N GLU R 70 9.19 -58.51 -40.33
CA GLU R 70 10.55 -58.84 -39.87
C GLU R 70 11.58 -58.24 -40.84
N ILE R 71 12.62 -57.63 -40.28
CA ILE R 71 13.85 -57.29 -41.04
C ILE R 71 15.07 -57.95 -40.36
N THR R 72 15.80 -58.80 -41.08
CA THR R 72 17.00 -59.40 -40.51
C THR R 72 18.18 -58.42 -40.44
N GLY R 73 18.21 -57.45 -41.35
CA GLY R 73 19.33 -56.50 -41.45
C GLY R 73 19.09 -55.19 -40.70
N PHE R 74 19.42 -54.05 -41.33
CA PHE R 74 19.09 -52.73 -40.78
C PHE R 74 17.99 -51.98 -41.57
N LEU R 75 17.44 -50.94 -40.95
CA LEU R 75 16.50 -50.01 -41.59
C LEU R 75 17.09 -48.61 -41.55
N LEU R 76 17.34 -48.05 -42.72
CA LEU R 76 17.90 -46.69 -42.86
C LEU R 76 16.91 -45.87 -43.66
N ILE R 77 16.32 -44.89 -42.99
CA ILE R 77 15.45 -43.90 -43.66
C ILE R 77 16.08 -42.52 -43.56
N GLN R 78 16.55 -42.03 -44.70
CA GLN R 78 17.06 -40.66 -44.75
C GLN R 78 16.39 -39.71 -45.77
N ALA R 79 15.17 -40.04 -46.15
CA ALA R 79 14.35 -39.14 -46.99
C ALA R 79 12.94 -39.65 -46.84
N TRP R 80 11.99 -38.72 -46.78
CA TRP R 80 10.59 -39.06 -46.47
C TRP R 80 9.67 -37.95 -47.02
N PRO R 81 8.51 -38.33 -47.57
CA PRO R 81 7.58 -37.33 -48.11
C PRO R 81 7.21 -36.30 -47.03
N GLU R 82 7.43 -35.01 -47.30
CA GLU R 82 7.33 -33.94 -46.28
C GLU R 82 5.99 -33.71 -45.58
N ASN R 83 4.90 -34.17 -46.21
CA ASN R 83 3.54 -34.00 -45.66
C ASN R 83 2.96 -35.28 -44.99
N ARG R 84 3.85 -36.22 -44.65
CA ARG R 84 3.50 -37.34 -43.77
C ARG R 84 4.06 -37.07 -42.36
N THR R 85 3.21 -37.23 -41.36
CA THR R 85 3.56 -36.87 -39.98
C THR R 85 4.26 -37.98 -39.20
N ASP R 86 4.35 -39.17 -39.79
CA ASP R 86 4.91 -40.34 -39.12
C ASP R 86 5.36 -41.42 -40.12
N LEU R 87 5.90 -42.53 -39.63
CA LEU R 87 6.36 -43.61 -40.49
C LEU R 87 5.29 -44.72 -40.59
N HIS R 88 4.10 -44.28 -40.97
CA HIS R 88 2.87 -45.09 -41.06
C HIS R 88 3.06 -46.42 -41.82
N ALA R 89 3.83 -46.36 -42.90
CA ALA R 89 4.14 -47.52 -43.71
C ALA R 89 4.81 -48.65 -42.90
N PHE R 90 5.39 -48.31 -41.74
CA PHE R 90 6.11 -49.29 -40.92
C PHE R 90 5.38 -49.69 -39.62
N GLU R 91 4.08 -49.41 -39.58
CA GLU R 91 3.25 -49.61 -38.38
C GLU R 91 3.12 -51.06 -37.91
N ASN R 92 3.34 -52.02 -38.81
CA ASN R 92 3.24 -53.46 -38.47
C ASN R 92 4.59 -54.18 -38.23
N LEU R 93 5.70 -53.46 -38.42
CA LEU R 93 7.04 -53.96 -38.12
C LEU R 93 7.22 -54.32 -36.64
N GLU R 94 7.73 -55.53 -36.39
CA GLU R 94 7.81 -56.05 -35.02
C GLU R 94 9.22 -56.27 -34.52
N ILE R 95 10.12 -56.65 -35.42
CA ILE R 95 11.46 -57.09 -35.09
C ILE R 95 12.43 -56.59 -36.15
N ILE R 96 13.45 -55.88 -35.70
CA ILE R 96 14.67 -55.66 -36.47
C ILE R 96 15.79 -56.42 -35.76
N ARG R 97 16.27 -57.51 -36.37
CA ARG R 97 17.28 -58.36 -35.74
C ARG R 97 18.67 -57.72 -35.77
N GLY R 98 18.92 -56.90 -36.79
CA GLY R 98 20.20 -56.19 -36.99
C GLY R 98 21.43 -57.08 -37.12
N ARG R 99 21.33 -58.15 -37.90
CA ARG R 99 22.46 -59.05 -38.06
C ARG R 99 23.46 -58.44 -39.00
N THR R 100 22.98 -57.59 -39.89
CA THR R 100 23.86 -56.80 -40.75
C THR R 100 23.59 -55.33 -40.45
N LYS R 101 24.65 -54.55 -40.26
CA LYS R 101 24.53 -53.23 -39.63
C LYS R 101 25.14 -52.14 -40.49
N GLN R 102 24.59 -50.94 -40.43
CA GLN R 102 25.16 -49.82 -41.17
C GLN R 102 26.41 -49.22 -40.52
N HIS R 103 27.42 -48.95 -41.35
CA HIS R 103 28.77 -48.51 -40.91
C HIS R 103 29.25 -49.40 -39.77
N GLY R 104 28.96 -50.70 -39.88
CA GLY R 104 29.26 -51.68 -38.82
C GLY R 104 28.56 -51.49 -37.48
N GLN R 105 27.70 -50.48 -37.34
CA GLN R 105 27.17 -50.14 -36.03
C GLN R 105 25.63 -50.12 -35.84
N PHE R 106 24.93 -49.45 -36.75
CA PHE R 106 23.51 -49.13 -36.51
C PHE R 106 22.52 -50.07 -37.18
N SER R 107 21.46 -50.43 -36.44
CA SER R 107 20.40 -51.25 -36.98
C SER R 107 19.12 -50.45 -37.30
N LEU R 108 18.97 -49.27 -36.70
CA LEU R 108 17.87 -48.33 -36.98
C LEU R 108 18.35 -46.89 -37.06
N ALA R 109 18.14 -46.26 -38.21
CA ALA R 109 18.58 -44.90 -38.45
C ALA R 109 17.50 -44.08 -39.15
N VAL R 110 17.10 -43.00 -38.50
CA VAL R 110 16.08 -42.07 -38.98
C VAL R 110 16.70 -40.69 -38.92
N VAL R 111 17.00 -40.12 -40.08
CA VAL R 111 17.81 -38.89 -40.15
C VAL R 111 17.17 -37.72 -40.91
N SER R 112 16.80 -36.72 -40.13
CA SER R 112 16.27 -35.43 -40.59
C SER R 112 15.11 -35.52 -41.60
N LEU R 113 13.99 -36.03 -41.10
CA LEU R 113 12.75 -36.02 -41.84
C LEU R 113 11.88 -34.88 -41.29
N ASN R 114 10.68 -34.68 -41.85
CA ASN R 114 9.75 -33.64 -41.38
C ASN R 114 8.72 -34.13 -40.34
N ILE R 115 8.72 -35.42 -40.04
CA ILE R 115 7.74 -36.02 -39.11
C ILE R 115 7.65 -35.33 -37.75
N THR R 116 6.49 -35.46 -37.11
CA THR R 116 6.27 -35.04 -35.73
C THR R 116 6.14 -36.27 -34.80
N SER R 117 6.12 -37.49 -35.35
CA SER R 117 6.16 -38.72 -34.53
C SER R 117 6.66 -39.94 -35.29
N LEU R 118 7.21 -40.93 -34.59
CA LEU R 118 7.77 -42.10 -35.25
C LEU R 118 6.67 -43.07 -35.71
N GLY R 119 5.72 -43.38 -34.83
CA GLY R 119 4.53 -44.13 -35.21
C GLY R 119 4.81 -45.59 -35.53
N LEU R 120 5.84 -46.13 -34.87
CA LEU R 120 6.27 -47.53 -35.03
C LEU R 120 5.50 -48.41 -34.03
N ARG R 121 4.18 -48.38 -34.16
CA ARG R 121 3.24 -48.92 -33.16
C ARG R 121 3.44 -50.38 -32.77
N SER R 122 4.02 -51.19 -33.64
CA SER R 122 4.19 -52.63 -33.39
C SER R 122 5.60 -53.03 -32.97
N LEU R 123 6.56 -52.11 -33.03
CA LEU R 123 7.96 -52.44 -32.78
C LEU R 123 8.21 -52.93 -31.36
N LYS R 124 8.53 -54.21 -31.23
CA LYS R 124 8.65 -54.87 -29.93
C LYS R 124 10.02 -55.55 -29.67
N GLU R 125 10.98 -55.41 -30.59
CA GLU R 125 12.32 -55.99 -30.41
C GLU R 125 13.34 -55.46 -31.41
N ILE R 126 14.52 -55.10 -30.92
CA ILE R 126 15.68 -54.86 -31.78
C ILE R 126 16.88 -55.68 -31.25
N SER R 127 17.11 -56.83 -31.86
CA SER R 127 18.05 -57.83 -31.32
C SER R 127 19.51 -57.38 -31.25
N ASP R 128 19.98 -56.65 -32.25
CA ASP R 128 21.39 -56.23 -32.29
C ASP R 128 21.47 -54.82 -32.87
N GLY R 129 22.62 -54.17 -32.68
CA GLY R 129 22.85 -52.86 -33.25
C GLY R 129 22.25 -51.73 -32.44
N ASP R 130 22.83 -50.54 -32.62
CA ASP R 130 22.34 -49.32 -31.99
C ASP R 130 21.34 -48.61 -32.87
N VAL R 131 20.76 -47.56 -32.28
CA VAL R 131 19.67 -46.77 -32.83
C VAL R 131 20.15 -45.33 -32.88
N ILE R 132 20.06 -44.71 -34.07
CA ILE R 132 20.27 -43.28 -34.19
C ILE R 132 19.01 -42.55 -34.71
N ILE R 133 18.62 -41.46 -34.03
CA ILE R 133 17.46 -40.65 -34.41
C ILE R 133 17.89 -39.19 -34.43
N SER R 134 18.21 -38.72 -35.63
CA SER R 134 19.00 -37.49 -35.79
C SER R 134 18.35 -36.40 -36.61
N GLY R 135 18.38 -35.19 -36.05
CA GLY R 135 18.06 -33.97 -36.81
C GLY R 135 16.65 -33.81 -37.31
N ASN R 136 15.72 -34.45 -36.62
CA ASN R 136 14.30 -34.32 -36.90
C ASN R 136 13.75 -33.15 -36.09
N LYS R 137 13.91 -31.95 -36.64
CA LYS R 137 13.53 -30.70 -35.95
C LYS R 137 12.07 -30.55 -35.53
N ASN R 138 11.16 -31.43 -36.00
CA ASN R 138 9.73 -31.36 -35.59
C ASN R 138 9.26 -32.55 -34.76
N LEU R 139 10.19 -33.36 -34.25
CA LEU R 139 9.83 -34.67 -33.71
C LEU R 139 9.70 -34.70 -32.21
N CYS R 140 8.58 -35.26 -31.77
CA CYS R 140 8.30 -35.47 -30.37
C CYS R 140 8.14 -36.97 -30.07
N TYR R 141 7.83 -37.30 -28.82
CA TYR R 141 7.49 -38.67 -28.38
C TYR R 141 8.67 -39.64 -28.28
N ALA R 142 9.76 -39.36 -28.97
CA ALA R 142 10.92 -40.26 -29.05
C ALA R 142 11.48 -40.65 -27.68
N ASN R 143 11.65 -39.66 -26.81
CA ASN R 143 12.11 -39.85 -25.43
C ASN R 143 11.15 -40.56 -24.48
N THR R 144 9.91 -40.82 -24.90
CA THR R 144 8.93 -41.42 -23.99
C THR R 144 9.00 -42.93 -23.95
N ILE R 145 9.46 -43.55 -25.04
CA ILE R 145 9.62 -44.99 -25.03
C ILE R 145 10.94 -45.35 -24.34
N ASN R 146 10.90 -46.46 -23.62
CA ASN R 146 12.01 -46.97 -22.85
C ASN R 146 12.74 -48.04 -23.68
N TRP R 147 13.77 -47.60 -24.42
CA TRP R 147 14.44 -48.40 -25.44
C TRP R 147 15.14 -49.67 -24.93
N LYS R 148 15.57 -49.66 -23.66
CA LYS R 148 16.20 -50.83 -23.02
C LYS R 148 15.34 -52.09 -23.09
N LYS R 149 14.02 -51.92 -23.07
CA LYS R 149 13.11 -53.07 -23.09
C LYS R 149 12.97 -53.72 -24.47
N LEU R 150 13.66 -53.16 -25.48
CA LEU R 150 13.63 -53.70 -26.85
C LEU R 150 14.93 -54.41 -27.27
N PHE R 151 16.03 -54.10 -26.59
CA PHE R 151 17.34 -54.66 -26.91
C PHE R 151 17.50 -56.11 -26.44
N GLY R 152 18.12 -56.94 -27.29
CA GLY R 152 18.45 -58.32 -26.94
C GLY R 152 19.92 -58.66 -27.13
N THR R 153 20.79 -57.75 -26.67
CA THR R 153 22.27 -57.85 -26.75
C THR R 153 22.86 -56.74 -25.88
N SER R 154 23.85 -57.09 -25.06
CA SER R 154 24.33 -56.23 -23.97
C SER R 154 24.50 -54.74 -24.32
N GLY R 155 25.56 -54.38 -25.03
CA GLY R 155 25.94 -52.96 -25.19
C GLY R 155 25.15 -52.11 -26.18
N GLN R 156 23.97 -52.56 -26.60
CA GLN R 156 23.08 -51.77 -27.45
C GLN R 156 22.71 -50.40 -26.82
N LYS R 157 22.64 -49.33 -27.63
CA LYS R 157 22.27 -48.01 -27.11
C LYS R 157 21.49 -47.12 -28.08
N THR R 158 20.85 -46.07 -27.55
CA THR R 158 20.03 -45.15 -28.33
C THR R 158 20.53 -43.70 -28.25
N LYS R 159 20.94 -43.16 -29.40
CA LYS R 159 21.36 -41.76 -29.52
C LYS R 159 20.22 -40.88 -30.08
N ILE R 160 19.71 -39.97 -29.26
CA ILE R 160 18.63 -39.08 -29.69
C ILE R 160 19.11 -37.62 -29.78
N ILE R 161 19.61 -37.26 -30.97
CA ILE R 161 20.29 -35.97 -31.22
C ILE R 161 19.47 -34.98 -32.01
N SER R 162 19.55 -33.70 -31.61
CA SER R 162 19.15 -32.57 -32.44
C SER R 162 17.71 -32.59 -32.95
N ASN R 163 16.82 -33.27 -32.25
CA ASN R 163 15.38 -33.19 -32.54
C ASN R 163 14.74 -32.05 -31.72
N ARG R 164 13.42 -31.98 -31.77
CA ARG R 164 12.68 -30.95 -31.07
C ARG R 164 12.83 -31.05 -29.57
N GLY R 165 12.86 -29.88 -28.92
CA GLY R 165 13.02 -29.77 -27.48
C GLY R 165 11.81 -30.31 -26.78
N GLU R 166 12.02 -30.91 -25.62
CA GLU R 166 10.94 -31.48 -24.79
C GLU R 166 9.97 -30.42 -24.26
N ASN R 167 10.50 -29.25 -23.90
CA ASN R 167 9.66 -28.14 -23.43
C ASN R 167 8.66 -27.71 -24.48
N SER R 168 9.19 -27.46 -25.67
CA SER R 168 8.39 -27.16 -26.85
C SER R 168 7.26 -28.19 -27.02
N CYS R 169 7.61 -29.46 -27.21
CA CYS R 169 6.59 -30.52 -27.33
C CYS R 169 5.56 -30.49 -26.19
N LYS R 170 6.02 -30.29 -24.95
CA LYS R 170 5.13 -30.20 -23.78
C LYS R 170 4.22 -28.98 -23.82
N ALA R 171 4.76 -27.83 -24.24
CA ALA R 171 4.00 -26.57 -24.25
C ALA R 171 2.93 -26.51 -25.35
N THR R 172 2.99 -27.48 -26.26
CA THR R 172 2.08 -27.56 -27.38
C THR R 172 1.13 -28.76 -27.22
N GLY R 173 1.24 -29.44 -26.08
CA GLY R 173 0.37 -30.56 -25.76
C GLY R 173 0.61 -31.81 -26.59
N GLN R 174 1.85 -32.00 -27.06
CA GLN R 174 2.21 -33.22 -27.78
C GLN R 174 2.90 -34.21 -26.85
N VAL R 175 2.06 -34.82 -26.02
CA VAL R 175 2.48 -35.74 -24.97
C VAL R 175 1.55 -36.94 -25.06
N CYS R 176 1.96 -38.05 -24.45
CA CYS R 176 1.21 -39.29 -24.59
C CYS R 176 -0.25 -39.11 -24.18
N HIS R 177 -1.15 -39.78 -24.90
CA HIS R 177 -2.58 -39.69 -24.63
C HIS R 177 -2.91 -40.04 -23.19
N ALA R 178 -4.10 -39.61 -22.75
CA ALA R 178 -4.58 -39.85 -21.39
C ALA R 178 -4.68 -41.33 -21.05
N LEU R 179 -5.25 -42.13 -21.95
CA LEU R 179 -5.52 -43.55 -21.66
C LEU R 179 -4.31 -44.49 -21.69
N CYS R 180 -3.14 -43.94 -22.02
CA CYS R 180 -1.86 -44.66 -22.09
C CYS R 180 -1.32 -45.11 -20.72
N SER R 181 -0.68 -46.29 -20.70
CA SER R 181 0.15 -46.69 -19.57
C SER R 181 1.44 -45.86 -19.60
N PRO R 182 2.07 -45.66 -18.43
CA PRO R 182 3.33 -44.90 -18.38
C PRO R 182 4.49 -45.57 -19.15
N GLU R 183 4.26 -46.78 -19.69
CA GLU R 183 5.27 -47.45 -20.53
C GLU R 183 5.59 -46.72 -21.85
N GLY R 184 4.85 -45.66 -22.17
CA GLY R 184 5.21 -44.76 -23.27
C GLY R 184 4.37 -44.84 -24.53
N CYS R 185 4.65 -43.94 -25.48
CA CYS R 185 3.88 -43.87 -26.73
C CYS R 185 4.72 -43.60 -27.99
N TRP R 186 4.17 -43.97 -29.13
CA TRP R 186 4.78 -43.68 -30.42
C TRP R 186 4.07 -42.48 -31.08
N GLY R 187 3.16 -41.84 -30.35
CA GLY R 187 2.34 -40.75 -30.87
C GLY R 187 1.11 -40.38 -30.03
N PRO R 188 0.38 -39.33 -30.44
CA PRO R 188 -0.68 -38.71 -29.66
C PRO R 188 -1.93 -39.55 -29.43
N GLU R 189 -2.26 -40.45 -30.36
CA GLU R 189 -3.55 -41.14 -30.34
C GLU R 189 -3.59 -42.35 -29.39
N PRO R 190 -4.81 -42.76 -28.98
CA PRO R 190 -4.97 -43.96 -28.15
C PRO R 190 -4.32 -45.20 -28.78
N ARG R 191 -4.49 -45.39 -30.09
CA ARG R 191 -3.91 -46.53 -30.84
C ARG R 191 -2.38 -46.55 -30.86
N ASP R 192 -1.75 -45.47 -30.38
CA ASP R 192 -0.30 -45.31 -30.46
C ASP R 192 0.47 -45.81 -29.22
N CYS R 193 -0.25 -46.13 -28.13
CA CYS R 193 0.38 -46.52 -26.85
C CYS R 193 1.20 -47.82 -26.95
N VAL R 194 2.13 -48.02 -26.02
CA VAL R 194 2.74 -49.33 -25.83
C VAL R 194 1.80 -50.24 -25.04
N SER R 195 1.13 -49.65 -24.03
CA SER R 195 0.13 -50.36 -23.22
C SER R 195 -0.88 -49.36 -22.62
N CYS R 196 -1.95 -49.87 -22.00
CA CYS R 196 -3.04 -49.03 -21.46
C CYS R 196 -2.97 -48.87 -19.95
N GLU S 1 13.82 1.31 -62.16
CA GLU S 1 12.41 0.99 -62.55
C GLU S 1 11.84 2.09 -63.47
N ILE S 2 10.89 1.71 -64.31
CA ILE S 2 10.20 2.70 -65.16
C ILE S 2 9.16 3.49 -64.33
N VAL S 3 9.35 4.80 -64.27
CA VAL S 3 8.48 5.63 -63.43
C VAL S 3 7.28 6.08 -64.26
N MET S 4 6.08 5.97 -63.69
CA MET S 4 4.85 6.38 -64.37
C MET S 4 4.32 7.66 -63.72
N THR S 5 3.99 8.67 -64.50
CA THR S 5 3.56 9.94 -63.93
C THR S 5 2.18 10.35 -64.43
N GLN S 6 1.23 10.48 -63.50
CA GLN S 6 -0.13 10.91 -63.81
C GLN S 6 -0.39 12.33 -63.31
N SER S 7 -0.64 13.25 -64.22
CA SER S 7 -0.93 14.64 -63.81
C SER S 7 -1.90 15.35 -64.78
N PRO S 8 -2.90 16.09 -64.23
CA PRO S 8 -3.15 16.44 -62.83
C PRO S 8 -3.56 15.27 -61.97
N ALA S 9 -3.26 15.34 -60.66
CA ALA S 9 -3.57 14.27 -59.72
C ALA S 9 -5.02 14.35 -59.27
N THR S 10 -5.72 15.37 -59.75
CA THR S 10 -7.09 15.62 -59.40
C THR S 10 -7.81 16.31 -60.56
N LEU S 11 -9.04 15.88 -60.82
CA LEU S 11 -9.90 16.52 -61.79
C LEU S 11 -11.24 16.80 -61.16
N SER S 12 -11.67 18.04 -61.24
CA SER S 12 -12.98 18.43 -60.75
C SER S 12 -13.91 18.58 -61.95
N LEU S 13 -14.79 17.59 -62.14
CA LEU S 13 -15.66 17.54 -63.31
C LEU S 13 -17.13 17.40 -62.97
N SER S 14 -17.99 17.72 -63.92
CA SER S 14 -19.43 17.66 -63.72
C SER S 14 -19.99 16.50 -64.54
N PRO S 15 -21.10 15.87 -64.07
CA PRO S 15 -21.67 14.76 -64.82
C PRO S 15 -22.13 15.19 -66.20
N GLY S 16 -21.80 14.39 -67.21
CA GLY S 16 -22.09 14.71 -68.60
C GLY S 16 -20.89 15.27 -69.34
N GLU S 17 -19.86 15.72 -68.61
CA GLU S 17 -18.67 16.30 -69.22
C GLU S 17 -17.67 15.29 -69.77
N ARG S 18 -16.79 15.79 -70.63
CA ARG S 18 -15.69 15.02 -71.17
C ARG S 18 -14.61 14.93 -70.10
N ALA S 19 -13.78 13.89 -70.17
CA ALA S 19 -12.69 13.71 -69.23
C ALA S 19 -11.43 13.25 -69.96
N THR S 20 -10.35 13.99 -69.80
CA THR S 20 -9.08 13.61 -70.40
C THR S 20 -8.02 13.40 -69.30
N LEU S 21 -7.46 12.19 -69.25
CA LEU S 21 -6.53 11.79 -68.20
C LEU S 21 -5.19 11.39 -68.80
N SER S 22 -4.11 11.94 -68.26
CA SER S 22 -2.78 11.73 -68.82
C SER S 22 -1.88 10.80 -68.02
N CYS S 23 -1.01 10.08 -68.73
CA CYS S 23 -0.01 9.19 -68.14
C CYS S 23 1.22 9.20 -69.03
N ARG S 24 2.40 9.35 -68.42
CA ARG S 24 3.68 9.34 -69.12
C ARG S 24 4.65 8.38 -68.44
N ALA S 25 5.53 7.77 -69.23
CA ALA S 25 6.54 6.86 -68.71
C ALA S 25 7.95 7.41 -68.99
N SER S 26 8.82 7.37 -67.98
CA SER S 26 10.17 7.96 -68.07
C SER S 26 11.08 7.27 -69.11
N GLN S 27 10.67 6.08 -69.54
CA GLN S 27 11.30 5.30 -70.61
C GLN S 27 10.16 4.60 -71.37
N SER S 28 10.41 4.10 -72.58
CA SER S 28 9.34 3.55 -73.45
C SER S 28 8.79 2.21 -72.99
N VAL S 29 7.49 2.01 -73.21
CA VAL S 29 6.83 0.78 -72.80
C VAL S 29 5.99 0.23 -73.97
N SER S 30 6.40 0.61 -75.18
CA SER S 30 5.66 0.38 -76.41
C SER S 30 4.17 0.59 -76.24
N SER S 31 3.42 -0.50 -76.22
CA SER S 31 1.97 -0.45 -76.08
C SER S 31 1.56 -1.29 -74.90
N TYR S 32 2.53 -1.76 -74.13
CA TYR S 32 2.27 -2.62 -72.98
C TYR S 32 1.75 -1.79 -71.80
N LEU S 33 0.65 -1.06 -72.03
CA LEU S 33 0.07 -0.16 -71.02
C LEU S 33 -1.39 -0.44 -70.74
N ALA S 34 -1.73 -0.43 -69.45
CA ALA S 34 -3.08 -0.74 -69.00
C ALA S 34 -3.64 0.35 -68.08
N TRP S 35 -4.97 0.51 -68.13
CA TRP S 35 -5.69 1.42 -67.25
C TRP S 35 -6.63 0.68 -66.28
N TYR S 36 -6.63 1.12 -65.01
CA TYR S 36 -7.47 0.53 -63.95
C TYR S 36 -8.41 1.58 -63.30
N GLN S 37 -9.64 1.19 -62.97
CA GLN S 37 -10.54 1.99 -62.12
C GLN S 37 -10.62 1.40 -60.71
N GLN S 38 -10.62 2.25 -59.69
CA GLN S 38 -10.74 1.78 -58.30
C GLN S 38 -11.73 2.59 -57.46
N LYS S 39 -12.74 1.90 -56.96
CA LYS S 39 -13.69 2.46 -56.00
C LYS S 39 -13.30 2.15 -54.54
N PRO S 40 -13.64 3.04 -53.59
CA PRO S 40 -13.22 2.84 -52.18
C PRO S 40 -13.64 1.48 -51.60
N GLY S 41 -12.72 0.83 -50.90
CA GLY S 41 -12.97 -0.46 -50.29
C GLY S 41 -13.02 -1.61 -51.29
N GLN S 42 -12.65 -1.31 -52.55
CA GLN S 42 -12.71 -2.28 -53.66
C GLN S 42 -11.36 -2.49 -54.38
N ALA S 43 -11.18 -3.64 -55.02
CA ALA S 43 -9.99 -3.92 -55.82
C ALA S 43 -10.07 -3.21 -57.15
N PRO S 44 -8.90 -2.92 -57.76
CA PRO S 44 -8.78 -2.37 -59.12
C PRO S 44 -9.50 -3.18 -60.22
N ARG S 45 -10.24 -2.46 -61.08
CA ARG S 45 -10.93 -3.04 -62.24
C ARG S 45 -10.19 -2.67 -63.52
N LEU S 46 -9.86 -3.66 -64.35
CA LEU S 46 -9.26 -3.39 -65.66
C LEU S 46 -10.27 -2.70 -66.62
N LEU S 47 -9.79 -1.67 -67.34
CA LEU S 47 -10.56 -1.00 -68.38
C LEU S 47 -10.04 -1.25 -69.81
N ILE S 48 -8.73 -0.99 -69.99
CA ILE S 48 -8.04 -1.01 -71.29
C ILE S 48 -6.77 -1.86 -71.16
N TYR S 49 -6.55 -2.76 -72.12
CA TYR S 49 -5.26 -3.43 -72.24
C TYR S 49 -4.56 -3.06 -73.56
N ASP S 50 -3.23 -3.20 -73.57
CA ASP S 50 -2.42 -2.85 -74.72
C ASP S 50 -2.70 -1.42 -75.25
N ALA S 51 -2.80 -0.46 -74.33
CA ALA S 51 -2.98 0.95 -74.71
C ALA S 51 -4.37 1.33 -75.23
N SER S 52 -4.92 0.51 -76.14
CA SER S 52 -6.17 0.87 -76.83
C SER S 52 -7.20 -0.25 -77.00
N ASN S 53 -7.02 -1.37 -76.32
CA ASN S 53 -8.01 -2.45 -76.33
C ASN S 53 -8.82 -2.49 -75.04
N ARG S 54 -10.14 -2.55 -75.20
CA ARG S 54 -11.07 -2.42 -74.09
C ARG S 54 -11.52 -3.81 -73.64
N ALA S 55 -11.52 -4.04 -72.33
CA ALA S 55 -11.88 -5.35 -71.76
C ALA S 55 -13.39 -5.59 -71.84
N THR S 56 -13.81 -6.85 -71.90
CA THR S 56 -15.24 -7.15 -72.08
C THR S 56 -16.01 -6.80 -70.81
N GLY S 57 -17.15 -6.16 -71.00
CA GLY S 57 -17.97 -5.63 -69.91
C GLY S 57 -17.74 -4.16 -69.60
N ILE S 58 -16.86 -3.50 -70.37
CA ILE S 58 -16.52 -2.09 -70.15
C ILE S 58 -17.28 -1.20 -71.18
N PRO S 59 -18.03 -0.19 -70.69
CA PRO S 59 -18.83 0.69 -71.56
C PRO S 59 -18.00 1.39 -72.64
N ALA S 60 -18.64 1.84 -73.70
CA ALA S 60 -17.92 2.43 -74.84
C ALA S 60 -17.52 3.88 -74.57
N ARG S 61 -18.10 4.49 -73.55
CA ARG S 61 -17.69 5.83 -73.13
C ARG S 61 -16.22 5.91 -72.65
N PHE S 62 -15.60 4.75 -72.40
CA PHE S 62 -14.18 4.63 -72.10
C PHE S 62 -13.36 4.25 -73.32
N SER S 63 -12.28 4.98 -73.59
CA SER S 63 -11.29 4.61 -74.63
C SER S 63 -9.89 5.16 -74.32
N GLY S 64 -8.87 4.45 -74.83
CA GLY S 64 -7.47 4.74 -74.53
C GLY S 64 -6.64 4.81 -75.79
N SER S 65 -5.67 5.74 -75.81
CA SER S 65 -4.79 5.93 -76.96
C SER S 65 -3.35 6.29 -76.56
N GLY S 66 -2.46 6.40 -77.55
CA GLY S 66 -1.06 6.72 -77.32
C GLY S 66 -0.12 5.53 -77.44
N SER S 67 1.18 5.82 -77.47
CA SER S 67 2.21 4.79 -77.48
C SER S 67 3.59 5.36 -77.11
N GLY S 68 4.50 4.47 -76.70
CA GLY S 68 5.86 4.86 -76.35
C GLY S 68 5.95 5.42 -74.95
N THR S 69 5.78 6.74 -74.83
CA THR S 69 5.91 7.42 -73.53
C THR S 69 4.69 8.27 -73.18
N ASP S 70 3.88 8.63 -74.17
CA ASP S 70 2.70 9.46 -73.91
C ASP S 70 1.38 8.71 -74.14
N PHE S 71 0.53 8.71 -73.10
CA PHE S 71 -0.73 8.00 -73.12
C PHE S 71 -1.89 8.86 -72.65
N THR S 72 -3.12 8.48 -73.01
CA THR S 72 -4.33 9.21 -72.65
C THR S 72 -5.51 8.27 -72.39
N LEU S 73 -6.27 8.51 -71.32
CA LEU S 73 -7.57 7.85 -71.14
C LEU S 73 -8.71 8.84 -71.36
N THR S 74 -9.64 8.48 -72.23
CA THR S 74 -10.76 9.36 -72.53
C THR S 74 -12.09 8.79 -72.04
N ILE S 75 -12.80 9.61 -71.25
CA ILE S 75 -14.20 9.36 -70.92
C ILE S 75 -15.10 10.41 -71.60
N SER S 76 -15.83 9.97 -72.62
CA SER S 76 -16.55 10.88 -73.53
C SER S 76 -17.72 11.63 -72.93
N SER S 77 -18.43 10.99 -72.00
CA SER S 77 -19.50 11.63 -71.22
C SER S 77 -19.58 11.00 -69.82
N LEU S 78 -19.21 11.76 -68.80
CA LEU S 78 -19.08 11.19 -67.45
C LEU S 78 -20.40 10.86 -66.74
N GLU S 79 -20.67 9.55 -66.61
CA GLU S 79 -21.81 9.06 -65.82
C GLU S 79 -21.52 9.15 -64.31
N PRO S 80 -22.57 9.22 -63.48
CA PRO S 80 -22.40 9.42 -62.03
C PRO S 80 -21.56 8.36 -61.28
N GLU S 81 -21.46 7.14 -61.83
CA GLU S 81 -20.69 6.05 -61.20
C GLU S 81 -19.23 5.94 -61.67
N ASP S 82 -18.82 6.77 -62.63
CA ASP S 82 -17.43 6.82 -63.09
C ASP S 82 -16.48 7.64 -62.16
N PHE S 83 -17.05 8.30 -61.15
CA PHE S 83 -16.28 9.17 -60.24
C PHE S 83 -15.48 8.37 -59.22
N ALA S 84 -14.19 8.20 -59.48
CA ALA S 84 -13.30 7.32 -58.73
C ALA S 84 -11.84 7.59 -59.09
N VAL S 85 -10.94 6.70 -58.65
CA VAL S 85 -9.50 6.83 -58.90
C VAL S 85 -9.12 6.01 -60.14
N TYR S 86 -8.21 6.54 -60.96
CA TYR S 86 -7.81 5.88 -62.20
C TYR S 86 -6.29 5.74 -62.26
N TYR S 87 -5.80 4.50 -62.46
CA TYR S 87 -4.36 4.20 -62.52
C TYR S 87 -3.89 3.70 -63.89
N CYS S 88 -2.75 4.20 -64.33
CA CYS S 88 -2.06 3.51 -65.39
C CYS S 88 -1.05 2.50 -64.80
N HIS S 89 -0.53 1.65 -65.67
CA HIS S 89 0.29 0.52 -65.23
C HIS S 89 1.02 0.00 -66.43
N GLN S 90 2.35 0.02 -66.34
CA GLN S 90 3.17 -0.54 -67.41
C GLN S 90 3.57 -1.99 -67.11
N TYR S 91 3.49 -2.84 -68.12
CA TYR S 91 3.99 -4.22 -68.01
C TYR S 91 5.08 -4.57 -69.02
N GLY S 92 5.74 -3.54 -69.55
CA GLY S 92 6.82 -3.70 -70.50
C GLY S 92 8.07 -4.34 -69.92
N SER S 93 8.41 -3.99 -68.69
CA SER S 93 9.69 -4.35 -68.12
C SER S 93 9.57 -4.66 -66.63
N THR S 94 10.36 -5.60 -66.15
CA THR S 94 10.46 -5.85 -64.72
C THR S 94 11.48 -4.89 -64.08
N PRO S 95 11.10 -4.21 -62.99
CA PRO S 95 9.86 -4.40 -62.22
C PRO S 95 8.69 -3.65 -62.85
N LEU S 96 7.53 -4.32 -62.90
CA LEU S 96 6.30 -3.69 -63.33
C LEU S 96 5.96 -2.61 -62.30
N THR S 97 5.25 -1.57 -62.72
CA THR S 97 4.98 -0.38 -61.89
C THR S 97 3.65 0.31 -62.28
N PHE S 98 3.14 1.18 -61.40
CA PHE S 98 1.87 1.89 -61.59
C PHE S 98 2.08 3.39 -61.53
N GLY S 99 1.15 4.14 -62.10
CA GLY S 99 1.14 5.58 -61.91
C GLY S 99 0.72 5.91 -60.50
N GLY S 100 0.65 7.20 -60.19
CA GLY S 100 0.26 7.66 -58.84
C GLY S 100 -1.25 7.87 -58.65
N GLY S 101 -1.99 7.93 -59.75
CA GLY S 101 -3.46 8.02 -59.67
C GLY S 101 -4.05 9.40 -59.91
N THR S 102 -5.15 9.43 -60.65
CA THR S 102 -5.92 10.65 -60.90
C THR S 102 -7.37 10.47 -60.41
N LYS S 103 -7.79 11.35 -59.51
CA LYS S 103 -9.11 11.25 -58.87
C LYS S 103 -10.15 12.10 -59.56
N ALA S 104 -11.18 11.46 -60.13
CA ALA S 104 -12.31 12.21 -60.68
C ALA S 104 -13.22 12.66 -59.54
N GLU S 105 -13.16 13.96 -59.24
CA GLU S 105 -13.96 14.56 -58.20
C GLU S 105 -15.17 15.29 -58.80
N ILE S 106 -16.32 15.12 -58.15
CA ILE S 106 -17.55 15.79 -58.54
C ILE S 106 -17.39 17.30 -58.35
N LYS S 107 -17.69 18.05 -59.41
CA LYS S 107 -17.77 19.50 -59.37
C LYS S 107 -19.12 19.93 -58.83
N ARG S 108 -19.14 21.09 -58.16
CA ARG S 108 -20.24 21.55 -57.35
C ARG S 108 -20.04 23.04 -57.19
N THR S 109 -21.10 23.75 -56.82
CA THR S 109 -21.00 25.17 -56.48
C THR S 109 -20.28 25.36 -55.14
N VAL S 110 -19.67 26.53 -54.99
CA VAL S 110 -18.93 26.89 -53.79
C VAL S 110 -19.89 26.99 -52.58
N ALA S 111 -19.45 26.49 -51.43
CA ALA S 111 -20.22 26.67 -50.20
C ALA S 111 -19.30 26.93 -49.02
N ALA S 112 -19.64 27.96 -48.24
CA ALA S 112 -18.86 28.32 -47.08
C ALA S 112 -19.07 27.30 -45.94
N PRO S 113 -18.00 26.94 -45.20
CA PRO S 113 -18.16 26.08 -44.03
C PRO S 113 -18.89 26.79 -42.90
N SER S 114 -19.60 26.01 -42.09
CA SER S 114 -20.04 26.48 -40.81
C SER S 114 -19.04 25.95 -39.80
N VAL S 115 -18.62 26.82 -38.87
CA VAL S 115 -17.51 26.54 -37.97
C VAL S 115 -17.89 26.42 -36.49
N PHE S 116 -17.44 25.33 -35.85
CA PHE S 116 -17.69 25.10 -34.41
C PHE S 116 -16.42 24.74 -33.63
N ILE S 117 -16.37 25.19 -32.38
CA ILE S 117 -15.27 24.94 -31.44
C ILE S 117 -15.77 24.24 -30.13
N PHE S 118 -15.00 23.29 -29.61
CA PHE S 118 -15.34 22.55 -28.37
C PHE S 118 -14.18 22.54 -27.36
N PRO S 119 -14.47 22.94 -26.11
CA PRO S 119 -13.48 22.83 -25.03
C PRO S 119 -13.32 21.38 -24.60
N PRO S 120 -12.21 21.04 -23.91
CA PRO S 120 -12.10 19.68 -23.37
C PRO S 120 -13.07 19.48 -22.24
N SER S 121 -13.46 18.22 -22.00
CA SER S 121 -14.38 17.91 -20.90
C SER S 121 -13.66 17.83 -19.56
N ASP S 122 -14.38 18.06 -18.47
CA ASP S 122 -13.83 17.93 -17.12
C ASP S 122 -13.23 16.55 -16.84
N GLU S 123 -13.89 15.51 -17.37
CA GLU S 123 -13.41 14.13 -17.29
C GLU S 123 -11.99 13.98 -17.83
N GLN S 124 -11.72 14.60 -18.98
CA GLN S 124 -10.40 14.48 -19.61
C GLN S 124 -9.35 15.25 -18.85
N LEU S 125 -9.76 16.39 -18.26
CA LEU S 125 -8.85 17.23 -17.50
C LEU S 125 -8.23 16.47 -16.34
N LYS S 126 -9.06 15.79 -15.55
CA LYS S 126 -8.55 14.97 -14.46
C LYS S 126 -7.74 13.75 -14.94
N SER S 127 -7.80 13.43 -16.22
CA SER S 127 -6.94 12.36 -16.77
C SER S 127 -5.52 12.86 -17.10
N GLY S 128 -5.35 14.17 -17.25
CA GLY S 128 -4.01 14.75 -17.39
C GLY S 128 -3.67 15.34 -18.74
N THR S 129 -4.61 15.29 -19.68
CA THR S 129 -4.39 15.79 -21.04
C THR S 129 -5.63 16.50 -21.58
N ALA S 130 -5.46 17.44 -22.50
CA ALA S 130 -6.58 18.27 -23.01
C ALA S 130 -6.65 18.34 -24.54
N SER S 131 -7.82 17.99 -25.06
CA SER S 131 -8.11 18.03 -26.48
C SER S 131 -9.06 19.20 -26.77
N VAL S 132 -8.70 20.05 -27.73
CA VAL S 132 -9.59 21.12 -28.24
C VAL S 132 -9.88 20.86 -29.72
N VAL S 133 -11.16 20.90 -30.08
CA VAL S 133 -11.62 20.50 -31.42
C VAL S 133 -12.33 21.59 -32.24
N CYS S 134 -11.89 21.75 -33.49
CA CYS S 134 -12.46 22.72 -34.44
C CYS S 134 -13.10 21.94 -35.61
N LEU S 135 -14.39 22.19 -35.84
CA LEU S 135 -15.16 21.51 -36.89
C LEU S 135 -15.58 22.45 -38.02
N LEU S 136 -15.27 22.07 -39.27
CA LEU S 136 -15.73 22.81 -40.46
C LEU S 136 -16.67 21.94 -41.30
N ASN S 137 -17.96 22.28 -41.22
CA ASN S 137 -19.06 21.45 -41.69
C ASN S 137 -19.59 21.81 -43.09
N ASN S 138 -19.68 20.82 -43.97
CA ASN S 138 -20.36 20.87 -45.29
C ASN S 138 -19.92 22.00 -46.26
N PHE S 139 -18.65 21.99 -46.64
CA PHE S 139 -18.10 23.03 -47.51
C PHE S 139 -17.59 22.50 -48.84
N TYR S 140 -17.40 23.40 -49.80
CA TYR S 140 -16.81 23.07 -51.11
C TYR S 140 -16.18 24.32 -51.71
N PRO S 141 -14.97 24.18 -52.31
CA PRO S 141 -14.17 22.96 -52.49
C PRO S 141 -13.33 22.56 -51.26
N ARG S 142 -12.51 21.52 -51.42
CA ARG S 142 -11.74 20.87 -50.36
C ARG S 142 -10.77 21.78 -49.61
N GLU S 143 -10.18 22.75 -50.32
CA GLU S 143 -9.08 23.56 -49.78
C GLU S 143 -9.54 24.50 -48.67
N ALA S 144 -8.85 24.40 -47.53
CA ALA S 144 -9.19 25.14 -46.32
C ALA S 144 -7.94 25.31 -45.47
N LYS S 145 -7.88 26.40 -44.72
CA LYS S 145 -6.76 26.71 -43.83
C LYS S 145 -7.26 26.88 -42.39
N VAL S 146 -6.70 26.10 -41.46
CA VAL S 146 -7.04 26.21 -40.04
C VAL S 146 -5.80 26.63 -39.23
N GLN S 147 -5.89 27.79 -38.56
CA GLN S 147 -4.83 28.28 -37.64
C GLN S 147 -5.35 28.30 -36.22
N TRP S 148 -4.59 27.70 -35.30
CA TRP S 148 -4.92 27.71 -33.86
C TRP S 148 -4.20 28.83 -33.11
N LYS S 149 -4.95 29.64 -32.37
CA LYS S 149 -4.35 30.68 -31.52
C LYS S 149 -4.64 30.52 -30.01
N VAL S 150 -3.61 30.68 -29.18
CA VAL S 150 -3.76 30.56 -27.72
C VAL S 150 -3.10 31.75 -27.02
N ASP S 151 -3.92 32.59 -26.37
CA ASP S 151 -3.50 33.92 -25.88
C ASP S 151 -2.70 34.64 -26.95
N ASN S 152 -3.15 34.56 -28.21
CA ASN S 152 -2.56 35.24 -29.37
C ASN S 152 -1.31 34.61 -30.02
N ALA S 153 -0.75 33.55 -29.45
CA ALA S 153 0.36 32.86 -30.11
C ALA S 153 -0.12 31.73 -31.04
N LEU S 154 0.41 31.70 -32.26
CA LEU S 154 0.05 30.66 -33.22
C LEU S 154 0.64 29.30 -32.80
N GLN S 155 -0.16 28.25 -32.86
CA GLN S 155 0.33 26.91 -32.51
C GLN S 155 0.97 26.25 -33.74
N SER S 156 1.91 25.34 -33.48
CA SER S 156 2.58 24.61 -34.54
C SER S 156 3.07 23.25 -34.04
N GLY S 157 2.83 22.21 -34.84
CA GLY S 157 3.23 20.83 -34.53
C GLY S 157 2.45 20.06 -33.47
N ASN S 158 1.37 20.65 -32.95
CA ASN S 158 0.61 19.99 -31.89
C ASN S 158 -0.88 19.80 -32.22
N SER S 159 -1.19 19.68 -33.51
CA SER S 159 -2.55 19.40 -34.00
C SER S 159 -2.56 18.43 -35.17
N GLN S 160 -3.73 17.85 -35.43
CA GLN S 160 -3.93 16.87 -36.49
C GLN S 160 -5.30 17.07 -37.17
N GLU S 161 -5.32 17.06 -38.49
CA GLU S 161 -6.55 17.24 -39.27
C GLU S 161 -7.06 15.92 -39.84
N SER S 162 -8.37 15.85 -40.10
CA SER S 162 -8.96 14.69 -40.71
C SER S 162 -10.11 15.18 -41.59
N VAL S 163 -10.27 14.56 -42.76
CA VAL S 163 -11.30 14.99 -43.74
C VAL S 163 -12.15 13.82 -44.24
N THR S 164 -13.47 14.04 -44.32
CA THR S 164 -14.40 13.07 -44.92
C THR S 164 -14.25 12.97 -46.44
N GLU S 165 -14.87 11.96 -47.02
CA GLU S 165 -14.97 11.88 -48.47
C GLU S 165 -16.20 12.70 -48.89
N GLN S 166 -16.34 12.97 -50.19
CA GLN S 166 -17.46 13.80 -50.66
C GLN S 166 -18.78 13.21 -50.22
N ASP S 167 -19.67 14.03 -49.69
CA ASP S 167 -20.98 13.55 -49.25
C ASP S 167 -21.73 12.89 -50.41
N SER S 168 -22.41 11.78 -50.12
CA SER S 168 -23.10 11.05 -51.18
C SER S 168 -24.36 11.75 -51.68
N LYS S 169 -24.80 12.79 -50.97
CA LYS S 169 -26.03 13.53 -51.32
C LYS S 169 -25.82 14.97 -51.83
N ASP S 170 -24.95 15.73 -51.16
CA ASP S 170 -24.62 17.11 -51.60
C ASP S 170 -23.15 17.29 -52.04
N SER S 171 -22.36 16.23 -51.91
CA SER S 171 -20.95 16.21 -52.38
C SER S 171 -20.04 17.21 -51.66
N THR S 172 -20.50 17.76 -50.54
CA THR S 172 -19.64 18.59 -49.72
C THR S 172 -18.64 17.74 -48.90
N TYR S 173 -17.71 18.44 -48.26
CA TYR S 173 -16.66 17.83 -47.43
C TYR S 173 -16.82 18.29 -45.97
N SER S 174 -16.33 17.49 -45.04
CA SER S 174 -16.24 17.98 -43.66
C SER S 174 -14.86 17.67 -43.07
N LEU S 175 -14.44 18.54 -42.16
CA LEU S 175 -13.08 18.54 -41.63
C LEU S 175 -13.06 18.75 -40.12
N SER S 176 -12.20 17.99 -39.44
CA SER S 176 -11.95 18.15 -38.00
C SER S 176 -10.49 18.52 -37.78
N SER S 177 -10.25 19.40 -36.82
CA SER S 177 -8.89 19.74 -36.39
C SER S 177 -8.84 19.65 -34.88
N THR S 178 -7.79 18.99 -34.38
CA THR S 178 -7.65 18.69 -32.96
C THR S 178 -6.30 19.17 -32.44
N LEU S 179 -6.32 19.97 -31.37
CA LEU S 179 -5.12 20.47 -30.71
C LEU S 179 -4.96 19.74 -29.39
N THR S 180 -3.82 19.06 -29.20
CA THR S 180 -3.60 18.31 -27.97
C THR S 180 -2.56 18.97 -27.05
N LEU S 181 -2.97 19.32 -25.83
CA LEU S 181 -2.05 19.88 -24.84
C LEU S 181 -1.99 19.05 -23.56
N SER S 182 -0.91 19.20 -22.78
CA SER S 182 -0.90 18.65 -21.42
C SER S 182 -1.82 19.54 -20.59
N LYS S 183 -2.33 19.00 -19.49
CA LYS S 183 -3.19 19.74 -18.58
C LYS S 183 -2.50 21.00 -18.06
N ALA S 184 -1.30 20.82 -17.53
CA ALA S 184 -0.49 21.94 -17.04
C ALA S 184 -0.41 23.09 -18.07
N ASP S 185 -0.11 22.78 -19.33
CA ASP S 185 -0.06 23.82 -20.37
C ASP S 185 -1.43 24.50 -20.51
N TYR S 186 -2.51 23.69 -20.51
CA TYR S 186 -3.88 24.19 -20.71
C TYR S 186 -4.34 25.21 -19.67
N GLU S 187 -3.94 24.99 -18.41
CA GLU S 187 -4.27 25.85 -17.27
C GLU S 187 -3.51 27.20 -17.27
N LYS S 188 -2.40 27.25 -18.00
CA LYS S 188 -1.55 28.45 -18.11
C LYS S 188 -2.16 29.57 -18.97
N HIS S 189 -3.16 29.24 -19.78
CA HIS S 189 -3.65 30.20 -20.76
C HIS S 189 -5.17 30.30 -20.79
N LYS S 190 -5.69 31.37 -21.40
CA LYS S 190 -7.12 31.75 -21.27
C LYS S 190 -7.98 31.70 -22.55
N VAL S 191 -7.48 32.26 -23.65
CA VAL S 191 -8.28 32.34 -24.87
C VAL S 191 -7.88 31.26 -25.88
N TYR S 192 -8.84 30.43 -26.27
CA TYR S 192 -8.58 29.42 -27.31
C TYR S 192 -9.40 29.69 -28.58
N ALA S 193 -8.72 30.02 -29.68
CA ALA S 193 -9.41 30.31 -30.95
C ALA S 193 -8.92 29.46 -32.14
N CYS S 194 -9.83 29.06 -33.04
CA CYS S 194 -9.40 28.53 -34.36
C CYS S 194 -9.84 29.47 -35.47
N GLU S 195 -8.88 29.87 -36.31
CA GLU S 195 -9.20 30.75 -37.43
C GLU S 195 -9.31 29.95 -38.72
N VAL S 196 -10.42 30.13 -39.41
CA VAL S 196 -10.69 29.41 -40.66
C VAL S 196 -10.77 30.36 -41.84
N THR S 197 -9.93 30.14 -42.86
CA THR S 197 -10.08 30.85 -44.12
C THR S 197 -10.48 29.87 -45.23
N HIS S 198 -11.49 30.26 -45.99
CA HIS S 198 -12.00 29.49 -47.13
C HIS S 198 -12.54 30.49 -48.17
N GLN S 199 -12.47 30.10 -49.44
CA GLN S 199 -12.82 30.95 -50.56
C GLN S 199 -14.28 31.44 -50.57
N GLY S 200 -15.18 30.67 -49.93
CA GLY S 200 -16.57 31.02 -49.84
C GLY S 200 -16.93 31.95 -48.69
N LEU S 201 -15.93 32.49 -48.00
CA LEU S 201 -16.23 33.37 -46.87
C LEU S 201 -16.34 34.87 -47.21
N SER S 202 -15.21 35.53 -47.48
CA SER S 202 -15.05 37.00 -47.55
C SER S 202 -13.98 37.44 -46.56
N SER S 203 -14.20 37.07 -45.31
CA SER S 203 -13.29 37.34 -44.21
C SER S 203 -13.09 36.04 -43.42
N PRO S 204 -11.83 35.74 -43.02
CA PRO S 204 -11.54 34.62 -42.12
C PRO S 204 -12.52 34.57 -40.97
N VAL S 205 -13.04 33.39 -40.68
CA VAL S 205 -13.99 33.19 -39.58
C VAL S 205 -13.29 32.54 -38.37
N THR S 206 -13.62 33.02 -37.18
CA THR S 206 -12.94 32.65 -35.94
C THR S 206 -13.95 32.21 -34.87
N LYS S 207 -13.69 31.05 -34.27
CA LYS S 207 -14.43 30.62 -33.09
C LYS S 207 -13.50 30.54 -31.88
N SER S 208 -14.07 30.79 -30.71
CA SER S 208 -13.30 31.06 -29.49
C SER S 208 -14.06 30.69 -28.23
N PHE S 209 -13.34 30.27 -27.20
CA PHE S 209 -13.90 30.19 -25.85
C PHE S 209 -12.90 30.69 -24.83
N ASN S 210 -13.37 30.87 -23.60
CA ASN S 210 -12.52 31.22 -22.47
C ASN S 210 -12.52 30.18 -21.35
N ARG S 211 -11.38 29.54 -21.16
CA ARG S 211 -11.21 28.49 -20.16
C ARG S 211 -11.74 28.91 -18.79
N GLY S 212 -12.81 28.24 -18.37
CA GLY S 212 -13.45 28.51 -17.06
C GLY S 212 -14.77 29.26 -17.15
N ALA S 213 -14.97 29.97 -18.26
CA ALA S 213 -16.17 30.79 -18.46
C ALA S 213 -17.29 29.96 -19.07
N GLN T 1 -17.02 -17.60 -62.68
CA GLN T 1 -16.63 -18.74 -61.79
C GLN T 1 -15.15 -18.78 -61.35
N VAL T 2 -14.28 -17.96 -61.95
CA VAL T 2 -12.91 -17.78 -61.42
C VAL T 2 -12.89 -16.81 -60.24
N GLN T 3 -12.38 -17.27 -59.08
CA GLN T 3 -12.32 -16.43 -57.88
C GLN T 3 -11.02 -16.59 -57.10
N LEU T 4 -10.50 -15.47 -56.60
CA LEU T 4 -9.33 -15.47 -55.69
C LEU T 4 -9.68 -14.88 -54.32
N GLN T 5 -9.19 -15.49 -53.24
CA GLN T 5 -9.46 -14.98 -51.89
C GLN T 5 -8.24 -15.05 -50.94
N GLU T 6 -7.80 -13.88 -50.44
CA GLU T 6 -6.69 -13.81 -49.47
C GLU T 6 -7.11 -14.30 -48.09
N SER T 7 -6.14 -14.81 -47.31
CA SER T 7 -6.30 -15.09 -45.88
C SER T 7 -4.95 -15.12 -45.13
N GLY T 8 -4.98 -14.98 -43.82
CA GLY T 8 -3.78 -14.84 -42.95
C GLY T 8 -4.01 -13.83 -41.83
N PRO T 9 -3.07 -13.73 -40.85
CA PRO T 9 -3.30 -12.80 -39.72
C PRO T 9 -3.22 -11.34 -40.14
N GLY T 10 -3.98 -10.50 -39.45
CA GLY T 10 -4.10 -9.08 -39.79
C GLY T 10 -3.25 -8.15 -38.94
N LEU T 11 -2.28 -8.72 -38.23
CA LEU T 11 -1.43 -7.98 -37.30
C LEU T 11 -0.06 -8.65 -37.09
N VAL T 12 1.02 -7.93 -37.41
CA VAL T 12 2.40 -8.47 -37.34
C VAL T 12 3.23 -7.49 -36.53
N LYS T 13 4.01 -8.00 -35.59
CA LYS T 13 4.89 -7.15 -34.77
C LYS T 13 6.15 -6.78 -35.58
N PRO T 14 6.70 -5.56 -35.38
CA PRO T 14 7.94 -5.16 -36.06
C PRO T 14 9.05 -6.20 -35.90
N SER T 15 9.88 -6.33 -36.92
CA SER T 15 10.98 -7.28 -36.91
C SER T 15 10.55 -8.74 -37.16
N GLN T 16 9.25 -9.05 -37.07
CA GLN T 16 8.75 -10.42 -37.33
C GLN T 16 8.33 -10.61 -38.80
N THR T 17 7.85 -11.81 -39.15
CA THR T 17 7.50 -12.19 -40.53
C THR T 17 6.00 -12.07 -40.85
N LEU T 18 5.69 -11.51 -42.02
CA LEU T 18 4.30 -11.45 -42.51
C LEU T 18 3.99 -12.63 -43.44
N SER T 19 2.97 -13.42 -43.11
CA SER T 19 2.54 -14.45 -44.05
C SER T 19 1.04 -14.43 -44.45
N LEU T 20 0.79 -14.56 -45.76
CA LEU T 20 -0.57 -14.66 -46.32
C LEU T 20 -0.71 -15.81 -47.32
N THR T 21 -1.88 -16.43 -47.34
CA THR T 21 -2.19 -17.44 -48.36
C THR T 21 -3.38 -16.99 -49.23
N CYS T 22 -3.37 -17.32 -50.52
CA CYS T 22 -4.52 -17.04 -51.41
C CYS T 22 -5.06 -18.36 -51.97
N THR T 23 -6.38 -18.54 -51.90
CA THR T 23 -7.08 -19.71 -52.46
C THR T 23 -7.64 -19.42 -53.85
N VAL T 24 -7.69 -20.42 -54.72
CA VAL T 24 -8.19 -20.24 -56.08
C VAL T 24 -9.32 -21.23 -56.41
N SER T 25 -10.42 -20.72 -56.97
CA SER T 25 -11.51 -21.54 -57.52
C SER T 25 -11.64 -21.37 -59.04
N GLY T 26 -12.23 -22.35 -59.71
CA GLY T 26 -12.54 -22.29 -61.15
C GLY T 26 -11.35 -22.52 -62.09
N GLY T 27 -10.76 -23.72 -62.00
CA GLY T 27 -9.56 -24.07 -62.78
C GLY T 27 -8.34 -24.03 -61.88
N SER T 28 -7.33 -24.82 -62.21
CA SER T 28 -6.22 -25.01 -61.27
C SER T 28 -5.00 -24.13 -61.44
N ILE T 29 -4.37 -23.86 -60.30
CA ILE T 29 -3.17 -23.08 -60.20
C ILE T 29 -2.02 -23.71 -61.01
N SER T 30 -2.21 -24.95 -61.45
CA SER T 30 -1.10 -25.70 -62.04
C SER T 30 -1.06 -25.63 -63.58
N SER T 31 -1.03 -24.43 -64.13
CA SER T 31 -1.18 -24.25 -65.57
C SER T 31 -0.19 -23.25 -66.11
N GLY T 32 0.30 -23.47 -67.33
CA GLY T 32 1.24 -22.58 -67.97
C GLY T 32 0.70 -21.25 -68.47
N ASP T 33 -0.63 -21.06 -68.42
CA ASP T 33 -1.27 -19.83 -68.96
C ASP T 33 -1.22 -18.61 -68.03
N TYR T 34 -0.96 -18.83 -66.74
CA TYR T 34 -1.11 -17.77 -65.73
C TYR T 34 0.11 -17.50 -64.87
N TYR T 35 0.30 -16.24 -64.48
CA TYR T 35 1.17 -15.92 -63.36
C TYR T 35 0.28 -15.70 -62.14
N TRP T 36 0.81 -16.01 -60.96
CA TRP T 36 0.10 -15.79 -59.69
C TRP T 36 0.90 -14.80 -58.82
N SER T 37 0.26 -13.66 -58.53
CA SER T 37 0.97 -12.40 -58.24
C SER T 37 0.49 -11.78 -56.95
N TRP T 38 1.29 -10.86 -56.41
CA TRP T 38 0.92 -10.06 -55.21
C TRP T 38 1.23 -8.59 -55.43
N ILE T 39 0.25 -7.74 -55.11
CA ILE T 39 0.38 -6.28 -55.16
C ILE T 39 -0.14 -5.75 -53.84
N ARG T 40 0.43 -4.64 -53.36
CA ARG T 40 0.00 -4.02 -52.10
C ARG T 40 -0.25 -2.50 -52.21
N GLN T 41 -1.12 -2.00 -51.33
CA GLN T 41 -1.54 -0.58 -51.32
C GLN T 41 -1.62 -0.06 -49.87
N PRO T 42 -0.66 0.77 -49.46
CA PRO T 42 -0.72 1.29 -48.08
C PRO T 42 -1.85 2.33 -47.96
N PRO T 43 -2.55 2.37 -46.80
CA PRO T 43 -3.75 3.20 -46.65
C PRO T 43 -3.57 4.66 -47.06
N GLY T 44 -4.38 5.09 -48.03
CA GLY T 44 -4.35 6.45 -48.53
C GLY T 44 -3.43 6.64 -49.73
N LYS T 45 -2.74 5.58 -50.15
CA LYS T 45 -1.69 5.72 -51.16
C LYS T 45 -1.81 4.82 -52.40
N GLY T 46 -0.77 4.84 -53.23
CA GLY T 46 -0.77 4.13 -54.53
C GLY T 46 -0.41 2.64 -54.51
N LEU T 47 -0.15 2.09 -55.69
CA LEU T 47 0.06 0.65 -55.83
C LEU T 47 1.53 0.28 -56.11
N GLU T 48 2.04 -0.68 -55.34
CA GLU T 48 3.34 -1.30 -55.55
C GLU T 48 3.21 -2.80 -55.83
N TRP T 49 3.92 -3.25 -56.86
CA TRP T 49 3.95 -4.63 -57.29
C TRP T 49 5.00 -5.41 -56.52
N ILE T 50 4.60 -6.55 -55.95
CA ILE T 50 5.50 -7.36 -55.14
C ILE T 50 6.18 -8.44 -55.99
N GLY T 51 5.40 -9.22 -56.73
CA GLY T 51 6.00 -10.26 -57.57
C GLY T 51 5.07 -11.33 -58.08
N TYR T 52 5.64 -12.39 -58.65
CA TYR T 52 4.84 -13.55 -59.08
C TYR T 52 5.60 -14.88 -58.93
N ILE T 53 4.87 -15.98 -58.91
CA ILE T 53 5.43 -17.32 -59.04
C ILE T 53 4.76 -18.00 -60.26
N TYR T 54 5.49 -18.85 -60.96
CA TYR T 54 4.99 -19.59 -62.15
C TYR T 54 4.98 -21.11 -61.90
N TYR T 55 4.21 -21.86 -62.68
CA TYR T 55 4.01 -23.29 -62.37
C TYR T 55 5.27 -24.16 -62.47
N SER T 56 6.32 -23.62 -63.11
CA SER T 56 7.62 -24.31 -63.21
C SER T 56 8.54 -24.13 -61.99
N GLY T 57 8.19 -23.22 -61.08
CA GLY T 57 9.07 -22.86 -59.96
C GLY T 57 9.68 -21.45 -60.06
N SER T 58 9.77 -20.91 -61.29
CA SER T 58 10.25 -19.56 -61.55
C SER T 58 9.53 -18.54 -60.69
N THR T 59 10.27 -17.54 -60.24
CA THR T 59 9.71 -16.38 -59.54
C THR T 59 10.37 -15.09 -60.05
N ASP T 60 9.84 -13.97 -59.60
CA ASP T 60 10.40 -12.64 -59.87
C ASP T 60 9.80 -11.70 -58.83
N TYR T 61 10.67 -10.95 -58.14
CA TYR T 61 10.27 -10.06 -57.04
C TYR T 61 10.77 -8.66 -57.31
N ASN T 62 10.05 -7.63 -56.82
CA ASN T 62 10.53 -6.23 -56.86
C ASN T 62 11.84 -6.10 -56.07
N PRO T 63 12.90 -5.51 -56.66
CA PRO T 63 14.10 -5.22 -55.86
C PRO T 63 13.90 -4.33 -54.64
N SER T 64 12.82 -3.55 -54.60
CA SER T 64 12.60 -2.60 -53.47
C SER T 64 12.29 -3.29 -52.12
N LEU T 65 12.01 -4.59 -52.16
CA LEU T 65 11.73 -5.37 -50.96
C LEU T 65 12.98 -6.04 -50.37
N LYS T 66 14.12 -5.76 -51.01
CA LYS T 66 15.45 -6.03 -50.46
C LYS T 66 15.68 -7.48 -50.08
N SER T 67 15.25 -8.38 -50.95
CA SER T 67 15.36 -9.81 -50.71
C SER T 67 14.55 -10.33 -49.49
N ARG T 68 13.64 -9.52 -48.94
CA ARG T 68 12.82 -9.94 -47.78
C ARG T 68 11.57 -10.78 -48.14
N VAL T 69 11.34 -11.02 -49.42
CA VAL T 69 10.12 -11.71 -49.89
C VAL T 69 10.37 -13.09 -50.52
N THR T 70 9.65 -14.13 -50.09
CA THR T 70 9.60 -15.37 -50.90
C THR T 70 8.18 -15.76 -51.26
N MET T 71 8.03 -16.57 -52.31
CA MET T 71 6.70 -17.11 -52.67
C MET T 71 6.74 -18.63 -52.86
N SER T 72 5.61 -19.30 -52.67
CA SER T 72 5.53 -20.72 -52.98
C SER T 72 4.15 -21.12 -53.51
N VAL T 73 3.99 -22.41 -53.85
CA VAL T 73 2.69 -22.97 -54.25
C VAL T 73 2.40 -24.29 -53.55
N ASP T 74 1.12 -24.66 -53.57
CA ASP T 74 0.60 -25.82 -52.89
C ASP T 74 -0.48 -26.39 -53.80
N THR T 75 -0.05 -27.15 -54.80
CA THR T 75 -0.92 -27.45 -55.93
C THR T 75 -2.15 -28.30 -55.60
N SER T 76 -2.03 -29.20 -54.64
CA SER T 76 -3.16 -30.10 -54.38
C SER T 76 -4.01 -29.56 -53.25
N LYS T 77 -3.87 -28.26 -53.00
CA LYS T 77 -4.84 -27.50 -52.22
C LYS T 77 -5.24 -26.23 -52.99
N ASN T 78 -4.69 -26.10 -54.19
CA ASN T 78 -4.91 -24.96 -55.09
C ASN T 78 -4.70 -23.61 -54.40
N GLN T 79 -3.53 -23.47 -53.77
CA GLN T 79 -3.16 -22.26 -53.03
C GLN T 79 -1.77 -21.75 -53.41
N PHE T 80 -1.56 -20.43 -53.30
CA PHE T 80 -0.21 -19.84 -53.39
C PHE T 80 -0.02 -18.84 -52.26
N SER T 81 1.23 -18.43 -52.00
CA SER T 81 1.56 -17.80 -50.72
C SER T 81 2.59 -16.72 -50.78
N LEU T 82 2.52 -15.82 -49.80
CA LEU T 82 3.45 -14.71 -49.66
C LEU T 82 4.19 -14.78 -48.33
N LYS T 83 5.51 -14.62 -48.35
CA LYS T 83 6.28 -14.44 -47.11
C LYS T 83 7.18 -13.21 -47.17
N VAL T 84 7.04 -12.33 -46.17
CA VAL T 84 7.84 -11.10 -46.04
C VAL T 84 8.40 -10.94 -44.63
N ASN T 85 9.72 -11.08 -44.49
CA ASN T 85 10.36 -10.95 -43.17
C ASN T 85 10.93 -9.57 -42.83
N SER T 86 11.31 -9.39 -41.56
CA SER T 86 11.86 -8.13 -41.05
C SER T 86 10.99 -6.90 -41.38
N VAL T 87 9.73 -6.97 -40.98
CA VAL T 87 8.78 -5.91 -41.33
C VAL T 87 8.93 -4.68 -40.42
N THR T 88 8.48 -3.53 -40.93
CA THR T 88 8.41 -2.28 -40.15
C THR T 88 7.11 -1.60 -40.54
N ALA T 89 6.77 -0.49 -39.89
CA ALA T 89 5.53 0.26 -40.21
C ALA T 89 5.31 0.51 -41.71
N ALA T 90 6.41 0.50 -42.47
CA ALA T 90 6.35 0.76 -43.93
C ALA T 90 5.68 -0.40 -44.70
N ASP T 91 5.37 -1.48 -43.98
CA ASP T 91 4.82 -2.68 -44.58
C ASP T 91 3.33 -2.78 -44.31
N THR T 92 2.78 -1.82 -43.59
CA THR T 92 1.35 -1.80 -43.34
C THR T 92 0.69 -1.47 -44.65
N ALA T 93 -0.27 -2.31 -45.08
CA ALA T 93 -0.96 -2.13 -46.37
C ALA T 93 -2.17 -3.05 -46.54
N VAL T 94 -2.98 -2.79 -47.58
CA VAL T 94 -3.92 -3.80 -48.07
C VAL T 94 -3.17 -4.66 -49.09
N TYR T 95 -3.11 -5.96 -48.85
CA TYR T 95 -2.43 -6.92 -49.75
C TYR T 95 -3.42 -7.66 -50.66
N TYR T 96 -3.14 -7.70 -51.96
CA TYR T 96 -4.00 -8.32 -52.98
C TYR T 96 -3.31 -9.47 -53.70
N CYS T 97 -3.99 -10.61 -53.83
CA CYS T 97 -3.62 -11.59 -54.87
C CYS T 97 -4.34 -11.31 -56.19
N ALA T 98 -3.62 -11.56 -57.29
CA ALA T 98 -4.11 -11.28 -58.64
C ALA T 98 -3.62 -12.32 -59.66
N ARG T 99 -4.34 -12.43 -60.78
CA ARG T 99 -3.99 -13.33 -61.88
C ARG T 99 -3.48 -12.56 -63.12
N VAL T 100 -2.54 -13.14 -63.86
CA VAL T 100 -2.19 -12.68 -65.22
C VAL T 100 -2.37 -13.83 -66.23
N SER T 101 -3.06 -13.55 -67.34
CA SER T 101 -3.11 -14.53 -68.44
C SER T 101 -2.17 -14.11 -69.56
N ILE T 102 -0.98 -14.67 -69.47
CA ILE T 102 0.07 -14.59 -70.48
C ILE T 102 -0.44 -14.53 -71.92
N PHE T 103 -1.37 -15.42 -72.26
CA PHE T 103 -1.85 -15.59 -73.64
C PHE T 103 -3.15 -14.85 -73.92
N GLY T 104 -3.56 -14.03 -72.97
CA GLY T 104 -4.84 -13.34 -73.07
C GLY T 104 -4.63 -11.84 -73.12
N VAL T 105 -5.21 -11.12 -72.16
CA VAL T 105 -5.12 -9.66 -72.08
C VAL T 105 -3.72 -9.25 -71.66
N GLY T 106 -3.01 -10.16 -71.01
CA GLY T 106 -1.61 -9.95 -70.62
C GLY T 106 -1.34 -9.02 -69.46
N THR T 107 -2.34 -8.84 -68.60
CA THR T 107 -2.23 -7.97 -67.40
C THR T 107 -3.22 -8.46 -66.34
N PHE T 108 -3.24 -7.83 -65.16
CA PHE T 108 -4.01 -8.34 -64.02
C PHE T 108 -5.52 -8.29 -64.26
N ASP T 109 -6.12 -9.46 -64.55
CA ASP T 109 -7.55 -9.53 -64.76
C ASP T 109 -8.29 -9.83 -63.47
N TYR T 110 -8.03 -10.96 -62.85
CA TYR T 110 -8.77 -11.30 -61.63
C TYR T 110 -8.02 -10.90 -60.36
N TRP T 111 -8.75 -10.26 -59.43
CA TRP T 111 -8.23 -9.83 -58.10
C TRP T 111 -9.06 -10.37 -56.94
N GLY T 112 -8.38 -10.63 -55.82
CA GLY T 112 -9.05 -10.92 -54.55
C GLY T 112 -9.57 -9.66 -53.89
N GLN T 113 -10.19 -9.86 -52.73
CA GLN T 113 -10.94 -8.82 -51.99
C GLN T 113 -9.97 -7.84 -51.35
N GLY T 114 -8.83 -8.35 -50.90
CA GLY T 114 -7.79 -7.57 -50.21
C GLY T 114 -7.89 -7.77 -48.71
N THR T 115 -6.75 -7.87 -48.03
CA THR T 115 -6.74 -7.93 -46.56
C THR T 115 -5.80 -6.91 -45.98
N LEU T 116 -6.29 -6.16 -45.00
CA LEU T 116 -5.46 -5.22 -44.26
C LEU T 116 -4.50 -5.96 -43.34
N VAL T 117 -3.21 -5.70 -43.51
CA VAL T 117 -2.18 -6.16 -42.56
C VAL T 117 -1.51 -4.93 -41.94
N THR T 118 -1.55 -4.86 -40.63
CA THR T 118 -0.96 -3.73 -39.93
C THR T 118 0.19 -4.11 -38.99
N VAL T 119 1.33 -3.45 -39.18
CA VAL T 119 2.53 -3.70 -38.35
C VAL T 119 2.75 -2.63 -37.27
N SER T 120 2.85 -3.06 -36.01
CA SER T 120 3.19 -2.17 -34.90
C SER T 120 3.47 -2.93 -33.57
N SER T 121 4.05 -2.21 -32.59
CA SER T 121 4.34 -2.77 -31.26
C SER T 121 3.09 -2.93 -30.38
N ALA T 122 2.19 -1.95 -30.44
CA ALA T 122 1.05 -1.79 -29.51
C ALA T 122 0.27 -3.03 -29.05
N SER T 123 -0.29 -2.95 -27.85
CA SER T 123 -1.21 -3.96 -27.31
C SER T 123 -2.68 -3.51 -27.42
N THR T 124 -3.57 -4.49 -27.60
CA THR T 124 -5.02 -4.29 -27.74
C THR T 124 -5.60 -3.48 -26.60
N LYS T 125 -6.18 -2.32 -26.94
CA LYS T 125 -6.76 -1.41 -25.96
C LYS T 125 -8.08 -0.82 -26.47
N GLY T 126 -9.05 -0.72 -25.54
CA GLY T 126 -10.34 -0.10 -25.81
C GLY T 126 -10.28 1.41 -25.67
N PRO T 127 -11.21 2.13 -26.32
CA PRO T 127 -11.16 3.58 -26.33
C PRO T 127 -11.92 4.21 -25.16
N SER T 128 -11.51 5.40 -24.75
CA SER T 128 -12.32 6.18 -23.82
C SER T 128 -13.08 7.21 -24.63
N VAL T 129 -14.34 7.39 -24.26
CA VAL T 129 -15.28 8.18 -25.04
C VAL T 129 -15.59 9.50 -24.35
N PHE T 130 -15.06 10.59 -24.92
CA PHE T 130 -15.17 11.91 -24.33
C PHE T 130 -16.15 12.84 -25.07
N PRO T 131 -17.09 13.44 -24.33
CA PRO T 131 -18.12 14.29 -24.90
C PRO T 131 -17.55 15.53 -25.56
N LEU T 132 -18.16 15.92 -26.69
CA LEU T 132 -17.94 17.21 -27.32
C LEU T 132 -19.28 17.91 -27.22
N ALA T 133 -19.41 18.75 -26.20
CA ALA T 133 -20.71 19.29 -25.81
C ALA T 133 -21.00 20.69 -26.36
N PRO T 134 -22.21 20.88 -26.91
CA PRO T 134 -22.72 22.17 -27.39
C PRO T 134 -22.63 23.33 -26.38
N SER T 135 -22.09 24.45 -26.84
CA SER T 135 -22.07 25.71 -26.08
C SER T 135 -23.43 26.39 -26.14
N SER T 136 -23.65 27.37 -25.29
CA SER T 136 -24.94 28.07 -25.22
C SER T 136 -24.92 29.42 -25.95
N THR T 143 -29.35 26.15 -34.69
CA THR T 143 -28.60 25.06 -35.33
C THR T 143 -27.25 24.75 -34.64
N ALA T 144 -27.27 23.73 -33.78
CA ALA T 144 -26.14 23.39 -32.91
C ALA T 144 -25.27 22.23 -33.44
N ALA T 145 -24.05 22.14 -32.95
CA ALA T 145 -23.17 20.99 -33.20
C ALA T 145 -22.79 20.30 -31.89
N LEU T 146 -22.37 19.05 -31.98
CA LEU T 146 -22.40 18.12 -30.86
C LEU T 146 -21.62 16.87 -31.27
N GLY T 147 -21.15 16.09 -30.30
CA GLY T 147 -20.43 14.85 -30.64
C GLY T 147 -19.62 14.10 -29.58
N CYS T 148 -18.87 13.09 -30.04
CA CYS T 148 -18.06 12.23 -29.18
C CYS T 148 -16.63 12.07 -29.72
N LEU T 149 -15.67 12.08 -28.80
CA LEU T 149 -14.26 11.89 -29.08
C LEU T 149 -13.83 10.50 -28.65
N VAL T 150 -13.49 9.66 -29.63
CA VAL T 150 -13.13 8.26 -29.38
C VAL T 150 -11.60 8.15 -29.36
N LYS T 151 -11.03 8.17 -28.16
CA LYS T 151 -9.60 8.41 -27.98
C LYS T 151 -8.86 7.19 -27.41
N ASP T 152 -7.67 6.92 -27.96
CA ASP T 152 -6.73 5.99 -27.38
C ASP T 152 -7.02 4.50 -27.57
N TYR T 153 -7.42 4.11 -28.78
CA TYR T 153 -7.66 2.70 -29.07
C TYR T 153 -6.65 2.03 -30.02
N PHE T 154 -6.58 0.70 -29.90
CA PHE T 154 -5.81 -0.15 -30.81
C PHE T 154 -6.35 -1.57 -30.70
N PRO T 155 -6.49 -2.26 -31.85
CA PRO T 155 -6.20 -1.81 -33.22
C PRO T 155 -7.41 -1.15 -33.89
N GLU T 156 -7.34 -0.99 -35.22
CA GLU T 156 -8.47 -0.53 -36.06
C GLU T 156 -9.40 -1.71 -36.43
N PRO T 157 -10.71 -1.46 -36.68
CA PRO T 157 -11.47 -0.22 -36.61
C PRO T 157 -12.42 -0.13 -35.40
N VAL T 158 -13.21 0.94 -35.40
CA VAL T 158 -14.27 1.18 -34.43
C VAL T 158 -15.53 1.60 -35.20
N THR T 159 -16.71 1.30 -34.67
CA THR T 159 -17.95 1.82 -35.26
C THR T 159 -18.76 2.66 -34.26
N VAL T 160 -19.36 3.74 -34.76
CA VAL T 160 -20.20 4.64 -33.97
C VAL T 160 -21.59 4.76 -34.58
N SER T 161 -22.62 4.77 -33.74
CA SER T 161 -23.99 5.10 -34.17
C SER T 161 -24.61 6.18 -33.27
N TRP T 162 -25.80 6.65 -33.60
CA TRP T 162 -26.49 7.63 -32.75
C TRP T 162 -27.93 7.23 -32.41
N ASN T 163 -28.26 7.34 -31.12
CA ASN T 163 -29.52 6.83 -30.57
C ASN T 163 -29.85 5.44 -31.12
N SER T 164 -28.82 4.57 -31.12
CA SER T 164 -28.93 3.18 -31.57
C SER T 164 -29.26 3.00 -33.05
N GLY T 165 -28.99 4.03 -33.85
CA GLY T 165 -29.22 3.97 -35.30
C GLY T 165 -30.46 4.73 -35.75
N ALA T 166 -31.19 5.30 -34.80
CA ALA T 166 -32.40 6.09 -35.11
C ALA T 166 -32.01 7.47 -35.66
N LEU T 167 -31.05 8.14 -35.01
CA LEU T 167 -30.52 9.39 -35.52
C LEU T 167 -29.46 9.12 -36.58
N THR T 168 -29.83 9.42 -37.82
CA THR T 168 -29.06 9.06 -38.99
C THR T 168 -28.67 10.29 -39.79
N SER T 169 -29.55 11.28 -39.86
CA SER T 169 -29.31 12.46 -40.68
C SER T 169 -28.37 13.52 -40.05
N GLY T 170 -27.43 14.00 -40.86
CA GLY T 170 -26.53 15.10 -40.47
C GLY T 170 -25.26 14.63 -39.80
N VAL T 171 -25.04 13.31 -39.82
CA VAL T 171 -23.91 12.66 -39.16
C VAL T 171 -22.63 12.72 -40.00
N HIS T 172 -21.51 12.86 -39.31
CA HIS T 172 -20.18 12.70 -39.89
C HIS T 172 -19.30 11.98 -38.88
N THR T 173 -18.74 10.84 -39.29
CA THR T 173 -17.70 10.18 -38.50
C THR T 173 -16.37 10.16 -39.29
N PHE T 174 -15.35 10.79 -38.73
CA PHE T 174 -14.10 11.06 -39.44
C PHE T 174 -13.17 9.88 -39.39
N PRO T 175 -12.43 9.62 -40.47
CA PRO T 175 -11.42 8.56 -40.43
C PRO T 175 -10.49 8.78 -39.24
N ALA T 176 -9.99 7.69 -38.67
CA ALA T 176 -9.10 7.80 -37.52
C ALA T 176 -7.74 8.31 -37.95
N VAL T 177 -7.05 8.99 -37.02
CA VAL T 177 -5.64 9.37 -37.19
C VAL T 177 -4.82 8.55 -36.18
N LEU T 178 -3.53 8.39 -36.47
CA LEU T 178 -2.62 7.58 -35.64
C LEU T 178 -1.71 8.54 -34.89
N GLN T 179 -1.81 8.50 -33.57
CA GLN T 179 -1.08 9.43 -32.72
C GLN T 179 0.36 8.94 -32.51
N SER T 180 1.24 9.86 -32.10
CA SER T 180 2.65 9.53 -31.83
C SER T 180 2.79 8.44 -30.76
N SER T 181 1.75 8.29 -29.94
CA SER T 181 1.72 7.26 -28.90
C SER T 181 1.66 5.85 -29.48
N GLY T 182 1.17 5.72 -30.71
CA GLY T 182 1.00 4.42 -31.33
C GLY T 182 -0.46 4.00 -31.36
N LEU T 183 -1.29 4.80 -30.71
CA LEU T 183 -2.72 4.50 -30.62
C LEU T 183 -3.51 5.38 -31.58
N TYR T 184 -4.72 4.95 -31.93
CA TYR T 184 -5.58 5.71 -32.85
C TYR T 184 -6.58 6.58 -32.10
N SER T 185 -7.08 7.60 -32.78
CA SER T 185 -8.26 8.32 -32.31
C SER T 185 -9.14 8.91 -33.44
N LEU T 186 -10.38 9.21 -33.11
CA LEU T 186 -11.43 9.55 -34.08
C LEU T 186 -12.50 10.45 -33.44
N SER T 187 -13.30 11.11 -34.26
CA SER T 187 -14.35 12.02 -33.81
C SER T 187 -15.65 11.80 -34.60
N SER T 188 -16.78 11.83 -33.91
CA SER T 188 -18.08 11.69 -34.56
C SER T 188 -18.98 12.82 -34.11
N VAL T 189 -19.49 13.57 -35.08
CA VAL T 189 -20.27 14.78 -34.82
C VAL T 189 -21.61 14.71 -35.53
N VAL T 190 -22.61 15.41 -35.00
CA VAL T 190 -23.89 15.52 -35.68
C VAL T 190 -24.45 16.94 -35.59
N THR T 191 -25.30 17.31 -36.55
CA THR T 191 -25.93 18.64 -36.58
C THR T 191 -27.41 18.58 -36.22
N VAL T 192 -27.85 19.50 -35.36
CA VAL T 192 -29.25 19.56 -34.90
C VAL T 192 -29.72 21.01 -34.72
N PRO T 193 -31.06 21.25 -34.78
CA PRO T 193 -31.64 22.56 -34.47
C PRO T 193 -31.45 22.95 -33.02
N SER T 194 -31.24 24.24 -32.78
CA SER T 194 -30.97 24.75 -31.44
C SER T 194 -32.15 24.57 -30.48
N SER T 195 -33.37 24.64 -30.99
CA SER T 195 -34.58 24.50 -30.16
C SER T 195 -34.81 23.10 -29.58
N SER T 196 -34.23 22.08 -30.22
CA SER T 196 -34.38 20.69 -29.76
C SER T 196 -33.60 20.37 -28.46
N LEU T 197 -32.63 21.20 -28.11
CA LEU T 197 -31.77 20.96 -26.94
C LEU T 197 -32.57 20.88 -25.64
N GLY T 198 -32.10 20.04 -24.72
CA GLY T 198 -32.71 19.89 -23.41
C GLY T 198 -34.03 19.14 -23.37
N THR T 199 -34.56 18.80 -24.54
CA THR T 199 -35.80 18.02 -24.66
C THR T 199 -35.58 16.69 -25.40
N GLN T 200 -34.82 16.73 -26.49
CA GLN T 200 -34.36 15.53 -27.18
C GLN T 200 -32.99 15.12 -26.62
N THR T 201 -32.88 13.86 -26.22
CA THR T 201 -31.66 13.38 -25.54
C THR T 201 -30.75 12.62 -26.51
N TYR T 202 -29.45 12.93 -26.46
CA TYR T 202 -28.49 12.41 -27.41
C TYR T 202 -27.46 11.46 -26.80
N ILE T 203 -27.26 10.33 -27.47
CA ILE T 203 -26.36 9.28 -27.02
C ILE T 203 -25.55 8.70 -28.18
N CYS T 204 -24.22 8.73 -28.08
CA CYS T 204 -23.36 8.04 -29.05
C CYS T 204 -23.03 6.61 -28.60
N ASN T 205 -22.99 5.68 -29.57
CA ASN T 205 -22.79 4.24 -29.28
C ASN T 205 -21.51 3.69 -29.91
N VAL T 206 -20.53 3.45 -29.06
CA VAL T 206 -19.20 3.04 -29.52
C VAL T 206 -18.98 1.54 -29.30
N ASN T 207 -18.41 0.89 -30.32
CA ASN T 207 -18.04 -0.52 -30.23
C ASN T 207 -16.68 -0.79 -30.89
N HIS T 208 -15.84 -1.56 -30.17
CA HIS T 208 -14.49 -1.90 -30.60
C HIS T 208 -14.32 -3.42 -30.45
N LYS T 209 -14.44 -4.10 -31.59
CA LYS T 209 -14.58 -5.57 -31.65
C LYS T 209 -13.44 -6.40 -31.02
N PRO T 210 -12.17 -6.11 -31.38
CA PRO T 210 -11.05 -6.93 -30.90
C PRO T 210 -10.92 -6.98 -29.38
N SER T 211 -11.33 -5.89 -28.72
CA SER T 211 -11.32 -5.81 -27.25
C SER T 211 -12.71 -6.03 -26.64
N ASN T 212 -13.67 -6.46 -27.48
CA ASN T 212 -15.06 -6.69 -27.06
C ASN T 212 -15.54 -5.67 -26.02
N THR T 213 -15.48 -4.40 -26.41
CA THR T 213 -15.90 -3.29 -25.57
C THR T 213 -16.99 -2.49 -26.28
N LYS T 214 -17.95 -1.98 -25.50
CA LYS T 214 -19.11 -1.26 -26.01
C LYS T 214 -19.67 -0.36 -24.92
N VAL T 215 -19.63 0.94 -25.13
CA VAL T 215 -20.21 1.89 -24.16
C VAL T 215 -20.92 3.07 -24.82
N ASP T 216 -21.84 3.68 -24.06
CA ASP T 216 -22.69 4.76 -24.55
C ASP T 216 -22.53 5.96 -23.64
N LYS T 217 -22.40 7.15 -24.23
CA LYS T 217 -22.27 8.38 -23.44
C LYS T 217 -23.37 9.38 -23.80
N LYS T 218 -24.03 9.91 -22.77
CA LYS T 218 -24.96 11.01 -22.96
C LYS T 218 -24.16 12.27 -23.22
N VAL T 219 -24.58 13.04 -24.21
CA VAL T 219 -23.95 14.31 -24.51
C VAL T 219 -24.96 15.40 -24.18
N GLU T 220 -24.65 16.20 -23.17
CA GLU T 220 -25.54 17.24 -22.69
C GLU T 220 -24.82 18.61 -22.63
N PRO T 221 -25.58 19.71 -22.78
CA PRO T 221 -24.97 21.03 -22.61
C PRO T 221 -24.47 21.21 -21.17
N LYS T 222 -23.37 21.96 -21.04
CA LYS T 222 -22.81 22.28 -19.73
C LYS T 222 -22.80 23.80 -19.54
N GLU U 3 21.98 -37.20 -94.24
CA GLU U 3 20.61 -37.68 -94.62
C GLU U 3 19.56 -36.84 -93.90
N LYS U 4 18.46 -36.53 -94.59
CA LYS U 4 17.32 -35.86 -93.97
C LYS U 4 16.47 -36.90 -93.24
N LYS U 5 15.82 -36.49 -92.15
CA LYS U 5 14.99 -37.41 -91.38
C LYS U 5 13.74 -36.74 -90.76
N VAL U 6 12.58 -37.25 -91.13
CA VAL U 6 11.29 -36.72 -90.68
C VAL U 6 10.84 -37.36 -89.35
N CYS U 7 10.39 -36.54 -88.39
CA CYS U 7 9.86 -37.02 -87.10
C CYS U 7 8.56 -36.35 -86.70
N ASN U 8 7.56 -37.14 -86.30
CA ASN U 8 6.34 -36.57 -85.75
C ASN U 8 6.65 -35.75 -84.49
N GLY U 9 5.77 -34.81 -84.15
CA GLY U 9 5.91 -34.03 -82.92
C GLY U 9 5.10 -34.62 -81.77
N ILE U 10 5.15 -33.94 -80.61
CA ILE U 10 4.43 -34.33 -79.41
C ILE U 10 2.95 -34.09 -79.63
N GLY U 11 2.13 -35.07 -79.25
CA GLY U 11 0.71 -35.02 -79.50
C GLY U 11 0.26 -36.04 -80.54
N ILE U 12 0.90 -36.04 -81.71
CA ILE U 12 0.48 -36.88 -82.84
C ILE U 12 1.26 -38.20 -82.99
N GLY U 13 0.69 -39.12 -83.78
CA GLY U 13 1.31 -40.42 -84.04
C GLY U 13 1.94 -41.14 -82.85
N GLU U 14 3.21 -41.49 -83.02
CA GLU U 14 4.06 -42.13 -82.00
C GLU U 14 4.01 -41.45 -80.63
N PHE U 15 3.89 -40.13 -80.61
CA PHE U 15 3.85 -39.36 -79.37
C PHE U 15 2.45 -38.82 -79.07
N LYS U 16 1.45 -39.59 -79.49
CA LYS U 16 0.08 -39.43 -79.04
C LYS U 16 0.08 -39.62 -77.52
N ASP U 17 -0.66 -38.76 -76.81
CA ASP U 17 -0.83 -38.90 -75.36
C ASP U 17 0.33 -38.41 -74.49
N SER U 18 1.47 -38.05 -75.10
CA SER U 18 2.61 -37.46 -74.38
C SER U 18 2.41 -35.97 -74.15
N LEU U 19 2.71 -35.50 -72.94
CA LEU U 19 2.57 -34.08 -72.62
C LEU U 19 3.79 -33.24 -73.00
N SER U 20 4.98 -33.85 -72.95
CA SER U 20 6.22 -33.16 -73.27
C SER U 20 7.29 -34.11 -73.83
N ILE U 21 8.31 -33.53 -74.47
CA ILE U 21 9.60 -34.18 -74.59
C ILE U 21 10.06 -34.70 -73.22
N ASN U 22 10.43 -35.97 -73.12
CA ASN U 22 10.82 -36.54 -71.84
C ASN U 22 11.83 -37.68 -71.99
N ALA U 23 12.44 -38.07 -70.88
CA ALA U 23 13.47 -39.12 -70.84
C ALA U 23 13.12 -40.41 -71.58
N THR U 24 11.84 -40.80 -71.57
CA THR U 24 11.40 -41.93 -72.35
C THR U 24 11.43 -41.62 -73.86
N ASN U 25 10.75 -40.55 -74.29
CA ASN U 25 10.55 -40.28 -75.73
C ASN U 25 11.71 -39.68 -76.53
N ILE U 26 12.58 -38.93 -75.86
CA ILE U 26 13.60 -38.15 -76.55
C ILE U 26 14.57 -38.97 -77.41
N LYS U 27 14.80 -40.25 -77.05
CA LYS U 27 15.66 -41.14 -77.84
C LYS U 27 15.27 -41.15 -79.31
N HIS U 28 13.96 -41.13 -79.56
CA HIS U 28 13.43 -41.25 -80.91
C HIS U 28 13.50 -39.94 -81.70
N PHE U 29 14.25 -38.95 -81.18
CA PHE U 29 14.54 -37.75 -81.94
C PHE U 29 15.99 -37.69 -82.43
N LYS U 30 16.74 -38.75 -82.14
CA LYS U 30 18.09 -38.83 -82.61
C LYS U 30 18.06 -38.79 -84.15
N ASN U 31 18.77 -37.81 -84.70
CA ASN U 31 18.94 -37.64 -86.15
C ASN U 31 17.85 -36.87 -86.94
N CYS U 32 16.73 -36.47 -86.30
CA CYS U 32 15.68 -35.72 -87.01
C CYS U 32 16.16 -34.36 -87.48
N THR U 33 15.96 -34.05 -88.75
CA THR U 33 16.21 -32.70 -89.25
C THR U 33 14.90 -31.91 -89.35
N SER U 34 13.78 -32.61 -89.18
CA SER U 34 12.47 -32.04 -89.47
C SER U 34 11.36 -32.62 -88.60
N ILE U 35 10.72 -31.75 -87.80
CA ILE U 35 9.62 -32.13 -86.92
C ILE U 35 8.28 -31.84 -87.58
N SER U 36 7.43 -32.87 -87.72
CA SER U 36 6.10 -32.68 -88.29
C SER U 36 5.07 -32.50 -87.19
N GLY U 37 4.81 -31.26 -86.81
CA GLY U 37 3.95 -30.98 -85.67
C GLY U 37 4.59 -30.00 -84.70
N ASP U 38 4.32 -30.19 -83.41
CA ASP U 38 4.65 -29.21 -82.37
C ASP U 38 5.65 -29.75 -81.32
N LEU U 39 6.52 -28.88 -80.81
CA LEU U 39 7.38 -29.24 -79.68
C LEU U 39 6.96 -28.58 -78.36
N HIS U 40 6.69 -29.44 -77.36
CA HIS U 40 6.38 -29.01 -76.00
C HIS U 40 7.55 -29.35 -75.06
N ILE U 41 8.17 -28.33 -74.47
CA ILE U 41 9.13 -28.57 -73.39
C ILE U 41 8.55 -27.93 -72.13
N LEU U 42 8.26 -28.77 -71.13
CA LEU U 42 7.51 -28.38 -69.93
C LEU U 42 8.22 -28.80 -68.62
N PRO U 43 7.86 -28.18 -67.46
CA PRO U 43 8.47 -28.60 -66.17
C PRO U 43 8.52 -30.12 -65.95
N VAL U 44 7.42 -30.81 -66.26
CA VAL U 44 7.32 -32.27 -66.09
C VAL U 44 8.47 -33.07 -66.75
N ALA U 45 9.05 -32.54 -67.82
CA ALA U 45 10.21 -33.18 -68.42
C ALA U 45 11.30 -33.34 -67.39
N PHE U 46 11.58 -32.30 -66.61
CA PHE U 46 12.75 -32.28 -65.72
C PHE U 46 12.53 -32.92 -64.36
N ARG U 47 11.29 -32.90 -63.89
CA ARG U 47 10.95 -33.49 -62.61
C ARG U 47 10.70 -34.98 -62.76
N GLY U 48 10.38 -35.41 -63.99
CA GLY U 48 9.87 -36.76 -64.25
C GLY U 48 8.44 -36.90 -63.78
N ASP U 49 7.85 -38.07 -64.00
CA ASP U 49 6.44 -38.33 -63.71
C ASP U 49 6.18 -39.76 -63.26
N SER U 50 5.65 -39.92 -62.05
CA SER U 50 5.40 -41.28 -61.54
C SER U 50 4.25 -41.96 -62.28
N PHE U 51 3.17 -41.22 -62.49
CA PHE U 51 1.94 -41.74 -63.12
C PHE U 51 2.18 -42.46 -64.44
N THR U 52 3.08 -41.92 -65.26
CA THR U 52 3.36 -42.53 -66.57
C THR U 52 4.69 -43.27 -66.62
N HIS U 53 5.27 -43.53 -65.45
CA HIS U 53 6.52 -44.28 -65.36
C HIS U 53 7.62 -43.66 -66.20
N THR U 54 7.80 -42.35 -66.03
CA THR U 54 8.79 -41.68 -66.86
C THR U 54 9.87 -41.00 -66.00
N PRO U 55 11.14 -41.35 -66.23
CA PRO U 55 12.30 -40.87 -65.45
C PRO U 55 12.53 -39.38 -65.67
N PRO U 56 13.16 -38.67 -64.68
CA PRO U 56 13.52 -37.25 -64.83
C PRO U 56 14.50 -37.09 -65.99
N LEU U 57 14.29 -36.07 -66.81
CA LEU U 57 15.14 -35.85 -67.97
C LEU U 57 16.48 -35.25 -67.59
N ASP U 58 17.53 -35.77 -68.21
CA ASP U 58 18.89 -35.28 -68.07
C ASP U 58 19.06 -34.08 -69.02
N PRO U 59 19.48 -32.93 -68.48
CA PRO U 59 19.76 -31.70 -69.23
C PRO U 59 20.66 -31.86 -70.48
N GLN U 60 21.67 -32.74 -70.41
CA GLN U 60 22.57 -32.98 -71.56
C GLN U 60 21.81 -33.48 -72.79
N GLU U 61 20.72 -34.21 -72.55
CA GLU U 61 20.02 -34.88 -73.62
C GLU U 61 19.18 -33.94 -74.53
N LEU U 62 19.12 -32.66 -74.15
CA LEU U 62 18.50 -31.63 -74.98
C LEU U 62 19.31 -31.32 -76.25
N ASP U 63 20.61 -31.56 -76.19
CA ASP U 63 21.49 -31.30 -77.33
C ASP U 63 21.26 -32.26 -78.51
N ILE U 64 20.45 -33.30 -78.26
CA ILE U 64 19.94 -34.14 -79.33
C ILE U 64 19.11 -33.34 -80.35
N LEU U 65 18.58 -32.19 -79.94
CA LEU U 65 17.77 -31.39 -80.84
C LEU U 65 18.57 -30.45 -81.74
N LYS U 66 19.89 -30.44 -81.54
CA LYS U 66 20.82 -29.61 -82.31
C LYS U 66 20.77 -30.01 -83.76
N THR U 67 20.21 -31.19 -84.01
CA THR U 67 20.17 -31.74 -85.35
C THR U 67 18.94 -31.25 -86.15
N VAL U 68 17.97 -30.66 -85.44
CA VAL U 68 16.68 -30.26 -86.00
C VAL U 68 16.76 -28.91 -86.72
N LYS U 69 16.27 -28.87 -87.96
CA LYS U 69 16.41 -27.69 -88.80
C LYS U 69 15.08 -27.05 -89.17
N GLU U 70 14.00 -27.83 -89.17
CA GLU U 70 12.65 -27.36 -89.49
C GLU U 70 11.59 -27.86 -88.48
N ILE U 71 10.75 -26.94 -88.01
CA ILE U 71 9.55 -27.25 -87.23
C ILE U 71 8.30 -26.77 -87.99
N THR U 72 7.43 -27.70 -88.36
CA THR U 72 6.26 -27.34 -89.18
C THR U 72 5.20 -26.58 -88.38
N GLY U 73 5.07 -26.92 -87.10
CA GLY U 73 4.02 -26.36 -86.24
C GLY U 73 4.52 -25.30 -85.29
N PHE U 74 4.28 -25.50 -83.98
CA PHE U 74 4.74 -24.52 -82.96
C PHE U 74 5.83 -24.99 -81.98
N LEU U 75 6.52 -24.04 -81.37
CA LEU U 75 7.55 -24.34 -80.38
C LEU U 75 7.29 -23.69 -78.99
N LEU U 76 7.02 -24.51 -77.98
CA LEU U 76 6.60 -24.00 -76.67
C LEU U 76 7.52 -24.47 -75.54
N ILE U 77 8.19 -23.52 -74.88
CA ILE U 77 9.20 -23.79 -73.84
C ILE U 77 8.87 -23.07 -72.51
N GLN U 78 8.37 -23.85 -71.54
CA GLN U 78 7.90 -23.28 -70.29
C GLN U 78 8.74 -23.75 -69.10
N ALA U 79 9.87 -24.39 -69.43
CA ALA U 79 10.89 -24.81 -68.46
C ALA U 79 12.16 -25.15 -69.21
N TRP U 80 13.30 -24.95 -68.55
CA TRP U 80 14.62 -24.96 -69.21
C TRP U 80 15.68 -24.95 -68.09
N PRO U 81 16.72 -25.82 -68.16
CA PRO U 81 17.71 -25.86 -67.07
C PRO U 81 18.21 -24.47 -66.71
N GLU U 82 18.37 -24.22 -65.42
CA GLU U 82 18.70 -22.89 -64.93
C GLU U 82 20.16 -22.46 -65.09
N ASN U 83 21.08 -23.42 -65.24
CA ASN U 83 22.49 -23.08 -65.44
C ASN U 83 22.93 -22.88 -66.90
N ARG U 84 21.96 -22.91 -67.82
CA ARG U 84 22.23 -22.61 -69.23
C ARG U 84 21.73 -21.21 -69.58
N THR U 85 22.62 -20.39 -70.14
CA THR U 85 22.36 -18.97 -70.43
C THR U 85 21.60 -18.69 -71.75
N ASP U 86 21.26 -19.78 -72.45
CA ASP U 86 21.10 -19.82 -73.91
C ASP U 86 20.00 -20.79 -74.34
N LEU U 87 19.57 -20.71 -75.59
CA LEU U 87 18.86 -21.84 -76.19
C LEU U 87 19.78 -22.56 -77.20
N HIS U 88 20.96 -22.95 -76.69
CA HIS U 88 22.05 -23.58 -77.47
C HIS U 88 21.52 -24.72 -78.33
N ALA U 89 20.64 -25.52 -77.73
CA ALA U 89 20.09 -26.72 -78.34
C ALA U 89 19.44 -26.47 -79.70
N PHE U 90 18.78 -25.32 -79.83
CA PHE U 90 18.16 -24.92 -81.09
C PHE U 90 19.01 -23.95 -81.93
N GLU U 91 20.33 -23.91 -81.70
CA GLU U 91 21.21 -23.01 -82.46
C GLU U 91 21.19 -23.29 -83.97
N ASN U 92 20.63 -24.43 -84.36
CA ASN U 92 20.51 -24.81 -85.77
C ASN U 92 19.08 -24.77 -86.31
N LEU U 93 18.16 -24.14 -85.56
CA LEU U 93 16.80 -23.96 -86.04
C LEU U 93 16.77 -22.88 -87.13
N GLU U 94 16.34 -23.24 -88.33
CA GLU U 94 16.32 -22.29 -89.46
C GLU U 94 14.96 -21.67 -89.70
N ILE U 95 13.90 -22.42 -89.41
CA ILE U 95 12.54 -22.05 -89.77
C ILE U 95 11.49 -22.69 -88.85
N ILE U 96 10.48 -21.89 -88.48
CA ILE U 96 9.27 -22.36 -87.80
C ILE U 96 8.11 -22.02 -88.73
N ARG U 97 7.41 -23.02 -89.23
CA ARG U 97 6.41 -22.79 -90.27
C ARG U 97 5.09 -22.29 -89.74
N GLY U 98 4.78 -22.63 -88.48
CA GLY U 98 3.54 -22.21 -87.84
C GLY U 98 2.25 -22.61 -88.55
N ARG U 99 2.21 -23.81 -89.12
CA ARG U 99 1.04 -24.33 -89.81
C ARG U 99 -0.02 -24.75 -88.79
N THR U 100 0.45 -25.20 -87.63
CA THR U 100 -0.44 -25.52 -86.53
C THR U 100 0.01 -24.70 -85.30
N LYS U 101 -0.92 -24.01 -84.65
CA LYS U 101 -0.59 -22.98 -83.64
C LYS U 101 -1.07 -23.21 -82.19
N GLN U 102 -0.26 -22.73 -81.25
CA GLN U 102 -0.54 -22.75 -79.81
C GLN U 102 -1.67 -21.75 -79.52
N HIS U 103 -2.69 -22.19 -78.78
CA HIS U 103 -3.94 -21.43 -78.59
C HIS U 103 -4.50 -20.84 -79.89
N GLY U 104 -4.39 -21.59 -80.98
CA GLY U 104 -4.83 -21.14 -82.29
C GLY U 104 -4.09 -19.91 -82.83
N GLN U 105 -3.07 -19.44 -82.09
CA GLN U 105 -2.46 -18.14 -82.42
C GLN U 105 -0.92 -18.11 -82.50
N PHE U 106 -0.22 -18.82 -81.62
CA PHE U 106 1.23 -18.58 -81.47
C PHE U 106 2.12 -19.69 -82.06
N SER U 107 3.11 -19.28 -82.86
CA SER U 107 4.06 -20.25 -83.41
C SER U 107 5.31 -20.50 -82.54
N LEU U 108 5.69 -19.53 -81.70
CA LEU U 108 6.87 -19.60 -80.83
C LEU U 108 6.62 -18.92 -79.48
N ALA U 109 6.95 -19.58 -78.38
CA ALA U 109 6.66 -19.02 -77.05
C ALA U 109 7.71 -19.40 -76.01
N VAL U 110 8.15 -18.40 -75.26
CA VAL U 110 9.24 -18.54 -74.30
C VAL U 110 8.87 -17.86 -72.98
N VAL U 111 8.68 -18.66 -71.94
CA VAL U 111 8.00 -18.21 -70.73
C VAL U 111 8.79 -18.51 -69.47
N SER U 112 9.30 -17.44 -68.84
CA SER U 112 9.98 -17.47 -67.53
C SER U 112 11.19 -18.41 -67.41
N LEU U 113 12.13 -18.29 -68.34
CA LEU U 113 13.36 -19.05 -68.26
C LEU U 113 14.46 -18.22 -67.58
N ASN U 114 15.56 -18.86 -67.17
CA ASN U 114 16.61 -18.13 -66.48
C ASN U 114 17.67 -17.51 -67.44
N ILE U 115 17.38 -17.56 -68.75
CA ILE U 115 18.33 -17.13 -69.79
C ILE U 115 18.67 -15.63 -69.84
N THR U 116 19.88 -15.33 -70.30
CA THR U 116 20.32 -13.97 -70.53
C THR U 116 20.26 -13.67 -72.03
N SER U 117 20.33 -14.72 -72.84
CA SER U 117 20.31 -14.57 -74.28
C SER U 117 19.31 -15.54 -74.92
N LEU U 118 18.84 -15.20 -76.10
CA LEU U 118 17.96 -16.11 -76.88
C LEU U 118 18.74 -17.19 -77.64
N GLY U 119 19.72 -16.77 -78.45
CA GLY U 119 20.65 -17.71 -79.09
C GLY U 119 20.18 -18.49 -80.31
N LEU U 120 19.00 -18.19 -80.84
CA LEU U 120 18.50 -18.87 -82.05
C LEU U 120 19.09 -18.21 -83.30
N ARG U 121 20.39 -18.38 -83.48
CA ARG U 121 21.15 -17.58 -84.47
C ARG U 121 21.11 -18.07 -85.93
N SER U 122 20.51 -19.24 -86.16
CA SER U 122 20.25 -19.72 -87.52
C SER U 122 18.82 -19.36 -87.97
N LEU U 123 18.04 -18.73 -87.08
CA LEU U 123 16.61 -18.51 -87.35
C LEU U 123 16.32 -17.40 -88.36
N LYS U 124 15.87 -17.83 -89.55
CA LYS U 124 15.63 -16.93 -90.67
C LYS U 124 14.16 -16.69 -91.05
N GLU U 125 13.25 -17.59 -90.64
CA GLU U 125 11.84 -17.44 -91.00
C GLU U 125 10.85 -17.92 -89.94
N ILE U 126 9.77 -17.16 -89.81
CA ILE U 126 8.57 -17.54 -89.05
C ILE U 126 7.36 -17.26 -89.96
N SER U 127 6.96 -18.28 -90.74
CA SER U 127 5.95 -18.13 -91.81
C SER U 127 4.58 -17.60 -91.39
N ASP U 128 4.12 -18.00 -90.21
CA ASP U 128 2.79 -17.63 -89.70
C ASP U 128 2.75 -17.85 -88.20
N GLY U 129 1.87 -17.13 -87.52
CA GLY U 129 1.78 -17.18 -86.06
C GLY U 129 2.56 -16.08 -85.36
N ASP U 130 2.03 -15.67 -84.20
CA ASP U 130 2.64 -14.61 -83.41
C ASP U 130 3.71 -15.15 -82.45
N VAL U 131 4.56 -14.25 -81.96
CA VAL U 131 5.64 -14.60 -81.07
C VAL U 131 5.40 -13.96 -79.70
N ILE U 132 5.37 -14.79 -78.64
CA ILE U 132 5.34 -14.25 -77.28
C ILE U 132 6.57 -14.65 -76.45
N ILE U 133 7.27 -13.61 -75.97
CA ILE U 133 8.44 -13.68 -75.07
C ILE U 133 8.13 -12.97 -73.74
N SER U 134 8.04 -13.75 -72.65
CA SER U 134 7.41 -13.29 -71.42
C SER U 134 8.12 -13.71 -70.13
N GLY U 135 8.25 -12.76 -69.21
CA GLY U 135 8.72 -13.03 -67.86
C GLY U 135 10.08 -13.69 -67.73
N ASN U 136 10.97 -13.41 -68.69
CA ASN U 136 12.36 -13.87 -68.67
C ASN U 136 13.19 -12.73 -68.09
N LYS U 137 13.36 -12.74 -66.77
CA LYS U 137 13.86 -11.59 -66.03
C LYS U 137 15.34 -11.23 -66.29
N ASN U 138 16.11 -12.19 -66.79
CA ASN U 138 17.53 -11.96 -67.09
C ASN U 138 17.82 -11.74 -68.56
N LEU U 139 16.79 -11.80 -69.40
CA LEU U 139 16.93 -11.80 -70.86
C LEU U 139 17.20 -10.43 -71.48
N CYS U 140 18.28 -10.35 -72.27
CA CYS U 140 18.63 -9.15 -73.06
C CYS U 140 18.57 -9.44 -74.56
N TYR U 141 18.99 -8.47 -75.37
CA TYR U 141 19.17 -8.65 -76.82
C TYR U 141 17.88 -8.83 -77.61
N ALA U 142 16.85 -9.40 -76.98
CA ALA U 142 15.59 -9.79 -77.65
C ALA U 142 14.92 -8.69 -78.46
N ASN U 143 15.20 -7.44 -78.09
CA ASN U 143 14.54 -6.28 -78.68
C ASN U 143 15.32 -5.67 -79.82
N THR U 144 16.57 -6.09 -79.98
CA THR U 144 17.45 -5.60 -81.05
C THR U 144 17.06 -6.16 -82.41
N ILE U 145 16.32 -7.28 -82.43
CA ILE U 145 15.95 -7.94 -83.68
C ILE U 145 14.78 -7.26 -84.36
N ASN U 146 14.79 -7.28 -85.70
CA ASN U 146 13.66 -6.81 -86.50
C ASN U 146 12.76 -7.98 -86.91
N TRP U 147 11.74 -8.24 -86.11
CA TRP U 147 10.93 -9.43 -86.27
C TRP U 147 10.17 -9.48 -87.59
N LYS U 148 9.84 -8.30 -88.13
CA LYS U 148 9.11 -8.20 -89.37
C LYS U 148 9.82 -8.88 -90.55
N LYS U 149 11.15 -8.74 -90.61
CA LYS U 149 11.90 -9.34 -91.71
C LYS U 149 11.75 -10.85 -91.71
N LEU U 150 11.59 -11.42 -90.52
CA LEU U 150 11.42 -12.86 -90.35
C LEU U 150 10.02 -13.37 -90.72
N PHE U 151 9.05 -12.46 -90.87
CA PHE U 151 7.63 -12.82 -91.01
C PHE U 151 7.15 -13.10 -92.43
N GLY U 152 6.17 -13.99 -92.58
CA GLY U 152 5.66 -14.41 -93.90
C GLY U 152 4.15 -14.42 -94.12
N THR U 153 3.41 -13.78 -93.22
CA THR U 153 1.95 -13.60 -93.34
C THR U 153 1.63 -12.22 -92.77
N SER U 154 0.64 -11.56 -93.36
CA SER U 154 0.34 -10.14 -93.13
C SER U 154 0.33 -9.61 -91.68
N GLY U 155 -0.45 -10.25 -90.79
CA GLY U 155 -0.71 -9.68 -89.47
C GLY U 155 0.09 -10.28 -88.33
N GLN U 156 1.28 -10.81 -88.62
CA GLN U 156 2.14 -11.36 -87.56
C GLN U 156 2.62 -10.29 -86.56
N LYS U 157 2.65 -10.65 -85.28
CA LYS U 157 3.02 -9.71 -84.23
C LYS U 157 3.92 -10.35 -83.15
N THR U 158 4.82 -9.54 -82.56
CA THR U 158 5.70 -10.01 -81.49
C THR U 158 5.40 -9.28 -80.19
N LYS U 159 5.09 -10.04 -79.15
CA LYS U 159 4.83 -9.50 -77.83
C LYS U 159 6.05 -9.76 -76.91
N ILE U 160 6.68 -8.69 -76.44
CA ILE U 160 7.84 -8.80 -75.54
C ILE U 160 7.55 -8.12 -74.19
N ILE U 161 7.28 -8.92 -73.16
CA ILE U 161 6.75 -8.40 -71.88
C ILE U 161 7.44 -8.91 -70.62
N SER U 162 7.53 -8.03 -69.62
CA SER U 162 8.13 -8.35 -68.31
C SER U 162 9.52 -9.00 -68.38
N ASN U 163 10.27 -8.69 -69.44
CA ASN U 163 11.65 -9.13 -69.53
C ASN U 163 12.53 -8.07 -68.87
N ARG U 164 13.85 -8.28 -68.89
CA ARG U 164 14.79 -7.37 -68.25
C ARG U 164 14.71 -6.03 -68.94
N GLY U 165 15.13 -4.97 -68.26
CA GLY U 165 15.09 -3.60 -68.80
C GLY U 165 16.31 -3.27 -69.63
N GLU U 166 16.08 -2.46 -70.67
CA GLU U 166 17.16 -1.98 -71.56
C GLU U 166 18.25 -1.15 -70.85
N ASN U 167 17.86 -0.33 -69.87
CA ASN U 167 18.83 0.42 -69.06
C ASN U 167 19.77 -0.56 -68.36
N SER U 168 19.20 -1.52 -67.64
CA SER U 168 19.96 -2.62 -67.04
C SER U 168 20.98 -3.24 -68.02
N CYS U 169 20.52 -3.81 -69.13
CA CYS U 169 21.42 -4.41 -70.13
C CYS U 169 22.53 -3.47 -70.54
N LYS U 170 22.18 -2.25 -70.97
CA LYS U 170 23.17 -1.24 -71.38
C LYS U 170 24.25 -1.03 -70.31
N ALA U 171 23.85 -0.66 -69.10
CA ALA U 171 24.78 -0.45 -67.98
C ALA U 171 25.84 -1.57 -67.80
N THR U 172 25.43 -2.83 -67.92
CA THR U 172 26.33 -3.97 -67.76
C THR U 172 27.05 -4.36 -69.06
N GLY U 173 26.92 -3.50 -70.08
CA GLY U 173 27.60 -3.71 -71.36
C GLY U 173 27.14 -4.88 -72.21
N GLN U 174 25.90 -5.32 -72.02
CA GLN U 174 25.38 -6.46 -72.77
C GLN U 174 24.54 -6.03 -73.97
N VAL U 175 25.18 -5.36 -74.93
CA VAL U 175 24.54 -4.97 -76.18
C VAL U 175 25.15 -5.84 -77.27
N CYS U 176 24.84 -5.60 -78.54
CA CYS U 176 25.50 -6.39 -79.58
C CYS U 176 26.95 -5.91 -79.73
N HIS U 177 27.80 -6.79 -80.23
CA HIS U 177 29.19 -6.48 -80.56
C HIS U 177 29.32 -5.20 -81.40
N ALA U 178 30.51 -4.61 -81.42
CA ALA U 178 30.79 -3.44 -82.27
C ALA U 178 30.82 -3.76 -83.78
N LEU U 179 31.27 -4.98 -84.14
CA LEU U 179 31.39 -5.39 -85.56
C LEU U 179 30.09 -5.99 -86.13
N CYS U 180 28.99 -5.29 -85.89
CA CYS U 180 27.63 -5.81 -86.05
C CYS U 180 26.72 -4.85 -86.82
N SER U 181 25.82 -5.38 -87.64
CA SER U 181 24.83 -4.58 -88.37
C SER U 181 23.83 -3.95 -87.43
N PRO U 182 23.31 -2.77 -87.79
CA PRO U 182 22.10 -2.26 -87.14
C PRO U 182 20.91 -3.25 -87.22
N GLU U 183 21.13 -4.39 -87.88
CA GLU U 183 20.10 -5.42 -88.05
C GLU U 183 20.03 -6.45 -86.89
N GLY U 184 20.45 -6.05 -85.69
CA GLY U 184 20.25 -6.84 -84.47
C GLY U 184 21.08 -8.10 -84.27
N CYS U 185 20.91 -8.71 -83.09
CA CYS U 185 21.67 -9.90 -82.69
C CYS U 185 20.91 -10.83 -81.72
N TRP U 186 21.32 -12.10 -81.72
CA TRP U 186 20.80 -13.13 -80.81
C TRP U 186 21.63 -13.33 -79.52
N GLY U 187 22.81 -12.70 -79.46
CA GLY U 187 23.72 -12.80 -78.32
C GLY U 187 24.79 -11.71 -78.38
N PRO U 188 25.81 -11.79 -77.51
CA PRO U 188 26.80 -10.71 -77.48
C PRO U 188 27.99 -10.87 -78.44
N GLU U 189 28.09 -12.02 -79.11
CA GLU U 189 29.25 -12.34 -79.97
C GLU U 189 29.08 -11.90 -81.43
N PRO U 190 30.19 -11.69 -82.16
CA PRO U 190 30.15 -11.49 -83.62
C PRO U 190 29.49 -12.66 -84.39
N ARG U 191 29.68 -13.88 -83.87
CA ARG U 191 29.01 -15.08 -84.37
C ARG U 191 27.48 -14.95 -84.17
N ASP U 192 27.09 -14.17 -83.16
CA ASP U 192 25.69 -13.97 -82.81
C ASP U 192 24.99 -12.91 -83.65
N CYS U 193 25.75 -12.06 -84.34
CA CYS U 193 25.16 -10.99 -85.16
C CYS U 193 24.24 -11.56 -86.22
N VAL U 194 23.23 -10.80 -86.65
CA VAL U 194 22.46 -11.21 -87.81
C VAL U 194 23.29 -11.03 -89.08
N SER U 195 23.89 -9.84 -89.25
CA SER U 195 24.75 -9.56 -90.42
C SER U 195 25.90 -8.60 -90.10
N CYS U 196 26.91 -8.57 -90.96
CA CYS U 196 28.05 -7.65 -90.79
C CYS U 196 27.70 -6.20 -91.09
N GLU V 1 39.53 32.68 -13.17
CA GLU V 1 39.54 31.44 -12.36
C GLU V 1 40.94 30.82 -12.27
N ILE V 2 41.57 31.02 -11.12
CA ILE V 2 42.75 30.25 -10.71
C ILE V 2 42.25 28.89 -10.21
N VAL V 3 42.78 27.84 -10.83
CA VAL V 3 42.41 26.44 -10.57
C VAL V 3 43.33 25.84 -9.51
N MET V 4 42.70 25.16 -8.54
CA MET V 4 43.37 24.58 -7.40
C MET V 4 43.27 23.05 -7.48
N THR V 5 44.41 22.38 -7.57
CA THR V 5 44.45 20.94 -7.80
C THR V 5 44.95 20.16 -6.58
N GLN V 6 44.14 19.26 -6.05
CA GLN V 6 44.51 18.47 -4.85
C GLN V 6 44.86 17.01 -5.14
N SER V 7 46.09 16.60 -4.81
CA SER V 7 46.54 15.22 -5.00
C SER V 7 47.18 14.58 -3.77
N PRO V 8 46.93 13.25 -3.58
CA PRO V 8 45.99 12.43 -4.33
C PRO V 8 44.57 12.68 -3.82
N ALA V 9 43.57 12.20 -4.57
CA ALA V 9 42.19 12.49 -4.24
C ALA V 9 41.68 11.71 -3.04
N THR V 10 42.30 10.57 -2.75
CA THR V 10 41.90 9.78 -1.59
C THR V 10 43.15 9.28 -0.88
N LEU V 11 43.11 9.21 0.45
CA LEU V 11 44.21 8.61 1.22
C LEU V 11 43.73 7.57 2.23
N SER V 12 44.34 6.39 2.18
CA SER V 12 44.01 5.32 3.13
C SER V 12 45.07 5.29 4.21
N LEU V 13 44.66 5.50 5.46
CA LEU V 13 45.59 5.56 6.59
C LEU V 13 45.01 4.93 7.86
N SER V 14 45.87 4.76 8.87
CA SER V 14 45.43 4.35 10.21
C SER V 14 45.90 5.35 11.26
N PRO V 15 45.21 5.42 12.42
CA PRO V 15 45.59 6.31 13.54
C PRO V 15 47.05 6.20 13.95
N GLY V 16 47.62 7.31 14.40
CA GLY V 16 49.02 7.33 14.82
C GLY V 16 49.96 7.58 13.67
N GLU V 17 49.43 7.52 12.44
CA GLU V 17 50.20 7.68 11.21
C GLU V 17 50.26 9.16 10.74
N ARG V 18 51.32 9.48 10.01
CA ARG V 18 51.58 10.82 9.44
C ARG V 18 50.90 11.05 8.07
N ALA V 19 50.19 12.16 7.92
CA ALA V 19 49.50 12.46 6.66
C ALA V 19 50.02 13.72 5.96
N THR V 20 50.27 13.59 4.65
CA THR V 20 50.77 14.70 3.85
C THR V 20 49.84 14.92 2.65
N LEU V 21 49.01 15.97 2.71
CA LEU V 21 48.14 16.36 1.59
C LEU V 21 48.77 17.47 0.78
N SER V 22 48.58 17.42 -0.53
CA SER V 22 49.14 18.43 -1.44
C SER V 22 48.06 19.33 -2.09
N CYS V 23 48.41 20.58 -2.39
CA CYS V 23 47.56 21.55 -3.10
C CYS V 23 48.42 22.39 -4.07
N ARG V 24 48.14 22.30 -5.38
CA ARG V 24 48.80 23.17 -6.38
C ARG V 24 47.84 24.25 -6.92
N ALA V 25 48.36 25.40 -7.31
CA ALA V 25 47.53 26.45 -7.91
C ALA V 25 48.00 26.75 -9.31
N SER V 26 47.06 26.94 -10.25
CA SER V 26 47.42 27.20 -11.66
C SER V 26 48.12 28.54 -11.90
N GLN V 27 47.92 29.48 -10.97
CA GLN V 27 48.57 30.81 -10.98
C GLN V 27 48.97 31.14 -9.55
N SER V 28 49.96 32.04 -9.40
CA SER V 28 50.48 32.45 -8.10
C SER V 28 49.39 33.02 -7.20
N VAL V 29 49.51 32.73 -5.91
CA VAL V 29 48.49 33.09 -4.95
C VAL V 29 49.11 33.71 -3.68
N SER V 30 50.45 33.86 -3.69
CA SER V 30 51.22 34.37 -2.52
C SER V 30 51.02 33.48 -1.32
N SER V 31 50.52 34.07 -0.23
CA SER V 31 50.24 33.33 0.98
C SER V 31 48.76 33.29 1.30
N TYR V 32 47.93 33.84 0.42
CA TYR V 32 46.49 33.90 0.69
C TYR V 32 45.82 32.57 0.36
N LEU V 33 46.08 31.58 1.22
CA LEU V 33 45.57 30.23 1.05
C LEU V 33 45.08 29.67 2.38
N ALA V 34 43.91 29.03 2.37
CA ALA V 34 43.37 28.44 3.58
C ALA V 34 43.03 26.97 3.40
N TRP V 35 43.09 26.22 4.51
CA TRP V 35 42.66 24.83 4.55
C TRP V 35 41.42 24.63 5.44
N TYR V 36 40.49 23.82 4.96
CA TYR V 36 39.25 23.52 5.66
C TYR V 36 39.02 22.00 5.81
N GLN V 37 38.23 21.62 6.82
CA GLN V 37 37.92 20.22 7.12
C GLN V 37 36.42 20.03 6.97
N GLN V 38 35.98 18.92 6.37
CA GLN V 38 34.55 18.65 6.26
C GLN V 38 34.10 17.22 6.61
N LYS V 39 33.24 17.15 7.63
CA LYS V 39 32.60 15.91 8.06
C LYS V 39 31.17 15.91 7.53
N PRO V 40 30.58 14.71 7.33
CA PRO V 40 29.30 14.67 6.59
C PRO V 40 28.13 15.36 7.29
N GLY V 41 27.32 16.08 6.50
CA GLY V 41 26.19 16.86 7.00
C GLY V 41 26.54 18.10 7.81
N GLN V 42 27.78 18.59 7.67
CA GLN V 42 28.26 19.75 8.42
C GLN V 42 28.96 20.75 7.53
N ALA V 43 28.98 22.01 7.95
CA ALA V 43 29.76 23.03 7.26
C ALA V 43 31.26 22.78 7.46
N PRO V 44 32.07 23.09 6.44
CA PRO V 44 33.52 22.99 6.64
C PRO V 44 34.00 23.93 7.75
N ARG V 45 34.94 23.46 8.59
CA ARG V 45 35.55 24.29 9.65
C ARG V 45 36.96 24.73 9.25
N LEU V 46 37.29 25.98 9.56
CA LEU V 46 38.60 26.54 9.23
C LEU V 46 39.74 25.90 10.04
N LEU V 47 40.82 25.52 9.38
CA LEU V 47 41.99 24.95 10.05
C LEU V 47 43.22 25.85 10.05
N ILE V 48 43.62 26.31 8.88
CA ILE V 48 44.85 27.08 8.70
C ILE V 48 44.62 28.24 7.71
N TYR V 49 45.09 29.43 8.07
CA TYR V 49 44.98 30.61 7.19
C TYR V 49 46.35 31.28 6.90
N ASP V 50 46.42 32.09 5.84
CA ASP V 50 47.69 32.69 5.39
C ASP V 50 48.83 31.67 5.24
N ALA V 51 48.49 30.50 4.72
CA ALA V 51 49.42 29.39 4.41
C ALA V 51 49.89 28.58 5.62
N SER V 52 50.25 29.24 6.72
CA SER V 52 50.86 28.55 7.86
C SER V 52 50.36 28.99 9.25
N ASN V 53 49.31 29.80 9.30
CA ASN V 53 48.70 30.23 10.55
C ASN V 53 47.60 29.29 11.00
N ARG V 54 47.87 28.57 12.08
CA ARG V 54 46.91 27.72 12.74
C ARG V 54 45.80 28.59 13.35
N ALA V 55 44.55 28.37 12.93
CA ALA V 55 43.41 29.13 13.48
C ALA V 55 43.29 28.87 14.97
N THR V 56 42.84 29.87 15.71
CA THR V 56 42.76 29.75 17.17
C THR V 56 41.85 28.58 17.58
N GLY V 57 42.33 27.74 18.51
CA GLY V 57 41.58 26.56 18.96
C GLY V 57 42.03 25.21 18.40
N ILE V 58 42.59 25.22 17.18
CA ILE V 58 42.95 23.99 16.45
C ILE V 58 44.19 23.24 17.00
N PRO V 59 44.08 21.91 17.17
CA PRO V 59 45.19 21.14 17.75
C PRO V 59 46.51 21.33 17.00
N ALA V 60 47.62 21.20 17.73
CA ALA V 60 48.98 21.43 17.21
C ALA V 60 49.49 20.45 16.12
N ARG V 61 48.96 19.22 16.09
CA ARG V 61 49.30 18.22 15.07
C ARG V 61 49.02 18.66 13.60
N PHE V 62 48.16 19.67 13.43
CA PHE V 62 47.88 20.26 12.12
C PHE V 62 48.86 21.39 11.84
N SER V 63 49.57 21.31 10.73
CA SER V 63 50.43 22.40 10.30
C SER V 63 50.42 22.54 8.79
N GLY V 64 50.70 23.76 8.31
CA GLY V 64 50.70 24.08 6.89
C GLY V 64 51.98 24.75 6.46
N SER V 65 52.31 24.69 5.18
CA SER V 65 53.48 25.38 4.62
C SER V 65 53.37 25.62 3.11
N GLY V 66 54.37 26.32 2.54
CA GLY V 66 54.36 26.71 1.12
C GLY V 66 54.08 28.19 0.88
N SER V 67 54.05 28.61 -0.39
CA SER V 67 53.85 30.02 -0.80
C SER V 67 54.18 30.25 -2.28
N GLY V 68 53.17 30.68 -3.04
CA GLY V 68 53.26 30.79 -4.49
C GLY V 68 52.24 29.88 -5.16
N THR V 69 52.67 28.72 -5.64
CA THR V 69 51.76 27.77 -6.26
C THR V 69 51.71 26.43 -5.49
N ASP V 70 52.64 26.24 -4.55
CA ASP V 70 52.86 24.94 -3.91
C ASP V 70 52.50 24.94 -2.43
N PHE V 71 51.59 24.03 -2.03
CA PHE V 71 51.13 24.03 -0.62
C PHE V 71 50.97 22.63 -0.04
N THR V 72 51.11 22.51 1.27
CA THR V 72 51.10 21.20 1.91
C THR V 72 50.46 21.32 3.28
N LEU V 73 49.59 20.38 3.63
CA LEU V 73 49.00 20.30 4.97
C LEU V 73 49.47 19.01 5.63
N THR V 74 50.26 19.12 6.70
CA THR V 74 50.74 17.92 7.37
C THR V 74 49.92 17.65 8.63
N ILE V 75 49.56 16.38 8.84
CA ILE V 75 49.01 15.94 10.10
C ILE V 75 50.02 14.96 10.66
N SER V 76 50.77 15.40 11.66
CA SER V 76 51.84 14.60 12.24
C SER V 76 51.39 13.21 12.66
N SER V 77 50.20 13.12 13.26
CA SER V 77 49.71 11.86 13.81
C SER V 77 48.19 11.87 13.78
N LEU V 78 47.60 10.91 13.09
CA LEU V 78 46.15 10.87 12.93
C LEU V 78 45.43 10.44 14.21
N GLU V 79 44.42 11.21 14.58
CA GLU V 79 43.49 10.87 15.65
C GLU V 79 42.18 10.36 15.04
N PRO V 80 41.46 9.46 15.76
CA PRO V 80 40.21 8.93 15.18
C PRO V 80 39.17 9.96 14.75
N GLU V 81 39.31 11.23 15.15
CA GLU V 81 38.37 12.29 14.69
C GLU V 81 38.82 12.98 13.40
N ASP V 82 39.99 12.60 12.89
CA ASP V 82 40.59 13.30 11.75
C ASP V 82 40.14 12.81 10.36
N PHE V 83 39.45 11.67 10.31
CA PHE V 83 38.97 11.10 9.04
C PHE V 83 37.81 11.91 8.48
N ALA V 84 38.05 12.51 7.31
CA ALA V 84 37.21 13.56 6.79
C ALA V 84 37.75 14.04 5.43
N VAL V 85 37.04 14.96 4.81
CA VAL V 85 37.51 15.57 3.58
C VAL V 85 38.25 16.86 3.94
N TYR V 86 39.35 17.14 3.24
CA TYR V 86 40.06 18.41 3.43
C TYR V 86 40.10 19.18 2.12
N TYR V 87 39.81 20.49 2.17
CA TYR V 87 39.80 21.33 0.96
C TYR V 87 40.79 22.48 1.11
N CYS V 88 41.52 22.81 0.04
CA CYS V 88 42.23 24.11 0.00
C CYS V 88 41.36 25.22 -0.62
N HIS V 89 41.80 26.48 -0.47
CA HIS V 89 41.01 27.65 -0.90
C HIS V 89 41.89 28.86 -1.11
N GLN V 90 41.89 29.42 -2.31
CA GLN V 90 42.62 30.68 -2.55
C GLN V 90 41.71 31.90 -2.45
N TYR V 91 42.29 32.99 -1.95
CA TYR V 91 41.54 34.24 -1.79
C TYR V 91 42.39 35.44 -2.14
N GLY V 92 43.40 35.24 -2.99
CA GLY V 92 44.24 36.32 -3.48
C GLY V 92 43.76 37.00 -4.75
N SER V 93 42.84 36.37 -5.47
CA SER V 93 42.22 36.97 -6.65
C SER V 93 40.73 36.59 -6.80
N THR V 94 39.90 37.54 -7.24
CA THR V 94 38.51 37.23 -7.54
C THR V 94 38.46 36.59 -8.94
N PRO V 95 37.60 35.60 -9.15
CA PRO V 95 36.71 34.90 -8.23
C PRO V 95 37.46 33.92 -7.31
N LEU V 96 36.98 33.80 -6.08
CA LEU V 96 37.56 32.88 -5.12
C LEU V 96 37.30 31.43 -5.58
N THR V 97 38.26 30.54 -5.31
CA THR V 97 38.15 29.14 -5.72
C THR V 97 38.52 28.14 -4.62
N PHE V 98 38.05 26.92 -4.79
CA PHE V 98 38.36 25.82 -3.89
C PHE V 98 38.92 24.64 -4.69
N GLY V 99 39.71 23.79 -4.03
CA GLY V 99 40.18 22.53 -4.62
C GLY V 99 39.12 21.43 -4.60
N GLY V 100 39.43 20.31 -5.26
CA GLY V 100 38.50 19.17 -5.37
C GLY V 100 38.34 18.40 -4.06
N GLY V 101 39.34 18.50 -3.19
CA GLY V 101 39.34 17.86 -1.89
C GLY V 101 40.14 16.57 -1.92
N THR V 102 40.73 16.23 -0.78
CA THR V 102 41.28 14.91 -0.55
C THR V 102 40.47 14.31 0.61
N LYS V 103 40.07 13.05 0.47
CA LYS V 103 39.33 12.36 1.52
C LYS V 103 40.25 11.46 2.33
N ALA V 104 40.24 11.66 3.65
CA ALA V 104 41.04 10.81 4.56
C ALA V 104 40.19 9.62 4.97
N GLU V 105 40.69 8.45 4.63
CA GLU V 105 39.93 7.20 4.78
C GLU V 105 40.65 6.20 5.70
N ILE V 106 39.85 5.47 6.48
CA ILE V 106 40.33 4.48 7.45
C ILE V 106 40.74 3.20 6.73
N LYS V 107 42.00 2.83 6.88
CA LYS V 107 42.50 1.55 6.38
C LYS V 107 42.21 0.49 7.42
N ARG V 108 41.66 -0.64 6.96
CA ARG V 108 41.38 -1.80 7.81
C ARG V 108 41.77 -3.07 7.05
N THR V 109 41.34 -4.23 7.52
CA THR V 109 41.70 -5.49 6.90
C THR V 109 40.91 -5.72 5.61
N VAL V 110 41.62 -6.15 4.57
CA VAL V 110 41.01 -6.52 3.28
C VAL V 110 39.93 -7.59 3.47
N ALA V 111 38.72 -7.32 2.97
CA ALA V 111 37.61 -8.26 3.13
C ALA V 111 36.79 -8.42 1.85
N ALA V 112 36.73 -9.66 1.35
CA ALA V 112 35.93 -9.98 0.18
C ALA V 112 34.44 -9.89 0.53
N PRO V 113 33.60 -9.39 -0.42
CA PRO V 113 32.18 -9.24 -0.12
C PRO V 113 31.41 -10.55 -0.28
N SER V 114 30.40 -10.75 0.57
CA SER V 114 29.35 -11.72 0.30
C SER V 114 28.44 -11.15 -0.78
N VAL V 115 28.03 -11.99 -1.73
CA VAL V 115 27.24 -11.54 -2.87
C VAL V 115 25.87 -12.21 -2.79
N PHE V 116 24.80 -11.41 -2.98
CA PHE V 116 23.42 -11.92 -3.00
C PHE V 116 22.66 -11.33 -4.19
N ILE V 117 21.86 -12.16 -4.86
CA ILE V 117 21.02 -11.74 -6.00
C ILE V 117 19.53 -11.99 -5.71
N PHE V 118 18.68 -11.08 -6.19
CA PHE V 118 17.24 -11.10 -5.90
C PHE V 118 16.41 -10.98 -7.18
N PRO V 119 15.49 -11.93 -7.41
CA PRO V 119 14.58 -11.83 -8.55
C PRO V 119 13.58 -10.70 -8.30
N PRO V 120 12.95 -10.17 -9.37
CA PRO V 120 11.80 -9.29 -9.15
C PRO V 120 10.61 -10.04 -8.54
N SER V 121 9.83 -9.36 -7.71
CA SER V 121 8.69 -9.99 -7.05
C SER V 121 7.59 -10.25 -8.08
N ASP V 122 6.61 -11.09 -7.74
CA ASP V 122 5.41 -11.21 -8.57
C ASP V 122 4.55 -9.93 -8.53
N GLU V 123 4.51 -9.29 -7.36
CA GLU V 123 3.78 -8.03 -7.20
C GLU V 123 4.22 -7.07 -8.30
N GLN V 124 5.54 -6.84 -8.39
CA GLN V 124 6.09 -5.85 -9.32
C GLN V 124 5.81 -6.19 -10.78
N LEU V 125 5.98 -7.47 -11.14
CA LEU V 125 5.81 -7.92 -12.52
C LEU V 125 4.41 -7.60 -13.06
N LYS V 126 3.42 -7.59 -12.18
CA LYS V 126 2.05 -7.17 -12.52
C LYS V 126 2.00 -5.72 -13.04
N SER V 127 2.78 -4.81 -12.44
CA SER V 127 2.85 -3.40 -12.86
C SER V 127 3.58 -3.12 -14.21
N GLY V 128 4.36 -4.08 -14.71
CA GLY V 128 5.04 -3.91 -16.02
C GLY V 128 6.56 -3.72 -16.05
N THR V 129 7.17 -3.55 -14.87
CA THR V 129 8.62 -3.47 -14.77
C THR V 129 9.26 -4.65 -14.04
N ALA V 130 10.51 -4.94 -14.37
CA ALA V 130 11.30 -5.94 -13.66
C ALA V 130 12.61 -5.33 -13.15
N SER V 131 12.76 -5.25 -11.83
CA SER V 131 14.04 -4.88 -11.22
C SER V 131 14.72 -6.15 -10.68
N VAL V 132 16.01 -6.27 -10.98
CA VAL V 132 16.81 -7.35 -10.45
C VAL V 132 17.92 -6.68 -9.66
N VAL V 133 18.08 -7.11 -8.41
CA VAL V 133 19.01 -6.47 -7.48
C VAL V 133 20.19 -7.39 -7.07
N CYS V 134 21.41 -6.85 -7.22
CA CYS V 134 22.64 -7.53 -6.82
C CYS V 134 23.33 -6.75 -5.68
N LEU V 135 23.46 -7.41 -4.51
CA LEU V 135 24.12 -6.85 -3.32
C LEU V 135 25.56 -7.34 -3.07
N LEU V 136 26.47 -6.39 -2.84
CA LEU V 136 27.84 -6.68 -2.39
C LEU V 136 27.97 -6.20 -0.94
N ASN V 137 28.05 -7.15 -0.03
CA ASN V 137 27.96 -6.83 1.39
C ASN V 137 29.29 -6.84 2.18
N ASN V 138 29.56 -5.74 2.90
CA ASN V 138 30.69 -5.65 3.84
C ASN V 138 32.05 -6.01 3.24
N PHE V 139 32.60 -5.14 2.40
CA PHE V 139 33.89 -5.40 1.79
C PHE V 139 34.89 -4.25 2.01
N TYR V 140 36.17 -4.55 1.83
CA TYR V 140 37.22 -3.52 1.83
C TYR V 140 38.41 -3.96 0.97
N PRO V 141 39.07 -3.01 0.26
CA PRO V 141 38.76 -1.59 0.03
C PRO V 141 37.59 -1.33 -0.95
N ARG V 142 37.47 -0.08 -1.42
CA ARG V 142 36.30 0.36 -2.18
C ARG V 142 36.15 -0.25 -3.58
N GLU V 143 37.24 -0.33 -4.33
CA GLU V 143 37.24 -0.78 -5.74
C GLU V 143 36.55 -2.13 -5.94
N ALA V 144 35.63 -2.14 -6.92
CA ALA V 144 34.80 -3.31 -7.27
C ALA V 144 34.21 -3.14 -8.68
N LYS V 145 34.20 -4.24 -9.44
CA LYS V 145 33.61 -4.29 -10.79
C LYS V 145 32.39 -5.21 -10.77
N VAL V 146 31.24 -4.71 -11.20
CA VAL V 146 30.02 -5.53 -11.35
C VAL V 146 29.60 -5.62 -12.79
N GLN V 147 29.37 -6.84 -13.26
CA GLN V 147 28.78 -7.04 -14.60
C GLN V 147 27.52 -7.92 -14.63
N TRP V 148 26.51 -7.45 -15.37
CA TRP V 148 25.26 -8.20 -15.65
C TRP V 148 25.32 -9.07 -16.90
N LYS V 149 24.92 -10.33 -16.77
CA LYS V 149 24.75 -11.20 -17.95
C LYS V 149 23.38 -11.82 -17.93
N VAL V 150 22.71 -11.76 -19.09
CA VAL V 150 21.38 -12.31 -19.33
C VAL V 150 21.54 -13.28 -20.50
N ASP V 151 21.10 -14.52 -20.33
CA ASP V 151 21.44 -15.62 -21.27
C ASP V 151 22.82 -15.41 -21.94
N ASN V 152 23.82 -15.06 -21.13
CA ASN V 152 25.20 -14.84 -21.59
C ASN V 152 25.50 -13.45 -22.22
N ALA V 153 24.47 -12.74 -22.70
CA ALA V 153 24.70 -11.41 -23.24
C ALA V 153 25.06 -10.36 -22.15
N LEU V 154 26.21 -9.72 -22.31
CA LEU V 154 26.63 -8.69 -21.35
C LEU V 154 25.81 -7.43 -21.52
N GLN V 155 25.16 -7.00 -20.43
CA GLN V 155 24.26 -5.84 -20.43
C GLN V 155 24.98 -4.49 -20.47
N SER V 156 24.29 -3.45 -20.90
CA SER V 156 24.90 -2.12 -21.01
C SER V 156 23.89 -0.98 -21.06
N GLY V 157 24.01 -0.04 -20.11
CA GLY V 157 23.17 1.16 -20.07
C GLY V 157 21.80 0.98 -19.41
N ASN V 158 21.59 -0.17 -18.78
CA ASN V 158 20.33 -0.43 -18.07
C ASN V 158 20.55 -0.85 -16.61
N SER V 159 21.62 -0.35 -16.02
CA SER V 159 21.80 -0.58 -14.58
C SER V 159 22.32 0.67 -13.92
N GLN V 160 22.10 0.79 -12.61
CA GLN V 160 22.71 1.88 -11.83
C GLN V 160 23.19 1.46 -10.43
N GLU V 161 24.32 2.04 -10.01
CA GLU V 161 24.92 1.69 -8.73
C GLU V 161 24.69 2.69 -7.59
N SER V 162 24.78 2.18 -6.36
CA SER V 162 24.71 2.99 -5.14
C SER V 162 25.67 2.37 -4.11
N VAL V 163 26.52 3.20 -3.48
CA VAL V 163 27.47 2.70 -2.47
C VAL V 163 27.36 3.44 -1.12
N THR V 164 27.37 2.69 -0.01
CA THR V 164 27.35 3.29 1.33
C THR V 164 28.65 4.05 1.67
N GLU V 165 28.62 4.73 2.82
CA GLU V 165 29.80 5.34 3.43
C GLU V 165 30.46 4.32 4.33
N GLN V 166 31.74 4.52 4.66
CA GLN V 166 32.42 3.66 5.62
C GLN V 166 31.64 3.47 6.92
N ASP V 167 31.26 2.21 7.16
CA ASP V 167 30.57 1.76 8.37
C ASP V 167 31.30 2.22 9.63
N SER V 168 30.55 2.67 10.63
CA SER V 168 31.15 3.31 11.79
C SER V 168 31.66 2.33 12.86
N LYS V 169 31.53 1.03 12.60
CA LYS V 169 32.16 -0.01 13.46
C LYS V 169 33.12 -0.90 12.65
N ASP V 170 32.67 -1.30 11.46
CA ASP V 170 33.39 -2.21 10.59
C ASP V 170 34.42 -1.52 9.73
N SER V 171 34.12 -0.27 9.37
CA SER V 171 34.85 0.47 8.35
C SER V 171 34.72 -0.15 6.95
N THR V 172 33.77 -1.06 6.77
CA THR V 172 33.57 -1.65 5.45
C THR V 172 32.62 -0.83 4.57
N TYR V 173 32.53 -1.21 3.30
CA TYR V 173 31.54 -0.67 2.38
C TYR V 173 30.58 -1.77 1.94
N SER V 174 29.38 -1.36 1.51
CA SER V 174 28.43 -2.23 0.80
C SER V 174 27.91 -1.49 -0.42
N LEU V 175 27.52 -2.24 -1.46
CA LEU V 175 27.09 -1.65 -2.74
C LEU V 175 25.95 -2.44 -3.36
N SER V 176 24.99 -1.73 -3.95
CA SER V 176 23.92 -2.37 -4.67
C SER V 176 23.95 -1.99 -6.14
N SER V 177 23.72 -3.00 -7.00
CA SER V 177 23.43 -2.78 -8.43
C SER V 177 21.99 -3.18 -8.72
N THR V 178 21.36 -2.39 -9.59
CA THR V 178 19.97 -2.56 -9.99
C THR V 178 19.84 -2.52 -11.51
N LEU V 179 19.35 -3.62 -12.08
CA LEU V 179 19.12 -3.75 -13.53
C LEU V 179 17.61 -3.59 -13.80
N THR V 180 17.25 -2.70 -14.71
CA THR V 180 15.83 -2.46 -14.99
C THR V 180 15.47 -2.87 -16.42
N LEU V 181 14.38 -3.62 -16.54
CA LEU V 181 13.92 -4.17 -17.81
C LEU V 181 12.41 -4.11 -17.87
N SER V 182 11.87 -3.95 -19.07
CA SER V 182 10.43 -4.12 -19.25
C SER V 182 10.08 -5.57 -18.91
N LYS V 183 8.83 -5.81 -18.53
CA LYS V 183 8.33 -7.16 -18.30
C LYS V 183 8.43 -8.07 -19.55
N ALA V 184 8.25 -7.49 -20.73
CA ALA V 184 8.34 -8.28 -21.95
C ALA V 184 9.73 -8.87 -22.10
N ASP V 185 10.76 -8.02 -22.02
CA ASP V 185 12.14 -8.49 -22.15
C ASP V 185 12.47 -9.53 -21.08
N TYR V 186 12.18 -9.18 -19.83
CA TYR V 186 12.32 -10.12 -18.72
C TYR V 186 11.83 -11.52 -19.08
N GLU V 187 10.61 -11.62 -19.62
CA GLU V 187 10.01 -12.93 -19.97
C GLU V 187 10.66 -13.64 -21.17
N LYS V 188 11.45 -12.91 -21.96
CA LYS V 188 12.13 -13.51 -23.13
C LYS V 188 13.43 -14.26 -22.81
N HIS V 189 13.93 -14.19 -21.58
CA HIS V 189 15.21 -14.78 -21.21
C HIS V 189 15.18 -15.56 -19.91
N LYS V 190 16.06 -16.55 -19.79
CA LYS V 190 16.00 -17.52 -18.71
C LYS V 190 16.98 -17.28 -17.54
N VAL V 191 18.23 -16.92 -17.89
CA VAL V 191 19.35 -16.88 -16.92
C VAL V 191 19.90 -15.49 -16.62
N TYR V 192 19.65 -15.01 -15.40
CA TYR V 192 20.11 -13.70 -14.94
C TYR V 192 21.24 -13.90 -13.94
N ALA V 193 22.38 -13.28 -14.22
CA ALA V 193 23.58 -13.36 -13.36
C ALA V 193 24.27 -12.02 -13.16
N CYS V 194 24.74 -11.73 -11.93
CA CYS V 194 25.76 -10.69 -11.73
C CYS V 194 27.11 -11.32 -11.39
N GLU V 195 28.16 -10.81 -12.02
CA GLU V 195 29.54 -11.28 -11.83
C GLU V 195 30.33 -10.18 -11.13
N VAL V 196 31.08 -10.55 -10.07
CA VAL V 196 31.83 -9.59 -9.23
C VAL V 196 33.35 -9.82 -9.25
N THR V 197 34.13 -8.75 -9.41
CA THR V 197 35.57 -8.82 -9.23
C THR V 197 36.02 -7.93 -8.05
N HIS V 198 36.92 -8.46 -7.24
CA HIS V 198 37.44 -7.76 -6.07
C HIS V 198 38.74 -8.45 -5.70
N GLN V 199 39.71 -7.67 -5.22
CA GLN V 199 41.03 -8.21 -4.91
C GLN V 199 40.99 -9.26 -3.79
N GLY V 200 39.91 -9.24 -3.01
CA GLY V 200 39.69 -10.27 -1.99
C GLY V 200 39.50 -11.68 -2.53
N LEU V 201 39.23 -11.79 -3.84
CA LEU V 201 38.90 -13.08 -4.47
C LEU V 201 39.85 -13.46 -5.58
N SER V 202 40.33 -14.71 -5.56
CA SER V 202 41.20 -15.20 -6.64
C SER V 202 40.47 -15.25 -7.99
N SER V 203 39.18 -15.57 -7.96
CA SER V 203 38.31 -15.62 -9.15
C SER V 203 37.09 -14.73 -8.95
N PRO V 204 36.51 -14.23 -10.07
CA PRO V 204 35.23 -13.55 -9.95
C PRO V 204 34.17 -14.48 -9.34
N VAL V 205 33.25 -13.94 -8.55
CA VAL V 205 32.14 -14.72 -8.00
C VAL V 205 30.83 -14.39 -8.72
N THR V 206 30.14 -15.41 -9.23
CA THR V 206 28.90 -15.26 -9.98
C THR V 206 27.71 -15.85 -9.25
N LYS V 207 26.63 -15.06 -9.12
CA LYS V 207 25.34 -15.53 -8.59
C LYS V 207 24.25 -15.42 -9.64
N SER V 208 23.50 -16.51 -9.77
CA SER V 208 22.44 -16.57 -10.77
C SER V 208 21.16 -17.23 -10.27
N PHE V 209 20.07 -16.93 -10.97
CA PHE V 209 18.82 -17.63 -10.79
C PHE V 209 18.22 -17.87 -12.17
N ASN V 210 17.38 -18.90 -12.27
CA ASN V 210 16.62 -19.19 -13.48
C ASN V 210 15.17 -18.76 -13.30
N ARG V 211 14.70 -17.87 -14.19
CA ARG V 211 13.34 -17.35 -14.11
C ARG V 211 12.34 -18.48 -13.91
N GLY V 212 11.47 -18.30 -12.92
CA GLY V 212 10.36 -19.22 -12.70
C GLY V 212 10.74 -20.63 -12.30
N ALA V 213 12.00 -20.83 -11.92
CA ALA V 213 12.49 -22.13 -11.45
C ALA V 213 12.90 -22.04 -9.98
N GLN W 1 29.22 34.59 20.16
CA GLN W 1 28.02 33.82 19.72
C GLN W 1 27.42 34.43 18.45
N VAL W 2 28.29 34.72 17.50
CA VAL W 2 27.83 35.05 16.16
C VAL W 2 27.18 33.80 15.59
N GLN W 3 25.99 33.96 14.98
CA GLN W 3 25.28 32.85 14.34
C GLN W 3 24.66 33.16 12.98
N LEU W 4 24.91 32.27 12.03
CA LEU W 4 24.36 32.36 10.69
C LEU W 4 23.40 31.20 10.44
N GLN W 5 22.29 31.49 9.77
CA GLN W 5 21.24 30.49 9.54
C GLN W 5 20.43 30.73 8.25
N GLU W 6 20.38 29.71 7.40
CA GLU W 6 19.68 29.75 6.11
C GLU W 6 18.22 29.33 6.29
N SER W 7 17.37 29.80 5.38
CA SER W 7 15.99 29.34 5.27
C SER W 7 15.50 29.60 3.86
N GLY W 8 14.41 28.93 3.46
CA GLY W 8 13.79 29.16 2.15
C GLY W 8 13.28 27.88 1.55
N PRO W 9 12.53 27.96 0.43
CA PRO W 9 11.97 26.74 -0.19
C PRO W 9 13.07 25.75 -0.50
N GLY W 10 12.78 24.45 -0.36
CA GLY W 10 13.77 23.41 -0.67
C GLY W 10 13.70 22.98 -2.14
N LEU W 11 12.73 23.57 -2.86
CA LEU W 11 12.35 23.10 -4.18
C LEU W 11 11.98 24.24 -5.14
N VAL W 12 12.59 24.24 -6.32
CA VAL W 12 12.28 25.21 -7.38
C VAL W 12 12.01 24.49 -8.72
N LYS W 13 11.15 25.08 -9.54
CA LYS W 13 10.87 24.53 -10.85
C LYS W 13 11.86 25.12 -11.87
N PRO W 14 12.29 24.32 -12.85
CA PRO W 14 13.26 24.81 -13.83
C PRO W 14 12.76 26.06 -14.53
N SER W 15 13.68 26.99 -14.76
CA SER W 15 13.47 28.26 -15.46
C SER W 15 13.05 29.36 -14.49
N GLN W 16 12.69 28.98 -13.27
CA GLN W 16 12.27 29.94 -12.25
C GLN W 16 13.44 30.39 -11.36
N THR W 17 13.21 31.41 -10.55
CA THR W 17 14.17 31.94 -9.56
C THR W 17 14.22 31.14 -8.25
N LEU W 18 15.42 30.94 -7.69
CA LEU W 18 15.51 30.45 -6.31
C LEU W 18 15.86 31.56 -5.30
N SER W 19 15.34 31.46 -4.08
CA SER W 19 15.44 32.50 -3.07
C SER W 19 15.72 32.00 -1.65
N LEU W 20 16.83 32.47 -1.06
CA LEU W 20 17.23 32.14 0.31
C LEU W 20 17.62 33.37 1.14
N THR W 21 17.39 33.29 2.45
CA THR W 21 17.77 34.36 3.40
C THR W 21 18.65 33.80 4.52
N CYS W 22 19.64 34.60 4.94
CA CYS W 22 20.50 34.28 6.10
C CYS W 22 20.17 35.28 7.20
N THR W 23 19.72 34.76 8.34
CA THR W 23 19.49 35.56 9.54
C THR W 23 20.75 35.53 10.39
N VAL W 24 21.21 36.71 10.80
CA VAL W 24 22.46 36.83 11.57
C VAL W 24 22.11 37.24 12.98
N SER W 25 22.71 36.56 13.96
CA SER W 25 22.56 36.96 15.35
C SER W 25 23.92 37.21 15.98
N GLY W 26 23.95 38.13 16.94
CA GLY W 26 25.17 38.44 17.71
C GLY W 26 26.05 39.53 17.15
N GLY W 27 25.48 40.41 16.31
CA GLY W 27 26.23 41.52 15.72
C GLY W 27 25.47 42.12 14.56
N SER W 28 25.27 43.44 14.58
CA SER W 28 24.54 44.14 13.53
C SER W 28 25.20 43.95 12.16
N ILE W 29 24.38 43.73 11.15
CA ILE W 29 24.90 43.34 9.85
C ILE W 29 25.57 44.49 9.12
N SER W 30 25.42 45.71 9.64
CA SER W 30 25.89 46.92 8.94
C SER W 30 27.27 47.41 9.38
N SER W 31 28.19 46.49 9.61
CA SER W 31 29.55 46.85 9.98
C SER W 31 30.51 46.80 8.78
N GLY W 32 31.50 47.66 8.78
CA GLY W 32 32.60 47.65 7.79
C GLY W 32 33.64 46.53 7.93
N ASP W 33 33.53 45.73 8.98
CA ASP W 33 34.50 44.66 9.20
C ASP W 33 34.31 43.38 8.35
N TYR W 34 33.10 43.13 7.84
CA TYR W 34 32.75 41.83 7.25
C TYR W 34 32.21 41.87 5.83
N TYR W 35 32.54 40.86 5.02
CA TYR W 35 31.80 40.54 3.78
C TYR W 35 30.73 39.49 4.08
N TRP W 36 29.53 39.63 3.50
CA TRP W 36 28.50 38.60 3.67
C TRP W 36 28.35 37.75 2.39
N SER W 37 28.47 36.42 2.53
CA SER W 37 28.81 35.54 1.39
C SER W 37 27.92 34.32 1.18
N TRP W 38 27.89 33.83 -0.05
CA TRP W 38 27.17 32.60 -0.40
C TRP W 38 28.08 31.61 -1.14
N ILE W 39 28.04 30.33 -0.75
CA ILE W 39 28.86 29.28 -1.34
C ILE W 39 27.93 28.08 -1.46
N ARG W 40 28.08 27.26 -2.50
CA ARG W 40 27.24 26.05 -2.68
C ARG W 40 27.98 24.73 -2.98
N GLN W 41 27.28 23.62 -2.79
CA GLN W 41 27.90 22.30 -2.89
C GLN W 41 26.87 21.26 -3.29
N PRO W 42 26.84 20.89 -4.58
CA PRO W 42 25.95 19.82 -5.04
C PRO W 42 26.27 18.49 -4.31
N PRO W 43 25.26 17.62 -4.08
CA PRO W 43 25.56 16.42 -3.28
C PRO W 43 26.67 15.59 -3.92
N GLY W 44 27.69 15.27 -3.13
CA GLY W 44 28.81 14.44 -3.58
C GLY W 44 29.96 15.13 -4.31
N LYS W 45 29.85 16.44 -4.53
CA LYS W 45 30.87 17.19 -5.26
C LYS W 45 31.56 18.20 -4.35
N GLY W 46 32.16 19.24 -4.93
CA GLY W 46 32.90 20.24 -4.16
C GLY W 46 32.23 21.60 -4.00
N LEU W 47 33.04 22.55 -3.51
CA LEU W 47 32.62 23.90 -3.11
C LEU W 47 32.77 24.94 -4.23
N GLU W 48 31.70 25.70 -4.48
CA GLU W 48 31.73 26.81 -5.45
C GLU W 48 31.33 28.12 -4.74
N TRP W 49 32.13 29.18 -4.90
CA TRP W 49 31.82 30.51 -4.33
C TRP W 49 30.79 31.23 -5.20
N ILE W 50 29.72 31.74 -4.60
CA ILE W 50 28.70 32.44 -5.39
C ILE W 50 28.92 33.95 -5.43
N GLY W 51 29.17 34.56 -4.27
CA GLY W 51 29.51 35.99 -4.20
C GLY W 51 29.43 36.57 -2.79
N TYR W 52 29.71 37.87 -2.66
CA TYR W 52 29.48 38.59 -1.39
C TYR W 52 28.73 39.91 -1.57
N ILE W 53 28.25 40.46 -0.45
CA ILE W 53 27.73 41.84 -0.38
C ILE W 53 28.34 42.59 0.82
N TYR W 54 28.48 43.91 0.69
CA TYR W 54 29.14 44.73 1.70
C TYR W 54 28.25 45.94 2.02
N TYR W 55 28.23 46.36 3.28
CA TYR W 55 27.34 47.44 3.76
C TYR W 55 27.36 48.76 2.98
N SER W 56 28.37 48.94 2.14
CA SER W 56 28.46 50.11 1.27
C SER W 56 27.51 50.06 0.10
N GLY W 57 27.05 48.86 -0.25
CA GLY W 57 26.29 48.66 -1.48
C GLY W 57 27.00 47.79 -2.52
N SER W 58 28.35 47.77 -2.48
CA SER W 58 29.14 46.96 -3.42
C SER W 58 28.89 45.47 -3.27
N THR W 59 28.92 44.79 -4.41
CA THR W 59 28.79 43.34 -4.49
C THR W 59 29.90 42.82 -5.42
N ASP W 60 30.13 41.51 -5.42
CA ASP W 60 31.00 40.86 -6.42
C ASP W 60 30.44 39.47 -6.65
N TYR W 61 30.22 39.10 -7.91
CA TYR W 61 29.64 37.81 -8.26
C TYR W 61 30.60 36.96 -9.12
N ASN W 62 30.63 35.64 -8.85
CA ASN W 62 31.31 34.67 -9.72
C ASN W 62 30.80 34.71 -11.18
N PRO W 63 31.69 35.00 -12.15
CA PRO W 63 31.30 35.08 -13.57
C PRO W 63 30.69 33.80 -14.14
N SER W 64 30.96 32.64 -13.52
CA SER W 64 30.35 31.38 -13.97
C SER W 64 28.79 31.30 -13.83
N LEU W 65 28.19 32.20 -13.05
CA LEU W 65 26.72 32.22 -12.91
C LEU W 65 26.04 33.14 -13.92
N LYS W 66 26.88 33.66 -14.83
CA LYS W 66 26.45 34.42 -16.02
C LYS W 66 25.38 35.49 -15.77
N SER W 67 25.57 36.24 -14.69
CA SER W 67 24.71 37.36 -14.34
C SER W 67 23.33 36.90 -13.89
N ARG W 68 23.23 35.65 -13.44
CA ARG W 68 21.95 35.12 -12.93
C ARG W 68 21.72 35.43 -11.44
N VAL W 69 22.74 35.96 -10.78
CA VAL W 69 22.73 36.17 -9.31
C VAL W 69 22.64 37.64 -8.88
N THR W 70 21.81 37.94 -7.87
CA THR W 70 21.88 39.21 -7.11
C THR W 70 21.80 39.00 -5.58
N MET W 71 22.41 39.90 -4.80
CA MET W 71 22.32 39.85 -3.33
C MET W 71 21.81 41.17 -2.79
N SER W 72 21.32 41.17 -1.56
CA SER W 72 20.78 42.37 -0.94
C SER W 72 20.74 42.30 0.60
N VAL W 73 20.68 43.47 1.22
CA VAL W 73 20.62 43.56 2.69
C VAL W 73 19.30 44.16 3.18
N ASP W 74 18.74 43.55 4.22
CA ASP W 74 17.64 44.11 4.98
C ASP W 74 18.17 44.35 6.41
N THR W 75 18.55 45.59 6.73
CA THR W 75 19.02 45.85 8.10
C THR W 75 17.88 45.65 9.08
N SER W 76 16.67 45.95 8.61
CA SER W 76 15.45 45.94 9.42
C SER W 76 15.14 44.60 10.10
N LYS W 77 15.82 43.54 9.66
CA LYS W 77 15.68 42.22 10.25
C LYS W 77 17.04 41.53 10.46
N ASN W 78 18.13 42.29 10.24
CA ASN W 78 19.51 41.78 10.33
C ASN W 78 19.79 40.59 9.41
N GLN W 79 19.54 40.80 8.12
CA GLN W 79 19.53 39.72 7.14
C GLN W 79 20.18 40.08 5.80
N PHE W 80 20.67 39.06 5.10
CA PHE W 80 21.06 39.21 3.71
C PHE W 80 20.53 38.05 2.87
N SER W 81 20.33 38.30 1.58
CA SER W 81 19.62 37.37 0.69
C SER W 81 20.34 37.01 -0.61
N LEU W 82 19.93 35.89 -1.21
CA LEU W 82 20.46 35.43 -2.50
C LEU W 82 19.32 35.20 -3.50
N LYS W 83 19.53 35.64 -4.74
CA LYS W 83 18.60 35.35 -5.84
C LYS W 83 19.31 34.78 -7.04
N VAL W 84 18.78 33.69 -7.57
CA VAL W 84 19.31 33.06 -8.80
C VAL W 84 18.16 32.79 -9.77
N ASN W 85 18.13 33.54 -10.87
CA ASN W 85 17.09 33.33 -11.89
C ASN W 85 17.45 32.24 -12.91
N SER W 86 16.43 31.76 -13.61
CA SER W 86 16.53 30.66 -14.60
C SER W 86 17.33 29.46 -14.13
N VAL W 87 16.92 28.83 -13.05
CA VAL W 87 17.68 27.67 -12.53
C VAL W 87 17.42 26.39 -13.33
N THR W 88 18.43 25.52 -13.40
CA THR W 88 18.29 24.17 -13.98
C THR W 88 18.81 23.14 -12.97
N ALA W 89 18.75 21.86 -13.33
CA ALA W 89 19.27 20.78 -12.47
C ALA W 89 20.71 21.02 -12.05
N ALA W 90 21.49 21.72 -12.86
CA ALA W 90 22.87 22.05 -12.46
C ALA W 90 22.94 23.06 -11.31
N ASP W 91 21.80 23.48 -10.77
CA ASP W 91 21.77 24.42 -9.64
C ASP W 91 21.36 23.72 -8.33
N THR W 92 20.89 22.47 -8.42
CA THR W 92 20.73 21.59 -7.24
C THR W 92 22.03 21.59 -6.42
N ALA W 93 21.91 21.97 -5.15
CA ALA W 93 23.06 22.06 -4.23
C ALA W 93 22.59 22.26 -2.80
N VAL W 94 23.47 21.91 -1.85
CA VAL W 94 23.43 22.50 -0.53
C VAL W 94 24.00 23.94 -0.61
N TYR W 95 23.21 24.91 -0.14
CA TYR W 95 23.57 26.32 -0.15
C TYR W 95 23.97 26.86 1.24
N TYR W 96 25.17 27.44 1.32
CA TYR W 96 25.70 28.02 2.57
C TYR W 96 25.79 29.55 2.56
N CYS W 97 25.36 30.17 3.65
CA CYS W 97 25.90 31.49 4.01
C CYS W 97 27.17 31.35 4.86
N ALA W 98 28.09 32.32 4.72
CA ALA W 98 29.30 32.42 5.54
C ALA W 98 29.79 33.87 5.71
N ARG W 99 30.61 34.13 6.72
CA ARG W 99 31.17 35.46 6.96
C ARG W 99 32.71 35.53 6.71
N VAL W 100 33.19 36.66 6.18
CA VAL W 100 34.63 36.92 5.99
C VAL W 100 35.03 38.08 6.91
N SER W 101 36.10 37.90 7.70
CA SER W 101 36.58 38.97 8.58
C SER W 101 37.82 39.64 7.94
N ILE W 102 37.55 40.74 7.23
CA ILE W 102 38.53 41.42 6.37
C ILE W 102 39.80 41.84 7.10
N PHE W 103 39.63 42.29 8.35
CA PHE W 103 40.75 42.78 9.14
C PHE W 103 41.35 41.72 10.06
N GLY W 104 40.61 40.63 10.28
CA GLY W 104 41.08 39.55 11.14
C GLY W 104 41.69 38.41 10.33
N VAL W 105 41.14 37.22 10.54
CA VAL W 105 41.54 36.00 9.84
C VAL W 105 41.68 36.15 8.30
N GLY W 106 40.71 36.82 7.66
CA GLY W 106 40.80 37.17 6.24
C GLY W 106 40.14 36.21 5.26
N THR W 107 39.48 35.18 5.80
CA THR W 107 38.82 34.14 5.03
C THR W 107 37.59 33.69 5.83
N PHE W 108 36.87 32.68 5.33
CA PHE W 108 35.60 32.26 5.93
C PHE W 108 35.73 31.68 7.33
N ASP W 109 35.25 32.40 8.35
CA ASP W 109 35.24 31.90 9.75
C ASP W 109 33.93 31.24 10.20
N TYR W 110 32.82 31.93 9.98
CA TYR W 110 31.49 31.44 10.37
C TYR W 110 30.63 31.01 9.18
N TRP W 111 29.87 29.94 9.40
CA TRP W 111 29.08 29.27 8.37
C TRP W 111 27.73 28.94 8.98
N GLY W 112 26.68 28.99 8.16
CA GLY W 112 25.39 28.48 8.56
C GLY W 112 25.39 26.96 8.46
N GLN W 113 24.30 26.34 8.88
CA GLN W 113 24.21 24.89 8.84
C GLN W 113 24.05 24.35 7.43
N GLY W 114 23.59 25.18 6.50
CA GLY W 114 23.42 24.73 5.11
C GLY W 114 22.01 24.26 4.79
N THR W 115 21.57 24.51 3.56
CA THR W 115 20.20 24.17 3.19
C THR W 115 20.12 23.65 1.74
N LEU W 116 19.44 22.51 1.56
CA LEU W 116 19.33 21.81 0.26
C LEU W 116 18.21 22.34 -0.65
N VAL W 117 18.58 22.85 -1.82
CA VAL W 117 17.59 23.19 -2.85
C VAL W 117 17.67 22.24 -4.03
N THR W 118 16.57 21.56 -4.33
CA THR W 118 16.46 20.76 -5.55
C THR W 118 15.73 21.53 -6.67
N VAL W 119 16.28 21.43 -7.88
CA VAL W 119 15.63 21.98 -9.08
C VAL W 119 15.08 20.82 -9.92
N SER W 120 13.79 20.84 -10.21
CA SER W 120 13.10 19.71 -10.85
C SER W 120 11.66 20.09 -11.20
N SER W 121 11.15 19.58 -12.32
CA SER W 121 9.75 19.85 -12.72
C SER W 121 8.78 18.72 -12.36
N ALA W 122 9.29 17.70 -11.68
CA ALA W 122 8.51 16.55 -11.22
C ALA W 122 7.44 16.92 -10.19
N SER W 123 6.42 16.08 -10.08
CA SER W 123 5.32 16.23 -9.09
C SER W 123 5.48 15.31 -7.88
N THR W 124 4.81 15.66 -6.78
CA THR W 124 4.72 14.82 -5.58
C THR W 124 4.12 13.43 -5.82
N LYS W 125 4.74 12.41 -5.24
CA LYS W 125 4.31 11.03 -5.39
C LYS W 125 4.97 10.12 -4.32
N GLY W 126 4.14 9.37 -3.60
CA GLY W 126 4.62 8.37 -2.65
C GLY W 126 5.13 7.10 -3.33
N PRO W 127 5.95 6.31 -2.61
CA PRO W 127 6.66 5.17 -3.21
C PRO W 127 5.81 3.90 -3.32
N SER W 128 6.27 2.93 -4.12
CA SER W 128 5.74 1.57 -4.02
C SER W 128 6.82 0.69 -3.40
N VAL W 129 6.41 -0.17 -2.47
CA VAL W 129 7.36 -0.91 -1.65
C VAL W 129 7.43 -2.43 -2.01
N PHE W 130 8.54 -2.84 -2.63
CA PHE W 130 8.74 -4.27 -3.00
C PHE W 130 9.67 -5.04 -2.08
N PRO W 131 9.32 -6.31 -1.80
CA PRO W 131 10.22 -7.19 -1.04
C PRO W 131 11.39 -7.73 -1.87
N LEU W 132 12.55 -7.81 -1.23
CA LEU W 132 13.70 -8.54 -1.77
C LEU W 132 13.82 -9.84 -0.96
N ALA W 133 13.25 -10.92 -1.52
CA ALA W 133 13.05 -12.20 -0.83
C ALA W 133 14.31 -13.08 -0.71
N PRO W 134 14.48 -13.74 0.46
CA PRO W 134 15.68 -14.45 0.90
C PRO W 134 15.92 -15.78 0.20
N SER W 135 17.00 -16.49 0.58
CA SER W 135 17.40 -17.77 -0.03
C SER W 135 17.72 -17.59 -1.52
N GLY W 142 25.55 -20.20 7.75
CA GLY W 142 24.24 -19.87 8.32
C GLY W 142 23.91 -18.38 8.25
N THR W 143 24.14 -17.77 7.09
CA THR W 143 23.87 -16.34 6.89
C THR W 143 23.11 -16.02 5.57
N ALA W 144 22.02 -15.26 5.72
CA ALA W 144 21.07 -14.95 4.63
C ALA W 144 20.83 -13.45 4.49
N ALA W 145 20.37 -13.02 3.31
CA ALA W 145 20.08 -11.59 3.09
C ALA W 145 18.65 -11.29 2.62
N LEU W 146 18.08 -10.17 3.08
CA LEU W 146 16.78 -9.71 2.62
C LEU W 146 16.65 -8.18 2.68
N GLY W 147 15.59 -7.65 2.07
CA GLY W 147 15.37 -6.21 2.11
C GLY W 147 14.17 -5.62 1.39
N CYS W 148 14.11 -4.29 1.39
CA CYS W 148 13.07 -3.52 0.69
C CYS W 148 13.58 -2.72 -0.50
N LEU W 149 12.85 -2.78 -1.62
CA LEU W 149 13.06 -1.87 -2.75
C LEU W 149 11.99 -0.79 -2.68
N VAL W 150 12.40 0.44 -2.36
CA VAL W 150 11.49 1.57 -2.23
C VAL W 150 11.62 2.36 -3.51
N LYS W 151 10.59 2.32 -4.36
CA LYS W 151 10.71 2.75 -5.75
C LYS W 151 9.83 3.92 -6.14
N ASP W 152 10.32 4.73 -7.08
CA ASP W 152 9.51 5.76 -7.79
C ASP W 152 8.78 6.75 -6.86
N TYR W 153 9.53 7.53 -6.09
CA TYR W 153 8.95 8.54 -5.23
C TYR W 153 9.61 9.91 -5.46
N PHE W 154 8.89 10.97 -5.07
CA PHE W 154 9.36 12.37 -5.20
C PHE W 154 8.65 13.31 -4.20
N PRO W 155 9.40 14.21 -3.54
CA PRO W 155 10.87 14.33 -3.55
C PRO W 155 11.55 13.45 -2.49
N GLU W 156 12.84 13.73 -2.23
CA GLU W 156 13.53 13.24 -1.05
C GLU W 156 12.94 13.89 0.19
N PRO W 157 13.04 13.22 1.36
CA PRO W 157 13.57 11.88 1.64
C PRO W 157 12.52 10.83 2.05
N VAL W 158 12.94 9.56 2.04
CA VAL W 158 12.25 8.51 2.79
C VAL W 158 13.12 8.09 3.97
N THR W 159 12.48 7.52 4.98
CA THR W 159 13.18 6.91 6.09
C THR W 159 12.73 5.46 6.13
N VAL W 160 13.66 4.54 6.39
CA VAL W 160 13.34 3.12 6.49
C VAL W 160 13.72 2.59 7.87
N SER W 161 12.89 1.72 8.43
CA SER W 161 13.19 1.03 9.68
C SER W 161 12.76 -0.44 9.60
N TRP W 162 13.37 -1.30 10.40
CA TRP W 162 12.99 -2.70 10.42
C TRP W 162 12.35 -3.12 11.75
N ASN W 163 11.34 -3.98 11.69
CA ASN W 163 10.56 -4.40 12.86
C ASN W 163 10.38 -3.26 13.87
N SER W 164 9.76 -2.17 13.39
CA SER W 164 9.44 -0.97 14.18
C SER W 164 10.63 -0.27 14.85
N GLY W 165 11.83 -0.55 14.36
CA GLY W 165 13.05 0.02 14.91
C GLY W 165 13.75 -0.95 15.86
N ALA W 166 13.11 -2.07 16.12
CA ALA W 166 13.66 -3.11 17.01
C ALA W 166 14.71 -4.01 16.35
N LEU W 167 15.02 -3.72 15.10
CA LEU W 167 16.09 -4.41 14.37
C LEU W 167 16.96 -3.41 13.64
N THR W 168 18.17 -3.21 14.15
CA THR W 168 19.08 -2.22 13.61
C THR W 168 20.43 -2.81 13.19
N SER W 169 20.81 -3.92 13.82
CA SER W 169 22.12 -4.54 13.59
C SER W 169 22.22 -5.28 12.25
N GLY W 170 23.17 -4.86 11.43
CA GLY W 170 23.38 -5.46 10.10
C GLY W 170 22.53 -4.85 9.01
N VAL W 171 21.89 -3.72 9.33
CA VAL W 171 21.01 -2.97 8.42
C VAL W 171 21.82 -1.98 7.58
N HIS W 172 21.66 -2.06 6.26
CA HIS W 172 22.22 -1.05 5.35
C HIS W 172 21.14 -0.35 4.52
N THR W 173 21.02 0.97 4.69
CA THR W 173 20.16 1.81 3.83
C THR W 173 20.99 2.60 2.81
N PHE W 174 20.77 2.35 1.54
CA PHE W 174 21.60 2.99 0.52
C PHE W 174 21.16 4.42 0.20
N PRO W 175 22.11 5.28 -0.25
CA PRO W 175 21.67 6.53 -0.88
C PRO W 175 20.79 6.28 -2.12
N ALA W 176 19.79 7.14 -2.31
CA ALA W 176 18.84 7.04 -3.41
C ALA W 176 19.51 7.46 -4.71
N VAL W 177 19.00 6.91 -5.81
CA VAL W 177 19.45 7.35 -7.13
C VAL W 177 18.33 7.99 -7.94
N LEU W 178 18.68 8.96 -8.78
CA LEU W 178 17.71 9.60 -9.64
C LEU W 178 17.62 8.88 -10.99
N GLN W 179 16.42 8.39 -11.31
CA GLN W 179 16.15 7.72 -12.59
C GLN W 179 15.76 8.75 -13.62
N SER W 180 15.87 8.38 -14.88
CA SER W 180 15.56 9.33 -15.97
C SER W 180 14.08 9.75 -16.03
N SER W 181 13.22 9.02 -15.33
CA SER W 181 11.81 9.39 -15.21
C SER W 181 11.59 10.59 -14.28
N GLY W 182 12.63 11.00 -13.57
CA GLY W 182 12.53 12.14 -12.65
C GLY W 182 12.21 11.75 -11.22
N LEU W 183 12.06 10.45 -10.97
CA LEU W 183 11.71 9.92 -9.66
C LEU W 183 12.87 9.21 -8.99
N TYR W 184 12.80 9.09 -7.65
CA TYR W 184 13.86 8.47 -6.85
C TYR W 184 13.59 7.00 -6.62
N SER W 185 14.60 6.30 -6.10
CA SER W 185 14.58 4.86 -5.96
C SER W 185 15.69 4.43 -4.99
N LEU W 186 15.32 3.60 -4.03
CA LEU W 186 16.16 3.27 -2.90
C LEU W 186 16.02 1.80 -2.50
N SER W 187 17.12 1.23 -2.01
CA SER W 187 17.09 -0.10 -1.39
C SER W 187 17.63 -0.12 0.03
N SER W 188 16.92 -0.85 0.89
CA SER W 188 17.35 -1.09 2.27
C SER W 188 17.49 -2.59 2.51
N VAL W 189 18.63 -3.04 3.03
CA VAL W 189 18.86 -4.48 3.26
C VAL W 189 19.28 -4.85 4.70
N VAL W 190 19.14 -6.13 5.05
CA VAL W 190 19.60 -6.68 6.32
C VAL W 190 20.18 -8.07 6.13
N THR W 191 21.15 -8.44 6.98
CA THR W 191 21.63 -9.83 7.03
C THR W 191 21.25 -10.51 8.35
N VAL W 192 20.88 -11.79 8.27
CA VAL W 192 20.32 -12.56 9.38
C VAL W 192 20.84 -14.00 9.36
N PRO W 193 20.53 -14.81 10.39
CA PRO W 193 20.86 -16.22 10.33
C PRO W 193 19.85 -17.04 9.51
N SER W 194 20.36 -17.98 8.70
CA SER W 194 19.56 -18.91 7.91
C SER W 194 18.72 -19.89 8.75
N SER W 195 18.86 -19.83 10.07
CA SER W 195 18.00 -20.59 10.97
C SER W 195 16.80 -19.76 11.42
N SER W 196 16.95 -18.43 11.35
CA SER W 196 15.88 -17.51 11.70
C SER W 196 14.74 -17.45 10.67
N LEU W 197 15.08 -17.64 9.40
CA LEU W 197 14.07 -17.64 8.33
C LEU W 197 13.19 -18.89 8.42
N GLY W 198 11.89 -18.65 8.48
CA GLY W 198 10.92 -19.69 8.82
C GLY W 198 10.39 -19.51 10.24
N THR W 199 11.09 -18.72 11.05
CA THR W 199 10.72 -18.52 12.46
C THR W 199 10.83 -17.06 12.95
N GLN W 200 11.19 -16.14 12.06
CA GLN W 200 11.34 -14.72 12.39
C GLN W 200 10.63 -13.82 11.38
N THR W 201 9.73 -12.98 11.87
CA THR W 201 8.94 -12.10 11.02
C THR W 201 9.65 -10.77 10.81
N TYR W 202 9.87 -10.44 9.55
CA TYR W 202 10.61 -9.23 9.16
C TYR W 202 9.74 -8.28 8.34
N ILE W 203 9.51 -7.09 8.89
CA ILE W 203 8.75 -6.03 8.21
C ILE W 203 9.57 -4.74 8.15
N CYS W 204 9.73 -4.20 6.94
CA CYS W 204 10.31 -2.86 6.77
C CYS W 204 9.23 -1.80 6.82
N ASN W 205 9.55 -0.67 7.44
CA ASN W 205 8.58 0.39 7.67
C ASN W 205 9.00 1.67 6.96
N VAL W 206 8.27 2.00 5.89
CA VAL W 206 8.62 3.13 5.01
C VAL W 206 7.76 4.36 5.33
N ASN W 207 8.41 5.52 5.29
CA ASN W 207 7.79 6.77 5.69
C ASN W 207 8.19 7.84 4.70
N HIS W 208 7.21 8.43 4.03
CA HIS W 208 7.44 9.50 3.06
C HIS W 208 6.46 10.63 3.31
N LYS W 209 6.91 11.62 4.08
CA LYS W 209 6.07 12.72 4.58
C LYS W 209 5.45 13.62 3.50
N PRO W 210 6.26 14.07 2.52
CA PRO W 210 5.71 14.91 1.45
C PRO W 210 4.37 14.41 0.93
N SER W 211 4.23 13.08 0.80
CA SER W 211 3.04 12.45 0.24
C SER W 211 2.17 11.76 1.30
N ASN W 212 2.57 11.91 2.57
CA ASN W 212 1.88 11.33 3.75
C ASN W 212 1.55 9.82 3.64
N THR W 213 2.57 9.03 3.33
CA THR W 213 2.46 7.58 3.20
C THR W 213 3.26 6.85 4.29
N LYS W 214 2.57 6.04 5.08
CA LYS W 214 3.23 5.10 5.99
C LYS W 214 2.89 3.67 5.53
N VAL W 215 3.91 2.84 5.34
CA VAL W 215 3.71 1.48 4.80
C VAL W 215 4.60 0.40 5.44
N ASP W 216 3.94 -0.66 5.91
CA ASP W 216 4.62 -1.81 6.47
C ASP W 216 4.54 -3.00 5.51
N LYS W 217 5.68 -3.44 4.99
CA LYS W 217 5.71 -4.61 4.12
C LYS W 217 6.45 -5.78 4.77
N LYS W 218 5.77 -6.91 4.89
CA LYS W 218 6.39 -8.15 5.35
C LYS W 218 7.18 -8.77 4.20
N VAL W 219 8.39 -9.24 4.52
CA VAL W 219 9.24 -9.88 3.51
C VAL W 219 9.67 -11.30 3.92
N GLU W 220 9.29 -12.25 3.07
CA GLU W 220 9.24 -13.66 3.41
C GLU W 220 9.79 -14.54 2.28
N PRO W 221 10.35 -15.73 2.60
CA PRO W 221 10.83 -16.67 1.58
C PRO W 221 9.76 -16.99 0.53
N LYS W 222 10.08 -16.78 -0.75
CA LYS W 222 9.12 -16.97 -1.85
C LYS W 222 8.90 -18.44 -2.19
N LYS X 4 52.33 76.07 6.12
CA LYS X 4 51.92 74.94 6.99
C LYS X 4 50.59 75.19 7.68
N LYS X 5 49.70 74.19 7.64
CA LYS X 5 48.42 74.26 8.33
C LYS X 5 47.98 72.89 8.87
N VAL X 6 48.09 72.74 10.20
CA VAL X 6 47.71 71.52 10.92
C VAL X 6 46.23 71.57 11.33
N CYS X 7 45.53 70.48 11.05
CA CYS X 7 44.12 70.31 11.43
C CYS X 7 43.90 68.95 12.08
N ASN X 8 42.92 68.88 12.98
CA ASN X 8 42.56 67.63 13.64
C ASN X 8 41.78 66.74 12.68
N GLY X 9 42.03 65.44 12.74
CA GLY X 9 41.32 64.47 11.92
C GLY X 9 40.11 63.91 12.64
N ILE X 10 39.42 63.00 11.97
CA ILE X 10 38.28 62.29 12.56
C ILE X 10 38.69 61.54 13.81
N GLY X 11 37.89 61.67 14.86
CA GLY X 11 38.11 60.92 16.08
C GLY X 11 38.75 61.69 17.22
N ILE X 12 39.27 62.90 16.95
CA ILE X 12 39.87 63.74 18.00
C ILE X 12 39.40 65.20 17.96
N GLY X 13 39.54 65.87 19.10
CA GLY X 13 39.28 67.30 19.24
C GLY X 13 37.85 67.69 18.92
N GLU X 14 37.70 68.53 17.90
CA GLU X 14 36.39 68.99 17.40
C GLU X 14 35.61 67.87 16.71
N PHE X 15 36.32 66.85 16.26
CA PHE X 15 35.72 65.75 15.51
C PHE X 15 35.68 64.45 16.31
N LYS X 16 35.78 64.57 17.65
CA LYS X 16 35.92 63.41 18.52
C LYS X 16 34.75 62.43 18.44
N ASP X 17 33.57 62.95 18.11
CA ASP X 17 32.36 62.15 18.01
C ASP X 17 31.88 61.95 16.57
N SER X 18 32.63 62.48 15.60
CA SER X 18 32.27 62.41 14.19
C SER X 18 32.69 61.09 13.55
N LEU X 19 31.72 60.33 13.05
CA LEU X 19 32.01 59.02 12.44
C LEU X 19 32.79 59.12 11.13
N SER X 20 32.47 60.10 10.29
CA SER X 20 33.11 60.23 9.00
C SER X 20 33.37 61.68 8.65
N ILE X 21 34.35 61.91 7.78
CA ILE X 21 34.41 63.17 7.04
C ILE X 21 33.06 63.31 6.31
N ASN X 22 32.41 64.46 6.46
CA ASN X 22 31.05 64.63 5.93
C ASN X 22 30.77 66.04 5.45
N ALA X 23 29.52 66.27 5.05
CA ALA X 23 29.10 67.53 4.46
C ALA X 23 29.18 68.73 5.41
N THR X 24 29.06 68.47 6.71
CA THR X 24 29.16 69.52 7.71
C THR X 24 30.61 69.89 8.06
N ASN X 25 31.47 68.90 8.25
CA ASN X 25 32.87 69.13 8.64
C ASN X 25 33.89 69.36 7.52
N ILE X 26 33.55 68.97 6.28
CA ILE X 26 34.48 69.11 5.15
C ILE X 26 34.85 70.58 4.91
N LYS X 27 34.01 71.49 5.39
CA LYS X 27 34.35 72.91 5.43
C LYS X 27 35.71 73.08 6.09
N HIS X 28 35.84 72.65 7.35
CA HIS X 28 37.01 73.03 8.18
C HIS X 28 38.30 72.28 7.83
N PHE X 29 38.44 71.89 6.56
CA PHE X 29 39.64 71.22 6.04
C PHE X 29 40.31 72.02 4.94
N LYS X 30 39.73 73.17 4.61
CA LYS X 30 40.22 74.04 3.56
C LYS X 30 41.60 74.57 3.94
N ASN X 31 42.59 74.25 3.10
CA ASN X 31 43.99 74.71 3.24
C ASN X 31 44.91 73.89 4.17
N CYS X 32 44.39 72.84 4.82
CA CYS X 32 45.21 71.97 5.69
C CYS X 32 46.29 71.24 4.89
N THR X 33 47.51 71.24 5.40
CA THR X 33 48.62 70.58 4.73
C THR X 33 49.04 69.28 5.44
N SER X 34 48.77 69.20 6.74
CA SER X 34 48.91 67.95 7.48
C SER X 34 47.69 67.69 8.36
N ILE X 35 47.33 66.42 8.50
CA ILE X 35 46.26 66.06 9.42
C ILE X 35 46.83 65.46 10.71
N SER X 36 46.35 65.96 11.83
CA SER X 36 46.82 65.48 13.12
C SER X 36 45.79 64.52 13.67
N GLY X 37 45.87 63.26 13.22
CA GLY X 37 44.84 62.24 13.46
C GLY X 37 44.57 61.40 12.21
N ASP X 38 43.42 60.75 12.17
CA ASP X 38 43.07 59.81 11.08
C ASP X 38 42.04 60.39 10.12
N LEU X 39 41.92 59.78 8.94
CA LEU X 39 40.80 60.05 8.05
C LEU X 39 39.96 58.80 7.80
N HIS X 40 38.70 58.88 8.21
CA HIS X 40 37.72 57.88 7.85
C HIS X 40 36.87 58.46 6.70
N ILE X 41 36.57 57.62 5.70
CA ILE X 41 35.65 57.96 4.61
C ILE X 41 34.70 56.78 4.45
N LEU X 42 33.46 56.93 4.92
CA LEU X 42 32.51 55.82 5.07
C LEU X 42 31.22 56.07 4.27
N PRO X 43 30.42 55.02 4.01
CA PRO X 43 29.17 55.21 3.25
C PRO X 43 28.28 56.33 3.77
N VAL X 44 28.16 56.41 5.10
CA VAL X 44 27.32 57.39 5.76
C VAL X 44 27.58 58.80 5.20
N ALA X 45 28.79 59.03 4.70
CA ALA X 45 29.14 60.33 4.16
C ALA X 45 28.34 60.67 2.91
N PHE X 46 28.19 59.69 2.01
CA PHE X 46 27.49 59.89 0.73
C PHE X 46 25.97 59.81 0.84
N ARG X 47 25.50 59.07 1.84
CA ARG X 47 24.05 58.91 2.07
C ARG X 47 23.44 60.03 2.92
N GLY X 48 24.20 60.63 3.83
CA GLY X 48 23.63 61.56 4.77
C GLY X 48 23.17 60.80 5.99
N ASP X 49 22.68 61.51 6.99
CA ASP X 49 22.30 60.94 8.28
C ASP X 49 21.27 61.84 8.93
N SER X 50 20.11 61.30 9.28
CA SER X 50 19.06 62.10 9.90
C SER X 50 19.26 62.32 11.39
N PHE X 51 19.72 61.29 12.09
CA PHE X 51 19.92 61.38 13.54
C PHE X 51 20.92 62.46 13.96
N THR X 52 21.91 62.76 13.11
CA THR X 52 22.85 63.85 13.41
C THR X 52 22.77 65.08 12.48
N HIS X 53 21.63 65.22 11.78
CA HIS X 53 21.30 66.37 10.92
C HIS X 53 22.38 66.75 9.93
N THR X 54 22.96 65.75 9.30
CA THR X 54 24.02 65.99 8.33
C THR X 54 23.54 65.63 6.91
N PRO X 55 23.61 66.61 5.97
CA PRO X 55 23.24 66.40 4.58
C PRO X 55 24.22 65.46 3.89
N PRO X 56 23.83 64.90 2.73
CA PRO X 56 24.80 64.06 2.02
C PRO X 56 25.89 64.95 1.42
N LEU X 57 27.05 64.35 1.16
CA LEU X 57 28.17 65.08 0.62
C LEU X 57 28.12 65.14 -0.91
N ASP X 58 28.37 66.34 -1.45
CA ASP X 58 28.60 66.49 -2.89
C ASP X 58 30.02 66.01 -3.18
N PRO X 59 30.16 64.88 -3.93
CA PRO X 59 31.46 64.25 -4.17
C PRO X 59 32.57 65.19 -4.63
N GLN X 60 32.24 66.16 -5.49
CA GLN X 60 33.26 67.06 -6.03
C GLN X 60 34.02 67.71 -4.89
N GLU X 61 33.36 67.81 -3.74
CA GLU X 61 33.89 68.49 -2.55
C GLU X 61 35.07 67.73 -1.90
N LEU X 62 35.17 66.43 -2.14
CA LEU X 62 36.31 65.64 -1.68
C LEU X 62 37.66 66.17 -2.19
N ASP X 63 37.63 66.98 -3.25
CA ASP X 63 38.82 67.63 -3.83
C ASP X 63 39.47 68.69 -2.93
N ILE X 64 38.76 69.11 -1.89
CA ILE X 64 39.32 70.03 -0.89
C ILE X 64 40.55 69.41 -0.20
N LEU X 65 40.62 68.07 -0.26
CA LEU X 65 41.74 67.28 0.28
C LEU X 65 43.02 67.23 -0.59
N LYS X 66 43.06 68.04 -1.65
CA LYS X 66 44.25 68.14 -2.52
C LYS X 66 45.46 68.79 -1.85
N THR X 67 45.22 69.61 -0.82
CA THR X 67 46.31 70.30 -0.11
C THR X 67 47.07 69.38 0.87
N VAL X 68 46.50 68.23 1.19
CA VAL X 68 47.02 67.37 2.25
C VAL X 68 48.29 66.63 1.84
N LYS X 69 49.40 66.94 2.51
CA LYS X 69 50.71 66.28 2.30
C LYS X 69 51.07 65.19 3.32
N GLU X 70 50.42 65.21 4.49
CA GLU X 70 50.81 64.33 5.59
C GLU X 70 49.63 63.98 6.51
N ILE X 71 49.66 62.75 7.04
CA ILE X 71 48.68 62.24 8.01
C ILE X 71 49.41 61.47 9.11
N THR X 72 49.22 61.88 10.37
CA THR X 72 49.94 61.24 11.49
C THR X 72 49.30 59.90 11.90
N GLY X 73 48.00 59.74 11.65
CA GLY X 73 47.32 58.48 11.93
C GLY X 73 47.17 57.59 10.71
N PHE X 74 45.95 57.12 10.46
CA PHE X 74 45.70 56.25 9.32
C PHE X 74 44.68 56.76 8.30
N LEU X 75 44.69 56.20 7.09
CA LEU X 75 43.70 56.50 6.08
C LEU X 75 42.84 55.25 5.77
N LEU X 76 41.52 55.41 5.94
CA LEU X 76 40.54 54.34 5.78
C LEU X 76 39.41 54.77 4.84
N ILE X 77 39.34 54.17 3.66
CA ILE X 77 38.27 54.48 2.73
C ILE X 77 37.44 53.21 2.45
N GLN X 78 36.19 53.20 2.89
CA GLN X 78 35.27 52.10 2.56
C GLN X 78 34.07 52.51 1.67
N ALA X 79 34.13 53.71 1.08
CA ALA X 79 33.14 54.18 0.12
C ALA X 79 33.71 55.33 -0.74
N TRP X 80 33.55 55.20 -2.05
CA TRP X 80 34.10 56.16 -3.00
C TRP X 80 33.12 56.42 -4.13
N PRO X 81 33.03 57.67 -4.64
CA PRO X 81 32.16 57.90 -5.82
C PRO X 81 32.40 56.88 -6.91
N GLU X 82 31.31 56.25 -7.35
CA GLU X 82 31.37 55.10 -8.24
C GLU X 82 31.86 55.41 -9.65
N ASN X 83 31.86 56.69 -10.03
CA ASN X 83 32.34 57.10 -11.35
C ASN X 83 33.76 57.68 -11.36
N ARG X 84 34.51 57.50 -10.28
CA ARG X 84 35.92 57.93 -10.27
C ARG X 84 36.83 56.70 -10.37
N THR X 85 37.75 56.72 -11.34
CA THR X 85 38.59 55.56 -11.61
C THR X 85 39.72 55.33 -10.60
N ASP X 86 40.10 56.38 -9.87
CA ASP X 86 41.21 56.33 -8.91
C ASP X 86 40.95 57.23 -7.72
N LEU X 87 41.88 57.27 -6.77
CA LEU X 87 41.79 58.19 -5.61
C LEU X 87 42.42 59.57 -5.92
N HIS X 88 41.84 60.26 -6.91
CA HIS X 88 42.32 61.57 -7.40
C HIS X 88 42.57 62.60 -6.29
N ALA X 89 41.68 62.63 -5.30
CA ALA X 89 41.73 63.61 -4.20
C ALA X 89 42.97 63.53 -3.28
N PHE X 90 43.61 62.36 -3.25
CA PHE X 90 44.77 62.09 -2.41
C PHE X 90 46.08 61.99 -3.19
N GLU X 91 46.06 62.48 -4.43
CA GLU X 91 47.20 62.31 -5.33
C GLU X 91 48.43 63.06 -4.84
N ASN X 92 48.22 64.06 -3.99
CA ASN X 92 49.33 64.83 -3.43
C ASN X 92 49.83 64.30 -2.09
N LEU X 93 49.19 63.27 -1.55
CA LEU X 93 49.59 62.71 -0.24
C LEU X 93 51.01 62.18 -0.25
N GLU X 94 51.85 62.74 0.62
CA GLU X 94 53.27 62.40 0.66
C GLU X 94 53.65 61.31 1.69
N ILE X 95 53.02 61.34 2.88
CA ILE X 95 53.36 60.42 3.98
C ILE X 95 52.14 60.03 4.84
N ILE X 96 52.06 58.75 5.20
CA ILE X 96 51.21 58.29 6.30
C ILE X 96 52.10 57.81 7.45
N ARG X 97 51.95 58.42 8.63
CA ARG X 97 52.76 58.03 9.79
C ARG X 97 52.41 56.67 10.38
N GLY X 98 51.16 56.51 10.80
CA GLY X 98 50.74 55.29 11.46
C GLY X 98 50.97 55.31 12.96
N ARG X 99 50.98 56.50 13.56
CA ARG X 99 51.02 56.64 15.02
C ARG X 99 49.79 55.97 15.65
N THR X 100 48.61 56.18 15.04
CA THR X 100 47.37 55.48 15.41
C THR X 100 46.99 54.55 14.28
N LYS X 101 46.36 53.43 14.59
CA LYS X 101 46.09 52.36 13.59
C LYS X 101 44.66 51.81 13.66
N GLN X 102 44.15 51.35 12.52
CA GLN X 102 42.82 50.77 12.45
C GLN X 102 42.84 49.37 13.05
N HIS X 103 41.99 49.14 14.04
CA HIS X 103 42.01 47.91 14.84
C HIS X 103 43.39 47.64 15.50
N GLY X 104 44.20 48.70 15.60
CA GLY X 104 45.56 48.64 16.11
C GLY X 104 46.60 48.02 15.18
N GLN X 105 46.27 47.91 13.89
CA GLN X 105 47.12 47.19 12.92
C GLN X 105 47.38 47.90 11.58
N PHE X 106 46.35 48.48 10.98
CA PHE X 106 46.40 48.96 9.61
C PHE X 106 46.44 50.48 9.53
N SER X 107 47.43 51.01 8.80
CA SER X 107 47.56 52.45 8.65
C SER X 107 47.12 52.97 7.27
N LEU X 108 46.95 52.04 6.33
CA LEU X 108 46.25 52.33 5.08
C LEU X 108 45.32 51.15 4.82
N ALA X 109 44.09 51.47 4.43
CA ALA X 109 43.06 50.49 4.24
C ALA X 109 42.10 51.00 3.17
N VAL X 110 41.92 50.20 2.13
CA VAL X 110 41.07 50.53 0.96
C VAL X 110 40.19 49.32 0.64
N VAL X 111 38.87 49.48 0.67
CA VAL X 111 37.95 48.32 0.74
C VAL X 111 36.75 48.41 -0.19
N SER X 112 36.71 47.48 -1.15
CA SER X 112 35.59 47.35 -2.11
C SER X 112 35.11 48.66 -2.74
N LEU X 113 35.98 49.23 -3.55
CA LEU X 113 35.67 50.42 -4.33
C LEU X 113 35.61 50.06 -5.82
N ASN X 114 35.13 50.99 -6.65
CA ASN X 114 34.94 50.71 -8.07
C ASN X 114 36.18 51.06 -8.90
N ILE X 115 37.18 51.66 -8.24
CA ILE X 115 38.41 52.14 -8.90
C ILE X 115 39.16 51.09 -9.76
N THR X 116 39.88 51.55 -10.79
CA THR X 116 40.73 50.68 -11.61
C THR X 116 42.24 50.93 -11.41
N SER X 117 42.58 51.96 -10.63
CA SER X 117 43.95 52.19 -10.19
C SER X 117 43.94 53.03 -8.90
N LEU X 118 45.02 52.92 -8.12
CA LEU X 118 45.12 53.62 -6.85
C LEU X 118 45.28 55.12 -7.04
N GLY X 119 46.37 55.51 -7.69
CA GLY X 119 46.63 56.91 -8.01
C GLY X 119 47.37 57.69 -6.95
N LEU X 120 47.94 56.99 -5.97
CA LEU X 120 48.71 57.65 -4.92
C LEU X 120 50.15 57.95 -5.38
N ARG X 121 50.24 58.68 -6.50
CA ARG X 121 51.54 58.97 -7.13
C ARG X 121 52.58 59.70 -6.28
N SER X 122 52.15 60.53 -5.33
CA SER X 122 53.10 61.24 -4.45
C SER X 122 53.43 60.50 -3.14
N LEU X 123 52.92 59.27 -2.98
CA LEU X 123 53.16 58.51 -1.75
C LEU X 123 54.56 57.87 -1.67
N LYS X 124 55.42 58.39 -0.81
CA LYS X 124 56.82 57.92 -0.70
C LYS X 124 57.16 57.19 0.62
N GLU X 125 56.29 57.30 1.62
CA GLU X 125 56.54 56.68 2.94
C GLU X 125 55.27 56.33 3.70
N ILE X 126 55.25 55.11 4.23
CA ILE X 126 54.29 54.67 5.24
C ILE X 126 55.12 54.23 6.45
N SER X 127 55.27 55.13 7.43
CA SER X 127 56.26 54.97 8.52
C SER X 127 56.05 53.76 9.43
N ASP X 128 54.78 53.46 9.74
CA ASP X 128 54.41 52.35 10.60
C ASP X 128 53.05 51.81 10.14
N GLY X 129 52.75 50.55 10.49
CA GLY X 129 51.44 49.98 10.26
C GLY X 129 51.33 49.26 8.94
N ASP X 130 50.45 48.27 8.90
CA ASP X 130 50.24 47.47 7.73
C ASP X 130 49.26 48.14 6.72
N VAL X 131 49.15 47.51 5.55
CA VAL X 131 48.41 48.02 4.43
C VAL X 131 47.45 46.92 4.03
N ILE X 132 46.18 47.26 3.82
CA ILE X 132 45.23 46.30 3.30
C ILE X 132 44.45 46.90 2.12
N ILE X 133 44.49 46.15 1.01
CA ILE X 133 43.77 46.49 -0.20
C ILE X 133 42.89 45.28 -0.51
N SER X 134 41.58 45.47 -0.34
CA SER X 134 40.67 44.36 -0.25
C SER X 134 39.45 44.48 -1.12
N GLY X 135 39.31 43.55 -2.06
CA GLY X 135 38.06 43.34 -2.81
C GLY X 135 37.67 44.49 -3.72
N ASN X 136 38.66 45.10 -4.35
CA ASN X 136 38.38 46.07 -5.40
C ASN X 136 38.42 45.29 -6.70
N LYS X 137 37.25 44.75 -7.04
CA LYS X 137 37.09 43.82 -8.15
C LYS X 137 37.55 44.33 -9.52
N ASN X 138 37.76 45.65 -9.66
CA ASN X 138 38.28 46.23 -10.94
C ASN X 138 39.73 46.74 -10.85
N LEU X 139 40.32 46.68 -9.67
CA LEU X 139 41.61 47.34 -9.43
C LEU X 139 42.81 46.59 -10.01
N CYS X 140 43.65 47.31 -10.77
CA CYS X 140 44.91 46.80 -11.35
C CYS X 140 46.08 47.61 -10.82
N TYR X 141 47.29 47.18 -11.15
CA TYR X 141 48.57 47.88 -10.86
C TYR X 141 49.13 47.69 -9.45
N ALA X 142 48.25 47.52 -8.45
CA ALA X 142 48.65 47.43 -7.05
C ALA X 142 49.83 46.50 -6.79
N ASN X 143 49.89 45.40 -7.54
CA ASN X 143 50.97 44.43 -7.37
C ASN X 143 52.30 44.76 -8.06
N THR X 144 52.40 45.94 -8.69
CA THR X 144 53.60 46.30 -9.48
C THR X 144 54.64 47.00 -8.63
N ILE X 145 54.22 47.61 -7.54
CA ILE X 145 55.17 48.40 -6.75
C ILE X 145 55.88 47.59 -5.66
N ASN X 146 56.81 48.26 -4.98
CA ASN X 146 57.63 47.63 -3.98
C ASN X 146 57.35 48.28 -2.64
N TRP X 147 56.32 47.79 -1.97
CA TRP X 147 55.80 48.43 -0.77
C TRP X 147 56.86 48.57 0.32
N LYS X 148 57.83 47.66 0.29
CA LYS X 148 58.91 47.66 1.27
C LYS X 148 59.85 48.88 1.15
N LYS X 149 59.90 49.48 -0.04
CA LYS X 149 60.62 50.73 -0.25
C LYS X 149 59.94 51.96 0.40
N LEU X 150 58.74 51.76 0.96
CA LEU X 150 57.95 52.83 1.60
C LEU X 150 57.82 52.67 3.12
N PHE X 151 58.10 51.46 3.62
CA PHE X 151 58.01 51.13 5.05
C PHE X 151 59.19 51.62 5.86
N GLY X 152 58.93 52.01 7.12
CA GLY X 152 60.00 52.47 8.03
C GLY X 152 60.25 51.58 9.24
N THR X 153 59.23 50.85 9.69
CA THR X 153 59.30 49.99 10.86
C THR X 153 59.37 48.55 10.39
N SER X 154 60.10 47.71 11.13
CA SER X 154 60.20 46.29 10.83
C SER X 154 58.84 45.67 11.06
N GLY X 155 58.62 44.48 10.49
CA GLY X 155 57.36 43.80 10.63
C GLY X 155 56.19 44.32 9.83
N GLN X 156 56.33 45.45 9.13
CA GLN X 156 55.28 45.95 8.22
C GLN X 156 55.03 45.03 7.00
N LYS X 157 53.77 44.89 6.59
CA LYS X 157 53.44 44.18 5.34
C LYS X 157 52.19 44.71 4.62
N THR X 158 51.97 44.21 3.41
CA THR X 158 50.83 44.61 2.57
C THR X 158 49.96 43.42 2.21
N LYS X 159 48.67 43.50 2.54
CA LYS X 159 47.72 42.47 2.16
C LYS X 159 46.86 42.91 0.98
N ILE X 160 47.07 42.23 -0.15
CA ILE X 160 46.36 42.52 -1.39
C ILE X 160 45.51 41.30 -1.71
N ILE X 161 44.24 41.36 -1.31
CA ILE X 161 43.36 40.20 -1.44
C ILE X 161 42.08 40.47 -2.24
N SER X 162 41.67 39.45 -3.00
CA SER X 162 40.40 39.42 -3.74
C SER X 162 40.15 40.60 -4.68
N ASN X 163 41.24 41.08 -5.30
CA ASN X 163 41.16 42.10 -6.35
C ASN X 163 41.18 41.43 -7.71
N ARG X 164 41.13 42.23 -8.78
CA ARG X 164 41.15 41.70 -10.13
C ARG X 164 42.45 40.94 -10.36
N GLY X 165 42.39 39.91 -11.19
CA GLY X 165 43.54 39.04 -11.42
C GLY X 165 44.59 39.65 -12.33
N GLU X 166 45.84 39.26 -12.10
CA GLU X 166 46.97 39.76 -12.88
C GLU X 166 46.79 39.49 -14.36
N ASN X 167 46.47 38.25 -14.70
CA ASN X 167 46.26 37.86 -16.08
C ASN X 167 45.18 38.70 -16.78
N SER X 168 44.06 38.95 -16.10
CA SER X 168 43.01 39.80 -16.63
C SER X 168 43.55 41.16 -17.06
N CYS X 169 44.24 41.85 -16.16
CA CYS X 169 44.84 43.17 -16.43
C CYS X 169 45.79 43.16 -17.63
N LYS X 170 46.68 42.16 -17.68
CA LYS X 170 47.67 42.03 -18.75
C LYS X 170 47.00 41.97 -20.13
N ALA X 171 45.93 41.18 -20.23
CA ALA X 171 45.19 41.05 -21.48
C ALA X 171 44.42 42.33 -21.88
N THR X 172 43.86 43.05 -20.92
CA THR X 172 43.14 44.30 -21.24
C THR X 172 44.05 45.53 -21.37
N GLY X 173 45.33 45.28 -21.61
CA GLY X 173 46.32 46.35 -21.79
C GLY X 173 46.62 47.19 -20.54
N GLN X 174 46.14 46.74 -19.38
CA GLN X 174 46.28 47.51 -18.14
C GLN X 174 47.51 47.12 -17.30
N VAL X 175 48.67 47.62 -17.74
CA VAL X 175 49.94 47.39 -17.08
C VAL X 175 50.71 48.71 -17.13
N CYS X 176 51.85 48.79 -16.44
CA CYS X 176 52.65 50.01 -16.43
C CYS X 176 53.07 50.41 -17.84
N HIS X 177 53.32 51.71 -18.04
CA HIS X 177 53.71 52.24 -19.34
C HIS X 177 55.13 51.80 -19.71
N ALA X 178 55.51 52.01 -20.97
CA ALA X 178 56.86 51.71 -21.41
C ALA X 178 57.90 52.57 -20.68
N LEU X 179 57.59 53.84 -20.45
CA LEU X 179 58.56 54.77 -19.85
C LEU X 179 58.89 54.49 -18.37
N CYS X 180 58.13 53.59 -17.75
CA CYS X 180 58.36 53.26 -16.33
C CYS X 180 59.62 52.42 -16.11
N SER X 181 60.26 52.65 -14.97
CA SER X 181 61.34 51.79 -14.51
C SER X 181 60.74 50.54 -13.86
N PRO X 182 61.57 49.50 -13.64
CA PRO X 182 61.20 48.33 -12.83
C PRO X 182 60.51 48.65 -11.50
N GLU X 183 60.64 49.88 -11.01
CA GLU X 183 60.16 50.27 -9.68
C GLU X 183 58.64 50.22 -9.52
N GLY X 184 57.92 50.39 -10.62
CA GLY X 184 56.46 50.25 -10.63
C GLY X 184 55.68 51.50 -11.01
N CYS X 185 54.35 51.39 -10.94
CA CYS X 185 53.46 52.51 -11.27
C CYS X 185 52.20 52.54 -10.42
N TRP X 186 51.57 53.72 -10.38
CA TRP X 186 50.28 53.91 -9.67
C TRP X 186 49.07 53.93 -10.64
N GLY X 187 49.35 53.60 -11.90
CA GLY X 187 48.35 53.61 -12.98
C GLY X 187 48.93 53.56 -14.40
N PRO X 188 48.08 53.78 -15.42
CA PRO X 188 48.47 53.67 -16.83
C PRO X 188 49.50 54.67 -17.36
N GLU X 189 49.45 55.92 -16.90
CA GLU X 189 50.15 57.06 -17.54
C GLU X 189 51.56 57.36 -17.04
N PRO X 190 52.49 57.75 -17.96
CA PRO X 190 53.84 58.22 -17.61
C PRO X 190 53.98 58.99 -16.27
N ARG X 191 53.17 60.05 -16.06
CA ARG X 191 53.19 60.81 -14.79
C ARG X 191 52.89 59.96 -13.55
N ASP X 192 52.43 58.72 -13.75
CA ASP X 192 52.14 57.81 -12.63
C ASP X 192 53.25 56.78 -12.33
N CYS X 193 54.36 56.80 -13.08
CA CYS X 193 55.49 55.90 -12.81
C CYS X 193 56.15 56.28 -11.48
N VAL X 194 56.69 55.27 -10.80
CA VAL X 194 57.52 55.51 -9.62
C VAL X 194 58.79 56.24 -10.05
N SER X 195 59.49 55.72 -11.06
CA SER X 195 60.71 56.36 -11.56
C SER X 195 60.65 56.64 -13.07
N CYS X 196 61.37 57.69 -13.50
CA CYS X 196 61.55 58.11 -14.92
C CYS X 196 60.68 59.32 -15.33
C1 NAG Y . -44.57 48.85 31.22
C2 NAG Y . -44.13 49.02 29.75
C3 NAG Y . -43.74 50.47 29.43
C4 NAG Y . -44.84 51.44 29.83
C5 NAG Y . -45.24 51.19 31.28
C6 NAG Y . -46.45 52.03 31.64
C7 NAG Y . -43.10 46.92 29.09
C8 NAG Y . -41.89 46.29 28.51
N2 NAG Y . -43.00 48.19 29.41
O3 NAG Y . -43.50 50.57 28.05
O4 NAG Y . -44.40 52.78 29.65
O5 NAG Y . -45.58 49.81 31.50
O6 NAG Y . -47.52 51.68 30.80
O7 NAG Y . -44.13 46.26 29.28
C1 NAG Y . -44.90 53.39 28.34
C2 NAG Y . -45.01 54.90 28.49
C3 NAG Y . -45.52 55.54 27.21
C4 NAG Y . -44.72 55.09 25.99
C5 NAG Y . -44.58 53.55 25.98
C6 NAG Y . -43.67 53.06 24.86
C7 NAG Y . -45.44 55.77 30.73
C8 NAG Y . -46.45 56.25 31.73
N2 NAG Y . -45.89 55.25 29.59
O3 NAG Y . -45.38 56.93 27.28
O4 NAG Y . -45.35 55.57 24.82
O5 NAG Y . -44.07 53.11 27.22
O6 NAG Y . -42.33 53.12 25.27
O7 NAG Y . -44.24 55.86 30.99
C1 BMA Y . -44.44 56.41 24.07
C2 BMA Y . -44.80 56.44 22.58
C3 BMA Y . -43.95 57.46 21.79
C4 BMA Y . -43.64 58.74 22.58
C5 BMA Y . -43.26 58.35 24.01
C6 BMA Y . -42.85 59.47 24.93
O2 BMA Y . -46.18 56.72 22.44
O3 BMA Y . -44.58 57.77 20.55
O4 BMA Y . -42.57 59.43 21.98
O5 BMA Y . -44.38 57.71 24.57
O6 BMA Y . -42.54 58.85 26.16
C1 MAN Y . -44.91 57.38 19.35
C2 MAN Y . -44.64 55.86 19.48
C3 MAN Y . -44.47 55.28 18.08
C4 MAN Y . -44.16 56.47 17.14
C5 MAN Y . -43.11 57.49 17.71
C6 MAN Y . -42.93 58.77 16.80
O2 MAN Y . -45.81 55.33 20.14
O3 MAN Y . -45.65 54.44 17.91
O4 MAN Y . -43.65 55.96 15.93
O5 MAN Y . -43.58 57.94 19.00
O6 MAN Y . -43.89 59.76 16.78
C1 NAG Z . -42.40 23.65 39.43
C2 NAG Z . -41.60 23.88 40.72
C3 NAG Z . -41.20 22.56 41.39
C4 NAG Z . -42.35 21.54 41.44
C5 NAG Z . -43.12 21.49 40.12
C6 NAG Z . -44.41 20.67 40.21
C7 NAG Z . -40.02 25.75 41.05
C8 NAG Z . -38.74 26.35 40.55
N2 NAG Z . -40.38 24.62 40.43
O3 NAG Z . -40.77 22.87 42.68
O4 NAG Z . -41.87 20.25 41.82
O5 NAG Z . -43.47 22.80 39.72
O6 NAG Z . -45.33 21.27 41.10
O7 NAG Z . -40.65 26.27 41.97
C1 NAG Z . -42.35 19.97 43.15
C2 NAG Z . -42.48 18.46 43.48
C3 NAG Z . -43.11 18.32 44.87
C4 NAG Z . -42.31 19.12 45.90
C5 NAG Z . -42.20 20.58 45.44
C6 NAG Z . -41.39 21.46 46.38
C7 NAG Z . -42.72 16.76 41.74
C8 NAG Z . -42.91 15.35 42.23
N2 NAG Z . -43.25 17.75 42.48
O3 NAG Z . -43.15 16.98 45.26
O4 NAG Z . -42.86 19.03 47.20
O5 NAG Z . -41.58 20.60 44.15
O6 NAG Z . -42.22 21.95 47.42
O7 NAG Z . -42.10 16.98 40.69
C1 NAG AA . 8.54 -74.76 29.82
C2 NAG AA . 9.92 -74.09 29.82
C3 NAG AA . 10.92 -74.95 29.02
C4 NAG AA . 10.92 -76.41 29.48
C5 NAG AA . 9.49 -76.92 29.63
C6 NAG AA . 9.43 -78.32 30.23
C7 NAG AA . 9.78 -71.66 30.09
C8 NAG AA . 10.22 -70.34 29.52
N2 NAG AA . 9.86 -72.74 29.30
O3 NAG AA . 12.22 -74.42 29.15
O4 NAG AA . 11.61 -77.22 28.55
O5 NAG AA . 8.71 -76.05 30.41
O6 NAG AA . 9.64 -78.25 31.64
O7 NAG AA . 9.37 -71.67 31.25
C1 NAG AA . 12.97 -77.48 28.94
C2 NAG AA . 13.37 -78.86 28.43
C3 NAG AA . 14.82 -79.15 28.85
C4 NAG AA . 15.75 -78.03 28.39
C5 NAG AA . 15.21 -76.61 28.68
C6 NAG AA . 15.89 -75.56 27.82
C7 NAG AA . 11.59 -80.48 28.16
C8 NAG AA . 10.88 -81.66 28.77
N2 NAG AA . 12.48 -79.87 28.94
O3 NAG AA . 15.27 -80.40 28.34
O4 NAG AA . 17.01 -78.22 29.01
O5 NAG AA . 13.82 -76.48 28.43
O6 NAG AA . 16.19 -74.43 28.60
O7 NAG AA . 11.33 -80.12 27.01
C1 BMA AA . 18.02 -78.34 27.98
C2 BMA AA . 19.22 -77.43 28.30
C3 BMA AA . 20.22 -77.45 27.14
C4 BMA AA . 20.42 -78.85 26.54
C5 BMA AA . 19.11 -79.67 26.43
C6 BMA AA . 19.35 -81.11 25.95
O2 BMA AA . 19.84 -77.84 29.51
O3 BMA AA . 21.47 -76.93 27.54
O4 BMA AA . 21.00 -78.68 25.27
O5 BMA AA . 18.44 -79.66 27.67
O6 BMA AA . 18.58 -81.38 24.79
C1 NAG BA . -10.19 -56.76 36.07
C2 NAG BA . -11.13 -57.16 34.94
C3 NAG BA . -12.27 -56.14 34.79
C4 NAG BA . -12.94 -55.81 36.14
C5 NAG BA . -11.87 -55.57 37.22
C6 NAG BA . -12.44 -55.40 38.62
C7 NAG BA . -10.85 -58.39 32.87
C8 NAG BA . -10.27 -58.44 31.48
N2 NAG BA . -10.42 -57.41 33.68
O3 NAG BA . -13.21 -56.65 33.88
O4 NAG BA . -13.74 -54.66 35.96
O5 NAG BA . -10.97 -56.67 37.25
O6 NAG BA . -13.11 -56.58 38.99
O7 NAG BA . -11.71 -59.21 33.21
C1 NAG BA . -15.10 -54.68 36.49
C2 NAG BA . -15.75 -53.33 36.10
C3 NAG BA . -17.14 -53.36 35.41
C4 NAG BA . -17.71 -54.77 35.17
C5 NAG BA . -17.28 -55.65 36.35
C6 NAG BA . -18.05 -56.97 36.49
C7 NAG BA . -14.97 -52.27 38.22
C8 NAG BA . -15.50 -52.60 39.60
N2 NAG BA . -15.86 -52.41 37.23
O3 NAG BA . -17.09 -52.63 34.21
O4 NAG BA . -19.12 -54.73 34.98
O5 NAG BA . -15.88 -55.84 36.22
O6 NAG BA . -17.90 -57.81 35.37
O7 NAG BA . -13.80 -51.89 38.06
C1 NAG CA . 1.01 -75.43 13.30
C2 NAG CA . -0.49 -75.77 13.44
C3 NAG CA . -0.73 -77.24 13.80
C4 NAG CA . 0.07 -78.24 12.97
C5 NAG CA . 1.51 -77.72 12.89
C6 NAG CA . 2.45 -78.64 12.11
C7 NAG CA . -1.82 -73.78 13.91
C8 NAG CA . -2.79 -73.13 14.88
N2 NAG CA . -1.18 -74.87 14.35
O3 NAG CA . -2.11 -77.51 13.67
O4 NAG CA . 0.05 -79.49 13.61
O5 NAG CA . 1.57 -76.39 12.40
O6 NAG CA . 2.07 -78.77 10.77
O7 NAG CA . -1.67 -73.31 12.76
C1 NAG CA . -0.86 -80.45 13.05
C2 NAG CA . -0.36 -81.89 13.17
C3 NAG CA . -1.39 -82.90 12.66
C4 NAG CA . -2.81 -82.63 13.17
C5 NAG CA . -3.12 -81.13 13.00
C6 NAG CA . -4.49 -80.71 13.54
C7 NAG CA . 2.00 -82.45 13.10
C8 NAG CA . 3.29 -82.45 12.31
N2 NAG CA . 0.88 -82.08 12.45
O3 NAG CA . -0.98 -84.19 13.05
O4 NAG CA . -3.76 -83.41 12.47
O5 NAG CA . -2.12 -80.38 13.66
O6 NAG CA . -4.56 -81.12 14.89
O7 NAG CA . 2.01 -82.78 14.27
C1 BMA CA . -3.85 -84.73 13.04
C2 BMA CA . -5.23 -84.93 13.65
C3 BMA CA . -5.86 -86.24 13.21
C4 BMA CA . -4.88 -87.40 13.25
C5 BMA CA . -3.52 -87.00 12.66
C6 BMA CA . -3.05 -88.02 11.63
O2 BMA CA . -6.06 -83.85 13.29
O3 BMA CA . -6.41 -86.11 11.91
O4 BMA CA . -4.71 -87.83 14.58
O5 BMA CA . -3.61 -85.73 12.08
O6 BMA CA . -2.03 -88.81 12.17
C1 MAN CA . -7.74 -85.59 12.02
C2 MAN CA . -8.55 -86.43 12.96
C3 MAN CA . -9.82 -86.86 12.28
C4 MAN CA . -10.39 -85.52 12.07
C5 MAN CA . -9.72 -84.98 10.86
C6 MAN CA . -9.81 -83.48 10.84
O2 MAN CA . -8.97 -85.46 13.87
O3 MAN CA . -10.76 -87.43 13.17
O4 MAN CA . -11.77 -85.69 11.94
O5 MAN CA . -8.40 -85.45 10.80
O6 MAN CA . -10.60 -83.10 9.74
C1 NAG DA . 3.97 -49.09 12.90
C2 NAG DA . 4.96 -49.11 14.07
C3 NAG DA . 5.38 -47.70 14.52
C4 NAG DA . 5.79 -46.86 13.30
C5 NAG DA . 4.65 -46.86 12.29
C6 NAG DA . 5.00 -46.05 11.05
C7 NAG DA . 5.07 -50.63 15.96
C8 NAG DA . 4.37 -51.18 17.18
N2 NAG DA . 4.37 -49.80 15.20
O3 NAG DA . 6.44 -47.76 15.44
O4 NAG DA . 6.12 -45.55 13.73
O5 NAG DA . 4.42 -48.20 11.90
O6 NAG DA . 5.95 -46.83 10.35
O7 NAG DA . 6.25 -50.95 15.72
C1 NAG DA . 7.50 -45.28 13.40
C2 NAG DA . 7.69 -43.77 13.45
C3 NAG DA . 9.16 -43.43 13.23
C4 NAG DA . 9.93 -44.15 14.34
C5 NAG DA . 9.78 -45.65 14.11
C6 NAG DA . 10.55 -46.46 15.14
C7 NAG DA . 5.57 -42.74 12.76
C8 NAG DA . 4.88 -41.91 11.71
N2 NAG DA . 6.81 -43.14 12.47
O3 NAG DA . 9.40 -42.03 13.23
O4 NAG DA . 11.29 -43.77 14.38
O5 NAG DA . 8.40 -46.02 14.21
O6 NAG DA . 11.76 -46.89 14.55
O7 NAG DA . 5.00 -43.02 13.82
C1 NAG EA . -30.50 52.59 42.94
C2 NAG EA . -31.00 52.12 44.32
C3 NAG EA . -32.17 52.96 44.80
C4 NAG EA . -31.76 54.42 44.82
C5 NAG EA . -31.28 54.83 43.44
C6 NAG EA . -30.82 56.28 43.43
C7 NAG EA . -30.50 49.78 44.60
C8 NAG EA . -31.03 48.41 44.88
N2 NAG EA . -31.39 50.74 44.34
O3 NAG EA . -32.56 52.57 46.10
O4 NAG EA . -32.89 55.21 45.15
O5 NAG EA . -30.22 53.98 43.01
O6 NAG EA . -29.63 56.42 44.17
O7 NAG EA . -29.27 49.99 44.60
C1 NAG EA . -32.83 55.75 46.47
C2 NAG EA . -33.74 56.97 46.48
C3 NAG EA . -33.89 57.53 47.88
C4 NAG EA . -34.19 56.46 48.94
C5 NAG EA . -33.34 55.20 48.74
C6 NAG EA . -33.90 54.05 49.56
C7 NAG EA . -33.86 58.44 44.49
C8 NAG EA . -33.40 59.77 43.97
N2 NAG EA . -33.23 57.99 45.58
O3 NAG EA . -34.96 58.43 47.84
O4 NAG EA . -33.89 56.97 50.21
O5 NAG EA . -33.32 54.80 47.39
O6 NAG EA . -35.30 54.09 49.47
O7 NAG EA . -34.77 57.83 43.90
C1 BMA EA . -35.05 57.40 50.97
C2 BMA EA . -35.34 56.38 52.10
C3 BMA EA . -35.89 56.94 53.42
C4 BMA EA . -36.00 58.47 53.54
C5 BMA EA . -35.88 59.24 52.23
C6 BMA EA . -35.50 60.69 52.52
O2 BMA EA . -34.18 55.61 52.37
O3 BMA EA . -35.06 56.48 54.48
O4 BMA EA . -37.24 58.77 54.15
O5 BMA EA . -34.84 58.71 51.44
O6 BMA EA . -36.39 61.56 51.81
C1 MAN EA . -35.67 55.63 55.43
C2 MAN EA . -34.96 54.28 55.48
C3 MAN EA . -35.08 53.66 56.87
C4 MAN EA . -34.82 54.70 57.95
C5 MAN EA . -35.68 55.93 57.75
C6 MAN EA . -34.82 57.18 57.61
O2 MAN EA . -33.60 54.46 55.15
O3 MAN EA . -34.14 52.61 56.98
O4 MAN EA . -35.10 54.13 59.21
O5 MAN EA . -36.47 55.78 56.58
O6 MAN EA . -34.33 57.29 56.29
C1 NAG FA . -23.75 40.66 25.68
C2 NAG FA . -23.92 40.86 24.17
C3 NAG FA . -25.24 41.61 23.86
C4 NAG FA . -26.47 40.94 24.49
C5 NAG FA . -26.18 40.73 25.99
C6 NAG FA . -27.36 40.06 26.71
C7 NAG FA . -22.00 40.93 22.63
C8 NAG FA . -21.47 41.80 21.54
N2 NAG FA . -22.75 41.50 23.59
O3 NAG FA . -25.44 41.71 22.46
O4 NAG FA . -27.63 41.74 24.33
O5 NAG FA . -24.93 40.03 26.18
O6 NAG FA . -27.27 38.65 26.86
O7 NAG FA . -21.73 39.72 22.60
C1 NAG FA . -28.66 41.20 23.44
C2 NAG FA . -30.08 41.65 23.86
C3 NAG FA . -31.16 41.20 22.87
C4 NAG FA . -30.81 41.36 21.39
C5 NAG FA . -29.33 41.02 21.13
C6 NAG FA . -28.91 41.52 19.75
C7 NAG FA . -30.86 41.92 26.16
C8 NAG FA . -32.34 42.09 26.35
N2 NAG FA . -30.43 41.14 25.19
O3 NAG FA . -32.37 41.88 23.10
O4 NAG FA . -31.66 40.52 20.62
O5 NAG FA . -28.45 41.58 22.09
O6 NAG FA . -27.53 41.28 19.58
O7 NAG FA . -30.09 42.50 26.92
C1 BMA FA . -32.50 41.27 19.70
C2 BMA FA . -32.44 40.64 18.32
C3 BMA FA . -33.19 41.51 17.32
C4 BMA FA . -34.61 41.87 17.81
C5 BMA FA . -34.70 42.15 19.33
C6 BMA FA . -36.13 41.94 19.82
O2 BMA FA . -33.03 39.35 18.38
O3 BMA FA . -33.25 40.93 16.02
O4 BMA FA . -35.02 43.02 17.10
O5 BMA FA . -33.85 41.33 20.13
O6 BMA FA . -36.87 43.15 19.74
C1 NAG GA . -17.68 32.98 30.52
C2 NAG GA . -18.53 32.97 29.26
C3 NAG GA . -18.18 31.72 28.44
C4 NAG GA . -16.68 31.70 28.14
C5 NAG GA . -15.75 32.24 29.25
C6 NAG GA . -14.53 32.92 28.62
C7 NAG GA . -20.70 33.94 28.66
C8 NAG GA . -20.01 34.81 27.63
N2 NAG GA . -19.97 33.18 29.47
O3 NAG GA . -18.91 31.71 27.23
O4 NAG GA . -16.28 30.40 27.72
O5 NAG GA . -16.36 33.20 30.09
O6 NAG GA . -13.53 31.93 28.45
O7 NAG GA . -21.92 33.94 28.70
C1 NAG GA . -15.61 30.57 26.45
C2 NAG GA . -14.97 29.26 26.00
C3 NAG GA . -14.42 29.33 24.57
C4 NAG GA . -15.30 30.17 23.63
C5 NAG GA . -15.65 31.50 24.28
C6 NAG GA . -16.36 32.50 23.36
C7 NAG GA . -13.99 28.18 27.97
C8 NAG GA . -12.72 27.85 28.71
N2 NAG GA . -13.87 28.99 26.92
O3 NAG GA . -14.25 28.02 24.07
O4 NAG GA . -14.65 30.36 22.38
O5 NAG GA . -16.40 31.21 25.45
O6 NAG GA . -17.75 32.55 23.63
O7 NAG GA . -15.08 27.72 28.36
C1 NAG HA . 13.68 71.67 2.66
C2 NAG HA . 14.16 72.33 1.34
C3 NAG HA . 15.03 73.55 1.61
C4 NAG HA . 14.33 74.49 2.59
C5 NAG HA . 14.00 73.73 3.87
C6 NAG HA . 13.33 74.66 4.89
C7 NAG HA . 14.33 70.51 -0.28
C8 NAG HA . 15.21 69.67 -1.16
N2 NAG HA . 14.92 71.42 0.51
O3 NAG HA . 15.35 74.20 0.40
O4 NAG HA . 15.24 75.50 2.95
O5 NAG HA . 13.16 72.61 3.59
O6 NAG HA . 12.08 75.06 4.37
O7 NAG HA . 13.12 70.35 -0.26
C1 NAG HA . 14.94 76.73 2.29
C2 NAG HA . 15.45 77.82 3.21
C3 NAG HA . 15.00 79.13 2.62
C4 NAG HA . 15.68 79.30 1.27
C5 NAG HA . 15.43 78.07 0.36
C6 NAG HA . 16.35 78.06 -0.86
C7 NAG HA . 15.68 77.57 5.59
C8 NAG HA . 15.17 78.25 6.82
N2 NAG HA . 14.89 77.65 4.52
O3 NAG HA . 15.31 80.17 3.52
O4 NAG HA . 15.13 80.44 0.65
O5 NAG HA . 15.62 76.84 1.06
O6 NAG HA . 17.68 77.86 -0.43
O7 NAG HA . 16.76 76.96 5.58
C1 BMA HA . 16.22 81.41 0.69
C2 BMA HA . 16.83 81.61 -0.69
C3 BMA HA . 17.58 82.94 -0.78
C4 BMA HA . 16.78 84.11 -0.18
C5 BMA HA . 16.23 83.69 1.20
C6 BMA HA . 15.44 84.79 1.93
O2 BMA HA . 15.81 81.55 -1.66
O3 BMA HA . 18.07 83.10 -2.11
O4 BMA HA . 17.64 85.23 -0.03
O5 BMA HA . 15.44 82.53 1.04
O6 BMA HA . 15.46 84.56 3.32
C1 MAN HA . 17.49 83.63 -3.27
C2 MAN HA . 17.74 85.15 -3.29
C3 MAN HA . 17.49 85.65 -4.71
C4 MAN HA . 16.64 84.56 -5.43
C5 MAN HA . 15.48 83.97 -4.58
C6 MAN HA . 14.74 82.76 -5.28
O2 MAN HA . 19.10 85.31 -2.89
O3 MAN HA . 18.81 86.06 -5.17
O4 MAN HA . 16.10 85.11 -6.61
O5 MAN HA . 16.02 83.49 -3.33
O6 MAN HA . 15.34 81.52 -5.32
C1 MAN HA . 19.95 85.98 -6.05
C2 MAN HA . 19.22 86.22 -7.38
C3 MAN HA . 20.10 85.79 -8.60
C4 MAN HA . 21.36 85.00 -8.16
C5 MAN HA . 21.05 84.01 -7.01
C6 MAN HA . 22.35 83.35 -6.52
O2 MAN HA . 18.77 87.59 -7.48
O3 MAN HA . 20.58 86.96 -9.35
O4 MAN HA . 21.79 84.20 -9.30
O5 MAN HA . 20.39 84.64 -5.84
O6 MAN HA . 21.95 82.31 -5.55
C1 NAG IA . 11.51 50.41 7.44
C2 NAG IA . 11.66 49.61 8.75
C3 NAG IA . 12.85 50.08 9.61
C4 NAG IA . 14.13 50.41 8.82
C5 NAG IA . 13.73 51.33 7.65
C6 NAG IA . 14.88 51.83 6.78
C7 NAG IA . 9.88 48.71 10.21
C8 NAG IA . 9.04 49.13 11.38
N2 NAG IA . 10.42 49.71 9.50
O3 NAG IA . 13.14 49.15 10.64
O4 NAG IA . 15.03 51.05 9.72
O5 NAG IA . 12.76 50.68 6.83
O6 NAG IA . 15.58 50.78 6.13
O7 NAG IA . 10.02 47.51 9.96
C1 NAG IA . 16.26 50.31 9.99
C2 NAG IA . 17.45 51.27 10.02
C3 NAG IA . 18.76 50.61 10.47
C4 NAG IA . 18.60 49.69 11.69
C5 NAG IA . 17.36 48.80 11.52
C6 NAG IA . 17.05 48.02 12.79
C7 NAG IA . 17.98 53.20 8.67
C8 NAG IA . 17.85 53.87 7.32
N2 NAG IA . 17.66 51.91 8.73
O3 NAG IA . 19.71 51.62 10.77
O4 NAG IA . 19.78 48.91 11.88
O5 NAG IA . 16.21 49.57 11.20
O6 NAG IA . 16.45 48.87 13.74
O7 NAG IA . 18.39 53.84 9.65
C1 BMA IA . 20.57 49.33 13.03
C2 BMA IA . 20.69 48.21 14.07
C3 BMA IA . 21.53 48.64 15.28
C4 BMA IA . 22.84 49.29 14.86
C5 BMA IA . 22.61 50.35 13.78
C6 BMA IA . 23.92 50.97 13.28
O2 BMA IA . 21.28 47.09 13.45
O3 BMA IA . 21.76 47.57 16.19
O4 BMA IA . 23.42 49.84 16.02
O5 BMA IA . 21.87 49.80 12.69
O6 BMA IA . 23.67 52.14 12.49
C1 NAG JA . 7.14 46.52 -1.13
C2 NAG JA . 8.23 45.85 -0.27
C3 NAG JA . 8.18 44.32 -0.44
C4 NAG JA . 6.77 43.78 -0.22
C5 NAG JA . 5.68 44.63 -0.88
C6 NAG JA . 4.33 44.33 -0.24
C7 NAG JA . 10.47 46.63 0.37
C8 NAG JA . 11.91 46.79 -0.07
N2 NAG JA . 9.56 46.35 -0.56
O3 NAG JA . 9.04 43.67 0.48
O4 NAG JA . 6.71 42.46 -0.70
O5 NAG JA . 5.88 46.01 -0.73
O6 NAG JA . 3.74 43.24 -0.91
O7 NAG JA . 10.20 46.78 1.57
C1 NAG JA . 6.29 41.58 0.36
C2 NAG JA . 5.83 40.23 -0.20
C3 NAG JA . 5.41 39.28 0.93
C4 NAG JA . 6.29 39.35 2.19
C5 NAG JA . 6.69 40.80 2.51
C6 NAG JA . 7.66 40.89 3.68
C7 NAG JA . 4.82 40.50 -2.43
C8 NAG JA . 3.57 40.79 -3.21
N2 NAG JA . 4.71 40.40 -1.11
O3 NAG JA . 5.41 37.98 0.40
O4 NAG JA . 5.63 38.80 3.33
O5 NAG JA . 7.27 41.39 1.36
O6 NAG JA . 6.91 40.77 4.87
O7 NAG JA . 5.89 40.39 -3.04
C1 BMA JA . 5.54 37.37 3.21
C2 BMA JA . 6.02 36.64 4.49
C3 BMA JA . 5.85 35.13 4.35
C4 BMA JA . 4.56 34.69 3.63
C5 BMA JA . 4.16 35.60 2.46
C6 BMA JA . 2.74 35.32 1.95
O2 BMA JA . 5.36 37.15 5.64
O3 BMA JA . 5.91 34.48 5.61
O4 BMA JA . 4.73 33.36 3.18
O5 BMA JA . 4.24 36.97 2.83
O6 BMA JA . 2.77 34.54 0.77
C1 NAG KA . 15.93 -48.57 -58.92
C2 NAG KA . 17.44 -48.35 -59.10
C3 NAG KA . 18.04 -49.11 -60.29
C4 NAG KA . 17.61 -50.58 -60.31
C5 NAG KA . 16.10 -50.67 -60.03
C6 NAG KA . 15.58 -52.11 -60.03
C7 NAG KA . 18.17 -46.35 -57.97
C8 NAG KA . 18.92 -45.04 -58.08
N2 NAG KA . 17.79 -46.94 -59.10
O3 NAG KA . 19.45 -49.04 -60.22
O4 NAG KA . 17.90 -51.13 -61.59
O5 NAG KA . 15.67 -49.97 -58.85
O6 NAG KA . 15.90 -52.77 -58.82
O7 NAG KA . 17.96 -46.83 -56.85
C1 NAG KA . 19.07 -51.98 -61.71
C2 NAG KA . 18.88 -53.06 -62.79
C3 NAG KA . 20.15 -53.90 -63.05
C4 NAG KA . 21.50 -53.17 -62.93
C5 NAG KA . 21.40 -52.02 -61.92
C6 NAG KA . 22.59 -51.08 -61.95
C7 NAG KA . 16.64 -54.00 -63.13
C8 NAG KA . 15.74 -55.20 -62.89
N2 NAG KA . 17.78 -53.96 -62.45
O3 NAG KA . 20.04 -54.49 -64.33
O4 NAG KA . 22.38 -54.17 -62.43
O5 NAG KA . 20.22 -51.26 -62.11
O6 NAG KA . 22.40 -50.09 -62.93
O7 NAG KA . 16.31 -53.13 -63.93
C1 BMA KA . 23.72 -54.36 -63.00
C2 BMA KA . 23.81 -55.08 -64.36
C3 BMA KA . 25.27 -55.53 -64.61
C4 BMA KA . 26.31 -54.44 -64.23
C5 BMA KA . 25.98 -53.77 -62.90
C6 BMA KA . 27.02 -52.72 -62.49
O2 BMA KA . 23.37 -54.24 -65.40
O3 BMA KA . 25.41 -55.97 -65.94
O4 BMA KA . 27.61 -54.98 -64.10
O5 BMA KA . 24.64 -53.28 -62.95
O6 BMA KA . 26.71 -51.45 -63.05
C1 NAG LA . 6.78 -30.06 -41.81
C2 NAG LA . 5.69 -29.57 -42.75
C3 NAG LA . 5.03 -28.30 -42.23
C4 NAG LA . 4.56 -28.41 -40.76
C5 NAG LA . 5.61 -29.15 -39.90
C6 NAG LA . 5.00 -29.65 -38.59
C7 NAG LA . 5.65 -29.77 -45.22
C8 NAG LA . 6.26 -29.21 -46.47
N2 NAG LA . 6.22 -29.34 -44.09
O3 NAG LA . 3.88 -27.98 -43.02
O4 NAG LA . 4.28 -27.11 -40.27
O5 NAG LA . 6.15 -30.29 -40.56
O6 NAG LA . 4.10 -30.69 -38.89
O7 NAG LA . 4.69 -30.54 -45.26
C1 NAG LA . 2.90 -26.93 -39.84
C2 NAG LA . 2.63 -25.47 -39.45
C3 NAG LA . 1.24 -25.30 -38.82
C4 NAG LA . 0.12 -26.15 -39.45
C5 NAG LA . 0.59 -27.40 -40.22
C6 NAG LA . -0.40 -27.67 -41.35
C7 NAG LA . 4.36 -25.56 -37.63
C8 NAG LA . 3.64 -26.23 -36.48
N2 NAG LA . 3.65 -24.92 -38.56
O3 NAG LA . 0.84 -23.94 -38.82
O4 NAG LA . -0.75 -26.56 -38.41
O5 NAG LA . 1.90 -27.31 -40.78
O6 NAG LA . -0.99 -28.93 -41.12
O7 NAG LA . 5.59 -25.59 -37.67
C1 NAG MA . 6.66 -39.14 -71.73
C2 NAG MA . 5.17 -39.13 -71.36
C3 NAG MA . 4.58 -40.54 -71.39
C4 NAG MA . 4.91 -41.30 -72.69
C5 NAG MA . 6.42 -41.20 -72.94
C6 NAG MA . 6.81 -41.86 -74.26
C7 NAG MA . 4.80 -37.30 -69.76
C8 NAG MA . 4.12 -36.95 -68.45
N2 NAG MA . 4.91 -38.60 -70.04
O3 NAG MA . 3.18 -40.44 -71.25
O4 NAG MA . 4.50 -42.66 -72.63
O5 NAG MA . 6.87 -39.84 -72.95
O6 NAG MA . 6.28 -41.07 -75.29
O7 NAG MA . 5.23 -36.39 -70.49
C1 NAG MA . 3.18 -42.91 -73.15
C2 NAG MA . 3.04 -44.41 -73.36
C3 NAG MA . 1.62 -44.90 -73.70
C4 NAG MA . 0.45 -44.10 -73.09
C5 NAG MA . 0.84 -42.64 -72.78
C6 NAG MA . -0.12 -41.94 -71.81
C7 NAG MA . 5.06 -45.53 -74.18
C8 NAG MA . 5.74 -46.10 -75.39
N2 NAG MA . 3.96 -44.81 -74.41
O3 NAG MA . 1.53 -46.26 -73.32
O4 NAG MA . -0.58 -44.13 -74.07
O5 NAG MA . 2.16 -42.53 -72.25
O6 NAG MA . -0.11 -42.58 -70.55
O7 NAG MA . 5.51 -45.74 -73.04
C1 BMA MA . -1.95 -44.50 -73.71
C2 BMA MA . -2.34 -45.86 -74.29
C3 BMA MA . -3.87 -46.09 -74.14
C4 BMA MA . -4.45 -45.62 -72.81
C5 BMA MA . -3.81 -44.31 -72.32
C6 BMA MA . -4.35 -43.88 -70.95
O2 BMA MA . -1.65 -46.90 -73.64
O3 BMA MA . -4.16 -47.46 -74.32
O4 BMA MA . -5.83 -45.41 -72.97
O5 BMA MA . -2.39 -44.41 -72.35
O6 BMA MA . -5.62 -43.28 -71.12
C1 NAG NA . 20.08 -17.62 -63.44
C2 NAG NA . 21.19 -18.52 -62.91
C3 NAG NA . 21.97 -17.71 -61.88
C4 NAG NA . 22.56 -16.46 -62.55
C5 NAG NA . 21.66 -15.80 -63.62
C6 NAG NA . 22.52 -15.29 -64.76
C7 NAG NA . 21.17 -20.71 -61.71
C8 NAG NA . 22.37 -21.44 -62.22
N2 NAG NA . 20.61 -19.79 -62.46
O3 NAG NA . 23.06 -18.44 -61.37
O4 NAG NA . 22.92 -15.57 -61.52
O5 NAG NA . 20.71 -16.67 -64.24
O6 NAG NA . 22.20 -13.94 -65.00
O7 NAG NA . 20.69 -20.95 -60.60
C1 NAG NA . 24.17 -14.89 -61.84
C2 NAG NA . 24.44 -13.67 -60.96
C3 NAG NA . 25.37 -12.76 -61.77
C4 NAG NA . 26.57 -13.52 -62.36
C5 NAG NA . 26.35 -15.01 -62.71
C6 NAG NA . 27.71 -15.76 -62.74
C7 NAG NA . 22.79 -11.81 -60.70
C8 NAG NA . 21.91 -11.54 -61.89
N2 NAG NA . 23.20 -13.07 -60.51
O3 NAG NA . 25.80 -11.66 -60.99
O4 NAG NA . 26.98 -12.84 -63.53
O5 NAG NA . 25.37 -15.65 -61.90
O6 NAG NA . 27.74 -16.93 -61.93
O7 NAG NA . 23.12 -10.89 -59.94
C1 NAG OA . 29.25 64.97 10.47
C2 NAG OA . 28.83 63.97 11.54
C3 NAG OA . 28.10 64.72 12.66
C4 NAG OA . 28.98 65.82 13.26
C5 NAG OA . 29.51 66.70 12.11
C6 NAG OA . 30.54 67.70 12.59
C7 NAG OA . 28.56 61.68 10.71
C8 NAG OA . 27.59 60.58 10.37
N2 NAG OA . 28.05 62.89 10.97
O3 NAG OA . 27.68 63.82 13.65
O4 NAG OA . 28.26 66.60 14.19
O5 NAG OA . 30.11 65.91 11.08
O6 NAG OA . 31.78 67.03 12.66
O7 NAG OA . 29.76 61.40 10.76
C1 NAG OA . 28.62 66.38 15.58
C2 NAG OA . 28.34 67.67 16.39
C3 NAG OA . 28.49 67.50 17.92
C4 NAG OA . 28.10 66.12 18.47
C5 NAG OA . 28.39 64.97 17.48
C6 NAG OA . 27.80 63.64 17.95
C7 NAG OA . 28.85 69.73 15.18
C8 NAG OA . 29.93 70.66 14.74
N2 NAG OA . 29.24 68.70 15.95
O3 NAG OA . 27.75 68.49 18.62
O4 NAG OA . 28.84 65.96 19.66
O5 NAG OA . 27.95 65.28 16.15
O6 NAG OA . 26.57 63.34 17.31
O7 NAG OA . 27.69 69.91 14.84
C1 BMA OA . 28.00 65.76 20.83
C2 BMA OA . 28.79 64.95 21.86
C3 BMA OA . 28.02 64.74 23.17
C4 BMA OA . 27.33 66.01 23.64
C5 BMA OA . 26.63 66.75 22.48
C6 BMA OA . 26.07 68.10 22.91
O2 BMA OA . 30.02 65.58 22.12
O3 BMA OA . 28.88 64.29 24.19
O4 BMA OA . 26.39 65.65 24.61
O5 BMA OA . 27.53 66.96 21.41
O6 BMA OA . 27.05 68.83 23.62
C1 NAG PA . 32.62 51.01 -12.18
C2 NAG PA . 31.91 52.03 -13.08
C3 NAG PA . 31.57 51.30 -14.39
C4 NAG PA . 32.88 50.90 -15.07
C5 NAG PA . 33.78 50.12 -14.09
C6 NAG PA . 35.23 50.00 -14.59
C7 NAG PA . 30.31 53.91 -12.72
C8 NAG PA . 28.95 54.25 -12.19
N2 NAG PA . 30.75 52.66 -12.45
O3 NAG PA . 30.82 52.12 -15.25
O4 NAG PA . 32.57 50.21 -16.28
O5 NAG PA . 33.85 50.72 -12.82
O6 NAG PA . 35.78 51.28 -14.87
O7 NAG PA . 30.95 54.77 -13.36
C1 NAG PA . 33.19 50.85 -17.42
C2 NAG PA . 33.31 49.84 -18.58
C3 NAG PA . 33.93 50.51 -19.80
C4 NAG PA . 32.96 51.63 -20.18
C5 NAG PA . 32.99 52.66 -19.04
C6 NAG PA . 32.15 53.90 -19.38
C7 NAG PA . 33.33 47.59 -17.65
C8 NAG PA . 34.12 46.52 -16.96
N2 NAG PA . 34.00 48.63 -18.15
O3 NAG PA . 34.11 49.63 -20.88
O4 NAG PA . 33.27 52.17 -21.44
O5 NAG PA . 32.53 52.05 -17.84
O6 NAG PA . 31.27 54.24 -18.31
O7 NAG PA . 32.09 47.52 -17.74
C1 NAG QA . -61.25 49.68 46.36
C2 NAG QA . -60.86 51.17 46.30
C3 NAG QA . -60.45 51.69 47.69
C4 NAG QA . -61.52 51.35 48.73
C5 NAG QA . -61.75 49.84 48.73
C6 NAG QA . -62.79 49.39 49.77
C7 NAG QA . -59.54 52.47 44.61
C8 NAG QA . -60.54 52.91 43.57
N2 NAG QA . -59.79 51.37 45.31
O3 NAG QA . -60.20 53.07 47.63
O4 NAG QA . -61.17 51.84 50.02
O5 NAG QA . -62.15 49.40 47.43
O6 NAG QA . -64.09 49.66 49.30
O7 NAG QA . -58.52 53.14 44.79
C1 NAG RA . -42.20 31.78 45.65
C2 NAG RA . -41.95 32.02 47.12
C3 NAG RA . -41.39 33.44 47.20
C4 NAG RA . -40.00 33.41 46.54
C5 NAG RA . -40.00 32.77 45.14
C6 NAG RA . -38.60 32.26 44.78
C7 NAG RA . -43.18 30.66 48.78
C8 NAG RA . -42.83 29.28 48.28
N2 NAG RA . -43.12 31.71 47.93
O3 NAG RA . -41.33 33.90 48.53
O4 NAG RA . -39.41 34.69 46.47
O5 NAG RA . -40.92 31.68 45.01
O6 NAG RA . -37.85 33.25 44.10
O7 NAG RA . -43.48 30.78 49.98
S SO4 SA . -47.45 9.19 31.01
O1 SO4 SA . -46.86 9.83 32.18
O2 SO4 SA . -48.82 9.67 30.83
O3 SO4 SA . -46.65 9.51 29.83
O4 SO4 SA . -47.46 7.73 31.19
C1 NAG TA . -4.55 -89.29 37.89
C2 NAG TA . -3.74 -90.45 37.28
C3 NAG TA . -4.61 -91.63 36.82
C4 NAG TA . -5.75 -91.94 37.81
C5 NAG TA . -6.54 -90.67 38.09
C6 NAG TA . -7.70 -90.92 39.05
C7 NAG TA . -1.60 -89.99 36.19
C8 NAG TA . -0.93 -90.82 35.13
N2 NAG TA . -2.94 -89.96 36.17
O3 NAG TA . -3.80 -92.79 36.68
O4 NAG TA . -6.58 -92.97 37.29
O5 NAG TA . -5.67 -89.70 38.67
O6 NAG TA . -8.68 -89.93 38.87
O7 NAG TA . -0.92 -89.38 37.03
C1 NAG UA . -11.59 -65.51 30.42
C2 NAG UA . -12.84 -66.39 30.50
C3 NAG UA . -12.86 -67.53 29.45
C4 NAG UA . -12.43 -67.01 28.09
C5 NAG UA . -10.99 -66.56 28.32
C6 NAG UA . -10.18 -66.36 27.04
C7 NAG UA . -13.96 -67.12 32.60
C8 NAG UA . -13.70 -67.33 34.07
N2 NAG UA . -12.86 -66.94 31.85
O3 NAG UA . -14.10 -68.21 29.36
O4 NAG UA . -12.53 -68.01 27.11
O5 NAG UA . -11.07 -65.38 29.09
O6 NAG UA . -10.52 -65.13 26.45
O7 NAG UA . -15.13 -67.12 32.17
S SO4 VA . -49.15 0.41 32.78
O1 SO4 VA . -50.00 1.60 32.81
O2 SO4 VA . -47.76 0.86 32.81
O3 SO4 VA . -49.43 -0.44 33.95
O4 SO4 VA . -49.46 -0.33 31.56
C1 NAG WA . 19.31 -76.11 2.30
C2 NAG WA . 19.93 -77.39 2.88
C3 NAG WA . 21.40 -77.15 3.25
C4 NAG WA . 22.16 -76.37 2.16
C5 NAG WA . 21.42 -75.08 1.84
C6 NAG WA . 22.14 -74.17 0.84
C7 NAG WA . 18.32 -78.86 4.12
C8 NAG WA . 16.93 -78.75 3.56
N2 NAG WA . 19.13 -77.79 4.05
O3 NAG WA . 22.06 -78.38 3.53
O4 NAG WA . 23.48 -76.09 2.55
O5 NAG WA . 20.13 -75.43 1.35
O6 NAG WA . 22.93 -74.95 -0.04
O7 NAG WA . 18.67 -79.90 4.65
C1 NAG XA . 11.34 -56.05 16.56
C2 NAG XA . 12.70 -55.67 17.16
C3 NAG XA . 13.28 -56.83 17.98
C4 NAG XA . 12.25 -57.35 19.01
C5 NAG XA . 10.89 -57.63 18.34
C6 NAG XA . 9.78 -58.08 19.29
C7 NAG XA . 14.43 -55.94 15.39
C8 NAG XA . 15.89 -55.58 15.39
N2 NAG XA . 13.63 -55.17 16.15
O3 NAG XA . 14.46 -56.37 18.60
O4 NAG XA . 12.69 -58.50 19.70
O5 NAG XA . 10.48 -56.47 17.62
O6 NAG XA . 9.80 -57.48 20.57
O7 NAG XA . 14.03 -56.90 14.70
S SO4 YA . -4.01 -37.23 3.55
O1 SO4 YA . -3.72 -35.81 3.78
O2 SO4 YA . -3.07 -37.80 2.60
O3 SO4 YA . -3.95 -38.02 4.79
O4 SO4 YA . -5.35 -37.25 2.99
S SO4 ZA . -15.98 -38.90 52.93
O1 SO4 ZA . -15.05 -40.02 53.09
O2 SO4 ZA . -16.41 -38.76 51.53
O3 SO4 ZA . -17.17 -39.13 53.76
O4 SO4 ZA . -15.29 -37.70 53.37
C1 NAG AB . -19.35 65.77 30.02
C2 NAG AB . -20.17 67.07 29.82
C3 NAG AB . -20.10 67.65 28.40
C4 NAG AB . -18.65 67.63 27.89
C5 NAG AB . -18.10 66.20 27.99
C6 NAG AB . -16.72 66.03 27.36
C7 NAG AB . -22.10 67.29 31.31
C8 NAG AB . -22.88 68.58 31.30
N2 NAG AB . -21.58 66.89 30.16
O3 NAG AB . -20.61 68.95 28.37
O4 NAG AB . -18.58 68.15 26.57
O5 NAG AB . -18.08 65.79 29.35
O6 NAG AB . -16.52 64.67 27.07
O7 NAG AB . -21.99 66.66 32.37
S SO4 BB . 20.14 7.52 -64.37
O1 SO4 BB . 20.15 6.80 -63.10
O2 SO4 BB . 20.77 6.69 -65.39
O3 SO4 BB . 18.77 7.84 -64.78
O4 SO4 BB . 20.90 8.76 -64.23
C1 NAG CB . 1.37 70.34 19.93
C2 NAG CB . 2.14 71.59 20.43
C3 NAG CB . 2.24 71.70 21.95
C4 NAG CB . 0.92 71.31 22.60
C5 NAG CB . 0.61 69.86 22.24
C6 NAG CB . -0.68 69.39 22.92
C7 NAG CB . 4.56 72.23 20.19
C8 NAG CB . 5.82 71.40 20.24
N2 NAG CB . 3.46 71.61 19.77
O3 NAG CB . 2.58 73.01 22.36
O4 NAG CB . 0.98 71.50 24.01
O5 NAG CB . 0.46 69.71 20.84
O6 NAG CB . -0.48 68.09 23.45
O7 NAG CB . 4.57 73.41 20.53
C1 NAG DB . -0.11 -60.50 -53.21
C2 NAG DB . 0.06 -61.06 -54.63
C3 NAG DB . -1.28 -61.14 -55.36
C4 NAG DB . -2.29 -61.91 -54.49
C5 NAG DB . -2.44 -61.16 -53.16
C6 NAG DB . -3.51 -61.75 -52.24
C7 NAG DB . 2.20 -60.54 -55.76
C8 NAG DB . 2.63 -60.13 -57.13
N2 NAG DB . 0.95 -60.22 -55.42
O3 NAG DB . -1.08 -61.72 -56.63
O4 NAG DB . -3.52 -62.04 -55.16
O5 NAG DB . -1.18 -61.17 -52.51
O6 NAG DB . -3.91 -60.81 -51.26
O7 NAG DB . 2.99 -61.13 -55.01
C1 NAG EB . 1.09 -34.50 -49.98
C2 NAG EB . -0.30 -34.20 -50.53
C3 NAG EB . -0.40 -34.60 -52.00
C4 NAG EB . 0.61 -33.84 -52.88
C5 NAG EB . 1.92 -33.51 -52.15
C6 NAG EB . 2.04 -31.99 -51.87
C7 NAG EB . -1.91 -34.13 -48.63
C8 NAG EB . -2.97 -34.86 -47.87
N2 NAG EB . -1.35 -34.77 -49.68
O3 NAG EB . -1.71 -34.34 -52.48
O4 NAG EB . 0.88 -34.52 -54.09
O5 NAG EB . 2.13 -34.31 -50.96
O6 NAG EB . 2.84 -31.32 -52.82
O7 NAG EB . -1.58 -32.98 -48.27
S SO4 FB . -8.20 31.78 -13.99
O1 SO4 FB . -6.91 31.08 -14.04
O2 SO4 FB . -8.24 32.87 -14.96
O3 SO4 FB . -9.27 30.82 -14.28
O4 SO4 FB . -8.43 32.31 -12.65
C1 NAG GB . 22.23 -41.30 -86.32
C2 NAG GB . 22.29 -42.82 -86.61
C3 NAG GB . 23.69 -43.39 -86.31
C4 NAG GB . 24.71 -42.59 -87.11
C5 NAG GB . 24.64 -41.15 -86.57
C6 NAG GB . 25.75 -40.22 -87.09
C7 NAG GB . 20.54 -43.27 -84.89
C8 NAG GB . 21.04 -43.72 -83.54
N2 NAG GB . 21.28 -43.63 -85.95
O3 NAG GB . 23.78 -44.76 -86.62
O4 NAG GB . 26.01 -43.16 -87.00
O5 NAG GB . 23.35 -40.62 -86.89
O6 NAG GB . 26.18 -40.59 -88.39
O7 NAG GB . 19.50 -42.64 -84.99
C1 NAG HB . 24.66 -27.57 -65.09
C2 NAG HB . 25.91 -27.66 -65.99
C3 NAG HB . 27.01 -28.67 -65.59
C4 NAG HB . 26.68 -29.66 -64.46
C5 NAG HB . 25.19 -29.68 -64.14
C6 NAG HB . 24.88 -30.55 -62.92
C7 NAG HB . 25.63 -27.13 -68.37
C8 NAG HB . 24.39 -26.69 -69.12
N2 NAG HB . 25.47 -27.96 -67.34
O3 NAG HB . 28.21 -27.99 -65.24
O4 NAG HB . 27.14 -30.94 -64.83
O5 NAG HB . 24.77 -28.34 -63.90
O6 NAG HB . 23.61 -30.24 -62.42
O7 NAG HB . 26.76 -26.75 -68.73
S SO4 IB . 9.31 -20.95 -19.51
O1 SO4 IB . 9.26 -20.52 -18.11
O2 SO4 IB . 10.68 -21.37 -19.82
O3 SO4 IB . 8.43 -22.09 -19.69
O4 SO4 IB . 8.89 -19.84 -20.38
C1 NAG JB . 43.25 79.41 2.20
C2 NAG JB . 42.42 80.68 2.20
C3 NAG JB . 42.59 81.34 0.82
C4 NAG JB . 44.08 81.61 0.54
C5 NAG JB . 45.04 80.48 0.97
C6 NAG JB . 46.43 81.07 1.19
C7 NAG JB . 40.29 81.25 3.27
C8 NAG JB . 39.04 81.78 2.62
N2 NAG JB . 41.03 80.41 2.53
O3 NAG JB . 41.86 82.55 0.72
O4 NAG JB . 44.22 81.85 -0.85
O5 NAG JB . 44.63 79.75 2.13
O6 NAG JB . 47.35 80.08 1.60
O7 NAG JB . 40.60 81.60 4.41
C1 NAG KB . 30.03 61.36 -12.00
C2 NAG KB . 29.52 62.43 -12.98
C3 NAG KB . 28.63 63.39 -12.19
C4 NAG KB . 27.41 62.61 -11.72
C5 NAG KB . 27.85 61.43 -10.84
C6 NAG KB . 26.69 60.45 -10.53
C7 NAG KB . 30.54 63.03 -15.10
C8 NAG KB . 29.99 64.22 -15.84
N2 NAG KB . 30.57 63.07 -13.76
O3 NAG KB . 28.26 64.51 -13.00
O4 NAG KB . 26.50 63.40 -11.01
O5 NAG KB . 28.89 60.68 -11.49
O6 NAG KB . 25.73 60.98 -9.64
O7 NAG KB . 30.94 62.05 -15.73
S SO4 LB . 41.40 36.45 -14.29
O1 SO4 LB . 42.64 35.70 -14.49
O2 SO4 LB . 40.72 36.62 -15.57
O3 SO4 LB . 40.53 35.74 -13.34
O4 SO4 LB . 41.72 37.74 -13.73
#